data_8P5T
#
_entry.id   8P5T
#
_cell.length_a   1.00
_cell.length_b   1.00
_cell.length_c   1.00
_cell.angle_alpha   90.00
_cell.angle_beta   90.00
_cell.angle_gamma   90.00
#
_symmetry.space_group_name_H-M   'P 1'
#
loop_
_entity.id
_entity.type
_entity.pdbx_description
1 polymer '2-oxoglutarate dehydrogenase E1/E2 component'
2 non-polymer 'MAGNESIUM ION'
3 non-polymer 'ACETYL COENZYME *A'
4 non-polymer 'THIAMINE DIPHOSPHATE'
#
_entity_poly.entity_id   1
_entity_poly.type   'polypeptide(L)'
_entity_poly.pdbx_seq_one_letter_code
;GSMSSASTFGQNAWLVDEMFQQFQKDPKSVDKEWRELFEAQGGPNTTPATTEAQPSAPKESAKPAPKAAPAAKAAPRVET
KPADKTAPKAKESSVPQQPKLPEPGQTPIRGIFKSIAKNMDISLEIPTATSVRDMPARLMFENRAMVNDQLKRTRGGKIS
FTHIIGYAMVKAVMAHPDMNNSYDVIDGKPTLIVPEHINLGLAIDLPQKDGSRALVVAAIKETEKMNFSEFLAAYEDIVA
RSRKGKLTMDDYQGVTVSLTNPGGIGTRHSVPRLTKGQGTIIGVGSMDYPAEFQGASEDRLAELGVGKLVTITSTYDHRV
IQGAVSGEFLRTMSRLLTDDSFWDEIFDAMNVPYTPMRWAQDVPNTGVDKNTRVMQLIEAYRSRGHLIADTNPLSWVQPG
MPVPDHRDLDIETHNLTIWDLDRTFNVGGFGGKETMTLREVLSRLRAAYTLKVGSEYTHILDRDERTWLQDRLEAGMPKP
TQAEQKYILQKLNAAEAFENFLQTKYVGQKRFSLEGAEALIPLMDSAIDTAAGQGLDEVVIGMPHRGRLNVLFNIVGKPL
ASIFNEFEGQMEQGQIGGSGDVKYHLGSEGQHLQMFGDGEIKVSLTANPSHLEAVNPVMEGIVRAKQDYLDKGVDGKTVV
PLLLHGDAAFAGLGIVPETINLAKLRGYDVGGTIHIVVNNQIGFTTTPDSSRSMHYATDYAKAFGCPVFHVNGDDPEAVV
WVGQLATEYRRRFGKDVFIDLVCYRLRGHNEADDPSMTQPKMYELITGRETVRAQYTEDLLGRGDLSNEDAEAVVRDFHD
QMESVFNEVKEGGKKQAEAQTGITGSQKLPHGLETNISREELLELGQAFANTPEGFNYHPRVAPVAKKRVSSVTEGGIDW
AWGELLAFGSLANSGRLVRLAGEDSRRGTFTQRHAVAIDPATAEEFNPLHELAQSKGNNGKFLVYNSALTEYAGMGFEYG
YSVGNEDSIVAWEAQFGDFANGAQTIIDEYVSSGEAKWGQTSKLILLLPHGYEGQGPDHSSARIERFLQLCAEGSMTVAQ
PSTPANHFHLLRRHALSDLKRPLVIFTPKSMLRNKAAASAPEDFTEVTKFQSVINDPNVADAAKVKKVMLVSGKLYYELA
KRKEKDGRDDIAIVRIEMLHPIPFNRISEALAGYPNAEEVLFVQDEPANQGPWPFYQEHLPELIPNMPKMRRVSRRAQSS
TATGVAKVHQLEEKQLIDEAFEA
;
_entity_poly.pdbx_strand_id   A,B,C,D,E,F
#
loop_
_chem_comp.id
_chem_comp.type
_chem_comp.name
_chem_comp.formula
ACO non-polymer 'ACETYL COENZYME *A' 'C23 H38 N7 O17 P3 S'
MG non-polymer 'MAGNESIUM ION' 'Mg 2'
TPP non-polymer 'THIAMINE DIPHOSPHATE' 'C12 H19 N4 O7 P2 S 1'
#
# COMPACT_ATOMS: atom_id res chain seq x y z
N PRO A 104 29.53 56.66 -25.07
CA PRO A 104 28.41 57.22 -25.86
C PRO A 104 28.91 57.96 -27.10
N GLY A 105 28.28 57.67 -28.25
CA GLY A 105 28.64 58.27 -29.51
C GLY A 105 29.02 57.23 -30.55
N GLN A 106 29.73 57.69 -31.60
CA GLN A 106 30.07 56.89 -32.75
C GLN A 106 31.56 56.59 -32.75
N THR A 107 31.95 55.41 -33.24
CA THR A 107 33.35 55.09 -33.40
C THR A 107 33.52 54.07 -34.53
N PRO A 108 34.40 54.33 -35.51
CA PRO A 108 34.73 53.36 -36.55
C PRO A 108 35.16 51.98 -36.06
N ILE A 109 34.85 50.96 -36.86
CA ILE A 109 35.19 49.59 -36.56
C ILE A 109 36.54 49.31 -37.23
N ARG A 110 37.47 48.75 -36.45
CA ARG A 110 38.83 48.53 -36.92
C ARG A 110 39.28 47.15 -36.48
N GLY A 111 40.01 46.45 -37.36
CA GLY A 111 40.77 45.28 -36.98
C GLY A 111 40.08 43.98 -37.36
N ILE A 112 40.10 43.02 -36.43
CA ILE A 112 39.46 41.73 -36.62
C ILE A 112 37.95 41.93 -36.68
N PHE A 113 37.45 42.96 -35.98
CA PHE A 113 36.04 43.25 -35.91
C PHE A 113 35.53 43.73 -37.27
N LYS A 114 36.37 44.44 -38.02
CA LYS A 114 36.00 44.89 -39.34
C LYS A 114 35.88 43.71 -40.30
N SER A 115 36.73 42.70 -40.12
CA SER A 115 36.70 41.52 -40.94
C SER A 115 35.44 40.68 -40.67
N ILE A 116 35.04 40.59 -39.39
CA ILE A 116 33.84 39.87 -39.01
C ILE A 116 32.63 40.55 -39.64
N ALA A 117 32.63 41.87 -39.67
CA ALA A 117 31.51 42.62 -40.19
C ALA A 117 31.37 42.43 -41.69
N LYS A 118 32.49 42.37 -42.41
CA LYS A 118 32.46 42.31 -43.85
C LYS A 118 31.97 40.93 -44.31
N ASN A 119 32.36 39.88 -43.57
CA ASN A 119 32.01 38.53 -43.93
C ASN A 119 30.52 38.28 -43.70
N MET A 120 29.95 38.89 -42.66
CA MET A 120 28.54 38.72 -42.37
C MET A 120 27.70 39.41 -43.43
N ASP A 121 28.23 40.48 -44.03
CA ASP A 121 27.54 41.17 -45.11
C ASP A 121 27.56 40.31 -46.38
N ILE A 122 28.68 39.62 -46.62
CA ILE A 122 28.80 38.77 -47.80
C ILE A 122 27.84 37.59 -47.68
N SER A 123 27.57 37.15 -46.45
CA SER A 123 26.80 35.94 -46.23
C SER A 123 25.32 36.13 -46.52
N LEU A 124 24.91 37.36 -46.84
CA LEU A 124 23.53 37.65 -47.15
C LEU A 124 23.13 37.07 -48.50
N GLU A 125 24.08 36.55 -49.28
CA GLU A 125 23.76 36.02 -50.58
C GLU A 125 23.72 34.50 -50.59
N ILE A 126 23.48 33.87 -49.43
CA ILE A 126 23.30 32.42 -49.35
C ILE A 126 21.87 32.14 -48.90
N PRO A 127 21.04 31.42 -49.70
CA PRO A 127 19.75 30.93 -49.24
C PRO A 127 19.85 29.74 -48.27
N THR A 128 19.28 29.87 -47.07
CA THR A 128 19.51 28.91 -46.01
C THR A 128 18.21 28.39 -45.44
N ALA A 129 18.23 27.14 -44.97
CA ALA A 129 17.15 26.55 -44.21
C ALA A 129 17.72 25.76 -43.04
N THR A 130 16.87 25.40 -42.07
CA THR A 130 17.30 24.81 -40.82
C THR A 130 16.42 23.61 -40.45
N SER A 131 17.03 22.62 -39.79
CA SER A 131 16.35 21.45 -39.24
C SER A 131 16.74 21.27 -37.78
N VAL A 132 15.80 20.79 -36.95
CA VAL A 132 15.99 20.66 -35.52
C VAL A 132 15.56 19.27 -35.08
N ARG A 133 16.36 18.60 -34.23
CA ARG A 133 16.03 17.29 -33.72
C ARG A 133 16.56 17.12 -32.30
N ASP A 134 15.78 16.46 -31.43
CA ASP A 134 16.15 16.20 -30.05
C ASP A 134 16.42 14.71 -29.86
N MET A 135 17.41 14.39 -29.02
CA MET A 135 17.98 13.06 -28.92
C MET A 135 18.20 12.69 -27.47
N PRO A 136 17.95 11.43 -27.05
CA PRO A 136 18.34 10.95 -25.73
C PRO A 136 19.83 11.06 -25.43
N ALA A 137 20.19 11.29 -24.17
CA ALA A 137 21.58 11.53 -23.82
C ALA A 137 22.07 10.70 -22.63
N ARG A 138 21.33 9.67 -22.23
CA ARG A 138 21.64 8.93 -21.01
C ARG A 138 22.86 8.04 -21.22
N LEU A 139 22.92 7.36 -22.36
CA LEU A 139 24.00 6.43 -22.65
C LEU A 139 25.32 7.16 -22.81
N MET A 140 25.29 8.42 -23.24
CA MET A 140 26.50 9.22 -23.33
C MET A 140 27.07 9.41 -21.93
N PHE A 141 26.23 9.81 -20.99
CA PHE A 141 26.68 10.07 -19.64
C PHE A 141 27.32 8.83 -19.04
N GLU A 142 26.71 7.67 -19.24
CA GLU A 142 27.15 6.43 -18.63
C GLU A 142 28.49 5.99 -19.21
N ASN A 143 28.58 5.96 -20.54
CA ASN A 143 29.74 5.42 -21.19
C ASN A 143 30.93 6.36 -21.11
N ARG A 144 30.67 7.66 -20.98
CA ARG A 144 31.74 8.62 -20.81
C ARG A 144 32.39 8.42 -19.44
N ALA A 145 31.58 8.11 -18.44
CA ALA A 145 32.08 7.88 -17.10
C ALA A 145 33.00 6.66 -17.05
N MET A 146 32.66 5.64 -17.82
CA MET A 146 33.46 4.42 -17.86
C MET A 146 34.80 4.69 -18.50
N VAL A 147 34.86 5.56 -19.51
CA VAL A 147 36.10 5.84 -20.20
C VAL A 147 37.01 6.68 -19.32
N ASN A 148 36.44 7.58 -18.54
CA ASN A 148 37.23 8.47 -17.72
C ASN A 148 37.77 7.77 -16.49
N ASP A 149 37.13 6.67 -16.06
CA ASP A 149 37.63 5.86 -14.96
C ASP A 149 38.89 5.11 -15.38
N GLN A 150 38.92 4.62 -16.62
CA GLN A 150 40.08 3.96 -17.17
C GLN A 150 41.25 4.93 -17.27
N LEU A 151 41.00 6.16 -17.70
CA LEU A 151 42.07 7.11 -17.91
C LEU A 151 42.65 7.55 -16.57
N LYS A 152 41.83 7.57 -15.52
CA LYS A 152 42.28 8.03 -14.23
C LYS A 152 43.30 7.07 -13.63
N ARG A 153 43.10 5.76 -13.82
CA ARG A 153 43.99 4.76 -13.27
C ARG A 153 45.31 4.74 -14.04
N THR A 154 45.26 5.10 -15.33
CA THR A 154 46.44 5.11 -16.19
C THR A 154 47.04 6.52 -16.26
N ARG A 155 46.62 7.42 -15.36
CA ARG A 155 47.12 8.78 -15.29
C ARG A 155 47.07 9.45 -16.66
N GLY A 156 45.97 9.25 -17.38
CA GLY A 156 45.69 9.97 -18.61
C GLY A 156 44.87 11.24 -18.32
N GLY A 157 44.15 11.72 -19.34
CA GLY A 157 43.38 12.95 -19.23
C GLY A 157 41.90 12.70 -18.98
N LYS A 158 41.06 13.26 -19.86
CA LYS A 158 39.62 13.32 -19.68
C LYS A 158 38.97 13.67 -21.01
N ILE A 159 37.96 12.90 -21.44
CA ILE A 159 37.24 13.24 -22.66
C ILE A 159 35.97 14.00 -22.32
N SER A 160 35.47 14.78 -23.29
CA SER A 160 34.32 15.66 -23.14
C SER A 160 33.22 15.26 -24.11
N PHE A 161 32.06 15.93 -24.00
CA PHE A 161 30.90 15.61 -24.83
C PHE A 161 31.12 16.10 -26.25
N THR A 162 31.88 17.18 -26.42
CA THR A 162 32.16 17.73 -27.74
C THR A 162 33.01 16.76 -28.56
N HIS A 163 33.92 16.05 -27.88
CA HIS A 163 34.75 15.05 -28.55
C HIS A 163 33.90 13.95 -29.15
N ILE A 164 32.92 13.47 -28.39
CA ILE A 164 32.09 12.35 -28.80
C ILE A 164 31.17 12.77 -29.93
N ILE A 165 30.54 13.94 -29.80
CA ILE A 165 29.59 14.42 -30.79
C ILE A 165 30.35 14.78 -32.07
N GLY A 166 31.56 15.31 -31.92
CA GLY A 166 32.42 15.58 -33.06
C GLY A 166 32.71 14.34 -33.89
N TYR A 167 33.03 13.23 -33.22
CA TYR A 167 33.40 12.02 -33.91
C TYR A 167 32.17 11.44 -34.60
N ALA A 168 31.01 11.51 -33.95
CA ALA A 168 29.77 11.03 -34.51
C ALA A 168 29.40 11.81 -35.77
N MET A 169 29.70 13.11 -35.75
CA MET A 169 29.37 14.00 -36.85
C MET A 169 30.20 13.62 -38.08
N VAL A 170 31.46 13.25 -37.87
CA VAL A 170 32.36 12.85 -38.95
C VAL A 170 31.85 11.57 -39.60
N LYS A 171 31.43 10.61 -38.79
CA LYS A 171 30.92 9.34 -39.29
C LYS A 171 29.66 9.55 -40.10
N ALA A 172 28.84 10.52 -39.69
CA ALA A 172 27.58 10.81 -40.35
C ALA A 172 27.80 11.45 -41.71
N VAL A 173 28.82 12.32 -41.82
CA VAL A 173 29.14 12.99 -43.07
C VAL A 173 29.67 11.98 -44.07
N MET A 174 30.37 10.94 -43.58
CA MET A 174 30.86 9.88 -44.44
C MET A 174 29.69 9.07 -44.99
N ALA A 175 28.65 8.88 -44.18
CA ALA A 175 27.47 8.13 -44.59
C ALA A 175 26.60 8.93 -45.56
N HIS A 176 26.66 10.26 -45.47
CA HIS A 176 25.87 11.14 -46.32
C HIS A 176 26.78 12.21 -46.91
N PRO A 177 27.55 11.89 -47.97
CA PRO A 177 28.58 12.79 -48.49
C PRO A 177 28.14 14.14 -49.07
N ASP A 178 26.86 14.28 -49.42
CA ASP A 178 26.34 15.50 -49.99
C ASP A 178 26.44 16.67 -49.03
N MET A 179 26.58 16.40 -47.73
CA MET A 179 26.61 17.44 -46.73
C MET A 179 27.96 18.14 -46.73
N ASN A 180 28.90 17.71 -47.58
CA ASN A 180 30.25 18.26 -47.58
C ASN A 180 30.47 19.15 -48.81
N ASN A 181 29.45 19.32 -49.66
CA ASN A 181 29.58 20.04 -50.91
C ASN A 181 29.25 21.53 -50.73
N SER A 182 29.62 22.35 -51.72
CA SER A 182 29.39 23.79 -51.68
C SER A 182 29.09 24.32 -53.07
N TYR A 183 28.84 25.64 -53.17
CA TYR A 183 28.38 26.29 -54.40
C TYR A 183 29.29 27.47 -54.73
N ASP A 184 29.52 27.71 -56.03
CA ASP A 184 30.29 28.86 -56.48
C ASP A 184 29.96 29.16 -57.93
N VAL A 185 30.16 30.39 -58.36
CA VAL A 185 29.98 30.77 -59.75
C VAL A 185 31.34 31.03 -60.36
N ILE A 186 31.69 30.23 -61.39
CA ILE A 186 33.02 30.17 -61.98
C ILE A 186 32.91 30.37 -63.48
N ASP A 187 33.54 31.44 -64.01
CA ASP A 187 33.42 31.77 -65.41
C ASP A 187 31.97 32.10 -65.72
N GLY A 188 31.28 32.64 -64.74
CA GLY A 188 29.89 33.01 -64.94
C GLY A 188 28.93 31.84 -65.08
N LYS A 189 29.30 30.65 -64.67
CA LYS A 189 28.35 29.56 -64.63
C LYS A 189 28.22 29.03 -63.22
N PRO A 190 27.02 28.65 -62.74
CA PRO A 190 26.83 27.83 -61.56
C PRO A 190 27.57 26.52 -61.48
N THR A 191 28.14 26.21 -60.30
CA THR A 191 29.03 25.08 -60.17
C THR A 191 28.89 24.43 -58.80
N LEU A 192 28.95 23.09 -58.77
CA LEU A 192 29.01 22.32 -57.54
C LEU A 192 30.46 21.94 -57.27
N ILE A 193 30.89 22.06 -56.01
CA ILE A 193 32.26 21.80 -55.61
C ILE A 193 32.30 20.63 -54.63
N VAL A 194 33.03 19.57 -54.99
CA VAL A 194 33.15 18.37 -54.20
C VAL A 194 34.58 18.25 -53.69
N PRO A 195 34.86 18.53 -52.40
CA PRO A 195 36.21 18.50 -51.89
C PRO A 195 36.85 17.12 -51.77
N GLU A 196 38.16 17.10 -51.48
CA GLU A 196 38.93 15.88 -51.36
C GLU A 196 38.81 15.32 -49.95
N HIS A 197 38.81 16.20 -48.95
CA HIS A 197 38.84 15.79 -47.56
C HIS A 197 37.69 16.40 -46.77
N ILE A 198 37.42 15.83 -45.59
CA ILE A 198 36.54 16.41 -44.59
C ILE A 198 37.41 17.16 -43.58
N ASN A 199 37.42 18.49 -43.66
CA ASN A 199 38.13 19.32 -42.71
C ASN A 199 37.12 19.98 -41.77
N LEU A 200 37.25 19.72 -40.47
CA LEU A 200 36.23 20.09 -39.50
C LEU A 200 36.67 21.33 -38.75
N GLY A 201 35.84 22.38 -38.78
CA GLY A 201 36.14 23.64 -38.13
C GLY A 201 35.57 23.70 -36.72
N LEU A 202 36.40 24.10 -35.77
CA LEU A 202 36.02 24.28 -34.38
C LEU A 202 35.92 25.76 -34.07
N ALA A 203 34.83 26.15 -33.43
CA ALA A 203 34.63 27.52 -32.98
C ALA A 203 35.33 27.70 -31.63
N ILE A 204 36.52 28.31 -31.66
CA ILE A 204 37.29 28.59 -30.44
C ILE A 204 37.08 30.03 -30.03
N ASP A 205 36.49 30.23 -28.85
CA ASP A 205 36.34 31.56 -28.26
C ASP A 205 37.60 31.87 -27.44
N LEU A 206 38.44 32.77 -27.95
CA LEU A 206 39.70 33.12 -27.30
C LEU A 206 39.74 34.62 -27.00
N PRO A 207 39.93 35.02 -25.72
CA PRO A 207 40.27 36.41 -25.38
C PRO A 207 41.62 36.85 -25.94
N GLN A 208 41.75 38.15 -26.19
CA GLN A 208 42.94 38.74 -26.77
C GLN A 208 43.69 39.53 -25.69
N LYS A 209 44.82 40.14 -26.09
CA LYS A 209 45.67 40.89 -25.17
C LYS A 209 44.94 42.10 -24.60
N ASP A 210 44.09 42.73 -25.43
CA ASP A 210 43.38 43.94 -25.05
C ASP A 210 42.38 43.63 -23.94
N GLY A 211 41.66 42.50 -24.08
CA GLY A 211 40.62 42.11 -23.14
C GLY A 211 39.24 42.05 -23.80
N SER A 212 39.19 41.86 -25.13
CA SER A 212 37.96 41.62 -25.85
C SER A 212 37.97 40.23 -26.49
N ARG A 213 36.86 39.51 -26.32
CA ARG A 213 36.70 38.17 -26.86
C ARG A 213 36.46 38.25 -28.37
N ALA A 214 37.06 37.31 -29.11
CA ALA A 214 36.84 37.17 -30.54
C ALA A 214 36.73 35.68 -30.89
N LEU A 215 35.91 35.37 -31.90
CA LEU A 215 35.66 34.01 -32.32
C LEU A 215 36.39 33.75 -33.64
N VAL A 216 37.14 32.64 -33.69
CA VAL A 216 37.86 32.22 -34.88
C VAL A 216 37.56 30.74 -35.12
N VAL A 217 37.71 30.30 -36.37
CA VAL A 217 37.47 28.91 -36.72
C VAL A 217 38.78 28.31 -37.24
N ALA A 218 39.31 27.34 -36.46
CA ALA A 218 40.47 26.56 -36.83
C ALA A 218 40.03 25.18 -37.30
N ALA A 219 40.88 24.52 -38.10
CA ALA A 219 40.50 23.30 -38.78
C ALA A 219 41.29 22.09 -38.30
N ILE A 220 40.60 20.96 -38.14
CA ILE A 220 41.21 19.65 -38.04
C ILE A 220 41.13 19.03 -39.43
N LYS A 221 42.27 18.63 -40.00
CA LYS A 221 42.32 18.29 -41.41
C LYS A 221 42.40 16.78 -41.60
N GLU A 222 41.85 16.32 -42.72
CA GLU A 222 41.91 14.93 -43.14
C GLU A 222 41.36 14.03 -42.04
N THR A 223 40.07 14.19 -41.78
CA THR A 223 39.42 13.58 -40.63
C THR A 223 38.81 12.24 -41.02
N GLU A 224 38.65 11.98 -42.31
CA GLU A 224 37.95 10.81 -42.77
C GLU A 224 38.86 9.58 -42.76
N LYS A 225 40.10 9.74 -42.31
CA LYS A 225 41.04 8.65 -42.20
C LYS A 225 41.61 8.63 -40.78
N MET A 226 40.73 8.73 -39.78
CA MET A 226 41.11 8.76 -38.38
C MET A 226 40.20 7.84 -37.58
N ASN A 227 40.76 7.23 -36.53
CA ASN A 227 39.97 6.54 -35.51
C ASN A 227 39.87 7.48 -34.30
N PHE A 228 39.20 7.04 -33.24
CA PHE A 228 38.86 7.94 -32.15
C PHE A 228 40.12 8.43 -31.46
N SER A 229 41.14 7.56 -31.35
CA SER A 229 42.38 7.92 -30.69
C SER A 229 43.09 9.04 -31.45
N GLU A 230 43.15 8.88 -32.77
CA GLU A 230 43.78 9.86 -33.64
C GLU A 230 43.00 11.18 -33.60
N PHE A 231 41.66 11.08 -33.58
CA PHE A 231 40.79 12.25 -33.60
C PHE A 231 41.01 13.08 -32.35
N LEU A 232 41.10 12.41 -31.20
CA LEU A 232 41.23 13.09 -29.93
C LEU A 232 42.54 13.85 -29.87
N ALA A 233 43.60 13.26 -30.43
CA ALA A 233 44.92 13.86 -30.44
C ALA A 233 44.93 15.13 -31.25
N ALA A 234 44.36 15.08 -32.46
CA ALA A 234 44.30 16.22 -33.35
C ALA A 234 43.51 17.36 -32.74
N TYR A 235 42.41 17.04 -32.06
CA TYR A 235 41.56 18.02 -31.43
C TYR A 235 42.37 18.77 -30.39
N GLU A 236 43.04 18.01 -29.51
CA GLU A 236 43.76 18.60 -28.39
C GLU A 236 44.98 19.36 -28.87
N ASP A 237 45.51 19.00 -30.04
CA ASP A 237 46.62 19.71 -30.64
C ASP A 237 46.22 21.14 -30.97
N ILE A 238 45.07 21.32 -31.64
CA ILE A 238 44.61 22.62 -32.07
C ILE A 238 44.33 23.49 -30.85
N VAL A 239 43.69 22.92 -29.85
CA VAL A 239 43.30 23.65 -28.65
C VAL A 239 44.55 24.11 -27.91
N ALA A 240 45.54 23.23 -27.79
CA ALA A 240 46.74 23.49 -27.02
C ALA A 240 47.54 24.64 -27.64
N ARG A 241 47.70 24.62 -28.96
CA ARG A 241 48.49 25.61 -29.65
C ARG A 241 47.78 26.96 -29.66
N SER A 242 46.46 26.96 -29.51
CA SER A 242 45.70 28.20 -29.52
C SER A 242 45.99 29.00 -28.25
N ARG A 243 46.13 28.30 -27.12
CA ARG A 243 46.33 28.95 -25.84
C ARG A 243 47.75 29.50 -25.75
N LYS A 244 48.72 28.82 -26.37
CA LYS A 244 50.10 29.24 -26.36
C LYS A 244 50.39 30.26 -27.46
N GLY A 245 49.42 30.47 -28.36
CA GLY A 245 49.55 31.46 -29.41
C GLY A 245 50.54 31.01 -30.48
N LYS A 246 50.33 29.82 -31.02
CA LYS A 246 51.24 29.25 -32.00
C LYS A 246 50.48 28.66 -33.19
N LEU A 247 49.41 29.34 -33.64
CA LEU A 247 48.66 28.92 -34.80
C LEU A 247 49.13 29.69 -36.02
N THR A 248 49.35 28.98 -37.13
CA THR A 248 49.79 29.56 -38.38
C THR A 248 48.60 29.96 -39.22
N MET A 249 48.86 30.44 -40.44
CA MET A 249 47.81 30.92 -41.33
C MET A 249 47.19 29.74 -42.07
N ASP A 250 47.91 28.61 -42.13
CA ASP A 250 47.42 27.45 -42.83
C ASP A 250 46.31 26.76 -42.04
N ASP A 251 46.28 26.98 -40.72
CA ASP A 251 45.30 26.35 -39.84
C ASP A 251 43.92 26.98 -39.99
N TYR A 252 43.85 28.17 -40.60
CA TYR A 252 42.60 28.86 -40.77
C TYR A 252 42.07 28.72 -42.19
N GLN A 253 42.56 27.75 -42.97
CA GLN A 253 42.16 27.65 -44.36
C GLN A 253 41.70 26.24 -44.69
N GLY A 254 40.67 26.14 -45.52
CA GLY A 254 40.26 24.87 -46.10
C GLY A 254 39.13 24.17 -45.35
N VAL A 255 38.38 24.89 -44.52
CA VAL A 255 37.29 24.31 -43.75
C VAL A 255 36.17 23.90 -44.71
N THR A 256 35.57 22.73 -44.48
CA THR A 256 34.50 22.23 -45.32
C THR A 256 33.18 22.08 -44.55
N VAL A 257 33.24 21.97 -43.21
CA VAL A 257 32.05 21.82 -42.40
C VAL A 257 32.40 22.22 -40.96
N SER A 258 31.48 22.89 -40.26
CA SER A 258 31.74 23.53 -38.99
C SER A 258 30.87 23.00 -37.87
N LEU A 259 31.33 23.18 -36.63
CA LEU A 259 30.63 22.76 -35.41
C LEU A 259 30.67 23.88 -34.39
N THR A 260 29.53 24.17 -33.77
CA THR A 260 29.42 25.20 -32.75
C THR A 260 28.67 24.66 -31.55
N ASN A 261 28.93 25.22 -30.36
CA ASN A 261 28.40 24.70 -29.11
C ASN A 261 27.82 25.82 -28.26
N PRO A 262 26.63 26.34 -28.58
CA PRO A 262 25.94 27.29 -27.71
C PRO A 262 25.36 26.74 -26.41
N GLY A 263 25.41 25.42 -26.22
CA GLY A 263 24.87 24.77 -25.04
C GLY A 263 25.77 24.88 -23.82
N GLY A 264 27.02 25.31 -24.01
CA GLY A 264 27.93 25.56 -22.90
C GLY A 264 27.37 26.53 -21.88
N ILE A 265 26.80 27.65 -22.36
CA ILE A 265 26.20 28.65 -21.50
C ILE A 265 24.86 28.14 -20.98
N GLY A 266 24.13 27.39 -21.82
CA GLY A 266 22.85 26.81 -21.42
C GLY A 266 21.69 27.15 -22.36
N THR A 267 22.00 27.61 -23.57
CA THR A 267 21.00 27.86 -24.59
C THR A 267 20.43 26.53 -25.06
N ARG A 268 19.12 26.50 -25.37
CA ARG A 268 18.46 25.26 -25.73
C ARG A 268 18.74 24.93 -27.19
N HIS A 269 18.58 25.89 -28.09
CA HIS A 269 19.03 25.74 -29.46
C HIS A 269 19.17 27.12 -30.10
N SER A 270 19.80 27.17 -31.29
CA SER A 270 20.04 28.40 -32.02
C SER A 270 19.77 28.22 -33.50
N VAL A 271 19.65 29.34 -34.23
CA VAL A 271 19.61 29.36 -35.68
C VAL A 271 20.76 30.22 -36.17
N PRO A 272 21.95 29.67 -36.42
CA PRO A 272 23.13 30.43 -36.81
C PRO A 272 23.29 30.79 -38.29
N ARG A 273 24.30 31.62 -38.59
CA ARG A 273 24.61 32.05 -39.95
C ARG A 273 25.63 31.11 -40.59
N LEU A 274 25.54 30.94 -41.90
CA LEU A 274 26.45 30.14 -42.69
C LEU A 274 27.36 31.07 -43.46
N THR A 275 28.67 30.77 -43.45
CA THR A 275 29.66 31.59 -44.11
C THR A 275 29.97 31.01 -45.48
N LYS A 276 30.44 31.87 -46.39
CA LYS A 276 30.66 31.51 -47.77
C LYS A 276 31.79 30.50 -47.88
N GLY A 277 31.58 29.48 -48.72
CA GLY A 277 32.59 28.47 -48.96
C GLY A 277 32.24 27.12 -48.34
N GLN A 278 31.15 27.04 -47.58
CA GLN A 278 30.73 25.82 -46.92
C GLN A 278 29.29 25.51 -47.29
N GLY A 279 28.83 24.32 -46.92
CA GLY A 279 27.49 23.87 -47.23
C GLY A 279 26.61 23.70 -46.00
N THR A 280 27.20 23.39 -44.83
CA THR A 280 26.41 23.19 -43.62
C THR A 280 27.19 23.63 -42.39
N ILE A 281 26.44 23.96 -41.33
CA ILE A 281 26.96 24.20 -40.00
C ILE A 281 26.05 23.50 -39.00
N ILE A 282 26.65 22.83 -37.99
CA ILE A 282 25.95 22.03 -37.01
C ILE A 282 26.07 22.69 -35.64
N GLY A 283 24.97 22.76 -34.90
CA GLY A 283 24.93 23.38 -33.58
C GLY A 283 24.45 22.41 -32.50
N VAL A 284 25.09 22.48 -31.32
CA VAL A 284 24.83 21.58 -30.20
C VAL A 284 24.32 22.39 -29.03
N GLY A 285 23.13 22.04 -28.54
CA GLY A 285 22.45 22.76 -27.48
C GLY A 285 22.66 22.12 -26.12
N SER A 286 21.88 22.59 -25.13
CA SER A 286 22.08 22.26 -23.73
C SER A 286 21.76 20.81 -23.44
N MET A 287 22.54 20.20 -22.55
CA MET A 287 22.29 18.85 -22.08
C MET A 287 21.80 18.94 -20.64
N ASP A 288 20.48 19.00 -20.49
CA ASP A 288 19.87 19.32 -19.22
C ASP A 288 18.41 18.85 -19.25
N TYR A 289 17.79 18.75 -18.07
CA TYR A 289 16.39 18.38 -18.00
C TYR A 289 15.59 19.51 -18.62
N PRO A 290 14.43 19.23 -19.23
CA PRO A 290 13.52 20.31 -19.63
C PRO A 290 13.06 21.14 -18.45
N ALA A 291 12.60 22.36 -18.71
CA ALA A 291 12.39 23.33 -17.65
C ALA A 291 11.12 23.04 -16.85
N GLU A 292 10.25 22.13 -17.31
CA GLU A 292 9.09 21.70 -16.55
C GLU A 292 9.46 20.66 -15.50
N PHE A 293 10.72 20.22 -15.46
CA PHE A 293 11.17 19.23 -14.51
C PHE A 293 12.29 19.76 -13.62
N GLN A 294 12.59 21.05 -13.67
CA GLN A 294 13.76 21.58 -13.00
C GLN A 294 13.53 21.82 -11.51
N GLY A 295 12.32 21.57 -11.01
CA GLY A 295 12.05 21.69 -9.60
C GLY A 295 11.61 20.37 -8.95
N ALA A 296 11.63 19.28 -9.70
CA ALA A 296 11.19 17.99 -9.21
C ALA A 296 12.30 17.34 -8.39
N SER A 297 11.93 16.33 -7.60
CA SER A 297 12.88 15.61 -6.76
C SER A 297 13.57 14.51 -7.58
N GLU A 298 14.77 14.12 -7.15
CA GLU A 298 15.53 13.09 -7.81
C GLU A 298 14.81 11.75 -7.68
N ASP A 299 14.21 11.52 -6.51
CA ASP A 299 13.51 10.28 -6.21
C ASP A 299 12.39 10.06 -7.22
N ARG A 300 11.64 11.12 -7.49
CA ARG A 300 10.44 11.03 -8.30
C ARG A 300 10.79 10.85 -9.77
N LEU A 301 11.84 11.53 -10.22
CA LEU A 301 12.31 11.42 -11.58
C LEU A 301 12.85 10.02 -11.85
N ALA A 302 13.50 9.42 -10.86
CA ALA A 302 14.05 8.08 -10.97
C ALA A 302 12.95 7.03 -11.09
N GLU A 303 11.83 7.28 -10.42
CA GLU A 303 10.71 6.35 -10.44
C GLU A 303 10.07 6.32 -11.82
N LEU A 304 9.91 7.49 -12.43
CA LEU A 304 9.23 7.65 -13.70
C LEU A 304 10.11 7.07 -14.81
N GLY A 305 11.39 7.43 -14.80
CA GLY A 305 12.32 7.02 -15.83
C GLY A 305 12.65 8.14 -16.81
N VAL A 306 12.80 9.36 -16.29
CA VAL A 306 13.01 10.53 -17.11
C VAL A 306 14.50 10.70 -17.35
N GLY A 307 14.87 10.93 -18.60
CA GLY A 307 16.26 11.12 -18.98
C GLY A 307 16.55 12.55 -19.39
N LYS A 308 17.79 12.79 -19.84
CA LYS A 308 18.21 14.11 -20.31
C LYS A 308 18.31 14.12 -21.83
N LEU A 309 18.27 15.33 -22.39
CA LEU A 309 18.15 15.61 -23.81
C LEU A 309 19.48 16.12 -24.36
N VAL A 310 19.57 16.17 -25.69
CA VAL A 310 20.44 17.10 -26.38
C VAL A 310 19.74 17.45 -27.69
N THR A 311 19.71 18.74 -28.05
CA THR A 311 19.09 19.21 -29.27
C THR A 311 20.17 19.61 -30.26
N ILE A 312 20.08 19.12 -31.49
CA ILE A 312 21.06 19.36 -32.54
C ILE A 312 20.38 19.99 -33.74
N THR A 313 21.05 20.98 -34.35
CA THR A 313 20.51 21.71 -35.49
C THR A 313 21.43 21.57 -36.70
N SER A 314 20.85 21.82 -37.88
CA SER A 314 21.56 21.80 -39.14
C SER A 314 21.10 22.96 -40.02
N THR A 315 22.03 23.84 -40.41
CA THR A 315 21.74 24.96 -41.28
C THR A 315 22.53 24.80 -42.58
N TYR A 316 21.83 24.80 -43.72
CA TYR A 316 22.40 24.35 -44.98
C TYR A 316 22.02 25.27 -46.14
N ASP A 317 22.85 25.26 -47.17
CA ASP A 317 22.65 26.03 -48.39
C ASP A 317 21.75 25.25 -49.34
N HIS A 318 20.62 25.86 -49.72
CA HIS A 318 19.50 25.15 -50.32
C HIS A 318 19.66 25.05 -51.83
N ARG A 319 20.71 25.65 -52.38
CA ARG A 319 21.02 25.52 -53.79
C ARG A 319 21.68 24.18 -54.08
N VAL A 320 22.29 23.54 -53.08
CA VAL A 320 23.06 22.34 -53.30
C VAL A 320 22.68 21.20 -52.36
N ILE A 321 21.98 21.48 -51.25
CA ILE A 321 21.53 20.44 -50.33
C ILE A 321 20.02 20.57 -50.16
N GLN A 322 19.30 19.45 -50.19
CA GLN A 322 17.86 19.43 -50.04
C GLN A 322 17.50 19.00 -48.63
N GLY A 323 16.23 19.16 -48.27
CA GLY A 323 15.75 18.94 -46.92
C GLY A 323 15.84 17.49 -46.48
N ALA A 324 15.55 16.57 -47.40
CA ALA A 324 15.57 15.15 -47.13
C ALA A 324 16.95 14.69 -46.70
N VAL A 325 17.99 15.22 -47.33
CA VAL A 325 19.35 14.86 -47.02
C VAL A 325 19.69 15.33 -45.63
N SER A 326 19.30 16.56 -45.28
CA SER A 326 19.57 17.13 -43.97
C SER A 326 18.89 16.32 -42.86
N GLY A 327 17.66 15.88 -43.12
CA GLY A 327 16.92 15.08 -42.16
C GLY A 327 17.57 13.73 -41.92
N GLU A 328 18.00 13.08 -43.00
CA GLU A 328 18.63 11.77 -42.91
C GLU A 328 19.97 11.86 -42.18
N PHE A 329 20.66 12.99 -42.33
CA PHE A 329 21.91 13.23 -41.64
C PHE A 329 21.67 13.21 -40.13
N LEU A 330 20.64 13.92 -39.66
CA LEU A 330 20.38 14.01 -38.24
C LEU A 330 19.86 12.68 -37.70
N ARG A 331 19.16 11.90 -38.52
CA ARG A 331 18.66 10.60 -38.10
C ARG A 331 19.83 9.64 -37.85
N THR A 332 20.87 9.75 -38.66
CA THR A 332 22.04 8.90 -38.53
C THR A 332 22.81 9.25 -37.26
N MET A 333 22.93 10.54 -36.94
CA MET A 333 23.62 10.95 -35.73
C MET A 333 22.90 10.44 -34.50
N SER A 334 21.57 10.43 -34.54
CA SER A 334 20.75 9.97 -33.44
C SER A 334 20.98 8.48 -33.19
N ARG A 335 21.11 7.70 -34.27
CA ARG A 335 21.29 6.26 -34.18
C ARG A 335 22.66 5.91 -33.63
N LEU A 336 23.68 6.67 -34.00
CA LEU A 336 25.05 6.34 -33.63
C LEU A 336 25.26 6.51 -32.14
N LEU A 337 24.62 7.50 -31.53
CA LEU A 337 24.88 7.81 -30.14
C LEU A 337 24.17 6.85 -29.21
N THR A 338 23.47 5.85 -29.77
CA THR A 338 22.77 4.87 -28.98
C THR A 338 23.02 3.47 -29.56
N ASP A 339 24.16 3.29 -30.24
CA ASP A 339 24.42 2.11 -31.05
C ASP A 339 25.54 1.28 -30.44
N ASP A 340 25.41 -0.06 -30.54
CA ASP A 340 26.34 -0.99 -29.94
C ASP A 340 27.70 -0.90 -30.60
N SER A 341 27.71 -0.85 -31.93
CA SER A 341 28.94 -0.89 -32.69
C SER A 341 29.76 0.38 -32.56
N PHE A 342 29.11 1.50 -32.27
CA PHE A 342 29.77 2.79 -32.15
C PHE A 342 30.59 2.82 -30.88
N TRP A 343 30.03 2.34 -29.78
CA TRP A 343 30.68 2.40 -28.49
C TRP A 343 31.73 1.30 -28.33
N ASP A 344 31.68 0.26 -29.18
CA ASP A 344 32.71 -0.75 -29.20
C ASP A 344 33.99 -0.18 -29.81
N GLU A 345 33.86 0.64 -30.85
CA GLU A 345 35.01 1.29 -31.45
C GLU A 345 35.72 2.17 -30.44
N ILE A 346 34.98 2.97 -29.68
CA ILE A 346 35.58 3.94 -28.79
C ILE A 346 36.28 3.23 -27.65
N PHE A 347 35.66 2.17 -27.14
CA PHE A 347 36.21 1.42 -26.02
C PHE A 347 37.46 0.68 -26.44
N ASP A 348 37.46 0.13 -27.65
CA ASP A 348 38.59 -0.58 -28.21
C ASP A 348 39.79 0.35 -28.31
N ALA A 349 39.57 1.58 -28.73
CA ALA A 349 40.64 2.51 -29.02
C ALA A 349 41.22 3.12 -27.75
N MET A 350 40.47 3.12 -26.66
CA MET A 350 40.94 3.75 -25.43
C MET A 350 41.39 2.69 -24.43
N ASN A 351 41.28 1.41 -24.82
CA ASN A 351 41.76 0.30 -24.01
C ASN A 351 41.03 0.25 -22.69
N VAL A 352 39.71 -0.01 -22.75
CA VAL A 352 38.93 -0.25 -21.56
C VAL A 352 38.43 -1.69 -21.63
N PRO A 353 38.56 -2.48 -20.55
CA PRO A 353 38.34 -3.92 -20.62
C PRO A 353 36.91 -4.44 -20.46
N TYR A 354 35.98 -3.55 -20.18
CA TYR A 354 34.60 -3.94 -19.91
C TYR A 354 33.75 -3.81 -21.16
N THR A 355 32.60 -4.48 -21.17
CA THR A 355 31.61 -4.28 -22.20
C THR A 355 30.92 -2.96 -21.93
N PRO A 356 30.63 -2.13 -22.97
CA PRO A 356 29.87 -0.90 -22.76
C PRO A 356 28.44 -1.14 -22.34
N MET A 357 27.89 -0.19 -21.59
CA MET A 357 26.49 -0.16 -21.20
C MET A 357 25.63 -0.06 -22.46
N ARG A 358 24.52 -0.78 -22.50
CA ARG A 358 23.71 -0.90 -23.70
C ARG A 358 22.42 -0.10 -23.52
N TRP A 359 21.69 0.11 -24.63
CA TRP A 359 20.47 0.91 -24.63
C TRP A 359 19.26 0.00 -24.62
N ALA A 360 18.33 0.28 -23.71
CA ALA A 360 17.12 -0.52 -23.58
C ALA A 360 16.04 0.28 -22.87
N GLN A 361 14.80 -0.21 -22.95
CA GLN A 361 13.68 0.36 -22.22
C GLN A 361 13.68 -0.12 -20.78
N ASP A 362 13.06 0.67 -19.91
CA ASP A 362 12.87 0.31 -18.51
C ASP A 362 11.82 -0.79 -18.43
N VAL A 363 12.05 -1.76 -17.54
CA VAL A 363 11.19 -2.92 -17.40
C VAL A 363 10.42 -2.81 -16.09
N PRO A 364 9.18 -3.34 -16.00
CA PRO A 364 8.41 -3.31 -14.76
C PRO A 364 8.88 -4.26 -13.67
N ASN A 365 8.64 -3.90 -12.40
CA ASN A 365 9.00 -4.70 -11.25
C ASN A 365 7.90 -5.73 -10.99
N THR A 366 7.86 -6.76 -11.83
CA THR A 366 6.87 -7.81 -11.78
C THR A 366 7.57 -9.17 -11.82
N GLY A 367 6.86 -10.21 -11.40
CA GLY A 367 7.43 -11.55 -11.34
C GLY A 367 8.46 -11.65 -10.22
N VAL A 368 9.70 -12.00 -10.59
CA VAL A 368 10.82 -12.01 -9.66
C VAL A 368 11.19 -10.57 -9.36
N ASP A 369 11.30 -10.25 -8.07
CA ASP A 369 11.54 -8.91 -7.60
C ASP A 369 12.95 -8.49 -7.99
N LYS A 370 13.21 -7.19 -8.00
CA LYS A 370 14.49 -6.66 -8.43
C LYS A 370 15.55 -6.82 -7.35
N ASN A 371 15.17 -6.88 -6.07
CA ASN A 371 16.13 -7.16 -5.02
C ASN A 371 16.71 -8.56 -5.21
N THR A 372 15.89 -9.51 -5.61
CA THR A 372 16.35 -10.86 -5.87
C THR A 372 17.38 -10.86 -6.98
N ARG A 373 17.19 -10.00 -8.00
CA ARG A 373 18.07 -9.98 -9.15
C ARG A 373 19.40 -9.35 -8.79
N VAL A 374 19.45 -8.40 -7.87
CA VAL A 374 20.69 -7.77 -7.48
C VAL A 374 21.51 -8.73 -6.64
N MET A 375 20.85 -9.64 -5.91
CA MET A 375 21.57 -10.59 -5.08
C MET A 375 22.17 -11.68 -5.95
N GLN A 376 21.50 -12.00 -7.06
CA GLN A 376 22.01 -12.98 -8.00
C GLN A 376 23.23 -12.44 -8.75
N LEU A 377 23.31 -11.12 -8.94
CA LEU A 377 24.42 -10.49 -9.60
C LEU A 377 25.65 -10.52 -8.69
N ILE A 378 25.46 -10.31 -7.39
CA ILE A 378 26.54 -10.34 -6.44
C ILE A 378 27.15 -11.74 -6.40
N GLU A 379 26.30 -12.76 -6.48
CA GLU A 379 26.74 -14.14 -6.40
C GLU A 379 27.52 -14.52 -7.66
N ALA A 380 27.12 -13.98 -8.81
CA ALA A 380 27.78 -14.27 -10.07
C ALA A 380 29.19 -13.74 -10.11
N TYR A 381 29.43 -12.54 -9.59
CA TYR A 381 30.76 -11.94 -9.60
C TYR A 381 31.68 -12.66 -8.62
N ARG A 382 31.16 -13.03 -7.46
CA ARG A 382 31.94 -13.76 -6.48
C ARG A 382 32.36 -15.13 -7.01
N SER A 383 31.58 -15.69 -7.92
CA SER A 383 31.79 -17.05 -8.39
C SER A 383 32.57 -17.08 -9.70
N ARG A 384 32.32 -16.14 -10.62
CA ARG A 384 32.80 -16.26 -11.98
C ARG A 384 33.47 -14.99 -12.49
N GLY A 385 33.85 -14.07 -11.62
CA GLY A 385 34.37 -12.79 -12.03
C GLY A 385 35.82 -12.85 -12.50
N HIS A 386 36.50 -13.93 -12.14
CA HIS A 386 37.88 -14.16 -12.52
C HIS A 386 38.01 -14.37 -14.02
N LEU A 387 36.90 -14.61 -14.71
CA LEU A 387 36.96 -14.89 -16.12
C LEU A 387 37.17 -13.62 -16.92
N ILE A 388 37.00 -12.44 -16.32
CA ILE A 388 37.20 -11.20 -17.05
C ILE A 388 38.17 -10.29 -16.32
N ALA A 389 39.09 -10.82 -15.53
CA ALA A 389 40.00 -10.01 -14.75
C ALA A 389 41.26 -9.69 -15.53
N ASP A 390 41.91 -8.59 -15.17
CA ASP A 390 43.08 -8.10 -15.87
C ASP A 390 44.33 -8.73 -15.30
N THR A 391 44.60 -9.97 -15.71
CA THR A 391 45.68 -10.74 -15.13
C THR A 391 46.76 -11.08 -16.15
N ASN A 392 46.56 -10.71 -17.42
CA ASN A 392 47.53 -11.04 -18.46
C ASN A 392 48.31 -9.79 -18.84
N PRO A 393 49.65 -9.75 -18.70
CA PRO A 393 50.42 -8.61 -19.12
C PRO A 393 50.41 -8.31 -20.61
N LEU A 394 50.23 -9.34 -21.43
CA LEU A 394 50.13 -9.19 -22.86
C LEU A 394 48.66 -9.08 -23.26
N SER A 395 48.42 -8.50 -24.41
CA SER A 395 47.09 -8.45 -25.01
C SER A 395 46.95 -9.61 -25.98
N TRP A 396 46.89 -10.82 -25.43
CA TRP A 396 47.07 -12.04 -26.20
C TRP A 396 45.95 -13.01 -25.88
N VAL A 397 45.32 -13.53 -26.94
CA VAL A 397 44.43 -14.67 -26.82
C VAL A 397 44.95 -15.78 -27.73
N GLN A 398 45.16 -16.96 -27.13
CA GLN A 398 45.70 -18.09 -27.85
C GLN A 398 44.66 -18.60 -28.82
N PRO A 399 44.97 -18.65 -30.12
CA PRO A 399 44.01 -19.05 -31.15
C PRO A 399 43.22 -20.36 -31.10
N GLY A 400 43.71 -21.43 -30.48
CA GLY A 400 42.98 -22.68 -30.58
C GLY A 400 42.30 -23.14 -29.29
N MET A 401 42.22 -22.27 -28.29
CA MET A 401 41.67 -22.63 -26.99
C MET A 401 40.23 -22.14 -26.90
N PRO A 402 39.30 -22.95 -26.34
CA PRO A 402 37.93 -22.51 -26.15
C PRO A 402 37.80 -21.32 -25.20
N VAL A 403 36.88 -20.40 -25.52
CA VAL A 403 36.63 -19.25 -24.68
C VAL A 403 35.35 -19.54 -23.87
N PRO A 404 35.41 -19.56 -22.53
CA PRO A 404 34.21 -19.79 -21.72
C PRO A 404 33.15 -18.71 -21.85
N ASP A 405 31.90 -19.11 -21.63
CA ASP A 405 30.77 -18.20 -21.62
C ASP A 405 30.85 -17.34 -20.36
N HIS A 406 30.73 -16.02 -20.53
CA HIS A 406 30.64 -15.13 -19.39
C HIS A 406 29.54 -14.09 -19.60
N ARG A 407 28.35 -14.60 -19.90
CA ARG A 407 27.16 -13.78 -20.05
C ARG A 407 26.53 -13.52 -18.69
N ASP A 408 27.03 -14.17 -17.64
CA ASP A 408 26.46 -14.05 -16.31
C ASP A 408 26.88 -12.73 -15.67
N LEU A 409 27.81 -12.02 -16.27
CA LEU A 409 28.43 -10.87 -15.63
C LEU A 409 27.92 -9.57 -16.21
N ASP A 410 26.93 -9.60 -17.11
CA ASP A 410 26.34 -8.37 -17.63
C ASP A 410 24.92 -8.24 -17.12
N ILE A 411 24.49 -7.00 -16.88
CA ILE A 411 23.28 -6.72 -16.14
C ILE A 411 22.04 -7.07 -16.96
N GLU A 412 22.19 -7.33 -18.25
CA GLU A 412 21.07 -7.66 -19.11
C GLU A 412 20.55 -9.05 -18.82
N THR A 413 21.45 -9.97 -18.42
CA THR A 413 21.07 -11.35 -18.22
C THR A 413 20.27 -11.51 -16.94
N HIS A 414 20.35 -10.52 -16.05
CA HIS A 414 19.62 -10.53 -14.79
C HIS A 414 18.44 -9.57 -14.83
N ASN A 415 18.02 -9.15 -16.03
CA ASN A 415 16.88 -8.27 -16.25
C ASN A 415 17.02 -6.96 -15.49
N LEU A 416 18.14 -6.28 -15.65
CA LEU A 416 18.34 -4.96 -15.13
C LEU A 416 18.81 -4.07 -16.27
N THR A 417 18.75 -2.74 -16.10
CA THR A 417 18.92 -1.80 -17.18
C THR A 417 19.59 -0.56 -16.62
N ILE A 418 20.09 0.31 -17.50
CA ILE A 418 20.69 1.57 -17.12
C ILE A 418 19.77 2.40 -16.23
N TRP A 419 18.46 2.16 -16.32
CA TRP A 419 17.47 2.93 -15.59
C TRP A 419 17.39 2.50 -14.13
N ASP A 420 18.20 1.51 -13.71
CA ASP A 420 18.17 1.02 -12.35
C ASP A 420 19.41 1.45 -11.57
N LEU A 421 20.30 2.22 -12.19
CA LEU A 421 21.62 2.44 -11.62
C LEU A 421 21.55 3.38 -10.43
N ASP A 422 20.55 4.26 -10.35
CA ASP A 422 20.47 5.20 -9.24
C ASP A 422 19.34 4.86 -8.27
N ARG A 423 18.65 3.74 -8.48
CA ARG A 423 17.68 3.22 -7.53
C ARG A 423 18.40 2.47 -6.42
N THR A 424 17.73 2.29 -5.28
CA THR A 424 18.32 1.76 -4.07
C THR A 424 17.71 0.42 -3.74
N PHE A 425 18.52 -0.51 -3.20
CA PHE A 425 18.15 -1.90 -3.03
C PHE A 425 18.66 -2.45 -1.71
N ASN A 426 18.07 -3.55 -1.23
CA ASN A 426 18.52 -4.23 -0.03
C ASN A 426 19.55 -5.29 -0.40
N VAL A 427 20.71 -5.27 0.27
CA VAL A 427 21.85 -6.04 -0.17
C VAL A 427 22.33 -6.98 0.92
N GLY A 428 21.76 -6.87 2.12
CA GLY A 428 21.93 -7.90 3.13
C GLY A 428 23.34 -7.98 3.68
N GLY A 429 23.92 -6.83 3.99
CA GLY A 429 25.19 -6.79 4.70
C GLY A 429 26.41 -6.68 3.78
N PHE A 430 26.19 -6.67 2.47
CA PHE A 430 27.27 -6.50 1.52
C PHE A 430 27.91 -5.13 1.74
N GLY A 431 29.22 -5.11 1.89
CA GLY A 431 29.96 -3.88 2.07
C GLY A 431 29.74 -3.25 3.45
N GLY A 432 29.22 -4.05 4.39
CA GLY A 432 28.88 -3.54 5.70
C GLY A 432 27.70 -2.57 5.69
N LYS A 433 26.78 -2.75 4.75
CA LYS A 433 25.63 -1.87 4.63
C LYS A 433 24.39 -2.70 4.36
N GLU A 434 23.23 -2.17 4.78
CA GLU A 434 21.96 -2.83 4.59
C GLU A 434 21.29 -2.39 3.30
N THR A 435 21.74 -1.26 2.74
CA THR A 435 21.10 -0.67 1.57
C THR A 435 22.15 0.04 0.73
N MET A 436 21.94 0.08 -0.59
CA MET A 436 22.94 0.54 -1.54
C MET A 436 22.31 0.78 -2.90
N THR A 437 22.97 1.53 -3.76
CA THR A 437 22.54 1.73 -5.13
C THR A 437 23.25 0.74 -6.05
N LEU A 438 22.67 0.47 -7.23
CA LEU A 438 23.24 -0.49 -8.14
C LEU A 438 24.57 0.02 -8.70
N ARG A 439 24.76 1.33 -8.73
CA ARG A 439 26.01 1.90 -9.18
C ARG A 439 27.10 1.56 -8.18
N GLU A 440 26.84 1.70 -6.89
CA GLU A 440 27.84 1.41 -5.89
C GLU A 440 28.13 -0.08 -5.81
N VAL A 441 27.12 -0.93 -6.02
CA VAL A 441 27.31 -2.38 -5.99
C VAL A 441 28.28 -2.78 -7.10
N LEU A 442 28.05 -2.29 -8.32
CA LEU A 442 28.88 -2.66 -9.44
C LEU A 442 30.31 -2.19 -9.23
N SER A 443 30.47 -1.01 -8.65
CA SER A 443 31.78 -0.44 -8.43
C SER A 443 32.59 -1.30 -7.48
N ARG A 444 31.98 -1.75 -6.39
CA ARG A 444 32.67 -2.55 -5.41
C ARG A 444 33.01 -3.92 -5.95
N LEU A 445 32.09 -4.54 -6.69
CA LEU A 445 32.33 -5.86 -7.24
C LEU A 445 33.48 -5.83 -8.23
N ARG A 446 33.59 -4.78 -9.02
CA ARG A 446 34.61 -4.68 -10.04
C ARG A 446 35.96 -4.41 -9.43
N ALA A 447 36.00 -3.69 -8.32
CA ALA A 447 37.25 -3.39 -7.65
C ALA A 447 37.81 -4.60 -6.94
N ALA A 448 36.97 -5.53 -6.56
CA ALA A 448 37.37 -6.67 -5.76
C ALA A 448 37.69 -7.88 -6.60
N TYR A 449 37.09 -8.02 -7.78
CA TYR A 449 37.15 -9.29 -8.47
C TYR A 449 37.58 -9.17 -9.93
N THR A 450 37.94 -7.98 -10.42
CA THR A 450 38.16 -7.81 -11.85
C THR A 450 39.41 -7.02 -12.18
N LEU A 451 40.22 -6.63 -11.19
CA LEU A 451 41.45 -5.89 -11.43
C LEU A 451 42.62 -6.86 -11.56
N LYS A 452 43.69 -6.68 -10.78
CA LYS A 452 44.92 -7.42 -10.99
C LYS A 452 44.99 -8.74 -10.25
N VAL A 453 43.99 -9.07 -9.43
CA VAL A 453 43.95 -10.34 -8.72
C VAL A 453 42.62 -11.01 -8.99
N GLY A 454 42.65 -12.24 -9.49
CA GLY A 454 41.45 -13.05 -9.68
C GLY A 454 41.44 -14.25 -8.76
N SER A 455 40.30 -14.56 -8.15
CA SER A 455 40.22 -15.50 -7.06
C SER A 455 39.12 -16.52 -7.26
N GLU A 456 39.38 -17.77 -6.89
CA GLU A 456 38.42 -18.86 -6.92
C GLU A 456 38.33 -19.49 -5.53
N TYR A 457 37.16 -19.36 -4.87
CA TYR A 457 37.02 -19.83 -3.51
C TYR A 457 35.60 -20.28 -3.14
N THR A 458 34.65 -20.29 -4.07
CA THR A 458 33.25 -20.48 -3.73
C THR A 458 32.91 -21.96 -3.74
N HIS A 459 33.83 -22.79 -4.22
CA HIS A 459 33.66 -24.22 -4.26
C HIS A 459 33.98 -24.87 -2.92
N ILE A 460 34.57 -24.13 -1.98
CA ILE A 460 34.91 -24.64 -0.66
C ILE A 460 33.64 -24.92 0.13
N LEU A 461 33.61 -26.01 0.88
CA LEU A 461 32.41 -26.50 1.52
C LEU A 461 32.20 -25.89 2.90
N ASP A 462 33.27 -25.55 3.61
CA ASP A 462 33.18 -25.02 4.96
C ASP A 462 32.83 -23.55 4.91
N ARG A 463 31.95 -23.10 5.82
CA ARG A 463 31.39 -21.77 5.79
C ARG A 463 32.37 -20.76 6.38
N ASP A 464 33.11 -21.16 7.41
CA ASP A 464 34.04 -20.27 8.09
C ASP A 464 35.25 -19.96 7.21
N GLU A 465 35.75 -20.95 6.45
CA GLU A 465 36.79 -20.72 5.47
C GLU A 465 36.35 -19.71 4.42
N ARG A 466 35.19 -19.95 3.81
CA ARG A 466 34.68 -19.07 2.77
C ARG A 466 34.57 -17.64 3.27
N THR A 467 34.10 -17.46 4.50
CA THR A 467 33.85 -16.13 5.03
C THR A 467 35.14 -15.40 5.28
N TRP A 468 36.17 -16.12 5.72
CA TRP A 468 37.47 -15.53 6.00
C TRP A 468 38.09 -14.97 4.72
N LEU A 469 38.01 -15.72 3.62
CA LEU A 469 38.56 -15.30 2.35
C LEU A 469 37.77 -14.14 1.77
N GLN A 470 36.44 -14.23 1.87
CA GLN A 470 35.55 -13.24 1.29
C GLN A 470 35.75 -11.89 1.96
N ASP A 471 35.96 -11.88 3.27
CA ASP A 471 36.14 -10.66 4.01
C ASP A 471 37.46 -10.00 3.65
N ARG A 472 38.51 -10.78 3.41
CA ARG A 472 39.82 -10.23 3.16
C ARG A 472 39.96 -9.78 1.71
N LEU A 473 39.22 -10.37 0.79
CA LEU A 473 39.32 -9.99 -0.62
C LEU A 473 38.50 -8.76 -0.91
N GLU A 474 37.48 -8.47 -0.08
CA GLU A 474 36.59 -7.34 -0.31
C GLU A 474 37.03 -6.11 0.47
N ALA A 475 37.91 -6.29 1.46
CA ALA A 475 38.52 -5.16 2.13
C ALA A 475 39.53 -4.50 1.21
N GLY A 476 40.30 -5.31 0.50
CA GLY A 476 41.25 -4.83 -0.48
C GLY A 476 42.68 -4.89 0.03
N MET A 477 43.62 -4.50 -0.84
CA MET A 477 45.03 -4.49 -0.51
C MET A 477 45.35 -3.18 0.19
N PRO A 478 45.96 -3.21 1.40
CA PRO A 478 46.31 -1.98 2.11
C PRO A 478 47.47 -1.25 1.46
N LYS A 479 47.49 0.08 1.61
CA LYS A 479 48.46 0.92 0.94
C LYS A 479 49.80 0.76 1.63
N PRO A 480 50.90 0.44 0.90
CA PRO A 480 52.20 0.27 1.52
C PRO A 480 52.96 1.56 1.77
N THR A 481 53.89 1.52 2.73
CA THR A 481 54.68 2.67 3.13
C THR A 481 55.80 2.88 2.12
N GLN A 482 56.56 3.96 2.29
CA GLN A 482 57.58 4.31 1.32
C GLN A 482 58.79 3.41 1.46
N ALA A 483 59.14 3.02 2.68
CA ALA A 483 60.23 2.10 2.91
C ALA A 483 59.96 0.76 2.27
N GLU A 484 58.72 0.28 2.40
CA GLU A 484 58.30 -0.97 1.79
C GLU A 484 58.43 -0.90 0.28
N GLN A 485 58.03 0.22 -0.30
CA GLN A 485 58.05 0.39 -1.74
C GLN A 485 59.47 0.38 -2.26
N LYS A 486 60.41 0.95 -1.53
CA LYS A 486 61.78 0.99 -1.98
C LYS A 486 62.41 -0.40 -1.88
N TYR A 487 61.94 -1.21 -0.93
CA TYR A 487 62.46 -2.55 -0.76
C TYR A 487 62.05 -3.43 -1.94
N ILE A 488 60.83 -3.24 -2.45
CA ILE A 488 60.38 -4.00 -3.61
C ILE A 488 61.22 -3.63 -4.82
N LEU A 489 61.63 -2.36 -4.95
CA LEU A 489 62.39 -1.91 -6.09
C LEU A 489 63.81 -2.46 -6.04
N GLN A 490 64.39 -2.62 -4.84
CA GLN A 490 65.71 -3.20 -4.71
C GLN A 490 65.73 -4.64 -5.19
N LYS A 491 64.69 -5.41 -4.87
CA LYS A 491 64.64 -6.81 -5.21
C LYS A 491 64.42 -7.00 -6.70
N LEU A 492 63.59 -6.17 -7.33
CA LEU A 492 63.39 -6.23 -8.76
C LEU A 492 64.69 -5.91 -9.48
N ASN A 493 65.42 -4.93 -8.98
CA ASN A 493 66.65 -4.52 -9.62
C ASN A 493 67.66 -5.64 -9.58
N ALA A 494 67.78 -6.31 -8.43
CA ALA A 494 68.74 -7.38 -8.25
C ALA A 494 68.49 -8.47 -9.28
N ALA A 495 67.23 -8.87 -9.42
CA ALA A 495 66.86 -9.92 -10.34
C ALA A 495 67.30 -9.61 -11.76
N GLU A 496 66.90 -8.45 -12.28
CA GLU A 496 67.18 -8.09 -13.66
C GLU A 496 68.66 -7.87 -13.88
N ALA A 497 69.34 -7.27 -12.91
CA ALA A 497 70.74 -6.95 -13.06
C ALA A 497 71.60 -8.19 -13.16
N PHE A 498 71.29 -9.21 -12.36
CA PHE A 498 72.03 -10.46 -12.33
C PHE A 498 71.94 -11.15 -13.68
N GLU A 499 70.76 -11.15 -14.28
CA GLU A 499 70.56 -11.80 -15.57
C GLU A 499 71.40 -11.13 -16.64
N ASN A 500 71.42 -9.79 -16.63
CA ASN A 500 72.11 -9.02 -17.65
C ASN A 500 73.61 -9.20 -17.51
N PHE A 501 74.11 -9.36 -16.29
CA PHE A 501 75.53 -9.54 -16.09
C PHE A 501 76.00 -10.82 -16.73
N LEU A 502 75.27 -11.92 -16.49
CA LEU A 502 75.63 -13.22 -17.01
C LEU A 502 75.54 -13.24 -18.53
N GLN A 503 74.55 -12.56 -19.10
CA GLN A 503 74.40 -12.46 -20.53
C GLN A 503 75.65 -11.86 -21.15
N THR A 504 76.19 -10.82 -20.50
CA THR A 504 77.29 -10.05 -21.05
C THR A 504 78.61 -10.79 -20.95
N LYS A 505 78.85 -11.47 -19.83
CA LYS A 505 80.16 -12.07 -19.58
C LYS A 505 80.26 -13.49 -20.11
N TYR A 506 79.14 -14.22 -20.21
CA TYR A 506 79.14 -15.59 -20.71
C TYR A 506 78.02 -15.76 -21.73
N VAL A 507 78.34 -15.62 -23.02
CA VAL A 507 77.33 -15.37 -24.05
C VAL A 507 76.66 -16.68 -24.44
N GLY A 508 77.47 -17.67 -24.82
CA GLY A 508 76.93 -18.90 -25.38
C GLY A 508 76.34 -19.83 -24.33
N GLN A 509 76.67 -19.61 -23.06
CA GLN A 509 76.40 -20.59 -22.03
C GLN A 509 74.93 -20.58 -21.63
N LYS A 510 74.43 -21.79 -21.32
CA LYS A 510 73.04 -22.06 -21.05
C LYS A 510 72.76 -21.74 -19.59
N ARG A 511 71.71 -20.95 -19.31
CA ARG A 511 71.46 -20.49 -17.95
C ARG A 511 69.98 -20.57 -17.55
N PHE A 512 69.06 -20.68 -18.51
CA PHE A 512 67.63 -20.69 -18.23
C PHE A 512 67.23 -19.44 -17.45
N SER A 513 66.98 -18.35 -18.18
CA SER A 513 66.79 -17.04 -17.59
C SER A 513 65.38 -16.87 -17.05
N LEU A 514 65.23 -15.87 -16.20
CA LEU A 514 63.99 -15.55 -15.51
C LEU A 514 63.40 -14.27 -16.07
N GLU A 515 63.98 -13.76 -17.16
CA GLU A 515 63.54 -12.53 -17.77
C GLU A 515 62.13 -12.71 -18.30
N GLY A 516 61.23 -11.82 -17.87
CA GLY A 516 59.82 -11.98 -18.13
C GLY A 516 59.04 -12.29 -16.86
N ALA A 517 59.74 -12.83 -15.86
CA ALA A 517 59.10 -13.32 -14.65
C ALA A 517 59.92 -12.93 -13.43
N GLU A 518 60.31 -11.67 -13.33
CA GLU A 518 61.18 -11.23 -12.27
C GLU A 518 60.42 -10.92 -11.00
N ALA A 519 59.09 -10.95 -11.05
CA ALA A 519 58.27 -10.71 -9.87
C ALA A 519 58.26 -11.91 -8.94
N LEU A 520 58.77 -13.05 -9.39
CA LEU A 520 58.91 -14.22 -8.56
C LEU A 520 59.78 -13.95 -7.35
N ILE A 521 60.78 -13.08 -7.46
CA ILE A 521 61.72 -12.89 -6.38
C ILE A 521 61.06 -12.14 -5.23
N PRO A 522 60.40 -11.00 -5.43
CA PRO A 522 59.59 -10.43 -4.37
C PRO A 522 58.39 -11.23 -3.85
N LEU A 523 57.85 -12.18 -4.61
CA LEU A 523 56.77 -13.04 -4.13
C LEU A 523 57.29 -14.04 -3.11
N MET A 524 58.40 -14.70 -3.43
CA MET A 524 59.00 -15.68 -2.55
C MET A 524 59.51 -15.03 -1.28
N ASP A 525 60.00 -13.80 -1.40
CA ASP A 525 60.54 -13.06 -0.27
C ASP A 525 59.41 -12.69 0.70
N SER A 526 58.25 -12.37 0.17
CA SER A 526 57.10 -11.99 0.97
C SER A 526 56.63 -13.15 1.82
N ALA A 527 56.58 -14.34 1.24
CA ALA A 527 56.12 -15.53 1.91
C ALA A 527 57.06 -15.93 3.04
N ILE A 528 58.37 -15.91 2.78
CA ILE A 528 59.37 -16.30 3.76
C ILE A 528 59.38 -15.31 4.92
N ASP A 529 59.12 -14.03 4.63
CA ASP A 529 59.11 -12.99 5.64
C ASP A 529 57.91 -13.14 6.56
N THR A 530 56.76 -13.51 6.00
CA THR A 530 55.54 -13.73 6.75
C THR A 530 55.70 -14.93 7.67
N ALA A 531 56.41 -15.96 7.22
CA ALA A 531 56.62 -17.16 8.01
C ALA A 531 57.52 -16.88 9.20
N ALA A 532 58.50 -16.00 9.02
CA ALA A 532 59.40 -15.61 10.09
C ALA A 532 58.65 -14.84 11.17
N GLY A 533 57.64 -14.09 10.78
CA GLY A 533 56.84 -13.35 11.73
C GLY A 533 55.90 -14.23 12.52
N GLN A 534 55.51 -15.37 11.96
CA GLN A 534 54.63 -16.30 12.63
C GLN A 534 55.41 -17.10 13.67
N GLY A 535 56.73 -17.17 13.54
CA GLY A 535 57.57 -17.78 14.54
C GLY A 535 57.97 -19.20 14.19
N LEU A 536 58.07 -19.53 12.89
CA LEU A 536 58.32 -20.89 12.46
C LEU A 536 59.81 -21.12 12.29
N ASP A 537 60.22 -22.36 12.00
CA ASP A 537 61.59 -22.78 12.14
C ASP A 537 62.35 -22.82 10.80
N GLU A 538 61.75 -23.36 9.74
CA GLU A 538 62.46 -23.55 8.49
C GLU A 538 61.51 -23.44 7.30
N VAL A 539 62.06 -23.15 6.12
CA VAL A 539 61.36 -23.24 4.84
C VAL A 539 62.17 -24.12 3.91
N VAL A 540 61.55 -25.13 3.30
CA VAL A 540 62.19 -26.05 2.36
C VAL A 540 61.62 -25.79 0.97
N ILE A 541 62.49 -25.60 -0.02
CA ILE A 541 62.11 -25.25 -1.39
C ILE A 541 62.45 -26.40 -2.34
N GLY A 542 61.55 -26.66 -3.28
CA GLY A 542 61.84 -27.50 -4.44
C GLY A 542 61.38 -26.83 -5.72
N MET A 543 62.18 -26.89 -6.78
CA MET A 543 61.89 -26.18 -8.00
C MET A 543 62.59 -26.79 -9.19
N PRO A 544 62.19 -26.45 -10.44
CA PRO A 544 62.94 -26.76 -11.64
C PRO A 544 64.00 -25.76 -12.08
N HIS A 545 64.40 -25.85 -13.36
CA HIS A 545 65.50 -25.12 -13.97
C HIS A 545 65.28 -23.62 -14.09
N ARG A 546 64.04 -23.18 -14.31
CA ARG A 546 63.73 -21.81 -14.68
C ARG A 546 63.99 -20.86 -13.52
N GLY A 547 65.12 -20.15 -13.58
CA GLY A 547 65.44 -19.12 -12.63
C GLY A 547 66.07 -19.66 -11.35
N ARG A 548 66.92 -20.67 -11.46
CA ARG A 548 67.44 -21.33 -10.29
C ARG A 548 68.59 -20.56 -9.71
N LEU A 549 69.50 -20.10 -10.56
CA LEU A 549 70.70 -19.41 -10.12
C LEU A 549 70.34 -18.07 -9.51
N ASN A 550 69.18 -17.54 -9.89
CA ASN A 550 68.68 -16.28 -9.39
C ASN A 550 68.17 -16.47 -7.98
N VAL A 551 67.47 -17.59 -7.74
CA VAL A 551 66.91 -17.92 -6.44
C VAL A 551 68.03 -18.27 -5.46
N LEU A 552 69.07 -18.94 -5.93
CA LEU A 552 70.17 -19.32 -5.08
C LEU A 552 70.86 -18.11 -4.50
N PHE A 553 70.97 -17.03 -5.28
CA PHE A 553 71.70 -15.85 -4.87
C PHE A 553 70.84 -14.87 -4.09
N ASN A 554 69.57 -14.71 -4.49
CA ASN A 554 68.74 -13.63 -3.97
C ASN A 554 67.81 -14.10 -2.86
N ILE A 555 67.51 -15.41 -2.76
CA ILE A 555 66.60 -15.91 -1.74
C ILE A 555 67.34 -16.75 -0.71
N VAL A 556 68.31 -17.57 -1.12
CA VAL A 556 68.91 -18.53 -0.20
C VAL A 556 70.19 -17.95 0.38
N GLY A 557 71.00 -17.26 -0.42
CA GLY A 557 72.17 -16.56 0.08
C GLY A 557 73.48 -17.26 -0.26
N LYS A 558 73.51 -18.06 -1.32
CA LYS A 558 74.74 -18.65 -1.80
C LYS A 558 75.66 -17.54 -2.28
N PRO A 559 76.96 -17.53 -1.89
CA PRO A 559 77.87 -16.46 -2.27
C PRO A 559 78.14 -16.40 -3.77
N LEU A 560 78.44 -15.19 -4.26
CA LEU A 560 78.45 -14.89 -5.68
C LEU A 560 79.70 -15.46 -6.32
N ALA A 561 80.75 -15.59 -5.53
CA ALA A 561 82.01 -16.16 -5.99
C ALA A 561 81.78 -17.57 -6.51
N SER A 562 80.96 -18.33 -5.78
CA SER A 562 80.69 -19.72 -6.09
C SER A 562 80.05 -19.88 -7.46
N ILE A 563 79.12 -18.98 -7.79
CA ILE A 563 78.36 -19.08 -9.02
C ILE A 563 79.25 -18.72 -10.21
N PHE A 564 80.11 -17.71 -10.05
CA PHE A 564 81.02 -17.31 -11.11
C PHE A 564 82.02 -18.42 -11.40
N ASN A 565 82.52 -19.07 -10.34
CA ASN A 565 83.47 -20.17 -10.49
C ASN A 565 82.85 -21.29 -11.32
N GLU A 566 81.58 -21.61 -11.04
CA GLU A 566 80.88 -22.66 -11.74
C GLU A 566 80.92 -22.40 -13.25
N PHE A 567 80.70 -21.14 -13.64
CA PHE A 567 80.64 -20.75 -15.04
C PHE A 567 82.02 -20.82 -15.71
N GLU A 568 83.09 -20.75 -14.91
CA GLU A 568 84.45 -20.81 -15.43
C GLU A 568 84.98 -22.24 -15.42
N GLY A 569 84.21 -23.19 -14.89
CA GLY A 569 84.50 -24.61 -15.02
C GLY A 569 85.03 -25.26 -13.74
N GLN A 570 85.11 -24.48 -12.64
CA GLN A 570 85.51 -25.02 -11.35
C GLN A 570 84.25 -25.37 -10.55
N MET A 571 84.07 -26.67 -10.29
CA MET A 571 82.85 -27.18 -9.68
C MET A 571 83.16 -27.70 -8.27
N GLU A 572 82.26 -27.43 -7.32
CA GLU A 572 82.43 -27.87 -5.95
C GLU A 572 82.17 -29.37 -5.86
N GLN A 573 83.02 -30.07 -5.08
CA GLN A 573 82.97 -31.52 -4.97
C GLN A 573 82.07 -31.92 -3.80
N GLY A 574 81.13 -32.84 -4.05
CA GLY A 574 80.21 -33.33 -3.04
C GLY A 574 80.80 -34.50 -2.25
N GLN A 575 81.24 -35.53 -2.99
CA GLN A 575 81.83 -36.72 -2.40
C GLN A 575 83.18 -36.95 -3.06
N ILE A 576 84.12 -37.52 -2.31
CA ILE A 576 85.45 -37.76 -2.81
C ILE A 576 85.37 -38.80 -3.93
N GLY A 577 85.80 -38.41 -5.13
CA GLY A 577 85.81 -39.29 -6.29
C GLY A 577 84.47 -39.35 -7.01
N GLY A 578 83.64 -38.32 -6.82
CA GLY A 578 82.30 -38.29 -7.38
C GLY A 578 82.28 -37.78 -8.82
N SER A 579 81.17 -38.04 -9.51
CA SER A 579 81.04 -37.76 -10.94
C SER A 579 80.50 -36.35 -11.18
N GLY A 580 79.52 -35.92 -10.39
CA GLY A 580 79.06 -34.55 -10.43
C GLY A 580 77.75 -34.39 -11.19
N ASP A 581 77.31 -33.14 -11.35
CA ASP A 581 76.11 -32.80 -12.10
C ASP A 581 76.14 -31.32 -12.49
N VAL A 582 75.27 -30.95 -13.42
CA VAL A 582 75.20 -29.61 -13.99
C VAL A 582 74.74 -28.63 -12.92
N LYS A 583 75.02 -27.34 -13.14
CA LYS A 583 74.99 -26.32 -12.12
C LYS A 583 73.57 -26.05 -11.61
N TYR A 584 72.56 -26.31 -12.44
CA TYR A 584 71.20 -26.00 -12.08
C TYR A 584 70.48 -27.22 -11.50
N HIS A 585 71.22 -28.14 -10.86
CA HIS A 585 70.64 -29.29 -10.21
C HIS A 585 71.10 -29.41 -8.75
N LEU A 586 71.74 -28.37 -8.22
CA LEU A 586 72.39 -28.45 -6.90
C LEU A 586 71.56 -27.73 -5.84
N GLY A 587 71.85 -27.99 -4.57
CA GLY A 587 71.14 -27.41 -3.44
C GLY A 587 72.03 -26.53 -2.54
N SER A 588 71.43 -25.90 -1.52
CA SER A 588 72.16 -25.06 -0.58
C SER A 588 71.31 -24.72 0.65
N GLU A 589 71.96 -24.14 1.66
CA GLU A 589 71.33 -23.70 2.91
C GLU A 589 71.66 -22.24 3.21
N GLY A 590 70.84 -21.58 4.05
CA GLY A 590 71.05 -20.18 4.40
C GLY A 590 70.11 -19.69 5.48
N GLN A 591 70.23 -18.42 5.85
CA GLN A 591 69.40 -17.75 6.84
C GLN A 591 68.71 -16.54 6.22
N HIS A 592 67.55 -16.15 6.75
CA HIS A 592 66.83 -14.98 6.30
C HIS A 592 66.42 -14.15 7.51
N LEU A 593 66.85 -12.88 7.54
CA LEU A 593 66.51 -11.95 8.59
C LEU A 593 65.39 -11.03 8.12
N GLN A 594 64.44 -10.77 9.00
CA GLN A 594 63.28 -9.95 8.70
C GLN A 594 63.73 -8.50 8.58
N MET A 595 63.24 -7.79 7.56
CA MET A 595 63.72 -6.46 7.21
C MET A 595 63.15 -5.41 8.17
N PHE A 596 61.87 -5.58 8.50
CA PHE A 596 61.17 -4.68 9.40
C PHE A 596 60.60 -5.46 10.57
N GLY A 597 61.48 -6.17 11.29
CA GLY A 597 61.08 -7.02 12.40
C GLY A 597 62.30 -7.64 13.06
N ASP A 598 62.08 -8.49 14.07
CA ASP A 598 63.17 -9.10 14.82
C ASP A 598 63.21 -10.60 14.59
N GLY A 599 62.56 -11.09 13.53
CA GLY A 599 62.47 -12.51 13.25
C GLY A 599 63.65 -13.02 12.42
N GLU A 600 63.84 -14.35 12.44
CA GLU A 600 64.88 -15.02 11.70
C GLU A 600 64.39 -16.43 11.37
N ILE A 601 64.68 -16.92 10.16
CA ILE A 601 64.25 -18.24 9.73
C ILE A 601 65.35 -18.85 8.88
N LYS A 602 65.33 -20.18 8.75
CA LYS A 602 66.31 -20.94 8.00
C LYS A 602 65.72 -21.35 6.65
N VAL A 603 66.50 -21.29 5.57
CA VAL A 603 66.02 -21.56 4.22
C VAL A 603 66.90 -22.60 3.56
N SER A 604 66.29 -23.63 2.96
CA SER A 604 66.99 -24.74 2.35
C SER A 604 66.44 -25.02 0.95
N LEU A 605 67.30 -25.52 0.05
CA LEU A 605 66.91 -25.91 -1.29
C LEU A 605 67.47 -27.29 -1.61
N THR A 606 66.65 -28.16 -2.21
CA THR A 606 66.94 -29.58 -2.37
C THR A 606 67.43 -29.89 -3.78
N ALA A 607 68.21 -30.95 -3.92
CA ALA A 607 68.73 -31.39 -5.20
C ALA A 607 67.66 -32.11 -5.99
N ASN A 608 67.83 -32.17 -7.32
CA ASN A 608 66.85 -32.82 -8.17
C ASN A 608 67.45 -33.16 -9.51
N PRO A 609 66.91 -34.16 -10.23
CA PRO A 609 67.30 -34.43 -11.61
C PRO A 609 66.51 -33.65 -12.66
N SER A 610 66.80 -33.91 -13.94
CA SER A 610 66.16 -33.23 -15.03
C SER A 610 64.71 -33.66 -15.20
N HIS A 611 64.39 -34.89 -14.79
CA HIS A 611 63.04 -35.41 -14.86
C HIS A 611 62.12 -34.51 -14.05
N LEU A 612 61.13 -33.91 -14.70
CA LEU A 612 60.29 -32.91 -14.09
C LEU A 612 59.33 -33.54 -13.09
N GLU A 613 59.16 -32.87 -11.96
CA GLU A 613 58.14 -33.13 -10.97
C GLU A 613 58.48 -34.37 -10.12
N ALA A 614 59.72 -34.83 -10.17
CA ALA A 614 60.13 -35.99 -9.40
C ALA A 614 60.61 -35.59 -8.01
N VAL A 615 60.61 -34.29 -7.72
CA VAL A 615 61.08 -33.76 -6.46
C VAL A 615 59.90 -33.54 -5.52
N ASN A 616 58.68 -33.71 -6.02
CA ASN A 616 57.50 -33.38 -5.25
C ASN A 616 57.35 -34.30 -4.05
N PRO A 617 57.30 -35.64 -4.20
CA PRO A 617 57.28 -36.51 -3.03
C PRO A 617 58.52 -36.49 -2.15
N VAL A 618 59.68 -36.22 -2.73
CA VAL A 618 60.92 -36.24 -1.98
C VAL A 618 60.96 -35.07 -1.01
N MET A 619 60.47 -33.89 -1.41
CA MET A 619 60.59 -32.74 -0.54
C MET A 619 59.51 -32.78 0.55
N GLU A 620 58.40 -33.47 0.30
CA GLU A 620 57.36 -33.66 1.29
C GLU A 620 57.86 -34.54 2.44
N GLY A 621 58.61 -35.58 2.10
CA GLY A 621 59.21 -36.44 3.09
C GLY A 621 60.28 -35.76 3.94
N ILE A 622 61.08 -34.87 3.34
CA ILE A 622 62.09 -34.14 4.08
C ILE A 622 61.42 -33.28 5.14
N VAL A 623 60.27 -32.70 4.81
CA VAL A 623 59.58 -31.81 5.73
C VAL A 623 59.01 -32.60 6.88
N ARG A 624 58.45 -33.78 6.60
CA ARG A 624 57.82 -34.59 7.62
C ARG A 624 58.85 -35.10 8.62
N ALA A 625 60.04 -35.44 8.14
CA ALA A 625 61.08 -35.94 9.02
C ALA A 625 61.56 -34.85 9.95
N LYS A 626 61.66 -33.61 9.46
CA LYS A 626 62.12 -32.49 10.26
C LYS A 626 61.09 -32.13 11.31
N GLN A 627 59.80 -32.22 10.97
CA GLN A 627 58.74 -31.91 11.91
C GLN A 627 58.74 -32.92 13.04
N ASP A 628 58.98 -34.19 12.74
CA ASP A 628 58.92 -35.25 13.72
C ASP A 628 60.05 -35.12 14.73
N TYR A 629 61.19 -34.60 14.29
CA TYR A 629 62.36 -34.44 15.14
C TYR A 629 62.16 -33.31 16.14
N LEU A 630 61.42 -32.29 15.77
CA LEU A 630 61.19 -31.16 16.65
C LEU A 630 60.16 -31.52 17.72
N ASP A 631 59.14 -32.28 17.35
CA ASP A 631 58.20 -32.86 18.31
C ASP A 631 57.45 -31.77 19.05
N LYS A 632 56.46 -31.15 18.40
CA LYS A 632 55.69 -30.08 18.98
C LYS A 632 54.19 -30.36 18.95
N GLY A 633 53.78 -31.49 18.36
CA GLY A 633 52.38 -31.90 18.44
C GLY A 633 51.54 -31.43 17.27
N VAL A 634 50.21 -31.47 17.47
CA VAL A 634 49.23 -31.21 16.44
C VAL A 634 49.18 -29.71 16.13
N ASP A 635 49.50 -28.89 17.15
CA ASP A 635 49.47 -27.44 17.04
C ASP A 635 50.83 -26.91 16.58
N GLY A 636 51.71 -27.82 16.15
CA GLY A 636 53.03 -27.45 15.66
C GLY A 636 53.02 -27.24 14.16
N LYS A 637 53.68 -28.16 13.44
CA LYS A 637 53.80 -28.11 11.99
C LYS A 637 54.49 -26.82 11.57
N THR A 638 55.78 -26.71 11.93
CA THR A 638 56.51 -25.46 11.92
C THR A 638 57.63 -25.47 10.88
N VAL A 639 57.59 -26.38 9.93
CA VAL A 639 58.46 -26.37 8.77
C VAL A 639 57.58 -26.26 7.54
N VAL A 640 57.80 -25.23 6.71
CA VAL A 640 56.91 -24.84 5.63
C VAL A 640 57.44 -25.36 4.30
N PRO A 641 56.67 -26.15 3.52
CA PRO A 641 57.06 -26.49 2.15
C PRO A 641 56.60 -25.50 1.07
N LEU A 642 57.54 -25.07 0.23
CA LEU A 642 57.30 -24.10 -0.83
C LEU A 642 57.77 -24.71 -2.14
N LEU A 643 56.83 -24.98 -3.05
CA LEU A 643 57.06 -25.81 -4.21
C LEU A 643 56.70 -25.06 -5.48
N LEU A 644 57.66 -24.96 -6.41
CA LEU A 644 57.53 -24.21 -7.66
C LEU A 644 57.35 -25.17 -8.82
N HIS A 645 56.52 -24.80 -9.80
CA HIS A 645 56.25 -25.62 -10.97
C HIS A 645 56.26 -24.77 -12.24
N GLY A 646 56.19 -25.42 -13.40
CA GLY A 646 55.87 -24.80 -14.67
C GLY A 646 54.52 -25.25 -15.19
N ASP A 647 53.94 -24.51 -16.13
CA ASP A 647 52.54 -24.66 -16.50
C ASP A 647 52.32 -25.95 -17.27
N ALA A 648 53.17 -26.27 -18.24
CA ALA A 648 53.03 -27.50 -19.01
C ALA A 648 53.21 -28.73 -18.15
N ALA A 649 54.19 -28.72 -17.26
CA ALA A 649 54.49 -29.86 -16.43
C ALA A 649 53.40 -30.11 -15.40
N PHE A 650 52.79 -29.05 -14.87
CA PHE A 650 51.82 -29.18 -13.82
C PHE A 650 50.55 -29.83 -14.34
N ALA A 651 50.16 -29.55 -15.57
CA ALA A 651 48.94 -30.06 -16.14
C ALA A 651 49.12 -31.44 -16.74
N GLY A 652 50.35 -31.83 -17.07
CA GLY A 652 50.57 -33.00 -17.88
C GLY A 652 50.94 -34.24 -17.09
N LEU A 653 51.89 -34.12 -16.17
CA LEU A 653 52.45 -35.26 -15.48
C LEU A 653 51.55 -35.66 -14.33
N GLY A 654 51.42 -36.98 -14.11
CA GLY A 654 50.47 -37.53 -13.17
C GLY A 654 50.98 -37.60 -11.73
N ILE A 655 52.27 -37.40 -11.52
CA ILE A 655 52.86 -37.39 -10.20
C ILE A 655 52.36 -36.21 -9.38
N VAL A 656 51.92 -35.14 -10.03
CA VAL A 656 51.51 -33.94 -9.33
C VAL A 656 50.26 -34.21 -8.51
N PRO A 657 49.11 -34.61 -9.11
CA PRO A 657 47.93 -34.92 -8.31
C PRO A 657 48.06 -36.13 -7.38
N GLU A 658 48.95 -37.06 -7.70
CA GLU A 658 49.21 -38.22 -6.88
C GLU A 658 49.82 -37.81 -5.55
N THR A 659 50.61 -36.74 -5.54
CA THR A 659 51.29 -36.28 -4.35
C THR A 659 50.39 -35.37 -3.53
N ILE A 660 49.48 -34.64 -4.17
CA ILE A 660 48.56 -33.76 -3.47
C ILE A 660 47.54 -34.60 -2.71
N ASN A 661 47.35 -35.86 -3.12
CA ASN A 661 46.39 -36.75 -2.51
C ASN A 661 46.89 -37.29 -1.18
N LEU A 662 48.16 -37.08 -0.84
CA LEU A 662 48.70 -37.53 0.43
C LEU A 662 48.58 -36.46 1.51
N ALA A 663 47.95 -35.33 1.23
CA ALA A 663 48.06 -34.14 2.05
C ALA A 663 47.38 -34.29 3.41
N LYS A 664 46.27 -35.02 3.48
CA LYS A 664 45.48 -35.08 4.69
C LYS A 664 45.49 -36.48 5.30
N LEU A 665 46.46 -37.32 4.96
CA LEU A 665 46.52 -38.67 5.47
C LEU A 665 47.42 -38.71 6.68
N ARG A 666 47.31 -39.79 7.46
CA ARG A 666 47.77 -39.83 8.83
C ARG A 666 49.29 -39.83 8.89
N GLY A 667 49.95 -40.57 8.01
CA GLY A 667 51.39 -40.63 8.07
C GLY A 667 52.11 -39.68 7.10
N TYR A 668 51.39 -38.74 6.50
CA TYR A 668 51.95 -37.93 5.43
C TYR A 668 51.67 -36.44 5.60
N ASP A 669 50.84 -36.03 6.55
CA ASP A 669 50.39 -34.65 6.67
C ASP A 669 51.53 -33.78 7.17
N VAL A 670 51.69 -32.59 6.57
CA VAL A 670 52.74 -31.66 6.92
C VAL A 670 52.18 -30.27 7.14
N GLY A 671 50.87 -30.12 7.25
CA GLY A 671 50.28 -28.85 7.59
C GLY A 671 49.92 -27.98 6.41
N GLY A 672 50.06 -28.49 5.19
CA GLY A 672 49.75 -27.70 3.99
C GLY A 672 51.00 -27.38 3.19
N THR A 673 50.82 -27.14 1.89
CA THR A 673 51.88 -26.81 0.97
C THR A 673 51.50 -25.56 0.19
N ILE A 674 52.43 -24.62 0.02
CA ILE A 674 52.24 -23.44 -0.81
C ILE A 674 52.80 -23.74 -2.19
N HIS A 675 51.94 -23.71 -3.22
CA HIS A 675 52.31 -23.99 -4.59
C HIS A 675 52.35 -22.71 -5.43
N ILE A 676 53.40 -22.55 -6.24
CA ILE A 676 53.52 -21.45 -7.19
C ILE A 676 53.71 -22.02 -8.58
N VAL A 677 52.80 -21.67 -9.52
CA VAL A 677 52.92 -22.06 -10.91
C VAL A 677 53.33 -20.84 -11.72
N VAL A 678 54.48 -20.92 -12.39
CA VAL A 678 55.00 -19.86 -13.24
C VAL A 678 54.43 -20.04 -14.63
N ASN A 679 53.37 -19.30 -14.93
CA ASN A 679 52.57 -19.46 -16.12
C ASN A 679 53.04 -18.46 -17.15
N ASN A 680 53.96 -18.89 -18.03
CA ASN A 680 54.53 -18.03 -19.04
C ASN A 680 54.01 -18.40 -20.42
N GLN A 681 52.93 -19.16 -20.44
CA GLN A 681 52.08 -19.31 -21.60
C GLN A 681 52.77 -20.07 -22.71
N ILE A 682 53.71 -20.97 -22.38
CA ILE A 682 54.44 -21.71 -23.38
C ILE A 682 55.23 -22.83 -22.73
N GLY A 683 55.36 -23.95 -23.48
CA GLY A 683 56.11 -25.13 -23.08
C GLY A 683 57.55 -25.01 -23.52
N PHE A 684 57.91 -25.70 -24.59
CA PHE A 684 59.19 -25.48 -25.25
C PHE A 684 58.86 -24.85 -26.60
N THR A 685 58.16 -25.60 -27.46
CA THR A 685 57.63 -25.07 -28.71
C THR A 685 56.14 -25.34 -28.77
N THR A 686 55.51 -25.59 -27.62
CA THR A 686 54.13 -26.04 -27.56
C THR A 686 53.30 -25.05 -26.76
N THR A 687 52.11 -24.73 -27.25
CA THR A 687 51.23 -23.75 -26.62
C THR A 687 50.13 -24.47 -25.85
N PRO A 688 49.45 -23.79 -24.91
CA PRO A 688 48.44 -24.41 -24.07
C PRO A 688 47.31 -25.20 -24.71
N ASP A 689 47.02 -24.92 -25.98
CA ASP A 689 45.97 -25.61 -26.71
C ASP A 689 46.35 -27.06 -26.97
N SER A 690 47.64 -27.37 -26.92
CA SER A 690 48.12 -28.71 -27.17
C SER A 690 48.64 -29.37 -25.90
N SER A 691 48.45 -28.74 -24.75
CA SER A 691 49.07 -29.18 -23.52
C SER A 691 48.06 -29.62 -22.47
N ARG A 692 46.85 -29.08 -22.49
CA ARG A 692 45.89 -29.43 -21.47
C ARG A 692 44.47 -29.33 -22.00
N SER A 693 43.55 -30.00 -21.30
CA SER A 693 42.13 -29.99 -21.57
C SER A 693 41.37 -29.25 -20.48
N MET A 694 42.09 -28.59 -19.57
CA MET A 694 41.49 -27.77 -18.53
C MET A 694 41.60 -26.31 -18.98
N HIS A 695 40.79 -25.42 -18.42
CA HIS A 695 40.80 -24.02 -18.79
C HIS A 695 42.01 -23.32 -18.19
N TYR A 696 42.28 -23.56 -16.90
CA TYR A 696 43.48 -23.08 -16.25
C TYR A 696 44.38 -24.25 -15.89
N ALA A 697 45.66 -23.98 -15.67
CA ALA A 697 46.62 -25.00 -15.32
C ALA A 697 46.45 -25.45 -13.89
N THR A 698 45.81 -24.63 -13.06
CA THR A 698 45.69 -24.87 -11.64
C THR A 698 44.31 -25.42 -11.29
N ASP A 699 43.72 -26.23 -12.15
CA ASP A 699 42.33 -26.67 -11.94
C ASP A 699 42.25 -27.93 -11.10
N TYR A 700 43.38 -28.56 -10.79
CA TYR A 700 43.40 -29.68 -9.87
C TYR A 700 43.01 -29.24 -8.47
N ALA A 701 43.12 -27.95 -8.18
CA ALA A 701 42.74 -27.41 -6.89
C ALA A 701 41.27 -27.63 -6.57
N LYS A 702 40.42 -27.64 -7.59
CA LYS A 702 39.00 -27.81 -7.40
C LYS A 702 38.64 -29.25 -7.07
N ALA A 703 39.55 -30.19 -7.33
CA ALA A 703 39.32 -31.58 -6.96
C ALA A 703 39.57 -31.80 -5.49
N PHE A 704 40.37 -30.94 -4.86
CA PHE A 704 40.81 -31.14 -3.49
C PHE A 704 40.23 -30.10 -2.55
N GLY A 705 39.49 -29.12 -3.07
CA GLY A 705 38.78 -28.18 -2.24
C GLY A 705 39.66 -27.08 -1.68
N CYS A 706 40.49 -26.48 -2.53
CA CYS A 706 41.49 -25.51 -2.10
C CYS A 706 41.37 -24.22 -2.88
N PRO A 707 41.77 -23.05 -2.32
CA PRO A 707 41.68 -21.78 -3.04
C PRO A 707 42.78 -21.49 -4.06
N VAL A 708 42.46 -20.69 -5.09
CA VAL A 708 43.40 -20.31 -6.12
C VAL A 708 43.42 -18.79 -6.27
N PHE A 709 44.61 -18.22 -6.44
CA PHE A 709 44.81 -16.80 -6.68
C PHE A 709 45.60 -16.60 -7.97
N HIS A 710 45.02 -15.91 -8.95
CA HIS A 710 45.71 -15.56 -10.18
C HIS A 710 46.15 -14.11 -10.12
N VAL A 711 47.42 -13.81 -10.39
CA VAL A 711 47.94 -12.47 -10.21
C VAL A 711 48.79 -12.07 -11.40
N ASN A 712 48.68 -10.80 -11.79
CA ASN A 712 49.42 -10.17 -12.87
C ASN A 712 50.85 -9.94 -12.45
N GLY A 713 51.79 -10.39 -13.29
CA GLY A 713 53.19 -10.35 -12.97
C GLY A 713 53.86 -9.02 -13.30
N ASP A 714 53.09 -8.03 -13.74
CA ASP A 714 53.60 -6.68 -13.96
C ASP A 714 52.98 -5.70 -12.97
N ASP A 715 52.47 -6.18 -11.83
CA ASP A 715 52.02 -5.31 -10.75
C ASP A 715 52.61 -5.80 -9.43
N PRO A 716 53.85 -5.39 -9.09
CA PRO A 716 54.55 -5.96 -7.96
C PRO A 716 53.94 -5.81 -6.58
N GLU A 717 53.12 -4.80 -6.34
CA GLU A 717 52.53 -4.62 -5.03
C GLU A 717 51.41 -5.63 -4.80
N ALA A 718 50.71 -6.02 -5.85
CA ALA A 718 49.69 -7.04 -5.77
C ALA A 718 50.30 -8.42 -5.55
N VAL A 719 51.51 -8.63 -6.09
CA VAL A 719 52.17 -9.91 -5.96
C VAL A 719 52.60 -10.12 -4.52
N VAL A 720 53.04 -9.05 -3.86
CA VAL A 720 53.52 -9.12 -2.49
C VAL A 720 52.35 -9.35 -1.54
N TRP A 721 51.17 -8.84 -1.88
CA TRP A 721 49.99 -9.03 -1.06
C TRP A 721 49.51 -10.47 -1.12
N VAL A 722 49.55 -11.09 -2.31
CA VAL A 722 49.04 -12.44 -2.49
C VAL A 722 49.95 -13.42 -1.77
N GLY A 723 51.24 -13.15 -1.73
CA GLY A 723 52.17 -13.99 -1.00
C GLY A 723 51.89 -14.02 0.49
N GLN A 724 51.55 -12.87 1.05
CA GLN A 724 51.24 -12.75 2.47
C GLN A 724 49.94 -13.45 2.81
N LEU A 725 48.94 -13.30 1.95
CA LEU A 725 47.61 -13.82 2.20
C LEU A 725 47.61 -15.34 2.16
N ALA A 726 48.46 -15.92 1.31
CA ALA A 726 48.56 -17.36 1.17
C ALA A 726 49.19 -17.99 2.38
N THR A 727 50.23 -17.36 2.94
CA THR A 727 50.94 -17.89 4.08
C THR A 727 50.11 -17.79 5.35
N GLU A 728 49.19 -16.83 5.41
CA GLU A 728 48.28 -16.70 6.53
C GLU A 728 47.19 -17.75 6.48
N TYR A 729 46.70 -18.08 5.28
CA TYR A 729 45.67 -19.08 5.11
C TYR A 729 46.18 -20.45 5.51
N ARG A 730 47.44 -20.73 5.24
CA ARG A 730 48.04 -22.02 5.56
C ARG A 730 48.12 -22.20 7.06
N ARG A 731 48.44 -21.14 7.79
CA ARG A 731 48.68 -21.23 9.21
C ARG A 731 47.37 -21.40 9.96
N ARG A 732 46.28 -20.87 9.43
CA ARG A 732 45.02 -20.92 10.14
C ARG A 732 44.25 -22.21 9.86
N PHE A 733 44.31 -22.73 8.64
CA PHE A 733 43.43 -23.80 8.23
C PHE A 733 44.16 -25.10 7.95
N GLY A 734 45.47 -25.05 7.72
CA GLY A 734 46.26 -26.26 7.57
C GLY A 734 46.02 -26.99 6.26
N LYS A 735 45.79 -26.24 5.18
CA LYS A 735 45.49 -26.82 3.88
C LYS A 735 46.40 -26.23 2.82
N ASP A 736 46.34 -26.79 1.60
CA ASP A 736 47.14 -26.36 0.48
C ASP A 736 46.53 -25.12 -0.17
N VAL A 737 47.39 -24.32 -0.79
CA VAL A 737 47.00 -23.07 -1.44
C VAL A 737 47.80 -22.94 -2.72
N PHE A 738 47.17 -22.38 -3.78
CA PHE A 738 47.75 -22.34 -5.11
C PHE A 738 47.82 -20.91 -5.64
N ILE A 739 48.98 -20.49 -6.14
CA ILE A 739 49.20 -19.19 -6.75
C ILE A 739 49.59 -19.39 -8.22
N ASP A 740 48.94 -18.65 -9.12
CA ASP A 740 49.21 -18.66 -10.55
C ASP A 740 49.77 -17.31 -10.95
N LEU A 741 51.06 -17.24 -11.26
CA LEU A 741 51.75 -16.02 -11.61
C LEU A 741 51.83 -15.92 -13.13
N VAL A 742 51.04 -15.01 -13.72
CA VAL A 742 50.91 -14.90 -15.15
C VAL A 742 51.96 -13.94 -15.68
N CYS A 743 52.81 -14.42 -16.59
CA CYS A 743 53.95 -13.69 -17.08
C CYS A 743 54.33 -14.19 -18.47
N TYR A 744 55.53 -13.87 -18.98
CA TYR A 744 55.96 -14.31 -20.29
C TYR A 744 57.42 -14.74 -20.26
N ARG A 745 57.91 -15.31 -21.36
CA ARG A 745 59.29 -15.73 -21.54
C ARG A 745 59.93 -14.88 -22.63
N LEU A 746 60.96 -14.09 -22.30
CA LEU A 746 61.48 -13.07 -23.18
C LEU A 746 62.30 -13.68 -24.30
N ARG A 747 63.15 -14.65 -23.99
CA ARG A 747 63.98 -15.29 -24.97
C ARG A 747 63.36 -16.63 -25.34
N GLY A 748 64.14 -17.49 -26.01
CA GLY A 748 63.72 -18.84 -26.32
C GLY A 748 63.81 -19.76 -25.10
N HIS A 749 63.59 -21.05 -25.32
CA HIS A 749 63.58 -22.02 -24.25
C HIS A 749 64.94 -21.98 -23.57
N ASN A 750 65.99 -21.99 -24.38
CA ASN A 750 67.34 -21.72 -23.92
C ASN A 750 67.83 -20.52 -24.74
N GLU A 751 69.08 -20.11 -24.52
CA GLU A 751 69.60 -18.89 -25.10
C GLU A 751 70.19 -19.15 -26.48
N ALA A 752 69.93 -20.32 -27.06
CA ALA A 752 70.45 -20.65 -28.37
C ALA A 752 69.33 -20.93 -29.37
N ASP A 753 68.08 -20.65 -28.98
CA ASP A 753 66.91 -21.05 -29.76
C ASP A 753 66.17 -19.81 -30.27
N ASP A 754 65.54 -19.92 -31.44
CA ASP A 754 64.79 -18.83 -32.04
C ASP A 754 63.29 -19.13 -31.99
N PRO A 755 62.50 -18.45 -31.14
CA PRO A 755 61.09 -18.78 -30.99
C PRO A 755 60.13 -18.28 -32.06
N SER A 756 60.64 -17.49 -33.01
CA SER A 756 59.81 -16.92 -34.05
C SER A 756 59.48 -17.95 -35.12
N MET A 757 60.23 -19.05 -35.18
CA MET A 757 60.00 -20.06 -36.20
C MET A 757 58.63 -20.70 -36.00
N THR A 758 58.18 -20.81 -34.75
CA THR A 758 56.98 -21.57 -34.45
C THR A 758 55.90 -20.71 -33.79
N GLN A 759 56.26 -19.58 -33.19
CA GLN A 759 55.29 -18.68 -32.58
C GLN A 759 55.53 -17.25 -33.05
N PRO A 760 55.28 -16.91 -34.33
CA PRO A 760 55.53 -15.57 -34.85
C PRO A 760 54.73 -14.41 -34.25
N LYS A 761 53.44 -14.61 -34.03
CA LYS A 761 52.56 -13.54 -33.65
C LYS A 761 52.73 -13.20 -32.18
N MET A 762 53.06 -14.20 -31.35
CA MET A 762 53.23 -14.00 -29.93
C MET A 762 54.50 -13.20 -29.68
N TYR A 763 55.54 -13.40 -30.49
CA TYR A 763 56.80 -12.74 -30.26
C TYR A 763 56.89 -11.41 -30.99
N GLU A 764 55.80 -10.97 -31.64
CA GLU A 764 55.65 -9.60 -32.08
C GLU A 764 55.23 -8.72 -30.91
N LEU A 765 54.47 -9.28 -29.98
CA LEU A 765 54.03 -8.58 -28.79
C LEU A 765 55.12 -8.50 -27.74
N ILE A 766 56.10 -9.40 -27.75
CA ILE A 766 57.04 -9.51 -26.64
C ILE A 766 58.27 -8.69 -26.92
N THR A 767 58.78 -8.73 -28.15
CA THR A 767 60.05 -8.10 -28.46
C THR A 767 59.91 -6.59 -28.43
N GLY A 768 60.71 -5.95 -27.57
CA GLY A 768 60.75 -4.50 -27.48
C GLY A 768 59.79 -3.92 -26.44
N ARG A 769 59.37 -4.72 -25.47
CA ARG A 769 58.59 -4.22 -24.35
C ARG A 769 59.50 -3.51 -23.37
N GLU A 770 58.92 -2.84 -22.38
CA GLU A 770 59.68 -2.30 -21.28
C GLU A 770 59.48 -3.20 -20.08
N THR A 771 60.55 -3.41 -19.30
CA THR A 771 60.61 -4.40 -18.26
C THR A 771 59.80 -3.96 -17.05
N VAL A 772 59.61 -4.86 -16.10
CA VAL A 772 58.78 -4.63 -14.92
C VAL A 772 59.50 -3.69 -13.96
N ARG A 773 60.82 -3.69 -13.98
CA ARG A 773 61.59 -2.78 -13.17
C ARG A 773 61.47 -1.36 -13.68
N ALA A 774 61.51 -1.18 -14.99
CA ALA A 774 61.39 0.11 -15.62
C ALA A 774 60.03 0.72 -15.40
N GLN A 775 58.98 -0.07 -15.56
CA GLN A 775 57.63 0.40 -15.37
C GLN A 775 57.41 0.84 -13.93
N TYR A 776 57.96 0.12 -12.97
CA TYR A 776 57.67 0.40 -11.57
C TYR A 776 58.41 1.65 -11.13
N THR A 777 59.60 1.88 -11.65
CA THR A 777 60.38 3.07 -11.33
C THR A 777 59.68 4.30 -11.85
N GLU A 778 59.05 4.20 -13.02
CA GLU A 778 58.35 5.29 -13.63
C GLU A 778 57.10 5.64 -12.84
N ASP A 779 56.44 4.63 -12.29
CA ASP A 779 55.23 4.83 -11.51
C ASP A 779 55.53 5.52 -10.19
N LEU A 780 56.61 5.12 -9.51
CA LEU A 780 56.95 5.70 -8.23
C LEU A 780 57.41 7.14 -8.36
N LEU A 781 58.17 7.48 -9.42
CA LEU A 781 58.59 8.85 -9.65
C LEU A 781 57.40 9.71 -10.05
N GLY A 782 56.38 9.12 -10.65
CA GLY A 782 55.20 9.87 -11.02
C GLY A 782 54.34 10.25 -9.83
N ARG A 783 54.21 9.36 -8.85
CA ARG A 783 53.39 9.61 -7.68
C ARG A 783 54.20 10.31 -6.59
N GLY A 784 55.46 10.58 -6.85
CA GLY A 784 56.27 11.36 -5.92
C GLY A 784 56.73 10.55 -4.72
N ASP A 785 56.87 9.23 -4.88
CA ASP A 785 57.19 8.32 -3.79
C ASP A 785 58.68 8.04 -3.73
N LEU A 786 59.46 8.57 -4.68
CA LEU A 786 60.89 8.31 -4.76
C LEU A 786 61.56 9.45 -5.53
N SER A 787 62.79 9.81 -5.16
CA SER A 787 63.55 10.83 -5.87
C SER A 787 64.41 10.21 -6.94
N ASN A 788 65.02 11.03 -7.80
CA ASN A 788 65.83 10.52 -8.88
C ASN A 788 67.20 10.09 -8.39
N GLU A 789 67.75 10.81 -7.42
CA GLU A 789 69.03 10.44 -6.84
C GLU A 789 68.94 9.05 -6.23
N ASP A 790 67.84 8.79 -5.52
CA ASP A 790 67.61 7.50 -4.91
C ASP A 790 67.54 6.41 -5.97
N ALA A 791 66.78 6.68 -7.03
CA ALA A 791 66.56 5.71 -8.08
C ALA A 791 67.84 5.35 -8.80
N GLU A 792 68.79 6.28 -8.87
CA GLU A 792 70.02 6.06 -9.61
C GLU A 792 71.03 5.34 -8.73
N ALA A 793 70.99 5.60 -7.44
CA ALA A 793 71.88 4.94 -6.51
C ALA A 793 71.60 3.45 -6.46
N VAL A 794 70.31 3.08 -6.49
CA VAL A 794 69.90 1.69 -6.39
C VAL A 794 70.59 0.88 -7.49
N VAL A 795 70.69 1.43 -8.70
CA VAL A 795 71.26 0.72 -9.81
C VAL A 795 72.78 0.68 -9.70
N ARG A 796 73.39 1.83 -9.40
CA ARG A 796 74.83 1.96 -9.40
C ARG A 796 75.48 1.06 -8.36
N ASP A 797 74.90 1.02 -7.17
CA ASP A 797 75.50 0.30 -6.07
C ASP A 797 75.60 -1.19 -6.37
N PHE A 798 74.53 -1.79 -6.90
CA PHE A 798 74.48 -3.22 -7.12
C PHE A 798 75.44 -3.63 -8.22
N HIS A 799 75.59 -2.79 -9.24
CA HIS A 799 76.47 -3.11 -10.33
C HIS A 799 77.92 -3.07 -9.88
N ASP A 800 78.26 -2.17 -8.96
CA ASP A 800 79.60 -2.05 -8.45
C ASP A 800 79.96 -3.30 -7.65
N GLN A 801 79.01 -3.80 -6.86
CA GLN A 801 79.19 -4.98 -6.05
C GLN A 801 79.57 -6.18 -6.92
N MET A 802 78.85 -6.37 -8.03
CA MET A 802 79.04 -7.53 -8.88
C MET A 802 80.37 -7.44 -9.62
N GLU A 803 80.74 -6.24 -10.04
CA GLU A 803 81.97 -6.03 -10.80
C GLU A 803 83.16 -6.32 -9.91
N SER A 804 83.08 -5.94 -8.64
CA SER A 804 84.13 -6.18 -7.68
C SER A 804 84.43 -7.66 -7.55
N VAL A 805 83.38 -8.45 -7.29
CA VAL A 805 83.52 -9.88 -7.06
C VAL A 805 84.08 -10.55 -8.30
N PHE A 806 83.63 -10.15 -9.47
CA PHE A 806 84.04 -10.77 -10.72
C PHE A 806 85.53 -10.63 -10.93
N ASN A 807 86.07 -9.45 -10.64
CA ASN A 807 87.48 -9.17 -10.86
C ASN A 807 88.33 -10.02 -9.92
N GLU A 808 87.86 -10.18 -8.68
CA GLU A 808 88.56 -10.97 -7.68
C GLU A 808 88.64 -12.43 -8.11
N VAL A 809 87.61 -12.92 -8.81
CA VAL A 809 87.53 -14.32 -9.20
C VAL A 809 88.48 -14.59 -10.38
N LYS A 810 88.76 -13.57 -11.19
CA LYS A 810 89.58 -13.74 -12.38
C LYS A 810 91.07 -13.65 -12.07
N GLU A 811 91.43 -13.10 -10.89
CA GLU A 811 92.82 -13.00 -10.48
C GLU A 811 93.41 -14.40 -10.33
N GLY A 812 92.69 -15.26 -9.58
CA GLY A 812 93.08 -16.66 -9.44
C GLY A 812 93.00 -17.40 -10.78
N GLY A 813 94.05 -18.19 -11.07
CA GLY A 813 94.16 -18.89 -12.33
C GLY A 813 93.21 -20.08 -12.41
N LYS A 814 92.93 -20.53 -13.65
CA LYS A 814 92.04 -21.65 -13.90
C LYS A 814 92.82 -22.95 -13.84
N LYS A 815 92.26 -23.96 -13.15
CA LYS A 815 92.87 -25.27 -13.05
C LYS A 815 92.56 -26.07 -14.32
N GLN A 816 93.31 -27.16 -14.52
CA GLN A 816 93.13 -28.04 -15.67
C GLN A 816 92.35 -29.28 -15.23
N ALA A 817 91.81 -30.01 -16.22
CA ALA A 817 90.95 -31.16 -15.96
C ALA A 817 91.75 -32.31 -15.37
N GLU A 818 91.09 -33.11 -14.53
CA GLU A 818 91.69 -34.26 -13.88
C GLU A 818 90.66 -35.38 -13.80
N ALA A 819 91.13 -36.63 -13.92
CA ALA A 819 90.25 -37.79 -13.97
C ALA A 819 89.59 -38.02 -12.61
N GLN A 820 88.37 -38.58 -12.64
CA GLN A 820 87.59 -38.84 -11.44
C GLN A 820 87.76 -40.32 -11.05
N THR A 821 88.01 -40.57 -9.76
CA THR A 821 88.56 -41.83 -9.30
C THR A 821 87.47 -42.84 -8.98
N GLY A 822 86.41 -42.41 -8.29
CA GLY A 822 85.32 -43.28 -7.89
C GLY A 822 84.99 -43.15 -6.40
N ILE A 823 83.88 -43.75 -5.97
CA ILE A 823 83.39 -43.53 -4.61
C ILE A 823 83.42 -44.83 -3.80
N THR A 824 84.13 -45.85 -4.28
CA THR A 824 84.08 -47.17 -3.65
C THR A 824 84.63 -47.12 -2.23
N GLY A 825 85.73 -46.38 -2.02
CA GLY A 825 86.43 -46.39 -0.75
C GLY A 825 86.22 -45.11 0.07
N SER A 826 85.16 -44.37 -0.25
CA SER A 826 84.93 -43.08 0.38
C SER A 826 84.23 -43.23 1.74
N GLN A 827 83.68 -44.43 2.01
CA GLN A 827 83.09 -44.73 3.31
C GLN A 827 83.66 -46.05 3.82
N LYS A 828 83.75 -46.17 5.16
CA LYS A 828 84.40 -47.31 5.80
C LYS A 828 83.38 -48.41 6.08
N LEU A 829 83.89 -49.65 6.20
CA LEU A 829 83.08 -50.82 6.51
C LEU A 829 83.21 -51.15 7.98
N PRO A 830 82.13 -51.63 8.65
CA PRO A 830 82.16 -51.88 10.09
C PRO A 830 82.86 -53.19 10.47
N HIS A 831 84.18 -53.13 10.59
CA HIS A 831 84.97 -54.31 10.90
C HIS A 831 84.86 -54.62 12.40
N GLY A 832 84.43 -55.85 12.70
CA GLY A 832 84.44 -56.36 14.06
C GLY A 832 83.26 -55.85 14.89
N LEU A 833 82.08 -55.77 14.29
CA LEU A 833 80.88 -55.33 14.98
C LEU A 833 80.00 -56.54 15.26
N GLU A 834 79.49 -56.66 16.48
CA GLU A 834 78.71 -57.80 16.91
C GLU A 834 77.25 -57.41 17.06
N THR A 835 76.34 -58.26 16.57
CA THR A 835 74.96 -57.89 16.37
C THR A 835 74.00 -58.79 17.13
N ASN A 836 74.49 -59.51 18.15
CA ASN A 836 73.65 -60.39 18.92
C ASN A 836 73.08 -59.64 20.11
N ILE A 837 71.90 -60.07 20.58
CA ILE A 837 71.29 -59.50 21.76
C ILE A 837 71.42 -60.50 22.90
N SER A 838 71.09 -60.06 24.12
CA SER A 838 71.17 -60.89 25.32
C SER A 838 69.91 -61.71 25.48
N ARG A 839 69.97 -62.74 26.33
CA ARG A 839 68.87 -63.65 26.52
C ARG A 839 67.74 -62.96 27.28
N GLU A 840 68.09 -62.00 28.11
CA GLU A 840 67.11 -61.23 28.86
C GLU A 840 66.31 -60.34 27.92
N GLU A 841 66.99 -59.75 26.93
CA GLU A 841 66.36 -58.87 25.95
C GLU A 841 65.37 -59.64 25.08
N LEU A 842 65.69 -60.90 24.77
CA LEU A 842 64.87 -61.71 23.89
C LEU A 842 63.56 -62.08 24.58
N LEU A 843 63.63 -62.37 25.89
CA LEU A 843 62.45 -62.78 26.63
C LEU A 843 61.51 -61.60 26.82
N GLU A 844 62.06 -60.40 26.96
CA GLU A 844 61.27 -59.21 27.18
C GLU A 844 60.49 -58.88 25.92
N LEU A 845 61.11 -59.05 24.75
CA LEU A 845 60.45 -58.80 23.47
C LEU A 845 59.31 -59.76 23.28
N GLY A 846 59.51 -61.01 23.69
CA GLY A 846 58.48 -62.03 23.61
C GLY A 846 57.26 -61.70 24.47
N GLN A 847 57.47 -61.19 25.68
CA GLN A 847 56.40 -60.91 26.60
C GLN A 847 55.54 -59.74 26.18
N ALA A 848 56.02 -58.90 25.29
CA ALA A 848 55.25 -57.74 24.86
C ALA A 848 53.90 -58.14 24.29
N PHE A 849 53.80 -59.36 23.78
CA PHE A 849 52.58 -59.84 23.14
C PHE A 849 51.65 -60.51 24.15
N ALA A 850 52.04 -60.56 25.43
CA ALA A 850 51.19 -61.05 26.49
C ALA A 850 50.68 -59.91 27.36
N ASN A 851 51.33 -58.75 27.33
CA ASN A 851 50.95 -57.63 28.15
C ASN A 851 49.91 -56.80 27.44
N THR A 852 48.70 -57.37 27.28
CA THR A 852 47.62 -56.69 26.61
C THR A 852 47.05 -55.63 27.52
N PRO A 853 46.40 -54.57 27.02
CA PRO A 853 45.67 -53.63 27.87
C PRO A 853 44.54 -54.29 28.63
N GLU A 854 43.76 -53.49 29.38
CA GLU A 854 42.97 -53.98 30.50
C GLU A 854 41.85 -54.89 30.02
N GLY A 855 40.98 -54.43 29.14
CA GLY A 855 39.92 -55.32 28.67
C GLY A 855 40.01 -55.59 27.17
N PHE A 856 41.23 -55.87 26.68
CA PHE A 856 41.49 -56.14 25.28
C PHE A 856 41.53 -57.65 25.08
N ASN A 857 40.95 -58.12 23.98
CA ASN A 857 41.12 -59.49 23.55
C ASN A 857 41.41 -59.55 22.06
N TYR A 858 42.18 -60.55 21.65
CA TYR A 858 42.55 -60.75 20.27
C TYR A 858 41.41 -61.44 19.53
N HIS A 859 41.43 -61.35 18.20
CA HIS A 859 40.51 -62.04 17.33
C HIS A 859 40.91 -63.50 17.35
N PRO A 860 39.96 -64.46 17.22
CA PRO A 860 40.30 -65.86 17.31
C PRO A 860 41.30 -66.47 16.34
N ARG A 861 41.56 -65.79 15.23
CA ARG A 861 42.48 -66.28 14.21
C ARG A 861 43.84 -65.60 14.38
N VAL A 862 43.93 -64.61 15.28
CA VAL A 862 45.17 -63.90 15.57
C VAL A 862 45.75 -64.35 16.89
N ALA A 863 44.94 -65.00 17.75
CA ALA A 863 45.35 -65.38 19.08
C ALA A 863 46.39 -66.47 19.07
N PRO A 864 46.32 -67.49 18.21
CA PRO A 864 47.39 -68.47 18.10
C PRO A 864 48.76 -67.95 17.70
N VAL A 865 48.79 -66.86 16.92
CA VAL A 865 50.03 -66.26 16.47
C VAL A 865 50.71 -65.59 17.66
N ALA A 866 49.92 -64.92 18.49
CA ALA A 866 50.44 -64.25 19.67
C ALA A 866 51.01 -65.26 20.66
N LYS A 867 50.33 -66.39 20.87
CA LYS A 867 50.81 -67.36 21.83
C LYS A 867 52.13 -67.94 21.37
N LYS A 868 52.27 -68.19 20.07
CA LYS A 868 53.45 -68.82 19.54
C LYS A 868 54.65 -67.88 19.69
N ARG A 869 54.41 -66.57 19.62
CA ARG A 869 55.47 -65.59 19.76
C ARG A 869 56.02 -65.59 21.19
N VAL A 870 55.15 -65.81 22.18
CA VAL A 870 55.57 -65.81 23.57
C VAL A 870 56.30 -67.08 23.92
N SER A 871 55.97 -68.21 23.30
CA SER A 871 56.58 -69.47 23.64
C SER A 871 57.85 -69.76 22.85
N SER A 872 58.01 -69.13 21.67
CA SER A 872 59.05 -69.50 20.74
C SER A 872 60.41 -69.00 21.19
N VAL A 873 60.41 -67.94 22.01
CA VAL A 873 61.65 -67.32 22.46
C VAL A 873 62.29 -68.18 23.54
N THR A 874 61.71 -69.34 23.87
CA THR A 874 62.34 -70.25 24.80
C THR A 874 62.33 -71.69 24.30
N GLU A 875 61.46 -72.04 23.35
CA GLU A 875 61.33 -73.41 22.89
C GLU A 875 61.84 -73.61 21.47
N GLY A 876 61.78 -72.59 20.61
CA GLY A 876 62.28 -72.71 19.26
C GLY A 876 61.18 -72.44 18.23
N GLY A 877 61.57 -72.52 16.95
CA GLY A 877 60.62 -72.42 15.86
C GLY A 877 60.21 -70.99 15.56
N ILE A 878 61.19 -70.11 15.37
CA ILE A 878 60.91 -68.72 15.06
C ILE A 878 60.82 -68.57 13.55
N ASP A 879 59.75 -67.93 13.08
CA ASP A 879 59.47 -67.82 11.66
C ASP A 879 60.00 -66.49 11.12
N TRP A 880 59.74 -66.22 9.84
CA TRP A 880 60.33 -65.10 9.15
C TRP A 880 59.82 -63.79 9.70
N ALA A 881 58.51 -63.65 9.84
CA ALA A 881 57.93 -62.38 10.25
C ALA A 881 58.39 -62.00 11.64
N TRP A 882 58.54 -62.98 12.52
CA TRP A 882 58.90 -62.73 13.90
C TRP A 882 60.37 -62.34 13.99
N GLY A 883 61.19 -62.86 13.09
CA GLY A 883 62.58 -62.44 12.99
C GLY A 883 62.74 -60.98 12.61
N GLU A 884 61.94 -60.51 11.66
CA GLU A 884 61.97 -59.13 11.22
C GLU A 884 61.55 -58.20 12.34
N LEU A 885 60.47 -58.54 13.05
CA LEU A 885 59.94 -57.69 14.09
C LEU A 885 60.89 -57.66 15.29
N LEU A 886 61.58 -58.76 15.57
CA LEU A 886 62.54 -58.78 16.65
C LEU A 886 63.67 -57.80 16.37
N ALA A 887 64.06 -57.63 15.11
CA ALA A 887 65.10 -56.70 14.73
C ALA A 887 64.66 -55.26 14.92
N PHE A 888 63.48 -54.92 14.43
CA PHE A 888 63.03 -53.56 14.52
C PHE A 888 62.73 -53.18 15.95
N GLY A 889 62.21 -54.12 16.74
CA GLY A 889 61.92 -53.87 18.13
C GLY A 889 63.17 -53.62 18.94
N SER A 890 64.20 -54.41 18.72
CA SER A 890 65.43 -54.24 19.46
C SER A 890 66.02 -52.85 19.21
N LEU A 891 65.93 -52.37 17.97
CA LEU A 891 66.50 -51.08 17.63
C LEU A 891 65.68 -49.94 18.21
N ALA A 892 64.37 -50.13 18.32
CA ALA A 892 63.53 -49.10 18.92
C ALA A 892 63.76 -49.00 20.41
N ASN A 893 64.16 -50.10 21.04
CA ASN A 893 64.41 -50.10 22.47
C ASN A 893 65.63 -49.26 22.79
N SER A 894 66.63 -49.29 21.92
CA SER A 894 67.87 -48.57 22.17
C SER A 894 67.69 -47.08 22.04
N GLY A 895 66.66 -46.64 21.33
CA GLY A 895 66.28 -45.25 21.36
C GLY A 895 66.14 -44.63 19.98
N ARG A 896 65.78 -45.42 18.96
CA ARG A 896 65.71 -44.94 17.61
C ARG A 896 64.29 -44.86 17.12
N LEU A 897 64.05 -44.02 16.13
CA LEU A 897 62.78 -43.89 15.47
C LEU A 897 62.76 -44.83 14.27
N VAL A 898 61.89 -45.84 14.32
CA VAL A 898 61.73 -46.83 13.28
C VAL A 898 60.40 -46.61 12.59
N ARG A 899 60.42 -46.50 11.25
CA ARG A 899 59.25 -46.25 10.43
C ARG A 899 59.13 -47.30 9.35
N LEU A 900 57.96 -47.94 9.24
CA LEU A 900 57.67 -48.95 8.23
C LEU A 900 56.39 -48.58 7.50
N ALA A 901 56.44 -48.46 6.17
CA ALA A 901 55.31 -48.02 5.38
C ALA A 901 55.18 -48.82 4.10
N GLY A 902 53.94 -49.02 3.64
CA GLY A 902 53.66 -49.82 2.46
C GLY A 902 52.18 -50.19 2.37
N GLU A 903 51.79 -50.88 1.29
CA GLU A 903 50.41 -51.29 1.08
C GLU A 903 50.08 -52.50 1.93
N ASP A 904 49.13 -52.32 2.86
CA ASP A 904 48.63 -53.38 3.72
C ASP A 904 49.75 -53.93 4.59
N SER A 905 50.53 -53.04 5.21
CA SER A 905 51.75 -53.43 5.86
C SER A 905 51.55 -53.59 7.36
N ARG A 906 50.40 -53.20 7.90
CA ARG A 906 50.11 -53.41 9.31
C ARG A 906 49.72 -54.86 9.57
N ARG A 907 48.91 -55.45 8.70
CA ARG A 907 48.53 -56.85 8.78
C ARG A 907 49.53 -57.71 8.06
N GLY A 908 49.93 -57.29 6.85
CA GLY A 908 50.73 -58.10 5.96
C GLY A 908 49.91 -58.59 4.79
N THR A 909 50.53 -58.69 3.61
CA THR A 909 49.86 -59.11 2.40
C THR A 909 49.52 -60.58 2.49
N PHE A 910 50.37 -61.35 3.15
CA PHE A 910 50.20 -62.78 3.26
C PHE A 910 49.76 -63.15 4.67
N THR A 911 49.21 -62.18 5.41
CA THR A 911 48.65 -62.38 6.74
C THR A 911 49.70 -62.96 7.66
N GLN A 912 50.84 -62.27 7.79
CA GLN A 912 51.98 -62.83 8.48
C GLN A 912 52.54 -61.93 9.57
N ARG A 913 52.20 -60.64 9.60
CA ARG A 913 52.95 -59.71 10.42
C ARG A 913 52.22 -59.39 11.70
N HIS A 914 51.01 -58.85 11.61
CA HIS A 914 50.23 -58.48 12.77
C HIS A 914 51.03 -57.61 13.72
N ALA A 915 51.38 -56.42 13.26
CA ALA A 915 52.12 -55.46 14.06
C ALA A 915 51.17 -54.60 14.85
N VAL A 916 49.97 -54.38 14.31
CA VAL A 916 48.89 -53.78 15.06
C VAL A 916 47.72 -54.75 15.04
N ALA A 917 47.11 -54.99 16.21
CA ALA A 917 45.98 -55.88 16.36
C ALA A 917 44.72 -55.12 16.71
N ILE A 918 43.55 -55.68 16.35
CA ILE A 918 42.27 -55.03 16.56
C ILE A 918 41.33 -55.95 17.31
N ASP A 919 40.56 -55.40 18.27
CA ASP A 919 39.62 -56.14 19.08
C ASP A 919 38.29 -56.25 18.36
N PRO A 920 37.72 -57.45 18.17
CA PRO A 920 36.48 -57.60 17.44
C PRO A 920 35.25 -56.96 18.05
N ALA A 921 35.28 -56.73 19.35
CA ALA A 921 34.12 -56.27 20.09
C ALA A 921 34.07 -54.76 20.15
N THR A 922 35.21 -54.10 20.20
CA THR A 922 35.22 -52.67 20.43
C THR A 922 35.96 -51.89 19.35
N ALA A 923 36.78 -52.56 18.53
CA ALA A 923 37.58 -51.95 17.49
C ALA A 923 38.73 -51.11 18.04
N GLU A 924 39.27 -51.49 19.19
CA GLU A 924 40.43 -50.83 19.79
C GLU A 924 41.69 -51.39 19.14
N GLU A 925 42.74 -50.57 19.06
CA GLU A 925 44.00 -50.94 18.43
C GLU A 925 45.08 -51.15 19.50
N PHE A 926 46.05 -52.01 19.20
CA PHE A 926 47.15 -52.29 20.09
C PHE A 926 48.44 -52.48 19.28
N ASN A 927 49.52 -51.79 19.69
CA ASN A 927 50.83 -51.87 19.06
C ASN A 927 51.86 -52.27 20.11
N PRO A 928 52.14 -53.57 20.29
CA PRO A 928 53.00 -54.04 21.36
C PRO A 928 54.40 -53.45 21.46
N LEU A 929 55.10 -53.42 20.33
CA LEU A 929 56.50 -53.08 20.33
C LEU A 929 56.70 -51.59 20.54
N HIS A 930 55.71 -50.76 20.24
CA HIS A 930 55.79 -49.35 20.52
C HIS A 930 55.63 -49.07 22.00
N GLU A 931 54.78 -49.85 22.66
CA GLU A 931 54.55 -49.71 24.08
C GLU A 931 55.81 -50.08 24.84
N LEU A 932 56.46 -51.18 24.46
CA LEU A 932 57.66 -51.61 25.14
C LEU A 932 58.77 -50.59 24.98
N ALA A 933 58.85 -49.95 23.83
CA ALA A 933 59.93 -49.02 23.55
C ALA A 933 59.76 -47.75 24.37
N GLN A 934 58.51 -47.32 24.58
CA GLN A 934 58.26 -46.11 25.31
C GLN A 934 58.38 -46.33 26.82
N SER A 935 58.49 -47.57 27.26
CA SER A 935 58.60 -47.87 28.67
C SER A 935 60.02 -48.21 29.07
N LYS A 936 61.01 -47.76 28.30
CA LYS A 936 62.39 -48.06 28.61
C LYS A 936 63.22 -46.79 28.76
N GLY A 937 62.63 -45.64 28.47
CA GLY A 937 63.21 -44.38 28.89
C GLY A 937 64.32 -43.89 27.97
N ASN A 938 64.35 -44.36 26.73
CA ASN A 938 65.26 -43.82 25.74
C ASN A 938 64.49 -43.08 24.64
N ASN A 939 63.17 -43.01 24.76
CA ASN A 939 62.32 -42.29 23.84
C ASN A 939 62.40 -42.85 22.43
N GLY A 940 62.23 -44.18 22.31
CA GLY A 940 62.20 -44.84 21.02
C GLY A 940 60.78 -45.01 20.53
N LYS A 941 60.62 -45.23 19.23
CA LYS A 941 59.32 -45.29 18.58
C LYS A 941 59.30 -46.37 17.52
N PHE A 942 58.17 -47.06 17.36
CA PHE A 942 57.91 -47.96 16.26
C PHE A 942 56.59 -47.57 15.59
N LEU A 943 56.68 -46.96 14.40
CA LEU A 943 55.55 -46.40 13.68
C LEU A 943 55.27 -47.19 12.41
N VAL A 944 54.07 -47.77 12.27
CA VAL A 944 53.68 -48.57 11.12
C VAL A 944 52.48 -47.92 10.45
N TYR A 945 52.53 -47.72 9.13
CA TYR A 945 51.49 -47.04 8.39
C TYR A 945 51.09 -47.82 7.14
N ASN A 946 49.81 -47.76 6.80
CA ASN A 946 49.26 -48.30 5.56
C ASN A 946 49.17 -47.18 4.53
N SER A 947 49.91 -47.32 3.42
CA SER A 947 49.99 -46.29 2.40
C SER A 947 48.78 -46.29 1.50
N ALA A 948 48.64 -45.24 0.69
CA ALA A 948 47.70 -45.22 -0.41
C ALA A 948 48.25 -46.06 -1.55
N LEU A 949 47.45 -46.23 -2.61
CA LEU A 949 47.81 -47.14 -3.68
C LEU A 949 48.66 -46.39 -4.70
N THR A 950 49.95 -46.24 -4.37
CA THR A 950 50.92 -45.55 -5.20
C THR A 950 52.30 -46.14 -4.98
N GLU A 951 53.10 -46.24 -6.03
CA GLU A 951 54.47 -46.73 -5.91
C GLU A 951 55.46 -45.59 -6.12
N TYR A 952 55.13 -44.63 -6.96
CA TYR A 952 56.01 -43.53 -7.30
C TYR A 952 56.06 -42.56 -6.12
N ALA A 953 54.89 -42.17 -5.60
CA ALA A 953 54.82 -41.24 -4.50
C ALA A 953 55.20 -41.90 -3.18
N GLY A 954 54.87 -43.18 -3.02
CA GLY A 954 55.22 -43.93 -1.83
C GLY A 954 56.72 -44.02 -1.62
N MET A 955 57.45 -44.53 -2.60
CA MET A 955 58.87 -44.77 -2.45
C MET A 955 59.60 -43.45 -2.37
N GLY A 956 59.10 -42.45 -3.09
CA GLY A 956 59.72 -41.14 -3.08
C GLY A 956 59.65 -40.47 -1.73
N PHE A 957 58.54 -40.68 -1.03
CA PHE A 957 58.33 -40.10 0.29
C PHE A 957 59.28 -40.72 1.30
N GLU A 958 59.55 -42.01 1.18
CA GLU A 958 60.43 -42.67 2.14
C GLU A 958 61.88 -42.30 1.89
N TYR A 959 62.29 -42.13 0.63
CA TYR A 959 63.63 -41.68 0.32
C TYR A 959 63.87 -40.33 0.95
N GLY A 960 62.86 -39.47 0.90
CA GLY A 960 62.99 -38.14 1.46
C GLY A 960 63.11 -38.14 2.97
N TYR A 961 62.44 -39.10 3.61
CA TYR A 961 62.45 -39.20 5.06
C TYR A 961 63.84 -39.57 5.51
N SER A 962 64.54 -40.38 4.73
CA SER A 962 65.87 -40.81 5.08
C SER A 962 66.89 -39.69 4.94
N VAL A 963 66.63 -38.71 4.08
CA VAL A 963 67.53 -37.60 3.85
C VAL A 963 67.29 -36.53 4.92
N GLY A 964 66.06 -36.38 5.36
CA GLY A 964 65.72 -35.37 6.34
C GLY A 964 66.06 -35.74 7.77
N ASN A 965 66.25 -37.03 8.07
CA ASN A 965 66.70 -37.47 9.38
C ASN A 965 67.64 -38.64 9.21
N GLU A 966 68.93 -38.37 9.39
CA GLU A 966 69.97 -39.33 9.07
C GLU A 966 70.01 -40.45 10.11
N ASP A 967 69.35 -40.27 11.26
CA ASP A 967 69.49 -41.18 12.38
C ASP A 967 68.27 -42.08 12.54
N SER A 968 67.35 -42.06 11.58
CA SER A 968 66.16 -42.88 11.63
C SER A 968 66.34 -44.13 10.79
N ILE A 969 65.55 -45.17 11.09
CA ILE A 969 65.53 -46.40 10.31
C ILE A 969 64.22 -46.44 9.54
N VAL A 970 64.28 -46.38 8.20
CA VAL A 970 63.12 -46.28 7.34
C VAL A 970 63.10 -47.46 6.37
N ALA A 971 61.91 -48.05 6.17
CA ALA A 971 61.73 -49.18 5.27
C ALA A 971 60.44 -49.04 4.48
N TRP A 972 60.52 -49.23 3.15
CA TRP A 972 59.37 -49.26 2.26
C TRP A 972 59.17 -50.67 1.75
N GLU A 973 57.91 -51.12 1.77
CA GLU A 973 57.55 -52.47 1.37
C GLU A 973 56.62 -52.42 0.17
N ALA A 974 56.81 -53.35 -0.76
CA ALA A 974 55.98 -53.49 -1.93
C ALA A 974 55.07 -54.70 -1.75
N GLN A 975 53.86 -54.64 -2.30
CA GLN A 975 52.89 -55.71 -2.15
C GLN A 975 53.43 -56.95 -2.84
N PHE A 976 53.85 -56.80 -4.08
CA PHE A 976 54.71 -57.75 -4.75
C PHE A 976 55.84 -56.96 -5.39
N GLY A 977 56.99 -57.59 -5.57
CA GLY A 977 58.16 -56.91 -6.09
C GLY A 977 58.05 -56.55 -7.57
N ASP A 978 56.98 -57.01 -8.22
CA ASP A 978 56.77 -56.80 -9.64
C ASP A 978 56.14 -55.44 -9.90
N PHE A 979 55.67 -54.77 -8.85
CA PHE A 979 55.02 -53.50 -9.02
C PHE A 979 55.99 -52.35 -8.76
N ALA A 980 57.28 -52.64 -8.57
CA ALA A 980 58.25 -51.61 -8.28
C ALA A 980 58.72 -50.89 -9.55
N ASN A 981 58.37 -51.40 -10.73
CA ASN A 981 58.70 -50.72 -11.96
C ASN A 981 57.83 -49.48 -12.15
N GLY A 982 56.84 -49.29 -11.29
CA GLY A 982 56.09 -48.06 -11.28
C GLY A 982 56.82 -46.92 -10.59
N ALA A 983 57.95 -47.23 -9.95
CA ALA A 983 58.76 -46.24 -9.28
C ALA A 983 60.16 -46.21 -9.86
N GLN A 984 60.29 -46.46 -11.15
CA GLN A 984 61.60 -46.64 -11.77
C GLN A 984 62.38 -45.34 -11.76
N THR A 985 61.70 -44.21 -11.92
CA THR A 985 62.33 -42.90 -11.89
C THR A 985 63.09 -42.71 -10.58
N ILE A 986 62.46 -43.02 -9.45
CA ILE A 986 63.07 -42.86 -8.15
C ILE A 986 64.26 -43.78 -8.00
N ILE A 987 64.15 -45.04 -8.45
CA ILE A 987 65.23 -45.99 -8.32
C ILE A 987 66.44 -45.53 -9.13
N ASP A 988 66.21 -44.96 -10.32
CA ASP A 988 67.28 -44.65 -11.25
C ASP A 988 67.92 -43.30 -10.95
N GLU A 989 67.14 -42.34 -10.47
CA GLU A 989 67.58 -40.96 -10.41
C GLU A 989 67.99 -40.55 -9.00
N TYR A 990 67.55 -41.28 -7.96
CA TYR A 990 67.80 -40.89 -6.58
C TYR A 990 68.51 -41.99 -5.80
N VAL A 991 67.96 -43.21 -5.76
CA VAL A 991 68.43 -44.25 -4.85
C VAL A 991 69.75 -44.81 -5.33
N SER A 992 69.87 -45.05 -6.62
CA SER A 992 71.01 -45.74 -7.18
C SER A 992 72.19 -44.82 -7.41
N SER A 993 71.95 -43.50 -7.54
CA SER A 993 72.94 -42.61 -8.13
C SER A 993 73.07 -41.25 -7.46
N GLY A 994 72.47 -41.06 -6.29
CA GLY A 994 72.49 -39.76 -5.65
C GLY A 994 73.83 -39.39 -5.04
N GLU A 995 74.55 -40.36 -4.51
CA GLU A 995 75.83 -40.13 -3.88
C GLU A 995 76.87 -39.69 -4.91
N ALA A 996 76.88 -40.34 -6.07
CA ALA A 996 77.87 -40.06 -7.09
C ALA A 996 77.63 -38.72 -7.77
N LYS A 997 76.39 -38.24 -7.77
CA LYS A 997 76.05 -37.02 -8.47
C LYS A 997 76.14 -35.81 -7.56
N TRP A 998 75.58 -35.89 -6.36
CA TRP A 998 75.45 -34.72 -5.50
C TRP A 998 76.11 -34.90 -4.15
N GLY A 999 76.58 -36.09 -3.80
CA GLY A 999 77.11 -36.34 -2.47
C GLY A 999 76.03 -36.46 -1.41
N GLN A 1000 74.82 -36.84 -1.80
CA GLN A 1000 73.69 -37.02 -0.90
C GLN A 1000 73.57 -38.49 -0.57
N THR A 1001 73.61 -38.83 0.73
CA THR A 1001 73.65 -40.20 1.19
C THR A 1001 72.30 -40.61 1.79
N SER A 1002 71.98 -41.91 1.74
CA SER A 1002 70.74 -42.45 2.27
C SER A 1002 70.95 -43.87 2.77
N LYS A 1003 70.11 -44.30 3.72
CA LYS A 1003 70.10 -45.65 4.25
C LYS A 1003 68.70 -46.26 4.19
N LEU A 1004 68.02 -46.11 3.08
CA LEU A 1004 66.68 -46.62 2.89
C LEU A 1004 66.76 -48.13 2.72
N ILE A 1005 65.71 -48.84 3.19
CA ILE A 1005 65.59 -50.28 3.05
C ILE A 1005 64.41 -50.54 2.14
N LEU A 1006 64.62 -51.31 1.06
CA LEU A 1006 63.56 -51.78 0.20
C LEU A 1006 63.31 -53.26 0.47
N LEU A 1007 62.07 -53.61 0.82
CA LEU A 1007 61.65 -54.99 1.03
C LEU A 1007 60.75 -55.42 -0.12
N LEU A 1008 61.24 -56.31 -0.98
CA LEU A 1008 60.60 -56.66 -2.24
C LEU A 1008 60.35 -58.16 -2.30
N PRO A 1009 59.09 -58.65 -2.16
CA PRO A 1009 58.78 -60.06 -2.29
C PRO A 1009 59.07 -60.74 -3.63
N HIS A 1010 59.60 -61.95 -3.59
CA HIS A 1010 60.13 -62.61 -4.77
C HIS A 1010 60.01 -64.11 -4.64
N GLY A 1011 59.63 -64.80 -5.71
CA GLY A 1011 59.62 -66.26 -5.71
C GLY A 1011 58.75 -66.83 -6.82
N TYR A 1012 59.19 -67.96 -7.38
CA TYR A 1012 58.53 -68.63 -8.49
C TYR A 1012 57.70 -69.78 -7.94
N GLU A 1013 56.38 -69.60 -7.87
CA GLU A 1013 55.49 -70.52 -7.20
C GLU A 1013 54.24 -70.86 -7.99
N GLY A 1014 54.08 -70.32 -9.20
CA GLY A 1014 52.99 -70.70 -10.07
C GLY A 1014 51.81 -69.74 -10.04
N GLN A 1015 52.01 -68.49 -9.65
CA GLN A 1015 50.92 -67.55 -9.56
C GLN A 1015 50.87 -66.63 -10.78
N GLY A 1016 51.77 -66.80 -11.74
CA GLY A 1016 51.67 -66.11 -13.00
C GLY A 1016 52.75 -65.06 -13.19
N PRO A 1017 52.81 -64.38 -14.35
CA PRO A 1017 53.88 -63.45 -14.65
C PRO A 1017 53.96 -62.11 -13.92
N ASP A 1018 52.89 -61.69 -13.24
CA ASP A 1018 52.92 -60.43 -12.51
C ASP A 1018 52.92 -60.68 -11.00
N HIS A 1019 53.24 -61.89 -10.58
CA HIS A 1019 53.34 -62.23 -9.18
C HIS A 1019 54.47 -63.23 -8.99
N SER A 1020 55.64 -63.00 -9.58
CA SER A 1020 56.71 -63.97 -9.54
C SER A 1020 58.12 -63.38 -9.41
N SER A 1021 58.41 -62.20 -9.97
CA SER A 1021 59.79 -61.74 -10.07
C SER A 1021 59.92 -60.26 -9.76
N ALA A 1022 60.79 -59.94 -8.81
CA ALA A 1022 61.12 -58.57 -8.46
C ALA A 1022 62.21 -57.98 -9.34
N ARG A 1023 62.74 -58.78 -10.28
CA ARG A 1023 63.69 -58.32 -11.29
C ARG A 1023 65.05 -58.06 -10.66
N ILE A 1024 65.73 -59.14 -10.30
CA ILE A 1024 67.04 -59.09 -9.65
C ILE A 1024 68.06 -58.57 -10.64
N GLU A 1025 67.93 -58.97 -11.91
CA GLU A 1025 68.89 -58.64 -12.94
C GLU A 1025 68.99 -57.13 -13.14
N ARG A 1026 67.87 -56.42 -12.98
CA ARG A 1026 67.83 -54.99 -13.20
C ARG A 1026 68.60 -54.28 -12.09
N PHE A 1027 68.44 -54.74 -10.85
CA PHE A 1027 69.11 -54.11 -9.71
C PHE A 1027 70.60 -54.36 -9.77
N LEU A 1028 71.03 -55.52 -10.26
CA LEU A 1028 72.44 -55.81 -10.31
C LEU A 1028 73.12 -55.07 -11.47
N GLN A 1029 72.38 -54.60 -12.47
CA GLN A 1029 72.95 -53.74 -13.50
C GLN A 1029 73.33 -52.39 -12.91
N LEU A 1030 72.46 -51.83 -12.07
CA LEU A 1030 72.64 -50.51 -11.52
C LEU A 1030 73.79 -50.44 -10.52
N CYS A 1031 74.30 -51.59 -10.05
CA CYS A 1031 75.33 -51.60 -9.03
C CYS A 1031 76.72 -51.45 -9.62
N ALA A 1032 77.49 -50.50 -9.07
CA ALA A 1032 78.89 -50.32 -9.39
C ALA A 1032 79.48 -49.38 -8.35
N GLU A 1033 80.79 -49.53 -8.07
CA GLU A 1033 81.50 -48.68 -7.15
C GLU A 1033 81.00 -48.87 -5.71
N GLY A 1034 80.45 -50.04 -5.43
CA GLY A 1034 79.83 -50.30 -4.13
C GLY A 1034 78.74 -49.31 -3.77
N SER A 1035 77.77 -49.12 -4.65
CA SER A 1035 76.77 -48.09 -4.49
C SER A 1035 75.67 -48.53 -3.53
N MET A 1036 75.23 -49.80 -3.60
CA MET A 1036 74.27 -50.32 -2.65
C MET A 1036 74.47 -51.81 -2.42
N THR A 1037 73.84 -52.32 -1.35
CA THR A 1037 73.91 -53.72 -0.93
C THR A 1037 72.66 -54.48 -1.36
N VAL A 1038 72.83 -55.67 -1.95
CA VAL A 1038 71.74 -56.48 -2.45
C VAL A 1038 71.86 -57.89 -1.85
N ALA A 1039 70.76 -58.43 -1.29
CA ALA A 1039 70.78 -59.66 -0.53
C ALA A 1039 69.49 -60.46 -0.70
N GLN A 1040 69.58 -61.79 -0.47
CA GLN A 1040 68.46 -62.69 -0.50
C GLN A 1040 68.65 -63.78 0.54
N PRO A 1041 68.36 -63.54 1.83
CA PRO A 1041 68.62 -64.50 2.88
C PRO A 1041 67.67 -65.69 2.95
N SER A 1042 68.09 -66.75 3.65
CA SER A 1042 67.37 -68.02 3.64
C SER A 1042 66.90 -68.46 5.02
N THR A 1043 67.20 -67.71 6.09
CA THR A 1043 66.78 -68.07 7.43
C THR A 1043 66.42 -66.81 8.19
N PRO A 1044 65.41 -66.84 9.07
CA PRO A 1044 65.05 -65.67 9.87
C PRO A 1044 66.15 -65.01 10.68
N ALA A 1045 67.05 -65.80 11.25
CA ALA A 1045 68.13 -65.28 12.04
C ALA A 1045 69.09 -64.46 11.18
N ASN A 1046 69.28 -64.86 9.93
CA ASN A 1046 70.23 -64.21 9.07
C ASN A 1046 69.64 -62.89 8.59
N HIS A 1047 68.32 -62.81 8.48
CA HIS A 1047 67.65 -61.58 8.13
C HIS A 1047 67.77 -60.59 9.27
N PHE A 1048 67.72 -61.10 10.50
CA PHE A 1048 67.85 -60.31 11.72
C PHE A 1048 69.21 -59.65 11.76
N HIS A 1049 70.25 -60.41 11.50
CA HIS A 1049 71.60 -59.93 11.62
C HIS A 1049 71.93 -58.93 10.52
N LEU A 1050 71.36 -59.10 9.32
CA LEU A 1050 71.58 -58.19 8.21
C LEU A 1050 71.00 -56.82 8.52
N LEU A 1051 69.79 -56.77 9.05
CA LEU A 1051 69.14 -55.52 9.35
C LEU A 1051 69.88 -54.77 10.45
N ARG A 1052 70.40 -55.49 11.44
CA ARG A 1052 71.06 -54.85 12.57
C ARG A 1052 72.45 -54.36 12.18
N ARG A 1053 73.13 -55.03 11.27
CA ARG A 1053 74.43 -54.57 10.80
C ARG A 1053 74.29 -53.25 10.08
N HIS A 1054 73.23 -53.12 9.29
CA HIS A 1054 72.98 -51.94 8.50
C HIS A 1054 72.70 -50.76 9.41
N ALA A 1055 71.95 -50.97 10.48
CA ALA A 1055 71.51 -49.89 11.33
C ALA A 1055 72.60 -49.40 12.26
N LEU A 1056 73.53 -50.27 12.65
CA LEU A 1056 74.55 -49.92 13.63
C LEU A 1056 75.87 -49.54 12.99
N SER A 1057 76.00 -49.63 11.66
CA SER A 1057 77.26 -49.30 11.00
C SER A 1057 77.31 -47.82 10.68
N ASP A 1058 78.41 -47.40 10.03
CA ASP A 1058 78.60 -46.03 9.61
C ASP A 1058 78.75 -45.95 8.09
N LEU A 1059 78.18 -46.94 7.38
CA LEU A 1059 78.17 -46.98 5.94
C LEU A 1059 76.81 -46.53 5.46
N LYS A 1060 76.74 -45.33 4.89
CA LYS A 1060 75.47 -44.70 4.58
C LYS A 1060 75.12 -44.94 3.12
N ARG A 1061 74.67 -46.17 2.83
CA ARG A 1061 74.26 -46.56 1.50
C ARG A 1061 73.01 -47.43 1.60
N PRO A 1062 72.15 -47.50 0.58
CA PRO A 1062 70.93 -48.28 0.64
C PRO A 1062 71.06 -49.79 0.70
N LEU A 1063 69.95 -50.47 1.07
CA LEU A 1063 69.90 -51.91 1.21
C LEU A 1063 68.63 -52.44 0.55
N VAL A 1064 68.80 -53.40 -0.37
CA VAL A 1064 67.71 -54.01 -1.12
C VAL A 1064 67.66 -55.49 -0.75
N ILE A 1065 66.54 -55.94 -0.17
CA ILE A 1065 66.35 -57.31 0.27
C ILE A 1065 65.21 -57.93 -0.54
N PHE A 1066 65.40 -59.21 -0.92
CA PHE A 1066 64.40 -59.98 -1.64
C PHE A 1066 63.78 -60.99 -0.69
N THR A 1067 62.52 -60.77 -0.32
CA THR A 1067 61.87 -61.43 0.78
C THR A 1067 60.96 -62.55 0.27
N PRO A 1068 60.68 -63.61 1.05
CA PRO A 1068 59.88 -64.74 0.58
C PRO A 1068 58.37 -64.65 0.70
N LYS A 1069 57.67 -65.63 0.11
CA LYS A 1069 56.22 -65.69 0.08
C LYS A 1069 55.69 -67.00 0.64
N SER A 1070 56.28 -68.13 0.23
CA SER A 1070 55.85 -69.44 0.68
C SER A 1070 56.73 -69.96 1.81
N MET A 1071 57.97 -69.48 1.84
CA MET A 1071 58.95 -69.89 2.83
C MET A 1071 58.60 -69.25 4.18
N LEU A 1072 57.65 -68.31 4.18
CA LEU A 1072 57.16 -67.68 5.39
C LEU A 1072 56.63 -68.72 6.37
N ARG A 1073 56.11 -69.85 5.86
CA ARG A 1073 55.48 -70.84 6.71
C ARG A 1073 56.07 -72.23 6.49
N ASN A 1074 57.34 -72.31 6.13
CA ASN A 1074 58.03 -73.57 5.96
C ASN A 1074 58.75 -73.89 7.26
N LYS A 1075 58.59 -75.12 7.74
CA LYS A 1075 59.05 -75.47 9.06
C LYS A 1075 60.50 -75.89 9.04
N ALA A 1076 61.08 -76.10 7.87
CA ALA A 1076 62.49 -76.41 7.77
C ALA A 1076 63.34 -75.15 7.80
N ALA A 1077 62.71 -73.99 7.73
CA ALA A 1077 63.41 -72.73 7.64
C ALA A 1077 63.40 -71.97 8.96
N ALA A 1078 62.76 -72.52 10.00
CA ALA A 1078 62.64 -71.81 11.26
C ALA A 1078 63.96 -71.85 12.03
N SER A 1079 64.11 -70.93 13.00
CA SER A 1079 65.37 -70.71 13.71
C SER A 1079 65.21 -70.94 15.21
N ALA A 1080 66.33 -71.24 15.87
CA ALA A 1080 66.39 -71.49 17.31
C ALA A 1080 66.88 -70.25 18.02
N PRO A 1081 66.60 -70.08 19.33
CA PRO A 1081 67.02 -68.89 20.07
C PRO A 1081 68.52 -68.60 20.14
N GLU A 1082 69.33 -69.65 20.10
CA GLU A 1082 70.76 -69.50 20.16
C GLU A 1082 71.28 -68.77 18.94
N ASP A 1083 70.52 -68.78 17.85
CA ASP A 1083 70.94 -68.13 16.62
C ASP A 1083 70.79 -66.61 16.70
N PHE A 1084 70.05 -66.12 17.69
CA PHE A 1084 69.90 -64.70 17.92
C PHE A 1084 70.76 -64.20 19.07
N THR A 1085 71.32 -65.10 19.90
CA THR A 1085 71.99 -64.70 21.12
C THR A 1085 73.41 -65.24 21.25
N GLU A 1086 73.81 -66.25 20.47
CA GLU A 1086 75.15 -66.78 20.58
C GLU A 1086 75.94 -66.63 19.28
N VAL A 1087 75.28 -66.62 18.13
CA VAL A 1087 75.90 -66.32 16.86
C VAL A 1087 76.04 -64.80 16.75
N THR A 1088 77.23 -64.32 16.40
CA THR A 1088 77.59 -62.91 16.59
C THR A 1088 77.40 -62.07 15.33
N LYS A 1089 77.54 -62.66 14.13
CA LYS A 1089 77.61 -61.91 12.90
C LYS A 1089 76.70 -62.48 11.82
N PHE A 1090 76.47 -61.70 10.77
CA PHE A 1090 75.75 -62.10 9.57
C PHE A 1090 76.64 -62.93 8.67
N GLN A 1091 76.08 -63.97 8.05
CA GLN A 1091 76.83 -64.86 7.20
C GLN A 1091 76.47 -64.58 5.74
N SER A 1092 77.50 -64.49 4.88
CA SER A 1092 77.33 -64.17 3.48
C SER A 1092 77.33 -65.43 2.63
N VAL A 1093 77.99 -66.48 3.10
CA VAL A 1093 77.95 -67.79 2.47
C VAL A 1093 77.73 -68.81 3.56
N ILE A 1094 76.75 -69.71 3.38
CA ILE A 1094 76.46 -70.78 4.32
C ILE A 1094 76.81 -72.09 3.65
N ASN A 1095 77.74 -72.83 4.24
CA ASN A 1095 78.22 -74.08 3.69
C ASN A 1095 77.25 -75.18 4.07
N ASP A 1096 77.36 -76.35 3.42
CA ASP A 1096 76.38 -77.41 3.54
C ASP A 1096 76.47 -78.04 4.93
N PRO A 1097 75.37 -78.09 5.70
CA PRO A 1097 75.39 -78.75 7.01
C PRO A 1097 75.14 -80.25 7.05
N ASN A 1098 75.06 -80.92 5.91
CA ASN A 1098 74.80 -82.34 5.87
C ASN A 1098 75.82 -83.05 4.99
N VAL A 1099 77.10 -82.80 5.26
CA VAL A 1099 78.17 -83.51 4.56
C VAL A 1099 78.91 -84.39 5.56
N ALA A 1100 78.81 -85.71 5.35
CA ALA A 1100 79.43 -86.69 6.21
C ALA A 1100 80.95 -86.64 6.05
N ASP A 1101 81.40 -86.84 4.80
CA ASP A 1101 82.82 -86.86 4.50
C ASP A 1101 83.07 -85.95 3.30
N ALA A 1102 84.05 -85.06 3.45
CA ALA A 1102 84.26 -83.99 2.48
C ALA A 1102 85.19 -84.45 1.38
N ALA A 1103 85.82 -85.62 1.54
CA ALA A 1103 86.77 -86.10 0.56
C ALA A 1103 86.06 -86.92 -0.51
N LYS A 1104 84.74 -87.12 -0.37
CA LYS A 1104 83.99 -87.91 -1.31
C LYS A 1104 83.11 -87.03 -2.20
N VAL A 1105 83.22 -85.70 -2.08
CA VAL A 1105 82.42 -84.79 -2.85
C VAL A 1105 83.06 -84.61 -4.22
N LYS A 1106 82.24 -84.62 -5.28
CA LYS A 1106 82.71 -84.44 -6.64
C LYS A 1106 81.86 -83.46 -7.43
N LYS A 1107 80.84 -82.86 -6.81
CA LYS A 1107 80.07 -81.78 -7.42
C LYS A 1107 79.67 -80.79 -6.35
N VAL A 1108 79.81 -79.49 -6.67
CA VAL A 1108 79.36 -78.42 -5.81
C VAL A 1108 78.26 -77.65 -6.54
N MET A 1109 77.14 -77.40 -5.86
CA MET A 1109 76.06 -76.60 -6.39
C MET A 1109 76.02 -75.26 -5.65
N LEU A 1110 75.86 -74.15 -6.37
CA LEU A 1110 75.66 -72.84 -5.79
C LEU A 1110 74.23 -72.42 -6.02
N VAL A 1111 73.57 -71.87 -4.99
CA VAL A 1111 72.17 -71.54 -5.03
C VAL A 1111 71.93 -70.29 -4.19
N SER A 1112 70.82 -69.61 -4.42
CA SER A 1112 70.40 -68.48 -3.61
C SER A 1112 68.89 -68.49 -3.43
N GLY A 1113 68.42 -68.47 -2.19
CA GLY A 1113 67.00 -68.31 -1.89
C GLY A 1113 66.31 -69.62 -1.52
N LYS A 1114 65.06 -69.78 -1.95
CA LYS A 1114 64.18 -70.83 -1.48
C LYS A 1114 64.35 -72.14 -2.21
N LEU A 1115 65.11 -72.18 -3.30
CA LEU A 1115 65.28 -73.41 -4.04
C LEU A 1115 66.23 -74.32 -3.29
N TYR A 1116 66.88 -73.84 -2.24
CA TYR A 1116 67.75 -74.65 -1.43
C TYR A 1116 66.97 -75.82 -0.83
N TYR A 1117 65.77 -75.52 -0.34
CA TYR A 1117 65.03 -76.46 0.48
C TYR A 1117 64.48 -77.59 -0.36
N GLU A 1118 64.44 -77.44 -1.69
CA GLU A 1118 64.02 -78.50 -2.58
C GLU A 1118 65.19 -79.41 -2.92
N LEU A 1119 66.34 -78.81 -3.19
CA LEU A 1119 67.52 -79.55 -3.54
C LEU A 1119 67.97 -80.40 -2.36
N ALA A 1120 67.88 -79.85 -1.15
CA ALA A 1120 68.30 -80.52 0.06
C ALA A 1120 67.44 -81.76 0.31
N LYS A 1121 66.14 -81.60 0.08
CA LYS A 1121 65.14 -82.64 0.23
C LYS A 1121 65.50 -83.83 -0.65
N ARG A 1122 65.85 -83.55 -1.90
CA ARG A 1122 66.11 -84.58 -2.88
C ARG A 1122 67.41 -85.29 -2.58
N LYS A 1123 68.39 -84.56 -2.06
CA LYS A 1123 69.69 -85.13 -1.73
C LYS A 1123 69.54 -86.18 -0.64
N GLU A 1124 68.65 -85.91 0.33
CA GLU A 1124 68.42 -86.81 1.45
C GLU A 1124 67.70 -88.07 0.97
N LYS A 1125 66.74 -87.90 0.06
CA LYS A 1125 65.90 -88.98 -0.41
C LYS A 1125 66.71 -89.97 -1.23
N ASP A 1126 67.61 -89.48 -2.07
CA ASP A 1126 68.34 -90.34 -2.97
C ASP A 1126 69.68 -90.76 -2.38
N GLY A 1127 70.08 -90.17 -1.27
CA GLY A 1127 71.27 -90.61 -0.58
C GLY A 1127 72.54 -90.31 -1.34
N ARG A 1128 72.70 -89.06 -1.78
CA ARG A 1128 73.85 -88.64 -2.55
C ARG A 1128 74.88 -88.03 -1.61
N ASP A 1129 76.07 -88.65 -1.55
CA ASP A 1129 77.15 -88.20 -0.70
C ASP A 1129 78.27 -87.60 -1.56
N ASP A 1130 78.01 -87.43 -2.85
CA ASP A 1130 78.99 -86.87 -3.76
C ASP A 1130 78.59 -85.46 -4.16
N ILE A 1131 77.60 -84.88 -3.46
CA ILE A 1131 77.12 -83.54 -3.77
C ILE A 1131 77.21 -82.69 -2.51
N ALA A 1132 77.47 -81.38 -2.68
CA ALA A 1132 77.43 -80.39 -1.63
C ALA A 1132 76.73 -79.11 -2.10
N ILE A 1133 75.71 -78.65 -1.37
CA ILE A 1133 74.98 -77.47 -1.74
C ILE A 1133 75.44 -76.28 -0.89
N VAL A 1134 75.87 -75.18 -1.54
CA VAL A 1134 76.40 -73.99 -0.90
C VAL A 1134 75.53 -72.79 -1.25
N ARG A 1135 75.15 -71.98 -0.26
CA ARG A 1135 74.22 -70.88 -0.42
C ARG A 1135 74.94 -69.55 -0.45
N ILE A 1136 74.44 -68.60 -1.25
CA ILE A 1136 74.96 -67.25 -1.34
C ILE A 1136 73.86 -66.31 -0.87
N GLU A 1137 74.11 -65.57 0.21
CA GLU A 1137 73.10 -64.77 0.87
C GLU A 1137 73.22 -63.31 0.47
N MET A 1138 74.46 -62.84 0.29
CA MET A 1138 74.71 -61.50 -0.20
C MET A 1138 75.17 -61.59 -1.64
N LEU A 1139 74.45 -60.90 -2.55
CA LEU A 1139 74.68 -60.99 -3.97
C LEU A 1139 75.64 -59.90 -4.43
N HIS A 1140 75.46 -58.67 -3.95
CA HIS A 1140 76.38 -57.58 -4.21
C HIS A 1140 76.69 -56.84 -2.92
N PRO A 1141 77.96 -56.63 -2.52
CA PRO A 1141 79.14 -57.10 -3.22
C PRO A 1141 79.33 -58.60 -3.24
N ILE A 1142 80.19 -59.09 -4.13
CA ILE A 1142 80.42 -60.51 -4.27
C ILE A 1142 81.36 -60.94 -3.17
N PRO A 1143 80.99 -61.90 -2.31
CA PRO A 1143 81.89 -62.41 -1.30
C PRO A 1143 82.78 -63.51 -1.87
N PHE A 1144 83.82 -63.09 -2.58
CA PHE A 1144 84.61 -64.02 -3.35
C PHE A 1144 85.62 -64.75 -2.48
N ASN A 1145 85.99 -64.16 -1.34
CA ASN A 1145 86.92 -64.81 -0.44
C ASN A 1145 86.27 -65.99 0.25
N ARG A 1146 84.99 -65.84 0.61
CA ARG A 1146 84.25 -66.90 1.28
C ARG A 1146 83.94 -68.03 0.32
N ILE A 1147 83.56 -67.70 -0.93
CA ILE A 1147 83.25 -68.71 -1.91
C ILE A 1147 84.51 -69.51 -2.21
N SER A 1148 85.66 -68.83 -2.25
CA SER A 1148 86.92 -69.50 -2.51
C SER A 1148 87.26 -70.46 -1.38
N GLU A 1149 87.00 -70.03 -0.14
CA GLU A 1149 87.30 -70.81 1.04
C GLU A 1149 86.45 -72.07 1.06
N ALA A 1150 85.18 -71.94 0.68
CA ALA A 1150 84.24 -73.05 0.67
C ALA A 1150 84.63 -74.09 -0.38
N LEU A 1151 84.98 -73.64 -1.57
CA LEU A 1151 85.35 -74.52 -2.66
C LEU A 1151 86.65 -75.25 -2.32
N ALA A 1152 87.54 -74.60 -1.57
CA ALA A 1152 88.83 -75.19 -1.23
C ALA A 1152 88.66 -76.33 -0.23
N GLY A 1153 87.55 -76.33 0.50
CA GLY A 1153 87.28 -77.36 1.49
C GLY A 1153 86.88 -78.69 0.86
N TYR A 1154 86.59 -78.69 -0.44
CA TYR A 1154 86.28 -79.91 -1.17
C TYR A 1154 87.34 -80.15 -2.24
N PRO A 1155 88.46 -80.83 -1.92
CA PRO A 1155 89.60 -80.89 -2.81
C PRO A 1155 89.51 -81.80 -4.03
N ASN A 1156 88.47 -82.63 -4.11
CA ASN A 1156 88.33 -83.57 -5.20
C ASN A 1156 87.15 -83.20 -6.09
N ALA A 1157 86.74 -81.94 -6.06
CA ALA A 1157 85.63 -81.47 -6.88
C ALA A 1157 86.08 -81.30 -8.32
N GLU A 1158 85.20 -81.66 -9.25
CA GLU A 1158 85.49 -81.62 -10.68
C GLU A 1158 84.55 -80.65 -11.38
N GLU A 1159 83.35 -80.43 -10.83
CA GLU A 1159 82.34 -79.58 -11.44
C GLU A 1159 81.82 -78.56 -10.45
N VAL A 1160 81.36 -77.42 -10.97
CA VAL A 1160 80.60 -76.44 -10.22
C VAL A 1160 79.36 -76.10 -11.03
N LEU A 1161 78.19 -76.17 -10.41
CA LEU A 1161 76.92 -75.89 -11.04
C LEU A 1161 76.31 -74.65 -10.40
N PHE A 1162 75.72 -73.77 -11.21
CA PHE A 1162 74.97 -72.62 -10.71
C PHE A 1162 73.50 -72.87 -11.01
N VAL A 1163 72.68 -72.96 -9.97
CA VAL A 1163 71.30 -73.39 -10.10
C VAL A 1163 70.38 -72.26 -9.69
N GLN A 1164 69.43 -71.89 -10.57
CA GLN A 1164 68.46 -70.87 -10.25
C GLN A 1164 67.10 -71.23 -10.85
N ASP A 1165 66.04 -70.64 -10.31
CA ASP A 1165 64.69 -70.86 -10.78
C ASP A 1165 64.32 -69.95 -11.94
N GLU A 1166 64.98 -68.79 -12.06
CA GLU A 1166 64.56 -67.80 -13.02
C GLU A 1166 65.01 -68.21 -14.41
N PRO A 1167 64.39 -67.70 -15.48
CA PRO A 1167 64.89 -67.88 -16.85
C PRO A 1167 66.33 -67.44 -17.03
N ALA A 1168 66.97 -67.90 -18.10
CA ALA A 1168 68.40 -67.76 -18.26
C ALA A 1168 68.84 -66.33 -18.52
N ASN A 1169 67.92 -65.46 -18.90
CA ASN A 1169 68.23 -64.06 -19.15
C ASN A 1169 67.78 -63.21 -17.99
N GLN A 1170 67.43 -63.85 -16.86
CA GLN A 1170 66.97 -63.17 -15.68
C GLN A 1170 67.65 -63.80 -14.47
N GLY A 1171 67.44 -63.23 -13.29
CA GLY A 1171 68.01 -63.75 -12.06
C GLY A 1171 69.46 -63.35 -11.91
N PRO A 1172 70.21 -63.89 -10.93
CA PRO A 1172 71.63 -63.57 -10.77
C PRO A 1172 72.69 -64.16 -11.69
N TRP A 1173 72.32 -64.98 -12.68
CA TRP A 1173 73.30 -65.68 -13.48
C TRP A 1173 74.09 -64.74 -14.38
N PRO A 1174 73.46 -63.81 -15.12
CA PRO A 1174 74.19 -62.90 -15.99
C PRO A 1174 75.32 -62.13 -15.32
N PHE A 1175 75.09 -61.68 -14.09
CA PHE A 1175 76.05 -60.92 -13.32
C PHE A 1175 77.21 -61.81 -12.88
N TYR A 1176 76.91 -63.05 -12.47
CA TYR A 1176 77.90 -63.92 -11.88
C TYR A 1176 78.77 -64.57 -12.94
N GLN A 1177 78.23 -64.85 -14.13
CA GLN A 1177 79.02 -65.50 -15.17
C GLN A 1177 80.07 -64.55 -15.72
N GLU A 1178 79.83 -63.25 -15.58
CA GLU A 1178 80.76 -62.23 -16.05
C GLU A 1178 81.88 -62.02 -15.05
N HIS A 1179 81.55 -61.93 -13.76
CA HIS A 1179 82.44 -61.38 -12.76
C HIS A 1179 83.18 -62.43 -11.94
N LEU A 1180 82.59 -63.61 -11.72
CA LEU A 1180 83.13 -64.52 -10.72
C LEU A 1180 84.38 -65.23 -11.23
N PRO A 1181 84.47 -65.68 -12.49
CA PRO A 1181 85.69 -66.30 -13.00
C PRO A 1181 86.98 -65.48 -12.91
N GLU A 1182 86.86 -64.17 -13.01
CA GLU A 1182 87.99 -63.26 -12.88
C GLU A 1182 88.49 -63.25 -11.44
N LEU A 1183 87.56 -63.25 -10.47
CA LEU A 1183 87.88 -63.09 -9.07
C LEU A 1183 88.40 -64.39 -8.46
N ILE A 1184 88.02 -65.54 -9.01
CA ILE A 1184 88.51 -66.83 -8.54
C ILE A 1184 89.12 -67.57 -9.72
N PRO A 1185 90.39 -67.30 -10.08
CA PRO A 1185 91.02 -67.90 -11.26
C PRO A 1185 91.11 -69.43 -11.35
N ASN A 1186 91.21 -70.11 -10.21
CA ASN A 1186 91.49 -71.53 -10.21
C ASN A 1186 90.21 -72.37 -10.17
N MET A 1187 89.04 -71.72 -10.25
CA MET A 1187 87.77 -72.41 -10.16
C MET A 1187 87.49 -73.13 -11.48
N PRO A 1188 86.87 -74.33 -11.48
CA PRO A 1188 86.42 -74.97 -12.71
C PRO A 1188 85.39 -74.14 -13.46
N LYS A 1189 85.16 -74.46 -14.74
CA LYS A 1189 84.18 -73.75 -15.54
C LYS A 1189 82.79 -74.04 -14.99
N MET A 1190 81.98 -72.99 -14.85
CA MET A 1190 80.65 -73.10 -14.27
C MET A 1190 79.70 -73.62 -15.33
N ARG A 1191 78.61 -74.25 -14.88
CA ARG A 1191 77.57 -74.78 -15.75
C ARG A 1191 76.21 -74.33 -15.22
N ARG A 1192 75.40 -73.74 -16.09
CA ARG A 1192 74.12 -73.18 -15.70
C ARG A 1192 73.08 -74.29 -15.66
N VAL A 1193 72.19 -74.24 -14.67
CA VAL A 1193 70.98 -75.05 -14.67
C VAL A 1193 69.84 -74.14 -14.28
N SER A 1194 68.92 -73.89 -15.21
CA SER A 1194 67.82 -72.96 -15.01
C SER A 1194 66.70 -73.23 -15.98
N ARG A 1195 65.66 -72.40 -15.93
CA ARG A 1195 64.63 -72.37 -16.94
C ARG A 1195 65.16 -71.71 -18.21
N ARG A 1196 64.52 -71.96 -19.36
CA ARG A 1196 64.93 -71.39 -20.64
C ARG A 1196 64.63 -69.90 -20.67
N ALA A 1197 65.30 -69.18 -21.58
CA ALA A 1197 65.11 -67.74 -21.72
C ALA A 1197 63.74 -67.42 -22.27
N GLN A 1198 63.15 -66.33 -21.79
CA GLN A 1198 61.77 -65.99 -22.08
C GLN A 1198 61.59 -64.49 -22.21
N SER A 1199 60.55 -64.09 -22.94
CA SER A 1199 60.20 -62.71 -23.13
C SER A 1199 59.41 -62.20 -21.94
N SER A 1200 58.56 -63.06 -21.38
CA SER A 1200 57.85 -62.75 -20.15
C SER A 1200 58.60 -63.33 -18.97
N THR A 1201 58.07 -63.10 -17.77
CA THR A 1201 58.70 -63.48 -16.53
C THR A 1201 58.47 -64.96 -16.21
N ALA A 1202 57.24 -65.43 -16.38
CA ALA A 1202 56.89 -66.79 -16.04
C ALA A 1202 55.63 -67.22 -16.79
N THR A 1203 55.31 -68.51 -16.74
CA THR A 1203 54.15 -69.07 -17.40
C THR A 1203 52.88 -68.66 -16.68
N GLY A 1204 51.75 -68.83 -17.35
CA GLY A 1204 50.44 -68.50 -16.79
C GLY A 1204 49.64 -69.73 -16.42
N VAL A 1205 50.12 -70.92 -16.82
CA VAL A 1205 49.49 -72.19 -16.52
C VAL A 1205 50.22 -72.84 -15.36
N ALA A 1206 49.47 -73.43 -14.43
CA ALA A 1206 50.02 -73.96 -13.20
C ALA A 1206 50.59 -75.35 -13.38
N LYS A 1207 50.00 -76.17 -14.25
CA LYS A 1207 50.51 -77.51 -14.46
C LYS A 1207 51.86 -77.46 -15.16
N VAL A 1208 52.06 -76.46 -16.03
CA VAL A 1208 53.32 -76.31 -16.75
C VAL A 1208 54.40 -75.89 -15.77
N HIS A 1209 54.04 -75.09 -14.76
CA HIS A 1209 54.99 -74.68 -13.75
C HIS A 1209 55.53 -75.88 -13.00
N GLN A 1210 54.67 -76.83 -12.68
CA GLN A 1210 55.09 -77.99 -11.91
C GLN A 1210 55.96 -78.90 -12.75
N LEU A 1211 55.67 -78.98 -14.05
CA LEU A 1211 56.44 -79.82 -14.95
C LEU A 1211 57.84 -79.27 -15.13
N GLU A 1212 57.96 -77.95 -15.21
CA GLU A 1212 59.23 -77.27 -15.37
C GLU A 1212 60.13 -77.49 -14.16
N GLU A 1213 59.54 -77.43 -12.97
CA GLU A 1213 60.30 -77.55 -11.73
C GLU A 1213 60.90 -78.94 -11.61
N LYS A 1214 60.14 -79.96 -12.02
CA LYS A 1214 60.60 -81.33 -11.97
C LYS A 1214 61.77 -81.51 -12.93
N GLN A 1215 61.66 -80.93 -14.12
CA GLN A 1215 62.68 -81.03 -15.15
C GLN A 1215 63.98 -80.41 -14.69
N LEU A 1216 63.89 -79.31 -13.93
CA LEU A 1216 65.03 -78.53 -13.48
C LEU A 1216 65.83 -79.32 -12.45
N ILE A 1217 65.15 -79.88 -11.46
CA ILE A 1217 65.81 -80.57 -10.38
C ILE A 1217 66.40 -81.88 -10.89
N ASP A 1218 65.78 -82.48 -11.90
CA ASP A 1218 66.29 -83.71 -12.47
C ASP A 1218 67.59 -83.44 -13.21
N GLU A 1219 67.66 -82.29 -13.88
CA GLU A 1219 68.83 -81.93 -14.66
C GLU A 1219 70.03 -81.67 -13.76
N ALA A 1220 69.77 -81.18 -12.54
CA ALA A 1220 70.79 -80.86 -11.57
C ALA A 1220 71.46 -82.12 -11.04
N PHE A 1221 70.68 -83.18 -10.86
CA PHE A 1221 71.18 -84.43 -10.29
C PHE A 1221 71.49 -85.43 -11.40
N GLU A 1222 72.05 -84.93 -12.51
CA GLU A 1222 72.40 -85.75 -13.67
C GLU A 1222 71.12 -86.27 -14.31
N PRO B 104 -40.21 -48.14 27.80
CA PRO B 104 -40.73 -47.39 28.95
C PRO B 104 -40.99 -48.29 30.15
N GLY B 105 -40.54 -47.84 31.34
CA GLY B 105 -40.69 -48.58 32.57
C GLY B 105 -39.36 -48.89 33.23
N GLN B 106 -39.37 -49.90 34.11
CA GLN B 106 -38.22 -50.30 34.91
C GLN B 106 -37.67 -51.63 34.42
N THR B 107 -36.36 -51.80 34.49
CA THR B 107 -35.75 -53.07 34.11
C THR B 107 -34.44 -53.26 34.86
N PRO B 108 -34.24 -54.42 35.54
CA PRO B 108 -32.97 -54.73 36.18
C PRO B 108 -31.74 -54.65 35.29
N ILE B 109 -30.60 -54.30 35.90
CA ILE B 109 -29.34 -54.20 35.21
C ILE B 109 -28.63 -55.54 35.36
N ARG B 110 -28.18 -56.11 34.24
CA ARG B 110 -27.60 -57.43 34.22
C ARG B 110 -26.35 -57.42 33.36
N GLY B 111 -25.30 -58.12 33.81
CA GLY B 111 -24.18 -58.45 32.96
C GLY B 111 -22.97 -57.57 33.20
N ILE B 112 -22.34 -57.13 32.11
CA ILE B 112 -21.19 -56.24 32.18
C ILE B 112 -21.62 -54.89 32.71
N PHE B 113 -22.88 -54.53 32.45
CA PHE B 113 -23.43 -53.25 32.88
C PHE B 113 -23.58 -53.21 34.40
N LYS B 114 -23.86 -54.35 35.00
CA LYS B 114 -23.98 -54.43 36.45
C LYS B 114 -22.61 -54.23 37.09
N SER B 115 -21.56 -54.74 36.45
CA SER B 115 -20.20 -54.59 36.95
C SER B 115 -19.73 -53.14 36.86
N ILE B 116 -20.10 -52.45 35.78
CA ILE B 116 -19.74 -51.05 35.61
C ILE B 116 -20.41 -50.22 36.69
N ALA B 117 -21.65 -50.57 37.03
CA ALA B 117 -22.41 -49.83 38.01
C ALA B 117 -21.81 -49.99 39.39
N LYS B 118 -21.35 -51.20 39.73
CA LYS B 118 -20.87 -51.49 41.07
C LYS B 118 -19.54 -50.79 41.30
N ASN B 119 -18.69 -50.71 40.27
CA ASN B 119 -17.39 -50.12 40.40
C ASN B 119 -17.49 -48.61 40.56
N MET B 120 -18.46 -47.99 39.90
CA MET B 120 -18.66 -46.55 39.98
C MET B 120 -19.16 -46.18 41.39
N ASP B 121 -19.88 -47.09 42.04
CA ASP B 121 -20.33 -46.88 43.40
C ASP B 121 -19.15 -46.98 44.36
N ILE B 122 -18.23 -47.90 44.12
CA ILE B 122 -17.07 -48.06 44.97
C ILE B 122 -16.18 -46.84 44.87
N SER B 123 -16.16 -46.19 43.70
CA SER B 123 -15.24 -45.09 43.44
C SER B 123 -15.61 -43.82 44.19
N LEU B 124 -16.74 -43.84 44.88
CA LEU B 124 -17.18 -42.68 45.64
C LEU B 124 -16.32 -42.47 46.87
N GLU B 125 -15.43 -43.41 47.20
CA GLU B 125 -14.61 -43.27 48.40
C GLU B 125 -13.19 -42.83 48.06
N ILE B 126 -12.98 -42.18 46.91
CA ILE B 126 -11.68 -41.62 46.55
C ILE B 126 -11.81 -40.11 46.47
N PRO B 127 -11.06 -39.33 47.28
CA PRO B 127 -10.96 -37.88 47.12
C PRO B 127 -10.12 -37.45 45.93
N THR B 128 -10.69 -36.68 45.00
CA THR B 128 -10.05 -36.41 43.73
C THR B 128 -9.99 -34.91 43.45
N ALA B 129 -8.94 -34.51 42.73
CA ALA B 129 -8.80 -33.15 42.20
C ALA B 129 -8.30 -33.21 40.76
N THR B 130 -8.41 -32.10 40.03
CA THR B 130 -8.14 -32.07 38.60
C THR B 130 -7.29 -30.85 38.24
N SER B 131 -6.44 -31.01 37.22
CA SER B 131 -5.64 -29.95 36.65
C SER B 131 -5.81 -29.93 35.14
N VAL B 132 -5.77 -28.74 34.53
CA VAL B 132 -6.03 -28.56 33.11
C VAL B 132 -4.94 -27.68 32.51
N ARG B 133 -4.41 -28.06 31.33
CA ARG B 133 -3.39 -27.29 30.64
C ARG B 133 -3.54 -27.42 29.13
N ASP B 134 -3.32 -26.33 28.41
CA ASP B 134 -3.42 -26.28 26.96
C ASP B 134 -2.02 -26.10 26.35
N MET B 135 -1.79 -26.76 25.21
CA MET B 135 -0.46 -26.92 24.64
C MET B 135 -0.49 -26.70 23.15
N PRO B 136 0.52 -26.05 22.53
CA PRO B 136 0.64 -25.98 21.08
C PRO B 136 0.74 -27.34 20.40
N ALA B 137 0.23 -27.45 19.17
CA ALA B 137 0.14 -28.73 18.51
C ALA B 137 0.66 -28.70 17.06
N ARG B 138 1.37 -27.65 16.66
CA ARG B 138 1.76 -27.46 15.27
C ARG B 138 2.88 -28.44 14.89
N LEU B 139 3.87 -28.59 15.77
CA LEU B 139 5.02 -29.41 15.51
C LEU B 139 4.63 -30.88 15.44
N MET B 140 3.57 -31.28 16.15
CA MET B 140 3.07 -32.64 16.06
C MET B 140 2.58 -32.91 14.65
N PHE B 141 1.77 -32.00 14.11
CA PHE B 141 1.22 -32.17 12.79
C PHE B 141 2.33 -32.33 11.76
N GLU B 142 3.36 -31.48 11.85
CA GLU B 142 4.43 -31.45 10.87
C GLU B 142 5.26 -32.73 10.90
N ASN B 143 5.69 -33.11 12.10
CA ASN B 143 6.61 -34.21 12.25
C ASN B 143 5.91 -35.55 12.04
N ARG B 144 4.61 -35.62 12.31
CA ARG B 144 3.85 -36.82 12.05
C ARG B 144 3.76 -37.07 10.56
N ALA B 145 3.61 -36.00 9.78
CA ALA B 145 3.52 -36.11 8.33
C ALA B 145 4.82 -36.64 7.74
N MET B 146 5.94 -36.24 8.32
CA MET B 146 7.24 -36.68 7.84
C MET B 146 7.43 -38.16 8.10
N VAL B 147 6.92 -38.66 9.23
CA VAL B 147 7.09 -40.07 9.57
C VAL B 147 6.22 -40.92 8.68
N ASN B 148 5.04 -40.43 8.33
CA ASN B 148 4.10 -41.23 7.55
C ASN B 148 4.51 -41.26 6.09
N ASP B 149 5.29 -40.28 5.62
CA ASP B 149 5.81 -40.29 4.27
C ASP B 149 6.88 -41.38 4.11
N GLN B 150 7.71 -41.56 5.14
CA GLN B 150 8.71 -42.62 5.13
C GLN B 150 8.04 -43.99 5.11
N LEU B 151 6.97 -44.16 5.88
CA LEU B 151 6.34 -45.46 5.98
C LEU B 151 5.64 -45.80 4.67
N LYS B 152 5.16 -44.79 3.95
CA LYS B 152 4.42 -45.03 2.72
C LYS B 152 5.34 -45.61 1.65
N ARG B 153 6.58 -45.12 1.58
CA ARG B 153 7.52 -45.58 0.57
C ARG B 153 8.01 -46.98 0.89
N THR B 154 8.04 -47.33 2.18
CA THR B 154 8.50 -48.64 2.63
C THR B 154 7.31 -49.59 2.86
N ARG B 155 6.13 -49.21 2.35
CA ARG B 155 4.92 -50.01 2.45
C ARG B 155 4.68 -50.46 3.89
N GLY B 156 4.88 -49.53 4.83
CA GLY B 156 4.51 -49.74 6.22
C GLY B 156 3.10 -49.25 6.50
N GLY B 157 2.81 -48.93 7.78
CA GLY B 157 1.48 -48.50 8.19
C GLY B 157 1.38 -46.98 8.34
N LYS B 158 0.95 -46.54 9.53
CA LYS B 158 0.57 -45.17 9.79
C LYS B 158 0.53 -44.96 11.30
N ILE B 159 1.17 -43.91 11.82
CA ILE B 159 1.08 -43.61 13.24
C ILE B 159 0.03 -42.53 13.47
N SER B 160 -0.51 -42.49 14.71
CA SER B 160 -1.59 -41.60 15.11
C SER B 160 -1.13 -40.68 16.23
N PHE B 161 -2.00 -39.73 16.62
CA PHE B 161 -1.68 -38.77 17.65
C PHE B 161 -1.67 -39.42 19.03
N THR B 162 -2.50 -40.45 19.22
CA THR B 162 -2.58 -41.16 20.48
C THR B 162 -1.28 -41.91 20.76
N HIS B 163 -0.64 -42.42 19.72
CA HIS B 163 0.64 -43.10 19.85
C HIS B 163 1.69 -42.15 20.40
N ILE B 164 1.75 -40.93 19.87
CA ILE B 164 2.77 -39.96 20.23
C ILE B 164 2.53 -39.47 21.65
N ILE B 165 1.28 -39.15 21.98
CA ILE B 165 0.94 -38.61 23.29
C ILE B 165 1.12 -39.70 24.34
N GLY B 166 0.81 -40.94 23.97
CA GLY B 166 1.04 -42.09 24.84
C GLY B 166 2.50 -42.22 25.25
N TYR B 167 3.40 -42.09 24.27
CA TYR B 167 4.82 -42.29 24.52
C TYR B 167 5.34 -41.15 25.38
N ALA B 168 4.86 -39.93 25.13
CA ALA B 168 5.24 -38.75 25.91
C ALA B 168 4.81 -38.91 27.36
N MET B 169 3.64 -39.52 27.56
CA MET B 169 3.07 -39.71 28.88
C MET B 169 3.93 -40.66 29.70
N VAL B 170 4.46 -41.71 29.05
CA VAL B 170 5.31 -42.69 29.69
C VAL B 170 6.61 -42.03 30.15
N LYS B 171 7.20 -41.20 29.29
CA LYS B 171 8.44 -40.53 29.60
C LYS B 171 8.25 -39.58 30.78
N ALA B 172 7.07 -38.96 30.87
CA ALA B 172 6.76 -38.01 31.92
C ALA B 172 6.59 -38.71 33.26
N VAL B 173 5.99 -39.90 33.26
CA VAL B 173 5.79 -40.66 34.49
C VAL B 173 7.14 -41.14 35.02
N MET B 174 8.08 -41.41 34.12
CA MET B 174 9.43 -41.79 34.53
C MET B 174 10.13 -40.62 35.20
N ALA B 175 9.88 -39.40 34.71
CA ALA B 175 10.49 -38.20 35.25
C ALA B 175 9.87 -37.82 36.60
N HIS B 176 8.60 -38.19 36.81
CA HIS B 176 7.88 -37.86 38.03
C HIS B 176 7.21 -39.13 38.56
N PRO B 177 7.97 -40.03 39.24
CA PRO B 177 7.46 -41.34 39.64
C PRO B 177 6.28 -41.41 40.62
N ASP B 178 6.03 -40.32 41.34
CA ASP B 178 4.95 -40.27 42.31
C ASP B 178 3.59 -40.44 41.65
N MET B 179 3.49 -40.20 40.34
CA MET B 179 2.23 -40.28 39.65
C MET B 179 1.81 -41.73 39.43
N ASN B 180 2.65 -42.70 39.83
CA ASN B 180 2.37 -44.10 39.56
C ASN B 180 1.93 -44.82 40.84
N ASN B 181 1.83 -44.10 41.97
CA ASN B 181 1.54 -44.70 43.26
C ASN B 181 0.04 -44.73 43.53
N SER B 182 -0.38 -45.51 44.53
CA SER B 182 -1.77 -45.66 44.90
C SER B 182 -1.92 -45.83 46.42
N TYR B 183 -3.18 -45.95 46.89
CA TYR B 183 -3.51 -45.98 48.31
C TYR B 183 -4.34 -47.21 48.63
N ASP B 184 -4.14 -47.79 49.83
CA ASP B 184 -4.94 -48.90 50.30
C ASP B 184 -4.85 -49.00 51.81
N VAL B 185 -5.87 -49.60 52.43
CA VAL B 185 -5.82 -49.85 53.88
C VAL B 185 -5.63 -51.34 54.10
N ILE B 186 -4.52 -51.70 54.76
CA ILE B 186 -4.06 -53.08 54.91
C ILE B 186 -3.82 -53.38 56.38
N ASP B 187 -4.55 -54.34 56.93
CA ASP B 187 -4.47 -54.65 58.35
C ASP B 187 -4.95 -53.45 59.13
N GLY B 188 -5.87 -52.70 58.56
CA GLY B 188 -6.41 -51.54 59.24
C GLY B 188 -5.45 -50.37 59.37
N LYS B 189 -4.38 -50.33 58.60
CA LYS B 189 -3.53 -49.15 58.59
C LYS B 189 -3.47 -48.56 57.19
N PRO B 190 -3.48 -47.22 57.02
CA PRO B 190 -3.12 -46.57 55.77
C PRO B 190 -1.77 -46.90 55.17
N THR B 191 -1.72 -47.08 53.85
CA THR B 191 -0.55 -47.60 53.18
C THR B 191 -0.37 -46.99 51.80
N LEU B 192 0.89 -46.69 51.45
CA LEU B 192 1.27 -46.27 50.11
C LEU B 192 1.81 -47.47 49.34
N ILE B 193 1.40 -47.60 48.08
CA ILE B 193 1.77 -48.74 47.25
C ILE B 193 2.58 -48.27 46.06
N VAL B 194 3.82 -48.77 45.94
CA VAL B 194 4.75 -48.38 44.88
C VAL B 194 4.96 -49.56 43.96
N PRO B 195 4.39 -49.60 42.75
CA PRO B 195 4.51 -50.76 41.87
C PRO B 195 5.89 -50.96 41.25
N GLU B 196 6.07 -52.12 40.60
CA GLU B 196 7.32 -52.50 39.98
C GLU B 196 7.41 -51.91 38.58
N HIS B 197 6.29 -51.92 37.86
CA HIS B 197 6.28 -51.52 36.46
C HIS B 197 5.26 -50.41 36.20
N ILE B 198 5.40 -49.74 35.05
CA ILE B 198 4.40 -48.84 34.52
C ILE B 198 3.57 -49.61 33.50
N ASN B 199 2.34 -49.97 33.88
CA ASN B 199 1.41 -50.64 32.99
C ASN B 199 0.33 -49.65 32.57
N LEU B 200 0.21 -49.40 31.26
CA LEU B 200 -0.60 -48.31 30.74
C LEU B 200 -1.90 -48.87 30.21
N GLY B 201 -3.02 -48.38 30.73
CA GLY B 201 -4.35 -48.82 30.33
C GLY B 201 -4.92 -47.98 29.21
N LEU B 202 -5.43 -48.65 28.17
CA LEU B 202 -6.06 -48.00 27.04
C LEU B 202 -7.56 -48.22 27.12
N ALA B 203 -8.32 -47.14 26.94
CA ALA B 203 -9.77 -47.20 26.89
C ALA B 203 -10.19 -47.58 25.48
N ILE B 204 -10.56 -48.86 25.29
CA ILE B 204 -11.01 -49.36 24.00
C ILE B 204 -12.54 -49.43 24.01
N ASP B 205 -13.16 -48.64 23.13
CA ASP B 205 -14.61 -48.67 22.92
C ASP B 205 -14.92 -49.72 21.86
N LEU B 206 -15.51 -50.86 22.30
CA LEU B 206 -15.81 -51.97 21.41
C LEU B 206 -17.31 -52.27 21.47
N PRO B 207 -18.03 -52.22 20.32
CA PRO B 207 -19.39 -52.77 20.23
C PRO B 207 -19.44 -54.29 20.44
N GLN B 208 -20.58 -54.77 20.94
CA GLN B 208 -20.77 -56.17 21.29
C GLN B 208 -21.71 -56.81 20.27
N LYS B 209 -22.00 -58.10 20.46
CA LYS B 209 -22.84 -58.87 19.55
C LYS B 209 -24.27 -58.32 19.53
N ASP B 210 -24.75 -57.86 20.69
CA ASP B 210 -26.11 -57.36 20.84
C ASP B 210 -26.30 -56.10 20.00
N GLY B 211 -25.31 -55.20 20.05
CA GLY B 211 -25.38 -53.90 19.40
C GLY B 211 -25.34 -52.73 20.39
N SER B 212 -24.75 -52.98 21.56
CA SER B 212 -24.54 -51.94 22.57
C SER B 212 -23.05 -51.77 22.83
N ARG B 213 -22.59 -50.51 22.86
CA ARG B 213 -21.20 -50.19 23.09
C ARG B 213 -20.87 -50.34 24.57
N ALA B 214 -19.67 -50.87 24.85
CA ALA B 214 -19.15 -51.02 26.21
C ALA B 214 -17.68 -50.66 26.22
N LEU B 215 -17.22 -50.09 27.34
CA LEU B 215 -15.86 -49.62 27.48
C LEU B 215 -15.10 -50.57 28.41
N VAL B 216 -13.92 -51.00 27.98
CA VAL B 216 -13.04 -51.87 28.76
C VAL B 216 -11.63 -51.28 28.74
N VAL B 217 -10.83 -51.60 29.76
CA VAL B 217 -9.47 -51.11 29.84
C VAL B 217 -8.51 -52.29 29.79
N ALA B 218 -7.73 -52.36 28.71
CA ALA B 218 -6.67 -53.33 28.53
C ALA B 218 -5.33 -52.68 28.79
N ALA B 219 -4.31 -53.48 29.11
CA ALA B 219 -3.03 -52.97 29.58
C ALA B 219 -1.90 -53.30 28.62
N ILE B 220 -1.01 -52.32 28.41
CA ILE B 220 0.30 -52.53 27.84
C ILE B 220 1.28 -52.62 29.00
N LYS B 221 2.03 -53.73 29.10
CA LYS B 221 2.77 -54.01 30.32
C LYS B 221 4.26 -53.74 30.12
N GLU B 222 4.92 -53.36 31.21
CA GLU B 222 6.36 -53.16 31.27
C GLU B 222 6.77 -52.16 30.20
N THR B 223 6.31 -50.92 30.36
CA THR B 223 6.43 -49.89 29.34
C THR B 223 7.68 -49.06 29.58
N GLU B 224 8.27 -49.15 30.77
CA GLU B 224 9.38 -48.29 31.12
C GLU B 224 10.70 -48.82 30.56
N LYS B 225 10.65 -49.93 29.82
CA LYS B 225 11.81 -50.51 29.18
C LYS B 225 11.51 -50.70 27.70
N MET B 226 10.96 -49.67 27.05
CA MET B 226 10.60 -49.72 25.65
C MET B 226 11.07 -48.45 24.95
N ASN B 227 11.43 -48.57 23.67
CA ASN B 227 11.63 -47.42 22.79
C ASN B 227 10.39 -47.28 21.92
N PHE B 228 10.36 -46.29 21.03
CA PHE B 228 9.13 -45.96 20.32
C PHE B 228 8.71 -47.11 19.43
N SER B 229 9.67 -47.81 18.83
CA SER B 229 9.37 -48.92 17.94
C SER B 229 8.68 -50.04 18.70
N GLU B 230 9.22 -50.37 19.86
CA GLU B 230 8.67 -51.41 20.72
C GLU B 230 7.28 -51.01 21.21
N PHE B 231 7.13 -49.72 21.58
CA PHE B 231 5.87 -49.21 22.12
C PHE B 231 4.76 -49.33 21.08
N LEU B 232 5.07 -48.99 19.84
CA LEU B 232 4.07 -48.98 18.77
C LEU B 232 3.59 -50.40 18.51
N ALA B 233 4.51 -51.36 18.58
CA ALA B 233 4.19 -52.76 18.34
C ALA B 233 3.23 -53.30 19.39
N ALA B 234 3.54 -53.02 20.67
CA ALA B 234 2.73 -53.47 21.78
C ALA B 234 1.32 -52.88 21.71
N TYR B 235 1.23 -51.60 21.33
CA TYR B 235 -0.03 -50.90 21.22
C TYR B 235 -0.90 -51.62 20.19
N GLU B 236 -0.32 -51.86 19.01
CA GLU B 236 -1.06 -52.41 17.88
C GLU B 236 -1.43 -53.87 18.15
N ASP B 237 -0.63 -54.54 18.99
CA ASP B 237 -0.92 -55.91 19.40
C ASP B 237 -2.24 -55.98 20.16
N ILE B 238 -2.41 -55.11 21.16
CA ILE B 238 -3.61 -55.10 21.99
C ILE B 238 -4.83 -54.78 21.14
N VAL B 239 -4.70 -53.80 20.25
CA VAL B 239 -5.81 -53.34 19.43
C VAL B 239 -6.24 -54.46 18.49
N ALA B 240 -5.25 -55.14 17.89
CA ALA B 240 -5.51 -56.17 16.88
C ALA B 240 -6.26 -57.34 17.48
N ARG B 241 -5.81 -57.79 18.66
CA ARG B 241 -6.40 -58.95 19.31
C ARG B 241 -7.80 -58.63 19.84
N SER B 242 -8.09 -57.36 20.08
CA SER B 242 -9.38 -56.97 20.60
C SER B 242 -10.45 -57.15 19.52
N ARG B 243 -10.09 -56.84 18.27
CA ARG B 243 -11.05 -56.90 17.18
C ARG B 243 -11.33 -58.35 16.80
N LYS B 244 -10.32 -59.23 16.93
CA LYS B 244 -10.45 -60.64 16.62
C LYS B 244 -11.05 -61.41 17.80
N GLY B 245 -11.16 -60.77 18.96
CA GLY B 245 -11.75 -61.40 20.13
C GLY B 245 -10.84 -62.46 20.73
N LYS B 246 -9.59 -62.07 21.02
CA LYS B 246 -8.61 -63.01 21.53
C LYS B 246 -7.85 -62.42 22.72
N LEU B 247 -8.55 -61.69 23.60
CA LEU B 247 -7.96 -61.15 24.81
C LEU B 247 -8.24 -62.08 25.98
N THR B 248 -7.20 -62.35 26.78
CA THR B 248 -7.29 -63.21 27.94
C THR B 248 -7.65 -62.38 29.17
N MET B 249 -7.70 -63.03 30.33
CA MET B 249 -8.08 -62.39 31.57
C MET B 249 -6.87 -61.67 32.17
N ASP B 250 -5.66 -62.07 31.75
CA ASP B 250 -4.45 -61.47 32.28
C ASP B 250 -4.25 -60.06 31.71
N ASP B 251 -4.85 -59.78 30.55
CA ASP B 251 -4.69 -58.50 29.88
C ASP B 251 -5.50 -57.41 30.57
N TYR B 252 -6.44 -57.79 31.43
CA TYR B 252 -7.28 -56.84 32.11
C TYR B 252 -6.83 -56.64 33.55
N GLN B 253 -5.61 -57.02 33.90
CA GLN B 253 -5.17 -56.95 35.29
C GLN B 253 -3.83 -56.23 35.39
N GLY B 254 -3.68 -55.42 36.44
CA GLY B 254 -2.40 -54.84 36.82
C GLY B 254 -2.18 -53.43 36.27
N VAL B 255 -3.24 -52.73 35.90
CA VAL B 255 -3.12 -51.38 35.37
C VAL B 255 -2.67 -50.44 36.49
N THR B 256 -1.74 -49.53 36.17
CA THR B 256 -1.23 -48.59 37.14
C THR B 256 -1.56 -47.14 36.78
N VAL B 257 -1.83 -46.86 35.50
CA VAL B 257 -2.15 -45.51 35.05
C VAL B 257 -2.88 -45.61 33.72
N SER B 258 -3.88 -44.75 33.50
CA SER B 258 -4.82 -44.88 32.38
C SER B 258 -4.79 -43.65 31.48
N LEU B 259 -5.24 -43.84 30.23
CA LEU B 259 -5.32 -42.80 29.22
C LEU B 259 -6.67 -42.89 28.51
N THR B 260 -7.34 -41.74 28.33
CA THR B 260 -8.63 -41.67 27.67
C THR B 260 -8.60 -40.54 26.64
N ASN B 261 -9.43 -40.66 25.59
CA ASN B 261 -9.40 -39.75 24.47
C ASN B 261 -10.81 -39.29 24.11
N PRO B 262 -11.43 -38.37 24.88
CA PRO B 262 -12.70 -37.77 24.49
C PRO B 262 -12.67 -36.78 23.33
N GLY B 263 -11.48 -36.44 22.83
CA GLY B 263 -11.32 -35.50 21.74
C GLY B 263 -11.61 -36.09 20.37
N GLY B 264 -11.74 -37.42 20.29
CA GLY B 264 -12.11 -38.09 19.06
C GLY B 264 -13.44 -37.57 18.50
N ILE B 265 -14.44 -37.43 19.36
CA ILE B 265 -15.75 -36.93 18.98
C ILE B 265 -15.68 -35.42 18.76
N GLY B 266 -14.86 -34.73 19.58
CA GLY B 266 -14.67 -33.30 19.45
C GLY B 266 -14.93 -32.51 20.73
N THR B 267 -14.94 -33.19 21.87
CA THR B 267 -15.06 -32.56 23.17
C THR B 267 -13.78 -31.79 23.47
N ARG B 268 -13.90 -30.62 24.12
CA ARG B 268 -12.76 -29.76 24.37
C ARG B 268 -11.97 -30.27 25.56
N HIS B 269 -12.64 -30.58 26.68
CA HIS B 269 -12.03 -31.30 27.78
C HIS B 269 -13.10 -31.93 28.65
N SER B 270 -12.67 -32.81 29.57
CA SER B 270 -13.58 -33.52 30.47
C SER B 270 -13.02 -33.57 31.89
N VAL B 271 -13.88 -33.90 32.85
CA VAL B 271 -13.48 -34.21 34.22
C VAL B 271 -13.94 -35.62 34.54
N PRO B 272 -13.12 -36.66 34.29
CA PRO B 272 -13.51 -38.05 34.49
C PRO B 272 -13.38 -38.63 35.89
N ARG B 273 -13.88 -39.87 36.07
CA ARG B 273 -13.82 -40.59 37.34
C ARG B 273 -12.57 -41.44 37.41
N LEU B 274 -12.06 -41.61 38.64
CA LEU B 274 -10.90 -42.44 38.90
C LEU B 274 -11.38 -43.73 39.56
N THR B 275 -10.87 -44.87 39.10
CA THR B 275 -11.26 -46.17 39.61
C THR B 275 -10.25 -46.62 40.68
N LYS B 276 -10.71 -47.49 41.58
CA LYS B 276 -9.93 -47.93 42.72
C LYS B 276 -8.74 -48.75 42.25
N GLY B 277 -7.58 -48.50 42.86
CA GLY B 277 -6.36 -49.23 42.54
C GLY B 277 -5.34 -48.43 41.75
N GLN B 278 -5.71 -47.21 41.35
CA GLN B 278 -4.84 -46.34 40.57
C GLN B 278 -4.69 -45.00 41.26
N GLY B 279 -3.77 -44.19 40.77
CA GLY B 279 -3.51 -42.88 41.35
C GLY B 279 -3.86 -41.72 40.43
N THR B 280 -3.81 -41.92 39.10
CA THR B 280 -4.12 -40.86 38.16
C THR B 280 -4.75 -41.41 36.89
N ILE B 281 -5.49 -40.54 36.20
CA ILE B 281 -6.03 -40.78 34.87
C ILE B 281 -5.83 -39.52 34.05
N ILE B 282 -5.38 -39.68 32.79
CA ILE B 282 -5.05 -38.58 31.90
C ILE B 282 -6.05 -38.55 30.74
N GLY B 283 -6.54 -37.36 30.39
CA GLY B 283 -7.51 -37.18 29.32
C GLY B 283 -7.00 -36.23 28.24
N VAL B 284 -7.28 -36.57 26.97
CA VAL B 284 -6.81 -35.83 25.81
C VAL B 284 -8.02 -35.29 25.05
N GLY B 285 -8.06 -33.97 24.87
CA GLY B 285 -9.16 -33.28 24.25
C GLY B 285 -8.93 -32.99 22.78
N SER B 286 -9.79 -32.16 22.20
CA SER B 286 -9.86 -31.94 20.77
C SER B 286 -8.64 -31.19 20.25
N MET B 287 -8.19 -31.56 19.05
CA MET B 287 -7.10 -30.88 18.38
C MET B 287 -7.68 -30.10 17.22
N ASP B 288 -8.03 -28.85 17.46
CA ASP B 288 -8.82 -28.05 16.55
C ASP B 288 -8.65 -26.57 16.89
N TYR B 289 -9.00 -25.69 15.95
CA TYR B 289 -8.94 -24.27 16.20
C TYR B 289 -9.97 -23.95 17.28
N PRO B 290 -9.75 -22.92 18.12
CA PRO B 290 -10.80 -22.44 19.01
C PRO B 290 -12.02 -21.96 18.23
N ALA B 291 -13.17 -21.90 18.90
CA ALA B 291 -14.44 -21.71 18.20
C ALA B 291 -14.62 -20.26 17.75
N GLU B 292 -13.79 -19.33 18.22
CA GLU B 292 -13.84 -17.95 17.75
C GLU B 292 -13.10 -17.78 16.43
N PHE B 293 -12.46 -18.84 15.92
CA PHE B 293 -11.72 -18.79 14.69
C PHE B 293 -12.28 -19.76 13.66
N GLN B 294 -13.42 -20.39 13.91
CA GLN B 294 -13.89 -21.47 13.07
C GLN B 294 -14.60 -20.97 11.82
N GLY B 295 -14.73 -19.66 11.64
CA GLY B 295 -15.31 -19.11 10.44
C GLY B 295 -14.35 -18.20 9.66
N ALA B 296 -13.10 -18.09 10.11
CA ALA B 296 -12.12 -17.24 9.47
C ALA B 296 -11.54 -17.93 8.25
N SER B 297 -10.89 -17.16 7.39
CA SER B 297 -10.28 -17.66 6.17
C SER B 297 -8.89 -18.22 6.47
N GLU B 298 -8.44 -19.14 5.63
CA GLU B 298 -7.12 -19.74 5.77
C GLU B 298 -6.05 -18.69 5.56
N ASP B 299 -6.28 -17.80 4.59
CA ASP B 299 -5.33 -16.77 4.24
C ASP B 299 -5.04 -15.87 5.45
N ARG B 300 -6.09 -15.51 6.17
CA ARG B 300 -5.99 -14.55 7.24
C ARG B 300 -5.33 -15.18 8.46
N LEU B 301 -5.64 -16.45 8.73
CA LEU B 301 -5.05 -17.18 9.84
C LEU B 301 -3.55 -17.38 9.60
N ALA B 302 -3.17 -17.61 8.33
CA ALA B 302 -1.77 -17.80 7.97
C ALA B 302 -0.97 -16.54 8.17
N GLU B 303 -1.59 -15.38 7.93
CA GLU B 303 -0.92 -14.10 8.06
C GLU B 303 -0.61 -13.81 9.52
N LEU B 304 -1.56 -14.11 10.41
CA LEU B 304 -1.45 -13.81 11.82
C LEU B 304 -0.42 -14.74 12.45
N GLY B 305 -0.53 -16.03 12.15
CA GLY B 305 0.33 -17.04 12.74
C GLY B 305 -0.38 -17.86 13.82
N VAL B 306 -1.64 -18.21 13.58
CA VAL B 306 -2.47 -18.88 14.55
C VAL B 306 -2.28 -20.37 14.38
N GLY B 307 -2.06 -21.08 15.48
CA GLY B 307 -1.87 -22.51 15.47
C GLY B 307 -3.04 -23.25 16.09
N LYS B 308 -2.91 -24.58 16.22
CA LYS B 308 -3.91 -25.42 16.83
C LYS B 308 -3.46 -25.87 18.21
N LEU B 309 -4.45 -26.27 19.03
CA LEU B 309 -4.30 -26.56 20.44
C LEU B 309 -4.39 -28.06 20.67
N VAL B 310 -4.04 -28.47 21.89
CA VAL B 310 -4.54 -29.68 22.50
C VAL B 310 -4.62 -29.41 24.01
N THR B 311 -5.73 -29.80 24.64
CA THR B 311 -5.93 -29.63 26.07
C THR B 311 -5.81 -30.98 26.76
N ILE B 312 -5.00 -31.05 27.82
CA ILE B 312 -4.74 -32.27 28.55
C ILE B 312 -5.12 -32.09 30.02
N THR B 313 -5.74 -33.10 30.62
CA THR B 313 -6.20 -33.05 32.00
C THR B 313 -5.54 -34.15 32.82
N SER B 314 -5.54 -33.96 34.14
CA SER B 314 -5.01 -34.90 35.11
C SER B 314 -5.93 -34.98 36.32
N THR B 315 -6.47 -36.16 36.62
CA THR B 315 -7.33 -36.39 37.77
C THR B 315 -6.64 -37.37 38.70
N TYR B 316 -6.43 -36.98 39.97
CA TYR B 316 -5.54 -37.70 40.87
C TYR B 316 -6.14 -37.85 42.26
N ASP B 317 -5.68 -38.87 42.99
CA ASP B 317 -6.08 -39.15 44.35
C ASP B 317 -5.25 -38.32 45.32
N HIS B 318 -5.91 -37.51 46.14
CA HIS B 318 -5.28 -36.42 46.86
C HIS B 318 -4.71 -36.89 48.18
N ARG B 319 -4.91 -38.16 48.53
CA ARG B 319 -4.32 -38.73 49.72
C ARG B 319 -2.86 -39.08 49.49
N VAL B 320 -2.43 -39.25 48.23
CA VAL B 320 -1.10 -39.72 47.93
C VAL B 320 -0.38 -38.85 46.90
N ILE B 321 -1.11 -38.02 46.13
CA ILE B 321 -0.48 -37.11 45.17
C ILE B 321 -0.93 -35.69 45.50
N GLN B 322 0.00 -34.75 45.48
CA GLN B 322 -0.31 -33.35 45.76
C GLN B 322 -0.35 -32.58 44.45
N GLY B 323 -0.86 -31.34 44.52
CA GLY B 323 -1.14 -30.52 43.35
C GLY B 323 0.12 -30.12 42.59
N ALA B 324 1.19 -29.83 43.32
CA ALA B 324 2.45 -29.42 42.73
C ALA B 324 3.02 -30.50 41.82
N VAL B 325 2.89 -31.76 42.23
CA VAL B 325 3.39 -32.87 41.46
C VAL B 325 2.60 -32.98 40.16
N SER B 326 1.28 -32.85 40.25
CA SER B 326 0.40 -32.95 39.09
C SER B 326 0.71 -31.85 38.07
N GLY B 327 0.97 -30.64 38.57
CA GLY B 327 1.31 -29.52 37.71
C GLY B 327 2.62 -29.72 36.98
N GLU B 328 3.63 -30.21 37.70
CA GLU B 328 4.95 -30.45 37.13
C GLU B 328 4.90 -31.56 36.09
N PHE B 329 4.01 -32.52 36.28
CA PHE B 329 3.82 -33.60 35.32
C PHE B 329 3.36 -33.03 33.99
N LEU B 330 2.35 -32.14 34.02
CA LEU B 330 1.81 -31.58 32.80
C LEU B 330 2.80 -30.62 32.14
N ARG B 331 3.65 -29.95 32.93
CA ARG B 331 4.64 -29.06 32.39
C ARG B 331 5.69 -29.85 31.60
N THR B 332 6.02 -31.05 32.06
CA THR B 332 6.99 -31.89 31.40
C THR B 332 6.44 -32.41 30.08
N MET B 333 5.16 -32.79 30.05
CA MET B 333 4.54 -33.26 28.82
C MET B 333 4.53 -32.17 27.76
N SER B 334 4.29 -30.93 28.20
CA SER B 334 4.26 -29.79 27.31
C SER B 334 5.62 -29.55 26.66
N ARG B 335 6.70 -29.74 27.44
CA ARG B 335 8.05 -29.50 26.97
C ARG B 335 8.49 -30.57 25.98
N LEU B 336 8.06 -31.82 26.20
CA LEU B 336 8.52 -32.93 25.39
C LEU B 336 7.97 -32.83 23.97
N LEU B 337 6.74 -32.33 23.83
CA LEU B 337 6.08 -32.34 22.54
C LEU B 337 6.58 -31.20 21.66
N THR B 338 7.55 -30.43 22.14
CA THR B 338 8.12 -29.33 21.38
C THR B 338 9.64 -29.34 21.53
N ASP B 339 10.23 -30.52 21.78
CA ASP B 339 11.62 -30.66 22.18
C ASP B 339 12.43 -31.35 21.08
N ASP B 340 13.68 -30.90 20.91
CA ASP B 340 14.54 -31.40 19.86
C ASP B 340 14.91 -32.85 20.10
N SER B 341 15.25 -33.18 21.34
CA SER B 341 15.75 -34.50 21.68
C SER B 341 14.66 -35.56 21.61
N PHE B 342 13.40 -35.18 21.79
CA PHE B 342 12.29 -36.11 21.80
C PHE B 342 12.03 -36.59 20.37
N TRP B 343 12.06 -35.67 19.41
CA TRP B 343 11.76 -36.00 18.04
C TRP B 343 12.93 -36.68 17.33
N ASP B 344 14.14 -36.55 17.88
CA ASP B 344 15.29 -37.27 17.37
C ASP B 344 15.17 -38.75 17.69
N GLU B 345 14.67 -39.08 18.88
CA GLU B 345 14.46 -40.47 19.26
C GLU B 345 13.46 -41.13 18.32
N ILE B 346 12.36 -40.46 18.01
CA ILE B 346 11.29 -41.08 17.25
C ILE B 346 11.76 -41.28 15.82
N PHE B 347 12.49 -40.31 15.27
CA PHE B 347 12.96 -40.36 13.91
C PHE B 347 14.01 -41.46 13.76
N ASP B 348 14.89 -41.59 14.76
CA ASP B 348 15.92 -42.60 14.77
C ASP B 348 15.30 -43.99 14.73
N ALA B 349 14.23 -44.19 15.47
CA ALA B 349 13.64 -45.50 15.65
C ALA B 349 12.81 -45.92 14.44
N MET B 350 12.35 -44.95 13.64
CA MET B 350 11.49 -45.27 12.53
C MET B 350 12.26 -45.19 11.21
N ASN B 351 13.56 -44.85 11.30
CA ASN B 351 14.46 -44.83 10.16
C ASN B 351 13.98 -43.81 9.13
N VAL B 352 14.00 -42.53 9.51
CA VAL B 352 13.72 -41.46 8.58
C VAL B 352 14.99 -40.63 8.45
N PRO B 353 15.44 -40.31 7.22
CA PRO B 353 16.77 -39.74 7.00
C PRO B 353 16.95 -38.24 7.17
N TYR B 354 15.86 -37.52 7.38
CA TYR B 354 15.88 -36.06 7.44
C TYR B 354 15.98 -35.60 8.89
N THR B 355 16.39 -34.35 9.08
CA THR B 355 16.33 -33.71 10.37
C THR B 355 14.88 -33.34 10.64
N PRO B 356 14.36 -33.51 11.88
CA PRO B 356 13.01 -33.08 12.20
C PRO B 356 12.85 -31.57 12.16
N MET B 357 11.63 -31.12 11.84
CA MET B 357 11.24 -29.74 11.90
C MET B 357 11.35 -29.24 13.33
N ARG B 358 11.84 -28.03 13.54
CA ARG B 358 12.14 -27.50 14.85
C ARG B 358 11.11 -26.46 15.24
N TRP B 359 11.10 -26.09 16.53
CA TRP B 359 10.13 -25.16 17.08
C TRP B 359 10.76 -23.78 17.21
N ALA B 360 10.05 -22.76 16.71
CA ALA B 360 10.55 -21.39 16.74
C ALA B 360 9.39 -20.42 16.59
N GLN B 361 9.64 -19.15 16.90
CA GLN B 361 8.68 -18.09 16.70
C GLN B 361 8.71 -17.63 15.24
N ASP B 362 7.60 -17.04 14.80
CA ASP B 362 7.50 -16.45 13.48
C ASP B 362 8.31 -15.16 13.45
N VAL B 363 9.02 -14.93 12.33
CA VAL B 363 9.90 -13.79 12.18
C VAL B 363 9.26 -12.80 11.22
N PRO B 364 9.51 -11.48 11.37
CA PRO B 364 8.96 -10.47 10.45
C PRO B 364 9.63 -10.41 9.08
N ASN B 365 8.87 -9.99 8.06
CA ASN B 365 9.35 -9.86 6.69
C ASN B 365 10.04 -8.51 6.55
N THR B 366 11.24 -8.40 7.09
CA THR B 366 12.03 -7.18 7.08
C THR B 366 13.43 -7.50 6.59
N GLY B 367 14.17 -6.47 6.16
CA GLY B 367 15.51 -6.64 5.63
C GLY B 367 15.46 -7.33 4.27
N VAL B 368 16.13 -8.48 4.17
CA VAL B 368 16.07 -9.31 2.98
C VAL B 368 14.70 -9.97 2.92
N ASP B 369 14.04 -9.85 1.77
CA ASP B 369 12.69 -10.32 1.59
C ASP B 369 12.68 -11.84 1.62
N LYS B 370 11.50 -12.41 1.85
CA LYS B 370 11.38 -13.85 2.00
C LYS B 370 11.40 -14.55 0.66
N ASN B 371 11.01 -13.88 -0.42
CA ASN B 371 11.15 -14.46 -1.74
C ASN B 371 12.62 -14.70 -2.07
N THR B 372 13.48 -13.78 -1.68
CA THR B 372 14.90 -13.92 -1.89
C THR B 372 15.41 -15.15 -1.15
N ARG B 373 14.87 -15.41 0.04
CA ARG B 373 15.35 -16.52 0.86
C ARG B 373 14.91 -17.85 0.28
N VAL B 374 13.75 -17.92 -0.37
CA VAL B 374 13.27 -19.16 -0.95
C VAL B 374 14.08 -19.49 -2.19
N MET B 375 14.59 -18.48 -2.89
CA MET B 375 15.38 -18.70 -4.08
C MET B 375 16.77 -19.19 -3.70
N GLN B 376 17.27 -18.74 -2.56
CA GLN B 376 18.56 -19.18 -2.06
C GLN B 376 18.50 -20.63 -1.60
N LEU B 377 17.33 -21.08 -1.13
CA LEU B 377 17.14 -22.46 -0.71
C LEU B 377 17.12 -23.38 -1.91
N ILE B 378 16.51 -22.96 -3.02
CA ILE B 378 16.46 -23.75 -4.22
C ILE B 378 17.87 -23.94 -4.76
N GLU B 379 18.70 -22.91 -4.67
CA GLU B 379 20.05 -22.95 -5.20
C GLU B 379 20.92 -23.87 -4.35
N ALA B 380 20.68 -23.91 -3.04
CA ALA B 380 21.44 -24.74 -2.12
C ALA B 380 21.21 -26.21 -2.38
N TYR B 381 19.97 -26.62 -2.66
CA TYR B 381 19.67 -28.02 -2.90
C TYR B 381 20.23 -28.48 -4.24
N ARG B 382 20.15 -27.63 -5.25
CA ARG B 382 20.68 -27.95 -6.56
C ARG B 382 22.19 -28.10 -6.50
N SER B 383 22.85 -27.44 -5.56
CA SER B 383 24.30 -27.40 -5.50
C SER B 383 24.86 -28.43 -4.52
N ARG B 384 24.19 -28.65 -3.38
CA ARG B 384 24.79 -29.39 -2.29
C ARG B 384 23.87 -30.45 -1.70
N GLY B 385 22.83 -30.83 -2.42
CA GLY B 385 21.84 -31.76 -1.89
C GLY B 385 22.31 -33.21 -1.90
N HIS B 386 23.35 -33.49 -2.68
CA HIS B 386 23.92 -34.82 -2.78
C HIS B 386 24.57 -35.23 -1.48
N LEU B 387 24.81 -34.29 -0.57
CA LEU B 387 25.49 -34.59 0.67
C LEU B 387 24.56 -35.31 1.63
N ILE B 388 23.25 -35.30 1.41
CA ILE B 388 22.34 -35.98 2.31
C ILE B 388 21.45 -36.96 1.57
N ALA B 389 21.90 -37.50 0.44
CA ALA B 389 21.07 -38.38 -0.36
C ALA B 389 21.24 -39.83 0.06
N ASP B 390 20.22 -40.64 -0.21
CA ASP B 390 20.17 -42.03 0.22
C ASP B 390 20.83 -42.90 -0.83
N THR B 391 22.16 -42.94 -0.81
CA THR B 391 22.92 -43.61 -1.85
C THR B 391 23.73 -44.78 -1.28
N ASN B 392 23.72 -44.99 0.03
CA ASN B 392 24.50 -46.04 0.63
C ASN B 392 23.59 -47.17 1.05
N PRO B 393 23.76 -48.41 0.54
CA PRO B 393 22.96 -49.53 0.97
C PRO B 393 23.11 -49.95 2.41
N LEU B 394 24.28 -49.70 2.99
CA LEU B 394 24.54 -49.97 4.39
C LEU B 394 24.28 -48.72 5.20
N SER B 395 24.03 -48.91 6.50
CA SER B 395 23.91 -47.82 7.44
C SER B 395 25.26 -47.61 8.12
N TRP B 396 26.22 -47.11 7.33
CA TRP B 396 27.62 -47.15 7.71
C TRP B 396 28.24 -45.77 7.53
N VAL B 397 28.92 -45.29 8.57
CA VAL B 397 29.79 -44.14 8.46
C VAL B 397 31.19 -44.55 8.88
N GLN B 398 32.16 -44.31 8.01
CA GLN B 398 33.53 -44.69 8.24
C GLN B 398 34.11 -43.80 9.34
N PRO B 399 34.59 -44.39 10.44
CA PRO B 399 35.09 -43.62 11.57
C PRO B 399 36.16 -42.53 11.46
N GLY B 400 37.06 -42.57 10.49
CA GLY B 400 38.14 -41.59 10.51
C GLY B 400 38.07 -40.55 9.40
N MET B 401 36.94 -40.46 8.70
CA MET B 401 36.79 -39.55 7.57
C MET B 401 36.05 -38.30 8.02
N PRO B 402 36.47 -37.09 7.59
CA PRO B 402 35.75 -35.87 7.91
C PRO B 402 34.33 -35.83 7.35
N VAL B 403 33.39 -35.28 8.12
CA VAL B 403 32.02 -35.15 7.68
C VAL B 403 31.82 -33.70 7.24
N PRO B 404 31.45 -33.42 5.98
CA PRO B 404 31.21 -32.06 5.52
C PRO B 404 30.04 -31.37 6.21
N ASP B 405 30.13 -30.04 6.28
CA ASP B 405 29.06 -29.21 6.81
C ASP B 405 27.90 -29.21 5.82
N HIS B 406 26.69 -29.48 6.31
CA HIS B 406 25.50 -29.37 5.48
C HIS B 406 24.39 -28.65 6.24
N ARG B 407 24.73 -27.46 6.75
CA ARG B 407 23.79 -26.59 7.43
C ARG B 407 23.03 -25.76 6.41
N ASP B 408 23.42 -25.82 5.14
CA ASP B 408 22.81 -25.00 4.10
C ASP B 408 21.46 -25.59 3.69
N LEU B 409 21.14 -26.79 4.14
CA LEU B 409 19.99 -27.51 3.63
C LEU B 409 18.85 -27.50 4.62
N ASP B 410 18.97 -26.77 5.74
CA ASP B 410 17.86 -26.65 6.68
C ASP B 410 17.32 -25.24 6.66
N ILE B 411 16.00 -25.10 6.85
CA ILE B 411 15.31 -23.86 6.58
C ILE B 411 15.64 -22.79 7.62
N GLU B 412 16.30 -23.16 8.72
CA GLU B 412 16.64 -22.23 9.76
C GLU B 412 17.78 -21.33 9.31
N THR B 413 18.68 -21.84 8.48
CA THR B 413 19.85 -21.08 8.08
C THR B 413 19.48 -20.00 7.07
N HIS B 414 18.30 -20.11 6.47
CA HIS B 414 17.80 -19.15 5.51
C HIS B 414 16.70 -18.28 6.11
N ASN B 415 16.58 -18.28 7.45
CA ASN B 415 15.62 -17.49 8.19
C ASN B 415 14.19 -17.78 7.75
N LEU B 416 13.81 -19.04 7.73
CA LEU B 416 12.44 -19.45 7.50
C LEU B 416 12.04 -20.38 8.64
N THR B 417 10.74 -20.62 8.79
CA THR B 417 10.19 -21.28 9.97
C THR B 417 8.99 -22.10 9.55
N ILE B 418 8.52 -22.98 10.41
CA ILE B 418 7.34 -23.79 10.18
C ILE B 418 6.14 -22.93 9.82
N TRP B 419 6.15 -21.65 10.24
CA TRP B 419 5.02 -20.76 10.03
C TRP B 419 4.98 -20.25 8.59
N ASP B 420 5.94 -20.64 7.74
CA ASP B 420 5.99 -20.17 6.37
C ASP B 420 5.60 -21.26 5.39
N LEU B 421 5.22 -22.45 5.88
CA LEU B 421 5.08 -23.60 5.01
C LEU B 421 3.84 -23.51 4.15
N ASP B 422 2.81 -22.78 4.56
CA ASP B 422 1.59 -22.70 3.78
C ASP B 422 1.41 -21.31 3.14
N ARG B 423 2.40 -20.43 3.27
CA ARG B 423 2.44 -19.17 2.55
C ARG B 423 2.94 -19.40 1.13
N THR B 424 2.66 -18.45 0.23
CA THR B 424 2.91 -18.60 -1.19
C THR B 424 3.95 -17.59 -1.64
N PHE B 425 4.81 -18.01 -2.58
CA PHE B 425 6.01 -17.25 -2.96
C PHE B 425 6.22 -17.29 -4.46
N ASN B 426 7.00 -16.35 -4.99
CA ASN B 426 7.37 -16.30 -6.40
C ASN B 426 8.66 -17.08 -6.61
N VAL B 427 8.66 -18.02 -7.56
CA VAL B 427 9.71 -19.00 -7.67
C VAL B 427 10.37 -18.95 -9.03
N GLY B 428 9.82 -18.17 -9.96
CA GLY B 428 10.51 -17.82 -11.18
C GLY B 428 10.69 -19.00 -12.12
N GLY B 429 9.62 -19.78 -12.31
CA GLY B 429 9.62 -20.81 -13.33
C GLY B 429 10.01 -22.19 -12.81
N PHE B 430 10.34 -22.30 -11.52
CA PHE B 430 10.66 -23.57 -10.93
C PHE B 430 9.43 -24.47 -11.00
N GLY B 431 9.61 -25.68 -11.53
CA GLY B 431 8.53 -26.64 -11.62
C GLY B 431 7.50 -26.28 -12.68
N GLY B 432 7.87 -25.37 -13.58
CA GLY B 432 6.96 -24.87 -14.60
C GLY B 432 5.83 -24.02 -14.01
N LYS B 433 6.11 -23.33 -12.90
CA LYS B 433 5.11 -22.51 -12.25
C LYS B 433 5.74 -21.19 -11.84
N GLU B 434 4.90 -20.15 -11.76
CA GLU B 434 5.34 -18.82 -11.36
C GLU B 434 5.18 -18.62 -9.87
N THR B 435 4.37 -19.45 -9.22
CA THR B 435 4.04 -19.28 -7.81
C THR B 435 3.81 -20.65 -7.16
N MET B 436 4.11 -20.75 -5.87
CA MET B 436 4.16 -22.03 -5.18
C MET B 436 4.21 -21.81 -3.68
N THR B 437 3.87 -22.83 -2.88
CA THR B 437 4.01 -22.79 -1.44
C THR B 437 5.34 -23.40 -1.03
N LEU B 438 5.84 -23.08 0.16
CA LEU B 438 7.11 -23.58 0.62
C LEU B 438 7.05 -25.07 0.87
N ARG B 439 5.86 -25.60 1.13
CA ARG B 439 5.68 -27.02 1.33
C ARG B 439 5.93 -27.73 0.00
N GLU B 440 5.35 -27.23 -1.09
CA GLU B 440 5.51 -27.86 -2.37
C GLU B 440 6.95 -27.73 -2.88
N VAL B 441 7.62 -26.61 -2.59
CA VAL B 441 9.00 -26.42 -3.01
C VAL B 441 9.88 -27.47 -2.35
N LEU B 442 9.75 -27.66 -1.05
CA LEU B 442 10.57 -28.61 -0.33
C LEU B 442 10.33 -30.03 -0.83
N SER B 443 9.08 -30.34 -1.15
CA SER B 443 8.72 -31.65 -1.60
C SER B 443 9.41 -31.99 -2.92
N ARG B 444 9.39 -31.04 -3.85
CA ARG B 444 9.99 -31.26 -5.16
C ARG B 444 11.50 -31.35 -5.07
N LEU B 445 12.12 -30.50 -4.27
CA LEU B 445 13.56 -30.52 -4.12
C LEU B 445 14.04 -31.83 -3.55
N ARG B 446 13.29 -32.38 -2.59
CA ARG B 446 13.70 -33.59 -1.91
C ARG B 446 13.51 -34.80 -2.81
N ALA B 447 12.52 -34.77 -3.69
CA ALA B 447 12.27 -35.86 -4.61
C ALA B 447 13.31 -35.92 -5.71
N ALA B 448 13.90 -34.78 -6.04
CA ALA B 448 14.80 -34.69 -7.16
C ALA B 448 16.26 -34.88 -6.76
N TYR B 449 16.63 -34.56 -5.52
CA TYR B 449 18.03 -34.45 -5.19
C TYR B 449 18.42 -35.21 -3.94
N THR B 450 17.52 -35.97 -3.30
CA THR B 450 17.83 -36.55 -2.01
C THR B 450 17.39 -38.01 -1.88
N LEU B 451 16.90 -38.63 -2.94
CA LEU B 451 16.50 -40.03 -2.91
C LEU B 451 17.65 -40.91 -3.36
N LYS B 452 17.47 -41.78 -4.36
CA LYS B 452 18.45 -42.80 -4.70
C LYS B 452 19.48 -42.35 -5.71
N VAL B 453 19.36 -41.13 -6.26
CA VAL B 453 20.34 -40.61 -7.20
C VAL B 453 20.80 -39.25 -6.71
N GLY B 454 22.11 -39.07 -6.54
CA GLY B 454 22.70 -37.79 -6.20
C GLY B 454 23.56 -37.26 -7.33
N SER B 455 23.45 -35.96 -7.63
CA SER B 455 24.01 -35.41 -8.85
C SER B 455 24.83 -34.15 -8.57
N GLU B 456 25.94 -33.99 -9.28
CA GLU B 456 26.78 -32.82 -9.22
C GLU B 456 26.95 -32.24 -10.63
N TYR B 457 26.42 -31.04 -10.88
CA TYR B 457 26.45 -30.46 -12.21
C TYR B 457 26.50 -28.93 -12.23
N THR B 458 26.60 -28.26 -11.10
CA THR B 458 26.43 -26.81 -11.05
C THR B 458 27.75 -26.12 -11.28
N HIS B 459 28.84 -26.87 -11.29
CA HIS B 459 30.17 -26.36 -11.55
C HIS B 459 30.44 -26.18 -13.04
N ILE B 460 29.58 -26.70 -13.90
CA ILE B 460 29.74 -26.59 -15.34
C ILE B 460 29.53 -25.14 -15.77
N LEU B 461 30.33 -24.66 -16.72
CA LEU B 461 30.38 -23.26 -17.07
C LEU B 461 29.37 -22.91 -18.15
N ASP B 462 29.04 -23.84 -19.04
CA ASP B 462 28.13 -23.57 -20.14
C ASP B 462 26.69 -23.63 -19.66
N ARG B 463 25.85 -22.70 -20.14
CA ARG B 463 24.50 -22.53 -19.64
C ARG B 463 23.57 -23.57 -20.24
N ASP B 464 23.78 -23.93 -21.51
CA ASP B 464 22.93 -24.87 -22.19
C ASP B 464 23.12 -26.29 -21.66
N GLU B 465 24.35 -26.67 -21.33
CA GLU B 465 24.61 -27.94 -20.68
C GLU B 465 23.89 -28.03 -19.34
N ARG B 466 24.07 -27.02 -18.49
CA ARG B 466 23.46 -27.01 -17.17
C ARG B 466 21.95 -27.16 -17.27
N THR B 467 21.34 -26.48 -18.24
CA THR B 467 19.90 -26.45 -18.34
C THR B 467 19.37 -27.81 -18.78
N TRP B 468 20.10 -28.49 -19.66
CA TRP B 468 19.72 -29.78 -20.16
C TRP B 468 19.66 -30.81 -19.03
N LEU B 469 20.68 -30.79 -18.16
CA LEU B 469 20.76 -31.72 -17.05
C LEU B 469 19.70 -31.40 -16.00
N GLN B 470 19.51 -30.12 -15.73
CA GLN B 470 18.58 -29.67 -14.71
C GLN B 470 17.16 -30.04 -15.06
N ASP B 471 16.81 -29.93 -16.34
CA ASP B 471 15.48 -30.25 -16.79
C ASP B 471 15.21 -31.74 -16.69
N ARG B 472 16.20 -32.58 -16.96
CA ARG B 472 16.01 -34.01 -16.98
C ARG B 472 16.02 -34.60 -15.58
N LEU B 473 16.72 -33.96 -14.64
CA LEU B 473 16.79 -34.48 -13.28
C LEU B 473 15.57 -34.09 -12.48
N GLU B 474 14.87 -33.02 -12.89
CA GLU B 474 13.71 -32.53 -12.15
C GLU B 474 12.41 -33.08 -12.73
N ALA B 475 12.44 -33.62 -13.94
CA ALA B 475 11.30 -34.33 -14.48
C ALA B 475 11.14 -35.67 -13.77
N GLY B 476 12.26 -36.34 -13.52
CA GLY B 476 12.26 -37.58 -12.78
C GLY B 476 12.44 -38.80 -13.68
N MET B 477 12.49 -39.98 -13.06
CA MET B 477 12.65 -41.22 -13.77
C MET B 477 11.27 -41.70 -14.22
N PRO B 478 11.06 -41.98 -15.53
CA PRO B 478 9.76 -42.46 -16.00
C PRO B 478 9.48 -43.89 -15.58
N LYS B 479 8.19 -44.22 -15.40
CA LYS B 479 7.78 -45.50 -14.88
C LYS B 479 7.98 -46.56 -15.95
N PRO B 480 8.69 -47.67 -15.66
CA PRO B 480 8.91 -48.71 -16.66
C PRO B 480 7.77 -49.70 -16.81
N THR B 481 7.70 -50.33 -17.98
CA THR B 481 6.65 -51.27 -18.31
C THR B 481 6.96 -52.62 -17.67
N GLN B 482 6.03 -53.57 -17.78
CA GLN B 482 6.18 -54.84 -17.10
C GLN B 482 7.21 -55.70 -17.80
N ALA B 483 7.28 -55.65 -19.12
CA ALA B 483 8.27 -56.40 -19.86
C ALA B 483 9.67 -55.94 -19.51
N GLU B 484 9.86 -54.63 -19.37
CA GLU B 484 11.13 -54.05 -18.98
C GLU B 484 11.53 -54.53 -17.60
N GLN B 485 10.57 -54.58 -16.68
CA GLN B 485 10.84 -54.98 -15.31
C GLN B 485 11.27 -56.43 -15.25
N LYS B 486 10.68 -57.30 -16.06
CA LYS B 486 11.03 -58.69 -16.04
C LYS B 486 12.42 -58.90 -16.63
N TYR B 487 12.82 -58.04 -17.57
CA TYR B 487 14.13 -58.13 -18.19
C TYR B 487 15.22 -57.79 -17.18
N ILE B 488 14.97 -56.83 -16.30
CA ILE B 488 15.93 -56.47 -15.28
C ILE B 488 16.09 -57.63 -14.31
N LEU B 489 15.02 -58.37 -14.02
CA LEU B 489 15.07 -59.48 -13.08
C LEU B 489 15.84 -60.65 -13.67
N GLN B 490 15.75 -60.87 -14.98
CA GLN B 490 16.49 -61.93 -15.63
C GLN B 490 17.99 -61.69 -15.52
N LYS B 491 18.43 -60.44 -15.69
CA LYS B 491 19.83 -60.11 -15.69
C LYS B 491 20.40 -60.22 -14.28
N LEU B 492 19.65 -59.78 -13.26
CA LEU B 492 20.10 -59.92 -11.89
C LEU B 492 20.23 -61.38 -11.53
N ASN B 493 19.31 -62.21 -11.98
CA ASN B 493 19.33 -63.61 -11.64
C ASN B 493 20.57 -64.26 -12.25
N ALA B 494 20.87 -63.94 -13.50
CA ALA B 494 22.00 -64.52 -14.19
C ALA B 494 23.29 -64.25 -13.43
N ALA B 495 23.47 -63.00 -13.01
CA ALA B 495 24.66 -62.59 -12.30
C ALA B 495 24.86 -63.42 -11.04
N GLU B 496 23.85 -63.46 -10.16
CA GLU B 496 23.97 -64.12 -8.88
C GLU B 496 24.10 -65.62 -9.06
N ALA B 497 23.39 -66.19 -10.02
CA ALA B 497 23.38 -67.63 -10.22
C ALA B 497 24.74 -68.14 -10.67
N PHE B 498 25.40 -67.39 -11.55
CA PHE B 498 26.70 -67.75 -12.08
C PHE B 498 27.73 -67.81 -10.97
N GLU B 499 27.68 -66.84 -10.05
CA GLU B 499 28.63 -66.79 -8.96
C GLU B 499 28.47 -67.99 -8.06
N ASN B 500 27.22 -68.35 -7.76
CA ASN B 500 26.92 -69.44 -6.85
C ASN B 500 27.32 -70.77 -7.44
N PHE B 501 27.21 -70.91 -8.76
CA PHE B 501 27.58 -72.15 -9.39
C PHE B 501 29.07 -72.41 -9.25
N LEU B 502 29.88 -71.39 -9.51
CA LEU B 502 31.33 -71.51 -9.44
C LEU B 502 31.77 -71.78 -8.00
N GLN B 503 31.11 -71.15 -7.03
CA GLN B 503 31.42 -71.36 -5.63
C GLN B 503 31.26 -72.84 -5.29
N THR B 504 30.20 -73.47 -5.79
CA THR B 504 29.84 -74.82 -5.42
C THR B 504 30.75 -75.84 -6.08
N LYS B 505 31.11 -75.65 -7.35
CA LYS B 505 31.83 -76.65 -8.10
C LYS B 505 33.34 -76.51 -7.97
N TYR B 506 33.85 -75.29 -7.71
CA TYR B 506 35.28 -75.05 -7.57
C TYR B 506 35.53 -74.18 -6.34
N VAL B 507 35.84 -74.82 -5.21
CA VAL B 507 35.72 -74.17 -3.91
C VAL B 507 36.94 -73.30 -3.64
N GLY B 508 38.13 -73.89 -3.76
CA GLY B 508 39.35 -73.21 -3.36
C GLY B 508 39.81 -72.16 -4.38
N GLN B 509 39.28 -72.23 -5.61
CA GLN B 509 39.85 -71.50 -6.71
C GLN B 509 39.47 -70.02 -6.64
N LYS B 510 40.41 -69.17 -7.06
CA LYS B 510 40.32 -67.73 -6.99
C LYS B 510 39.54 -67.22 -8.19
N ARG B 511 38.52 -66.38 -7.95
CA ARG B 511 37.63 -65.95 -9.03
C ARG B 511 37.33 -64.45 -8.99
N PHE B 512 37.54 -63.77 -7.85
CA PHE B 512 37.21 -62.37 -7.70
C PHE B 512 35.75 -62.12 -8.00
N SER B 513 34.88 -62.34 -7.00
CA SER B 513 33.45 -62.37 -7.20
C SER B 513 32.87 -60.97 -7.24
N LEU B 514 31.64 -60.88 -7.76
CA LEU B 514 30.92 -59.65 -7.97
C LEU B 514 29.77 -59.56 -6.97
N GLU B 515 29.72 -60.47 -6.01
CA GLU B 515 28.67 -60.51 -5.03
C GLU B 515 28.72 -59.27 -4.17
N GLY B 516 27.61 -58.55 -4.10
CA GLY B 516 27.56 -57.25 -3.48
C GLY B 516 27.34 -56.16 -4.50
N ALA B 517 27.68 -56.43 -5.77
CA ALA B 517 27.67 -55.43 -6.82
C ALA B 517 27.10 -56.01 -8.10
N GLU B 518 25.96 -56.68 -8.01
CA GLU B 518 25.40 -57.37 -9.15
C GLU B 518 24.60 -56.44 -10.03
N ALA B 519 24.39 -55.20 -9.59
CA ALA B 519 23.67 -54.23 -10.39
C ALA B 519 24.52 -53.68 -11.54
N LEU B 520 25.81 -53.98 -11.53
CA LEU B 520 26.71 -53.61 -12.62
C LEU B 520 26.25 -54.21 -13.93
N ILE B 521 25.65 -55.40 -13.92
CA ILE B 521 25.33 -56.10 -15.15
C ILE B 521 24.18 -55.39 -15.86
N PRO B 522 23.03 -55.11 -15.22
CA PRO B 522 22.04 -54.25 -15.84
C PRO B 522 22.42 -52.80 -16.14
N LEU B 523 23.44 -52.22 -15.50
CA LEU B 523 23.91 -50.88 -15.83
C LEU B 523 24.64 -50.89 -17.16
N MET B 524 25.55 -51.82 -17.34
CA MET B 524 26.33 -51.93 -18.56
C MET B 524 25.44 -52.28 -19.73
N ASP B 525 24.42 -53.09 -19.48
CA ASP B 525 23.49 -53.52 -20.52
C ASP B 525 22.65 -52.34 -21.00
N SER B 526 22.30 -51.44 -20.09
CA SER B 526 21.48 -50.29 -20.41
C SER B 526 22.24 -49.35 -21.34
N ALA B 527 23.52 -49.13 -21.04
CA ALA B 527 24.35 -48.23 -21.82
C ALA B 527 24.58 -48.76 -23.23
N ILE B 528 24.85 -50.05 -23.37
CA ILE B 528 25.13 -50.66 -24.67
C ILE B 528 23.87 -50.65 -25.51
N ASP B 529 22.71 -50.80 -24.87
CA ASP B 529 21.44 -50.84 -25.58
C ASP B 529 21.08 -49.45 -26.10
N THR B 530 21.38 -48.41 -25.33
CA THR B 530 21.14 -47.04 -25.72
C THR B 530 22.03 -46.66 -26.91
N ALA B 531 23.25 -47.17 -26.94
CA ALA B 531 24.19 -46.87 -28.01
C ALA B 531 23.74 -47.52 -29.31
N ALA B 532 23.16 -48.71 -29.22
CA ALA B 532 22.64 -49.41 -30.38
C ALA B 532 21.46 -48.66 -30.99
N GLY B 533 20.69 -47.97 -30.15
CA GLY B 533 19.57 -47.21 -30.64
C GLY B 533 19.98 -45.90 -31.30
N GLN B 534 21.15 -45.38 -30.93
CA GLN B 534 21.68 -44.16 -31.51
C GLN B 534 22.27 -44.44 -32.88
N GLY B 535 22.60 -45.69 -33.15
CA GLY B 535 23.04 -46.09 -34.48
C GLY B 535 24.56 -46.18 -34.61
N LEU B 536 25.25 -46.50 -33.51
CA LEU B 536 26.70 -46.48 -33.49
C LEU B 536 27.24 -47.87 -33.81
N ASP B 537 28.56 -47.99 -33.95
CA ASP B 537 29.18 -49.14 -34.59
C ASP B 537 29.74 -50.14 -33.58
N GLU B 538 30.45 -49.69 -32.54
CA GLU B 538 31.13 -50.59 -31.63
C GLU B 538 31.20 -50.01 -30.23
N VAL B 539 31.37 -50.87 -29.23
CA VAL B 539 31.69 -50.49 -27.85
C VAL B 539 32.94 -51.25 -27.43
N VAL B 540 33.95 -50.53 -26.92
CA VAL B 540 35.20 -51.12 -26.44
C VAL B 540 35.27 -50.98 -24.93
N ILE B 541 35.55 -52.08 -24.21
CA ILE B 541 35.55 -52.12 -22.76
C ILE B 541 36.96 -52.36 -22.25
N GLY B 542 37.32 -51.68 -21.16
CA GLY B 542 38.49 -52.00 -20.37
C GLY B 542 38.15 -52.03 -18.90
N MET B 543 38.68 -53.02 -18.16
CA MET B 543 38.30 -53.21 -16.78
C MET B 543 39.37 -53.98 -16.02
N PRO B 544 39.34 -53.97 -14.67
CA PRO B 544 40.12 -54.88 -13.85
C PRO B 544 39.50 -56.24 -13.51
N HIS B 545 40.03 -56.88 -12.46
CA HIS B 545 39.73 -58.24 -12.05
C HIS B 545 38.31 -58.46 -11.51
N ARG B 546 37.74 -57.46 -10.86
CA ARG B 546 36.50 -57.60 -10.10
C ARG B 546 35.32 -57.81 -11.04
N GLY B 547 34.88 -59.07 -11.14
CA GLY B 547 33.70 -59.42 -11.89
C GLY B 547 33.94 -59.58 -13.38
N ARG B 548 35.08 -60.14 -13.75
CA ARG B 548 35.46 -60.18 -15.15
C ARG B 548 34.78 -61.34 -15.85
N LEU B 549 34.76 -62.50 -15.22
CA LEU B 549 34.21 -63.70 -15.82
C LEU B 549 32.70 -63.57 -15.96
N ASN B 550 32.10 -62.71 -15.15
CA ASN B 550 30.69 -62.45 -15.18
C ASN B 550 30.35 -61.58 -16.39
N VAL B 551 31.20 -60.59 -16.67
CA VAL B 551 31.03 -59.68 -17.78
C VAL B 551 31.28 -60.40 -19.09
N LEU B 552 32.24 -61.33 -19.12
CA LEU B 552 32.55 -62.07 -20.33
C LEU B 552 31.36 -62.89 -20.78
N PHE B 553 30.61 -63.45 -19.83
CA PHE B 553 29.51 -64.35 -20.16
C PHE B 553 28.22 -63.60 -20.40
N ASN B 554 27.94 -62.55 -19.63
CA ASN B 554 26.63 -61.92 -19.62
C ASN B 554 26.57 -60.68 -20.48
N ILE B 555 27.71 -60.03 -20.79
CA ILE B 555 27.71 -58.81 -21.59
C ILE B 555 28.34 -59.05 -22.94
N VAL B 556 29.40 -59.85 -23.05
CA VAL B 556 30.14 -59.96 -24.29
C VAL B 556 29.67 -61.17 -25.07
N GLY B 557 29.41 -62.29 -24.40
CA GLY B 557 28.83 -63.45 -25.06
C GLY B 557 29.81 -64.59 -25.29
N LYS B 558 30.88 -64.65 -24.49
CA LYS B 558 31.81 -65.76 -24.55
C LYS B 558 31.07 -67.01 -24.11
N PRO B 559 31.19 -68.15 -24.84
CA PRO B 559 30.46 -69.37 -24.51
C PRO B 559 30.90 -69.99 -23.19
N LEU B 560 29.96 -70.69 -22.53
CA LEU B 560 30.10 -71.11 -21.15
C LEU B 560 31.05 -72.28 -21.06
N ALA B 561 31.14 -73.06 -22.14
CA ALA B 561 32.03 -74.20 -22.20
C ALA B 561 33.47 -73.74 -21.98
N SER B 562 33.82 -72.60 -22.59
CA SER B 562 35.16 -72.07 -22.55
C SER B 562 35.59 -71.73 -21.12
N ILE B 563 34.67 -71.17 -20.34
CA ILE B 563 34.98 -70.72 -19.00
C ILE B 563 35.16 -71.93 -18.07
N PHE B 564 34.32 -72.95 -18.23
CA PHE B 564 34.43 -74.15 -17.42
C PHE B 564 35.74 -74.88 -17.71
N ASN B 565 36.14 -74.93 -19.00
CA ASN B 565 37.38 -75.57 -19.38
C ASN B 565 38.57 -74.90 -18.69
N GLU B 566 38.56 -73.56 -18.66
CA GLU B 566 39.62 -72.79 -18.03
C GLU B 566 39.81 -73.24 -16.59
N PHE B 567 38.70 -73.46 -15.88
CA PHE B 567 38.75 -73.82 -14.47
C PHE B 567 39.26 -75.24 -14.27
N GLU B 568 39.15 -76.09 -15.30
CA GLU B 568 39.61 -77.47 -15.22
C GLU B 568 41.06 -77.60 -15.72
N GLY B 569 41.64 -76.50 -16.22
CA GLY B 569 43.07 -76.45 -16.51
C GLY B 569 43.40 -76.48 -18.00
N GLN B 570 42.37 -76.51 -18.86
CA GLN B 570 42.56 -76.43 -20.30
C GLN B 570 42.43 -74.99 -20.76
N MET B 571 43.53 -74.41 -21.25
CA MET B 571 43.61 -72.99 -21.58
C MET B 571 43.75 -72.84 -23.09
N GLU B 572 43.04 -71.85 -23.66
CA GLU B 572 43.09 -71.58 -25.08
C GLU B 572 44.43 -70.93 -25.43
N GLN B 573 45.02 -71.35 -26.56
CA GLN B 573 46.33 -70.90 -26.99
C GLN B 573 46.19 -69.69 -27.91
N GLY B 574 46.96 -68.64 -27.60
CA GLY B 574 46.96 -67.41 -28.39
C GLY B 574 47.93 -67.48 -29.56
N GLN B 575 49.19 -67.80 -29.25
CA GLN B 575 50.25 -67.91 -30.24
C GLN B 575 50.90 -69.27 -30.08
N ILE B 576 51.39 -69.84 -31.18
CA ILE B 576 52.01 -71.14 -31.16
C ILE B 576 53.30 -71.05 -30.34
N GLY B 577 53.35 -71.83 -29.26
CA GLY B 577 54.53 -71.89 -28.39
C GLY B 577 54.54 -70.78 -27.35
N GLY B 578 53.37 -70.22 -27.04
CA GLY B 578 53.26 -69.10 -26.12
C GLY B 578 53.19 -69.55 -24.66
N SER B 579 53.45 -68.61 -23.76
CA SER B 579 53.57 -68.88 -22.33
C SER B 579 52.22 -68.80 -21.62
N GLY B 580 51.41 -67.80 -21.97
CA GLY B 580 50.04 -67.73 -21.48
C GLY B 580 49.88 -66.71 -20.35
N ASP B 581 48.67 -66.67 -19.78
CA ASP B 581 48.36 -65.80 -18.66
C ASP B 581 47.08 -66.29 -17.98
N VAL B 582 46.85 -65.79 -16.76
CA VAL B 582 45.74 -66.20 -15.91
C VAL B 582 44.43 -65.78 -16.54
N LYS B 583 43.33 -66.42 -16.11
CA LYS B 583 42.06 -66.41 -16.82
C LYS B 583 41.41 -65.04 -16.81
N TYR B 584 41.70 -64.22 -15.81
CA TYR B 584 41.05 -62.93 -15.68
C TYR B 584 41.90 -61.81 -16.28
N HIS B 585 42.70 -62.12 -17.30
CA HIS B 585 43.49 -61.13 -18.00
C HIS B 585 43.26 -61.19 -19.51
N LEU B 586 42.24 -61.93 -19.97
CA LEU B 586 42.06 -62.22 -21.39
C LEU B 586 40.92 -61.38 -21.96
N GLY B 587 40.85 -61.29 -23.30
CA GLY B 587 39.83 -60.51 -24.00
C GLY B 587 38.92 -61.37 -24.88
N SER B 588 37.91 -60.73 -25.51
CA SER B 588 36.99 -61.41 -26.41
C SER B 588 36.15 -60.42 -27.21
N GLU B 589 35.41 -60.95 -28.22
CA GLU B 589 34.54 -60.17 -29.08
C GLU B 589 33.14 -60.79 -29.12
N GLY B 590 32.13 -60.01 -29.51
CA GLY B 590 30.76 -60.48 -29.57
C GLY B 590 29.80 -59.46 -30.19
N GLN B 591 28.51 -59.82 -30.26
CA GLN B 591 27.44 -58.99 -30.79
C GLN B 591 26.37 -58.80 -29.74
N HIS B 592 25.64 -57.68 -29.80
CA HIS B 592 24.53 -57.41 -28.90
C HIS B 592 23.33 -56.95 -29.71
N LEU B 593 22.20 -57.68 -29.57
CA LEU B 593 20.95 -57.36 -30.23
C LEU B 593 20.04 -56.66 -29.24
N GLN B 594 19.35 -55.62 -29.72
CA GLN B 594 18.46 -54.82 -28.93
C GLN B 594 17.22 -55.65 -28.61
N MET B 595 16.76 -55.60 -27.35
CA MET B 595 15.70 -56.48 -26.87
C MET B 595 14.33 -55.99 -27.35
N PHE B 596 14.15 -54.66 -27.32
CA PHE B 596 12.91 -54.04 -27.73
C PHE B 596 13.21 -53.03 -28.84
N GLY B 597 13.82 -53.50 -29.92
CA GLY B 597 14.22 -52.65 -31.04
C GLY B 597 14.83 -53.48 -32.15
N ASP B 598 15.29 -52.83 -33.22
CA ASP B 598 15.85 -53.52 -34.37
C ASP B 598 17.34 -53.22 -34.52
N GLY B 599 17.97 -52.74 -33.45
CA GLY B 599 19.37 -52.35 -33.49
C GLY B 599 20.32 -53.51 -33.20
N GLU B 600 21.59 -53.34 -33.57
CA GLU B 600 22.63 -54.32 -33.35
C GLU B 600 23.96 -53.59 -33.22
N ILE B 601 24.82 -54.00 -32.29
CA ILE B 601 26.11 -53.36 -32.08
C ILE B 601 27.14 -54.43 -31.76
N LYS B 602 28.42 -54.10 -31.93
CA LYS B 602 29.53 -55.00 -31.70
C LYS B 602 30.20 -54.65 -30.37
N VAL B 603 30.61 -55.64 -29.58
CA VAL B 603 31.17 -55.44 -28.26
C VAL B 603 32.49 -56.16 -28.13
N SER B 604 33.52 -55.46 -27.65
CA SER B 604 34.88 -55.96 -27.54
C SER B 604 35.45 -55.71 -26.14
N LEU B 605 36.33 -56.60 -25.67
CA LEU B 605 37.02 -56.43 -24.40
C LEU B 605 38.51 -56.67 -24.60
N THR B 606 39.36 -55.82 -24.00
CA THR B 606 40.79 -55.77 -24.26
C THR B 606 41.58 -56.47 -23.17
N ALA B 607 42.77 -56.97 -23.52
CA ALA B 607 43.65 -57.64 -22.58
C ALA B 607 44.35 -56.64 -21.70
N ASN B 608 44.83 -57.09 -20.53
CA ASN B 608 45.51 -56.20 -19.61
C ASN B 608 46.33 -56.99 -18.62
N PRO B 609 47.39 -56.39 -18.02
CA PRO B 609 48.10 -57.00 -16.91
C PRO B 609 47.53 -56.71 -15.53
N SER B 610 48.21 -57.20 -14.50
CA SER B 610 47.77 -57.03 -13.13
C SER B 610 47.95 -55.60 -12.66
N HIS B 611 48.93 -54.90 -13.22
CA HIS B 611 49.18 -53.50 -12.88
C HIS B 611 47.94 -52.68 -13.17
N LEU B 612 47.39 -52.06 -12.13
CA LEU B 612 46.10 -51.39 -12.22
C LEU B 612 46.23 -50.10 -13.00
N GLU B 613 45.24 -49.85 -13.86
CA GLU B 613 45.01 -48.59 -14.54
C GLU B 613 45.99 -48.39 -15.71
N ALA B 614 46.66 -49.45 -16.13
CA ALA B 614 47.60 -49.36 -17.24
C ALA B 614 46.91 -49.59 -18.58
N VAL B 615 45.60 -49.86 -18.55
CA VAL B 615 44.83 -50.14 -19.73
C VAL B 615 44.13 -48.88 -20.19
N ASN B 616 44.21 -47.80 -19.42
CA ASN B 616 43.45 -46.60 -19.71
C ASN B 616 43.93 -45.96 -20.99
N PRO B 617 45.23 -45.59 -21.16
CA PRO B 617 45.71 -45.07 -22.43
C PRO B 617 45.65 -46.04 -23.60
N VAL B 618 45.79 -47.33 -23.35
CA VAL B 618 45.81 -48.33 -24.41
C VAL B 618 44.43 -48.44 -25.05
N MET B 619 43.36 -48.36 -24.27
CA MET B 619 42.04 -48.57 -24.84
C MET B 619 41.56 -47.30 -25.53
N GLU B 620 42.08 -46.14 -25.15
CA GLU B 620 41.77 -44.88 -25.81
C GLU B 620 42.36 -44.86 -27.22
N GLY B 621 43.57 -45.37 -27.37
CA GLY B 621 44.21 -45.49 -28.67
C GLY B 621 43.50 -46.46 -29.61
N ILE B 622 43.00 -47.58 -29.08
CA ILE B 622 42.29 -48.55 -29.88
C ILE B 622 41.05 -47.90 -30.47
N VAL B 623 40.38 -47.04 -29.71
CA VAL B 623 39.15 -46.42 -30.15
C VAL B 623 39.45 -45.41 -31.24
N ARG B 624 40.53 -44.65 -31.08
CA ARG B 624 40.88 -43.60 -32.03
C ARG B 624 41.26 -44.21 -33.37
N ALA B 625 41.93 -45.35 -33.37
CA ALA B 625 42.33 -45.99 -34.60
C ALA B 625 41.13 -46.52 -35.35
N LYS B 626 40.14 -47.05 -34.62
CA LYS B 626 38.94 -47.57 -35.24
C LYS B 626 38.10 -46.46 -35.83
N GLN B 627 38.04 -45.31 -35.17
CA GLN B 627 37.29 -44.17 -35.67
C GLN B 627 37.90 -43.65 -36.95
N ASP B 628 39.24 -43.62 -37.02
CA ASP B 628 39.92 -43.06 -38.17
C ASP B 628 39.71 -43.93 -39.40
N TYR B 629 39.56 -45.23 -39.20
CA TYR B 629 39.38 -46.17 -40.31
C TYR B 629 37.99 -46.05 -40.90
N LEU B 630 37.00 -45.69 -40.10
CA LEU B 630 35.65 -45.57 -40.60
C LEU B 630 35.49 -44.27 -41.37
N ASP B 631 36.11 -43.18 -40.91
CA ASP B 631 36.20 -41.95 -41.65
C ASP B 631 34.82 -41.34 -41.87
N LYS B 632 34.26 -40.73 -40.83
CA LYS B 632 32.93 -40.15 -40.90
C LYS B 632 32.93 -38.68 -40.50
N GLY B 633 34.08 -38.13 -40.09
CA GLY B 633 34.19 -36.70 -39.86
C GLY B 633 33.93 -36.29 -38.41
N VAL B 634 33.67 -34.99 -38.22
CA VAL B 634 33.54 -34.38 -36.91
C VAL B 634 32.21 -34.78 -36.28
N ASP B 635 31.21 -35.06 -37.12
CA ASP B 635 29.88 -35.44 -36.68
C ASP B 635 29.77 -36.95 -36.52
N GLY B 636 30.90 -37.65 -36.59
CA GLY B 636 30.95 -39.09 -36.44
C GLY B 636 31.19 -39.48 -34.99
N LYS B 637 32.38 -40.04 -34.73
CA LYS B 637 32.78 -40.49 -33.40
C LYS B 637 31.82 -41.57 -32.93
N THR B 638 31.85 -42.72 -33.61
CA THR B 638 30.82 -43.74 -33.52
C THR B 638 31.33 -45.03 -32.90
N VAL B 639 32.47 -44.97 -32.21
CA VAL B 639 32.95 -46.05 -31.38
C VAL B 639 33.05 -45.55 -29.95
N VAL B 640 32.36 -46.21 -29.01
CA VAL B 640 32.15 -45.72 -27.66
C VAL B 640 33.12 -46.39 -26.71
N PRO B 641 33.95 -45.66 -25.93
CA PRO B 641 34.73 -46.24 -24.85
C PRO B 641 34.05 -46.32 -23.49
N LEU B 642 34.06 -47.51 -22.88
CA LEU B 642 33.42 -47.78 -21.61
C LEU B 642 34.45 -48.36 -20.66
N LEU B 643 34.79 -47.61 -19.62
CA LEU B 643 35.97 -47.90 -18.80
C LEU B 643 35.56 -48.05 -17.33
N LEU B 644 35.91 -49.19 -16.73
CA LEU B 644 35.55 -49.54 -15.37
C LEU B 644 36.76 -49.40 -14.45
N HIS B 645 36.55 -48.94 -13.22
CA HIS B 645 37.62 -48.75 -12.24
C HIS B 645 37.18 -49.26 -10.87
N GLY B 646 38.13 -49.30 -9.93
CA GLY B 646 37.86 -49.46 -8.51
C GLY B 646 38.18 -48.18 -7.74
N ASP B 647 37.64 -48.05 -6.52
CA ASP B 647 37.65 -46.80 -5.81
C ASP B 647 39.04 -46.43 -5.33
N ALA B 648 39.79 -47.38 -4.75
CA ALA B 648 41.12 -47.10 -4.28
C ALA B 648 42.06 -46.76 -5.42
N ALA B 649 41.98 -47.49 -6.52
CA ALA B 649 42.86 -47.27 -7.65
C ALA B 649 42.59 -45.95 -8.34
N PHE B 650 41.33 -45.53 -8.41
CA PHE B 650 40.96 -44.33 -9.13
C PHE B 650 41.50 -43.10 -8.43
N ALA B 651 41.52 -43.09 -7.11
CA ALA B 651 41.94 -41.94 -6.34
C ALA B 651 43.45 -41.90 -6.16
N GLY B 652 44.13 -43.02 -6.30
CA GLY B 652 45.51 -43.13 -5.89
C GLY B 652 46.50 -42.97 -7.01
N LEU B 653 46.30 -43.69 -8.11
CA LEU B 653 47.28 -43.76 -9.18
C LEU B 653 47.15 -42.53 -10.08
N GLY B 654 48.30 -42.03 -10.55
CA GLY B 654 48.36 -40.77 -11.27
C GLY B 654 48.10 -40.90 -12.77
N ILE B 655 48.09 -42.12 -13.29
CA ILE B 655 47.81 -42.37 -14.69
C ILE B 655 46.38 -42.00 -15.03
N VAL B 656 45.48 -42.02 -14.05
CA VAL B 656 44.07 -41.79 -14.29
C VAL B 656 43.85 -40.35 -14.77
N PRO B 657 44.19 -39.31 -13.97
CA PRO B 657 44.03 -37.93 -14.44
C PRO B 657 44.92 -37.53 -15.62
N GLU B 658 46.04 -38.21 -15.79
CA GLU B 658 46.94 -37.96 -16.90
C GLU B 658 46.28 -38.32 -18.22
N THR B 659 45.41 -39.35 -18.20
CA THR B 659 44.76 -39.83 -19.41
C THR B 659 43.50 -39.02 -19.69
N ILE B 660 42.83 -38.51 -18.66
CA ILE B 660 41.64 -37.71 -18.84
C ILE B 660 42.01 -36.36 -19.45
N ASN B 661 43.28 -35.95 -19.30
CA ASN B 661 43.77 -34.68 -19.79
C ASN B 661 43.97 -34.70 -21.30
N LEU B 662 43.91 -35.88 -21.93
CA LEU B 662 44.06 -35.97 -23.37
C LEU B 662 42.71 -35.88 -24.09
N ALA B 663 41.62 -35.65 -23.38
CA ALA B 663 40.29 -35.87 -23.91
C ALA B 663 39.90 -34.88 -25.00
N LYS B 664 40.36 -33.62 -24.91
CA LYS B 664 39.92 -32.58 -25.81
C LYS B 664 41.06 -32.09 -26.71
N LEU B 665 42.12 -32.87 -26.86
CA LEU B 665 43.25 -32.46 -27.67
C LEU B 665 43.11 -33.02 -29.08
N ARG B 666 43.86 -32.45 -30.02
CA ARG B 666 43.60 -32.56 -31.43
C ARG B 666 43.85 -33.96 -31.93
N GLY B 667 44.92 -34.61 -31.48
CA GLY B 667 45.23 -35.93 -31.97
C GLY B 667 44.76 -37.06 -31.06
N TYR B 668 43.91 -36.77 -30.07
CA TYR B 668 43.57 -37.74 -29.05
C TYR B 668 42.07 -37.83 -28.79
N ASP B 669 41.25 -36.94 -29.34
CA ASP B 669 39.85 -36.85 -28.99
C ASP B 669 39.09 -38.02 -29.58
N VAL B 670 38.18 -38.61 -28.80
CA VAL B 670 37.41 -39.76 -29.22
C VAL B 670 35.92 -39.54 -28.94
N GLY B 671 35.52 -38.33 -28.61
CA GLY B 671 34.12 -38.01 -28.47
C GLY B 671 33.57 -38.17 -27.07
N GLY B 672 34.43 -38.46 -26.08
CA GLY B 672 33.99 -38.65 -24.71
C GLY B 672 34.15 -40.09 -24.25
N THR B 673 34.28 -40.28 -22.94
CA THR B 673 34.42 -41.58 -22.31
C THR B 673 33.41 -41.72 -21.19
N ILE B 674 32.75 -42.88 -21.10
CA ILE B 674 31.85 -43.21 -19.99
C ILE B 674 32.64 -43.96 -18.94
N HIS B 675 32.75 -43.41 -17.73
CA HIS B 675 33.49 -43.99 -16.63
C HIS B 675 32.54 -44.55 -15.57
N ILE B 676 32.81 -45.77 -15.09
CA ILE B 676 32.09 -46.38 -13.99
C ILE B 676 33.06 -46.72 -12.88
N VAL B 677 32.84 -46.19 -11.68
CA VAL B 677 33.64 -46.52 -10.51
C VAL B 677 32.80 -47.40 -9.58
N VAL B 678 33.29 -48.63 -9.32
CA VAL B 678 32.64 -49.57 -8.44
C VAL B 678 33.11 -49.31 -7.03
N ASN B 679 32.30 -48.58 -6.27
CA ASN B 679 32.66 -48.07 -4.97
C ASN B 679 32.10 -49.00 -3.91
N ASN B 680 32.94 -49.96 -3.47
CA ASN B 680 32.53 -50.95 -2.49
C ASN B 680 33.19 -50.68 -1.15
N GLN B 681 33.70 -49.48 -0.99
CA GLN B 681 34.03 -48.90 0.30
C GLN B 681 35.19 -49.63 0.96
N ILE B 682 36.10 -50.20 0.17
CA ILE B 682 37.23 -50.93 0.71
C ILE B 682 38.25 -51.23 -0.39
N GLY B 683 39.53 -51.23 0.00
CA GLY B 683 40.66 -51.54 -0.85
C GLY B 683 40.94 -53.03 -0.83
N PHE B 684 41.97 -53.44 -0.10
CA PHE B 684 42.20 -54.85 0.19
C PHE B 684 41.94 -55.02 1.69
N THR B 685 42.76 -54.37 2.51
CA THR B 685 42.54 -54.29 3.94
C THR B 685 42.54 -52.83 4.37
N THR B 686 42.31 -51.91 3.44
CA THR B 686 42.46 -50.50 3.67
C THR B 686 41.15 -49.78 3.40
N THR B 687 40.77 -48.85 4.28
CA THR B 687 39.51 -48.14 4.19
C THR B 687 39.76 -46.75 3.62
N PRO B 688 38.71 -46.07 3.10
CA PRO B 688 38.86 -44.76 2.47
C PRO B 688 39.58 -43.65 3.22
N ASP B 689 39.63 -43.75 4.55
CA ASP B 689 40.30 -42.75 5.36
C ASP B 689 41.80 -42.79 5.16
N SER B 690 42.33 -43.92 4.66
CA SER B 690 43.75 -44.08 4.44
C SER B 690 44.10 -44.10 2.96
N SER B 691 43.13 -43.82 2.09
CA SER B 691 43.29 -44.01 0.67
C SER B 691 43.21 -42.70 -0.11
N ARG B 692 42.49 -41.70 0.39
CA ARG B 692 42.34 -40.47 -0.36
C ARG B 692 42.14 -39.30 0.56
N SER B 693 42.40 -38.10 0.03
CA SER B 693 42.21 -36.84 0.71
C SER B 693 41.05 -36.06 0.09
N MET B 694 40.30 -36.69 -0.81
CA MET B 694 39.11 -36.10 -1.41
C MET B 694 37.91 -36.68 -0.69
N HIS B 695 36.75 -36.02 -0.77
CA HIS B 695 35.54 -36.48 -0.11
C HIS B 695 34.93 -37.65 -0.85
N TYR B 696 34.84 -37.54 -2.18
CA TYR B 696 34.41 -38.64 -3.03
C TYR B 696 35.57 -39.10 -3.89
N ALA B 697 35.48 -40.32 -4.41
CA ALA B 697 36.53 -40.87 -5.25
C ALA B 697 36.50 -40.27 -6.64
N THR B 698 35.36 -39.69 -7.03
CA THR B 698 35.16 -39.19 -8.37
C THR B 698 35.31 -37.68 -8.42
N ASP B 699 36.22 -37.10 -7.63
CA ASP B 699 36.30 -35.65 -7.51
C ASP B 699 37.24 -35.05 -8.57
N TYR B 700 37.94 -35.88 -9.34
CA TYR B 700 38.72 -35.39 -10.46
C TYR B 700 37.83 -34.81 -11.53
N ALA B 701 36.55 -35.18 -11.54
CA ALA B 701 35.60 -34.67 -12.50
C ALA B 701 35.45 -33.16 -12.42
N LYS B 702 35.60 -32.60 -11.22
CA LYS B 702 35.44 -31.17 -11.02
C LYS B 702 36.63 -30.39 -11.55
N ALA B 703 37.75 -31.06 -11.80
CA ALA B 703 38.91 -30.41 -12.39
C ALA B 703 38.73 -30.24 -13.89
N PHE B 704 37.89 -31.07 -14.50
CA PHE B 704 37.76 -31.11 -15.95
C PHE B 704 36.40 -30.62 -16.42
N GLY B 705 35.49 -30.29 -15.49
CA GLY B 705 34.24 -29.67 -15.83
C GLY B 705 33.20 -30.65 -16.36
N CYS B 706 33.04 -31.79 -15.67
CA CYS B 706 32.19 -32.88 -16.14
C CYS B 706 31.18 -33.27 -15.07
N PRO B 707 30.00 -33.81 -15.44
CA PRO B 707 29.00 -34.23 -14.46
C PRO B 707 29.22 -35.58 -13.76
N VAL B 708 28.72 -35.71 -12.53
CA VAL B 708 28.84 -36.93 -11.76
C VAL B 708 27.46 -37.37 -11.27
N PHE B 709 27.19 -38.67 -11.34
CA PHE B 709 25.96 -39.28 -10.84
C PHE B 709 26.30 -40.37 -9.83
N HIS B 710 25.83 -40.25 -8.59
CA HIS B 710 25.99 -41.26 -7.57
C HIS B 710 24.69 -42.03 -7.42
N VAL B 711 24.73 -43.36 -7.47
CA VAL B 711 23.51 -44.16 -7.47
C VAL B 711 23.65 -45.33 -6.53
N ASN B 712 22.54 -45.64 -5.84
CA ASN B 712 22.41 -46.74 -4.90
C ASN B 712 22.34 -48.06 -5.65
N GLY B 713 23.17 -49.00 -5.26
CA GLY B 713 23.29 -50.27 -5.96
C GLY B 713 22.27 -51.31 -5.53
N ASP B 714 21.32 -50.95 -4.67
CA ASP B 714 20.23 -51.81 -4.31
C ASP B 714 18.90 -51.27 -4.82
N ASP B 715 18.92 -50.39 -5.83
CA ASP B 715 17.72 -49.94 -6.50
C ASP B 715 17.88 -50.07 -8.00
N PRO B 716 17.62 -51.26 -8.59
CA PRO B 716 17.97 -51.51 -9.98
C PRO B 716 17.32 -50.65 -11.05
N GLU B 717 16.15 -50.08 -10.80
CA GLU B 717 15.49 -49.27 -11.80
C GLU B 717 16.15 -47.91 -11.92
N ALA B 718 16.69 -47.40 -10.83
CA ALA B 718 17.44 -46.16 -10.85
C ALA B 718 18.78 -46.33 -11.54
N VAL B 719 19.37 -47.52 -11.45
CA VAL B 719 20.66 -47.79 -12.06
C VAL B 719 20.50 -47.81 -13.57
N VAL B 720 19.38 -48.34 -14.07
CA VAL B 720 19.14 -48.46 -15.49
C VAL B 720 18.86 -47.08 -16.08
N TRP B 721 18.27 -46.19 -15.30
CA TRP B 721 17.99 -44.85 -15.77
C TRP B 721 19.26 -44.03 -15.90
N VAL B 722 20.20 -44.18 -14.96
CA VAL B 722 21.43 -43.41 -14.94
C VAL B 722 22.32 -43.84 -16.11
N GLY B 723 22.29 -45.11 -16.46
CA GLY B 723 23.03 -45.61 -17.60
C GLY B 723 22.57 -44.98 -18.92
N GLN B 724 21.26 -44.82 -19.07
CA GLN B 724 20.67 -44.24 -20.27
C GLN B 724 21.00 -42.77 -20.37
N LEU B 725 20.92 -42.05 -19.25
CA LEU B 725 21.09 -40.62 -19.20
C LEU B 725 22.52 -40.24 -19.52
N ALA B 726 23.47 -41.08 -19.11
CA ALA B 726 24.89 -40.84 -19.33
C ALA B 726 25.24 -40.99 -20.81
N THR B 727 24.67 -41.99 -21.48
CA THR B 727 24.97 -42.27 -22.86
C THR B 727 24.35 -41.22 -23.77
N GLU B 728 23.26 -40.59 -23.34
CA GLU B 728 22.65 -39.50 -24.09
C GLU B 728 23.45 -38.22 -23.96
N TYR B 729 24.02 -37.97 -22.78
CA TYR B 729 24.82 -36.78 -22.55
C TYR B 729 26.07 -36.81 -23.40
N ARG B 730 26.66 -37.99 -23.58
CA ARG B 730 27.87 -38.14 -24.34
C ARG B 730 27.62 -37.82 -25.81
N ARG B 731 26.48 -38.23 -26.33
CA ARG B 731 26.19 -38.10 -27.75
C ARG B 731 25.89 -36.66 -28.10
N ARG B 732 25.34 -35.88 -27.16
CA ARG B 732 24.95 -34.53 -27.46
C ARG B 732 26.10 -33.55 -27.28
N PHE B 733 26.96 -33.75 -26.29
CA PHE B 733 27.91 -32.74 -25.90
C PHE B 733 29.35 -33.15 -26.15
N GLY B 734 29.62 -34.45 -26.31
CA GLY B 734 30.94 -34.93 -26.67
C GLY B 734 31.96 -34.80 -25.56
N LYS B 735 31.55 -35.04 -24.32
CA LYS B 735 32.40 -34.90 -23.16
C LYS B 735 32.34 -36.17 -22.30
N ASP B 736 33.20 -36.23 -21.29
CA ASP B 736 33.28 -37.35 -20.37
C ASP B 736 32.19 -37.25 -19.31
N VAL B 737 31.78 -38.41 -18.79
CA VAL B 737 30.72 -38.51 -17.80
C VAL B 737 31.12 -39.60 -16.80
N PHE B 738 30.79 -39.40 -15.52
CA PHE B 738 31.24 -40.26 -14.44
C PHE B 738 30.07 -40.81 -13.64
N ILE B 739 30.04 -42.13 -13.42
CA ILE B 739 29.04 -42.81 -12.60
C ILE B 739 29.73 -43.47 -11.41
N ASP B 740 29.18 -43.24 -10.21
CA ASP B 740 29.65 -43.83 -8.97
C ASP B 740 28.60 -44.80 -8.43
N LEU B 741 28.87 -46.10 -8.52
CA LEU B 741 27.96 -47.14 -8.11
C LEU B 741 28.32 -47.58 -6.70
N VAL B 742 27.50 -47.21 -5.71
CA VAL B 742 27.79 -47.46 -4.31
C VAL B 742 27.24 -48.81 -3.91
N CYS B 743 28.11 -49.69 -3.42
CA CYS B 743 27.79 -51.07 -3.13
C CYS B 743 28.72 -51.61 -2.07
N TYR B 744 28.79 -52.94 -1.88
CA TYR B 744 29.68 -53.52 -0.89
C TYR B 744 30.33 -54.78 -1.45
N ARG B 745 31.28 -55.36 -0.70
CA ARG B 745 31.98 -56.59 -1.03
C ARG B 745 31.62 -57.66 -0.01
N LEU B 746 30.98 -58.75 -0.44
CA LEU B 746 30.37 -59.71 0.47
C LEU B 746 31.42 -60.58 1.13
N ARG B 747 32.39 -61.05 0.35
CA ARG B 747 33.44 -61.89 0.89
C ARG B 747 34.70 -61.05 1.09
N GLY B 748 35.83 -61.72 1.28
CA GLY B 748 37.11 -61.05 1.38
C GLY B 748 37.64 -60.62 0.02
N HIS B 749 38.88 -60.13 -0.01
CA HIS B 749 39.48 -59.63 -1.23
C HIS B 749 39.48 -60.75 -2.26
N ASN B 750 39.93 -61.92 -1.81
CA ASN B 750 39.79 -63.15 -2.56
C ASN B 750 38.99 -64.10 -1.68
N GLU B 751 38.78 -65.34 -2.15
CA GLU B 751 37.89 -66.26 -1.48
C GLU B 751 38.64 -67.09 -0.43
N ALA B 752 39.86 -66.67 -0.09
CA ALA B 752 40.65 -67.38 0.90
C ALA B 752 41.00 -66.49 2.09
N ASP B 753 40.39 -65.30 2.16
CA ASP B 753 40.78 -64.28 3.13
C ASP B 753 39.63 -64.03 4.11
N ASP B 754 39.96 -63.66 5.36
CA ASP B 754 38.97 -63.38 6.39
C ASP B 754 38.97 -61.89 6.71
N PRO B 755 37.93 -61.12 6.30
CA PRO B 755 37.94 -59.68 6.50
C PRO B 755 37.60 -59.16 7.89
N SER B 756 37.24 -60.05 8.81
CA SER B 756 36.85 -59.67 10.15
C SER B 756 38.08 -59.35 11.00
N MET B 757 39.26 -59.77 10.57
CA MET B 757 40.46 -59.54 11.35
C MET B 757 40.75 -58.05 11.43
N THR B 758 40.40 -57.30 10.38
CA THR B 758 40.81 -55.91 10.26
C THR B 758 39.61 -54.96 10.17
N GLN B 759 38.44 -55.45 9.76
CA GLN B 759 37.24 -54.63 9.69
C GLN B 759 36.08 -55.34 10.39
N PRO B 760 36.09 -55.48 11.74
CA PRO B 760 35.03 -56.18 12.45
C PRO B 760 33.62 -55.59 12.39
N LYS B 761 33.51 -54.28 12.52
CA LYS B 761 32.22 -53.63 12.67
C LYS B 761 31.51 -53.54 11.34
N MET B 762 32.26 -53.40 10.24
CA MET B 762 31.69 -53.28 8.92
C MET B 762 31.11 -54.63 8.50
N TYR B 763 31.72 -55.73 8.91
CA TYR B 763 31.27 -57.04 8.47
C TYR B 763 30.25 -57.63 9.44
N GLU B 764 29.83 -56.87 10.46
CA GLU B 764 28.64 -57.18 11.23
C GLU B 764 27.39 -56.75 10.47
N LEU B 765 27.51 -55.67 9.70
CA LEU B 765 26.42 -55.17 8.90
C LEU B 765 26.24 -55.96 7.61
N ILE B 766 27.27 -56.65 7.12
CA ILE B 766 27.22 -57.24 5.80
C ILE B 766 26.76 -58.69 5.89
N THR B 767 27.24 -59.43 6.86
CA THR B 767 26.99 -60.86 6.93
C THR B 767 25.54 -61.11 7.29
N GLY B 768 24.83 -61.83 6.42
CA GLY B 768 23.46 -62.21 6.65
C GLY B 768 22.43 -61.22 6.10
N ARG B 769 22.80 -60.40 5.13
CA ARG B 769 21.87 -59.53 4.44
C ARG B 769 21.10 -60.35 3.43
N GLU B 770 20.06 -59.75 2.85
CA GLU B 770 19.38 -60.35 1.72
C GLU B 770 19.84 -59.65 0.45
N THR B 771 20.00 -60.42 -0.62
CA THR B 771 20.63 -59.97 -1.84
C THR B 771 19.71 -59.05 -2.62
N VAL B 772 20.25 -58.42 -3.67
CA VAL B 772 19.54 -57.43 -4.45
C VAL B 772 18.51 -58.12 -5.34
N ARG B 773 18.76 -59.37 -5.70
CA ARG B 773 17.80 -60.14 -6.48
C ARG B 773 16.60 -60.51 -5.64
N ALA B 774 16.83 -60.89 -4.39
CA ALA B 774 15.77 -61.25 -3.47
C ALA B 774 14.89 -60.08 -3.14
N GLN B 775 15.48 -58.93 -2.87
CA GLN B 775 14.73 -57.74 -2.54
C GLN B 775 13.86 -57.32 -3.70
N TYR B 776 14.36 -57.42 -4.93
CA TYR B 776 13.64 -56.90 -6.08
C TYR B 776 12.47 -57.81 -6.41
N THR B 777 12.63 -59.12 -6.23
CA THR B 777 11.57 -60.07 -6.47
C THR B 777 10.43 -59.85 -5.49
N GLU B 778 10.75 -59.50 -4.26
CA GLU B 778 9.77 -59.27 -3.23
C GLU B 778 8.99 -58.01 -3.51
N ASP B 779 9.64 -57.00 -4.07
CA ASP B 779 9.01 -55.73 -4.39
C ASP B 779 8.03 -55.89 -5.55
N LEU B 780 8.40 -56.63 -6.58
CA LEU B 780 7.55 -56.81 -7.74
C LEU B 780 6.32 -57.66 -7.41
N LEU B 781 6.45 -58.68 -6.58
CA LEU B 781 5.32 -59.49 -6.17
C LEU B 781 4.41 -58.69 -5.25
N GLY B 782 4.94 -57.72 -4.54
CA GLY B 782 4.13 -56.89 -3.68
C GLY B 782 3.26 -55.90 -4.44
N ARG B 783 3.79 -55.33 -5.52
CA ARG B 783 3.06 -54.35 -6.31
C ARG B 783 2.24 -55.03 -7.39
N GLY B 784 2.30 -56.36 -7.46
CA GLY B 784 1.45 -57.10 -8.37
C GLY B 784 1.93 -57.05 -9.82
N ASP B 785 3.25 -56.87 -10.00
CA ASP B 785 3.84 -56.68 -11.32
C ASP B 785 4.37 -58.00 -11.88
N LEU B 786 4.29 -59.09 -11.10
CA LEU B 786 4.81 -60.38 -11.51
C LEU B 786 4.10 -61.48 -10.73
N SER B 787 3.87 -62.64 -11.34
CA SER B 787 3.26 -63.78 -10.68
C SER B 787 4.32 -64.68 -10.07
N ASN B 788 3.92 -65.66 -9.26
CA ASN B 788 4.85 -66.55 -8.61
C ASN B 788 5.37 -67.60 -9.57
N GLU B 789 4.51 -68.07 -10.46
CA GLU B 789 4.92 -69.05 -11.46
C GLU B 789 6.03 -68.46 -12.32
N ASP B 790 5.87 -67.20 -12.72
CA ASP B 790 6.86 -66.50 -13.52
C ASP B 790 8.18 -66.42 -12.76
N ALA B 791 8.10 -66.01 -11.50
CA ALA B 791 9.28 -65.79 -10.68
C ALA B 791 10.06 -67.07 -10.48
N GLU B 792 9.38 -68.23 -10.47
CA GLU B 792 10.04 -69.48 -10.19
C GLU B 792 10.63 -70.05 -11.47
N ALA B 793 10.00 -69.78 -12.60
CA ALA B 793 10.51 -70.23 -13.88
C ALA B 793 11.86 -69.57 -14.18
N VAL B 794 11.97 -68.27 -13.87
CA VAL B 794 13.17 -67.51 -14.16
C VAL B 794 14.38 -68.20 -13.53
N VAL B 795 14.23 -68.71 -12.31
CA VAL B 795 15.33 -69.33 -11.60
C VAL B 795 15.61 -70.71 -12.16
N ARG B 796 14.56 -71.51 -12.36
CA ARG B 796 14.70 -72.91 -12.74
C ARG B 796 15.36 -73.04 -14.10
N ASP B 797 14.96 -72.21 -15.05
CA ASP B 797 15.42 -72.33 -16.43
C ASP B 797 16.92 -72.12 -16.51
N PHE B 798 17.43 -71.08 -15.84
CA PHE B 798 18.83 -70.71 -15.96
C PHE B 798 19.72 -71.76 -15.30
N HIS B 799 19.26 -72.36 -14.22
CA HIS B 799 20.03 -73.36 -13.53
C HIS B 799 20.14 -74.62 -14.37
N ASP B 800 19.08 -74.95 -15.10
CA ASP B 800 19.08 -76.12 -15.95
C ASP B 800 20.08 -75.95 -17.09
N GLN B 801 20.13 -74.75 -17.66
CA GLN B 801 21.05 -74.43 -18.73
C GLN B 801 22.50 -74.68 -18.31
N MET B 802 22.87 -74.22 -17.11
CA MET B 802 24.24 -74.30 -16.65
C MET B 802 24.61 -75.73 -16.34
N GLU B 803 23.68 -76.49 -15.77
CA GLU B 803 23.93 -77.87 -15.38
C GLU B 803 24.16 -78.71 -16.63
N SER B 804 23.42 -78.43 -17.69
CA SER B 804 23.56 -79.13 -18.95
C SER B 804 24.97 -79.00 -19.50
N VAL B 805 25.44 -77.76 -19.61
CA VAL B 805 26.73 -77.47 -20.19
C VAL B 805 27.83 -78.11 -19.38
N PHE B 806 27.71 -78.07 -18.05
CA PHE B 806 28.74 -78.58 -17.16
C PHE B 806 28.95 -80.06 -17.36
N ASN B 807 27.85 -80.80 -17.52
CA ASN B 807 27.92 -82.25 -17.66
C ASN B 807 28.59 -82.61 -18.99
N GLU B 808 28.29 -81.83 -20.04
CA GLU B 808 28.87 -82.06 -21.35
C GLU B 808 30.38 -81.87 -21.32
N VAL B 809 30.86 -80.93 -20.48
CA VAL B 809 32.28 -80.59 -20.41
C VAL B 809 33.05 -81.68 -19.66
N LYS B 810 32.38 -82.40 -18.75
CA LYS B 810 33.03 -83.40 -17.93
C LYS B 810 33.13 -84.75 -18.64
N GLU B 811 32.34 -84.95 -19.70
CA GLU B 811 32.38 -86.19 -20.47
C GLU B 811 33.76 -86.34 -21.12
N GLY B 812 34.21 -85.29 -21.79
CA GLY B 812 35.55 -85.25 -22.36
C GLY B 812 36.62 -85.30 -21.28
N GLY B 813 37.64 -86.15 -21.50
CA GLY B 813 38.69 -86.37 -20.52
C GLY B 813 39.66 -85.19 -20.45
N LYS B 814 40.40 -85.10 -19.32
CA LYS B 814 41.36 -84.04 -19.10
C LYS B 814 42.71 -84.43 -19.69
N LYS B 815 43.34 -83.48 -20.39
CA LYS B 815 44.65 -83.68 -20.99
C LYS B 815 45.72 -83.48 -19.91
N GLN B 816 46.94 -83.96 -20.21
CA GLN B 816 48.06 -83.83 -19.29
C GLN B 816 48.96 -82.69 -19.75
N ALA B 817 49.84 -82.23 -18.83
CA ALA B 817 50.68 -81.07 -19.08
C ALA B 817 51.74 -81.38 -20.13
N GLU B 818 52.13 -80.35 -20.89
CA GLU B 818 53.14 -80.46 -21.93
C GLU B 818 53.97 -79.19 -21.94
N ALA B 819 55.27 -79.33 -22.26
CA ALA B 819 56.20 -78.22 -22.22
C ALA B 819 55.89 -77.22 -23.33
N GLN B 820 56.20 -75.94 -23.09
CA GLN B 820 55.95 -74.86 -24.04
C GLN B 820 57.26 -74.55 -24.78
N THR B 821 57.16 -74.43 -26.11
CA THR B 821 58.31 -74.52 -26.99
C THR B 821 58.96 -73.15 -27.20
N GLY B 822 58.16 -72.11 -27.44
CA GLY B 822 58.66 -70.77 -27.69
C GLY B 822 58.03 -70.16 -28.94
N ILE B 823 58.26 -68.86 -29.16
CA ILE B 823 57.57 -68.14 -30.23
C ILE B 823 58.56 -67.65 -31.29
N THR B 824 59.79 -68.16 -31.29
CA THR B 824 60.83 -67.63 -32.16
C THR B 824 60.47 -67.83 -33.63
N GLY B 825 59.92 -69.00 -33.98
CA GLY B 825 59.68 -69.37 -35.37
C GLY B 825 58.22 -69.30 -35.76
N SER B 826 57.40 -68.57 -34.98
CA SER B 826 55.97 -68.54 -35.21
C SER B 826 55.59 -67.54 -36.29
N GLN B 827 56.53 -66.65 -36.66
CA GLN B 827 56.33 -65.71 -37.76
C GLN B 827 57.52 -65.79 -38.71
N LYS B 828 57.26 -65.54 -40.01
CA LYS B 828 58.27 -65.71 -41.05
C LYS B 828 59.03 -64.40 -41.27
N LEU B 829 60.25 -64.53 -41.81
CA LEU B 829 61.11 -63.40 -42.13
C LEU B 829 61.01 -63.10 -43.62
N PRO B 830 61.07 -61.81 -44.04
CA PRO B 830 60.89 -61.43 -45.44
C PRO B 830 62.13 -61.66 -46.29
N HIS B 831 62.29 -62.89 -46.78
CA HIS B 831 63.45 -63.25 -47.57
C HIS B 831 63.28 -62.73 -49.00
N GLY B 832 64.27 -61.95 -49.45
CA GLY B 832 64.35 -61.50 -50.82
C GLY B 832 63.40 -60.34 -51.14
N LEU B 833 63.29 -59.39 -50.21
CA LEU B 833 62.46 -58.22 -50.40
C LEU B 833 63.36 -57.02 -50.68
N GLU B 834 63.00 -56.22 -51.69
CA GLU B 834 63.81 -55.11 -52.13
C GLU B 834 63.13 -53.81 -51.75
N THR B 835 63.90 -52.85 -51.23
CA THR B 835 63.35 -51.69 -50.55
C THR B 835 63.81 -50.38 -51.19
N ASN B 836 64.27 -50.42 -52.44
CA ASN B 836 64.71 -49.22 -53.12
C ASN B 836 63.56 -48.60 -53.87
N ILE B 837 63.61 -47.28 -54.07
CA ILE B 837 62.61 -46.57 -54.85
C ILE B 837 63.23 -46.17 -56.18
N SER B 838 62.41 -45.71 -57.12
CA SER B 838 62.86 -45.29 -58.44
C SER B 838 63.35 -43.85 -58.41
N ARG B 839 64.07 -43.45 -59.46
CA ARG B 839 64.67 -42.13 -59.53
C ARG B 839 63.59 -41.08 -59.74
N GLU B 840 62.50 -41.47 -60.39
CA GLU B 840 61.39 -40.58 -60.62
C GLU B 840 60.68 -40.27 -59.31
N GLU B 841 60.54 -41.29 -58.45
CA GLU B 841 59.88 -41.14 -57.17
C GLU B 841 60.68 -40.22 -56.25
N LEU B 842 62.01 -40.27 -56.34
CA LEU B 842 62.87 -39.49 -55.47
C LEU B 842 62.78 -38.02 -55.82
N LEU B 843 62.69 -37.70 -57.11
CA LEU B 843 62.63 -36.31 -57.55
C LEU B 843 61.30 -35.69 -57.18
N GLU B 844 60.22 -36.49 -57.19
CA GLU B 844 58.90 -35.99 -56.89
C GLU B 844 58.82 -35.64 -55.41
N LEU B 845 59.44 -36.45 -54.55
CA LEU B 845 59.44 -36.20 -53.12
C LEU B 845 60.20 -34.92 -52.83
N GLY B 846 61.29 -34.69 -53.56
CA GLY B 846 62.07 -33.47 -53.41
C GLY B 846 61.29 -32.22 -53.77
N GLN B 847 60.49 -32.27 -54.84
CA GLN B 847 59.76 -31.12 -55.32
C GLN B 847 58.64 -30.72 -54.40
N ALA B 848 58.19 -31.59 -53.52
CA ALA B 848 57.10 -31.27 -52.63
C ALA B 848 57.39 -30.04 -51.81
N PHE B 849 58.66 -29.73 -51.57
CA PHE B 849 59.07 -28.62 -50.75
C PHE B 849 59.23 -27.34 -51.56
N ALA B 850 58.98 -27.40 -52.87
CA ALA B 850 58.97 -26.23 -53.73
C ALA B 850 57.54 -25.83 -54.13
N ASN B 851 56.59 -26.76 -54.02
CA ASN B 851 55.22 -26.49 -54.41
C ASN B 851 54.47 -25.88 -53.25
N THR B 852 54.82 -24.66 -52.88
CA THR B 852 54.18 -23.97 -51.78
C THR B 852 52.82 -23.49 -52.22
N PRO B 853 51.85 -23.27 -51.32
CA PRO B 853 50.58 -22.64 -51.68
C PRO B 853 50.77 -21.22 -52.21
N GLU B 854 49.65 -20.53 -52.48
CA GLU B 854 49.64 -19.40 -53.40
C GLU B 854 50.43 -18.22 -52.85
N GLY B 855 50.10 -17.73 -51.67
CA GLY B 855 50.86 -16.63 -51.13
C GLY B 855 51.58 -16.98 -49.83
N PHE B 856 52.22 -18.16 -49.79
CA PHE B 856 52.93 -18.66 -48.63
C PHE B 856 54.40 -18.37 -48.80
N ASN B 857 55.07 -17.95 -47.73
CA ASN B 857 56.51 -17.86 -47.70
C ASN B 857 57.05 -18.47 -46.41
N TYR B 858 58.25 -19.03 -46.50
CA TYR B 858 58.91 -19.64 -45.36
C TYR B 858 59.57 -18.57 -44.51
N HIS B 859 59.87 -18.91 -43.26
CA HIS B 859 60.61 -18.08 -42.34
C HIS B 859 62.04 -18.06 -42.81
N PRO B 860 62.80 -16.97 -42.63
CA PRO B 860 64.16 -16.89 -43.14
C PRO B 860 65.19 -17.90 -42.68
N ARG B 861 64.93 -18.58 -41.56
CA ARG B 861 65.86 -19.55 -41.01
C ARG B 861 65.43 -20.97 -41.40
N VAL B 862 64.25 -21.11 -42.03
CA VAL B 862 63.72 -22.38 -42.49
C VAL B 862 63.86 -22.49 -44.00
N ALA B 863 64.07 -21.37 -44.70
CA ALA B 863 64.11 -21.34 -46.15
C ALA B 863 65.33 -22.05 -46.70
N PRO B 864 66.53 -21.91 -46.12
CA PRO B 864 67.68 -22.69 -46.55
C PRO B 864 67.56 -24.21 -46.45
N VAL B 865 66.78 -24.71 -45.49
CA VAL B 865 66.57 -26.13 -45.31
C VAL B 865 65.72 -26.65 -46.44
N ALA B 866 64.69 -25.89 -46.83
CA ALA B 866 63.83 -26.29 -47.92
C ALA B 866 64.58 -26.31 -49.24
N LYS B 867 65.46 -25.36 -49.50
CA LYS B 867 66.17 -25.33 -50.75
C LYS B 867 67.10 -26.52 -50.85
N LYS B 868 67.73 -26.89 -49.74
CA LYS B 868 68.70 -27.96 -49.74
C LYS B 868 68.00 -29.28 -50.02
N ARG B 869 66.76 -29.42 -49.58
CA ARG B 869 65.99 -30.63 -49.79
C ARG B 869 65.66 -30.81 -51.26
N VAL B 870 65.43 -29.72 -51.99
CA VAL B 870 65.09 -29.79 -53.40
C VAL B 870 66.33 -30.07 -54.24
N SER B 871 67.50 -29.62 -53.82
CA SER B 871 68.70 -29.78 -54.61
C SER B 871 69.43 -31.08 -54.32
N SER B 872 69.21 -31.66 -53.12
CA SER B 872 70.03 -32.76 -52.64
C SER B 872 69.67 -34.06 -53.34
N VAL B 873 68.45 -34.15 -53.87
CA VAL B 873 67.97 -35.35 -54.50
C VAL B 873 68.57 -35.50 -55.89
N THR B 874 69.45 -34.58 -56.29
CA THR B 874 70.16 -34.71 -57.55
C THR B 874 71.65 -34.45 -57.41
N GLU B 875 72.10 -33.77 -56.36
CA GLU B 875 73.49 -33.40 -56.21
C GLU B 875 74.19 -34.16 -55.09
N GLY B 876 73.48 -34.55 -54.05
CA GLY B 876 74.06 -35.30 -52.95
C GLY B 876 73.92 -34.59 -51.62
N GLY B 877 74.43 -35.22 -50.56
CA GLY B 877 74.49 -34.61 -49.26
C GLY B 877 73.16 -34.67 -48.52
N ILE B 878 72.56 -35.85 -48.42
CA ILE B 878 71.31 -36.03 -47.74
C ILE B 878 71.58 -36.31 -46.28
N ASP B 879 70.92 -35.60 -45.38
CA ASP B 879 71.19 -35.70 -43.96
C ASP B 879 70.19 -36.65 -43.30
N TRP B 880 70.26 -36.78 -41.98
CA TRP B 880 69.53 -37.77 -41.24
C TRP B 880 68.03 -37.51 -41.30
N ALA B 881 67.62 -36.28 -41.01
CA ALA B 881 66.21 -35.97 -40.94
C ALA B 881 65.52 -36.17 -42.28
N TRP B 882 66.22 -35.86 -43.37
CA TRP B 882 65.65 -35.94 -44.69
C TRP B 882 65.53 -37.39 -45.11
N GLY B 883 66.43 -38.25 -44.63
CA GLY B 883 66.33 -39.68 -44.86
C GLY B 883 65.08 -40.29 -44.21
N GLU B 884 64.79 -39.88 -42.98
CA GLU B 884 63.63 -40.37 -42.26
C GLU B 884 62.34 -39.95 -42.97
N LEU B 885 62.25 -38.69 -43.38
CA LEU B 885 61.05 -38.17 -44.00
C LEU B 885 60.85 -38.79 -45.38
N LEU B 886 61.92 -39.08 -46.11
CA LEU B 886 61.82 -39.73 -47.39
C LEU B 886 61.19 -41.11 -47.24
N ALA B 887 61.47 -41.81 -46.13
CA ALA B 887 60.90 -43.12 -45.88
C ALA B 887 59.40 -43.02 -45.60
N PHE B 888 59.01 -42.12 -44.71
CA PHE B 888 57.62 -42.03 -44.34
C PHE B 888 56.79 -41.51 -45.50
N GLY B 889 57.35 -40.61 -46.29
CA GLY B 889 56.66 -40.07 -47.44
C GLY B 889 56.41 -41.12 -48.50
N SER B 890 57.41 -41.94 -48.79
CA SER B 890 57.26 -42.97 -49.79
C SER B 890 56.15 -43.94 -49.41
N LEU B 891 56.03 -44.26 -48.12
CA LEU B 891 55.04 -45.20 -47.66
C LEU B 891 53.65 -44.59 -47.70
N ALA B 892 53.55 -43.29 -47.48
CA ALA B 892 52.26 -42.63 -47.54
C ALA B 892 51.77 -42.52 -48.97
N ASN B 893 52.68 -42.46 -49.93
CA ASN B 893 52.31 -42.37 -51.32
C ASN B 893 51.66 -43.66 -51.79
N SER B 894 52.12 -44.80 -51.28
CA SER B 894 51.61 -46.09 -51.70
C SER B 894 50.21 -46.32 -51.19
N GLY B 895 49.82 -45.64 -50.12
CA GLY B 895 48.43 -45.63 -49.72
C GLY B 895 48.22 -45.97 -48.25
N ARG B 896 49.21 -45.67 -47.40
CA ARG B 896 49.14 -46.05 -46.00
C ARG B 896 48.94 -44.83 -45.12
N LEU B 897 48.39 -45.06 -43.94
CA LEU B 897 48.23 -44.06 -42.91
C LEU B 897 49.46 -44.08 -42.03
N VAL B 898 50.23 -42.98 -42.04
CA VAL B 898 51.44 -42.83 -41.25
C VAL B 898 51.19 -41.80 -40.17
N ARG B 899 51.48 -42.15 -38.92
CA ARG B 899 51.26 -41.30 -37.76
C ARG B 899 52.55 -41.18 -36.96
N LEU B 900 52.97 -39.94 -36.66
CA LEU B 900 54.15 -39.65 -35.89
C LEU B 900 53.77 -38.71 -34.74
N ALA B 901 54.06 -39.09 -33.50
CA ALA B 901 53.66 -38.34 -32.32
C ALA B 901 54.78 -38.30 -31.29
N GLY B 902 54.87 -37.19 -30.55
CA GLY B 902 55.91 -36.98 -29.55
C GLY B 902 56.02 -35.52 -29.13
N GLU B 903 56.90 -35.23 -28.17
CA GLU B 903 57.09 -33.88 -27.67
C GLU B 903 57.92 -33.06 -28.64
N ASP B 904 57.31 -32.01 -29.19
CA ASP B 904 57.95 -31.06 -30.08
C ASP B 904 58.43 -31.78 -31.34
N SER B 905 57.55 -32.59 -31.92
CA SER B 905 57.95 -33.49 -32.98
C SER B 905 57.64 -32.91 -34.36
N ARG B 906 56.89 -31.80 -34.43
CA ARG B 906 56.63 -31.15 -35.70
C ARG B 906 57.83 -30.35 -36.16
N ARG B 907 58.49 -29.64 -35.25
CA ARG B 907 59.71 -28.91 -35.55
C ARG B 907 60.93 -29.80 -35.36
N GLY B 908 60.95 -30.55 -34.27
CA GLY B 908 62.11 -31.31 -33.86
C GLY B 908 62.77 -30.68 -32.64
N THR B 909 63.32 -31.50 -31.76
CA THR B 909 63.95 -31.05 -30.54
C THR B 909 65.24 -30.33 -30.87
N PHE B 910 65.92 -30.79 -31.90
CA PHE B 910 67.20 -30.24 -32.29
C PHE B 910 67.06 -29.39 -33.55
N THR B 911 65.83 -28.95 -33.85
CA THR B 911 65.52 -28.07 -34.96
C THR B 911 65.99 -28.70 -36.26
N GLN B 912 65.51 -29.91 -36.56
CA GLN B 912 66.06 -30.68 -37.66
C GLN B 912 64.99 -31.18 -38.63
N ARG B 913 63.71 -31.18 -38.26
CA ARG B 913 62.73 -31.94 -39.01
C ARG B 913 61.92 -31.04 -39.93
N HIS B 914 61.21 -30.07 -39.36
CA HIS B 914 60.39 -29.15 -40.13
C HIS B 914 59.45 -29.91 -41.04
N ALA B 915 58.52 -30.66 -40.44
CA ALA B 915 57.54 -31.41 -41.18
C ALA B 915 56.31 -30.55 -41.42
N VAL B 916 56.05 -29.61 -40.53
CA VAL B 916 55.07 -28.59 -40.77
C VAL B 916 55.76 -27.24 -40.62
N ALA B 917 55.53 -26.33 -41.59
CA ALA B 917 56.13 -25.01 -41.61
C ALA B 917 55.07 -23.94 -41.39
N ILE B 918 55.48 -22.79 -40.85
CA ILE B 918 54.57 -21.70 -40.51
C ILE B 918 55.05 -20.41 -41.16
N ASP B 919 54.11 -19.61 -41.69
CA ASP B 919 54.40 -18.34 -42.34
C ASP B 919 54.46 -17.24 -41.30
N PRO B 920 55.53 -16.43 -41.24
CA PRO B 920 55.66 -15.40 -40.23
C PRO B 920 54.66 -14.27 -40.29
N ALA B 921 54.06 -14.06 -41.46
CA ALA B 921 53.21 -12.93 -41.69
C ALA B 921 51.76 -13.24 -41.38
N THR B 922 51.34 -14.48 -41.61
CA THR B 922 49.93 -14.80 -41.49
C THR B 922 49.65 -15.94 -40.52
N ALA B 923 50.67 -16.73 -40.18
CA ALA B 923 50.55 -17.88 -39.28
C ALA B 923 49.81 -19.04 -39.93
N GLU B 924 49.93 -19.18 -41.26
CA GLU B 924 49.36 -20.30 -41.99
C GLU B 924 50.30 -21.49 -41.90
N GLU B 925 49.75 -22.71 -41.94
CA GLU B 925 50.51 -23.94 -41.81
C GLU B 925 50.58 -24.66 -43.16
N PHE B 926 51.66 -25.41 -43.37
CA PHE B 926 51.88 -26.17 -44.58
C PHE B 926 52.52 -27.51 -44.25
N ASN B 927 51.96 -28.62 -44.78
CA ASN B 927 52.46 -29.96 -44.61
C ASN B 927 52.72 -30.58 -45.97
N PRO B 928 53.94 -30.47 -46.53
CA PRO B 928 54.21 -30.91 -47.87
C PRO B 928 53.91 -32.35 -48.23
N LEU B 929 54.33 -33.29 -47.39
CA LEU B 929 54.27 -34.69 -47.72
C LEU B 929 52.84 -35.20 -47.63
N HIS B 930 51.97 -34.55 -46.87
CA HIS B 930 50.58 -34.94 -46.82
C HIS B 930 49.86 -34.51 -48.09
N GLU B 931 50.24 -33.36 -48.63
CA GLU B 931 49.65 -32.85 -49.85
C GLU B 931 50.01 -33.76 -51.01
N LEU B 932 51.26 -34.18 -51.09
CA LEU B 932 51.70 -35.03 -52.18
C LEU B 932 50.99 -36.37 -52.11
N ALA B 933 50.74 -36.88 -50.92
CA ALA B 933 50.15 -38.20 -50.78
C ALA B 933 48.69 -38.17 -51.19
N GLN B 934 48.00 -37.07 -50.92
CA GLN B 934 46.59 -36.96 -51.24
C GLN B 934 46.38 -36.68 -52.72
N SER B 935 47.44 -36.36 -53.46
CA SER B 935 47.34 -36.06 -54.86
C SER B 935 47.79 -37.22 -55.73
N LYS B 936 47.79 -38.44 -55.21
CA LYS B 936 48.24 -39.59 -55.96
C LYS B 936 47.15 -40.65 -56.05
N GLY B 937 46.03 -40.46 -55.34
CA GLY B 937 44.85 -41.23 -55.60
C GLY B 937 44.86 -42.61 -54.98
N ASN B 938 45.67 -42.80 -53.93
CA ASN B 938 45.61 -44.03 -53.15
C ASN B 938 45.10 -43.75 -51.75
N ASN B 939 44.76 -42.51 -51.45
CA ASN B 939 44.19 -42.11 -50.18
C ASN B 939 45.16 -42.35 -49.03
N GLY B 940 46.39 -41.88 -49.16
CA GLY B 940 47.39 -41.98 -48.11
C GLY B 940 47.44 -40.72 -47.29
N LYS B 941 47.98 -40.82 -46.08
CA LYS B 941 47.99 -39.74 -45.12
C LYS B 941 49.31 -39.69 -44.38
N PHE B 942 49.80 -38.49 -44.06
CA PHE B 942 50.93 -38.26 -43.17
C PHE B 942 50.50 -37.28 -42.08
N LEU B 943 50.29 -37.80 -40.86
CA LEU B 943 49.77 -37.04 -39.73
C LEU B 943 50.84 -36.88 -38.66
N VAL B 944 51.19 -35.63 -38.31
CA VAL B 944 52.20 -35.33 -37.31
C VAL B 944 51.58 -34.51 -36.18
N TYR B 945 51.79 -34.92 -34.92
CA TYR B 945 51.17 -34.29 -33.77
C TYR B 945 52.19 -34.01 -32.69
N ASN B 946 52.01 -32.90 -31.97
CA ASN B 946 52.76 -32.53 -30.80
C ASN B 946 52.00 -32.98 -29.55
N SER B 947 52.60 -33.89 -28.77
CA SER B 947 51.94 -34.48 -27.61
C SER B 947 51.99 -33.53 -26.42
N ALA B 948 51.20 -33.86 -25.39
CA ALA B 948 51.34 -33.25 -24.08
C ALA B 948 52.56 -33.81 -23.38
N LEU B 949 52.88 -33.26 -22.21
CA LEU B 949 54.11 -33.61 -21.53
C LEU B 949 53.87 -34.85 -20.66
N THR B 950 53.87 -36.02 -21.31
CA THR B 950 53.64 -37.30 -20.66
C THR B 950 54.39 -38.38 -21.41
N GLU B 951 54.94 -39.35 -20.68
CA GLU B 951 55.61 -40.48 -21.30
C GLU B 951 54.79 -41.75 -21.14
N TYR B 952 54.06 -41.88 -20.03
CA TYR B 952 53.29 -43.06 -19.73
C TYR B 952 52.05 -43.09 -20.61
N ALA B 953 51.32 -41.98 -20.66
CA ALA B 953 50.11 -41.90 -21.44
C ALA B 953 50.41 -41.78 -22.93
N GLY B 954 51.51 -41.10 -23.29
CA GLY B 954 51.92 -40.97 -24.66
C GLY B 954 52.23 -42.29 -25.32
N MET B 955 53.13 -43.08 -24.74
CA MET B 955 53.58 -44.31 -25.36
C MET B 955 52.44 -45.32 -25.33
N GLY B 956 51.62 -45.27 -24.29
CA GLY B 956 50.51 -46.19 -24.17
C GLY B 956 49.47 -45.98 -25.26
N PHE B 957 49.25 -44.73 -25.63
CA PHE B 957 48.29 -44.37 -26.66
C PHE B 957 48.75 -44.87 -28.01
N GLU B 958 50.04 -44.82 -28.29
CA GLU B 958 50.54 -45.25 -29.57
C GLU B 958 50.55 -46.77 -29.68
N TYR B 959 50.82 -47.49 -28.59
CA TYR B 959 50.74 -48.93 -28.60
C TYR B 959 49.33 -49.35 -28.94
N GLY B 960 48.36 -48.65 -28.40
CA GLY B 960 46.97 -48.98 -28.64
C GLY B 960 46.56 -48.74 -30.09
N TYR B 961 47.13 -47.71 -30.70
CA TYR B 961 46.81 -47.36 -32.07
C TYR B 961 47.28 -48.48 -32.99
N SER B 962 48.40 -49.11 -32.65
CA SER B 962 48.96 -50.15 -33.47
C SER B 962 48.13 -51.44 -33.38
N VAL B 963 47.41 -51.63 -32.27
CA VAL B 963 46.59 -52.81 -32.08
C VAL B 963 45.24 -52.62 -32.73
N GLY B 964 44.74 -51.40 -32.76
CA GLY B 964 43.45 -51.11 -33.33
C GLY B 964 43.44 -51.01 -34.85
N ASN B 965 44.59 -50.79 -35.47
CA ASN B 965 44.71 -50.80 -36.92
C ASN B 965 46.03 -51.42 -37.30
N GLU B 966 45.97 -52.66 -37.79
CA GLU B 966 47.15 -53.45 -38.03
C GLU B 966 47.90 -52.97 -39.26
N ASP B 967 47.28 -52.14 -40.09
CA ASP B 967 47.83 -51.78 -41.38
C ASP B 967 48.41 -50.37 -41.38
N SER B 968 48.49 -49.72 -40.21
CA SER B 968 49.03 -48.38 -40.10
C SER B 968 50.48 -48.42 -39.67
N ILE B 969 51.23 -47.35 -39.95
CA ILE B 969 52.59 -47.19 -39.51
C ILE B 969 52.62 -46.13 -38.43
N VAL B 970 52.97 -46.51 -37.19
CA VAL B 970 52.92 -45.65 -36.02
C VAL B 970 54.30 -45.55 -35.40
N ALA B 971 54.70 -44.33 -34.99
CA ALA B 971 55.99 -44.08 -34.37
C ALA B 971 55.85 -43.09 -33.22
N TRP B 972 56.42 -43.42 -32.06
CA TRP B 972 56.49 -42.54 -30.90
C TRP B 972 57.93 -42.10 -30.70
N GLU B 973 58.12 -40.80 -30.46
CA GLU B 973 59.44 -40.21 -30.29
C GLU B 973 59.57 -39.63 -28.89
N ALA B 974 60.75 -39.79 -28.31
CA ALA B 974 61.07 -39.24 -27.01
C ALA B 974 61.99 -38.04 -27.18
N GLN B 975 61.86 -37.04 -26.31
CA GLN B 975 62.65 -35.83 -26.42
C GLN B 975 64.11 -36.16 -26.22
N PHE B 976 64.41 -36.89 -25.15
CA PHE B 976 65.66 -37.62 -25.00
C PHE B 976 65.31 -39.01 -24.55
N GLY B 977 66.18 -39.98 -24.86
CA GLY B 977 65.90 -41.37 -24.57
C GLY B 977 65.98 -41.70 -23.09
N ASP B 978 66.40 -40.73 -22.28
CA ASP B 978 66.58 -40.91 -20.85
C ASP B 978 65.26 -40.74 -20.12
N PHE B 979 64.25 -40.22 -20.79
CA PHE B 979 62.97 -39.98 -20.15
C PHE B 979 62.00 -41.13 -20.40
N ALA B 980 62.46 -42.21 -21.03
CA ALA B 980 61.58 -43.33 -21.35
C ALA B 980 61.36 -44.24 -20.14
N ASN B 981 62.13 -44.06 -19.06
CA ASN B 981 61.90 -44.82 -17.85
C ASN B 981 60.64 -44.38 -17.14
N GLY B 982 60.02 -43.30 -17.60
CA GLY B 982 58.72 -42.90 -17.10
C GLY B 982 57.59 -43.72 -17.70
N ALA B 983 57.90 -44.55 -18.70
CA ALA B 983 56.93 -45.42 -19.32
C ALA B 983 57.33 -46.87 -19.19
N GLN B 984 57.97 -47.23 -18.07
CA GLN B 984 58.55 -48.55 -17.93
C GLN B 984 57.47 -49.62 -17.87
N THR B 985 56.34 -49.30 -17.26
CA THR B 985 55.22 -50.23 -17.17
C THR B 985 54.80 -50.68 -18.55
N ILE B 986 54.64 -49.75 -19.50
CA ILE B 986 54.22 -50.07 -20.85
C ILE B 986 55.27 -50.90 -21.55
N ILE B 987 56.55 -50.58 -21.40
CA ILE B 987 57.61 -51.33 -22.04
C ILE B 987 57.63 -52.77 -21.54
N ASP B 988 57.41 -52.97 -20.24
CA ASP B 988 57.59 -54.27 -19.63
C ASP B 988 56.35 -55.15 -19.77
N GLU B 989 55.16 -54.55 -19.76
CA GLU B 989 53.94 -55.31 -19.64
C GLU B 989 53.21 -55.47 -20.96
N TYR B 990 53.52 -54.63 -21.96
CA TYR B 990 52.80 -54.63 -23.23
C TYR B 990 53.74 -54.85 -24.42
N VAL B 991 54.75 -54.01 -24.58
CA VAL B 991 55.55 -53.97 -25.79
C VAL B 991 56.46 -55.18 -25.87
N SER B 992 57.09 -55.52 -24.76
CA SER B 992 58.12 -56.54 -24.74
C SER B 992 57.53 -57.95 -24.65
N SER B 993 56.29 -58.09 -24.16
CA SER B 993 55.82 -59.39 -23.69
C SER B 993 54.37 -59.70 -24.03
N GLY B 994 53.73 -58.92 -24.90
CA GLY B 994 52.32 -59.11 -25.19
C GLY B 994 52.05 -60.34 -26.07
N GLU B 995 52.94 -60.64 -27.01
CA GLU B 995 52.77 -61.75 -27.91
C GLU B 995 52.85 -63.07 -27.15
N ALA B 996 53.80 -63.19 -26.23
CA ALA B 996 54.02 -64.42 -25.52
C ALA B 996 52.92 -64.70 -24.50
N LYS B 997 52.24 -63.66 -24.02
CA LYS B 997 51.24 -63.82 -22.99
C LYS B 997 49.85 -64.00 -23.58
N TRP B 998 49.47 -63.18 -24.56
CA TRP B 998 48.11 -63.16 -25.04
C TRP B 998 47.99 -63.42 -26.54
N GLY B 999 49.10 -63.47 -27.26
CA GLY B 999 49.03 -63.60 -28.71
C GLY B 999 48.64 -62.32 -29.41
N GLN B 1000 48.89 -61.17 -28.78
CA GLN B 1000 48.58 -59.85 -29.33
C GLN B 1000 49.85 -59.28 -29.95
N THR B 1001 49.79 -58.93 -31.23
CA THR B 1001 50.96 -58.50 -31.99
C THR B 1001 50.91 -57.01 -32.25
N SER B 1002 52.08 -56.38 -32.40
CA SER B 1002 52.21 -54.96 -32.66
C SER B 1002 53.42 -54.67 -33.52
N LYS B 1003 53.39 -53.55 -34.25
CA LYS B 1003 54.51 -53.08 -35.06
C LYS B 1003 54.85 -51.62 -34.73
N LEU B 1004 54.91 -51.28 -33.45
CA LEU B 1004 55.19 -49.93 -33.01
C LEU B 1004 56.67 -49.64 -33.23
N ILE B 1005 57.00 -48.38 -33.54
CA ILE B 1005 58.38 -47.93 -33.68
C ILE B 1005 58.67 -46.96 -32.55
N LEU B 1006 59.74 -47.22 -31.80
CA LEU B 1006 60.24 -46.29 -30.80
C LEU B 1006 61.51 -45.63 -31.32
N LEU B 1007 61.50 -44.29 -31.37
CA LEU B 1007 62.65 -43.48 -31.76
C LEU B 1007 63.23 -42.81 -30.52
N LEU B 1008 64.41 -43.24 -30.08
CA LEU B 1008 64.99 -42.84 -28.80
C LEU B 1008 66.36 -42.21 -29.02
N PRO B 1009 66.55 -40.89 -28.90
CA PRO B 1009 67.87 -40.26 -29.02
C PRO B 1009 68.93 -40.67 -28.02
N HIS B 1010 70.17 -40.85 -28.47
CA HIS B 1010 71.22 -41.45 -27.69
C HIS B 1010 72.57 -40.92 -28.13
N GLY B 1011 73.47 -40.63 -27.19
CA GLY B 1011 74.82 -40.25 -27.51
C GLY B 1011 75.53 -39.55 -26.36
N TYR B 1012 76.83 -39.79 -26.24
CA TYR B 1012 77.66 -39.26 -25.18
C TYR B 1012 78.43 -38.06 -25.70
N GLU B 1013 77.99 -36.85 -25.34
CA GLU B 1013 78.49 -35.63 -25.93
C GLU B 1013 78.82 -34.54 -24.89
N GLY B 1014 78.64 -34.81 -23.61
CA GLY B 1014 79.04 -33.90 -22.57
C GLY B 1014 77.92 -33.03 -22.02
N GLN B 1015 76.67 -33.45 -22.15
CA GLN B 1015 75.56 -32.64 -21.69
C GLN B 1015 75.04 -33.12 -20.35
N GLY B 1016 75.65 -34.14 -19.75
CA GLY B 1016 75.35 -34.52 -18.39
C GLY B 1016 74.62 -35.85 -18.30
N PRO B 1017 74.33 -36.35 -17.08
CA PRO B 1017 73.74 -37.66 -16.90
C PRO B 1017 72.29 -37.90 -17.29
N ASP B 1018 71.49 -36.86 -17.51
CA ASP B 1018 70.12 -37.04 -17.91
C ASP B 1018 69.90 -36.62 -19.35
N HIS B 1019 70.98 -36.52 -20.13
CA HIS B 1019 70.90 -36.20 -21.53
C HIS B 1019 72.00 -36.95 -22.27
N SER B 1020 72.16 -38.25 -22.01
CA SER B 1020 73.25 -39.00 -22.59
C SER B 1020 72.93 -40.44 -22.98
N SER B 1021 72.04 -41.14 -22.26
CA SER B 1021 71.89 -42.58 -22.49
C SER B 1021 70.44 -43.01 -22.46
N ALA B 1022 70.02 -43.70 -23.53
CA ALA B 1022 68.69 -44.26 -23.63
C ALA B 1022 68.61 -45.65 -22.99
N ARG B 1023 69.72 -46.16 -22.46
CA ARG B 1023 69.76 -47.40 -21.69
C ARG B 1023 69.59 -48.59 -22.62
N ILE B 1024 70.62 -48.88 -23.40
CA ILE B 1024 70.62 -49.96 -24.37
C ILE B 1024 70.62 -51.29 -23.63
N GLU B 1025 71.34 -51.36 -22.51
CA GLU B 1025 71.51 -52.59 -21.76
C GLU B 1025 70.16 -53.10 -21.25
N ARG B 1026 69.25 -52.21 -20.91
CA ARG B 1026 67.97 -52.59 -20.36
C ARG B 1026 67.11 -53.22 -21.45
N PHE B 1027 67.15 -52.68 -22.66
CA PHE B 1027 66.35 -53.20 -23.77
C PHE B 1027 66.88 -54.55 -24.21
N LEU B 1028 68.18 -54.77 -24.14
CA LEU B 1028 68.74 -56.02 -24.57
C LEU B 1028 68.51 -57.13 -23.54
N GLN B 1029 68.23 -56.78 -22.28
CA GLN B 1029 67.82 -57.77 -21.29
C GLN B 1029 66.45 -58.35 -21.64
N LEU B 1030 65.52 -57.48 -22.03
CA LEU B 1030 64.15 -57.86 -22.29
C LEU B 1030 64.01 -58.72 -23.53
N CYS B 1031 65.04 -58.80 -24.39
CA CYS B 1031 64.95 -59.53 -25.64
C CYS B 1031 65.23 -61.01 -25.46
N ALA B 1032 64.33 -61.84 -25.98
CA ALA B 1032 64.51 -63.28 -26.05
C ALA B 1032 63.43 -63.84 -26.97
N GLU B 1033 63.74 -64.96 -27.64
CA GLU B 1033 62.80 -65.63 -28.52
C GLU B 1033 62.47 -64.79 -29.74
N GLY B 1034 63.37 -63.88 -30.12
CA GLY B 1034 63.12 -62.95 -31.20
C GLY B 1034 61.88 -62.09 -30.98
N SER B 1035 61.79 -61.44 -29.83
CA SER B 1035 60.59 -60.72 -29.46
C SER B 1035 60.52 -59.35 -30.13
N MET B 1036 61.65 -58.64 -30.23
CA MET B 1036 61.68 -57.38 -30.95
C MET B 1036 63.05 -57.13 -31.57
N THR B 1037 63.11 -56.17 -32.50
CA THR B 1037 64.30 -55.78 -33.23
C THR B 1037 64.91 -54.51 -32.64
N VAL B 1038 66.23 -54.50 -32.42
CA VAL B 1038 66.94 -53.37 -31.83
C VAL B 1038 68.11 -52.99 -32.74
N ALA B 1039 68.24 -51.69 -33.06
CA ALA B 1039 69.19 -51.22 -34.06
C ALA B 1039 69.74 -49.84 -33.72
N GLN B 1040 70.93 -49.53 -34.26
CA GLN B 1040 71.59 -48.25 -34.11
C GLN B 1040 72.35 -47.92 -35.38
N PRO B 1041 71.68 -47.41 -36.44
CA PRO B 1041 72.33 -47.16 -37.72
C PRO B 1041 73.24 -45.94 -37.78
N SER B 1042 74.11 -45.90 -38.79
CA SER B 1042 75.17 -44.90 -38.87
C SER B 1042 75.10 -44.03 -40.11
N THR B 1043 74.14 -44.26 -41.02
CA THR B 1043 74.01 -43.46 -42.23
C THR B 1043 72.54 -43.27 -42.53
N PRO B 1044 72.12 -42.11 -43.06
CA PRO B 1044 70.72 -41.88 -43.43
C PRO B 1044 70.07 -42.91 -44.35
N ALA B 1045 70.81 -43.41 -45.32
CA ALA B 1045 70.29 -44.38 -46.25
C ALA B 1045 69.94 -45.68 -45.54
N ASN B 1046 70.73 -46.06 -44.53
CA ASN B 1046 70.54 -47.31 -43.85
C ASN B 1046 69.33 -47.20 -42.94
N HIS B 1047 69.05 -46.01 -42.42
CA HIS B 1047 67.87 -45.78 -41.62
C HIS B 1047 66.63 -45.89 -42.49
N PHE B 1048 66.74 -45.42 -43.73
CA PHE B 1048 65.67 -45.47 -44.71
C PHE B 1048 65.29 -46.91 -45.00
N HIS B 1049 66.28 -47.74 -45.25
CA HIS B 1049 66.04 -49.11 -45.64
C HIS B 1049 65.47 -49.92 -44.48
N LEU B 1050 65.89 -49.63 -43.24
CA LEU B 1050 65.40 -50.33 -42.06
C LEU B 1050 63.91 -50.06 -41.87
N LEU B 1051 63.49 -48.81 -41.99
CA LEU B 1051 62.10 -48.45 -41.79
C LEU B 1051 61.22 -49.08 -42.85
N ARG B 1052 61.69 -49.17 -44.09
CA ARG B 1052 60.90 -49.68 -45.18
C ARG B 1052 60.80 -51.21 -45.12
N ARG B 1053 61.83 -51.89 -44.62
CA ARG B 1053 61.77 -53.32 -44.47
C ARG B 1053 60.72 -53.70 -43.44
N HIS B 1054 60.63 -52.92 -42.37
CA HIS B 1054 59.70 -53.18 -41.30
C HIS B 1054 58.28 -53.00 -41.78
N ALA B 1055 58.03 -51.99 -42.61
CA ALA B 1055 56.68 -51.66 -43.01
C ALA B 1055 56.15 -52.60 -44.09
N LEU B 1056 57.03 -53.16 -44.92
CA LEU B 1056 56.60 -53.97 -46.04
C LEU B 1056 56.67 -55.46 -45.74
N SER B 1057 57.18 -55.88 -44.58
CA SER B 1057 57.29 -57.28 -44.25
C SER B 1057 56.00 -57.79 -43.63
N ASP B 1058 56.00 -59.08 -43.24
CA ASP B 1058 54.86 -59.71 -42.60
C ASP B 1058 55.27 -60.22 -41.21
N LEU B 1059 56.30 -59.60 -40.62
CA LEU B 1059 56.76 -59.92 -39.28
C LEU B 1059 56.23 -58.86 -38.34
N LYS B 1060 55.25 -59.23 -37.51
CA LYS B 1060 54.51 -58.29 -36.71
C LYS B 1060 55.11 -58.22 -35.31
N ARG B 1061 56.26 -57.56 -35.19
CA ARG B 1061 56.95 -57.37 -33.93
C ARG B 1061 57.50 -55.96 -33.87
N PRO B 1062 57.70 -55.37 -32.66
CA PRO B 1062 58.19 -54.00 -32.55
C PRO B 1062 59.62 -53.73 -33.00
N LEU B 1063 59.94 -52.44 -33.17
CA LEU B 1063 61.24 -51.97 -33.62
C LEU B 1063 61.70 -50.81 -32.76
N VAL B 1064 62.89 -50.93 -32.17
CA VAL B 1064 63.48 -49.93 -31.31
C VAL B 1064 64.75 -49.41 -31.97
N ILE B 1065 64.80 -48.11 -32.29
CA ILE B 1065 65.92 -47.48 -32.96
C ILE B 1065 66.54 -46.44 -32.03
N PHE B 1066 67.88 -46.37 -32.02
CA PHE B 1066 68.63 -45.41 -31.23
C PHE B 1066 69.19 -44.34 -32.17
N THR B 1067 68.63 -43.13 -32.09
CA THR B 1067 68.81 -42.09 -33.09
C THR B 1067 69.85 -41.08 -32.60
N PRO B 1068 70.56 -40.36 -33.49
CA PRO B 1068 71.61 -39.42 -33.09
C PRO B 1068 71.22 -38.00 -32.73
N LYS B 1069 72.18 -37.23 -32.20
CA LYS B 1069 71.97 -35.86 -31.77
C LYS B 1069 72.95 -34.90 -32.44
N SER B 1070 74.23 -35.26 -32.48
CA SER B 1070 75.24 -34.42 -33.08
C SER B 1070 75.57 -34.86 -34.50
N MET B 1071 75.34 -36.14 -34.79
CA MET B 1071 75.60 -36.71 -36.09
C MET B 1071 74.56 -36.23 -37.08
N LEU B 1072 73.50 -35.59 -36.59
CA LEU B 1072 72.47 -35.01 -37.42
C LEU B 1072 73.06 -34.02 -38.42
N ARG B 1073 74.15 -33.35 -38.06
CA ARG B 1073 74.73 -32.31 -38.89
C ARG B 1073 76.21 -32.56 -39.18
N ASN B 1074 76.62 -33.82 -39.23
CA ASN B 1074 77.98 -34.19 -39.57
C ASN B 1074 78.04 -34.47 -41.06
N LYS B 1075 79.02 -33.90 -41.75
CA LYS B 1075 79.05 -33.92 -43.20
C LYS B 1075 79.72 -35.19 -43.70
N ALA B 1076 80.37 -35.95 -42.82
CA ALA B 1076 80.94 -37.22 -43.22
C ALA B 1076 79.91 -38.33 -43.20
N ALA B 1077 78.72 -38.05 -42.68
CA ALA B 1077 77.69 -39.06 -42.52
C ALA B 1077 76.60 -38.93 -43.57
N ALA B 1078 76.68 -37.95 -44.47
CA ALA B 1078 75.63 -37.73 -45.45
C ALA B 1078 75.69 -38.78 -46.54
N SER B 1079 74.58 -38.93 -47.27
CA SER B 1079 74.39 -40.00 -48.25
C SER B 1079 74.14 -39.45 -49.64
N ALA B 1080 74.43 -40.27 -50.66
CA ALA B 1080 74.26 -39.93 -52.07
C ALA B 1080 72.97 -40.54 -52.59
N PRO B 1081 72.38 -40.02 -53.68
CA PRO B 1081 71.12 -40.56 -54.21
C PRO B 1081 71.11 -42.01 -54.65
N GLU B 1082 72.25 -42.51 -55.09
CA GLU B 1082 72.37 -43.89 -55.53
C GLU B 1082 72.13 -44.84 -54.39
N ASP B 1083 72.32 -44.38 -53.15
CA ASP B 1083 72.14 -45.23 -51.98
C ASP B 1083 70.67 -45.45 -51.66
N PHE B 1084 69.78 -44.65 -52.26
CA PHE B 1084 68.35 -44.83 -52.09
C PHE B 1084 67.71 -45.49 -53.29
N THR B 1085 68.42 -45.60 -54.43
CA THR B 1085 67.80 -46.06 -55.67
C THR B 1085 68.54 -47.21 -56.34
N GLU B 1086 69.78 -47.51 -55.96
CA GLU B 1086 70.51 -48.61 -56.57
C GLU B 1086 70.89 -49.69 -55.57
N VAL B 1087 71.09 -49.33 -54.29
CA VAL B 1087 71.30 -50.30 -53.24
C VAL B 1087 69.93 -50.83 -52.82
N THR B 1088 69.79 -52.16 -52.73
CA THR B 1088 68.49 -52.80 -52.68
C THR B 1088 68.03 -53.13 -51.27
N LYS B 1089 68.96 -53.40 -50.34
CA LYS B 1089 68.63 -53.94 -49.04
C LYS B 1089 69.31 -53.19 -47.91
N PHE B 1090 68.85 -53.42 -46.68
CA PHE B 1090 69.45 -52.92 -45.44
C PHE B 1090 70.65 -53.75 -45.07
N GLN B 1091 71.70 -53.10 -44.57
CA GLN B 1091 72.93 -53.77 -44.20
C GLN B 1091 73.02 -53.85 -42.69
N SER B 1092 73.38 -55.03 -42.16
CA SER B 1092 73.45 -55.27 -40.74
C SER B 1092 74.88 -55.15 -40.24
N VAL B 1093 75.85 -55.39 -41.11
CA VAL B 1093 77.25 -55.17 -40.83
C VAL B 1093 77.85 -54.43 -42.02
N ILE B 1094 78.57 -53.33 -41.76
CA ILE B 1094 79.25 -52.56 -42.79
C ILE B 1094 80.74 -52.71 -42.58
N ASN B 1095 81.43 -53.25 -43.56
CA ASN B 1095 82.85 -53.52 -43.49
C ASN B 1095 83.60 -52.23 -43.81
N ASP B 1096 84.90 -52.19 -43.51
CA ASP B 1096 85.68 -50.96 -43.59
C ASP B 1096 85.88 -50.57 -45.03
N PRO B 1097 85.50 -49.35 -45.46
CA PRO B 1097 85.75 -48.89 -46.82
C PRO B 1097 87.09 -48.27 -47.15
N ASN B 1098 88.04 -48.28 -46.21
CA ASN B 1098 89.34 -47.68 -46.43
C ASN B 1098 90.44 -48.66 -46.07
N VAL B 1099 90.38 -49.86 -46.64
CA VAL B 1099 91.43 -50.84 -46.46
C VAL B 1099 92.12 -51.07 -47.81
N ALA B 1100 93.39 -50.70 -47.88
CA ALA B 1100 94.17 -50.83 -49.11
C ALA B 1100 94.46 -52.30 -49.38
N ASP B 1101 95.10 -52.97 -48.41
CA ASP B 1101 95.46 -54.36 -48.54
C ASP B 1101 95.00 -55.11 -47.29
N ALA B 1102 94.30 -56.22 -47.51
CA ALA B 1102 93.62 -56.92 -46.43
C ALA B 1102 94.54 -57.93 -45.77
N ALA B 1103 95.71 -58.18 -46.38
CA ALA B 1103 96.63 -59.17 -45.87
C ALA B 1103 97.58 -58.55 -44.86
N LYS B 1104 97.47 -57.24 -44.65
CA LYS B 1104 98.36 -56.54 -43.74
C LYS B 1104 97.63 -56.15 -42.45
N VAL B 1105 96.36 -56.57 -42.30
CA VAL B 1105 95.59 -56.22 -41.13
C VAL B 1105 95.94 -57.19 -40.01
N LYS B 1106 96.11 -56.66 -38.79
CA LYS B 1106 96.43 -57.46 -37.61
C LYS B 1106 95.58 -57.10 -36.40
N LYS B 1107 94.65 -56.15 -36.54
CA LYS B 1107 93.68 -55.84 -35.51
C LYS B 1107 92.34 -55.47 -36.15
N VAL B 1108 91.26 -56.01 -35.60
CA VAL B 1108 89.91 -55.67 -36.01
C VAL B 1108 89.20 -55.01 -34.84
N MET B 1109 88.56 -53.87 -35.07
CA MET B 1109 87.76 -53.18 -34.09
C MET B 1109 86.29 -53.31 -34.46
N LEU B 1110 85.43 -53.62 -33.48
CA LEU B 1110 83.99 -53.63 -33.66
C LEU B 1110 83.39 -52.44 -32.92
N VAL B 1111 82.47 -51.74 -33.56
CA VAL B 1111 81.91 -50.51 -33.04
C VAL B 1111 80.45 -50.41 -33.46
N SER B 1112 79.66 -49.60 -32.77
CA SER B 1112 78.28 -49.31 -33.14
C SER B 1112 77.97 -47.84 -32.86
N GLY B 1113 77.49 -47.12 -33.87
CA GLY B 1113 77.00 -45.77 -33.70
C GLY B 1113 78.00 -44.70 -34.14
N LYS B 1114 78.04 -43.58 -33.41
CA LYS B 1114 78.72 -42.37 -33.84
C LYS B 1114 80.20 -42.38 -33.51
N LEU B 1115 80.70 -43.32 -32.73
CA LEU B 1115 82.09 -43.33 -32.38
C LEU B 1115 82.92 -43.82 -33.57
N TYR B 1116 82.26 -44.31 -34.62
CA TYR B 1116 82.95 -44.73 -35.82
C TYR B 1116 83.72 -43.56 -36.41
N TYR B 1117 83.09 -42.39 -36.44
CA TYR B 1117 83.59 -41.28 -37.21
C TYR B 1117 84.80 -40.65 -36.53
N GLU B 1118 85.03 -40.97 -35.25
CA GLU B 1118 86.21 -40.50 -34.54
C GLU B 1118 87.37 -41.45 -34.79
N LEU B 1119 87.10 -42.75 -34.73
CA LEU B 1119 88.13 -43.75 -34.92
C LEU B 1119 88.66 -43.67 -36.34
N ALA B 1120 87.77 -43.45 -37.31
CA ALA B 1120 88.13 -43.39 -38.72
C ALA B 1120 89.06 -42.21 -38.98
N LYS B 1121 88.73 -41.08 -38.35
CA LYS B 1121 89.48 -39.84 -38.44
C LYS B 1121 90.92 -40.08 -38.00
N ARG B 1122 91.09 -40.78 -36.89
CA ARG B 1122 92.39 -40.98 -36.28
C ARG B 1122 93.21 -41.95 -37.10
N LYS B 1123 92.55 -42.93 -37.71
CA LYS B 1123 93.23 -43.92 -38.53
C LYS B 1123 93.87 -43.27 -39.73
N GLU B 1124 93.18 -42.28 -40.31
CA GLU B 1124 93.64 -41.56 -41.49
C GLU B 1124 94.83 -40.68 -41.13
N LYS B 1125 94.76 -40.04 -39.97
CA LYS B 1125 95.75 -39.08 -39.53
C LYS B 1125 97.07 -39.77 -39.24
N ASP B 1126 97.03 -40.94 -38.61
CA ASP B 1126 98.23 -41.62 -38.18
C ASP B 1126 98.71 -42.63 -39.22
N GLY B 1127 97.90 -42.89 -40.23
CA GLY B 1127 98.32 -43.73 -41.33
C GLY B 1127 98.50 -45.18 -40.91
N ARG B 1128 97.48 -45.75 -40.27
CA ARG B 1128 97.53 -47.12 -39.79
C ARG B 1128 96.88 -48.02 -40.83
N ASP B 1129 97.66 -48.96 -41.37
CA ASP B 1129 97.18 -49.91 -42.37
C ASP B 1129 97.09 -51.31 -41.77
N ASP B 1130 97.26 -51.41 -40.45
CA ASP B 1130 97.17 -52.68 -39.77
C ASP B 1130 95.88 -52.76 -38.95
N ILE B 1131 94.96 -51.81 -39.17
CA ILE B 1131 93.70 -51.78 -38.44
C ILE B 1131 92.55 -51.79 -39.44
N ALA B 1132 91.43 -52.41 -39.04
CA ALA B 1132 90.18 -52.38 -39.78
C ALA B 1132 89.00 -52.16 -38.85
N ILE B 1133 88.16 -51.15 -39.11
CA ILE B 1133 87.01 -50.86 -38.28
C ILE B 1133 85.75 -51.40 -38.94
N VAL B 1134 84.99 -52.24 -38.21
CA VAL B 1134 83.77 -52.89 -38.68
C VAL B 1134 82.58 -52.46 -37.82
N ARG B 1135 81.47 -52.09 -38.44
CA ARG B 1135 80.31 -51.54 -37.76
C ARG B 1135 79.21 -52.56 -37.64
N ILE B 1136 78.46 -52.52 -36.53
CA ILE B 1136 77.32 -53.37 -36.29
C ILE B 1136 76.09 -52.47 -36.18
N GLU B 1137 75.13 -52.65 -37.09
CA GLU B 1137 74.00 -51.76 -37.23
C GLU B 1137 72.77 -52.33 -36.54
N MET B 1138 72.61 -53.66 -36.63
CA MET B 1138 71.53 -54.36 -35.95
C MET B 1138 72.12 -55.10 -34.76
N LEU B 1139 71.61 -54.81 -33.56
CA LEU B 1139 72.16 -55.33 -32.32
C LEU B 1139 71.45 -56.62 -31.93
N HIS B 1140 70.11 -56.65 -32.03
CA HIS B 1140 69.34 -57.86 -31.80
C HIS B 1140 68.33 -58.03 -32.92
N PRO B 1141 68.24 -59.19 -33.61
CA PRO B 1141 69.12 -60.34 -33.41
C PRO B 1141 70.57 -60.14 -33.80
N ILE B 1142 71.44 -61.02 -33.34
CA ILE B 1142 72.86 -60.90 -33.60
C ILE B 1142 73.12 -61.43 -35.00
N PRO B 1143 73.69 -60.63 -35.91
CA PRO B 1143 74.04 -61.11 -37.23
C PRO B 1143 75.40 -61.80 -37.22
N PHE B 1144 75.41 -63.04 -36.77
CA PHE B 1144 76.65 -63.72 -36.49
C PHE B 1144 77.27 -64.28 -37.76
N ASN B 1145 76.47 -64.52 -38.79
CA ASN B 1145 76.98 -65.02 -40.06
C ASN B 1145 77.75 -63.95 -40.78
N ARG B 1146 77.28 -62.70 -40.70
CA ARG B 1146 77.93 -61.58 -41.35
C ARG B 1146 79.22 -61.21 -40.62
N ILE B 1147 79.20 -61.24 -39.29
CA ILE B 1147 80.38 -60.91 -38.52
C ILE B 1147 81.45 -61.96 -38.79
N SER B 1148 81.04 -63.21 -38.93
CA SER B 1148 81.98 -64.29 -39.22
C SER B 1148 82.61 -64.09 -40.58
N GLU B 1149 81.81 -63.69 -41.55
CA GLU B 1149 82.24 -63.49 -42.93
C GLU B 1149 83.27 -62.37 -42.99
N ALA B 1150 83.02 -61.29 -42.23
CA ALA B 1150 83.88 -60.13 -42.21
C ALA B 1150 85.23 -60.47 -41.60
N LEU B 1151 85.22 -61.19 -40.47
CA LEU B 1151 86.44 -61.56 -39.79
C LEU B 1151 87.27 -62.51 -40.64
N ALA B 1152 86.61 -63.34 -41.45
CA ALA B 1152 87.29 -64.32 -42.28
C ALA B 1152 88.04 -63.64 -43.41
N GLY B 1153 87.62 -62.44 -43.78
CA GLY B 1153 88.25 -61.69 -44.84
C GLY B 1153 89.61 -61.11 -44.45
N TYR B 1154 89.94 -61.14 -43.17
CA TYR B 1154 91.24 -60.70 -42.68
C TYR B 1154 91.97 -61.88 -42.06
N PRO B 1155 92.72 -62.69 -42.84
CA PRO B 1155 93.24 -63.95 -42.35
C PRO B 1155 94.44 -63.91 -41.41
N ASN B 1156 95.05 -62.74 -41.23
CA ASN B 1156 96.23 -62.63 -40.39
C ASN B 1156 95.92 -61.81 -39.14
N ALA B 1157 94.65 -61.74 -38.75
CA ALA B 1157 94.24 -61.02 -37.56
C ALA B 1157 94.59 -61.82 -36.31
N GLU B 1158 95.04 -61.12 -35.28
CA GLU B 1158 95.47 -61.72 -34.03
C GLU B 1158 94.59 -61.25 -32.88
N GLU B 1159 94.01 -60.05 -32.98
CA GLU B 1159 93.21 -59.47 -31.93
C GLU B 1159 91.85 -59.02 -32.46
N VAL B 1160 90.86 -59.00 -31.58
CA VAL B 1160 89.58 -58.36 -31.82
C VAL B 1160 89.27 -57.47 -30.62
N LEU B 1161 88.93 -56.21 -30.89
CA LEU B 1161 88.61 -55.24 -29.86
C LEU B 1161 87.16 -54.84 -29.99
N PHE B 1162 86.46 -54.70 -28.86
CA PHE B 1162 85.10 -54.18 -28.84
C PHE B 1162 85.15 -52.80 -28.19
N VAL B 1163 84.78 -51.76 -28.95
CA VAL B 1163 84.96 -50.39 -28.51
C VAL B 1163 83.61 -49.72 -28.35
N GLN B 1164 83.34 -49.13 -27.18
CA GLN B 1164 82.12 -48.40 -26.95
C GLN B 1164 82.37 -47.18 -26.09
N ASP B 1165 81.46 -46.22 -26.14
CA ASP B 1165 81.56 -45.00 -25.37
C ASP B 1165 80.98 -45.16 -23.97
N GLU B 1166 80.05 -46.09 -23.79
CA GLU B 1166 79.31 -46.18 -22.54
C GLU B 1166 80.20 -46.82 -21.47
N PRO B 1167 79.92 -46.62 -20.17
CA PRO B 1167 80.57 -47.35 -19.11
C PRO B 1167 80.49 -48.86 -19.25
N ALA B 1168 81.34 -49.59 -18.55
CA ALA B 1168 81.54 -51.01 -18.78
C ALA B 1168 80.35 -51.84 -18.35
N ASN B 1169 79.47 -51.30 -17.51
CA ASN B 1169 78.29 -52.00 -17.05
C ASN B 1169 77.06 -51.53 -17.81
N GLN B 1170 77.27 -50.78 -18.89
CA GLN B 1170 76.20 -50.25 -19.71
C GLN B 1170 76.57 -50.45 -21.18
N GLY B 1171 75.65 -50.12 -22.08
CA GLY B 1171 75.88 -50.23 -23.51
C GLY B 1171 75.72 -51.67 -23.97
N PRO B 1172 76.09 -52.01 -25.23
CA PRO B 1172 76.01 -53.38 -25.71
C PRO B 1172 77.03 -54.44 -25.30
N TRP B 1173 78.01 -54.11 -24.47
CA TRP B 1173 79.09 -55.04 -24.17
C TRP B 1173 78.62 -56.22 -23.35
N PRO B 1174 77.84 -56.04 -22.26
CA PRO B 1174 77.38 -57.16 -21.46
C PRO B 1174 76.66 -58.26 -22.23
N PHE B 1175 75.85 -57.87 -23.22
CA PHE B 1175 75.08 -58.79 -24.04
C PHE B 1175 76.00 -59.56 -24.98
N TYR B 1176 76.98 -58.86 -25.55
CA TYR B 1176 77.81 -59.43 -26.60
C TYR B 1176 78.90 -60.33 -26.02
N GLN B 1177 79.41 -60.03 -24.82
CA GLN B 1177 80.47 -60.83 -24.24
C GLN B 1177 79.93 -62.20 -23.81
N GLU B 1178 78.62 -62.27 -23.57
CA GLU B 1178 77.98 -63.51 -23.17
C GLU B 1178 77.69 -64.39 -24.37
N HIS B 1179 77.17 -63.80 -25.46
CA HIS B 1179 76.53 -64.54 -26.52
C HIS B 1179 77.42 -64.78 -27.74
N LEU B 1180 78.34 -63.88 -28.04
CA LEU B 1180 79.01 -63.92 -29.34
C LEU B 1180 80.05 -65.03 -29.40
N PRO B 1181 80.86 -65.28 -28.35
CA PRO B 1181 81.82 -66.39 -28.38
C PRO B 1181 81.26 -67.79 -28.66
N GLU B 1182 80.03 -68.04 -28.22
CA GLU B 1182 79.35 -69.30 -28.47
C GLU B 1182 79.02 -69.44 -29.95
N LEU B 1183 78.56 -68.34 -30.57
CA LEU B 1183 78.06 -68.36 -31.94
C LEU B 1183 79.19 -68.37 -32.95
N ILE B 1184 80.37 -67.84 -32.59
CA ILE B 1184 81.53 -67.86 -33.47
C ILE B 1184 82.68 -68.52 -32.73
N PRO B 1185 82.77 -69.86 -32.70
CA PRO B 1185 83.79 -70.57 -31.93
C PRO B 1185 85.27 -70.29 -32.22
N ASN B 1186 85.60 -69.94 -33.46
CA ASN B 1186 86.99 -69.83 -33.88
C ASN B 1186 87.52 -68.42 -33.73
N MET B 1187 86.72 -67.50 -33.17
CA MET B 1187 87.10 -66.11 -33.04
C MET B 1187 88.11 -65.97 -31.91
N PRO B 1188 89.12 -65.08 -32.01
CA PRO B 1188 90.00 -64.78 -30.87
C PRO B 1188 89.25 -64.20 -29.68
N LYS B 1189 89.89 -64.20 -28.51
CA LYS B 1189 89.27 -63.64 -27.31
C LYS B 1189 89.12 -62.13 -27.50
N MET B 1190 87.95 -61.61 -27.13
CA MET B 1190 87.64 -60.20 -27.30
C MET B 1190 88.26 -59.42 -26.16
N ARG B 1191 88.52 -58.13 -26.40
CA ARG B 1191 89.07 -57.23 -25.42
C ARG B 1191 88.24 -55.95 -25.41
N ARG B 1192 87.79 -55.54 -24.23
CA ARG B 1192 86.92 -54.38 -24.10
C ARG B 1192 87.76 -53.12 -24.07
N VAL B 1193 87.27 -52.06 -24.72
CA VAL B 1193 87.80 -50.72 -24.57
C VAL B 1193 86.61 -49.79 -24.38
N SER B 1194 86.48 -49.21 -23.19
CA SER B 1194 85.34 -48.38 -22.84
C SER B 1194 85.68 -47.48 -21.67
N ARG B 1195 84.70 -46.70 -21.23
CA ARG B 1195 84.78 -45.97 -19.98
C ARG B 1195 84.61 -46.94 -18.80
N ARG B 1196 85.08 -46.54 -17.61
CA ARG B 1196 85.00 -47.37 -16.41
C ARG B 1196 83.55 -47.48 -15.96
N ALA B 1197 83.26 -48.50 -15.13
CA ALA B 1197 81.92 -48.73 -14.62
C ALA B 1197 81.53 -47.64 -13.63
N GLN B 1198 80.25 -47.27 -13.64
CA GLN B 1198 79.77 -46.12 -12.90
C GLN B 1198 78.37 -46.37 -12.38
N SER B 1199 78.01 -45.67 -11.30
CA SER B 1199 76.70 -45.74 -10.70
C SER B 1199 75.72 -44.86 -11.45
N SER B 1200 76.21 -43.71 -11.92
CA SER B 1200 75.43 -42.84 -12.79
C SER B 1200 75.77 -43.12 -14.25
N THR B 1201 75.11 -42.39 -15.14
CA THR B 1201 75.22 -42.60 -16.57
C THR B 1201 76.46 -41.95 -17.14
N ALA B 1202 76.73 -40.70 -16.73
CA ALA B 1202 77.85 -39.94 -17.27
C ALA B 1202 78.24 -38.83 -16.29
N THR B 1203 79.37 -38.19 -16.55
CA THR B 1203 79.88 -37.10 -15.73
C THR B 1203 79.05 -35.84 -15.93
N GLY B 1204 79.20 -34.90 -15.01
CA GLY B 1204 78.48 -33.64 -15.08
C GLY B 1204 79.38 -32.47 -15.47
N VAL B 1205 80.69 -32.71 -15.51
CA VAL B 1205 81.69 -31.73 -15.89
C VAL B 1205 82.09 -31.98 -17.33
N ALA B 1206 82.23 -30.90 -18.12
CA ALA B 1206 82.47 -31.00 -19.55
C ALA B 1206 83.94 -31.22 -19.87
N LYS B 1207 84.85 -30.66 -19.08
CA LYS B 1207 86.26 -30.84 -19.34
C LYS B 1207 86.67 -32.27 -19.07
N VAL B 1208 86.03 -32.92 -18.09
CA VAL B 1208 86.32 -34.31 -17.76
C VAL B 1208 85.84 -35.21 -18.88
N HIS B 1209 84.73 -34.85 -19.54
CA HIS B 1209 84.22 -35.59 -20.66
C HIS B 1209 85.23 -35.64 -21.79
N GLN B 1210 85.87 -34.51 -22.06
CA GLN B 1210 86.81 -34.42 -23.15
C GLN B 1210 88.07 -35.20 -22.84
N LEU B 1211 88.47 -35.22 -21.58
CA LEU B 1211 89.67 -35.92 -21.16
C LEU B 1211 89.47 -37.42 -21.27
N GLU B 1212 88.27 -37.89 -20.93
CA GLU B 1212 87.91 -39.30 -20.99
C GLU B 1212 87.93 -39.80 -22.43
N GLU B 1213 87.42 -38.99 -23.36
CA GLU B 1213 87.30 -39.38 -24.75
C GLU B 1213 88.69 -39.56 -25.35
N LYS B 1214 89.61 -38.68 -25.00
CA LYS B 1214 90.98 -38.75 -25.48
C LYS B 1214 91.64 -40.03 -24.98
N GLN B 1215 91.42 -40.34 -23.71
CA GLN B 1215 92.01 -41.50 -23.07
C GLN B 1215 91.54 -42.79 -23.74
N LEU B 1216 90.27 -42.81 -24.16
CA LEU B 1216 89.62 -43.97 -24.74
C LEU B 1216 90.19 -44.28 -26.10
N ILE B 1217 90.30 -43.27 -26.96
CA ILE B 1217 90.77 -43.46 -28.31
C ILE B 1217 92.25 -43.79 -28.31
N ASP B 1218 93.00 -43.29 -27.33
CA ASP B 1218 94.41 -43.59 -27.24
C ASP B 1218 94.61 -45.04 -26.86
N GLU B 1219 93.74 -45.57 -26.01
CA GLU B 1219 93.85 -46.94 -25.54
C GLU B 1219 93.56 -47.92 -26.67
N ALA B 1220 92.69 -47.51 -27.60
CA ALA B 1220 92.31 -48.34 -28.73
C ALA B 1220 93.45 -48.52 -29.71
N PHE B 1221 94.26 -47.46 -29.90
CA PHE B 1221 95.35 -47.49 -30.85
C PHE B 1221 96.67 -47.79 -30.15
N GLU B 1222 96.64 -48.69 -29.17
CA GLU B 1222 97.80 -49.08 -28.38
C GLU B 1222 98.25 -47.89 -27.53
N PRO C 104 35.44 14.17 -57.00
CA PRO C 104 36.23 15.33 -56.54
C PRO C 104 36.47 16.34 -57.67
N GLY C 105 36.26 17.63 -57.37
CA GLY C 105 36.44 18.70 -58.33
C GLY C 105 35.16 19.50 -58.55
N GLN C 106 35.10 20.19 -59.69
CA GLN C 106 34.03 21.09 -60.04
C GLN C 106 33.20 20.50 -61.16
N THR C 107 31.89 20.74 -61.16
CA THR C 107 31.04 20.31 -62.25
C THR C 107 29.83 21.24 -62.38
N PRO C 108 29.55 21.78 -63.58
CA PRO C 108 28.35 22.58 -63.81
C PRO C 108 27.03 21.91 -63.43
N ILE C 109 26.07 22.75 -63.01
CA ILE C 109 24.75 22.28 -62.64
C ILE C 109 23.87 22.36 -63.87
N ARG C 110 23.17 21.27 -64.18
CA ARG C 110 22.39 21.16 -65.39
C ARG C 110 21.04 20.53 -65.07
N GLY C 111 19.98 21.04 -65.68
CA GLY C 111 18.70 20.35 -65.72
C GLY C 111 17.71 20.91 -64.71
N ILE C 112 17.00 20.00 -64.02
CA ILE C 112 16.03 20.38 -63.01
C ILE C 112 16.75 21.00 -61.82
N PHE C 113 18.00 20.59 -61.60
CA PHE C 113 18.80 21.08 -60.51
C PHE C 113 19.17 22.55 -60.71
N LYS C 114 19.36 22.95 -61.97
CA LYS C 114 19.65 24.33 -62.28
C LYS C 114 18.44 25.21 -62.01
N SER C 115 17.24 24.68 -62.25
CA SER C 115 16.02 25.41 -61.99
C SER C 115 15.78 25.59 -60.50
N ILE C 116 16.10 24.58 -59.70
CA ILE C 116 15.95 24.65 -58.25
C ILE C 116 16.90 25.71 -57.71
N ALA C 117 18.10 25.79 -58.28
CA ALA C 117 19.10 26.73 -57.82
C ALA C 117 18.68 28.16 -58.11
N LYS C 118 18.08 28.39 -59.28
CA LYS C 118 17.75 29.74 -59.71
C LYS C 118 16.60 30.29 -58.87
N ASN C 119 15.65 29.43 -58.52
CA ASN C 119 14.47 29.84 -57.78
C ASN C 119 14.84 30.20 -56.34
N MET C 120 15.81 29.47 -55.77
CA MET C 120 16.24 29.72 -54.40
C MET C 120 16.97 31.06 -54.33
N ASP C 121 17.63 31.45 -55.42
CA ASP C 121 18.30 32.74 -55.49
C ASP C 121 17.27 33.86 -55.58
N ILE C 122 16.19 33.64 -56.31
CA ILE C 122 15.14 34.65 -56.46
C ILE C 122 14.45 34.86 -55.11
N SER C 123 14.38 33.81 -54.30
CA SER C 123 13.61 33.86 -53.06
C SER C 123 14.29 34.70 -51.99
N LEU C 124 15.48 35.20 -52.27
CA LEU C 124 16.21 36.02 -51.32
C LEU C 124 15.58 37.40 -51.18
N GLU C 125 14.60 37.73 -52.03
CA GLU C 125 13.98 39.05 -51.97
C GLU C 125 12.61 39.01 -51.29
N ILE C 126 12.36 38.00 -50.44
CA ILE C 126 11.13 37.95 -49.66
C ILE C 126 11.48 38.06 -48.18
N PRO C 127 11.00 39.09 -47.45
CA PRO C 127 11.12 39.14 -46.00
C PRO C 127 10.19 38.16 -45.26
N THR C 128 10.75 37.28 -44.44
CA THR C 128 10.00 36.17 -43.88
C THR C 128 10.14 36.12 -42.37
N ALA C 129 9.08 35.64 -41.71
CA ALA C 129 9.09 35.32 -40.29
C ALA C 129 8.38 33.99 -40.05
N THR C 130 8.57 33.42 -38.86
CA THR C 130 8.13 32.07 -38.56
C THR C 130 7.44 32.01 -37.20
N SER C 131 6.44 31.13 -37.08
CA SER C 131 5.74 30.85 -35.84
C SER C 131 5.71 29.33 -35.60
N VAL C 132 5.78 28.91 -34.34
CA VAL C 132 5.88 27.50 -33.97
C VAL C 132 4.86 27.21 -32.87
N ARG C 133 4.13 26.10 -32.99
CA ARG C 133 3.15 25.69 -31.98
C ARG C 133 3.07 24.18 -31.89
N ASP C 134 2.92 23.65 -30.67
CA ASP C 134 2.82 22.22 -30.41
C ASP C 134 1.40 21.88 -29.96
N MET C 135 0.90 20.72 -30.38
CA MET C 135 -0.50 20.37 -30.27
C MET C 135 -0.64 18.92 -29.81
N PRO C 136 -1.62 18.58 -28.94
CA PRO C 136 -1.93 17.18 -28.63
C PRO C 136 -2.33 16.35 -29.84
N ALA C 137 -2.03 15.05 -29.82
CA ALA C 137 -2.23 14.20 -30.97
C ALA C 137 -2.93 12.89 -30.64
N ARG C 138 -3.51 12.75 -29.45
CA ARG C 138 -4.06 11.48 -29.00
C ARG C 138 -5.36 11.16 -29.72
N LEU C 139 -6.22 12.17 -29.87
CA LEU C 139 -7.52 11.98 -30.48
C LEU C 139 -7.38 11.66 -31.96
N MET C 140 -6.32 12.12 -32.61
CA MET C 140 -6.06 11.77 -33.99
C MET C 140 -5.82 10.27 -34.10
N PHE C 141 -4.96 9.74 -33.23
CA PHE C 141 -4.63 8.34 -33.28
C PHE C 141 -5.89 7.48 -33.11
N GLU C 142 -6.74 7.86 -32.16
CA GLU C 142 -7.92 7.08 -31.82
C GLU C 142 -8.93 7.07 -32.96
N ASN C 143 -9.24 8.26 -33.47
CA ASN C 143 -10.31 8.40 -34.44
C ASN C 143 -9.87 7.91 -35.80
N ARG C 144 -8.57 7.95 -36.10
CA ARG C 144 -8.07 7.41 -37.34
C ARG C 144 -8.22 5.90 -37.36
N ALA C 145 -8.01 5.26 -36.20
CA ALA C 145 -8.14 3.82 -36.10
C ALA C 145 -9.57 3.38 -36.34
N MET C 146 -10.54 4.18 -35.87
CA MET C 146 -11.94 3.86 -36.05
C MET C 146 -12.33 3.94 -37.52
N VAL C 147 -11.75 4.89 -38.26
CA VAL C 147 -12.10 5.07 -39.66
C VAL C 147 -11.51 3.93 -40.48
N ASN C 148 -10.32 3.48 -40.11
CA ASN C 148 -9.65 2.46 -40.89
C ASN C 148 -10.25 1.08 -40.63
N ASP C 149 -10.92 0.89 -39.49
CA ASP C 149 -11.63 -0.35 -39.21
C ASP C 149 -12.86 -0.48 -40.11
N GLN C 150 -13.56 0.63 -40.34
CA GLN C 150 -14.70 0.66 -41.23
C GLN C 150 -14.28 0.34 -42.66
N LEU C 151 -13.15 0.89 -43.10
CA LEU C 151 -12.72 0.71 -44.47
C LEU C 151 -12.28 -0.73 -44.69
N LYS C 152 -11.74 -1.37 -43.66
CA LYS C 152 -11.24 -2.73 -43.81
C LYS C 152 -12.39 -3.70 -44.08
N ARG C 153 -13.54 -3.50 -43.42
CA ARG C 153 -14.67 -4.39 -43.57
C ARG C 153 -15.33 -4.19 -44.94
N THR C 154 -15.23 -2.96 -45.47
CA THR C 154 -15.83 -2.62 -46.76
C THR C 154 -14.80 -2.73 -47.88
N ARG C 155 -13.65 -3.37 -47.60
CA ARG C 155 -12.60 -3.57 -48.57
C ARG C 155 -12.22 -2.26 -49.26
N GLY C 156 -12.13 -1.18 -48.48
CA GLY C 156 -11.61 0.09 -48.96
C GLY C 156 -10.11 0.19 -48.72
N GLY C 157 -9.59 1.42 -48.65
CA GLY C 157 -8.17 1.65 -48.47
C GLY C 157 -7.79 1.99 -47.03
N LYS C 158 -7.15 3.14 -46.84
CA LYS C 158 -6.52 3.54 -45.59
C LYS C 158 -6.24 5.03 -45.63
N ILE C 159 -6.63 5.79 -44.61
CA ILE C 159 -6.30 7.20 -44.55
C ILE C 159 -5.06 7.41 -43.67
N SER C 160 -4.36 8.52 -43.91
CA SER C 160 -3.10 8.86 -43.26
C SER C 160 -3.24 10.16 -42.47
N PHE C 161 -2.19 10.53 -41.74
CA PHE C 161 -2.20 11.72 -40.91
C PHE C 161 -2.12 12.98 -41.77
N THR C 162 -1.46 12.89 -42.92
CA THR C 162 -1.32 14.02 -43.82
C THR C 162 -2.67 14.40 -44.42
N HIS C 163 -3.53 13.41 -44.66
CA HIS C 163 -4.87 13.66 -45.17
C HIS C 163 -5.67 14.49 -44.17
N ILE C 164 -5.60 14.15 -42.89
CA ILE C 164 -6.38 14.81 -41.86
C ILE C 164 -5.87 16.22 -41.63
N ILE C 165 -4.55 16.39 -41.55
CA ILE C 165 -3.96 17.69 -41.28
C ILE C 165 -4.15 18.59 -42.49
N GLY C 166 -4.10 18.01 -43.69
CA GLY C 166 -4.39 18.74 -44.91
C GLY C 166 -5.79 19.35 -44.90
N TYR C 167 -6.79 18.56 -44.50
CA TYR C 167 -8.17 19.01 -44.53
C TYR C 167 -8.36 20.09 -43.47
N ALA C 168 -7.74 19.93 -42.31
CA ALA C 168 -7.81 20.91 -41.23
C ALA C 168 -7.21 22.24 -41.68
N MET C 169 -6.13 22.16 -42.46
CA MET C 169 -5.43 23.34 -42.93
C MET C 169 -6.32 24.15 -43.88
N VAL C 170 -7.09 23.45 -44.72
CA VAL C 170 -7.99 24.09 -45.67
C VAL C 170 -9.08 24.83 -44.91
N LYS C 171 -9.65 24.20 -43.88
CA LYS C 171 -10.71 24.81 -43.10
C LYS C 171 -10.21 26.05 -42.38
N ALA C 172 -8.94 26.03 -41.96
CA ALA C 172 -8.33 27.13 -41.24
C ALA C 172 -8.09 28.32 -42.16
N VAL C 173 -7.71 28.07 -43.41
CA VAL C 173 -7.47 29.13 -44.37
C VAL C 173 -8.78 29.80 -44.74
N MET C 174 -9.88 29.05 -44.73
CA MET C 174 -11.20 29.61 -44.97
C MET C 174 -11.60 30.53 -43.83
N ALA C 175 -11.23 30.18 -42.60
CA ALA C 175 -11.54 30.97 -41.43
C ALA C 175 -10.70 32.23 -41.36
N HIS C 176 -9.48 32.19 -41.93
CA HIS C 176 -8.55 33.31 -41.91
C HIS C 176 -8.04 33.54 -43.32
N PRO C 177 -8.82 34.21 -44.20
CA PRO C 177 -8.49 34.33 -45.62
C PRO C 177 -7.21 35.09 -46.00
N ASP C 178 -6.68 35.90 -45.09
CA ASP C 178 -5.49 36.69 -45.34
C ASP C 178 -4.27 35.79 -45.60
N MET C 179 -4.33 34.54 -45.18
CA MET C 179 -3.20 33.64 -45.31
C MET C 179 -3.06 33.16 -46.75
N ASN C 180 -3.97 33.56 -47.64
CA ASN C 180 -3.97 33.08 -49.01
C ASN C 180 -3.48 34.16 -49.98
N ASN C 181 -3.10 35.34 -49.47
CA ASN C 181 -2.74 36.47 -50.30
C ASN C 181 -1.25 36.49 -50.58
N SER C 182 -0.82 37.30 -51.56
CA SER C 182 0.57 37.41 -51.97
C SER C 182 0.90 38.83 -52.40
N TYR C 183 2.17 39.08 -52.77
CA TYR C 183 2.70 40.40 -53.07
C TYR C 183 3.35 40.42 -54.44
N ASP C 184 3.23 41.52 -55.17
CA ASP C 184 3.90 41.70 -56.44
C ASP C 184 4.01 43.18 -56.78
N VAL C 185 4.98 43.54 -57.61
CA VAL C 185 5.11 44.92 -58.07
C VAL C 185 4.71 44.98 -59.54
N ILE C 186 3.67 45.76 -59.84
CA ILE C 186 3.00 45.80 -61.14
C ILE C 186 2.93 47.24 -61.62
N ASP C 187 3.57 47.53 -62.76
CA ASP C 187 3.65 48.88 -63.28
C ASP C 187 4.43 49.73 -62.29
N GLY C 188 5.35 49.11 -61.59
CA GLY C 188 6.18 49.84 -60.65
C GLY C 188 5.45 50.28 -59.39
N LYS C 189 4.30 49.72 -59.07
CA LYS C 189 3.68 50.00 -57.80
C LYS C 189 3.50 48.72 -57.00
N PRO C 190 3.72 48.73 -55.67
CA PRO C 190 3.27 47.67 -54.78
C PRO C 190 1.82 47.26 -54.82
N THR C 191 1.56 45.95 -54.78
CA THR C 191 0.23 45.43 -55.02
C THR C 191 -0.05 44.19 -54.18
N LEU C 192 -1.27 44.09 -53.65
CA LEU C 192 -1.76 42.90 -52.97
C LEU C 192 -2.59 42.07 -53.94
N ILE C 193 -2.40 40.75 -53.93
CA ILE C 193 -3.07 39.86 -54.85
C ILE C 193 -3.95 38.90 -54.07
N VAL C 194 -5.26 38.91 -54.37
CA VAL C 194 -6.24 38.08 -53.70
C VAL C 194 -6.78 37.05 -54.69
N PRO C 195 -6.38 35.77 -54.62
CA PRO C 195 -6.83 34.78 -55.59
C PRO C 195 -8.29 34.37 -55.50
N GLU C 196 -8.73 33.61 -56.50
CA GLU C 196 -10.11 33.15 -56.60
C GLU C 196 -10.30 31.87 -55.80
N HIS C 197 -9.30 30.98 -55.84
CA HIS C 197 -9.42 29.67 -55.23
C HIS C 197 -8.27 29.41 -54.25
N ILE C 198 -8.46 28.40 -53.39
CA ILE C 198 -7.41 27.83 -52.57
C ILE C 198 -6.87 26.59 -53.27
N ASN C 199 -5.68 26.72 -53.86
CA ASN C 199 -5.00 25.61 -54.50
C ASN C 199 -3.85 25.16 -53.61
N LEU C 200 -3.88 23.89 -53.18
CA LEU C 200 -2.98 23.40 -52.15
C LEU C 200 -1.87 22.59 -52.80
N GLY C 201 -0.62 22.98 -52.55
CA GLY C 201 0.53 22.32 -53.11
C GLY C 201 1.08 21.25 -52.19
N LEU C 202 1.32 20.05 -52.74
CA LEU C 202 1.89 18.93 -52.02
C LEU C 202 3.33 18.74 -52.46
N ALA C 203 4.23 18.58 -51.48
CA ALA C 203 5.62 18.29 -51.75
C ALA C 203 5.79 16.79 -51.97
N ILE C 204 5.89 16.38 -53.24
CA ILE C 204 6.09 14.98 -53.59
C ILE C 204 7.56 14.74 -53.88
N ASP C 205 8.20 13.88 -53.07
CA ASP C 205 9.57 13.43 -53.31
C ASP C 205 9.53 12.21 -54.23
N LEU C 206 9.95 12.40 -55.49
CA LEU C 206 9.92 11.33 -56.48
C LEU C 206 11.32 11.11 -57.05
N PRO C 207 11.87 9.87 -56.94
CA PRO C 207 13.07 9.49 -57.70
C PRO C 207 12.84 9.49 -59.21
N GLN C 208 13.92 9.72 -59.97
CA GLN C 208 13.86 9.85 -61.42
C GLN C 208 14.48 8.61 -62.06
N LYS C 209 14.49 8.59 -63.40
CA LYS C 209 15.06 7.49 -64.17
C LYS C 209 16.55 7.34 -63.90
N ASP C 210 17.24 8.48 -63.71
CA ASP C 210 18.68 8.51 -63.51
C ASP C 210 19.05 7.81 -62.20
N GLY C 211 18.28 8.08 -61.14
CA GLY C 211 18.53 7.54 -59.82
C GLY C 211 18.81 8.61 -58.78
N SER C 212 18.36 9.85 -59.04
CA SER C 212 18.53 10.97 -58.14
C SER C 212 17.16 11.52 -57.76
N ARG C 213 16.96 11.77 -56.46
CA ARG C 213 15.70 12.28 -55.94
C ARG C 213 15.57 13.77 -56.26
N ALA C 214 14.34 14.19 -56.62
CA ALA C 214 14.02 15.59 -56.83
C ALA C 214 12.65 15.89 -56.24
N LEU C 215 12.48 17.12 -55.74
CA LEU C 215 11.25 17.54 -55.10
C LEU C 215 10.49 18.48 -56.04
N VAL C 216 9.19 18.20 -56.23
CA VAL C 216 8.31 19.00 -57.06
C VAL C 216 7.04 19.28 -56.28
N VAL C 217 6.34 20.35 -56.64
CA VAL C 217 5.10 20.71 -55.97
C VAL C 217 3.96 20.67 -56.99
N ALA C 218 3.04 19.72 -56.77
CA ALA C 218 1.83 19.58 -57.55
C ALA C 218 0.65 20.13 -56.76
N ALA C 219 -0.42 20.50 -57.46
CA ALA C 219 -1.52 21.25 -56.85
C ALA C 219 -2.82 20.44 -56.86
N ILE C 220 -3.56 20.52 -55.75
CA ILE C 220 -4.95 20.14 -55.68
C ILE C 220 -5.76 21.42 -55.82
N LYS C 221 -6.65 21.49 -56.82
CA LYS C 221 -7.26 22.76 -57.18
C LYS C 221 -8.69 22.84 -56.68
N GLU C 222 -9.13 24.07 -56.40
CA GLU C 222 -10.49 24.39 -56.01
C GLU C 222 -10.88 23.54 -54.80
N THR C 223 -10.21 23.80 -53.68
CA THR C 223 -10.30 22.96 -52.50
C THR C 223 -11.36 23.50 -51.54
N GLU C 224 -11.77 24.74 -51.74
CA GLU C 224 -12.68 25.39 -50.80
C GLU C 224 -14.13 24.99 -51.05
N LYS C 225 -14.35 24.11 -52.03
CA LYS C 225 -15.68 23.59 -52.32
C LYS C 225 -15.63 22.07 -52.33
N MET C 226 -15.01 21.49 -51.29
CA MET C 226 -14.86 20.05 -51.17
C MET C 226 -15.21 19.62 -49.74
N ASN C 227 -15.77 18.40 -49.60
CA ASN C 227 -15.89 17.74 -48.32
C ASN C 227 -14.77 16.70 -48.22
N PHE C 228 -14.71 15.95 -47.11
CA PHE C 228 -13.56 15.12 -46.84
C PHE C 228 -13.45 14.02 -47.89
N SER C 229 -14.59 13.48 -48.34
CA SER C 229 -14.61 12.43 -49.33
C SER C 229 -14.00 12.90 -50.64
N GLU C 230 -14.42 14.09 -51.07
CA GLU C 230 -13.93 14.69 -52.31
C GLU C 230 -12.44 15.00 -52.18
N PHE C 231 -12.03 15.50 -51.00
CA PHE C 231 -10.65 15.90 -50.76
C PHE C 231 -9.73 14.69 -50.88
N LEU C 232 -10.15 13.56 -50.30
CA LEU C 232 -9.33 12.38 -50.26
C LEU C 232 -9.11 11.85 -51.68
N ALA C 233 -10.16 11.93 -52.50
CA ALA C 233 -10.11 11.45 -53.87
C ALA C 233 -9.11 12.26 -54.70
N ALA C 234 -9.19 13.59 -54.59
CA ALA C 234 -8.31 14.48 -55.31
C ALA C 234 -6.85 14.27 -54.92
N TYR C 235 -6.62 14.06 -53.63
CA TYR C 235 -5.28 13.83 -53.10
C TYR C 235 -4.70 12.59 -53.75
N GLU C 236 -5.46 11.50 -53.72
CA GLU C 236 -4.99 10.21 -54.20
C GLU C 236 -4.83 10.21 -55.71
N ASP C 237 -5.59 11.08 -56.40
CA ASP C 237 -5.48 11.24 -57.83
C ASP C 237 -4.09 11.76 -58.20
N ILE C 238 -3.65 12.83 -57.53
CA ILE C 238 -2.37 13.45 -57.82
C ILE C 238 -1.24 12.48 -57.55
N VAL C 239 -1.33 11.76 -56.44
CA VAL C 239 -0.28 10.84 -56.01
C VAL C 239 -0.18 9.69 -57.00
N ALA C 240 -1.33 9.17 -57.45
CA ALA C 240 -1.39 8.00 -58.31
C ALA C 240 -0.76 8.31 -59.67
N ARG C 241 -1.10 9.47 -60.24
CA ARG C 241 -0.63 9.84 -61.56
C ARG C 241 0.85 10.19 -61.53
N SER C 242 1.38 10.56 -60.36
CA SER C 242 2.78 10.90 -60.24
C SER C 242 3.64 9.65 -60.40
N ARG C 243 3.18 8.53 -59.85
CA ARG C 243 3.94 7.29 -59.86
C ARG C 243 3.94 6.69 -61.26
N LYS C 244 2.83 6.86 -61.99
CA LYS C 244 2.69 6.33 -63.34
C LYS C 244 3.30 7.28 -64.37
N GLY C 245 3.67 8.49 -63.94
CA GLY C 245 4.31 9.45 -64.82
C GLY C 245 3.34 10.05 -65.83
N LYS C 246 2.22 10.58 -65.34
CA LYS C 246 1.18 11.11 -66.19
C LYS C 246 0.71 12.48 -65.69
N LEU C 247 1.64 13.32 -65.22
CA LEU C 247 1.31 14.67 -64.79
C LEU C 247 1.60 15.66 -65.92
N THR C 248 0.66 16.56 -66.16
CA THR C 248 0.77 17.57 -67.20
C THR C 248 1.43 18.83 -66.63
N MET C 249 1.53 19.87 -67.46
CA MET C 249 2.18 21.11 -67.07
C MET C 249 1.20 21.98 -66.30
N ASP C 250 -0.09 21.72 -66.45
CA ASP C 250 -1.12 22.50 -65.78
C ASP C 250 -1.16 22.17 -64.29
N ASP C 251 -0.70 20.97 -63.92
CA ASP C 251 -0.75 20.51 -62.54
C ASP C 251 0.32 21.20 -61.69
N TYR C 252 1.29 21.84 -62.32
CA TYR C 252 2.36 22.49 -61.61
C TYR C 252 2.16 24.01 -61.57
N GLN C 253 0.95 24.50 -61.84
CA GLN C 253 0.73 25.93 -61.93
C GLN C 253 -0.43 26.36 -61.07
N GLY C 254 -0.31 27.51 -60.42
CA GLY C 254 -1.41 28.16 -59.74
C GLY C 254 -1.49 27.87 -58.25
N VAL C 255 -0.40 27.41 -57.64
CA VAL C 255 -0.37 27.10 -56.22
C VAL C 255 -0.50 28.39 -55.43
N THR C 256 -1.30 28.36 -54.36
CA THR C 256 -1.51 29.52 -53.52
C THR C 256 -1.02 29.31 -52.09
N VAL C 257 -0.88 28.06 -51.65
CA VAL C 257 -0.40 27.75 -50.31
C VAL C 257 0.10 26.31 -50.29
N SER C 258 1.19 26.05 -49.56
CA SER C 258 1.93 24.78 -49.64
C SER C 258 1.99 24.08 -48.29
N LEU C 259 2.22 22.75 -48.35
CA LEU C 259 2.33 21.89 -47.19
C LEU C 259 3.54 20.97 -47.35
N THR C 260 4.35 20.84 -46.30
CA THR C 260 5.52 19.99 -46.30
C THR C 260 5.54 19.15 -45.04
N ASN C 261 6.18 17.97 -45.10
CA ASN C 261 6.14 17.00 -44.02
C ASN C 261 7.55 16.48 -43.72
N PRO C 262 8.41 17.25 -43.03
CA PRO C 262 9.69 16.75 -42.56
C PRO C 262 9.66 15.75 -41.40
N GLY C 263 8.47 15.51 -40.82
CA GLY C 263 8.32 14.60 -39.71
C GLY C 263 8.32 13.13 -40.11
N GLY C 264 8.21 12.85 -41.41
CA GLY C 264 8.31 11.49 -41.92
C GLY C 264 9.61 10.80 -41.50
N ILE C 265 10.74 11.50 -41.65
CA ILE C 265 12.04 10.98 -41.29
C ILE C 265 12.18 11.01 -39.77
N GLY C 266 11.61 12.02 -39.11
CA GLY C 266 11.63 12.11 -37.66
C GLY C 266 12.17 13.42 -37.12
N THR C 267 12.24 14.45 -37.97
CA THR C 267 12.64 15.78 -37.58
C THR C 267 11.56 16.39 -36.70
N ARG C 268 11.96 17.16 -35.69
CA ARG C 268 11.01 17.70 -34.72
C ARG C 268 10.32 18.94 -35.30
N HIS C 269 11.08 19.87 -35.87
CA HIS C 269 10.52 20.95 -36.65
C HIS C 269 11.59 21.54 -37.55
N SER C 270 11.18 22.40 -38.50
CA SER C 270 12.05 23.04 -39.46
C SER C 270 11.70 24.51 -39.65
N VAL C 271 12.63 25.26 -40.25
CA VAL C 271 12.38 26.62 -40.71
C VAL C 271 12.64 26.67 -42.21
N PRO C 272 11.63 26.41 -43.07
CA PRO C 272 11.82 26.35 -44.52
C PRO C 272 11.80 27.67 -45.29
N ARG C 273 12.11 27.60 -46.59
CA ARG C 273 12.12 28.75 -47.48
C ARG C 273 10.76 28.92 -48.16
N LEU C 274 10.40 30.16 -48.46
CA LEU C 274 9.19 30.49 -49.15
C LEU C 274 9.53 30.89 -50.57
N THR C 275 8.78 30.37 -51.54
CA THR C 275 9.02 30.63 -52.95
C THR C 275 8.11 31.77 -53.42
N LYS C 276 8.54 32.45 -54.48
CA LYS C 276 7.87 33.64 -54.98
C LYS C 276 6.51 33.26 -55.55
N GLY C 277 5.49 34.07 -55.22
CA GLY C 277 4.15 33.87 -55.73
C GLY C 277 3.18 33.37 -54.66
N GLN C 278 3.67 33.10 -53.46
CA GLN C 278 2.85 32.59 -52.38
C GLN C 278 3.03 33.47 -51.15
N GLY C 279 2.19 33.26 -50.14
CA GLY C 279 2.22 34.04 -48.92
C GLY C 279 2.64 33.22 -47.70
N THR C 280 2.37 31.91 -47.68
CA THR C 280 2.70 31.09 -46.53
C THR C 280 3.06 29.67 -46.96
N ILE C 281 3.84 29.00 -46.11
CA ILE C 281 4.13 27.58 -46.21
C ILE C 281 4.03 26.97 -44.80
N ILE C 282 3.39 25.80 -44.71
CA ILE C 282 3.11 25.12 -43.45
C ILE C 282 3.94 23.84 -43.38
N GLY C 283 4.56 23.58 -42.22
CA GLY C 283 5.39 22.41 -42.00
C GLY C 283 4.89 21.55 -40.85
N VAL C 284 4.92 20.22 -41.02
CA VAL C 284 4.43 19.26 -40.05
C VAL C 284 5.59 18.39 -39.58
N GLY C 285 5.81 18.38 -38.25
CA GLY C 285 6.92 17.70 -37.64
C GLY C 285 6.53 16.33 -37.09
N SER C 286 7.42 15.75 -36.30
CA SER C 286 7.32 14.36 -35.87
C SER C 286 6.17 14.16 -34.89
N MET C 287 5.51 13.01 -35.00
CA MET C 287 4.47 12.62 -34.08
C MET C 287 5.00 11.49 -33.22
N ASP C 288 5.58 11.85 -32.07
CA ASP C 288 6.35 10.94 -31.26
C ASP C 288 6.47 11.50 -29.85
N TYR C 289 6.83 10.64 -28.89
CA TYR C 289 7.03 11.09 -27.54
C TYR C 289 8.24 12.01 -27.53
N PRO C 290 8.31 13.02 -26.64
CA PRO C 290 9.54 13.77 -26.46
C PRO C 290 10.69 12.88 -26.03
N ALA C 291 11.92 13.35 -26.24
CA ALA C 291 13.09 12.50 -26.10
C ALA C 291 13.46 12.22 -24.65
N GLU C 292 12.87 12.95 -23.70
CA GLU C 292 13.06 12.67 -22.29
C GLU C 292 12.19 11.52 -21.81
N PHE C 293 11.32 10.99 -22.67
CA PHE C 293 10.43 9.90 -22.31
C PHE C 293 10.66 8.67 -23.18
N GLN C 294 11.71 8.65 -24.01
CA GLN C 294 11.88 7.61 -25.00
C GLN C 294 12.48 6.33 -24.41
N GLY C 295 12.80 6.32 -23.12
CA GLY C 295 13.29 5.13 -22.47
C GLY C 295 12.40 4.65 -21.33
N ALA C 296 11.25 5.29 -21.12
CA ALA C 296 10.34 4.95 -20.04
C ALA C 296 9.50 3.75 -20.45
N SER C 297 8.87 3.12 -19.44
CA SER C 297 8.03 1.96 -19.66
C SER C 297 6.62 2.40 -20.04
N GLU C 298 5.91 1.53 -20.75
CA GLU C 298 4.55 1.81 -21.18
C GLU C 298 3.64 1.91 -19.97
N ASP C 299 3.87 1.05 -18.97
CA ASP C 299 3.08 1.00 -17.76
C ASP C 299 3.10 2.35 -17.06
N ARG C 300 4.29 2.94 -16.97
CA ARG C 300 4.50 4.14 -16.18
C ARG C 300 3.91 5.35 -16.90
N LEU C 301 4.05 5.38 -18.23
CA LEU C 301 3.50 6.46 -19.03
C LEU C 301 1.98 6.45 -18.98
N ALA C 302 1.39 5.25 -18.95
CA ALA C 302 -0.05 5.09 -18.89
C ALA C 302 -0.60 5.58 -17.56
N GLU C 303 0.15 5.41 -16.48
CA GLU C 303 -0.27 5.81 -15.16
C GLU C 303 -0.33 7.33 -15.07
N LEU C 304 0.68 8.00 -15.64
CA LEU C 304 0.81 9.44 -15.54
C LEU C 304 -0.24 10.10 -16.41
N GLY C 305 -0.39 9.61 -17.65
CA GLY C 305 -1.33 10.19 -18.60
C GLY C 305 -0.62 11.02 -19.67
N VAL C 306 0.52 10.53 -20.15
CA VAL C 306 1.36 11.26 -21.09
C VAL C 306 0.90 10.92 -22.49
N GLY C 307 0.74 11.95 -23.32
CA GLY C 307 0.31 11.76 -24.70
C GLY C 307 1.42 12.10 -25.69
N LYS C 308 1.09 12.05 -26.97
CA LYS C 308 2.02 12.37 -28.04
C LYS C 308 1.71 13.73 -28.63
N LEU C 309 2.71 14.31 -29.29
CA LEU C 309 2.73 15.68 -29.78
C LEU C 309 2.61 15.69 -31.30
N VAL C 310 2.36 16.88 -31.84
CA VAL C 310 2.74 17.24 -33.19
C VAL C 310 3.07 18.72 -33.18
N THR C 311 4.18 19.10 -33.82
CA THR C 311 4.60 20.49 -33.90
C THR C 311 4.37 21.01 -35.32
N ILE C 312 3.72 22.17 -35.43
CA ILE C 312 3.37 22.75 -36.72
C ILE C 312 3.97 24.16 -36.80
N THR C 313 4.50 24.50 -37.98
CA THR C 313 5.15 25.78 -38.22
C THR C 313 4.45 26.55 -39.33
N SER C 314 4.65 27.87 -39.34
CA SER C 314 4.12 28.77 -40.35
C SER C 314 5.17 29.80 -40.74
N THR C 315 5.55 29.84 -42.02
CA THR C 315 6.52 30.79 -42.54
C THR C 315 5.82 31.68 -43.56
N TYR C 316 5.85 33.01 -43.35
CA TYR C 316 4.99 33.93 -44.06
C TYR C 316 5.75 35.17 -44.51
N ASP C 317 5.23 35.82 -45.56
CA ASP C 317 5.75 37.06 -46.11
C ASP C 317 5.20 38.24 -45.34
N HIS C 318 6.11 39.05 -44.77
CA HIS C 318 5.76 40.00 -43.73
C HIS C 318 5.32 41.32 -44.31
N ARG C 319 5.36 41.46 -45.64
CA ARG C 319 4.85 42.64 -46.31
C ARG C 319 3.33 42.60 -46.41
N VAL C 320 2.71 41.42 -46.32
CA VAL C 320 1.29 41.27 -46.55
C VAL C 320 0.59 40.50 -45.43
N ILE C 321 1.32 39.76 -44.59
CA ILE C 321 0.73 39.05 -43.47
C ILE C 321 1.44 39.47 -42.19
N GLN C 322 0.68 39.73 -41.13
CA GLN C 322 1.24 40.13 -39.86
C GLN C 322 1.24 38.96 -38.90
N GLY C 323 1.94 39.12 -37.77
CA GLY C 323 2.18 38.05 -36.82
C GLY C 323 0.91 37.55 -36.15
N ALA C 324 0.01 38.48 -35.82
CA ALA C 324 -1.23 38.16 -35.14
C ALA C 324 -2.08 37.21 -35.98
N VAL C 325 -2.11 37.43 -37.29
CA VAL C 325 -2.89 36.60 -38.20
C VAL C 325 -2.32 35.19 -38.21
N SER C 326 -0.99 35.08 -38.28
CA SER C 326 -0.31 33.79 -38.31
C SER C 326 -0.57 33.00 -37.04
N GLY C 327 -0.56 33.68 -35.90
CA GLY C 327 -0.82 33.05 -34.62
C GLY C 327 -2.25 32.52 -34.52
N GLU C 328 -3.21 33.33 -34.97
CA GLU C 328 -4.61 32.95 -34.93
C GLU C 328 -4.89 31.77 -35.85
N PHE C 329 -4.15 31.69 -36.96
CA PHE C 329 -4.27 30.58 -37.88
C PHE C 329 -3.91 29.28 -37.18
N LEU C 330 -2.79 29.27 -36.46
CA LEU C 330 -2.33 28.05 -35.79
C LEU C 330 -3.24 27.70 -34.62
N ARG C 331 -3.83 28.70 -33.97
CA ARG C 331 -4.75 28.45 -32.86
C ARG C 331 -6.00 27.74 -33.36
N THR C 332 -6.46 28.08 -34.56
CA THR C 332 -7.65 27.48 -35.15
C THR C 332 -7.37 26.03 -35.52
N MET C 333 -6.18 25.75 -36.06
CA MET C 333 -5.83 24.39 -36.42
C MET C 333 -5.78 23.49 -35.19
N SER C 334 -5.30 24.05 -34.08
CA SER C 334 -5.20 23.32 -32.83
C SER C 334 -6.58 22.94 -32.31
N ARG C 335 -7.55 23.86 -32.45
CA ARG C 335 -8.90 23.65 -31.96
C ARG C 335 -9.64 22.61 -32.79
N LEU C 336 -9.40 22.58 -34.10
CA LEU C 336 -10.14 21.71 -35.00
C LEU C 336 -9.78 20.26 -34.75
N LEU C 337 -8.52 19.98 -34.41
CA LEU C 337 -8.05 18.61 -34.31
C LEU C 337 -8.48 18.00 -32.98
N THR C 338 -9.23 18.73 -32.17
CA THR C 338 -9.72 18.23 -30.90
C THR C 338 -11.18 18.62 -30.72
N ASP C 339 -11.91 18.79 -31.83
CA ASP C 339 -13.24 19.39 -31.83
C ASP C 339 -14.29 18.37 -32.21
N ASP C 340 -15.47 18.46 -31.58
CA ASP C 340 -16.54 17.50 -31.78
C ASP C 340 -17.09 17.59 -33.19
N SER C 341 -17.31 18.83 -33.67
CA SER C 341 -17.96 19.06 -34.93
C SER C 341 -17.09 18.66 -36.12
N PHE C 342 -15.77 18.69 -35.93
CA PHE C 342 -14.82 18.40 -37.00
C PHE C 342 -14.85 16.90 -37.29
N TRP C 343 -14.87 16.09 -36.23
CA TRP C 343 -14.81 14.65 -36.39
C TRP C 343 -16.17 14.05 -36.77
N ASP C 344 -17.25 14.80 -36.56
CA ASP C 344 -18.57 14.40 -37.02
C ASP C 344 -18.64 14.49 -38.55
N GLU C 345 -18.04 15.53 -39.13
CA GLU C 345 -18.00 15.68 -40.56
C GLU C 345 -17.27 14.50 -41.21
N ILE C 346 -16.13 14.12 -40.66
CA ILE C 346 -15.29 13.11 -41.29
C ILE C 346 -15.98 11.77 -41.19
N PHE C 347 -16.61 11.48 -40.06
CA PHE C 347 -17.28 10.21 -39.82
C PHE C 347 -18.50 10.10 -40.73
N ASP C 348 -19.23 11.20 -40.89
CA ASP C 348 -20.41 11.24 -41.74
C ASP C 348 -20.04 10.91 -43.18
N ALA C 349 -18.90 11.43 -43.64
CA ALA C 349 -18.53 11.32 -45.03
C ALA C 349 -17.94 9.96 -45.35
N MET C 350 -17.45 9.24 -44.35
CA MET C 350 -16.81 7.96 -44.61
C MET C 350 -17.75 6.82 -44.21
N ASN C 351 -18.95 7.15 -43.72
CA ASN C 351 -19.99 6.20 -43.39
C ASN C 351 -19.49 5.25 -42.30
N VAL C 352 -19.26 5.80 -41.11
CA VAL C 352 -18.95 4.99 -39.95
C VAL C 352 -20.08 5.19 -38.95
N PRO C 353 -20.63 4.10 -38.37
CA PRO C 353 -21.87 4.18 -37.60
C PRO C 353 -21.78 4.57 -36.13
N TYR C 354 -20.56 4.71 -35.61
CA TYR C 354 -20.34 4.96 -34.20
C TYR C 354 -20.16 6.45 -33.95
N THR C 355 -20.34 6.88 -32.70
CA THR C 355 -19.99 8.22 -32.29
C THR C 355 -18.47 8.30 -32.17
N PRO C 356 -17.82 9.40 -32.61
CA PRO C 356 -16.40 9.54 -32.43
C PRO C 356 -15.99 9.69 -30.97
N MET C 357 -14.78 9.24 -30.65
CA MET C 357 -14.16 9.42 -29.35
C MET C 357 -13.98 10.91 -29.09
N ARG C 358 -14.24 11.35 -27.86
CA ARG C 358 -14.27 12.77 -27.52
C ARG C 358 -13.03 13.12 -26.71
N TRP C 359 -12.78 14.42 -26.54
CA TRP C 359 -11.60 14.94 -25.86
C TRP C 359 -11.97 15.34 -24.45
N ALA C 360 -11.20 14.88 -23.47
CA ALA C 360 -11.45 15.18 -22.08
C ALA C 360 -10.18 14.98 -21.26
N GLN C 361 -10.19 15.50 -20.03
CA GLN C 361 -9.11 15.29 -19.09
C GLN C 361 -9.26 13.93 -18.41
N ASP C 362 -8.14 13.40 -17.92
CA ASP C 362 -8.13 12.17 -17.15
C ASP C 362 -8.72 12.45 -15.77
N VAL C 363 -9.52 11.50 -15.26
CA VAL C 363 -10.22 11.66 -14.00
C VAL C 363 -9.58 10.75 -12.97
N PRO C 364 -9.59 11.12 -11.67
CA PRO C 364 -9.02 10.26 -10.62
C PRO C 364 -9.85 9.04 -10.25
N ASN C 365 -9.18 7.98 -9.78
CA ASN C 365 -9.81 6.73 -9.37
C ASN C 365 -10.28 6.88 -7.93
N THR C 366 -11.37 7.62 -7.74
CA THR C 366 -11.94 7.91 -6.43
C THR C 366 -13.44 7.62 -6.48
N GLY C 367 -14.05 7.47 -5.30
CA GLY C 367 -15.46 7.13 -5.20
C GLY C 367 -15.71 5.71 -5.67
N VAL C 368 -16.56 5.56 -6.68
CA VAL C 368 -16.81 4.27 -7.32
C VAL C 368 -15.58 3.91 -8.14
N ASP C 369 -15.09 2.68 -7.94
CA ASP C 369 -13.86 2.22 -8.55
C ASP C 369 -14.09 2.06 -10.05
N LYS C 370 -13.00 2.02 -10.81
CA LYS C 370 -13.09 1.96 -12.25
C LYS C 370 -13.42 0.54 -12.72
N ASN C 371 -13.08 -0.48 -11.96
CA ASN C 371 -13.49 -1.83 -12.30
C ASN C 371 -15.01 -1.95 -12.27
N THR C 372 -15.65 -1.30 -11.31
CA THR C 372 -17.09 -1.29 -11.22
C THR C 372 -17.69 -0.66 -12.47
N ARG C 373 -17.03 0.38 -12.99
CA ARG C 373 -17.56 1.11 -14.13
C ARG C 373 -17.42 0.29 -15.42
N VAL C 374 -16.40 -0.54 -15.53
CA VAL C 374 -16.21 -1.34 -16.72
C VAL C 374 -17.23 -2.48 -16.73
N MET C 375 -17.66 -2.93 -15.56
CA MET C 375 -18.64 -4.01 -15.48
C MET C 375 -20.01 -3.47 -15.82
N GLN C 376 -20.28 -2.22 -15.49
CA GLN C 376 -21.53 -1.58 -15.82
C GLN C 376 -21.64 -1.33 -17.33
N LEU C 377 -20.51 -1.14 -18.00
CA LEU C 377 -20.49 -0.93 -19.44
C LEU C 377 -20.79 -2.23 -20.16
N ILE C 378 -20.28 -3.35 -19.66
CA ILE C 378 -20.53 -4.64 -20.25
C ILE C 378 -22.01 -4.97 -20.16
N GLU C 379 -22.64 -4.62 -19.03
CA GLU C 379 -24.04 -4.91 -18.81
C GLU C 379 -24.91 -4.07 -19.72
N ALA C 380 -24.50 -2.83 -20.00
CA ALA C 380 -25.26 -1.93 -20.85
C ALA C 380 -25.31 -2.41 -22.29
N TYR C 381 -24.21 -2.94 -22.82
CA TYR C 381 -24.17 -3.42 -24.18
C TYR C 381 -24.96 -4.70 -24.33
N ARG C 382 -24.89 -5.59 -23.36
CA ARG C 382 -25.65 -6.82 -23.39
C ARG C 382 -27.14 -6.55 -23.34
N SER C 383 -27.55 -5.42 -22.75
CA SER C 383 -28.95 -5.13 -22.53
C SER C 383 -29.52 -4.22 -23.61
N ARG C 384 -28.76 -3.25 -24.09
CA ARG C 384 -29.31 -2.18 -24.91
C ARG C 384 -28.50 -1.90 -26.17
N GLY C 385 -27.64 -2.82 -26.57
CA GLY C 385 -26.75 -2.58 -27.70
C GLY C 385 -27.44 -2.71 -29.05
N HIS C 386 -28.61 -3.35 -29.05
CA HIS C 386 -29.40 -3.53 -30.25
C HIS C 386 -29.92 -2.21 -30.77
N LEU C 387 -29.88 -1.16 -29.96
CA LEU C 387 -30.42 0.12 -30.36
C LEU C 387 -29.50 0.81 -31.34
N ILE C 388 -28.25 0.39 -31.48
CA ILE C 388 -27.34 1.03 -32.42
C ILE C 388 -26.73 0.02 -33.38
N ALA C 389 -27.41 -1.07 -33.67
CA ALA C 389 -26.85 -2.11 -34.51
C ALA C 389 -27.19 -1.86 -35.97
N ASP C 390 -26.36 -2.41 -36.87
CA ASP C 390 -26.48 -2.18 -38.30
C ASP C 390 -27.41 -3.21 -38.89
N THR C 391 -28.71 -2.99 -38.75
CA THR C 391 -29.71 -3.97 -39.14
C THR C 391 -30.61 -3.45 -40.25
N ASN C 392 -30.46 -2.19 -40.66
CA ASN C 392 -31.31 -1.62 -41.68
C ASN C 392 -30.54 -1.51 -42.98
N PRO C 393 -30.98 -2.15 -44.08
CA PRO C 393 -30.31 -2.01 -45.36
C PRO C 393 -30.33 -0.62 -45.98
N LEU C 394 -31.35 0.16 -45.66
CA LEU C 394 -31.46 1.53 -46.12
C LEU C 394 -30.89 2.45 -45.06
N SER C 395 -30.50 3.65 -45.47
CA SER C 395 -30.07 4.70 -44.57
C SER C 395 -31.26 5.60 -44.29
N TRP C 396 -32.24 5.07 -43.54
CA TRP C 396 -33.56 5.66 -43.45
C TRP C 396 -33.96 5.76 -41.99
N VAL C 397 -34.41 6.95 -41.59
CA VAL C 397 -35.08 7.13 -40.32
C VAL C 397 -36.46 7.73 -40.59
N GLN C 398 -37.49 7.06 -40.09
CA GLN C 398 -38.86 7.46 -40.30
C GLN C 398 -39.12 8.75 -39.54
N PRO C 399 -39.54 9.83 -40.22
CA PRO C 399 -39.75 11.12 -39.57
C PRO C 399 -40.62 11.32 -38.35
N GLY C 400 -41.65 10.52 -38.10
CA GLY C 400 -42.54 10.84 -37.00
C GLY C 400 -42.46 9.89 -35.80
N MET C 401 -41.43 9.03 -35.77
CA MET C 401 -41.31 8.03 -34.72
C MET C 401 -40.32 8.52 -33.67
N PRO C 402 -40.58 8.32 -32.37
CA PRO C 402 -39.64 8.68 -31.33
C PRO C 402 -38.33 7.91 -31.40
N VAL C 403 -37.21 8.59 -31.12
CA VAL C 403 -35.91 7.96 -31.10
C VAL C 403 -35.54 7.70 -29.65
N PRO C 404 -35.32 6.43 -29.22
CA PRO C 404 -34.94 6.13 -27.85
C PRO C 404 -33.57 6.71 -27.46
N ASP C 405 -33.43 6.98 -26.15
CA ASP C 405 -32.18 7.42 -25.58
C ASP C 405 -31.19 6.27 -25.58
N HIS C 406 -29.98 6.53 -26.08
CA HIS C 406 -28.91 5.54 -26.00
C HIS C 406 -27.61 6.19 -25.58
N ARG C 407 -27.68 6.91 -24.46
CA ARG C 407 -26.53 7.54 -23.85
C ARG C 407 -25.78 6.53 -22.97
N ASP C 408 -26.36 5.35 -22.77
CA ASP C 408 -25.77 4.35 -21.90
C ASP C 408 -24.61 3.65 -22.59
N LEU C 409 -24.43 3.87 -23.88
CA LEU C 409 -23.50 3.09 -24.66
C LEU C 409 -22.24 3.88 -24.98
N ASP C 410 -22.08 5.09 -24.42
CA ASP C 410 -20.85 5.84 -24.61
C ASP C 410 -20.09 5.93 -23.29
N ILE C 411 -18.76 5.92 -23.37
CA ILE C 411 -17.91 5.70 -22.22
C ILE C 411 -17.93 6.92 -21.29
N GLU C 412 -18.47 8.05 -21.74
CA GLU C 412 -18.51 9.24 -20.94
C GLU C 412 -19.54 9.12 -19.83
N THR C 413 -20.62 8.37 -20.06
CA THR C 413 -21.70 8.27 -19.10
C THR C 413 -21.29 7.39 -17.94
N HIS C 414 -20.25 6.58 -18.12
CA HIS C 414 -19.75 5.70 -17.09
C HIS C 414 -18.43 6.23 -16.50
N ASN C 415 -18.14 7.51 -16.72
CA ASN C 415 -16.97 8.19 -16.20
C ASN C 415 -15.67 7.49 -16.61
N LEU C 416 -15.51 7.24 -17.90
CA LEU C 416 -14.28 6.74 -18.45
C LEU C 416 -13.87 7.65 -19.59
N THR C 417 -12.62 7.56 -20.04
CA THR C 417 -12.03 8.54 -20.94
C THR C 417 -11.04 7.81 -21.83
N ILE C 418 -10.61 8.47 -22.91
CA ILE C 418 -9.61 7.94 -23.83
C ILE C 418 -8.35 7.51 -23.09
N TRP C 419 -8.10 8.09 -21.91
CA TRP C 419 -6.89 7.81 -21.16
C TRP C 419 -6.97 6.48 -20.43
N ASP C 420 -8.08 5.75 -20.56
CA ASP C 420 -8.25 4.48 -19.88
C ASP C 420 -8.18 3.31 -20.85
N LEU C 421 -7.92 3.57 -22.12
CA LEU C 421 -8.10 2.55 -23.15
C LEU C 421 -7.00 1.51 -23.08
N ASP C 422 -5.81 1.86 -22.58
CA ASP C 422 -4.71 0.91 -22.54
C ASP C 422 -4.40 0.44 -21.12
N ARG C 423 -5.21 0.84 -20.13
CA ARG C 423 -5.14 0.32 -18.79
C ARG C 423 -5.86 -1.03 -18.71
N THR C 424 -5.56 -1.82 -17.69
CA THR C 424 -6.02 -3.19 -17.58
C THR C 424 -6.95 -3.32 -16.38
N PHE C 425 -7.99 -4.16 -16.50
CA PHE C 425 -9.09 -4.23 -15.55
C PHE C 425 -9.50 -5.68 -15.31
N ASN C 426 -10.20 -5.94 -14.19
CA ASN C 426 -10.74 -7.25 -13.89
C ASN C 426 -12.16 -7.34 -14.43
N VAL C 427 -12.44 -8.40 -15.20
CA VAL C 427 -13.65 -8.47 -15.99
C VAL C 427 -14.47 -9.70 -15.64
N GLY C 428 -13.93 -10.58 -14.81
CA GLY C 428 -14.73 -11.62 -14.18
C GLY C 428 -15.22 -12.66 -15.17
N GLY C 429 -14.32 -13.13 -16.04
CA GLY C 429 -14.63 -14.27 -16.88
C GLY C 429 -15.16 -13.88 -18.27
N PHE C 430 -15.32 -12.58 -18.52
CA PHE C 430 -15.76 -12.12 -19.82
C PHE C 430 -14.71 -12.51 -20.85
N GLY C 431 -15.15 -13.16 -21.93
CA GLY C 431 -14.26 -13.55 -23.01
C GLY C 431 -13.35 -14.70 -22.63
N GLY C 432 -13.69 -15.41 -21.54
CA GLY C 432 -12.87 -16.48 -21.02
C GLY C 432 -11.54 -15.97 -20.45
N LYS C 433 -11.55 -14.75 -19.91
CA LYS C 433 -10.35 -14.17 -19.34
C LYS C 433 -10.69 -13.48 -18.03
N GLU C 434 -9.70 -13.39 -17.14
CA GLU C 434 -9.86 -12.77 -15.85
C GLU C 434 -9.46 -11.30 -15.91
N THR C 435 -8.71 -10.92 -16.93
CA THR C 435 -8.16 -9.57 -17.03
C THR C 435 -8.08 -9.15 -18.50
N MET C 436 -8.21 -7.86 -18.77
CA MET C 436 -8.36 -7.35 -20.12
C MET C 436 -8.17 -5.84 -20.13
N THR C 437 -7.89 -5.26 -21.30
CA THR C 437 -7.82 -3.82 -21.46
C THR C 437 -9.16 -3.29 -21.96
N LEU C 438 -9.42 -2.00 -21.76
CA LEU C 438 -10.69 -1.41 -22.14
C LEU C 438 -10.83 -1.38 -23.65
N ARG C 439 -9.72 -1.38 -24.38
CA ARG C 439 -9.76 -1.42 -25.82
C ARG C 439 -10.28 -2.77 -26.27
N GLU C 440 -9.80 -3.85 -25.68
CA GLU C 440 -10.23 -5.18 -26.08
C GLU C 440 -11.69 -5.42 -25.67
N VAL C 441 -12.12 -4.88 -24.53
CA VAL C 441 -13.49 -5.03 -24.08
C VAL C 441 -14.43 -4.39 -25.09
N LEU C 442 -14.16 -3.16 -25.51
CA LEU C 442 -15.01 -2.46 -26.44
C LEU C 442 -15.07 -3.18 -27.76
N SER C 443 -13.96 -3.73 -28.20
CA SER C 443 -13.87 -4.42 -29.47
C SER C 443 -14.78 -5.63 -29.49
N ARG C 444 -14.75 -6.42 -28.42
CA ARG C 444 -15.54 -7.63 -28.33
C ARG C 444 -17.02 -7.32 -28.23
N LEU C 445 -17.38 -6.31 -27.44
CA LEU C 445 -18.77 -5.93 -27.28
C LEU C 445 -19.36 -5.47 -28.59
N ARG C 446 -18.60 -4.73 -29.39
CA ARG C 446 -19.09 -4.17 -30.62
C ARG C 446 -19.23 -5.24 -31.68
N ALA C 447 -18.37 -6.26 -31.65
CA ALA C 447 -18.44 -7.35 -32.61
C ALA C 447 -19.61 -8.27 -32.35
N ALA C 448 -20.06 -8.33 -31.10
CA ALA C 448 -21.09 -9.27 -30.70
C ALA C 448 -22.47 -8.67 -30.75
N TYR C 449 -22.62 -7.35 -30.57
CA TYR C 449 -23.92 -6.80 -30.32
C TYR C 449 -24.25 -5.60 -31.22
N THR C 450 -23.41 -5.24 -32.19
CA THR C 450 -23.62 -4.00 -32.92
C THR C 450 -23.42 -4.14 -34.42
N LEU C 451 -23.18 -5.35 -34.93
CA LEU C 451 -23.01 -5.56 -36.37
C LEU C 451 -24.34 -5.94 -36.99
N LYS C 452 -24.45 -7.06 -37.71
CA LYS C 452 -25.61 -7.36 -38.52
C LYS C 452 -26.69 -8.13 -37.77
N VAL C 453 -26.45 -8.53 -36.52
CA VAL C 453 -27.45 -9.21 -35.71
C VAL C 453 -27.61 -8.48 -34.40
N GLY C 454 -28.84 -8.08 -34.07
CA GLY C 454 -29.16 -7.48 -32.78
C GLY C 454 -30.07 -8.37 -31.97
N SER C 455 -29.80 -8.52 -30.67
CA SER C 455 -30.43 -9.53 -29.86
C SER C 455 -30.97 -8.95 -28.56
N GLU C 456 -32.14 -9.45 -28.14
CA GLU C 456 -32.77 -9.10 -26.88
C GLU C 456 -33.03 -10.37 -26.08
N TYR C 457 -32.36 -10.53 -24.94
CA TYR C 457 -32.47 -11.75 -24.15
C TYR C 457 -32.27 -11.56 -22.65
N THR C 458 -32.11 -10.34 -22.15
CA THR C 458 -31.70 -10.13 -20.77
C THR C 458 -32.92 -10.05 -19.86
N HIS C 459 -34.10 -9.99 -20.46
CA HIS C 459 -35.36 -9.96 -19.73
C HIS C 459 -35.80 -11.34 -19.29
N ILE C 460 -35.16 -12.40 -19.78
CA ILE C 460 -35.50 -13.76 -19.43
C ILE C 460 -35.11 -14.02 -17.97
N LEU C 461 -35.96 -14.75 -17.23
CA LEU C 461 -35.82 -14.90 -15.80
C LEU C 461 -34.93 -16.07 -15.42
N ASP C 462 -34.88 -17.12 -16.24
CA ASP C 462 -34.10 -18.31 -15.92
C ASP C 462 -32.64 -18.06 -16.27
N ARG C 463 -31.74 -18.55 -15.40
CA ARG C 463 -30.32 -18.25 -15.50
C ARG C 463 -29.66 -19.14 -16.55
N ASP C 464 -30.10 -20.39 -16.67
CA ASP C 464 -29.51 -21.33 -17.61
C ASP C 464 -29.85 -20.98 -19.04
N GLU C 465 -31.07 -20.51 -19.30
CA GLU C 465 -31.45 -20.00 -20.61
C GLU C 465 -30.56 -18.81 -21.01
N ARG C 466 -30.47 -17.81 -20.14
CA ARG C 466 -29.69 -16.63 -20.41
C ARG C 466 -28.25 -16.98 -20.75
N THR C 467 -27.67 -17.93 -20.02
CA THR C 467 -26.27 -18.26 -20.18
C THR C 467 -26.04 -18.96 -21.50
N TRP C 468 -26.98 -19.79 -21.93
CA TRP C 468 -26.89 -20.52 -23.18
C TRP C 468 -26.85 -19.56 -24.35
N LEU C 469 -27.71 -18.55 -24.34
CA LEU C 469 -27.79 -17.56 -25.41
C LEU C 469 -26.56 -16.68 -25.41
N GLN C 470 -26.13 -16.26 -24.22
CA GLN C 470 -25.00 -15.36 -24.07
C GLN C 470 -23.73 -15.99 -24.59
N ASP C 471 -23.54 -17.28 -24.33
CA ASP C 471 -22.35 -17.98 -24.75
C ASP C 471 -22.31 -18.12 -26.26
N ARG C 472 -23.46 -18.34 -26.89
CA ARG C 472 -23.50 -18.59 -28.33
C ARG C 472 -23.42 -17.29 -29.11
N LEU C 473 -23.87 -16.17 -28.55
CA LEU C 473 -23.84 -14.90 -29.25
C LEU C 473 -22.46 -14.27 -29.16
N GLU C 474 -21.66 -14.62 -28.16
CA GLU C 474 -20.35 -14.03 -27.96
C GLU C 474 -19.25 -14.87 -28.58
N ALA C 475 -19.53 -16.13 -28.92
CA ALA C 475 -18.61 -16.94 -29.69
C ALA C 475 -18.56 -16.45 -31.12
N GLY C 476 -19.73 -16.12 -31.67
CA GLY C 476 -19.84 -15.55 -33.00
C GLY C 476 -20.33 -16.58 -34.02
N MET C 477 -20.48 -16.12 -35.27
CA MET C 477 -20.95 -16.96 -36.35
C MET C 477 -19.74 -17.68 -36.93
N PRO C 478 -19.75 -19.03 -37.03
CA PRO C 478 -18.64 -19.77 -37.61
C PRO C 478 -18.53 -19.59 -39.12
N LYS C 479 -17.30 -19.68 -39.63
CA LYS C 479 -17.03 -19.40 -41.03
C LYS C 479 -17.55 -20.55 -41.87
N PRO C 480 -18.39 -20.32 -42.90
CA PRO C 480 -18.90 -21.40 -43.72
C PRO C 480 -17.96 -21.86 -44.83
N THR C 481 -18.17 -23.10 -45.28
CA THR C 481 -17.34 -23.72 -46.29
C THR C 481 -17.76 -23.22 -47.66
N GLN C 482 -17.03 -23.61 -48.71
CA GLN C 482 -17.28 -23.09 -50.03
C GLN C 482 -18.53 -23.73 -50.63
N ALA C 483 -18.77 -25.00 -50.35
CA ALA C 483 -19.97 -25.67 -50.83
C ALA C 483 -21.20 -25.02 -50.24
N GLU C 484 -21.16 -24.69 -48.95
CA GLU C 484 -22.24 -24.03 -48.28
C GLU C 484 -22.53 -22.68 -48.91
N GLN C 485 -21.47 -21.94 -49.23
CA GLN C 485 -21.61 -20.62 -49.80
C GLN C 485 -22.25 -20.67 -51.17
N LYS C 486 -21.94 -21.69 -51.96
CA LYS C 486 -22.51 -21.79 -53.29
C LYS C 486 -23.97 -22.18 -53.21
N TYR C 487 -24.35 -22.91 -52.16
CA TYR C 487 -25.73 -23.32 -51.97
C TYR C 487 -26.61 -22.12 -51.65
N ILE C 488 -26.09 -21.16 -50.87
CA ILE C 488 -26.82 -19.96 -50.56
C ILE C 488 -27.03 -19.14 -51.82
N LEU C 489 -26.06 -19.14 -52.74
CA LEU C 489 -26.16 -18.35 -53.96
C LEU C 489 -27.18 -18.97 -54.91
N GLN C 490 -27.31 -20.29 -54.92
CA GLN C 490 -28.29 -20.94 -55.77
C GLN C 490 -29.70 -20.58 -55.34
N LYS C 491 -29.96 -20.50 -54.03
CA LYS C 491 -31.29 -20.23 -53.51
C LYS C 491 -31.65 -18.78 -53.75
N LEU C 492 -30.71 -17.83 -53.59
CA LEU C 492 -30.98 -16.44 -53.89
C LEU C 492 -31.30 -16.26 -55.36
N ASN C 493 -30.60 -16.97 -56.22
CA ASN C 493 -30.80 -16.83 -57.64
C ASN C 493 -32.19 -17.30 -58.01
N ALA C 494 -32.61 -18.43 -57.46
CA ALA C 494 -33.90 -19.01 -57.76
C ALA C 494 -35.00 -18.02 -57.43
N ALA C 495 -34.93 -17.41 -56.24
CA ALA C 495 -35.92 -16.48 -55.79
C ALA C 495 -36.08 -15.31 -56.77
N GLU C 496 -34.98 -14.63 -57.09
CA GLU C 496 -35.02 -13.44 -57.93
C GLU C 496 -35.41 -13.81 -59.35
N ALA C 497 -34.94 -14.94 -59.85
CA ALA C 497 -35.20 -15.32 -61.22
C ALA C 497 -36.67 -15.60 -61.47
N PHE C 498 -37.32 -16.26 -60.50
CA PHE C 498 -38.72 -16.63 -60.59
C PHE C 498 -39.57 -15.38 -60.68
N GLU C 499 -39.26 -14.37 -59.88
CA GLU C 499 -40.02 -13.13 -59.87
C GLU C 499 -39.93 -12.43 -61.22
N ASN C 500 -38.73 -12.40 -61.80
CA ASN C 500 -38.49 -11.69 -63.04
C ASN C 500 -39.17 -12.40 -64.18
N PHE C 501 -39.27 -13.72 -64.13
CA PHE C 501 -39.92 -14.45 -65.20
C PHE C 501 -41.39 -14.10 -65.26
N LEU C 502 -42.06 -14.09 -64.11
CA LEU C 502 -43.49 -13.79 -64.04
C LEU C 502 -43.76 -12.36 -64.47
N GLN C 503 -42.89 -11.44 -64.10
CA GLN C 503 -43.02 -10.04 -64.49
C GLN C 503 -43.05 -9.93 -66.01
N THR C 504 -42.19 -10.69 -66.69
CA THR C 504 -42.00 -10.57 -68.13
C THR C 504 -43.16 -11.21 -68.89
N LYS C 505 -43.65 -12.35 -68.44
CA LYS C 505 -44.61 -13.11 -69.21
C LYS C 505 -46.05 -12.71 -68.88
N TYR C 506 -46.32 -12.23 -67.66
CA TYR C 506 -47.65 -11.83 -67.25
C TYR C 506 -47.59 -10.46 -66.57
N VAL C 507 -47.84 -9.39 -67.32
CA VAL C 507 -47.44 -8.05 -66.92
C VAL C 507 -48.44 -7.48 -65.94
N GLY C 508 -49.72 -7.48 -66.32
CA GLY C 508 -50.75 -6.80 -65.56
C GLY C 508 -51.18 -7.58 -64.31
N GLN C 509 -50.84 -8.88 -64.27
CA GLN C 509 -51.43 -9.77 -63.29
C GLN C 509 -50.80 -9.57 -61.91
N LYS C 510 -51.64 -9.70 -60.88
CA LYS C 510 -51.32 -9.43 -59.50
C LYS C 510 -50.64 -10.66 -58.90
N ARG C 511 -49.48 -10.48 -58.26
CA ARG C 511 -48.70 -11.63 -57.79
C ARG C 511 -48.15 -11.43 -56.38
N PHE C 512 -48.09 -10.19 -55.87
CA PHE C 512 -47.51 -9.91 -54.56
C PHE C 512 -46.08 -10.42 -54.48
N SER C 513 -45.15 -9.61 -54.97
CA SER C 513 -43.77 -10.03 -55.16
C SER C 513 -42.98 -9.98 -53.87
N LEU C 514 -41.85 -10.68 -53.87
CA LEU C 514 -40.97 -10.83 -52.74
C LEU C 514 -39.70 -10.03 -52.95
N GLU C 515 -39.66 -9.22 -54.02
CA GLU C 515 -38.50 -8.44 -54.35
C GLU C 515 -38.23 -7.42 -53.27
N GLY C 516 -37.02 -7.43 -52.74
CA GLY C 516 -36.68 -6.66 -51.57
C GLY C 516 -36.43 -7.55 -50.36
N ALA C 517 -36.98 -8.77 -50.39
CA ALA C 517 -36.94 -9.66 -49.24
C ALA C 517 -36.67 -11.07 -49.68
N GLU C 518 -35.65 -11.27 -50.51
CA GLU C 518 -35.37 -12.56 -51.09
C GLU C 518 -34.55 -13.42 -50.15
N ALA C 519 -34.09 -12.88 -49.03
CA ALA C 519 -33.35 -13.64 -48.06
C ALA C 519 -34.25 -14.54 -47.23
N LEU C 520 -35.56 -14.37 -47.34
CA LEU C 520 -36.51 -15.24 -46.68
C LEU C 520 -36.36 -16.68 -47.12
N ILE C 521 -35.96 -16.92 -48.37
CA ILE C 521 -35.93 -18.28 -48.90
C ILE C 521 -34.79 -19.05 -48.26
N PRO C 522 -33.53 -18.57 -48.24
CA PRO C 522 -32.51 -19.21 -47.44
C PRO C 522 -32.70 -19.27 -45.93
N LEU C 523 -33.51 -18.40 -45.33
CA LEU C 523 -33.79 -18.46 -43.89
C LEU C 523 -34.68 -19.64 -43.58
N MET C 524 -35.76 -19.81 -44.35
CA MET C 524 -36.70 -20.88 -44.15
C MET C 524 -36.05 -22.22 -44.43
N ASP C 525 -35.15 -22.25 -45.41
CA ASP C 525 -34.45 -23.46 -45.79
C ASP C 525 -33.52 -23.91 -44.68
N SER C 526 -32.90 -22.96 -44.00
CA SER C 526 -31.96 -23.25 -42.92
C SER C 526 -32.67 -23.90 -41.76
N ALA C 527 -33.84 -23.39 -41.41
CA ALA C 527 -34.62 -23.89 -40.30
C ALA C 527 -35.12 -25.31 -40.56
N ILE C 528 -35.63 -25.57 -41.76
CA ILE C 528 -36.17 -26.87 -42.11
C ILE C 528 -35.06 -27.91 -42.15
N ASP C 529 -33.86 -27.49 -42.56
CA ASP C 529 -32.72 -28.37 -42.65
C ASP C 529 -32.22 -28.77 -41.27
N THR C 530 -32.24 -27.82 -40.33
CA THR C 530 -31.83 -28.07 -38.96
C THR C 530 -32.80 -29.02 -38.28
N ALA C 531 -34.09 -28.92 -38.61
CA ALA C 531 -35.10 -29.78 -38.02
C ALA C 531 -34.95 -31.21 -38.51
N ALA C 532 -34.56 -31.39 -39.76
CA ALA C 532 -34.32 -32.70 -40.33
C ALA C 532 -33.14 -33.37 -39.66
N GLY C 533 -32.16 -32.59 -39.24
CA GLY C 533 -31.00 -33.14 -38.57
C GLY C 533 -31.30 -33.55 -37.14
N GLN C 534 -32.30 -32.93 -36.52
CA GLN C 534 -32.69 -33.25 -35.16
C GLN C 534 -33.51 -34.53 -35.14
N GLY C 535 -34.07 -34.91 -36.27
CA GLY C 535 -34.75 -36.18 -36.39
C GLY C 535 -36.26 -36.09 -36.25
N LEU C 536 -36.85 -34.95 -36.63
CA LEU C 536 -38.26 -34.69 -36.41
C LEU C 536 -39.05 -35.11 -37.64
N ASP C 537 -40.38 -35.05 -37.56
CA ASP C 537 -41.25 -35.72 -38.49
C ASP C 537 -41.83 -34.79 -39.56
N GLU C 538 -42.30 -33.59 -39.19
CA GLU C 538 -42.98 -32.72 -40.12
C GLU C 538 -42.77 -31.25 -39.75
N VAL C 539 -42.94 -30.35 -40.73
CA VAL C 539 -43.00 -28.92 -40.53
C VAL C 539 -44.29 -28.40 -41.16
N VAL C 540 -45.09 -27.64 -40.41
CA VAL C 540 -46.34 -27.06 -40.88
C VAL C 540 -46.17 -25.54 -40.97
N ILE C 541 -46.52 -24.95 -42.12
CA ILE C 541 -46.32 -23.53 -42.39
C ILE C 541 -47.68 -22.84 -42.51
N GLY C 542 -47.76 -21.63 -41.97
CA GLY C 542 -48.85 -20.71 -42.23
C GLY C 542 -48.31 -19.32 -42.55
N MET C 543 -48.89 -18.65 -43.56
CA MET C 543 -48.36 -17.38 -44.02
C MET C 543 -49.42 -16.57 -44.75
N PRO C 544 -49.20 -15.26 -44.96
CA PRO C 544 -50.00 -14.45 -45.87
C PRO C 544 -49.58 -14.41 -47.33
N HIS C 545 -50.05 -13.38 -48.05
CA HIS C 545 -49.91 -13.21 -49.49
C HIS C 545 -48.49 -12.95 -49.98
N ARG C 546 -47.67 -12.26 -49.18
CA ARG C 546 -46.39 -11.75 -49.62
C ARG C 546 -45.40 -12.87 -49.85
N GLY C 547 -45.19 -13.22 -51.12
CA GLY C 547 -44.19 -14.19 -51.50
C GLY C 547 -44.66 -15.62 -51.39
N ARG C 548 -45.91 -15.89 -51.72
CA ARG C 548 -46.48 -17.20 -51.48
C ARG C 548 -46.10 -18.14 -52.61
N LEU C 549 -46.18 -17.68 -53.85
CA LEU C 549 -45.92 -18.52 -55.00
C LEU C 549 -44.45 -18.89 -55.06
N ASN C 550 -43.62 -18.07 -54.42
CA ASN C 550 -42.18 -18.30 -54.37
C ASN C 550 -41.89 -19.41 -53.38
N VAL C 551 -42.59 -19.41 -52.24
CA VAL C 551 -42.44 -20.41 -51.20
C VAL C 551 -42.98 -21.76 -51.67
N LEU C 552 -44.07 -21.75 -52.42
CA LEU C 552 -44.66 -22.97 -52.91
C LEU C 552 -43.70 -23.73 -53.81
N PHE C 553 -42.92 -23.00 -54.61
CA PHE C 553 -42.05 -23.61 -55.60
C PHE C 553 -40.68 -23.95 -55.00
N ASN C 554 -40.14 -23.10 -54.14
CA ASN C 554 -38.75 -23.22 -53.72
C ASN C 554 -38.62 -23.91 -52.36
N ILE C 555 -39.67 -23.93 -51.53
CA ILE C 555 -39.58 -24.54 -50.21
C ILE C 555 -40.43 -25.81 -50.14
N VAL C 556 -41.60 -25.84 -50.75
CA VAL C 556 -42.53 -26.95 -50.57
C VAL C 556 -42.37 -27.96 -51.69
N GLY C 557 -42.19 -27.49 -52.93
CA GLY C 557 -41.91 -28.38 -54.04
C GLY C 557 -43.08 -28.60 -54.98
N LYS C 558 -44.03 -27.67 -55.02
CA LYS C 558 -45.12 -27.72 -55.96
C LYS C 558 -44.54 -27.59 -57.36
N PRO C 559 -44.94 -28.43 -58.34
CA PRO C 559 -44.39 -28.39 -59.69
C PRO C 559 -44.73 -27.11 -60.44
N LEU C 560 -43.83 -26.72 -61.36
CA LEU C 560 -43.84 -25.40 -61.97
C LEU C 560 -44.95 -25.31 -63.00
N ALA C 561 -45.31 -26.45 -63.58
CA ALA C 561 -46.38 -26.52 -64.54
C ALA C 561 -47.68 -26.02 -63.94
N SER C 562 -47.92 -26.40 -62.68
CA SER C 562 -49.15 -26.07 -61.98
C SER C 562 -49.31 -24.57 -61.82
N ILE C 563 -48.21 -23.88 -61.52
CA ILE C 563 -48.25 -22.45 -61.25
C ILE C 563 -48.50 -21.68 -62.55
N PHE C 564 -47.86 -22.11 -63.64
CA PHE C 564 -48.05 -21.47 -64.93
C PHE C 564 -49.48 -21.64 -65.41
N ASN C 565 -50.07 -22.83 -65.21
CA ASN C 565 -51.43 -23.09 -65.60
C ASN C 565 -52.39 -22.14 -64.88
N GLU C 566 -52.15 -21.93 -63.59
CA GLU C 566 -52.98 -21.05 -62.78
C GLU C 566 -53.04 -19.66 -63.43
N PHE C 567 -51.90 -19.17 -63.91
CA PHE C 567 -51.80 -17.84 -64.48
C PHE C 567 -52.50 -17.76 -65.83
N GLU C 568 -52.69 -18.89 -66.51
CA GLU C 568 -53.35 -18.93 -67.80
C GLU C 568 -54.84 -19.20 -67.65
N GLY C 569 -55.31 -19.44 -66.41
CA GLY C 569 -56.73 -19.49 -66.12
C GLY C 569 -57.27 -20.90 -65.87
N GLN C 570 -56.39 -21.91 -65.90
CA GLN C 570 -56.77 -23.28 -65.58
C GLN C 570 -56.46 -23.55 -64.11
N MET C 571 -57.51 -23.78 -63.32
CA MET C 571 -57.41 -23.89 -61.87
C MET C 571 -57.73 -25.34 -61.46
N GLU C 572 -56.96 -25.86 -60.50
CA GLU C 572 -57.15 -27.21 -60.00
C GLU C 572 -58.41 -27.25 -59.12
N GLN C 573 -59.20 -28.32 -59.28
CA GLN C 573 -60.48 -28.46 -58.59
C GLN C 573 -60.28 -29.22 -57.28
N GLY C 574 -60.81 -28.66 -56.19
CA GLY C 574 -60.72 -29.26 -54.87
C GLY C 574 -61.85 -30.26 -54.61
N GLN C 575 -63.08 -29.79 -54.80
CA GLN C 575 -64.27 -30.60 -54.60
C GLN C 575 -65.11 -30.53 -55.87
N ILE C 576 -65.83 -31.60 -56.18
CA ILE C 576 -66.65 -31.66 -57.37
C ILE C 576 -67.77 -30.64 -57.23
N GLY C 577 -67.81 -29.67 -58.16
CA GLY C 577 -68.84 -28.65 -58.19
C GLY C 577 -68.53 -27.47 -57.27
N GLY C 578 -67.25 -27.29 -56.94
CA GLY C 578 -66.84 -26.26 -56.00
C GLY C 578 -66.64 -24.90 -56.68
N SER C 579 -66.61 -23.84 -55.86
CA SER C 579 -66.58 -22.47 -56.34
C SER C 579 -65.15 -21.98 -56.55
N GLY C 580 -64.24 -22.31 -55.64
CA GLY C 580 -62.83 -22.05 -55.83
C GLY C 580 -62.35 -20.84 -55.04
N ASP C 581 -61.08 -20.47 -55.26
CA ASP C 581 -60.48 -19.31 -54.63
C ASP C 581 -59.22 -18.90 -55.40
N VAL C 582 -58.73 -17.69 -55.13
CA VAL C 582 -57.61 -17.09 -55.82
C VAL C 582 -56.34 -17.87 -55.49
N LYS C 583 -55.31 -17.70 -56.33
CA LYS C 583 -54.17 -18.60 -56.40
C LYS C 583 -53.31 -18.51 -55.14
N TYR C 584 -53.32 -17.37 -54.46
CA TYR C 584 -52.46 -17.18 -53.31
C TYR C 584 -53.19 -17.48 -52.00
N HIS C 585 -54.17 -18.39 -52.04
CA HIS C 585 -54.88 -18.82 -50.85
C HIS C 585 -54.87 -20.34 -50.70
N LEU C 586 -54.07 -21.05 -51.51
CA LEU C 586 -54.13 -22.51 -51.58
C LEU C 586 -52.96 -23.14 -50.83
N GLY C 587 -53.06 -24.45 -50.54
CA GLY C 587 -52.04 -25.19 -49.81
C GLY C 587 -51.41 -26.32 -50.63
N SER C 588 -50.41 -27.01 -50.05
CA SER C 588 -49.74 -28.12 -50.70
C SER C 588 -48.87 -28.91 -49.73
N GLU C 589 -48.38 -30.08 -50.18
CA GLU C 589 -47.51 -30.96 -49.41
C GLU C 589 -46.25 -31.31 -50.20
N GLY C 590 -45.19 -31.74 -49.51
CA GLY C 590 -43.94 -32.09 -50.16
C GLY C 590 -42.92 -32.71 -49.19
N GLN C 591 -41.73 -33.04 -49.72
CA GLN C 591 -40.63 -33.62 -48.97
C GLN C 591 -39.39 -32.72 -49.10
N HIS C 592 -38.51 -32.76 -48.10
CA HIS C 592 -37.26 -32.03 -48.13
C HIS C 592 -36.12 -32.94 -47.73
N LEU C 593 -35.13 -33.09 -48.61
CA LEU C 593 -33.95 -33.89 -48.36
C LEU C 593 -32.80 -32.98 -47.96
N GLN C 594 -32.03 -33.43 -46.97
CA GLN C 594 -30.91 -32.68 -46.43
C GLN C 594 -29.79 -32.67 -47.46
N MET C 595 -29.16 -31.51 -47.68
CA MET C 595 -28.20 -31.33 -48.77
C MET C 595 -26.86 -31.95 -48.40
N PHE C 596 -26.45 -31.78 -47.14
CA PHE C 596 -25.20 -32.29 -46.63
C PHE C 596 -25.48 -33.18 -45.42
N GLY C 597 -26.31 -34.22 -45.63
CA GLY C 597 -26.70 -35.13 -44.57
C GLY C 597 -27.61 -36.23 -45.13
N ASP C 598 -28.10 -37.11 -44.24
CA ASP C 598 -28.91 -38.24 -44.68
C ASP C 598 -30.34 -38.11 -44.15
N GLY C 599 -30.74 -36.90 -43.75
CA GLY C 599 -32.04 -36.66 -43.17
C GLY C 599 -33.11 -36.38 -44.23
N GLU C 600 -34.38 -36.52 -43.82
CA GLU C 600 -35.52 -36.26 -44.67
C GLU C 600 -36.69 -35.82 -43.78
N ILE C 601 -37.47 -34.83 -44.22
CA ILE C 601 -38.59 -34.33 -43.44
C ILE C 601 -39.73 -33.99 -44.39
N LYS C 602 -40.95 -33.92 -43.87
CA LYS C 602 -42.15 -33.63 -44.63
C LYS C 602 -42.56 -32.18 -44.41
N VAL C 603 -43.01 -31.47 -45.45
CA VAL C 603 -43.34 -30.05 -45.38
C VAL C 603 -44.73 -29.83 -45.91
N SER C 604 -45.56 -29.09 -45.17
CA SER C 604 -46.95 -28.82 -45.49
C SER C 604 -47.28 -27.35 -45.38
N LEU C 605 -48.22 -26.85 -46.19
CA LEU C 605 -48.69 -25.48 -46.14
C LEU C 605 -50.21 -25.47 -46.14
N THR C 606 -50.82 -24.63 -45.28
CA THR C 606 -52.24 -24.65 -45.00
C THR C 606 -52.97 -23.55 -45.74
N ALA C 607 -54.26 -23.76 -46.00
CA ALA C 607 -55.10 -22.80 -46.69
C ALA C 607 -55.51 -21.68 -45.75
N ASN C 608 -55.88 -20.53 -46.30
CA ASN C 608 -56.28 -19.40 -45.49
C ASN C 608 -57.06 -18.40 -46.31
N PRO C 609 -57.92 -17.57 -45.67
CA PRO C 609 -58.57 -16.46 -46.34
C PRO C 609 -57.78 -15.15 -46.35
N SER C 610 -58.37 -14.10 -46.91
CA SER C 610 -57.72 -12.81 -47.01
C SER C 610 -57.60 -12.13 -45.65
N HIS C 611 -58.53 -12.42 -44.75
CA HIS C 611 -58.50 -11.87 -43.41
C HIS C 611 -57.20 -12.23 -42.74
N LEU C 612 -56.41 -11.22 -42.37
CA LEU C 612 -55.06 -11.43 -41.88
C LEU C 612 -55.09 -12.00 -40.47
N GLU C 613 -54.19 -12.96 -40.23
CA GLU C 613 -53.86 -13.50 -38.92
C GLU C 613 -54.94 -14.46 -38.41
N ALA C 614 -55.83 -14.91 -39.28
CA ALA C 614 -56.89 -15.81 -38.89
C ALA C 614 -56.44 -17.27 -38.99
N VAL C 615 -55.20 -17.49 -39.45
CA VAL C 615 -54.65 -18.80 -39.65
C VAL C 615 -53.82 -19.21 -38.43
N ASN C 616 -53.62 -18.29 -37.49
CA ASN C 616 -52.73 -18.53 -36.38
C ASN C 616 -53.28 -19.62 -35.48
N PRO C 617 -54.50 -19.52 -34.92
CA PRO C 617 -55.05 -20.62 -34.14
C PRO C 617 -55.32 -21.91 -34.91
N VAL C 618 -55.63 -21.81 -36.20
CA VAL C 618 -55.96 -22.98 -36.99
C VAL C 618 -54.73 -23.84 -37.19
N MET C 619 -53.55 -23.24 -37.40
CA MET C 619 -52.38 -24.04 -37.69
C MET C 619 -51.81 -24.63 -36.41
N GLU C 620 -52.07 -24.00 -35.26
CA GLU C 620 -51.65 -24.54 -33.97
C GLU C 620 -52.42 -25.82 -33.65
N GLY C 621 -53.71 -25.84 -33.95
CA GLY C 621 -54.53 -27.02 -33.78
C GLY C 621 -54.13 -28.18 -34.68
N ILE C 622 -53.75 -27.90 -35.93
CA ILE C 622 -53.31 -28.93 -36.85
C ILE C 622 -52.08 -29.62 -36.29
N VAL C 623 -51.19 -28.87 -35.66
CA VAL C 623 -49.94 -29.41 -35.16
C VAL C 623 -50.22 -30.29 -33.95
N ARG C 624 -51.14 -29.86 -33.09
CA ARG C 624 -51.44 -30.59 -31.86
C ARG C 624 -52.10 -31.92 -32.20
N ALA C 625 -52.94 -31.96 -33.21
CA ALA C 625 -53.61 -33.19 -33.59
C ALA C 625 -52.61 -34.19 -34.16
N LYS C 626 -51.63 -33.71 -34.92
CA LYS C 626 -50.63 -34.58 -35.51
C LYS C 626 -49.71 -35.15 -34.44
N GLN C 627 -49.38 -34.34 -33.42
CA GLN C 627 -48.53 -34.79 -32.35
C GLN C 627 -49.22 -35.89 -31.54
N ASP C 628 -50.52 -35.74 -31.31
CA ASP C 628 -51.27 -36.68 -30.50
C ASP C 628 -51.38 -38.03 -31.18
N TYR C 629 -51.41 -38.04 -32.51
CA TYR C 629 -51.54 -39.26 -33.27
C TYR C 629 -50.25 -40.06 -33.25
N LEU C 630 -49.10 -39.38 -33.17
CA LEU C 630 -47.83 -40.08 -33.15
C LEU C 630 -47.57 -40.69 -31.79
N ASP C 631 -47.94 -39.98 -30.72
CA ASP C 631 -47.93 -40.53 -29.37
C ASP C 631 -46.52 -40.88 -28.94
N LYS C 632 -45.72 -39.87 -28.59
CA LYS C 632 -44.34 -40.08 -28.19
C LYS C 632 -44.05 -39.49 -26.81
N GLY C 633 -45.03 -38.83 -26.18
CA GLY C 633 -44.87 -38.39 -24.80
C GLY C 633 -44.35 -36.97 -24.68
N VAL C 634 -43.87 -36.64 -23.47
CA VAL C 634 -43.45 -35.30 -23.10
C VAL C 634 -42.13 -34.94 -23.77
N ASP C 635 -41.32 -35.97 -24.05
CA ASP C 635 -40.02 -35.80 -24.67
C ASP C 635 -40.13 -35.87 -26.20
N GLY C 636 -41.37 -35.85 -26.71
CA GLY C 636 -41.61 -35.88 -28.14
C GLY C 636 -41.72 -34.49 -28.72
N LYS C 637 -42.93 -34.11 -29.13
CA LYS C 637 -43.21 -32.82 -29.73
C LYS C 637 -42.39 -32.65 -31.00
N THR C 638 -42.70 -33.47 -32.00
CA THR C 638 -41.84 -33.69 -33.15
C THR C 638 -42.46 -33.16 -34.44
N VAL C 639 -43.47 -32.30 -34.34
CA VAL C 639 -44.00 -31.56 -35.46
C VAL C 639 -43.81 -30.08 -35.18
N VAL C 640 -43.12 -29.36 -36.07
CA VAL C 640 -42.66 -28.00 -35.83
C VAL C 640 -43.58 -27.01 -36.51
N PRO C 641 -44.16 -26.01 -35.80
CA PRO C 641 -44.88 -24.91 -36.43
C PRO C 641 -44.01 -23.71 -36.81
N LEU C 642 -44.14 -23.27 -38.07
CA LEU C 642 -43.38 -22.16 -38.62
C LEU C 642 -44.36 -21.15 -39.20
N LEU C 643 -44.42 -19.96 -38.59
CA LEU C 643 -45.49 -19.02 -38.84
C LEU C 643 -44.93 -17.68 -39.27
N LEU C 644 -45.37 -17.18 -40.42
CA LEU C 644 -44.89 -15.96 -41.04
C LEU C 644 -45.92 -14.85 -40.88
N HIS C 645 -45.46 -13.61 -40.65
CA HIS C 645 -46.34 -12.46 -40.47
C HIS C 645 -45.82 -11.26 -41.25
N GLY C 646 -46.61 -10.19 -41.31
CA GLY C 646 -46.17 -8.87 -41.73
C GLY C 646 -46.17 -7.89 -40.56
N ASP C 647 -45.46 -6.77 -40.69
CA ASP C 647 -45.16 -5.90 -39.58
C ASP C 647 -46.40 -5.16 -39.10
N ALA C 648 -47.20 -4.60 -40.01
CA ALA C 648 -48.40 -3.88 -39.63
C ALA C 648 -49.42 -4.80 -38.99
N ALA C 649 -49.60 -5.99 -39.53
CA ALA C 649 -50.59 -6.93 -39.02
C ALA C 649 -50.21 -7.46 -37.66
N PHE C 650 -48.92 -7.68 -37.41
CA PHE C 650 -48.47 -8.28 -36.18
C PHE C 650 -48.69 -7.34 -35.01
N ALA C 651 -48.53 -6.04 -35.21
CA ALA C 651 -48.66 -5.07 -34.14
C ALA C 651 -50.09 -4.64 -33.92
N GLY C 652 -50.95 -4.83 -34.91
CA GLY C 652 -52.26 -4.21 -34.88
C GLY C 652 -53.37 -5.13 -34.41
N LEU C 653 -53.44 -6.34 -34.96
CA LEU C 653 -54.55 -7.23 -34.72
C LEU C 653 -54.35 -7.96 -33.41
N GLY C 654 -55.45 -8.18 -32.68
CA GLY C 654 -55.42 -8.70 -31.33
C GLY C 654 -55.39 -10.23 -31.25
N ILE C 655 -55.64 -10.90 -32.37
CA ILE C 655 -55.61 -12.35 -32.44
C ILE C 655 -54.19 -12.87 -32.22
N VAL C 656 -53.19 -12.05 -32.51
CA VAL C 656 -51.80 -12.49 -32.45
C VAL C 656 -51.43 -12.78 -30.99
N PRO C 657 -51.47 -11.81 -30.06
CA PRO C 657 -51.16 -12.11 -28.66
C PRO C 657 -52.12 -13.07 -27.95
N GLU C 658 -53.36 -13.15 -28.43
CA GLU C 658 -54.35 -14.04 -27.89
C GLU C 658 -53.95 -15.50 -28.14
N THR C 659 -53.27 -15.77 -29.26
CA THR C 659 -52.86 -17.11 -29.63
C THR C 659 -51.55 -17.47 -28.97
N ILE C 660 -50.68 -16.51 -28.72
CA ILE C 660 -49.40 -16.77 -28.07
C ILE C 660 -49.64 -17.13 -26.61
N ASN C 661 -50.78 -16.72 -26.06
CA ASN C 661 -51.12 -16.95 -24.67
C ASN C 661 -51.54 -18.39 -24.43
N LEU C 662 -51.75 -19.18 -25.48
CA LEU C 662 -52.11 -20.58 -25.32
C LEU C 662 -50.89 -21.49 -25.31
N ALA C 663 -49.68 -20.94 -25.35
CA ALA C 663 -48.49 -21.70 -25.66
C ALA C 663 -48.10 -22.69 -24.58
N LYS C 664 -48.33 -22.36 -23.31
CA LYS C 664 -47.86 -23.18 -22.20
C LYS C 664 -49.02 -23.79 -21.43
N LEU C 665 -50.21 -23.89 -22.01
CA LEU C 665 -51.36 -24.44 -21.32
C LEU C 665 -51.50 -25.91 -21.66
N ARG C 666 -52.28 -26.63 -20.87
CA ARG C 666 -52.22 -28.07 -20.78
C ARG C 666 -52.77 -28.70 -22.05
N GLY C 667 -53.86 -28.18 -22.59
CA GLY C 667 -54.45 -28.79 -23.77
C GLY C 667 -54.04 -28.14 -25.09
N TYR C 668 -53.02 -27.26 -25.07
CA TYR C 668 -52.71 -26.45 -26.24
C TYR C 668 -51.23 -26.44 -26.57
N ASP C 669 -50.36 -26.99 -25.72
CA ASP C 669 -48.93 -26.87 -25.87
C ASP C 669 -48.46 -27.74 -27.04
N VAL C 670 -47.55 -27.19 -27.87
CA VAL C 670 -47.04 -27.88 -29.03
C VAL C 670 -45.52 -27.82 -29.07
N GLY C 671 -44.88 -27.40 -27.99
CA GLY C 671 -43.44 -27.45 -27.91
C GLY C 671 -42.74 -26.17 -28.36
N GLY C 672 -43.49 -25.12 -28.67
CA GLY C 672 -42.90 -23.88 -29.13
C GLY C 672 -43.22 -23.60 -30.59
N THR C 673 -43.20 -22.31 -30.97
CA THR C 673 -43.47 -21.86 -32.32
C THR C 673 -42.34 -20.93 -32.77
N ILE C 674 -41.86 -21.11 -34.01
CA ILE C 674 -40.89 -20.22 -34.62
C ILE C 674 -41.63 -19.16 -35.43
N HIS C 675 -41.48 -17.89 -35.05
CA HIS C 675 -42.15 -16.78 -35.71
C HIS C 675 -41.17 -15.96 -36.55
N ILE C 676 -41.56 -15.61 -37.78
CA ILE C 676 -40.79 -14.74 -38.65
C ILE C 676 -41.65 -13.54 -39.03
N VAL C 677 -41.19 -12.32 -38.72
CA VAL C 677 -41.85 -11.10 -39.13
C VAL C 677 -41.05 -10.45 -40.25
N VAL C 678 -41.68 -10.29 -41.42
CA VAL C 678 -41.08 -9.66 -42.58
C VAL C 678 -41.30 -8.16 -42.48
N ASN C 679 -40.30 -7.46 -41.99
CA ASN C 679 -40.38 -6.05 -41.64
C ASN C 679 -39.85 -5.23 -42.81
N ASN C 680 -40.75 -4.79 -43.68
CA ASN C 680 -40.38 -4.04 -44.87
C ASN C 680 -40.79 -2.59 -44.73
N GLN C 681 -41.08 -2.18 -43.51
CA GLN C 681 -41.12 -0.79 -43.10
C GLN C 681 -42.28 -0.07 -43.75
N ILE C 682 -43.38 -0.76 -44.06
CA ILE C 682 -44.52 -0.15 -44.70
C ILE C 682 -45.72 -1.10 -44.68
N GLY C 683 -46.92 -0.51 -44.56
CA GLY C 683 -48.19 -1.21 -44.59
C GLY C 683 -48.70 -1.34 -46.00
N PHE C 684 -49.66 -0.51 -46.38
CA PHE C 684 -50.09 -0.38 -47.76
C PHE C 684 -49.65 1.01 -48.20
N THR C 685 -50.24 2.04 -47.58
CA THR C 685 -49.81 3.41 -47.75
C THR C 685 -49.52 4.03 -46.40
N THR C 686 -49.27 3.20 -45.38
CA THR C 686 -49.16 3.66 -44.02
C THR C 686 -47.80 3.27 -43.46
N THR C 687 -47.15 4.19 -42.75
CA THR C 687 -45.82 3.99 -42.21
C THR C 687 -45.91 3.67 -40.72
N PRO C 688 -44.86 3.09 -40.12
CA PRO C 688 -44.88 2.67 -38.72
C PRO C 688 -45.29 3.67 -37.66
N ASP C 689 -45.18 4.96 -37.95
CA ASP C 689 -45.56 6.00 -37.02
C ASP C 689 -47.06 6.04 -36.82
N SER C 690 -47.82 5.49 -37.76
CA SER C 690 -49.27 5.48 -37.69
C SER C 690 -49.82 4.08 -37.43
N SER C 691 -48.94 3.12 -37.15
CA SER C 691 -49.33 1.72 -37.09
C SER C 691 -49.14 1.13 -35.70
N ARG C 692 -48.21 1.63 -34.90
CA ARG C 692 -47.97 1.04 -33.61
C ARG C 692 -47.46 2.07 -32.62
N SER C 693 -47.60 1.76 -31.34
CA SER C 693 -47.10 2.56 -30.24
C SER C 693 -45.94 1.87 -29.53
N MET C 694 -45.43 0.78 -30.11
CA MET C 694 -44.25 0.09 -29.61
C MET C 694 -43.07 0.52 -30.46
N HIS C 695 -41.84 0.34 -29.96
CA HIS C 695 -40.64 0.73 -30.69
C HIS C 695 -40.35 -0.25 -31.79
N TYR C 696 -40.42 -1.55 -31.49
CA TYR C 696 -40.30 -2.59 -32.49
C TYR C 696 -41.63 -3.33 -32.64
N ALA C 697 -41.81 -4.00 -33.76
CA ALA C 697 -43.03 -4.73 -34.03
C ALA C 697 -43.11 -6.01 -33.23
N THR C 698 -41.96 -6.50 -32.76
CA THR C 698 -41.85 -7.77 -32.07
C THR C 698 -41.77 -7.60 -30.57
N ASP C 699 -42.45 -6.60 -30.01
CA ASP C 699 -42.29 -6.28 -28.59
C ASP C 699 -43.25 -7.07 -27.71
N TYR C 700 -44.18 -7.82 -28.30
CA TYR C 700 -45.02 -8.72 -27.54
C TYR C 700 -44.20 -9.86 -26.94
N ALA C 701 -43.01 -10.10 -27.46
CA ALA C 701 -42.13 -11.13 -26.94
C ALA C 701 -41.73 -10.87 -25.51
N LYS C 702 -41.62 -9.61 -25.13
CA LYS C 702 -41.20 -9.25 -23.79
C LYS C 702 -42.32 -9.46 -22.78
N ALA C 703 -43.55 -9.61 -23.23
CA ALA C 703 -44.67 -9.92 -22.34
C ALA C 703 -44.68 -11.39 -21.96
N PHE C 704 -44.06 -12.24 -22.79
CA PHE C 704 -44.14 -13.68 -22.62
C PHE C 704 -42.80 -14.28 -22.26
N GLY C 705 -41.74 -13.48 -22.21
CA GLY C 705 -40.45 -13.94 -21.73
C GLY C 705 -39.67 -14.74 -22.74
N CYS C 706 -39.60 -14.26 -23.99
CA CYS C 706 -39.02 -15.00 -25.09
C CYS C 706 -37.95 -14.17 -25.79
N PRO C 707 -36.93 -14.79 -26.42
CA PRO C 707 -35.88 -14.05 -27.13
C PRO C 707 -36.22 -13.51 -28.52
N VAL C 708 -35.58 -12.41 -28.92
CA VAL C 708 -35.79 -11.80 -30.23
C VAL C 708 -34.45 -11.61 -30.91
N PHE C 709 -34.40 -11.89 -32.21
CA PHE C 709 -33.23 -11.69 -33.06
C PHE C 709 -33.60 -10.79 -34.24
N HIS C 710 -32.94 -9.64 -34.37
CA HIS C 710 -33.13 -8.75 -35.50
C HIS C 710 -31.96 -8.91 -36.46
N VAL C 711 -32.22 -9.14 -37.75
CA VAL C 711 -31.16 -9.45 -38.69
C VAL C 711 -31.35 -8.65 -39.98
N ASN C 712 -30.23 -8.20 -40.55
CA ASN C 712 -30.14 -7.46 -41.79
C ASN C 712 -30.39 -8.38 -42.96
N GLY C 713 -31.30 -7.99 -43.84
CA GLY C 713 -31.72 -8.83 -44.93
C GLY C 713 -30.84 -8.72 -46.17
N ASP C 714 -29.74 -7.98 -46.08
CA ASP C 714 -28.75 -7.92 -47.15
C ASP C 714 -27.44 -8.55 -46.72
N ASP C 715 -27.46 -9.43 -45.69
CA ASP C 715 -26.29 -10.21 -45.31
C ASP C 715 -26.69 -11.68 -45.17
N PRO C 716 -26.72 -12.45 -46.28
CA PRO C 716 -27.28 -13.79 -46.26
C PRO C 716 -26.65 -14.82 -45.34
N GLU C 717 -25.38 -14.69 -44.99
CA GLU C 717 -24.74 -15.66 -44.13
C GLU C 717 -25.19 -15.49 -42.69
N ALA C 718 -25.49 -14.26 -42.29
CA ALA C 718 -26.02 -14.00 -40.96
C ALA C 718 -27.45 -14.49 -40.84
N VAL C 719 -28.21 -14.46 -41.93
CA VAL C 719 -29.59 -14.89 -41.92
C VAL C 719 -29.65 -16.39 -41.72
N VAL C 720 -28.72 -17.12 -42.32
CA VAL C 720 -28.69 -18.57 -42.24
C VAL C 720 -28.28 -19.00 -40.85
N TRP C 721 -27.45 -18.23 -40.18
CA TRP C 721 -27.02 -18.54 -38.83
C TRP C 721 -28.16 -18.35 -37.83
N VAL C 722 -28.96 -17.31 -38.00
CA VAL C 722 -30.04 -16.99 -37.07
C VAL C 722 -31.13 -18.04 -37.18
N GLY C 723 -31.36 -18.56 -38.38
CA GLY C 723 -32.32 -19.63 -38.58
C GLY C 723 -31.96 -20.90 -37.83
N GLN C 724 -30.68 -21.25 -37.83
CA GLN C 724 -30.17 -22.42 -37.16
C GLN C 724 -30.26 -22.27 -35.65
N LEU C 725 -29.92 -21.09 -35.14
CA LEU C 725 -29.85 -20.83 -33.72
C LEU C 725 -31.23 -20.85 -33.10
N ALA C 726 -32.24 -20.42 -33.86
CA ALA C 726 -33.61 -20.38 -33.39
C ALA C 726 -34.19 -21.77 -33.25
N THR C 727 -33.89 -22.66 -34.21
CA THR C 727 -34.41 -24.01 -34.23
C THR C 727 -33.77 -24.86 -33.13
N GLU C 728 -32.53 -24.52 -32.74
CA GLU C 728 -31.87 -25.20 -31.65
C GLU C 728 -32.43 -24.78 -30.30
N TYR C 729 -32.77 -23.50 -30.16
CA TYR C 729 -33.33 -22.98 -28.92
C TYR C 729 -34.69 -23.62 -28.64
N ARG C 730 -35.47 -23.86 -29.69
CA ARG C 730 -36.79 -24.43 -29.55
C ARG C 730 -36.70 -25.85 -29.04
N ARG C 731 -35.71 -26.61 -29.51
CA ARG C 731 -35.61 -28.02 -29.21
C ARG C 731 -35.13 -28.22 -27.78
N ARG C 732 -34.34 -27.29 -27.25
CA ARG C 732 -33.78 -27.45 -25.93
C ARG C 732 -34.72 -26.96 -24.84
N PHE C 733 -35.46 -25.88 -25.07
CA PHE C 733 -36.17 -25.21 -24.01
C PHE C 733 -37.69 -25.28 -24.19
N GLY C 734 -38.17 -25.57 -25.38
CA GLY C 734 -39.58 -25.77 -25.60
C GLY C 734 -40.41 -24.50 -25.52
N LYS C 735 -39.86 -23.39 -26.01
CA LYS C 735 -40.53 -22.10 -25.94
C LYS C 735 -40.54 -21.44 -27.31
N ASP C 736 -41.26 -20.32 -27.42
CA ASP C 736 -41.39 -19.57 -28.65
C ASP C 736 -40.16 -18.70 -28.87
N VAL C 737 -39.88 -18.41 -30.15
CA VAL C 737 -38.73 -17.62 -30.55
C VAL C 737 -39.15 -16.73 -31.71
N PHE C 738 -38.62 -15.49 -31.75
CA PHE C 738 -39.05 -14.49 -32.71
C PHE C 738 -37.88 -13.97 -33.54
N ILE C 739 -38.04 -13.93 -34.87
CA ILE C 739 -37.06 -13.39 -35.79
C ILE C 739 -37.66 -12.20 -36.53
N ASP C 740 -36.93 -11.09 -36.58
CA ASP C 740 -37.32 -9.88 -37.29
C ASP C 740 -36.37 -9.65 -38.46
N LEU C 741 -36.86 -9.87 -39.68
CA LEU C 741 -36.07 -9.75 -40.90
C LEU C 741 -36.31 -8.38 -41.51
N VAL C 742 -35.31 -7.50 -41.40
CA VAL C 742 -35.44 -6.11 -41.83
C VAL C 742 -35.05 -5.99 -43.30
N CYS C 743 -35.98 -5.50 -44.11
CA CYS C 743 -35.85 -5.45 -45.55
C CYS C 743 -36.71 -4.33 -46.12
N TYR C 744 -36.96 -4.30 -47.43
CA TYR C 744 -37.79 -3.29 -48.04
C TYR C 744 -38.70 -3.89 -49.08
N ARG C 745 -39.62 -3.08 -49.64
CA ARG C 745 -40.55 -3.46 -50.68
C ARG C 745 -40.22 -2.67 -51.94
N LEU C 746 -39.83 -3.33 -53.03
CA LEU C 746 -39.27 -2.68 -54.19
C LEU C 746 -40.34 -1.98 -55.00
N ARG C 747 -41.47 -2.64 -55.21
CA ARG C 747 -42.56 -2.07 -55.97
C ARG C 747 -43.63 -1.55 -55.01
N GLY C 748 -44.82 -1.26 -55.53
CA GLY C 748 -45.95 -0.88 -54.72
C GLY C 748 -46.58 -2.06 -54.01
N HIS C 749 -47.71 -1.82 -53.35
CA HIS C 749 -48.38 -2.86 -52.59
C HIS C 749 -48.72 -4.01 -53.52
N ASN C 750 -49.29 -3.66 -54.67
CA ASN C 750 -49.44 -4.58 -55.78
C ASN C 750 -48.70 -3.97 -56.96
N GLU C 751 -48.76 -4.64 -58.12
CA GLU C 751 -47.94 -4.25 -59.26
C GLU C 751 -48.67 -3.21 -60.12
N ALA C 752 -49.74 -2.62 -59.60
CA ALA C 752 -50.50 -1.63 -60.34
C ALA C 752 -50.52 -0.29 -59.61
N ASP C 753 -49.72 -0.16 -58.53
CA ASP C 753 -49.81 1.00 -57.65
C ASP C 753 -48.51 1.79 -57.70
N ASP C 754 -48.60 3.12 -57.51
CA ASP C 754 -47.45 4.01 -57.52
C ASP C 754 -47.15 4.52 -56.12
N PRO C 755 -46.09 4.06 -55.45
CA PRO C 755 -45.82 4.45 -54.08
C PRO C 755 -45.23 5.83 -53.83
N SER C 756 -44.89 6.54 -54.90
CA SER C 756 -44.26 7.85 -54.78
C SER C 756 -45.28 8.92 -54.44
N MET C 757 -46.58 8.63 -54.62
CA MET C 757 -47.60 9.62 -54.35
C MET C 757 -47.63 9.94 -52.85
N THR C 758 -47.31 8.96 -52.01
CA THR C 758 -47.49 9.10 -50.58
C THR C 758 -46.19 8.95 -49.81
N GLN C 759 -45.18 8.29 -50.39
CA GLN C 759 -43.89 8.14 -49.74
C GLN C 759 -42.77 8.54 -50.70
N PRO C 760 -42.61 9.83 -51.05
CA PRO C 760 -41.58 10.26 -51.99
C PRO C 760 -40.13 10.06 -51.61
N LYS C 761 -39.79 10.35 -50.36
CA LYS C 761 -38.41 10.37 -49.93
C LYS C 761 -37.88 8.97 -49.74
N MET C 762 -38.74 8.04 -49.31
CA MET C 762 -38.36 6.67 -49.08
C MET C 762 -38.06 5.98 -50.40
N TYR C 763 -38.77 6.33 -51.46
CA TYR C 763 -38.60 5.65 -52.73
C TYR C 763 -37.57 6.37 -53.60
N GLU C 764 -36.90 7.39 -53.07
CA GLU C 764 -35.68 7.90 -53.68
C GLU C 764 -34.49 7.02 -53.30
N LEU C 765 -34.54 6.44 -52.10
CA LEU C 765 -33.51 5.54 -51.64
C LEU C 765 -33.65 4.15 -52.24
N ILE C 766 -34.82 3.74 -52.69
CA ILE C 766 -35.06 2.36 -53.07
C ILE C 766 -34.82 2.18 -54.56
N THR C 767 -35.29 3.12 -55.38
CA THR C 767 -35.26 2.95 -56.81
C THR C 767 -33.83 3.03 -57.32
N GLY C 768 -33.38 1.96 -57.98
CA GLY C 768 -32.06 1.92 -58.59
C GLY C 768 -30.97 1.35 -57.68
N ARG C 769 -31.35 0.57 -56.67
CA ARG C 769 -30.38 -0.14 -55.84
C ARG C 769 -29.90 -1.37 -56.59
N GLU C 770 -28.88 -2.02 -56.05
CA GLU C 770 -28.46 -3.31 -56.56
C GLU C 770 -28.97 -4.38 -55.60
N THR C 771 -29.40 -5.50 -56.17
CA THR C 771 -30.12 -6.54 -55.44
C THR C 771 -29.19 -7.33 -54.56
N VAL C 772 -29.75 -8.18 -53.69
CA VAL C 772 -29.00 -8.93 -52.70
C VAL C 772 -28.24 -10.05 -53.38
N ARG C 773 -28.72 -10.54 -54.51
CA ARG C 773 -28.02 -11.56 -55.27
C ARG C 773 -26.79 -10.98 -55.93
N ALA C 774 -26.90 -9.76 -56.47
CA ALA C 774 -25.80 -9.10 -57.13
C ALA C 774 -24.70 -8.75 -56.15
N GLN C 775 -25.06 -8.24 -54.98
CA GLN C 775 -24.09 -7.88 -53.98
C GLN C 775 -23.33 -9.09 -53.50
N TYR C 776 -24.00 -10.23 -53.34
CA TYR C 776 -23.37 -11.40 -52.75
C TYR C 776 -22.42 -12.04 -53.75
N THR C 777 -22.77 -12.00 -55.04
CA THR C 777 -21.92 -12.54 -56.08
C THR C 777 -20.64 -11.74 -56.17
N GLU C 778 -20.72 -10.43 -55.98
CA GLU C 778 -19.58 -9.55 -56.06
C GLU C 778 -18.65 -9.79 -54.88
N ASP C 779 -19.21 -10.09 -53.71
CA ASP C 779 -18.43 -10.34 -52.51
C ASP C 779 -17.66 -11.64 -52.62
N LEU C 780 -18.29 -12.69 -53.14
CA LEU C 780 -17.65 -13.99 -53.24
C LEU C 780 -16.54 -13.98 -54.29
N LEU C 781 -16.71 -13.28 -55.41
CA LEU C 781 -15.67 -13.17 -56.43
C LEU C 781 -14.53 -12.31 -55.92
N GLY C 782 -14.79 -11.39 -55.00
CA GLY C 782 -13.75 -10.58 -54.43
C GLY C 782 -12.85 -11.33 -53.46
N ARG C 783 -13.42 -12.22 -52.66
CA ARG C 783 -12.67 -12.97 -51.68
C ARG C 783 -12.12 -14.26 -52.29
N GLY C 784 -12.40 -14.49 -53.57
CA GLY C 784 -11.81 -15.62 -54.27
C GLY C 784 -12.48 -16.94 -53.92
N ASP C 785 -13.77 -16.90 -53.55
CA ASP C 785 -14.48 -18.07 -53.07
C ASP C 785 -15.29 -18.71 -54.20
N LEU C 786 -15.29 -18.11 -55.39
CA LEU C 786 -16.07 -18.59 -56.51
C LEU C 786 -15.44 -18.09 -57.81
N SER C 787 -15.49 -18.89 -58.88
CA SER C 787 -14.98 -18.49 -60.19
C SER C 787 -16.09 -17.85 -61.01
N ASN C 788 -15.73 -17.25 -62.15
CA ASN C 788 -16.70 -16.58 -62.99
C ASN C 788 -17.51 -17.58 -63.81
N GLU C 789 -16.87 -18.66 -64.25
CA GLU C 789 -17.56 -19.70 -64.99
C GLU C 789 -18.67 -20.29 -64.12
N ASP C 790 -18.37 -20.53 -62.85
CA ASP C 790 -19.33 -21.05 -61.91
C ASP C 790 -20.50 -20.10 -61.76
N ALA C 791 -20.19 -18.81 -61.57
CA ALA C 791 -21.19 -17.81 -61.32
C ALA C 791 -22.13 -17.64 -62.50
N GLU C 792 -21.65 -17.90 -63.71
CA GLU C 792 -22.46 -17.70 -64.90
C GLU C 792 -23.31 -18.92 -65.17
N ALA C 793 -22.81 -20.09 -64.81
CA ALA C 793 -23.55 -21.32 -64.98
C ALA C 793 -24.79 -21.31 -64.10
N VAL C 794 -24.66 -20.82 -62.87
CA VAL C 794 -25.76 -20.79 -61.91
C VAL C 794 -26.95 -20.08 -62.52
N VAL C 795 -26.72 -18.98 -63.22
CA VAL C 795 -27.80 -18.20 -63.79
C VAL C 795 -28.38 -18.89 -65.02
N ARG C 796 -27.51 -19.35 -65.92
CA ARG C 796 -27.92 -19.90 -67.19
C ARG C 796 -28.78 -21.14 -67.01
N ASP C 797 -28.38 -22.02 -66.11
CA ASP C 797 -29.04 -23.30 -65.96
C ASP C 797 -30.49 -23.12 -65.52
N PHE C 798 -30.72 -22.24 -64.54
CA PHE C 798 -32.05 -22.08 -63.97
C PHE C 798 -32.99 -21.44 -64.97
N HIS C 799 -32.48 -20.53 -65.80
CA HIS C 799 -33.32 -19.87 -66.77
C HIS C 799 -33.74 -20.85 -67.87
N ASP C 800 -32.86 -21.77 -68.21
CA ASP C 800 -33.16 -22.77 -69.23
C ASP C 800 -34.28 -23.69 -68.74
N GLN C 801 -34.21 -24.08 -67.47
CA GLN C 801 -35.20 -24.95 -66.86
C GLN C 801 -36.59 -24.34 -66.96
N MET C 802 -36.72 -23.04 -66.65
CA MET C 802 -38.01 -22.38 -66.61
C MET C 802 -38.57 -22.20 -68.01
N GLU C 803 -37.68 -21.89 -68.97
CA GLU C 803 -38.11 -21.67 -70.34
C GLU C 803 -38.65 -22.95 -70.95
N SER C 804 -38.01 -24.08 -70.60
CA SER C 804 -38.44 -25.38 -71.07
C SER C 804 -39.87 -25.68 -70.67
N VAL C 805 -40.15 -25.53 -69.37
CA VAL C 805 -41.45 -25.87 -68.80
C VAL C 805 -42.52 -24.97 -69.41
N PHE C 806 -42.21 -23.69 -69.59
CA PHE C 806 -43.17 -22.72 -70.08
C PHE C 806 -43.64 -23.09 -71.48
N ASN C 807 -42.70 -23.52 -72.33
CA ASN C 807 -43.03 -23.84 -73.71
C ASN C 807 -43.92 -25.07 -73.76
N GLU C 808 -43.65 -26.05 -72.89
CA GLU C 808 -44.44 -27.27 -72.81
C GLU C 808 -45.88 -26.96 -72.42
N VAL C 809 -46.08 -25.95 -71.58
CA VAL C 809 -47.39 -25.60 -71.06
C VAL C 809 -48.22 -24.89 -72.13
N LYS C 810 -47.56 -24.21 -73.06
CA LYS C 810 -48.25 -23.43 -74.09
C LYS C 810 -48.66 -24.29 -75.28
N GLU C 811 -48.06 -25.48 -75.41
CA GLU C 811 -48.41 -26.39 -76.50
C GLU C 811 -49.87 -26.83 -76.37
N GLY C 812 -50.25 -27.27 -75.16
CA GLY C 812 -51.62 -27.60 -74.84
C GLY C 812 -52.52 -26.38 -74.92
N GLY C 813 -53.69 -26.53 -75.57
CA GLY C 813 -54.62 -25.44 -75.79
C GLY C 813 -55.36 -25.05 -74.52
N LYS C 814 -55.90 -23.82 -74.50
CA LYS C 814 -56.64 -23.30 -73.37
C LYS C 814 -58.10 -23.71 -73.46
N LYS C 815 -58.66 -24.17 -72.35
CA LYS C 815 -60.07 -24.54 -72.26
C LYS C 815 -60.92 -23.29 -72.10
N GLN C 816 -62.23 -23.43 -72.33
CA GLN C 816 -63.18 -22.34 -72.19
C GLN C 816 -63.94 -22.50 -70.88
N ALA C 817 -64.58 -21.41 -70.44
CA ALA C 817 -65.25 -21.36 -69.15
C ALA C 817 -66.49 -22.27 -69.15
N GLU C 818 -66.80 -22.82 -67.97
CA GLU C 818 -67.95 -23.69 -67.79
C GLU C 818 -68.57 -23.41 -66.42
N ALA C 819 -69.89 -23.52 -66.33
CA ALA C 819 -70.63 -23.19 -65.11
C ALA C 819 -70.33 -24.20 -64.01
N GLN C 820 -70.38 -23.73 -62.76
CA GLN C 820 -70.11 -24.56 -61.58
C GLN C 820 -71.42 -25.04 -60.99
N THR C 821 -71.50 -26.34 -60.67
CA THR C 821 -72.76 -27.03 -60.46
C THR C 821 -73.21 -26.95 -59.00
N GLY C 822 -72.29 -27.16 -58.06
CA GLY C 822 -72.60 -27.14 -56.64
C GLY C 822 -72.06 -28.39 -55.93
N ILE C 823 -72.11 -28.39 -54.59
CA ILE C 823 -71.47 -29.45 -53.81
C ILE C 823 -72.49 -30.25 -53.02
N THR C 824 -73.79 -30.13 -53.35
CA THR C 824 -74.84 -30.75 -52.55
C THR C 824 -74.72 -32.26 -52.57
N GLY C 825 -74.42 -32.85 -53.73
CA GLY C 825 -74.44 -34.30 -53.91
C GLY C 825 -73.04 -34.91 -53.98
N SER C 826 -72.03 -34.19 -53.51
CA SER C 826 -70.65 -34.62 -53.65
C SER C 826 -70.28 -35.61 -52.54
N GLN C 827 -71.09 -35.71 -51.48
CA GLN C 827 -70.90 -36.68 -50.42
C GLN C 827 -72.21 -37.44 -50.19
N LYS C 828 -72.10 -38.71 -49.77
CA LYS C 828 -73.25 -39.59 -49.63
C LYS C 828 -73.81 -39.50 -48.21
N LEU C 829 -75.11 -39.85 -48.08
CA LEU C 829 -75.80 -39.87 -46.80
C LEU C 829 -75.86 -41.31 -46.29
N PRO C 830 -75.77 -41.53 -44.96
CA PRO C 830 -75.72 -42.88 -44.39
C PRO C 830 -77.09 -43.55 -44.30
N HIS C 831 -77.52 -44.17 -45.41
CA HIS C 831 -78.82 -44.80 -45.48
C HIS C 831 -78.77 -46.15 -44.76
N GLY C 832 -79.67 -46.33 -43.79
CA GLY C 832 -79.86 -47.60 -43.12
C GLY C 832 -78.80 -47.90 -42.07
N LEU C 833 -78.41 -46.88 -41.31
CA LEU C 833 -77.43 -47.04 -40.25
C LEU C 833 -78.15 -47.01 -38.91
N GLU C 834 -77.82 -47.95 -38.02
CA GLU C 834 -78.49 -48.10 -36.74
C GLU C 834 -77.56 -47.66 -35.63
N THR C 835 -78.09 -46.90 -34.66
CA THR C 835 -77.27 -46.17 -33.71
C THR C 835 -77.60 -46.54 -32.27
N ASN C 836 -78.23 -47.69 -32.05
CA ASN C 836 -78.56 -48.13 -30.71
C ASN C 836 -77.44 -48.98 -30.15
N ILE C 837 -77.30 -48.97 -28.81
CA ILE C 837 -76.32 -49.80 -28.14
C ILE C 837 -77.05 -50.95 -27.45
N SER C 838 -76.30 -51.94 -26.96
CA SER C 838 -76.85 -53.10 -26.29
C SER C 838 -77.09 -52.80 -24.82
N ARG C 839 -77.88 -53.65 -24.16
CA ARG C 839 -78.26 -53.44 -22.78
C ARG C 839 -77.06 -53.68 -21.87
N GLU C 840 -76.15 -54.54 -22.29
CA GLU C 840 -74.96 -54.83 -21.54
C GLU C 840 -74.03 -53.62 -21.55
N GLU C 841 -73.94 -52.94 -22.69
CA GLU C 841 -73.09 -51.77 -22.85
C GLU C 841 -73.59 -50.62 -21.98
N LEU C 842 -74.92 -50.50 -21.83
CA LEU C 842 -75.51 -49.41 -21.09
C LEU C 842 -75.23 -49.57 -19.60
N LEU C 843 -75.27 -50.80 -19.09
CA LEU C 843 -75.05 -51.05 -17.68
C LEU C 843 -73.59 -50.82 -17.32
N GLU C 844 -72.68 -51.12 -18.24
CA GLU C 844 -71.26 -50.96 -17.99
C GLU C 844 -70.92 -49.49 -17.89
N LEU C 845 -71.54 -48.65 -18.73
CA LEU C 845 -71.31 -47.22 -18.71
C LEU C 845 -71.80 -46.64 -17.40
N GLY C 846 -72.93 -47.15 -16.91
CA GLY C 846 -73.47 -46.71 -15.64
C GLY C 846 -72.55 -47.03 -14.47
N GLN C 847 -71.94 -48.20 -14.46
CA GLN C 847 -71.11 -48.64 -13.36
C GLN C 847 -69.81 -47.86 -13.27
N ALA C 848 -69.40 -47.19 -14.32
CA ALA C 848 -68.15 -46.46 -14.30
C ALA C 848 -68.11 -45.43 -13.18
N PHE C 849 -69.28 -44.96 -12.75
CA PHE C 849 -69.39 -43.94 -11.72
C PHE C 849 -69.46 -44.54 -10.33
N ALA C 850 -69.40 -45.87 -10.21
CA ALA C 850 -69.31 -46.55 -8.94
C ALA C 850 -67.92 -47.12 -8.69
N ASN C 851 -67.12 -47.29 -9.73
CA ASN C 851 -65.79 -47.85 -9.61
C ASN C 851 -64.80 -46.76 -9.30
N THR C 852 -64.89 -46.18 -8.11
CA THR C 852 -64.00 -45.11 -7.69
C THR C 852 -62.66 -45.70 -7.35
N PRO C 853 -61.55 -44.94 -7.42
CA PRO C 853 -60.26 -45.41 -6.91
C PRO C 853 -60.28 -45.70 -5.42
N GLU C 854 -59.12 -46.06 -4.86
CA GLU C 854 -59.06 -46.81 -3.61
C GLU C 854 -59.56 -45.99 -2.44
N GLY C 855 -58.98 -44.82 -2.19
CA GLY C 855 -59.49 -44.02 -1.09
C GLY C 855 -60.06 -42.67 -1.54
N PHE C 856 -60.87 -42.70 -2.61
CA PHE C 856 -61.48 -41.51 -3.18
C PHE C 856 -62.90 -41.41 -2.67
N ASN C 857 -63.33 -40.19 -2.33
CA ASN C 857 -64.72 -39.92 -2.05
C ASN C 857 -65.16 -38.66 -2.77
N TYR C 858 -66.44 -38.61 -3.14
CA TYR C 858 -67.03 -37.49 -3.83
C TYR C 858 -67.39 -36.40 -2.82
N HIS C 859 -67.56 -35.17 -3.32
CA HIS C 859 -68.02 -34.04 -2.53
C HIS C 859 -69.48 -34.27 -2.25
N PRO C 860 -70.03 -33.84 -1.10
CA PRO C 860 -71.41 -34.10 -0.77
C PRO C 860 -72.51 -33.61 -1.68
N ARG C 861 -72.22 -32.66 -2.55
CA ARG C 861 -73.19 -32.10 -3.46
C ARG C 861 -73.07 -32.74 -4.84
N VAL C 862 -72.03 -33.56 -5.03
CA VAL C 862 -71.77 -34.28 -6.28
C VAL C 862 -72.15 -35.75 -6.14
N ALA C 863 -72.26 -36.24 -4.91
CA ALA C 863 -72.50 -37.66 -4.65
C ALA C 863 -73.88 -38.08 -5.08
N PRO C 864 -74.95 -37.30 -4.87
CA PRO C 864 -76.26 -37.64 -5.40
C PRO C 864 -76.39 -37.77 -6.92
N VAL C 865 -75.55 -37.03 -7.66
CA VAL C 865 -75.56 -37.08 -9.11
C VAL C 865 -74.97 -38.39 -9.56
N ALA C 866 -73.90 -38.83 -8.91
CA ALA C 866 -73.27 -40.09 -9.23
C ALA C 866 -74.19 -41.28 -8.95
N LYS C 867 -74.94 -41.25 -7.85
CA LYS C 867 -75.80 -42.36 -7.52
C LYS C 867 -76.92 -42.46 -8.54
N LYS C 868 -77.44 -41.32 -8.99
CA LYS C 868 -78.56 -41.32 -9.91
C LYS C 868 -78.12 -41.87 -11.26
N ARG C 869 -76.87 -41.67 -11.62
CA ARG C 869 -76.34 -42.17 -12.88
C ARG C 869 -76.26 -43.68 -12.87
N VAL C 870 -75.95 -44.29 -11.72
CA VAL C 870 -75.83 -45.72 -11.61
C VAL C 870 -77.19 -46.38 -11.59
N SER C 871 -78.21 -45.72 -11.04
CA SER C 871 -79.52 -46.32 -10.92
C SER C 871 -80.40 -46.09 -12.12
N SER C 872 -80.12 -45.04 -12.91
CA SER C 872 -81.03 -44.59 -13.95
C SER C 872 -80.99 -45.51 -15.16
N VAL C 873 -79.88 -46.23 -15.34
CA VAL C 873 -79.70 -47.08 -16.48
C VAL C 873 -80.50 -48.36 -16.32
N THR C 874 -81.26 -48.49 -15.23
CA THR C 874 -82.15 -49.62 -15.06
C THR C 874 -83.54 -49.21 -14.63
N GLU C 875 -83.73 -48.02 -14.06
CA GLU C 875 -85.00 -47.60 -13.53
C GLU C 875 -85.66 -46.50 -14.35
N GLY C 876 -84.88 -45.64 -15.00
CA GLY C 876 -85.43 -44.58 -15.82
C GLY C 876 -84.98 -43.21 -15.36
N GLY C 877 -85.44 -42.18 -16.07
CA GLY C 877 -85.22 -40.80 -15.68
C GLY C 877 -83.82 -40.31 -16.03
N ILE C 878 -83.43 -40.47 -17.29
CA ILE C 878 -82.12 -40.03 -17.74
C ILE C 878 -82.24 -38.59 -18.23
N ASP C 879 -81.35 -37.72 -17.75
CA ASP C 879 -81.43 -36.30 -18.04
C ASP C 879 -80.51 -35.95 -19.21
N TRP C 880 -80.43 -34.66 -19.53
CA TRP C 880 -79.77 -34.20 -20.73
C TRP C 880 -78.27 -34.46 -20.66
N ALA C 881 -77.63 -34.08 -19.57
CA ALA C 881 -76.20 -34.19 -19.47
C ALA C 881 -75.74 -35.64 -19.55
N TRP C 882 -76.52 -36.54 -18.98
CA TRP C 882 -76.16 -37.94 -18.93
C TRP C 882 -76.34 -38.57 -20.30
N GLY C 883 -77.29 -38.08 -21.09
CA GLY C 883 -77.45 -38.50 -22.46
C GLY C 883 -76.25 -38.16 -23.33
N GLU C 884 -75.72 -36.94 -23.17
CA GLU C 884 -74.56 -36.49 -23.92
C GLU C 884 -73.33 -37.33 -23.58
N LEU C 885 -73.11 -37.59 -22.29
CA LEU C 885 -71.93 -38.32 -21.85
C LEU C 885 -72.02 -39.77 -22.27
N LEU C 886 -73.23 -40.35 -22.29
CA LEU C 886 -73.40 -41.71 -22.74
C LEU C 886 -72.99 -41.85 -24.20
N ALA C 887 -73.22 -40.83 -25.01
CA ALA C 887 -72.84 -40.84 -26.42
C ALA C 887 -71.33 -40.79 -26.58
N PHE C 888 -70.68 -39.87 -25.89
CA PHE C 888 -69.25 -39.72 -26.05
C PHE C 888 -68.52 -40.91 -25.48
N GLY C 889 -69.03 -41.48 -24.39
CA GLY C 889 -68.43 -42.64 -23.78
C GLY C 889 -68.50 -43.86 -24.68
N SER C 890 -69.64 -44.08 -25.29
CA SER C 890 -69.80 -45.23 -26.16
C SER C 890 -68.82 -45.16 -27.32
N LEU C 891 -68.59 -43.98 -27.86
CA LEU C 891 -67.70 -43.82 -28.99
C LEU C 891 -66.25 -43.99 -28.57
N ALA C 892 -65.91 -43.61 -27.35
CA ALA C 892 -64.55 -43.79 -26.88
C ALA C 892 -64.25 -45.26 -26.61
N ASN C 893 -65.27 -46.04 -26.28
CA ASN C 893 -65.08 -47.45 -26.02
C ASN C 893 -64.72 -48.18 -27.30
N SER C 894 -65.29 -47.76 -28.43
CA SER C 894 -65.05 -48.43 -29.70
C SER C 894 -63.65 -48.19 -30.20
N GLY C 895 -63.00 -47.12 -29.75
CA GLY C 895 -61.60 -46.94 -30.00
C GLY C 895 -61.24 -45.58 -30.60
N ARG C 896 -62.03 -44.56 -30.31
CA ARG C 896 -61.84 -43.25 -30.90
C ARG C 896 -61.33 -42.25 -29.88
N LEU C 897 -60.66 -41.22 -30.37
CA LEU C 897 -60.21 -40.10 -29.57
C LEU C 897 -61.29 -39.05 -29.56
N VAL C 898 -61.86 -38.78 -28.37
CA VAL C 898 -62.91 -37.80 -28.18
C VAL C 898 -62.35 -36.65 -27.38
N ARG C 899 -62.52 -35.42 -27.88
CA ARG C 899 -62.00 -34.20 -27.26
C ARG C 899 -63.14 -33.21 -27.09
N LEU C 900 -63.30 -32.68 -25.87
CA LEU C 900 -64.30 -31.68 -25.54
C LEU C 900 -63.63 -30.51 -24.85
N ALA C 901 -63.80 -29.29 -25.39
CA ALA C 901 -63.12 -28.11 -24.89
C ALA C 901 -64.06 -26.91 -24.87
N GLY C 902 -63.87 -26.01 -23.88
CA GLY C 902 -64.71 -24.86 -23.70
C GLY C 902 -64.52 -24.22 -22.32
N GLU C 903 -65.21 -23.10 -22.06
CA GLU C 903 -65.10 -22.40 -20.79
C GLU C 903 -65.92 -23.11 -19.72
N ASP C 904 -65.22 -23.60 -18.69
CA ASP C 904 -65.83 -24.24 -17.54
C ASP C 904 -66.58 -25.48 -17.96
N SER C 905 -65.93 -26.31 -18.79
CA SER C 905 -66.62 -27.41 -19.45
C SER C 905 -66.41 -28.72 -18.71
N ARG C 906 -65.51 -28.76 -17.73
CA ARG C 906 -65.32 -29.95 -16.93
C ARG C 906 -66.44 -30.11 -15.90
N ARG C 907 -66.84 -29.01 -15.26
CA ARG C 907 -67.95 -29.01 -14.32
C ARG C 907 -69.25 -28.76 -15.06
N GLY C 908 -69.24 -27.79 -15.96
CA GLY C 908 -70.46 -27.30 -16.59
C GLY C 908 -70.82 -25.92 -16.08
N THR C 909 -71.37 -25.08 -16.96
CA THR C 909 -71.74 -23.72 -16.62
C THR C 909 -72.94 -23.73 -15.68
N PHE C 910 -73.82 -24.71 -15.87
CA PHE C 910 -75.03 -24.80 -15.10
C PHE C 910 -74.92 -25.94 -14.09
N THR C 911 -73.70 -26.37 -13.79
CA THR C 911 -73.42 -27.39 -12.79
C THR C 911 -74.16 -28.68 -13.14
N GLN C 912 -73.93 -29.20 -14.34
CA GLN C 912 -74.73 -30.29 -14.84
C GLN C 912 -73.90 -31.48 -15.32
N ARG C 913 -72.61 -31.32 -15.56
CA ARG C 913 -71.87 -32.32 -16.32
C ARG C 913 -71.06 -33.22 -15.40
N HIS C 914 -70.14 -32.66 -14.65
CA HIS C 914 -69.29 -33.41 -13.74
C HIS C 914 -68.61 -34.56 -14.47
N ALA C 915 -67.75 -34.22 -15.43
CA ALA C 915 -67.01 -35.20 -16.18
C ALA C 915 -65.71 -35.53 -15.47
N VAL C 916 -65.18 -34.56 -14.74
CA VAL C 916 -64.09 -34.82 -13.84
C VAL C 916 -64.52 -34.39 -12.44
N ALA C 917 -64.28 -35.24 -11.44
CA ALA C 917 -64.66 -34.99 -10.05
C ALA C 917 -63.43 -34.79 -9.20
N ILE C 918 -63.55 -34.05 -8.10
CA ILE C 918 -62.45 -33.72 -7.21
C ILE C 918 -62.80 -34.10 -5.78
N ASP C 919 -61.83 -34.66 -5.05
CA ASP C 919 -61.99 -35.09 -3.67
C ASP C 919 -61.73 -33.91 -2.74
N PRO C 920 -62.65 -33.57 -1.81
CA PRO C 920 -62.46 -32.42 -0.95
C PRO C 920 -61.30 -32.48 0.03
N ALA C 921 -60.85 -33.69 0.33
CA ALA C 921 -59.87 -33.91 1.37
C ALA C 921 -58.46 -33.89 0.80
N THR C 922 -58.27 -34.34 -0.43
CA THR C 922 -56.93 -34.50 -0.96
C THR C 922 -56.72 -33.75 -2.26
N ALA C 923 -57.79 -33.35 -2.95
CA ALA C 923 -57.74 -32.65 -4.23
C ALA C 923 -57.30 -33.56 -5.37
N GLU C 924 -57.61 -34.86 -5.29
CA GLU C 924 -57.33 -35.82 -6.34
C GLU C 924 -58.43 -35.73 -7.39
N GLU C 925 -58.10 -36.03 -8.65
CA GLU C 925 -59.03 -35.96 -9.76
C GLU C 925 -59.41 -37.35 -10.24
N PHE C 926 -60.61 -37.48 -10.80
CA PHE C 926 -61.10 -38.74 -11.32
C PHE C 926 -61.91 -38.49 -12.59
N ASN C 927 -61.62 -39.25 -13.65
CA ASN C 927 -62.30 -39.19 -14.94
C ASN C 927 -62.84 -40.55 -15.28
N PRO C 928 -64.09 -40.88 -14.92
CA PRO C 928 -64.62 -42.22 -15.09
C PRO C 928 -64.59 -42.82 -16.49
N LEU C 929 -65.05 -42.06 -17.48
CA LEU C 929 -65.26 -42.57 -18.81
C LEU C 929 -63.94 -42.78 -19.52
N HIS C 930 -62.88 -42.09 -19.12
CA HIS C 930 -61.57 -42.32 -19.71
C HIS C 930 -60.98 -43.62 -19.20
N GLU C 931 -61.23 -43.93 -17.92
CA GLU C 931 -60.75 -45.15 -17.32
C GLU C 931 -61.40 -46.34 -17.97
N LEU C 932 -62.71 -46.29 -18.20
CA LEU C 932 -63.42 -47.40 -18.79
C LEU C 932 -62.94 -47.62 -20.21
N ALA C 933 -62.61 -46.57 -20.94
CA ALA C 933 -62.22 -46.69 -22.33
C ALA C 933 -60.86 -47.33 -22.45
N GLN C 934 -59.96 -47.02 -21.50
CA GLN C 934 -58.62 -47.55 -21.55
C GLN C 934 -58.57 -49.00 -21.06
N SER C 935 -59.66 -49.49 -20.49
CA SER C 935 -59.70 -50.85 -19.98
C SER C 935 -60.45 -51.79 -20.91
N LYS C 936 -60.57 -51.44 -22.19
CA LYS C 936 -61.28 -52.26 -23.14
C LYS C 936 -60.41 -52.66 -24.31
N GLY C 937 -59.21 -52.12 -24.39
CA GLY C 937 -58.20 -52.68 -25.27
C GLY C 937 -58.35 -52.24 -26.72
N ASN C 938 -59.03 -51.12 -26.96
CA ASN C 938 -59.06 -50.53 -28.28
C ASN C 938 -58.32 -49.21 -28.31
N ASN C 939 -57.75 -48.80 -27.19
CA ASN C 939 -56.95 -47.60 -27.08
C ASN C 939 -57.77 -46.35 -27.36
N GLY C 940 -58.93 -46.22 -26.70
CA GLY C 940 -59.77 -45.05 -26.83
C GLY C 940 -59.49 -44.06 -25.73
N LYS C 941 -59.88 -42.81 -25.93
CA LYS C 941 -59.57 -41.72 -25.02
C LYS C 941 -60.75 -40.77 -24.91
N PHE C 942 -61.00 -40.22 -23.72
CA PHE C 942 -61.93 -39.14 -23.48
C PHE C 942 -61.22 -38.01 -22.76
N LEU C 943 -60.93 -36.91 -23.48
CA LEU C 943 -60.14 -35.80 -23.00
C LEU C 943 -61.00 -34.55 -22.86
N VAL C 944 -61.09 -33.98 -21.65
CA VAL C 944 -61.90 -32.81 -21.36
C VAL C 944 -61.00 -31.70 -20.84
N TYR C 945 -61.10 -30.49 -21.41
CA TYR C 945 -60.23 -29.39 -21.06
C TYR C 945 -61.03 -28.11 -20.81
N ASN C 946 -60.57 -27.30 -19.87
CA ASN C 946 -61.09 -25.98 -19.58
C ASN C 946 -60.25 -24.94 -20.32
N SER C 947 -60.86 -24.20 -21.26
CA SER C 947 -60.15 -23.26 -22.10
C SER C 947 -59.89 -21.95 -21.36
N ALA C 948 -59.03 -21.12 -21.95
CA ALA C 948 -58.87 -19.73 -21.54
C ALA C 948 -60.07 -18.92 -22.03
N LEU C 949 -60.13 -17.65 -21.64
CA LEU C 949 -61.29 -16.83 -21.91
C LEU C 949 -61.14 -16.19 -23.29
N THR C 950 -61.41 -16.98 -24.33
CA THR C 950 -61.32 -16.56 -25.71
C THR C 950 -62.33 -17.32 -26.56
N GLU C 951 -62.92 -16.65 -27.54
CA GLU C 951 -63.85 -17.31 -28.46
C GLU C 951 -63.22 -17.45 -29.83
N TYR C 952 -62.39 -16.50 -30.24
CA TYR C 952 -61.78 -16.49 -31.55
C TYR C 952 -60.69 -17.56 -31.61
N ALA C 953 -59.81 -17.57 -30.62
CA ALA C 953 -58.72 -18.52 -30.58
C ALA C 953 -59.20 -19.91 -30.18
N GLY C 954 -60.21 -19.99 -29.32
CA GLY C 954 -60.79 -21.25 -28.92
C GLY C 954 -61.40 -22.03 -30.07
N MET C 955 -62.32 -21.41 -30.79
CA MET C 955 -63.03 -22.12 -31.84
C MET C 955 -62.09 -22.40 -32.99
N GLY C 956 -61.14 -21.52 -33.23
CA GLY C 956 -60.18 -21.70 -34.29
C GLY C 956 -59.28 -22.90 -34.07
N PHE C 957 -58.92 -23.13 -32.80
CA PHE C 957 -58.06 -24.23 -32.43
C PHE C 957 -58.78 -25.56 -32.64
N GLU C 958 -60.08 -25.61 -32.37
CA GLU C 958 -60.81 -26.86 -32.52
C GLU C 958 -61.07 -27.16 -33.99
N TYR C 959 -61.31 -26.15 -34.81
CA TYR C 959 -61.47 -26.36 -36.24
C TYR C 959 -60.20 -26.98 -36.80
N GLY C 960 -59.06 -26.52 -36.33
CA GLY C 960 -57.79 -27.02 -36.80
C GLY C 960 -57.55 -28.47 -36.40
N TYR C 961 -58.03 -28.84 -35.22
CA TYR C 961 -57.85 -30.18 -34.70
C TYR C 961 -58.62 -31.15 -35.59
N SER C 962 -59.76 -30.73 -36.09
CA SER C 962 -60.59 -31.58 -36.92
C SER C 962 -59.98 -31.79 -38.30
N VAL C 963 -59.15 -30.85 -38.77
CA VAL C 963 -58.52 -30.95 -40.07
C VAL C 963 -57.26 -31.80 -39.97
N GLY C 964 -56.58 -31.73 -38.83
CA GLY C 964 -55.34 -32.46 -38.64
C GLY C 964 -55.53 -33.93 -38.31
N ASN C 965 -56.71 -34.33 -37.83
CA ASN C 965 -57.02 -35.73 -37.59
C ASN C 965 -58.46 -35.98 -37.95
N GLU C 966 -58.68 -36.63 -39.09
CA GLU C 966 -60.00 -36.77 -39.67
C GLU C 966 -60.83 -37.79 -38.90
N ASP C 967 -60.19 -38.59 -38.04
CA ASP C 967 -60.85 -39.72 -37.41
C ASP C 967 -61.18 -39.43 -35.94
N SER C 968 -61.00 -38.19 -35.50
CA SER C 968 -61.29 -37.82 -34.13
C SER C 968 -62.66 -37.16 -34.04
N ILE C 969 -63.25 -37.18 -32.83
CA ILE C 969 -64.51 -36.50 -32.55
C ILE C 969 -64.21 -35.29 -31.69
N VAL C 970 -64.44 -34.08 -32.21
CA VAL C 970 -64.09 -32.84 -31.55
C VAL C 970 -65.33 -31.98 -31.36
N ALA C 971 -65.48 -31.36 -30.18
CA ALA C 971 -66.61 -30.51 -29.86
C ALA C 971 -66.14 -29.28 -29.09
N TRP C 972 -66.60 -28.09 -29.52
CA TRP C 972 -66.37 -26.84 -28.83
C TRP C 972 -67.67 -26.34 -28.23
N GLU C 973 -67.62 -25.89 -26.98
CA GLU C 973 -68.79 -25.45 -26.24
C GLU C 973 -68.62 -23.98 -25.87
N ALA C 974 -69.73 -23.23 -25.95
CA ALA C 974 -69.77 -21.84 -25.58
C ALA C 974 -70.50 -21.70 -24.25
N GLN C 975 -70.09 -20.73 -23.44
CA GLN C 975 -70.67 -20.55 -22.12
C GLN C 975 -72.13 -20.16 -22.28
N PHE C 976 -72.39 -19.17 -23.11
CA PHE C 976 -73.70 -18.93 -23.67
C PHE C 976 -73.54 -18.73 -25.16
N GLY C 977 -74.57 -19.02 -25.93
CA GLY C 977 -74.50 -18.96 -27.38
C GLY C 977 -74.42 -17.55 -27.92
N ASP C 978 -74.56 -16.56 -27.05
CA ASP C 978 -74.57 -15.15 -27.42
C ASP C 978 -73.15 -14.63 -27.55
N PHE C 979 -72.17 -15.38 -27.08
CA PHE C 979 -70.80 -14.93 -27.13
C PHE C 979 -70.07 -15.49 -28.34
N ALA C 980 -70.77 -16.17 -29.24
CA ALA C 980 -70.15 -16.76 -30.40
C ALA C 980 -69.90 -15.75 -31.52
N ASN C 981 -70.47 -14.55 -31.40
CA ASN C 981 -70.22 -13.50 -32.37
C ASN C 981 -68.81 -12.95 -32.23
N GLY C 982 -68.10 -13.36 -31.18
CA GLY C 982 -66.69 -13.02 -31.04
C GLY C 982 -65.80 -13.90 -31.91
N ALA C 983 -66.38 -14.93 -32.53
CA ALA C 983 -65.65 -15.81 -33.41
C ALA C 983 -66.27 -15.82 -34.80
N GLN C 984 -66.79 -14.68 -35.24
CA GLN C 984 -67.55 -14.62 -36.46
C GLN C 984 -66.66 -14.88 -37.67
N THR C 985 -65.41 -14.42 -37.62
CA THR C 985 -64.47 -14.63 -38.69
C THR C 985 -64.32 -16.13 -38.98
N ILE C 986 -64.15 -16.95 -37.93
CA ILE C 986 -63.97 -18.38 -38.09
C ILE C 986 -65.23 -19.01 -38.66
N ILE C 987 -66.40 -18.60 -38.19
CA ILE C 987 -67.65 -19.17 -38.66
C ILE C 987 -67.83 -18.87 -40.15
N ASP C 988 -67.48 -17.66 -40.59
CA ASP C 988 -67.77 -17.20 -41.93
C ASP C 988 -66.72 -17.66 -42.94
N GLU C 989 -65.46 -17.77 -42.51
CA GLU C 989 -64.37 -17.94 -43.45
C GLU C 989 -63.88 -19.38 -43.49
N TYR C 990 -64.18 -20.20 -42.48
CA TYR C 990 -63.65 -21.55 -42.39
C TYR C 990 -64.75 -22.59 -42.27
N VAL C 991 -65.64 -22.46 -41.28
CA VAL C 991 -66.58 -23.53 -40.93
C VAL C 991 -67.68 -23.61 -41.98
N SER C 992 -68.20 -22.48 -42.41
CA SER C 992 -69.35 -22.43 -43.27
C SER C 992 -69.00 -22.63 -44.73
N SER C 993 -67.75 -22.36 -45.12
CA SER C 993 -67.42 -22.16 -46.53
C SER C 993 -66.12 -22.77 -46.98
N GLY C 994 -65.48 -23.62 -46.17
CA GLY C 994 -64.17 -24.16 -46.52
C GLY C 994 -64.22 -25.23 -47.61
N GLU C 995 -65.28 -26.03 -47.63
CA GLU C 995 -65.41 -27.09 -48.61
C GLU C 995 -65.61 -26.52 -50.00
N ALA C 996 -66.43 -25.48 -50.12
CA ALA C 996 -66.74 -24.91 -51.42
C ALA C 996 -65.57 -24.13 -52.00
N LYS C 997 -64.67 -23.63 -51.15
CA LYS C 997 -63.58 -22.81 -51.61
C LYS C 997 -62.33 -23.63 -51.89
N TRP C 998 -61.96 -24.53 -50.98
CA TRP C 998 -60.69 -25.23 -51.07
C TRP C 998 -60.83 -26.74 -51.11
N GLY C 999 -62.01 -27.28 -50.90
CA GLY C 999 -62.18 -28.72 -50.80
C GLY C 999 -61.68 -29.30 -49.48
N GLN C 1000 -61.65 -28.49 -48.43
CA GLN C 1000 -61.21 -28.89 -47.10
C GLN C 1000 -62.44 -29.22 -46.27
N THR C 1001 -62.51 -30.44 -45.73
CA THR C 1001 -63.69 -30.93 -45.04
C THR C 1001 -63.43 -30.99 -43.54
N SER C 1002 -64.51 -30.87 -42.74
CA SER C 1002 -64.43 -30.91 -41.29
C SER C 1002 -65.70 -31.51 -40.69
N LYS C 1003 -65.59 -32.09 -39.49
CA LYS C 1003 -66.71 -32.63 -38.74
C LYS C 1003 -66.76 -32.06 -37.33
N LEU C 1004 -66.58 -30.76 -37.19
CA LEU C 1004 -66.58 -30.10 -35.90
C LEU C 1004 -68.01 -30.04 -35.38
N ILE C 1005 -68.17 -30.11 -34.05
CA ILE C 1005 -69.46 -29.97 -33.40
C ILE C 1005 -69.44 -28.69 -32.59
N LEU C 1006 -70.42 -27.81 -32.80
CA LEU C 1006 -70.62 -26.63 -32.00
C LEU C 1006 -71.82 -26.85 -31.08
N LEU C 1007 -71.61 -26.71 -29.76
CA LEU C 1007 -72.66 -26.81 -28.76
C LEU C 1007 -72.93 -25.41 -28.21
N LEU C 1008 -74.10 -24.84 -28.55
CA LEU C 1008 -74.43 -23.45 -28.28
C LEU C 1008 -75.70 -23.35 -27.44
N PRO C 1009 -75.65 -23.03 -26.14
CA PRO C 1009 -76.84 -22.85 -25.32
C PRO C 1009 -77.82 -21.75 -25.73
N HIS C 1010 -79.12 -22.03 -25.65
CA HIS C 1010 -80.14 -21.16 -26.22
C HIS C 1010 -81.42 -21.31 -25.45
N GLY C 1011 -82.12 -20.20 -25.19
CA GLY C 1011 -83.44 -20.26 -24.57
C GLY C 1011 -83.86 -18.92 -23.97
N TYR C 1012 -85.15 -18.62 -24.06
CA TYR C 1012 -85.73 -17.38 -23.59
C TYR C 1012 -86.36 -17.61 -22.23
N GLU C 1013 -85.68 -17.16 -21.16
CA GLU C 1013 -86.06 -17.49 -19.79
C GLU C 1013 -86.06 -16.28 -18.86
N GLY C 1014 -85.75 -15.09 -19.35
CA GLY C 1014 -85.85 -13.88 -18.57
C GLY C 1014 -84.53 -13.41 -17.96
N GLN C 1015 -83.39 -13.80 -18.51
CA GLN C 1015 -82.12 -13.42 -17.95
C GLN C 1015 -81.50 -12.24 -18.71
N GLY C 1016 -82.19 -11.71 -19.71
CA GLY C 1016 -81.76 -10.48 -20.35
C GLY C 1016 -81.25 -10.69 -21.76
N PRO C 1017 -80.88 -9.61 -22.47
CA PRO C 1017 -80.49 -9.70 -23.87
C PRO C 1017 -79.16 -10.35 -24.25
N ASP C 1018 -78.25 -10.54 -23.30
CA ASP C 1018 -76.98 -11.19 -23.61
C ASP C 1018 -76.91 -12.59 -23.00
N HIS C 1019 -78.05 -13.15 -22.62
CA HIS C 1019 -78.12 -14.49 -22.11
C HIS C 1019 -79.42 -15.14 -22.57
N SER C 1020 -79.75 -15.03 -23.86
CA SER C 1020 -81.03 -15.52 -24.35
C SER C 1020 -80.99 -16.15 -25.74
N SER C 1021 -80.14 -15.69 -26.67
CA SER C 1021 -80.25 -16.12 -28.06
C SER C 1021 -78.90 -16.39 -28.69
N ALA C 1022 -78.75 -17.60 -29.24
CA ALA C 1022 -77.56 -17.98 -29.97
C ALA C 1022 -77.60 -17.56 -31.43
N ARG C 1023 -78.70 -16.93 -31.87
CA ARG C 1023 -78.84 -16.34 -33.19
C ARG C 1023 -78.99 -17.43 -34.24
N ILE C 1024 -80.15 -18.07 -34.25
CA ILE C 1024 -80.46 -19.17 -35.14
C ILE C 1024 -80.57 -18.62 -36.56
N GLU C 1025 -81.14 -17.42 -36.72
CA GLU C 1025 -81.39 -16.82 -38.01
C GLU C 1025 -80.09 -16.61 -38.78
N ARG C 1026 -79.01 -16.30 -38.08
CA ARG C 1026 -77.74 -16.03 -38.72
C ARG C 1026 -77.16 -17.31 -39.29
N PHE C 1027 -77.27 -18.42 -38.56
CA PHE C 1027 -76.73 -19.70 -39.01
C PHE C 1027 -77.53 -20.23 -40.18
N LEU C 1028 -78.83 -19.98 -40.22
CA LEU C 1028 -79.63 -20.49 -41.31
C LEU C 1028 -79.44 -19.66 -42.58
N GLN C 1029 -78.93 -18.42 -42.48
CA GLN C 1029 -78.56 -17.66 -43.67
C GLN C 1029 -77.36 -18.30 -44.36
N LEU C 1030 -76.37 -18.72 -43.58
CA LEU C 1030 -75.13 -19.24 -44.10
C LEU C 1030 -75.31 -20.60 -44.77
N CYS C 1031 -76.43 -21.27 -44.56
CA CYS C 1031 -76.64 -22.61 -45.08
C CYS C 1031 -77.14 -22.59 -46.53
N ALA C 1032 -76.46 -23.36 -47.38
CA ALA C 1032 -76.88 -23.60 -48.76
C ALA C 1032 -76.04 -24.74 -49.31
N GLU C 1033 -76.60 -25.50 -50.25
CA GLU C 1033 -75.92 -26.60 -50.91
C GLU C 1033 -75.64 -27.73 -49.92
N GLY C 1034 -76.44 -27.83 -48.86
CA GLY C 1034 -76.18 -28.81 -47.81
C GLY C 1034 -74.81 -28.68 -47.18
N SER C 1035 -74.45 -27.48 -46.74
CA SER C 1035 -73.10 -27.21 -46.26
C SER C 1035 -72.91 -27.69 -44.84
N MET C 1036 -73.90 -27.51 -43.96
CA MET C 1036 -73.85 -28.04 -42.61
C MET C 1036 -75.23 -28.39 -42.08
N THR C 1037 -75.25 -29.16 -40.98
CA THR C 1037 -76.47 -29.63 -40.32
C THR C 1037 -76.77 -28.79 -39.08
N VAL C 1038 -78.02 -28.35 -38.93
CA VAL C 1038 -78.46 -27.51 -37.82
C VAL C 1038 -79.66 -28.16 -37.14
N ALA C 1039 -79.62 -28.28 -35.81
CA ALA C 1039 -80.62 -29.04 -35.05
C ALA C 1039 -80.88 -28.42 -33.68
N GLN C 1040 -82.07 -28.72 -33.13
CA GLN C 1040 -82.49 -28.30 -31.80
C GLN C 1040 -83.35 -29.38 -31.17
N PRO C 1041 -82.77 -30.45 -30.60
CA PRO C 1041 -83.54 -31.57 -30.07
C PRO C 1041 -84.24 -31.31 -28.74
N SER C 1042 -85.23 -32.15 -28.42
CA SER C 1042 -86.10 -31.93 -27.28
C SER C 1042 -86.07 -33.04 -26.24
N THR C 1043 -85.30 -34.11 -26.46
CA THR C 1043 -85.20 -35.21 -25.50
C THR C 1043 -83.77 -35.71 -25.47
N PRO C 1044 -83.24 -36.14 -24.31
CA PRO C 1044 -81.91 -36.70 -24.23
C PRO C 1044 -81.55 -37.83 -25.18
N ALA C 1045 -82.50 -38.74 -25.41
CA ALA C 1045 -82.27 -39.86 -26.29
C ALA C 1045 -82.05 -39.40 -27.72
N ASN C 1046 -82.74 -38.33 -28.13
CA ASN C 1046 -82.66 -37.88 -29.50
C ASN C 1046 -81.34 -37.15 -29.71
N HIS C 1047 -80.79 -36.55 -28.66
CA HIS C 1047 -79.50 -35.92 -28.71
C HIS C 1047 -78.43 -36.98 -28.87
N PHE C 1048 -78.62 -38.12 -28.20
CA PHE C 1048 -77.72 -39.25 -28.23
C PHE C 1048 -77.62 -39.78 -29.64
N HIS C 1049 -78.75 -39.98 -30.29
CA HIS C 1049 -78.79 -40.59 -31.60
C HIS C 1049 -78.22 -39.65 -32.66
N LEU C 1050 -78.41 -38.34 -32.51
CA LEU C 1050 -77.87 -37.36 -33.44
C LEU C 1050 -76.35 -37.37 -33.42
N LEU C 1051 -75.76 -37.39 -32.24
CA LEU C 1051 -74.32 -37.37 -32.11
C LEU C 1051 -73.70 -38.63 -32.68
N ARG C 1052 -74.35 -39.78 -32.50
CA ARG C 1052 -73.80 -41.05 -32.95
C ARG C 1052 -73.95 -41.20 -34.45
N ARG C 1053 -74.99 -40.65 -35.05
CA ARG C 1053 -75.14 -40.69 -36.49
C ARG C 1053 -74.03 -39.92 -37.17
N HIS C 1054 -73.67 -38.78 -36.60
CA HIS C 1054 -72.66 -37.91 -37.14
C HIS C 1054 -71.31 -38.58 -37.09
N ALA C 1055 -71.02 -39.30 -36.02
CA ALA C 1055 -69.70 -39.88 -35.81
C ALA C 1055 -69.49 -41.14 -36.63
N LEU C 1056 -70.55 -41.88 -36.92
CA LEU C 1056 -70.42 -43.16 -37.60
C LEU C 1056 -70.69 -43.05 -39.10
N SER C 1057 -71.09 -41.88 -39.61
CA SER C 1057 -71.38 -41.74 -41.02
C SER C 1057 -70.11 -41.41 -41.80
N ASP C 1058 -70.27 -41.20 -43.12
CA ASP C 1058 -69.18 -40.84 -44.00
C ASP C 1058 -69.46 -39.49 -44.65
N LEU C 1059 -70.29 -38.67 -44.00
CA LEU C 1059 -70.60 -37.32 -44.46
C LEU C 1059 -69.77 -36.34 -43.65
N LYS C 1060 -68.77 -35.74 -44.28
CA LYS C 1060 -67.78 -34.95 -43.58
C LYS C 1060 -68.15 -33.48 -43.66
N ARG C 1061 -69.16 -33.08 -42.87
CA ARG C 1061 -69.63 -31.71 -42.79
C ARG C 1061 -69.92 -31.37 -41.35
N PRO C 1062 -69.86 -30.09 -40.93
CA PRO C 1062 -70.11 -29.71 -39.54
C PRO C 1062 -71.51 -29.88 -39.00
N LEU C 1063 -71.64 -29.83 -37.67
CA LEU C 1063 -72.91 -30.00 -36.96
C LEU C 1063 -73.04 -28.92 -35.90
N VAL C 1064 -74.15 -28.18 -35.94
CA VAL C 1064 -74.45 -27.10 -35.01
C VAL C 1064 -75.69 -27.48 -34.23
N ILE C 1065 -75.58 -27.60 -32.90
CA ILE C 1065 -76.66 -28.00 -32.02
C ILE C 1065 -76.97 -26.85 -31.07
N PHE C 1066 -78.27 -26.60 -30.81
CA PHE C 1066 -78.74 -25.58 -29.89
C PHE C 1066 -79.24 -26.27 -28.63
N THR C 1067 -78.49 -26.12 -27.53
CA THR C 1067 -78.64 -26.92 -26.33
C THR C 1067 -79.41 -26.14 -25.28
N PRO C 1068 -80.12 -26.80 -24.33
CA PRO C 1068 -80.94 -26.11 -23.34
C PRO C 1068 -80.27 -25.64 -22.06
N LYS C 1069 -81.02 -24.86 -21.25
CA LYS C 1069 -80.54 -24.28 -20.02
C LYS C 1069 -81.43 -24.64 -18.83
N SER C 1070 -82.74 -24.54 -19.00
CA SER C 1070 -83.69 -24.85 -17.94
C SER C 1070 -84.26 -26.25 -18.09
N MET C 1071 -84.29 -26.73 -19.33
CA MET C 1071 -84.82 -28.04 -19.66
C MET C 1071 -83.85 -29.11 -19.18
N LEU C 1072 -82.64 -28.72 -18.78
CA LEU C 1072 -81.66 -29.62 -18.21
C LEU C 1072 -82.21 -30.37 -17.01
N ARG C 1073 -83.14 -29.75 -16.26
CA ARG C 1073 -83.64 -30.32 -15.03
C ARG C 1073 -85.16 -30.41 -15.02
N ASN C 1074 -85.78 -30.56 -16.19
CA ASN C 1074 -87.22 -30.72 -16.30
C ASN C 1074 -87.52 -32.20 -16.34
N LYS C 1075 -88.49 -32.65 -15.53
CA LYS C 1075 -88.71 -34.06 -15.33
C LYS C 1075 -89.65 -34.61 -16.38
N ALA C 1076 -90.28 -33.75 -17.17
CA ALA C 1076 -91.11 -34.22 -18.28
C ALA C 1076 -90.28 -34.52 -19.51
N ALA C 1077 -88.99 -34.16 -19.49
CA ALA C 1077 -88.14 -34.30 -20.64
C ALA C 1077 -87.19 -35.49 -20.50
N ALA C 1078 -87.23 -36.22 -19.40
CA ALA C 1078 -86.31 -37.31 -19.16
C ALA C 1078 -86.69 -38.52 -20.01
N SER C 1079 -85.72 -39.44 -20.20
CA SER C 1079 -85.85 -40.56 -21.11
C SER C 1079 -85.70 -41.90 -20.39
N ALA C 1080 -86.27 -42.95 -20.99
CA ALA C 1080 -86.24 -44.31 -20.47
C ALA C 1080 -85.14 -45.11 -21.16
N PRO C 1081 -84.63 -46.20 -20.57
CA PRO C 1081 -83.57 -46.99 -21.17
C PRO C 1081 -83.86 -47.63 -22.52
N GLU C 1082 -85.12 -47.94 -22.79
CA GLU C 1082 -85.51 -48.54 -24.04
C GLU C 1082 -85.27 -47.58 -25.20
N ASP C 1083 -85.21 -46.27 -24.91
CA ASP C 1083 -85.01 -45.28 -25.95
C ASP C 1083 -83.57 -45.23 -26.42
N PHE C 1084 -82.65 -45.85 -25.67
CA PHE C 1084 -81.27 -45.94 -26.07
C PHE C 1084 -80.92 -47.32 -26.63
N THR C 1085 -81.78 -48.32 -26.46
CA THR C 1085 -81.43 -49.70 -26.78
C THR C 1085 -82.42 -50.38 -27.71
N GLU C 1086 -83.63 -49.85 -27.89
CA GLU C 1086 -84.61 -50.49 -28.76
C GLU C 1086 -85.01 -49.59 -29.92
N VAL C 1087 -84.98 -48.27 -29.74
CA VAL C 1087 -85.18 -47.32 -30.83
C VAL C 1087 -83.87 -47.21 -31.60
N THR C 1088 -83.94 -47.33 -32.93
CA THR C 1088 -82.77 -47.58 -33.75
C THR C 1088 -82.18 -46.31 -34.36
N LYS C 1089 -83.01 -45.29 -34.64
CA LYS C 1089 -82.58 -44.14 -35.42
C LYS C 1089 -82.98 -42.83 -34.77
N PHE C 1090 -82.38 -41.73 -35.26
CA PHE C 1090 -82.71 -40.36 -34.88
C PHE C 1090 -83.98 -39.92 -35.58
N GLN C 1091 -84.82 -39.17 -34.88
CA GLN C 1091 -86.08 -38.70 -35.42
C GLN C 1091 -85.97 -37.21 -35.72
N SER C 1092 -86.45 -36.82 -36.90
CA SER C 1092 -86.36 -35.44 -37.36
C SER C 1092 -87.66 -34.69 -37.12
N VAL C 1093 -88.77 -35.43 -37.09
CA VAL C 1093 -90.07 -34.89 -36.71
C VAL C 1093 -90.70 -35.86 -35.73
N ILE C 1094 -91.18 -35.34 -34.59
CA ILE C 1094 -91.87 -36.14 -33.58
C ILE C 1094 -93.32 -35.72 -33.55
N ASN C 1095 -94.22 -36.65 -33.83
CA ASN C 1095 -95.64 -36.37 -33.90
C ASN C 1095 -96.21 -36.39 -32.49
N ASP C 1096 -97.43 -35.89 -32.32
CA ASP C 1096 -98.01 -35.67 -31.00
C ASP C 1096 -98.35 -37.00 -30.36
N PRO C 1097 -97.83 -37.31 -29.15
CA PRO C 1097 -98.18 -38.54 -28.45
C PRO C 1097 -99.44 -38.55 -27.60
N ASN C 1098 -100.24 -37.49 -27.63
CA ASN C 1098 -101.45 -37.40 -26.83
C ASN C 1098 -102.62 -37.01 -27.69
N VAL C 1099 -102.84 -37.75 -28.79
CA VAL C 1099 -104.01 -37.53 -29.62
C VAL C 1099 -104.89 -38.78 -29.55
N ALA C 1100 -106.09 -38.59 -28.99
CA ALA C 1100 -107.04 -39.68 -28.82
C ALA C 1100 -107.60 -40.09 -30.17
N ASP C 1101 -108.19 -39.14 -30.89
CA ASP C 1101 -108.80 -39.39 -32.18
C ASP C 1101 -108.30 -38.35 -33.17
N ALA C 1102 -107.82 -38.83 -34.32
CA ALA C 1102 -107.13 -37.98 -35.26
C ALA C 1102 -108.10 -37.32 -36.23
N ALA C 1103 -109.36 -37.77 -36.22
CA ALA C 1103 -110.35 -37.24 -37.15
C ALA C 1103 -111.03 -36.02 -36.56
N LYS C 1104 -110.69 -35.65 -35.32
CA LYS C 1104 -111.31 -34.52 -34.66
C LYS C 1104 -110.36 -33.33 -34.58
N VAL C 1105 -109.17 -33.44 -35.19
CA VAL C 1105 -108.19 -32.37 -35.15
C VAL C 1105 -108.54 -31.35 -36.22
N LYS C 1106 -108.44 -30.06 -35.88
CA LYS C 1106 -108.73 -28.97 -36.80
C LYS C 1106 -107.67 -27.88 -36.75
N LYS C 1107 -106.62 -28.04 -35.93
CA LYS C 1107 -105.49 -27.14 -35.93
C LYS C 1107 -104.22 -27.93 -35.66
N VAL C 1108 -103.16 -27.64 -36.42
CA VAL C 1108 -101.85 -28.21 -36.21
C VAL C 1108 -100.89 -27.10 -35.85
N MET C 1109 -100.12 -27.28 -34.78
CA MET C 1109 -99.08 -26.34 -34.37
C MET C 1109 -97.71 -26.95 -34.66
N LEU C 1110 -96.78 -26.18 -35.22
CA LEU C 1110 -95.41 -26.60 -35.41
C LEU C 1110 -94.53 -25.81 -34.45
N VAL C 1111 -93.60 -26.48 -33.78
CA VAL C 1111 -92.78 -25.90 -32.74
C VAL C 1111 -91.40 -26.54 -32.79
N SER C 1112 -90.40 -25.87 -32.21
CA SER C 1112 -89.07 -26.41 -32.06
C SER C 1112 -88.48 -26.00 -30.72
N GLY C 1113 -88.04 -26.97 -29.92
CA GLY C 1113 -87.31 -26.68 -28.68
C GLY C 1113 -88.17 -26.83 -27.44
N LYS C 1114 -87.94 -25.95 -26.46
CA LYS C 1114 -88.46 -26.10 -25.12
C LYS C 1114 -89.86 -25.53 -24.95
N LEU C 1115 -90.39 -24.82 -25.94
CA LEU C 1115 -91.72 -24.26 -25.81
C LEU C 1115 -92.76 -25.36 -25.98
N TYR C 1116 -92.34 -26.54 -26.39
CA TYR C 1116 -93.25 -27.67 -26.51
C TYR C 1116 -93.90 -27.96 -25.17
N TYR C 1117 -93.10 -27.95 -24.11
CA TYR C 1117 -93.51 -28.46 -22.83
C TYR C 1117 -94.50 -27.52 -22.16
N GLU C 1118 -94.61 -26.27 -22.64
CA GLU C 1118 -95.58 -25.33 -22.13
C GLU C 1118 -96.90 -25.51 -22.86
N LEU C 1119 -96.84 -25.66 -24.18
CA LEU C 1119 -98.03 -25.83 -24.98
C LEU C 1119 -98.74 -27.12 -24.60
N ALA C 1120 -97.96 -28.17 -24.36
CA ALA C 1120 -98.50 -29.48 -24.02
C ALA C 1120 -99.25 -29.43 -22.70
N LYS C 1121 -98.66 -28.72 -21.75
CA LYS C 1121 -99.21 -28.52 -20.41
C LYS C 1121 -100.59 -27.89 -20.51
N ARG C 1122 -100.72 -26.87 -21.35
CA ARG C 1122 -101.93 -26.10 -21.46
C ARG C 1122 -103.01 -26.91 -22.16
N LYS C 1123 -102.61 -27.73 -23.12
CA LYS C 1123 -103.54 -28.54 -23.87
C LYS C 1123 -104.23 -29.55 -22.94
N GLU C 1124 -103.46 -30.08 -21.99
CA GLU C 1124 -103.97 -31.06 -21.04
C GLU C 1124 -104.94 -30.40 -20.07
N LYS C 1125 -104.61 -29.20 -19.63
CA LYS C 1125 -105.37 -28.48 -18.62
C LYS C 1125 -106.72 -28.07 -19.16
N ASP C 1126 -106.78 -27.62 -20.40
CA ASP C 1126 -108.01 -27.10 -20.96
C ASP C 1126 -108.77 -28.17 -21.72
N GLY C 1127 -108.18 -29.33 -21.94
CA GLY C 1127 -108.88 -30.45 -22.53
C GLY C 1127 -109.23 -30.20 -23.99
N ARG C 1128 -108.23 -29.82 -24.78
CA ARG C 1128 -108.44 -29.53 -26.19
C ARG C 1128 -108.08 -30.77 -27.00
N ASP C 1129 -109.08 -31.29 -27.73
CA ASP C 1129 -108.91 -32.47 -28.55
C ASP C 1129 -108.95 -32.10 -30.03
N ASP C 1130 -108.95 -30.79 -30.31
CA ASP C 1130 -108.98 -30.31 -31.68
C ASP C 1130 -107.62 -29.73 -32.06
N ILE C 1131 -106.59 -29.96 -31.24
CA ILE C 1131 -105.26 -29.45 -31.49
C ILE C 1131 -104.28 -30.61 -31.51
N ALA C 1132 -103.23 -30.49 -32.33
CA ALA C 1132 -102.11 -31.41 -32.36
C ALA C 1132 -100.78 -30.66 -32.45
N ILE C 1133 -99.84 -30.92 -31.55
CA ILE C 1133 -98.56 -30.25 -31.55
C ILE C 1133 -97.49 -31.16 -32.16
N VAL C 1134 -96.79 -30.69 -33.19
CA VAL C 1134 -95.77 -31.44 -33.92
C VAL C 1134 -94.42 -30.73 -33.80
N ARG C 1135 -93.36 -31.46 -33.50
CA ARG C 1135 -92.05 -30.91 -33.23
C ARG C 1135 -91.11 -31.11 -34.40
N ILE C 1136 -90.22 -30.14 -34.64
CA ILE C 1136 -89.20 -30.20 -35.66
C ILE C 1136 -87.85 -30.17 -34.98
N GLU C 1137 -87.07 -31.23 -35.15
CA GLU C 1137 -85.84 -31.44 -34.40
C GLU C 1137 -84.64 -31.05 -35.25
N MET C 1138 -84.71 -31.33 -36.56
CA MET C 1138 -83.67 -30.93 -37.49
C MET C 1138 -84.21 -29.77 -38.33
N LEU C 1139 -83.49 -28.64 -38.31
CA LEU C 1139 -83.92 -27.41 -38.93
C LEU C 1139 -83.40 -27.31 -40.35
N HIS C 1140 -82.10 -27.64 -40.55
CA HIS C 1140 -81.52 -27.70 -41.88
C HIS C 1140 -80.71 -28.99 -42.01
N PRO C 1141 -80.91 -29.84 -43.05
CA PRO C 1141 -81.92 -29.66 -44.08
C PRO C 1141 -83.36 -29.78 -43.61
N ILE C 1142 -84.30 -29.30 -44.44
CA ILE C 1142 -85.70 -29.32 -44.09
C ILE C 1142 -86.22 -30.71 -44.34
N PRO C 1143 -86.78 -31.40 -43.33
CA PRO C 1143 -87.40 -32.70 -43.54
C PRO C 1143 -88.83 -32.56 -44.02
N PHE C 1144 -88.98 -32.29 -45.32
CA PHE C 1144 -90.27 -31.91 -45.85
C PHE C 1144 -91.13 -33.13 -46.11
N ASN C 1145 -90.52 -34.29 -46.29
CA ASN C 1145 -91.28 -35.52 -46.51
C ASN C 1145 -91.96 -35.95 -45.22
N ARG C 1146 -91.29 -35.78 -44.10
CA ARG C 1146 -91.84 -36.16 -42.81
C ARG C 1146 -92.94 -35.20 -42.38
N ILE C 1147 -92.73 -33.90 -42.62
CA ILE C 1147 -93.73 -32.90 -42.26
C ILE C 1147 -94.98 -33.15 -43.10
N SER C 1148 -94.80 -33.52 -44.36
CA SER C 1148 -95.93 -33.79 -45.23
C SER C 1148 -96.72 -35.00 -44.74
N GLU C 1149 -96.00 -36.03 -44.30
CA GLU C 1149 -96.57 -37.27 -43.83
C GLU C 1149 -97.40 -37.02 -42.58
N ALA C 1150 -96.88 -36.17 -41.68
CA ALA C 1150 -97.55 -35.85 -40.42
C ALA C 1150 -98.83 -35.08 -40.67
N LEU C 1151 -98.78 -34.09 -41.55
CA LEU C 1151 -99.94 -33.27 -41.86
C LEU C 1151 -101.01 -34.09 -42.54
N ALA C 1152 -100.62 -35.10 -43.30
CA ALA C 1152 -101.55 -35.93 -44.04
C ALA C 1152 -102.34 -36.84 -43.09
N GLY C 1153 -101.77 -37.10 -41.91
CA GLY C 1153 -102.42 -37.93 -40.92
C GLY C 1153 -103.60 -37.26 -40.23
N TYR C 1154 -103.75 -35.94 -40.43
CA TYR C 1154 -104.88 -35.20 -39.89
C TYR C 1154 -105.69 -34.64 -41.05
N PRO C 1155 -106.67 -35.39 -41.59
CA PRO C 1155 -107.32 -35.00 -42.84
C PRO C 1155 -108.35 -33.88 -42.78
N ASN C 1156 -108.73 -33.44 -41.58
CA ASN C 1156 -109.76 -32.42 -41.44
C ASN C 1156 -109.15 -31.14 -40.88
N ALA C 1157 -107.84 -30.95 -41.06
CA ALA C 1157 -107.16 -29.75 -40.59
C ALA C 1157 -107.45 -28.59 -41.52
N GLU C 1158 -107.64 -27.40 -40.94
CA GLU C 1158 -107.98 -26.20 -41.67
C GLU C 1158 -106.89 -25.15 -41.51
N GLU C 1159 -106.13 -25.19 -40.41
CA GLU C 1159 -105.12 -24.20 -40.11
C GLU C 1159 -103.79 -24.88 -39.77
N VAL C 1160 -102.70 -24.18 -40.03
CA VAL C 1160 -101.38 -24.54 -39.55
C VAL C 1160 -100.76 -23.29 -38.91
N LEU C 1161 -100.27 -23.44 -37.69
CA LEU C 1161 -99.66 -22.35 -36.93
C LEU C 1161 -98.19 -22.66 -36.73
N PHE C 1162 -97.32 -21.65 -36.86
CA PHE C 1162 -95.91 -21.76 -36.55
C PHE C 1162 -95.64 -20.96 -35.30
N VAL C 1163 -95.21 -21.61 -34.22
CA VAL C 1163 -95.12 -20.98 -32.92
C VAL C 1163 -93.67 -20.93 -32.48
N GLN C 1164 -93.15 -19.77 -32.13
CA GLN C 1164 -91.80 -19.63 -31.62
C GLN C 1164 -91.75 -18.58 -30.52
N ASP C 1165 -90.70 -18.65 -29.70
CA ASP C 1165 -90.49 -17.72 -28.62
C ASP C 1165 -89.75 -16.47 -29.07
N GLU C 1166 -88.97 -16.55 -30.15
CA GLU C 1166 -88.10 -15.47 -30.53
C GLU C 1166 -88.91 -14.37 -31.20
N PRO C 1167 -88.42 -13.12 -31.25
CA PRO C 1167 -89.04 -12.07 -32.04
C PRO C 1167 -89.22 -12.43 -33.52
N ALA C 1168 -90.08 -11.70 -34.22
CA ALA C 1168 -90.52 -12.09 -35.54
C ALA C 1168 -89.44 -11.96 -36.60
N ASN C 1169 -88.37 -11.22 -36.31
CA ASN C 1169 -87.28 -11.06 -37.24
C ASN C 1169 -86.11 -11.93 -36.83
N GLN C 1170 -86.34 -12.86 -35.89
CA GLN C 1170 -85.31 -13.75 -35.39
C GLN C 1170 -85.91 -15.15 -35.30
N GLY C 1171 -85.09 -16.14 -34.97
CA GLY C 1171 -85.53 -17.51 -34.83
C GLY C 1171 -85.67 -18.18 -36.17
N PRO C 1172 -86.26 -19.39 -36.25
CA PRO C 1172 -86.47 -20.07 -37.53
C PRO C 1172 -87.57 -19.65 -38.49
N TRP C 1173 -88.37 -18.63 -38.17
CA TRP C 1173 -89.53 -18.30 -38.97
C TRP C 1173 -89.14 -17.73 -40.32
N PRO C 1174 -88.20 -16.76 -40.42
CA PRO C 1174 -87.83 -16.22 -41.71
C PRO C 1174 -87.41 -17.23 -42.77
N PHE C 1175 -86.69 -18.27 -42.35
CA PHE C 1175 -86.20 -19.32 -43.23
C PHE C 1175 -87.36 -20.19 -43.68
N TYR C 1176 -88.29 -20.50 -42.78
CA TYR C 1176 -89.33 -21.47 -43.05
C TYR C 1176 -90.45 -20.85 -43.88
N GLN C 1177 -90.73 -19.56 -43.70
CA GLN C 1177 -91.83 -18.92 -44.43
C GLN C 1177 -91.45 -18.77 -45.90
N GLU C 1178 -90.16 -18.76 -46.20
CA GLU C 1178 -89.67 -18.64 -47.56
C GLU C 1178 -89.71 -19.98 -48.27
N HIS C 1179 -89.25 -21.05 -47.59
CA HIS C 1179 -88.89 -22.29 -48.24
C HIS C 1179 -89.96 -23.37 -48.16
N LEU C 1180 -90.77 -23.40 -47.10
CA LEU C 1180 -91.60 -24.56 -46.84
C LEU C 1180 -92.81 -24.60 -47.76
N PRO C 1181 -93.50 -23.48 -48.07
CA PRO C 1181 -94.61 -23.51 -49.02
C PRO C 1181 -94.33 -24.05 -50.42
N GLU C 1182 -93.11 -23.85 -50.90
CA GLU C 1182 -92.69 -24.38 -52.20
C GLU C 1182 -92.58 -25.90 -52.13
N LEU C 1183 -92.05 -26.43 -51.04
CA LEU C 1183 -91.75 -27.85 -50.91
C LEU C 1183 -93.00 -28.66 -50.59
N ILE C 1184 -94.01 -28.05 -49.98
CA ILE C 1184 -95.27 -28.73 -49.70
C ILE C 1184 -96.41 -27.90 -50.30
N PRO C 1185 -96.70 -28.05 -51.60
CA PRO C 1185 -97.70 -27.22 -52.27
C PRO C 1185 -99.14 -27.23 -51.74
N ASN C 1186 -99.58 -28.35 -51.16
CA ASN C 1186 -100.98 -28.52 -50.81
C ASN C 1186 -101.25 -28.10 -49.36
N MET C 1187 -100.25 -27.55 -48.67
CA MET C 1187 -100.37 -27.18 -47.27
C MET C 1187 -101.18 -25.89 -47.18
N PRO C 1188 -102.04 -25.69 -46.15
CA PRO C 1188 -102.70 -24.41 -45.91
C PRO C 1188 -101.71 -23.29 -45.64
N LYS C 1189 -102.16 -22.03 -45.73
CA LYS C 1189 -101.30 -20.90 -45.46
C LYS C 1189 -100.94 -20.89 -43.98
N MET C 1190 -99.65 -20.65 -43.69
CA MET C 1190 -99.15 -20.68 -42.33
C MET C 1190 -99.47 -19.36 -41.66
N ARG C 1191 -99.55 -19.39 -40.33
CA ARG C 1191 -99.81 -18.21 -39.52
C ARG C 1191 -98.80 -18.16 -38.38
N ARG C 1192 -98.12 -17.02 -38.23
CA ARG C 1192 -97.07 -16.87 -37.25
C ARG C 1192 -97.69 -16.55 -35.90
N VAL C 1193 -97.11 -17.12 -34.84
CA VAL C 1193 -97.39 -16.70 -33.48
C VAL C 1193 -96.06 -16.58 -32.75
N SER C 1194 -95.67 -15.36 -32.40
CA SER C 1194 -94.39 -15.09 -31.80
C SER C 1194 -94.41 -13.77 -31.06
N ARG C 1195 -93.25 -13.39 -30.50
CA ARG C 1195 -93.05 -12.06 -29.98
C ARG C 1195 -92.88 -11.07 -31.13
N ARG C 1196 -93.10 -9.77 -30.86
CA ARG C 1196 -92.99 -8.72 -31.87
C ARG C 1196 -91.52 -8.53 -32.25
N ALA C 1197 -91.29 -7.90 -33.42
CA ALA C 1197 -89.96 -7.65 -33.92
C ALA C 1197 -89.25 -6.60 -33.07
N GLN C 1198 -87.95 -6.77 -32.87
CA GLN C 1198 -87.19 -5.96 -31.94
C GLN C 1198 -85.78 -5.71 -32.46
N SER C 1199 -85.19 -4.63 -31.99
CA SER C 1199 -83.83 -4.25 -32.34
C SER C 1199 -82.83 -5.03 -31.49
N SER C 1200 -83.19 -5.26 -30.22
CA SER C 1200 -82.41 -6.11 -29.35
C SER C 1200 -82.99 -7.51 -29.34
N THR C 1201 -82.35 -8.41 -28.59
CA THR C 1201 -82.68 -9.81 -28.55
C THR C 1201 -83.88 -10.07 -27.64
N ALA C 1202 -83.88 -9.47 -26.46
CA ALA C 1202 -84.92 -9.70 -25.47
C ALA C 1202 -84.99 -8.54 -24.48
N THR C 1203 -86.03 -8.52 -23.65
CA THR C 1203 -86.24 -7.49 -22.66
C THR C 1203 -85.26 -7.66 -21.51
N GLY C 1204 -85.11 -6.60 -20.71
CA GLY C 1204 -84.21 -6.62 -19.57
C GLY C 1204 -84.97 -6.70 -18.24
N VAL C 1205 -86.29 -6.56 -18.29
CA VAL C 1205 -87.15 -6.64 -17.13
C VAL C 1205 -87.79 -8.02 -17.08
N ALA C 1206 -87.86 -8.62 -15.89
CA ALA C 1206 -88.31 -10.00 -15.73
C ALA C 1206 -89.82 -10.10 -15.68
N LYS C 1207 -90.51 -9.11 -15.13
CA LYS C 1207 -91.96 -9.15 -15.07
C LYS C 1207 -92.55 -9.02 -16.47
N VAL C 1208 -91.90 -8.25 -17.34
CA VAL C 1208 -92.35 -8.07 -18.70
C VAL C 1208 -92.19 -9.37 -19.48
N HIS C 1209 -91.14 -10.13 -19.17
CA HIS C 1209 -90.91 -11.41 -19.81
C HIS C 1209 -92.07 -12.36 -19.52
N GLN C 1210 -92.55 -12.37 -18.29
CA GLN C 1210 -93.60 -13.28 -17.90
C GLN C 1210 -94.92 -12.87 -18.53
N LEU C 1211 -95.13 -11.57 -18.69
CA LEU C 1211 -96.36 -11.06 -19.28
C LEU C 1211 -96.42 -11.42 -20.75
N GLU C 1212 -95.27 -11.33 -21.43
CA GLU C 1212 -95.17 -11.65 -22.85
C GLU C 1212 -95.46 -13.12 -23.12
N GLU C 1213 -94.97 -13.99 -22.25
CA GLU C 1213 -95.11 -15.43 -22.42
C GLU C 1213 -96.57 -15.82 -22.31
N LYS C 1214 -97.29 -15.20 -21.37
CA LYS C 1214 -98.70 -15.47 -21.18
C LYS C 1214 -99.48 -15.04 -22.41
N GLN C 1215 -99.14 -13.88 -22.95
CA GLN C 1215 -99.82 -13.32 -24.11
C GLN C 1215 -99.66 -14.22 -25.32
N LEU C 1216 -98.48 -14.83 -25.45
CA LEU C 1216 -98.11 -15.66 -26.59
C LEU C 1216 -98.91 -16.94 -26.61
N ILE C 1217 -98.98 -17.62 -25.46
CA ILE C 1217 -99.64 -18.90 -25.37
C ILE C 1217 -101.15 -18.70 -25.49
N ASP C 1218 -101.65 -17.56 -25.05
CA ASP C 1218 -103.08 -17.28 -25.16
C ASP C 1218 -103.46 -17.08 -26.61
N GLU C 1219 -102.57 -16.45 -27.38
CA GLU C 1219 -102.83 -16.16 -28.78
C GLU C 1219 -102.87 -17.44 -29.60
N ALA C 1220 -102.09 -18.44 -29.17
CA ALA C 1220 -102.00 -19.72 -29.86
C ALA C 1220 -103.29 -20.52 -29.72
N PHE C 1221 -103.92 -20.43 -28.56
CA PHE C 1221 -105.13 -21.20 -28.27
C PHE C 1221 -106.36 -20.33 -28.49
N GLU C 1222 -106.34 -19.50 -29.53
CA GLU C 1222 -107.43 -18.59 -29.87
C GLU C 1222 -107.56 -17.53 -28.78
N PRO D 104 -23.18 -12.08 63.47
CA PRO D 104 -22.12 -12.97 63.97
C PRO D 104 -22.66 -14.02 64.94
N GLY D 105 -22.23 -15.27 64.74
CA GLY D 105 -22.62 -16.38 65.60
C GLY D 105 -23.31 -17.50 64.81
N GLN D 106 -24.06 -18.34 65.53
CA GLN D 106 -24.68 -19.53 65.00
C GLN D 106 -26.18 -19.34 64.94
N THR D 107 -26.83 -19.92 63.93
CA THR D 107 -28.28 -19.86 63.81
C THR D 107 -28.79 -21.06 63.03
N PRO D 108 -29.78 -21.81 63.56
CA PRO D 108 -30.41 -22.89 62.83
C PRO D 108 -30.97 -22.54 61.46
N ILE D 109 -30.95 -23.53 60.55
CA ILE D 109 -31.46 -23.37 59.21
C ILE D 109 -32.91 -23.82 59.22
N ARG D 110 -33.80 -22.99 58.69
CA ARG D 110 -35.23 -23.24 58.75
C ARG D 110 -35.85 -22.93 57.39
N GLY D 111 -36.78 -23.78 56.95
CA GLY D 111 -37.67 -23.44 55.85
C GLY D 111 -37.25 -24.11 54.55
N ILE D 112 -37.31 -23.32 53.46
CA ILE D 112 -36.91 -23.79 52.14
C ILE D 112 -35.41 -24.06 52.12
N PHE D 113 -34.67 -23.32 52.94
CA PHE D 113 -33.23 -23.45 53.02
C PHE D 113 -32.84 -24.79 53.63
N LYS D 114 -33.65 -25.28 54.57
CA LYS D 114 -33.40 -26.58 55.18
C LYS D 114 -33.60 -27.69 54.16
N SER D 115 -34.58 -27.52 53.26
CA SER D 115 -34.86 -28.49 52.22
C SER D 115 -33.73 -28.54 51.19
N ILE D 116 -33.17 -27.38 50.85
CA ILE D 116 -32.07 -27.30 49.90
C ILE D 116 -30.86 -28.00 50.49
N ALA D 117 -30.65 -27.85 51.80
CA ALA D 117 -29.51 -28.44 52.46
C ALA D 117 -29.60 -29.96 52.48
N LYS D 118 -30.81 -30.49 52.71
CA LYS D 118 -30.99 -31.91 52.86
C LYS D 118 -30.80 -32.62 51.52
N ASN D 119 -31.26 -31.99 50.44
CA ASN D 119 -31.18 -32.57 49.13
C ASN D 119 -29.74 -32.64 48.63
N MET D 120 -28.94 -31.62 48.98
CA MET D 120 -27.55 -31.57 48.57
C MET D 120 -26.76 -32.66 49.30
N ASP D 121 -27.18 -33.02 50.52
CA ASP D 121 -26.56 -34.11 51.25
C ASP D 121 -26.90 -35.45 50.62
N ILE D 122 -28.13 -35.61 50.14
CA ILE D 122 -28.55 -36.84 49.51
C ILE D 122 -27.78 -37.04 48.21
N SER D 123 -27.43 -35.95 47.54
CA SER D 123 -26.83 -36.01 46.22
C SER D 123 -25.39 -36.51 46.25
N LEU D 124 -24.85 -36.73 47.45
CA LEU D 124 -23.49 -37.21 47.59
C LEU D 124 -23.38 -38.66 47.19
N GLU D 125 -24.49 -39.34 46.93
CA GLU D 125 -24.45 -40.75 46.57
C GLU D 125 -24.64 -40.97 45.07
N ILE D 126 -24.35 -39.95 44.24
CA ILE D 126 -24.39 -40.09 42.80
C ILE D 126 -22.99 -39.92 42.25
N PRO D 127 -22.40 -40.93 41.56
CA PRO D 127 -21.16 -40.74 40.81
C PRO D 127 -21.31 -39.96 39.52
N THR D 128 -20.57 -38.86 39.38
CA THR D 128 -20.82 -37.92 38.30
C THR D 128 -19.54 -37.63 37.52
N ALA D 129 -19.70 -37.35 36.23
CA ALA D 129 -18.63 -36.85 35.38
C ALA D 129 -19.16 -35.72 34.50
N THR D 130 -18.25 -34.96 33.88
CA THR D 130 -18.59 -33.74 33.17
C THR D 130 -17.88 -33.68 31.81
N SER D 131 -18.54 -33.08 30.82
CA SER D 131 -17.99 -32.81 29.50
C SER D 131 -18.19 -31.35 29.14
N VAL D 132 -17.25 -30.76 28.40
CA VAL D 132 -17.27 -29.35 28.08
C VAL D 132 -16.99 -29.18 26.59
N ARG D 133 -17.77 -28.32 25.91
CA ARG D 133 -17.58 -28.03 24.49
C ARG D 133 -17.93 -26.58 24.18
N ASP D 134 -17.15 -25.96 23.30
CA ASP D 134 -17.35 -24.58 22.87
C ASP D 134 -17.84 -24.55 21.42
N MET D 135 -18.74 -23.60 21.11
CA MET D 135 -19.51 -23.61 19.87
C MET D 135 -19.56 -22.19 19.31
N PRO D 136 -19.48 -22.00 17.98
CA PRO D 136 -19.75 -20.71 17.36
C PRO D 136 -21.14 -20.17 17.63
N ALA D 137 -21.30 -18.84 17.69
CA ALA D 137 -22.55 -18.24 18.09
C ALA D 137 -23.00 -17.11 17.15
N ARG D 138 -22.38 -16.97 15.97
CA ARG D 138 -22.63 -15.83 15.10
C ARG D 138 -24.00 -15.96 14.43
N LEU D 139 -24.34 -17.15 13.96
CA LEU D 139 -25.57 -17.38 13.24
C LEU D 139 -26.77 -17.23 14.17
N MET D 140 -26.60 -17.49 15.46
CA MET D 140 -27.66 -17.27 16.42
C MET D 140 -27.99 -15.79 16.47
N PHE D 141 -26.98 -14.95 16.59
CA PHE D 141 -27.18 -13.53 16.70
C PHE D 141 -27.94 -13.00 15.48
N GLU D 142 -27.54 -13.45 14.29
CA GLU D 142 -28.10 -12.96 13.05
C GLU D 142 -29.55 -13.36 12.89
N ASN D 143 -29.84 -14.65 13.08
CA ASN D 143 -31.15 -15.18 12.82
C ASN D 143 -32.14 -14.77 13.90
N ARG D 144 -31.67 -14.53 15.11
CA ARG D 144 -32.53 -14.04 16.17
C ARG D 144 -33.00 -12.64 15.86
N ALA D 145 -32.14 -11.83 15.28
CA ALA D 145 -32.47 -10.46 14.92
C ALA D 145 -33.56 -10.43 13.85
N MET D 146 -33.50 -11.38 12.92
CA MET D 146 -34.47 -11.46 11.85
C MET D 146 -35.84 -11.83 12.40
N VAL D 147 -35.89 -12.69 13.42
CA VAL D 147 -37.16 -13.13 13.97
C VAL D 147 -37.79 -12.01 14.78
N ASN D 148 -36.97 -11.21 15.45
CA ASN D 148 -37.48 -10.17 16.31
C ASN D 148 -37.96 -8.97 15.49
N ASP D 149 -37.45 -8.80 14.27
CA ASP D 149 -37.92 -7.76 13.38
C ASP D 149 -39.34 -8.06 12.89
N GLN D 150 -39.61 -9.33 12.61
CA GLN D 150 -40.93 -9.76 12.20
C GLN D 150 -41.93 -9.54 13.33
N LEU D 151 -41.55 -9.85 14.57
CA LEU D 151 -42.47 -9.75 15.68
C LEU D 151 -42.76 -8.28 15.98
N LYS D 152 -41.82 -7.39 15.71
CA LYS D 152 -42.01 -5.98 16.03
C LYS D 152 -43.08 -5.37 15.14
N ARG D 153 -43.11 -5.77 13.86
CA ARG D 153 -44.08 -5.21 12.92
C ARG D 153 -45.47 -5.76 13.21
N THR D 154 -45.54 -6.98 13.76
CA THR D 154 -46.81 -7.63 14.07
C THR D 154 -47.19 -7.41 15.53
N ARG D 155 -46.51 -6.47 16.21
CA ARG D 155 -46.77 -6.14 17.60
C ARG D 155 -46.80 -7.40 18.47
N GLY D 156 -45.85 -8.30 18.23
CA GLY D 156 -45.63 -9.46 19.10
C GLY D 156 -44.60 -9.13 20.17
N GLY D 157 -43.95 -10.18 20.71
CA GLY D 157 -42.99 -10.03 21.79
C GLY D 157 -41.55 -10.07 21.30
N LYS D 158 -40.76 -10.99 21.87
CA LYS D 158 -39.32 -11.03 21.70
C LYS D 158 -38.82 -12.40 22.15
N ILE D 159 -38.01 -13.09 21.34
CA ILE D 159 -37.43 -14.35 21.77
C ILE D 159 -36.01 -14.12 22.28
N SER D 160 -35.53 -15.05 23.12
CA SER D 160 -34.25 -14.97 23.80
C SER D 160 -33.36 -16.15 23.40
N PHE D 161 -32.11 -16.13 23.88
CA PHE D 161 -31.14 -17.17 23.54
C PHE D 161 -31.47 -18.47 24.27
N THR D 162 -32.07 -18.36 25.46
CA THR D 162 -32.43 -19.54 26.24
C THR D 162 -33.54 -20.32 25.54
N HIS D 163 -34.45 -19.61 24.87
CA HIS D 163 -35.52 -20.26 24.12
C HIS D 163 -34.94 -21.13 23.01
N ILE D 164 -33.96 -20.61 22.28
CA ILE D 164 -33.40 -21.29 21.13
C ILE D 164 -32.57 -22.50 21.60
N ILE D 165 -31.75 -22.32 22.64
CA ILE D 165 -30.89 -23.37 23.12
C ILE D 165 -31.75 -24.45 23.79
N GLY D 166 -32.82 -24.04 24.45
CA GLY D 166 -33.78 -24.97 25.02
C GLY D 166 -34.37 -25.91 23.97
N TYR D 167 -34.78 -25.36 22.84
CA TYR D 167 -35.44 -26.13 21.80
C TYR D 167 -34.43 -27.08 21.17
N ALA D 168 -33.19 -26.62 20.98
CA ALA D 168 -32.12 -27.43 20.42
C ALA D 168 -31.81 -28.61 21.34
N MET D 169 -31.89 -28.38 22.65
CA MET D 169 -31.59 -29.39 23.64
C MET D 169 -32.61 -30.50 23.58
N VAL D 170 -33.89 -30.14 23.36
CA VAL D 170 -34.98 -31.11 23.27
C VAL D 170 -34.78 -32.00 22.05
N LYS D 171 -34.41 -31.41 20.92
CA LYS D 171 -34.20 -32.14 19.68
C LYS D 171 -33.03 -33.11 19.84
N ALA D 172 -32.03 -32.72 20.62
CA ALA D 172 -30.84 -33.53 20.83
C ALA D 172 -31.14 -34.74 21.71
N VAL D 173 -32.01 -34.55 22.72
CA VAL D 173 -32.38 -35.63 23.61
C VAL D 173 -33.22 -36.66 22.85
N MET D 174 -33.99 -36.22 21.87
CA MET D 174 -34.76 -37.12 21.03
C MET D 174 -33.83 -37.95 20.17
N ALA D 175 -32.72 -37.37 19.70
CA ALA D 175 -31.76 -38.06 18.88
C ALA D 175 -30.91 -39.03 19.69
N HIS D 176 -30.74 -38.76 20.98
CA HIS D 176 -29.93 -39.59 21.87
C HIS D 176 -30.74 -39.87 23.14
N PRO D 177 -31.70 -40.82 23.10
CA PRO D 177 -32.62 -41.04 24.22
C PRO D 177 -32.07 -41.50 25.56
N ASP D 178 -30.83 -42.03 25.57
CA ASP D 178 -30.21 -42.50 26.77
C ASP D 178 -29.98 -41.38 27.79
N MET D 179 -29.99 -40.13 27.33
CA MET D 179 -29.71 -39.00 28.19
C MET D 179 -30.91 -38.70 29.07
N ASN D 180 -32.03 -39.43 28.92
CA ASN D 180 -33.25 -39.15 29.65
C ASN D 180 -33.49 -40.18 30.75
N ASN D 181 -32.58 -41.15 30.90
CA ASN D 181 -32.78 -42.25 31.83
C ASN D 181 -32.18 -41.93 33.19
N SER D 182 -32.54 -42.73 34.21
CA SER D 182 -32.09 -42.54 35.58
C SER D 182 -31.89 -43.88 36.28
N TYR D 183 -31.43 -43.84 37.54
CA TYR D 183 -31.05 -45.02 38.31
C TYR D 183 -31.80 -45.04 39.63
N ASP D 184 -32.17 -46.25 40.11
CA ASP D 184 -32.79 -46.41 41.41
C ASP D 184 -32.63 -47.84 41.87
N VAL D 185 -32.68 -48.05 43.19
CA VAL D 185 -32.63 -49.40 43.75
C VAL D 185 -34.02 -49.74 44.29
N ILE D 186 -34.63 -50.79 43.73
CA ILE D 186 -36.02 -51.15 43.96
C ILE D 186 -36.11 -52.62 44.38
N ASP D 187 -36.60 -52.88 45.59
CA ASP D 187 -36.64 -54.22 46.11
C ASP D 187 -35.22 -54.72 46.28
N GLY D 188 -34.30 -53.81 46.55
CA GLY D 188 -32.92 -54.18 46.75
C GLY D 188 -32.19 -54.64 45.50
N LYS D 189 -32.70 -54.34 44.32
CA LYS D 189 -31.95 -54.60 43.11
C LYS D 189 -31.71 -53.31 42.34
N PRO D 190 -30.52 -53.10 41.74
CA PRO D 190 -30.30 -52.08 40.73
C PRO D 190 -31.22 -52.05 39.52
N THR D 191 -31.66 -50.86 39.12
CA THR D 191 -32.70 -50.73 38.11
C THR D 191 -32.47 -49.49 37.24
N LEU D 192 -32.74 -49.64 35.93
CA LEU D 192 -32.76 -48.53 34.99
C LEU D 192 -34.20 -48.07 34.79
N ILE D 193 -34.42 -46.76 34.78
CA ILE D 193 -35.75 -46.19 34.66
C ILE D 193 -35.84 -45.37 33.37
N VAL D 194 -36.79 -45.76 32.49
CA VAL D 194 -36.99 -45.13 31.21
C VAL D 194 -38.32 -44.40 31.21
N PRO D 195 -38.38 -43.06 31.32
CA PRO D 195 -39.65 -42.34 31.40
C PRO D 195 -40.47 -42.31 30.12
N GLU D 196 -41.71 -41.83 30.24
CA GLU D 196 -42.64 -41.76 29.13
C GLU D 196 -42.42 -40.48 28.34
N HIS D 197 -42.14 -39.37 29.04
CA HIS D 197 -42.04 -38.07 28.41
C HIS D 197 -40.70 -37.40 28.73
N ILE D 198 -40.37 -36.37 27.94
CA ILE D 198 -39.28 -35.45 28.24
C ILE D 198 -39.86 -34.23 28.92
N ASN D 199 -39.67 -34.12 30.23
CA ASN D 199 -40.09 -32.97 31.00
C ASN D 199 -38.88 -32.12 31.36
N LEU D 200 -38.86 -30.86 30.91
CA LEU D 200 -37.67 -30.03 30.98
C LEU D 200 -37.80 -29.06 32.14
N GLY D 201 -36.83 -29.10 33.05
CA GLY D 201 -36.83 -28.24 34.23
C GLY D 201 -36.07 -26.95 33.99
N LEU D 202 -36.68 -25.82 34.35
CA LEU D 202 -36.08 -24.51 34.25
C LEU D 202 -35.71 -24.02 35.63
N ALA D 203 -34.47 -23.53 35.76
CA ALA D 203 -33.99 -22.93 36.99
C ALA D 203 -34.46 -21.48 37.05
N ILE D 204 -35.52 -21.22 37.82
CA ILE D 204 -36.05 -19.87 38.00
C ILE D 204 -35.54 -19.30 39.32
N ASP D 205 -34.76 -18.21 39.23
CA ASP D 205 -34.28 -17.48 40.39
C ASP D 205 -35.33 -16.43 40.75
N LEU D 206 -36.05 -16.64 41.86
CA LEU D 206 -37.11 -15.75 42.29
C LEU D 206 -36.82 -15.24 43.70
N PRO D 207 -36.72 -13.91 43.91
CA PRO D 207 -36.72 -13.32 45.26
C PRO D 207 -38.03 -13.55 46.01
N GLN D 208 -37.93 -13.60 47.34
CA GLN D 208 -39.07 -13.89 48.21
C GLN D 208 -39.47 -12.60 48.95
N LYS D 209 -40.49 -12.72 49.81
CA LYS D 209 -41.04 -11.59 50.54
C LYS D 209 -40.00 -10.97 51.48
N ASP D 210 -39.16 -11.83 52.08
CA ASP D 210 -38.16 -11.41 53.05
C ASP D 210 -37.12 -10.53 52.37
N GLY D 211 -36.67 -10.95 51.18
CA GLY D 211 -35.60 -10.29 50.45
C GLY D 211 -34.37 -11.18 50.29
N SER D 212 -34.58 -12.51 50.32
CA SER D 212 -33.54 -13.48 50.02
C SER D 212 -33.92 -14.30 48.78
N ARG D 213 -32.95 -14.46 47.88
CA ARG D 213 -33.14 -15.19 46.64
C ARG D 213 -33.14 -16.70 46.93
N ALA D 214 -34.03 -17.43 46.24
CA ALA D 214 -34.09 -18.88 46.31
C ALA D 214 -34.31 -19.44 44.91
N LEU D 215 -33.75 -20.63 44.66
CA LEU D 215 -33.81 -21.25 43.35
C LEU D 215 -34.77 -22.44 43.42
N VAL D 216 -35.69 -22.51 42.45
CA VAL D 216 -36.65 -23.59 42.33
C VAL D 216 -36.65 -24.08 40.89
N VAL D 217 -37.05 -25.34 40.68
CA VAL D 217 -37.09 -25.93 39.35
C VAL D 217 -38.52 -26.29 39.02
N ALA D 218 -39.09 -25.58 38.03
CA ALA D 218 -40.40 -25.86 37.48
C ALA D 218 -40.26 -26.59 36.15
N ALA D 219 -41.30 -27.32 35.74
CA ALA D 219 -41.22 -28.22 34.61
C ALA D 219 -42.12 -27.77 33.46
N ILE D 220 -41.61 -27.89 32.23
CA ILE D 220 -42.40 -27.87 31.01
C ILE D 220 -42.62 -29.32 30.62
N LYS D 221 -43.89 -29.74 30.47
CA LYS D 221 -44.18 -31.16 30.37
C LYS D 221 -44.53 -31.54 28.93
N GLU D 222 -44.23 -32.78 28.58
CA GLU D 222 -44.58 -33.38 27.30
C GLU D 222 -44.02 -32.52 26.17
N THR D 223 -42.69 -32.44 26.10
CA THR D 223 -42.00 -31.50 25.23
C THR D 223 -41.67 -32.16 23.91
N GLU D 224 -41.74 -33.49 23.85
CA GLU D 224 -41.30 -34.21 22.66
C GLU D 224 -42.39 -34.22 21.58
N LYS D 225 -43.52 -33.56 21.85
CA LYS D 225 -44.59 -33.44 20.88
C LYS D 225 -44.96 -31.97 20.73
N MET D 226 -43.93 -31.13 20.55
CA MET D 226 -44.12 -29.70 20.41
C MET D 226 -43.27 -29.18 19.25
N ASN D 227 -43.77 -28.14 18.57
CA ASN D 227 -42.96 -27.36 17.63
C ASN D 227 -42.55 -26.07 18.33
N PHE D 228 -41.81 -25.19 17.63
CA PHE D 228 -41.19 -24.07 18.30
C PHE D 228 -42.25 -23.12 18.85
N SER D 229 -43.35 -22.97 18.12
CA SER D 229 -44.43 -22.08 18.54
C SER D 229 -45.04 -22.55 19.84
N GLU D 230 -45.32 -23.86 19.92
CA GLU D 230 -45.89 -24.47 21.11
C GLU D 230 -44.90 -24.38 22.27
N PHE D 231 -43.61 -24.60 21.99
CA PHE D 231 -42.58 -24.59 23.01
C PHE D 231 -42.48 -23.22 23.66
N LEU D 232 -42.52 -22.17 22.84
CA LEU D 232 -42.35 -20.81 23.32
C LEU D 232 -43.51 -20.44 24.24
N ALA D 233 -44.71 -20.89 23.89
CA ALA D 233 -45.91 -20.61 24.66
C ALA D 233 -45.83 -21.23 26.05
N ALA D 234 -45.45 -22.52 26.10
CA ALA D 234 -45.33 -23.26 27.34
C ALA D 234 -44.28 -22.63 28.26
N TYR D 235 -43.17 -22.19 27.68
CA TYR D 235 -42.08 -21.57 28.41
C TYR D 235 -42.61 -20.32 29.10
N GLU D 236 -43.26 -19.46 28.33
CA GLU D 236 -43.72 -18.17 28.81
C GLU D 236 -44.85 -18.33 29.81
N ASP D 237 -45.59 -19.43 29.70
CA ASP D 237 -46.65 -19.75 30.66
C ASP D 237 -46.07 -19.95 32.05
N ILE D 238 -45.02 -20.77 32.17
CA ILE D 238 -44.41 -21.09 33.45
C ILE D 238 -43.82 -19.84 34.07
N VAL D 239 -43.15 -19.02 33.26
CA VAL D 239 -42.49 -17.82 33.73
C VAL D 239 -43.52 -16.82 34.24
N ALA D 240 -44.62 -16.67 33.50
CA ALA D 240 -45.65 -15.69 33.81
C ALA D 240 -46.32 -16.01 35.13
N ARG D 241 -46.66 -17.28 35.34
CA ARG D 241 -47.37 -17.69 36.54
C ARG D 241 -46.46 -17.64 37.76
N SER D 242 -45.14 -17.70 37.54
CA SER D 242 -44.21 -17.67 38.65
C SER D 242 -44.18 -16.27 39.27
N ARG D 243 -44.28 -15.25 38.43
CA ARG D 243 -44.19 -13.87 38.89
C ARG D 243 -45.47 -13.48 39.62
N LYS D 244 -46.62 -14.02 39.18
CA LYS D 244 -47.90 -13.73 39.78
C LYS D 244 -48.16 -14.62 40.99
N GLY D 245 -47.31 -15.63 41.21
CA GLY D 245 -47.43 -16.50 42.35
C GLY D 245 -48.63 -17.44 42.23
N LYS D 246 -48.69 -18.17 41.10
CA LYS D 246 -49.81 -19.04 40.84
C LYS D 246 -49.33 -20.42 40.35
N LEU D 247 -48.24 -20.92 40.93
CA LEU D 247 -47.73 -22.25 40.60
C LEU D 247 -48.24 -23.26 41.62
N THR D 248 -48.72 -24.40 41.12
CA THR D 248 -49.24 -25.48 41.94
C THR D 248 -48.12 -26.44 42.31
N MET D 249 -48.47 -27.52 43.01
CA MET D 249 -47.50 -28.50 43.47
C MET D 249 -47.19 -29.48 42.34
N ASP D 250 -48.07 -29.58 41.35
CA ASP D 250 -47.89 -30.49 40.25
C ASP D 250 -46.79 -29.99 39.31
N ASP D 251 -46.54 -28.68 39.31
CA ASP D 251 -45.57 -28.07 38.42
C ASP D 251 -44.14 -28.35 38.88
N TYR D 252 -43.97 -28.80 40.12
CA TYR D 252 -42.65 -29.07 40.64
C TYR D 252 -42.36 -30.57 40.67
N GLN D 253 -43.10 -31.38 39.90
CA GLN D 253 -42.92 -32.81 39.96
C GLN D 253 -42.74 -33.39 38.57
N GLY D 254 -41.86 -34.38 38.45
CA GLY D 254 -41.75 -35.19 37.25
C GLY D 254 -40.66 -34.73 36.29
N VAL D 255 -39.68 -33.94 36.77
CA VAL D 255 -38.61 -33.46 35.93
C VAL D 255 -37.72 -34.62 35.53
N THR D 256 -37.30 -34.66 34.26
CA THR D 256 -36.44 -35.71 33.75
C THR D 256 -35.07 -35.19 33.30
N VAL D 257 -34.96 -33.89 32.99
CA VAL D 257 -33.72 -33.30 32.55
C VAL D 257 -33.79 -31.80 32.76
N SER D 258 -32.68 -31.17 33.18
CA SER D 258 -32.67 -29.79 33.65
C SER D 258 -31.73 -28.91 32.82
N LEU D 259 -31.98 -27.59 32.85
CA LEU D 259 -31.22 -26.59 32.15
C LEU D 259 -30.92 -25.43 33.09
N THR D 260 -29.67 -24.96 33.12
CA THR D 260 -29.25 -23.85 33.96
C THR D 260 -28.43 -22.87 33.12
N ASN D 261 -28.43 -21.58 33.52
CA ASN D 261 -27.82 -20.52 32.75
C ASN D 261 -26.97 -19.63 33.63
N PRO D 262 -25.75 -20.08 34.01
CA PRO D 262 -24.80 -19.20 34.71
C PRO D 262 -24.14 -18.10 33.88
N GLY D 263 -24.38 -18.09 32.56
CA GLY D 263 -23.79 -17.11 31.68
C GLY D 263 -24.48 -15.76 31.72
N GLY D 264 -25.66 -15.68 32.35
CA GLY D 264 -26.36 -14.43 32.55
C GLY D 264 -25.50 -13.38 33.26
N ILE D 265 -24.83 -13.79 34.35
CA ILE D 265 -23.97 -12.92 35.12
C ILE D 265 -22.67 -12.69 34.35
N GLY D 266 -22.19 -13.72 33.64
CA GLY D 266 -20.99 -13.61 32.82
C GLY D 266 -19.93 -14.67 33.13
N THR D 267 -20.32 -15.75 33.81
CA THR D 267 -19.44 -16.87 34.08
C THR D 267 -19.17 -17.61 32.78
N ARG D 268 -17.95 -18.12 32.61
CA ARG D 268 -17.54 -18.75 31.36
C ARG D 268 -18.07 -20.18 31.31
N HIS D 269 -17.89 -20.96 32.38
CA HIS D 269 -18.55 -22.24 32.52
C HIS D 269 -18.56 -22.65 33.98
N SER D 270 -19.34 -23.70 34.31
CA SER D 270 -19.48 -24.20 35.66
C SER D 270 -19.45 -25.74 35.69
N VAL D 271 -19.25 -26.30 36.89
CA VAL D 271 -19.40 -27.72 37.14
C VAL D 271 -20.46 -27.91 38.22
N PRO D 272 -21.76 -28.03 37.86
CA PRO D 272 -22.84 -28.12 38.85
C PRO D 272 -23.13 -29.49 39.44
N ARG D 273 -24.03 -29.53 40.44
CA ARG D 273 -24.44 -30.74 41.12
C ARG D 273 -25.68 -31.33 40.44
N LEU D 274 -25.79 -32.65 40.49
CA LEU D 274 -26.93 -33.38 39.94
C LEU D 274 -27.78 -33.85 41.10
N THR D 275 -29.10 -33.68 40.99
CA THR D 275 -30.04 -34.05 42.03
C THR D 275 -30.61 -35.43 41.74
N LYS D 276 -31.06 -36.12 42.79
CA LYS D 276 -31.53 -37.49 42.69
C LYS D 276 -32.81 -37.54 41.87
N GLY D 277 -32.90 -38.53 40.97
CA GLY D 277 -34.08 -38.74 40.16
C GLY D 277 -33.87 -38.36 38.69
N GLN D 278 -32.71 -37.82 38.35
CA GLN D 278 -32.40 -37.39 37.00
C GLN D 278 -31.10 -38.03 36.55
N GLY D 279 -30.79 -37.90 35.26
CA GLY D 279 -29.59 -38.48 34.68
C GLY D 279 -28.59 -37.45 34.19
N THR D 280 -29.05 -36.26 33.80
CA THR D 280 -28.15 -35.23 33.30
C THR D 280 -28.67 -33.84 33.64
N ILE D 281 -27.74 -32.88 33.68
CA ILE D 281 -28.02 -31.46 33.79
C ILE D 281 -27.10 -30.72 32.82
N ILE D 282 -27.66 -29.74 32.09
CA ILE D 282 -26.97 -29.00 31.05
C ILE D 282 -26.79 -27.56 31.49
N GLY D 283 -25.60 -27.00 31.29
CA GLY D 283 -25.27 -25.63 31.67
C GLY D 283 -24.82 -24.79 30.49
N VAL D 284 -25.27 -23.52 30.45
CA VAL D 284 -25.00 -22.60 29.37
C VAL D 284 -24.20 -21.41 29.90
N GLY D 285 -23.02 -21.18 29.31
CA GLY D 285 -22.10 -20.16 29.77
C GLY D 285 -22.21 -18.88 28.95
N SER D 286 -21.24 -17.98 29.14
CA SER D 286 -21.29 -16.62 28.63
C SER D 286 -21.18 -16.59 27.11
N MET D 287 -21.91 -15.67 26.48
CA MET D 287 -21.84 -15.44 25.05
C MET D 287 -21.14 -14.11 24.84
N ASP D 288 -19.82 -14.16 24.70
CA ASP D 288 -18.99 -12.97 24.73
C ASP D 288 -17.65 -13.29 24.07
N TYR D 289 -16.89 -12.26 23.69
CA TYR D 289 -15.58 -12.46 23.13
C TYR D 289 -14.70 -13.04 24.21
N PRO D 290 -13.69 -13.88 23.90
CA PRO D 290 -12.69 -14.27 24.88
C PRO D 290 -11.94 -13.08 25.44
N ALA D 291 -11.33 -13.24 26.60
CA ALA D 291 -10.81 -12.12 27.36
C ALA D 291 -9.51 -11.57 26.77
N GLU D 292 -8.88 -12.29 25.83
CA GLU D 292 -7.71 -11.79 25.13
C GLU D 292 -8.10 -10.84 24.00
N PHE D 293 -9.39 -10.66 23.74
CA PHE D 293 -9.86 -9.79 22.67
C PHE D 293 -10.74 -8.66 23.21
N GLN D 294 -10.83 -8.50 24.53
CA GLN D 294 -11.79 -7.58 25.09
C GLN D 294 -11.31 -6.13 25.06
N GLY D 295 -10.11 -5.88 24.57
CA GLY D 295 -9.62 -4.51 24.42
C GLY D 295 -9.31 -4.13 22.97
N ALA D 296 -9.61 -5.02 22.02
CA ALA D 296 -9.32 -4.77 20.62
C ALA D 296 -10.40 -3.88 20.02
N SER D 297 -10.10 -3.31 18.85
CA SER D 297 -11.02 -2.43 18.14
C SER D 297 -11.98 -3.27 17.30
N GLU D 298 -13.15 -2.71 17.02
CA GLU D 298 -14.16 -3.36 16.21
C GLU D 298 -13.64 -3.53 14.78
N ASP D 299 -12.94 -2.52 14.29
CA ASP D 299 -12.41 -2.52 12.94
C ASP D 299 -11.48 -3.71 12.72
N ARG D 300 -10.62 -3.96 13.70
CA ARG D 300 -9.58 -4.95 13.58
C ARG D 300 -10.16 -6.35 13.69
N LEU D 301 -11.15 -6.53 14.57
CA LEU D 301 -11.81 -7.81 14.74
C LEU D 301 -12.60 -8.16 13.48
N ALA D 302 -13.19 -7.16 12.83
CA ALA D 302 -13.96 -7.36 11.62
C ALA D 302 -13.07 -7.80 10.46
N GLU D 303 -11.84 -7.30 10.43
CA GLU D 303 -10.90 -7.62 9.38
C GLU D 303 -10.48 -9.08 9.47
N LEU D 304 -10.23 -9.54 10.70
CA LEU D 304 -9.70 -10.88 10.96
C LEU D 304 -10.81 -11.90 10.69
N GLY D 305 -12.01 -11.62 11.22
CA GLY D 305 -13.12 -12.54 11.10
C GLY D 305 -13.40 -13.29 12.40
N VAL D 306 -13.29 -12.60 13.53
CA VAL D 306 -13.41 -13.20 14.84
C VAL D 306 -14.88 -13.17 15.23
N GLY D 307 -15.38 -14.31 15.72
CA GLY D 307 -16.76 -14.42 16.16
C GLY D 307 -16.87 -14.59 17.66
N LYS D 308 -18.10 -14.80 18.14
CA LYS D 308 -18.36 -15.02 19.56
C LYS D 308 -18.67 -16.48 19.83
N LEU D 309 -18.50 -16.87 21.10
CA LEU D 309 -18.55 -18.24 21.57
C LEU D 309 -19.83 -18.48 22.35
N VAL D 310 -20.10 -19.76 22.63
CA VAL D 310 -20.89 -20.18 23.77
C VAL D 310 -20.33 -21.51 24.22
N THR D 311 -20.15 -21.70 25.53
CA THR D 311 -19.64 -22.92 26.10
C THR D 311 -20.77 -23.66 26.79
N ILE D 312 -20.93 -24.95 26.50
CA ILE D 312 -22.00 -25.78 27.04
C ILE D 312 -21.40 -26.98 27.76
N THR D 313 -21.98 -27.33 28.92
CA THR D 313 -21.50 -28.43 29.74
C THR D 313 -22.58 -29.49 29.92
N SER D 314 -22.14 -30.71 30.27
CA SER D 314 -23.02 -31.83 30.55
C SER D 314 -22.49 -32.60 31.75
N THR D 315 -23.31 -32.71 32.81
CA THR D 315 -22.97 -33.46 34.01
C THR D 315 -23.94 -34.62 34.15
N TYR D 316 -23.42 -35.85 34.23
CA TYR D 316 -24.23 -37.05 34.08
C TYR D 316 -23.86 -38.11 35.11
N ASP D 317 -24.83 -39.00 35.39
CA ASP D 317 -24.67 -40.13 36.30
C ASP D 317 -24.04 -41.30 35.56
N HIS D 318 -22.90 -41.77 36.07
CA HIS D 318 -22.01 -42.62 35.32
C HIS D 318 -22.38 -44.09 35.46
N ARG D 319 -23.40 -44.38 36.29
CA ARG D 319 -23.91 -45.73 36.42
C ARG D 319 -24.82 -46.09 35.26
N VAL D 320 -25.37 -45.10 34.55
CA VAL D 320 -26.36 -45.36 33.53
C VAL D 320 -26.02 -44.64 32.22
N ILE D 321 -25.15 -43.64 32.22
CA ILE D 321 -24.74 -42.95 30.99
C ILE D 321 -23.23 -43.02 30.89
N GLN D 322 -22.72 -43.33 29.68
CA GLN D 322 -21.30 -43.41 29.45
C GLN D 322 -20.81 -42.15 28.73
N GLY D 323 -19.49 -41.99 28.67
CA GLY D 323 -18.87 -40.77 28.17
C GLY D 323 -19.14 -40.52 26.70
N ALA D 324 -19.13 -41.60 25.90
CA ALA D 324 -19.34 -41.51 24.47
C ALA D 324 -20.71 -40.93 24.15
N VAL D 325 -21.72 -41.32 24.91
CA VAL D 325 -23.07 -40.84 24.71
C VAL D 325 -23.13 -39.34 24.99
N SER D 326 -22.50 -38.90 26.07
CA SER D 326 -22.48 -37.50 26.47
C SER D 326 -21.80 -36.64 25.41
N GLY D 327 -20.70 -37.15 24.85
CA GLY D 327 -19.98 -36.44 23.81
C GLY D 327 -20.79 -36.28 22.54
N GLU D 328 -21.47 -37.36 22.13
CA GLU D 328 -22.29 -37.35 20.94
C GLU D 328 -23.47 -36.41 21.08
N PHE D 329 -23.99 -36.28 22.31
CA PHE D 329 -25.07 -35.37 22.61
C PHE D 329 -24.64 -33.94 22.32
N LEU D 330 -23.45 -33.55 22.79
CA LEU D 330 -22.98 -32.18 22.62
C LEU D 330 -22.62 -31.92 21.16
N ARG D 331 -22.17 -32.95 20.43
CA ARG D 331 -21.83 -32.79 19.03
C ARG D 331 -23.09 -32.49 18.21
N THR D 332 -24.22 -33.10 18.58
CA THR D 332 -25.48 -32.89 17.89
C THR D 332 -25.99 -31.49 18.14
N MET D 333 -25.86 -30.98 19.37
CA MET D 333 -26.30 -29.63 19.69
C MET D 333 -25.51 -28.61 18.89
N SER D 334 -24.21 -28.87 18.70
CA SER D 334 -23.34 -27.98 17.96
C SER D 334 -23.77 -27.90 16.50
N ARG D 335 -24.17 -29.04 15.92
CA ARG D 335 -24.56 -29.12 14.53
C ARG D 335 -25.88 -28.42 14.28
N LEU D 336 -26.82 -28.50 15.23
CA LEU D 336 -28.15 -27.97 15.04
C LEU D 336 -28.13 -26.46 15.00
N LEU D 337 -27.25 -25.83 15.78
CA LEU D 337 -27.25 -24.39 15.91
C LEU D 337 -26.57 -23.72 14.72
N THR D 338 -26.15 -24.52 13.73
CA THR D 338 -25.51 -23.98 12.55
C THR D 338 -26.06 -24.70 11.30
N ASP D 339 -27.30 -25.21 11.39
CA ASP D 339 -27.86 -26.12 10.41
C ASP D 339 -29.00 -25.44 9.65
N ASP D 340 -29.11 -25.75 8.35
CA ASP D 340 -30.08 -25.14 7.47
C ASP D 340 -31.49 -25.55 7.86
N SER D 341 -31.68 -26.84 8.12
CA SER D 341 -32.99 -27.40 8.37
C SER D 341 -33.57 -26.96 9.70
N PHE D 342 -32.71 -26.63 10.67
CA PHE D 342 -33.14 -26.23 12.00
C PHE D 342 -33.75 -24.85 11.95
N TRP D 343 -33.12 -23.94 11.22
CA TRP D 343 -33.58 -22.56 11.16
C TRP D 343 -34.76 -22.39 10.22
N ASP D 344 -34.99 -23.36 9.32
CA ASP D 344 -36.17 -23.36 8.48
C ASP D 344 -37.41 -23.67 9.31
N GLU D 345 -37.29 -24.59 10.26
CA GLU D 345 -38.39 -24.91 11.14
C GLU D 345 -38.82 -23.68 11.95
N ILE D 346 -37.86 -22.95 12.50
CA ILE D 346 -38.16 -21.86 13.41
C ILE D 346 -38.80 -20.73 12.62
N PHE D 347 -38.29 -20.47 11.41
CA PHE D 347 -38.78 -19.39 10.58
C PHE D 347 -40.20 -19.70 10.11
N ASP D 348 -40.45 -20.97 9.76
CA ASP D 348 -41.75 -21.41 9.31
C ASP D 348 -42.79 -21.19 10.39
N ALA D 349 -42.42 -21.47 11.64
CA ALA D 349 -43.37 -21.45 12.73
C ALA D 349 -43.65 -20.04 13.21
N MET D 350 -42.76 -19.09 12.94
CA MET D 350 -42.95 -17.75 13.43
C MET D 350 -43.42 -16.83 12.30
N ASN D 351 -43.58 -17.39 11.10
CA ASN D 351 -44.13 -16.68 9.95
C ASN D 351 -43.22 -15.51 9.58
N VAL D 352 -41.99 -15.82 9.15
CA VAL D 352 -41.10 -14.81 8.62
C VAL D 352 -40.85 -15.16 7.16
N PRO D 353 -40.96 -14.18 6.23
CA PRO D 353 -40.98 -14.47 4.80
C PRO D 353 -39.65 -14.63 4.07
N TYR D 354 -38.55 -14.39 4.77
CA TYR D 354 -37.24 -14.40 4.16
C TYR D 354 -36.56 -15.74 4.36
N THR D 355 -35.54 -16.02 3.56
CA THR D 355 -34.68 -17.17 3.77
C THR D 355 -33.75 -16.84 4.93
N PRO D 356 -33.48 -17.79 5.86
CA PRO D 356 -32.52 -17.54 6.92
C PRO D 356 -31.10 -17.39 6.41
N MET D 357 -30.30 -16.61 7.15
CA MET D 357 -28.87 -16.47 6.91
C MET D 357 -28.19 -17.82 7.10
N ARG D 358 -27.24 -18.14 6.23
CA ARG D 358 -26.62 -19.45 6.20
C ARG D 358 -25.21 -19.38 6.76
N TRP D 359 -24.61 -20.54 7.04
CA TRP D 359 -23.30 -20.64 7.67
C TRP D 359 -22.26 -20.94 6.61
N ALA D 360 -21.17 -20.16 6.60
CA ALA D 360 -20.12 -20.33 5.63
C ALA D 360 -18.83 -19.71 6.14
N GLN D 361 -17.71 -20.05 5.50
CA GLN D 361 -16.42 -19.44 5.80
C GLN D 361 -16.30 -18.11 5.10
N ASP D 362 -15.44 -17.24 5.65
CA ASP D 362 -15.12 -15.96 5.05
C ASP D 362 -14.26 -16.19 3.81
N VAL D 363 -14.52 -15.42 2.75
CA VAL D 363 -13.84 -15.57 1.47
C VAL D 363 -12.89 -14.40 1.27
N PRO D 364 -11.76 -14.58 0.56
CA PRO D 364 -10.82 -13.48 0.29
C PRO D 364 -11.28 -12.47 -0.75
N ASN D 365 -10.82 -11.22 -0.61
CA ASN D 365 -11.18 -10.13 -1.51
C ASN D 365 -10.24 -10.17 -2.72
N THR D 366 -10.47 -11.13 -3.61
CA THR D 366 -9.64 -11.37 -4.77
C THR D 366 -10.53 -11.51 -5.99
N GLY D 367 -9.94 -11.36 -7.18
CA GLY D 367 -10.69 -11.40 -8.42
C GLY D 367 -11.57 -10.16 -8.57
N VAL D 368 -12.88 -10.37 -8.69
CA VAL D 368 -13.85 -9.28 -8.69
C VAL D 368 -13.95 -8.73 -7.28
N ASP D 369 -13.83 -7.41 -7.16
CA ASP D 369 -13.79 -6.74 -5.88
C ASP D 369 -15.16 -6.83 -5.23
N LYS D 370 -15.20 -6.63 -3.91
CA LYS D 370 -16.42 -6.77 -3.16
C LYS D 370 -17.33 -5.57 -3.34
N ASN D 371 -16.79 -4.39 -3.64
CA ASN D 371 -17.62 -3.25 -3.95
C ASN D 371 -18.44 -3.51 -5.20
N THR D 372 -17.85 -4.17 -6.19
CA THR D 372 -18.56 -4.53 -7.40
C THR D 372 -19.72 -5.46 -7.07
N ARG D 373 -19.52 -6.36 -6.11
CA ARG D 373 -20.54 -7.33 -5.77
C ARG D 373 -21.71 -6.69 -5.04
N VAL D 374 -21.47 -5.65 -4.25
CA VAL D 374 -22.52 -4.99 -3.53
C VAL D 374 -23.36 -4.16 -4.48
N MET D 375 -22.76 -3.67 -5.58
CA MET D 375 -23.51 -2.88 -6.54
C MET D 375 -24.38 -3.79 -7.38
N GLN D 376 -23.94 -5.02 -7.61
CA GLN D 376 -24.72 -5.98 -8.35
C GLN D 376 -25.93 -6.45 -7.54
N LEU D 377 -25.81 -6.44 -6.20
CA LEU D 377 -26.90 -6.83 -5.33
C LEU D 377 -27.97 -5.75 -5.33
N ILE D 378 -27.57 -4.48 -5.36
CA ILE D 378 -28.51 -3.37 -5.39
C ILE D 378 -29.32 -3.44 -6.68
N GLU D 379 -28.67 -3.78 -7.78
CA GLU D 379 -29.32 -3.82 -9.08
C GLU D 379 -30.30 -4.97 -9.15
N ALA D 380 -29.99 -6.08 -8.49
CA ALA D 380 -30.85 -7.25 -8.49
C ALA D 380 -32.16 -7.00 -7.76
N TYR D 381 -32.12 -6.28 -6.64
CA TYR D 381 -33.32 -6.00 -5.87
C TYR D 381 -34.20 -4.99 -6.61
N ARG D 382 -33.60 -4.00 -7.22
CA ARG D 382 -34.34 -3.01 -7.98
C ARG D 382 -35.04 -3.65 -9.17
N SER D 383 -34.49 -4.74 -9.69
CA SER D 383 -34.98 -5.35 -10.91
C SER D 383 -35.94 -6.50 -10.62
N ARG D 384 -35.68 -7.30 -9.60
CA ARG D 384 -36.35 -8.58 -9.43
C ARG D 384 -36.86 -8.81 -8.01
N GLY D 385 -36.97 -7.76 -7.21
CA GLY D 385 -37.33 -7.92 -5.81
C GLY D 385 -38.82 -8.15 -5.60
N HIS D 386 -39.61 -7.83 -6.61
CA HIS D 386 -41.04 -8.01 -6.58
C HIS D 386 -41.41 -9.48 -6.53
N LEU D 387 -40.47 -10.37 -6.82
CA LEU D 387 -40.76 -11.78 -6.86
C LEU D 387 -40.87 -12.36 -5.45
N ILE D 388 -40.42 -11.64 -4.42
CA ILE D 388 -40.52 -12.16 -3.06
C ILE D 388 -41.23 -11.17 -2.15
N ALA D 389 -42.10 -10.32 -2.69
CA ALA D 389 -42.75 -9.30 -1.88
C ALA D 389 -44.04 -9.81 -1.28
N ASP D 390 -44.45 -9.20 -0.16
CA ASP D 390 -45.61 -9.64 0.60
C ASP D 390 -46.85 -8.97 0.06
N THR D 391 -47.38 -9.49 -1.05
CA THR D 391 -48.47 -8.86 -1.74
C THR D 391 -49.72 -9.73 -1.76
N ASN D 392 -49.65 -10.95 -1.23
CA ASN D 392 -50.78 -11.85 -1.26
C ASN D 392 -51.39 -11.93 0.13
N PRO D 393 -52.67 -11.58 0.33
CA PRO D 393 -53.31 -11.71 1.64
C PRO D 393 -53.46 -13.13 2.15
N LEU D 394 -53.57 -14.09 1.26
CA LEU D 394 -53.64 -15.49 1.61
C LEU D 394 -52.24 -16.09 1.57
N SER D 395 -52.06 -17.19 2.29
CA SER D 395 -50.84 -17.97 2.24
C SER D 395 -51.02 -19.11 1.25
N TRP D 396 -51.07 -18.74 -0.03
CA TRP D 396 -51.55 -19.62 -1.08
C TRP D 396 -50.58 -19.63 -2.24
N VAL D 397 -50.19 -20.84 -2.67
CA VAL D 397 -49.49 -21.02 -3.92
C VAL D 397 -50.30 -21.97 -4.79
N GLN D 398 -50.61 -21.53 -6.01
CA GLN D 398 -51.44 -22.30 -6.92
C GLN D 398 -50.64 -23.51 -7.39
N PRO D 399 -51.15 -24.73 -7.18
CA PRO D 399 -50.57 -25.91 -7.80
C PRO D 399 -50.75 -25.84 -9.32
N GLY D 400 -49.66 -25.97 -10.02
CA GLY D 400 -49.75 -26.07 -11.47
C GLY D 400 -49.10 -24.91 -12.20
N MET D 401 -48.77 -23.82 -11.47
CA MET D 401 -48.11 -22.68 -12.06
C MET D 401 -46.61 -22.76 -11.82
N PRO D 402 -45.76 -22.45 -12.81
CA PRO D 402 -44.32 -22.42 -12.60
C PRO D 402 -43.87 -21.37 -11.59
N VAL D 403 -42.88 -21.72 -10.77
CA VAL D 403 -42.31 -20.77 -9.82
C VAL D 403 -41.02 -20.24 -10.40
N PRO D 404 -40.88 -18.92 -10.62
CA PRO D 404 -39.64 -18.35 -11.15
C PRO D 404 -38.45 -18.51 -10.22
N ASP D 405 -37.26 -18.55 -10.81
CA ASP D 405 -36.01 -18.60 -10.08
C ASP D 405 -35.76 -17.24 -9.43
N HIS D 406 -35.46 -17.24 -8.13
CA HIS D 406 -35.07 -16.02 -7.45
C HIS D 406 -33.86 -16.26 -6.56
N ARG D 407 -32.82 -16.83 -7.17
CA ARG D 407 -31.55 -17.05 -6.51
C ARG D 407 -30.71 -15.78 -6.57
N ASP D 408 -31.16 -14.76 -7.30
CA ASP D 408 -30.39 -13.55 -7.46
C ASP D 408 -30.50 -12.66 -6.23
N LEU D 409 -31.38 -13.00 -5.29
CA LEU D 409 -31.70 -12.13 -4.20
C LEU D 409 -31.08 -12.60 -2.89
N ASP D 410 -30.25 -13.65 -2.93
CA ASP D 410 -29.54 -14.09 -1.73
C ASP D 410 -28.06 -13.80 -1.87
N ILE D 411 -27.41 -13.47 -0.75
CA ILE D 411 -26.08 -12.90 -0.77
C ILE D 411 -25.04 -13.95 -1.15
N GLU D 412 -25.40 -15.22 -1.18
CA GLU D 412 -24.48 -16.28 -1.53
C GLU D 412 -24.17 -16.27 -3.01
N THR D 413 -25.13 -15.86 -3.84
CA THR D 413 -24.95 -15.91 -5.28
C THR D 413 -24.03 -14.80 -5.74
N HIS D 414 -23.81 -13.79 -4.91
CA HIS D 414 -22.93 -12.68 -5.21
C HIS D 414 -21.62 -12.78 -4.44
N ASN D 415 -21.32 -13.97 -3.90
CA ASN D 415 -20.10 -14.25 -3.16
C ASN D 415 -19.91 -13.31 -1.98
N LEU D 416 -20.92 -13.20 -1.13
CA LEU D 416 -20.83 -12.47 0.12
C LEU D 416 -21.30 -13.40 1.23
N THR D 417 -21.01 -13.06 2.48
CA THR D 417 -21.18 -13.95 3.61
C THR D 417 -21.54 -13.14 4.82
N ILE D 418 -22.01 -13.79 5.88
CA ILE D 418 -22.36 -13.15 7.14
C ILE D 418 -21.19 -12.33 7.68
N TRP D 419 -19.96 -12.66 7.27
CA TRP D 419 -18.78 -12.00 7.78
C TRP D 419 -18.57 -10.64 7.11
N ASP D 420 -19.45 -10.24 6.19
CA ASP D 420 -19.31 -8.97 5.50
C ASP D 420 -20.35 -7.97 5.96
N LEU D 421 -21.18 -8.32 6.94
CA LEU D 421 -22.34 -7.52 7.25
C LEU D 421 -21.97 -6.25 7.96
N ASP D 422 -20.84 -6.20 8.67
CA ASP D 422 -20.45 -5.01 9.41
C ASP D 422 -19.27 -4.30 8.76
N ARG D 423 -18.81 -4.76 7.60
CA ARG D 423 -17.81 -4.06 6.80
C ARG D 423 -18.48 -2.95 6.01
N THR D 424 -17.69 -1.97 5.54
CA THR D 424 -18.20 -0.76 4.93
C THR D 424 -17.77 -0.71 3.48
N PHE D 425 -18.65 -0.19 2.60
CA PHE D 425 -18.47 -0.26 1.16
C PHE D 425 -18.88 1.04 0.49
N ASN D 426 -18.42 1.27 -0.74
CA ASN D 426 -18.80 2.42 -1.54
C ASN D 426 -20.02 2.09 -2.37
N VAL D 427 -21.05 2.93 -2.30
CA VAL D 427 -22.36 2.58 -2.82
C VAL D 427 -22.83 3.60 -3.85
N GLY D 428 -22.10 4.69 -4.01
CA GLY D 428 -22.28 5.56 -5.15
C GLY D 428 -23.60 6.33 -5.11
N GLY D 429 -23.94 6.88 -3.96
CA GLY D 429 -25.07 7.78 -3.86
C GLY D 429 -26.37 7.08 -3.44
N PHE D 430 -26.34 5.77 -3.25
CA PHE D 430 -27.50 5.04 -2.78
C PHE D 430 -27.87 5.54 -1.40
N GLY D 431 -29.13 5.91 -1.22
CA GLY D 431 -29.63 6.37 0.07
C GLY D 431 -29.12 7.75 0.43
N GLY D 432 -28.60 8.48 -0.57
CA GLY D 432 -28.02 9.80 -0.34
C GLY D 432 -26.71 9.72 0.46
N LYS D 433 -25.97 8.62 0.30
CA LYS D 433 -24.72 8.44 1.02
C LYS D 433 -23.68 7.86 0.08
N GLU D 434 -22.41 8.15 0.37
CA GLU D 434 -21.29 7.68 -0.42
C GLU D 434 -20.75 6.37 0.13
N THR D 435 -21.08 6.05 1.38
CA THR D 435 -20.53 4.89 2.05
C THR D 435 -21.56 4.32 3.02
N MET D 436 -21.52 3.00 3.25
CA MET D 436 -22.56 2.30 3.98
C MET D 436 -22.08 0.90 4.33
N THR D 437 -22.73 0.26 5.31
CA THR D 437 -22.46 -1.12 5.65
C THR D 437 -23.43 -2.04 4.93
N LEU D 438 -23.09 -3.32 4.77
CA LEU D 438 -23.93 -4.25 4.05
C LEU D 438 -25.22 -4.52 4.82
N ARG D 439 -25.20 -4.33 6.14
CA ARG D 439 -26.39 -4.49 6.93
C ARG D 439 -27.38 -3.39 6.59
N GLU D 440 -26.91 -2.15 6.50
CA GLU D 440 -27.81 -1.05 6.20
C GLU D 440 -28.32 -1.12 4.76
N VAL D 441 -27.50 -1.61 3.83
CA VAL D 441 -27.91 -1.74 2.44
C VAL D 441 -29.07 -2.73 2.35
N LEU D 442 -28.95 -3.90 2.98
CA LEU D 442 -29.97 -4.91 2.92
C LEU D 442 -31.26 -4.41 3.54
N SER D 443 -31.14 -3.65 4.63
CA SER D 443 -32.29 -3.15 5.34
C SER D 443 -33.11 -2.21 4.45
N ARG D 444 -32.43 -1.30 3.76
CA ARG D 444 -33.09 -0.33 2.92
C ARG D 444 -33.72 -1.00 1.70
N LEU D 445 -33.03 -1.95 1.09
CA LEU D 445 -33.54 -2.63 -0.07
C LEU D 445 -34.81 -3.40 0.27
N ARG D 446 -34.85 -4.01 1.44
CA ARG D 446 -35.97 -4.85 1.83
C ARG D 446 -37.16 -3.99 2.20
N ALA D 447 -36.94 -2.80 2.74
CA ALA D 447 -38.01 -1.91 3.09
C ALA D 447 -38.67 -1.29 1.88
N ALA D 448 -37.92 -1.17 0.78
CA ALA D 448 -38.40 -0.47 -0.40
C ALA D 448 -39.03 -1.41 -1.41
N TYR D 449 -38.63 -2.68 -1.44
CA TYR D 449 -38.99 -3.52 -2.57
C TYR D 449 -39.58 -4.86 -2.15
N THR D 450 -39.82 -5.12 -0.87
CA THR D 450 -40.21 -6.46 -0.45
C THR D 450 -41.34 -6.47 0.57
N LEU D 451 -41.93 -5.33 0.90
CA LEU D 451 -43.04 -5.27 1.83
C LEU D 451 -44.36 -5.33 1.06
N LYS D 452 -45.27 -4.37 1.25
CA LYS D 452 -46.63 -4.49 0.75
C LYS D 452 -46.80 -3.92 -0.66
N VAL D 453 -45.76 -3.32 -1.24
CA VAL D 453 -45.83 -2.81 -2.60
C VAL D 453 -44.68 -3.37 -3.40
N GLY D 454 -44.97 -4.03 -4.52
CA GLY D 454 -43.96 -4.52 -5.45
C GLY D 454 -44.02 -3.77 -6.78
N SER D 455 -42.86 -3.40 -7.33
CA SER D 455 -42.80 -2.47 -8.43
C SER D 455 -41.91 -3.00 -9.55
N GLU D 456 -42.32 -2.75 -10.79
CA GLU D 456 -41.55 -3.08 -11.98
C GLU D 456 -41.37 -1.84 -12.83
N TYR D 457 -40.13 -1.34 -12.97
CA TYR D 457 -39.87 -0.10 -13.68
C TYR D 457 -38.50 -0.04 -14.36
N THR D 458 -37.71 -1.10 -14.35
CA THR D 458 -36.33 -1.01 -14.80
C THR D 458 -36.23 -1.28 -16.29
N HIS D 459 -37.34 -1.71 -16.89
CA HIS D 459 -37.41 -1.97 -18.31
C HIS D 459 -37.64 -0.69 -19.12
N ILE D 460 -37.96 0.42 -18.46
CA ILE D 460 -38.20 1.69 -19.11
C ILE D 460 -36.89 2.21 -19.68
N LEU D 461 -36.94 2.81 -20.88
CA LEU D 461 -35.74 3.17 -21.63
C LEU D 461 -35.26 4.58 -21.27
N ASP D 462 -36.16 5.49 -20.91
CA ASP D 462 -35.79 6.86 -20.61
C ASP D 462 -35.22 6.95 -19.21
N ARG D 463 -34.16 7.76 -19.05
CA ARG D 463 -33.41 7.82 -17.82
C ARG D 463 -34.11 8.69 -16.80
N ASP D 464 -34.76 9.77 -17.25
CA ASP D 464 -35.44 10.69 -16.35
C ASP D 464 -36.68 10.07 -15.74
N GLU D 465 -37.44 9.28 -16.51
CA GLU D 465 -38.55 8.53 -15.99
C GLU D 465 -38.10 7.56 -14.90
N ARG D 466 -37.09 6.74 -15.19
CA ARG D 466 -36.60 5.77 -14.24
C ARG D 466 -36.19 6.42 -12.94
N THR D 467 -35.53 7.58 -13.02
CA THR D 467 -34.99 8.23 -11.84
C THR D 467 -36.11 8.79 -10.98
N TRP D 468 -37.17 9.28 -11.62
CA TRP D 468 -38.31 9.84 -10.90
C TRP D 468 -38.99 8.78 -10.06
N LEU D 469 -39.19 7.59 -10.64
CA LEU D 469 -39.84 6.48 -9.95
C LEU D 469 -38.95 5.94 -8.84
N GLN D 470 -37.67 5.82 -9.12
CA GLN D 470 -36.71 5.25 -8.20
C GLN D 470 -36.60 6.11 -6.94
N ASP D 471 -36.61 7.42 -7.11
CA ASP D 471 -36.50 8.34 -6.01
C ASP D 471 -37.73 8.28 -5.12
N ARG D 472 -38.91 8.12 -5.71
CA ARG D 472 -40.14 8.15 -4.95
C ARG D 472 -40.39 6.83 -4.25
N LEU D 473 -39.91 5.72 -4.79
CA LEU D 473 -40.13 4.42 -4.19
C LEU D 473 -39.16 4.17 -3.05
N GLU D 474 -38.01 4.85 -3.04
CA GLU D 474 -37.01 4.63 -2.02
C GLU D 474 -37.12 5.64 -0.88
N ALA D 475 -37.86 6.73 -1.08
CA ALA D 475 -38.19 7.63 0.00
C ALA D 475 -39.19 6.99 0.93
N GLY D 476 -40.18 6.30 0.35
CA GLY D 476 -41.16 5.55 1.10
C GLY D 476 -42.50 6.26 1.17
N MET D 477 -43.47 5.63 1.82
CA MET D 477 -44.80 6.18 1.97
C MET D 477 -44.81 7.10 3.18
N PRO D 478 -45.24 8.37 3.06
CA PRO D 478 -45.29 9.28 4.19
C PRO D 478 -46.40 8.94 5.17
N LYS D 479 -46.18 9.26 6.45
CA LYS D 479 -47.08 8.88 7.51
C LYS D 479 -48.33 9.75 7.43
N PRO D 480 -49.54 9.16 7.38
CA PRO D 480 -50.76 9.96 7.30
C PRO D 480 -51.26 10.49 8.64
N THR D 481 -52.04 11.57 8.57
CA THR D 481 -52.58 12.25 9.74
C THR D 481 -53.78 11.47 10.26
N GLN D 482 -54.32 11.89 11.40
CA GLN D 482 -55.39 11.16 12.03
C GLN D 482 -56.70 11.38 11.29
N ALA D 483 -56.93 12.58 10.77
CA ALA D 483 -58.12 12.85 10.00
C ALA D 483 -58.16 12.00 8.74
N GLU D 484 -57.01 11.86 8.08
CA GLU D 484 -56.88 11.04 6.90
C GLU D 484 -57.21 9.59 7.22
N GLN D 485 -56.71 9.10 8.36
CA GLN D 485 -56.91 7.72 8.75
C GLN D 485 -58.37 7.44 9.01
N LYS D 486 -59.09 8.38 9.59
CA LYS D 486 -60.50 8.17 9.89
C LYS D 486 -61.31 8.18 8.61
N TYR D 487 -60.86 8.92 7.60
CA TYR D 487 -61.56 8.99 6.33
C TYR D 487 -61.46 7.66 5.60
N ILE D 488 -60.32 6.98 5.70
CA ILE D 488 -60.15 5.68 5.07
C ILE D 488 -61.08 4.68 5.74
N LEU D 489 -61.30 4.80 7.06
CA LEU D 489 -62.13 3.86 7.79
C LEU D 489 -63.59 4.07 7.44
N GLN D 490 -64.02 5.30 7.18
CA GLN D 490 -65.38 5.57 6.78
C GLN D 490 -65.70 4.91 5.44
N LYS D 491 -64.76 4.95 4.49
CA LYS D 491 -64.99 4.42 3.17
C LYS D 491 -65.02 2.90 3.19
N LEU D 492 -64.14 2.26 3.99
CA LEU D 492 -64.17 0.81 4.12
C LEU D 492 -65.48 0.37 4.74
N ASN D 493 -65.97 1.12 5.72
CA ASN D 493 -67.20 0.74 6.39
C ASN D 493 -68.36 0.79 5.42
N ALA D 494 -68.42 1.84 4.62
CA ALA D 494 -69.51 2.03 3.67
C ALA D 494 -69.59 0.84 2.73
N ALA D 495 -68.45 0.44 2.19
CA ALA D 495 -68.38 -0.66 1.25
C ALA D 495 -68.96 -1.93 1.84
N GLU D 496 -68.44 -2.35 3.01
CA GLU D 496 -68.84 -3.61 3.61
C GLU D 496 -70.29 -3.55 4.07
N ALA D 497 -70.72 -2.42 4.59
CA ALA D 497 -72.06 -2.29 5.13
C ALA D 497 -73.12 -2.42 4.05
N PHE D 498 -72.86 -1.83 2.88
CA PHE D 498 -73.78 -1.84 1.76
C PHE D 498 -74.00 -3.28 1.28
N GLU D 499 -72.93 -4.05 1.21
CA GLU D 499 -73.01 -5.43 0.75
C GLU D 499 -73.87 -6.26 1.70
N ASN D 500 -73.67 -6.06 3.01
CA ASN D 500 -74.36 -6.84 4.02
C ASN D 500 -75.85 -6.49 4.03
N PHE D 501 -76.18 -5.25 3.74
CA PHE D 501 -77.58 -4.84 3.75
C PHE D 501 -78.33 -5.57 2.65
N LEU D 502 -77.76 -5.59 1.44
CA LEU D 502 -78.39 -6.22 0.29
C LEU D 502 -78.53 -7.73 0.51
N GLN D 503 -77.52 -8.34 1.12
CA GLN D 503 -77.56 -9.75 1.41
C GLN D 503 -78.76 -10.08 2.28
N THR D 504 -79.05 -9.22 3.27
CA THR D 504 -80.07 -9.48 4.26
C THR D 504 -81.46 -9.27 3.70
N LYS D 505 -81.66 -8.22 2.90
CA LYS D 505 -82.98 -7.86 2.46
C LYS D 505 -83.40 -8.55 1.17
N TYR D 506 -82.43 -8.92 0.31
CA TYR D 506 -82.72 -9.59 -0.94
C TYR D 506 -81.79 -10.79 -1.11
N VAL D 507 -82.26 -11.98 -0.74
CA VAL D 507 -81.37 -13.11 -0.47
C VAL D 507 -80.98 -13.78 -1.78
N GLY D 508 -81.98 -14.15 -2.58
CA GLY D 508 -81.75 -14.96 -3.77
C GLY D 508 -81.18 -14.16 -4.93
N GLN D 509 -81.27 -12.83 -4.86
CA GLN D 509 -81.02 -12.00 -6.02
C GLN D 509 -79.53 -11.85 -6.29
N LYS D 510 -79.20 -11.80 -7.58
CA LYS D 510 -77.83 -11.77 -8.09
C LYS D 510 -77.32 -10.33 -8.03
N ARG D 511 -76.13 -10.13 -7.44
CA ARG D 511 -75.62 -8.78 -7.23
C ARG D 511 -74.14 -8.64 -7.58
N PHE D 512 -73.39 -9.74 -7.68
CA PHE D 512 -71.96 -9.69 -7.93
C PHE D 512 -71.25 -8.84 -6.88
N SER D 513 -70.94 -9.44 -5.75
CA SER D 513 -70.46 -8.71 -4.58
C SER D 513 -68.98 -8.40 -4.69
N LEU D 514 -68.55 -7.45 -3.87
CA LEU D 514 -67.19 -6.94 -3.83
C LEU D 514 -66.49 -7.40 -2.58
N GLU D 515 -67.12 -8.31 -1.83
CA GLU D 515 -66.57 -8.82 -0.60
C GLU D 515 -65.29 -9.58 -0.87
N GLY D 516 -64.22 -9.18 -0.21
CA GLY D 516 -62.90 -9.69 -0.51
C GLY D 516 -62.02 -8.62 -1.13
N ALA D 517 -62.64 -7.59 -1.72
CA ALA D 517 -61.93 -6.58 -2.47
C ALA D 517 -62.50 -5.20 -2.17
N GLU D 518 -62.66 -4.87 -0.90
CA GLU D 518 -63.30 -3.64 -0.52
C GLU D 518 -62.33 -2.48 -0.52
N ALA D 519 -61.04 -2.74 -0.72
CA ALA D 519 -60.05 -1.70 -0.79
C ALA D 519 -60.09 -0.94 -2.11
N LEU D 520 -60.85 -1.45 -3.08
CA LEU D 520 -61.05 -0.78 -4.34
C LEU D 520 -61.69 0.58 -4.15
N ILE D 521 -62.54 0.75 -3.14
CA ILE D 521 -63.29 1.99 -2.98
C ILE D 521 -62.36 3.11 -2.54
N PRO D 522 -61.55 2.97 -1.47
CA PRO D 522 -60.52 3.94 -1.20
C PRO D 522 -59.41 4.16 -2.24
N LEU D 523 -59.14 3.20 -3.12
CA LEU D 523 -58.16 3.38 -4.19
C LEU D 523 -58.70 4.32 -5.24
N MET D 524 -59.93 4.10 -5.69
CA MET D 524 -60.55 4.92 -6.71
C MET D 524 -60.76 6.33 -6.19
N ASP D 525 -61.06 6.46 -4.90
CA ASP D 525 -61.31 7.75 -4.29
C ASP D 525 -60.03 8.56 -4.23
N SER D 526 -58.90 7.90 -4.00
CA SER D 526 -57.61 8.56 -3.91
C SER D 526 -57.22 9.16 -5.25
N ALA D 527 -57.44 8.41 -6.32
CA ALA D 527 -57.09 8.84 -7.65
C ALA D 527 -57.92 10.04 -8.09
N ILE D 528 -59.23 10.01 -7.84
CA ILE D 528 -60.14 11.07 -8.24
C ILE D 528 -59.83 12.34 -7.46
N ASP D 529 -59.40 12.18 -6.21
CA ASP D 529 -59.10 13.31 -5.35
C ASP D 529 -57.81 14.00 -5.80
N THR D 530 -56.83 13.21 -6.23
CA THR D 530 -55.58 13.73 -6.74
C THR D 530 -55.79 14.49 -8.04
N ALA D 531 -56.72 14.02 -8.87
CA ALA D 531 -57.00 14.67 -10.14
C ALA D 531 -57.68 16.01 -9.93
N ALA D 532 -58.52 16.11 -8.90
CA ALA D 532 -59.19 17.36 -8.57
C ALA D 532 -58.18 18.40 -8.08
N GLY D 533 -57.12 17.95 -7.44
CA GLY D 533 -56.09 18.85 -6.97
C GLY D 533 -55.19 19.36 -8.09
N GLN D 534 -55.08 18.59 -9.18
CA GLN D 534 -54.29 18.98 -10.31
C GLN D 534 -55.03 20.01 -11.15
N GLY D 535 -56.34 20.08 -11.00
CA GLY D 535 -57.13 21.11 -11.64
C GLY D 535 -57.80 20.66 -12.92
N LEU D 536 -58.14 19.36 -13.02
CA LEU D 536 -58.65 18.79 -14.25
C LEU D 536 -60.17 18.83 -14.23
N ASP D 537 -60.81 18.44 -15.34
CA ASP D 537 -62.20 18.74 -15.59
C ASP D 537 -63.13 17.57 -15.32
N GLU D 538 -62.78 16.35 -15.76
CA GLU D 538 -63.67 15.21 -15.65
C GLU D 538 -62.90 13.92 -15.49
N VAL D 539 -63.55 12.89 -14.94
CA VAL D 539 -63.06 11.52 -14.93
C VAL D 539 -64.12 10.61 -15.52
N VAL D 540 -63.75 9.77 -16.51
CA VAL D 540 -64.66 8.84 -17.15
C VAL D 540 -64.26 7.42 -16.78
N ILE D 541 -65.22 6.61 -16.31
CA ILE D 541 -64.98 5.27 -15.81
C ILE D 541 -65.62 4.24 -16.74
N GLY D 542 -64.92 3.13 -16.97
CA GLY D 542 -65.49 1.94 -17.56
C GLY D 542 -65.11 0.71 -16.77
N MET D 543 -66.06 -0.21 -16.55
CA MET D 543 -65.82 -1.36 -15.70
C MET D 543 -66.77 -2.49 -16.02
N PRO D 544 -66.49 -3.72 -15.55
CA PRO D 544 -67.45 -4.83 -15.56
C PRO D 544 -68.39 -4.95 -14.36
N HIS D 545 -68.96 -6.15 -14.20
CA HIS D 545 -70.01 -6.48 -13.23
C HIS D 545 -69.55 -6.43 -11.77
N ARG D 546 -68.31 -6.78 -11.48
CA ARG D 546 -67.83 -7.01 -10.13
C ARG D 546 -67.77 -5.70 -9.34
N GLY D 547 -68.77 -5.49 -8.49
CA GLY D 547 -68.78 -4.36 -7.58
C GLY D 547 -69.32 -3.09 -8.22
N ARG D 548 -70.32 -3.20 -9.08
CA ARG D 548 -70.76 -2.05 -9.83
C ARG D 548 -71.71 -1.20 -9.00
N LEU D 549 -72.62 -1.82 -8.29
CA LEU D 549 -73.63 -1.11 -7.52
C LEU D 549 -72.98 -0.39 -6.36
N ASN D 550 -71.82 -0.88 -5.94
CA ASN D 550 -71.06 -0.29 -4.86
C ASN D 550 -70.38 0.97 -5.34
N VAL D 551 -69.84 0.95 -6.57
CA VAL D 551 -69.18 2.08 -7.17
C VAL D 551 -70.19 3.18 -7.52
N LEU D 552 -71.38 2.79 -7.96
CA LEU D 552 -72.40 3.76 -8.30
C LEU D 552 -72.80 4.59 -7.11
N PHE D 553 -72.84 3.99 -5.92
CA PHE D 553 -73.32 4.67 -4.73
C PHE D 553 -72.19 5.42 -4.02
N ASN D 554 -70.99 4.85 -3.97
CA ASN D 554 -69.93 5.37 -3.13
C ASN D 554 -68.95 6.25 -3.89
N ILE D 555 -68.85 6.12 -5.22
CA ILE D 555 -67.89 6.91 -5.99
C ILE D 555 -68.61 7.91 -6.87
N VAL D 556 -69.75 7.57 -7.48
CA VAL D 556 -70.38 8.42 -8.47
C VAL D 556 -71.45 9.28 -7.82
N GLY D 557 -72.23 8.71 -6.91
CA GLY D 557 -73.19 9.49 -6.15
C GLY D 557 -74.64 9.28 -6.58
N LYS D 558 -74.94 8.14 -7.19
CA LYS D 558 -76.30 7.78 -7.53
C LYS D 558 -77.09 7.62 -6.24
N PRO D 559 -78.30 8.20 -6.11
CA PRO D 559 -79.07 8.11 -4.87
C PRO D 559 -79.54 6.70 -4.54
N LEU D 560 -79.70 6.44 -3.24
CA LEU D 560 -79.86 5.09 -2.72
C LEU D 560 -81.26 4.59 -3.01
N ALA D 561 -82.20 5.51 -3.11
CA ALA D 561 -83.58 5.18 -3.42
C ALA D 561 -83.66 4.45 -4.75
N SER D 562 -82.88 4.92 -5.72
CA SER D 562 -82.88 4.39 -7.07
C SER D 562 -82.47 2.93 -7.10
N ILE D 563 -81.45 2.58 -6.29
CA ILE D 563 -80.90 1.24 -6.30
C ILE D 563 -81.89 0.27 -5.64
N PHE D 564 -82.53 0.69 -4.56
CA PHE D 564 -83.51 -0.14 -3.88
C PHE D 564 -84.71 -0.41 -4.78
N ASN D 565 -85.15 0.62 -5.52
CA ASN D 565 -86.28 0.47 -6.43
C ASN D 565 -85.97 -0.58 -7.48
N GLU D 566 -84.74 -0.56 -8.02
CA GLU D 566 -84.32 -1.51 -9.03
C GLU D 566 -84.53 -2.93 -8.53
N PHE D 567 -84.17 -3.17 -7.26
CA PHE D 567 -84.24 -4.50 -6.68
C PHE D 567 -85.68 -4.95 -6.45
N GLU D 568 -86.61 -3.98 -6.36
CA GLU D 568 -88.02 -4.29 -6.14
C GLU D 568 -88.76 -4.39 -7.48
N GLY D 569 -88.09 -4.12 -8.59
CA GLY D 569 -88.63 -4.38 -9.91
C GLY D 569 -89.07 -3.14 -10.67
N GLN D 570 -88.87 -1.94 -10.08
CA GLN D 570 -89.17 -0.70 -10.75
C GLN D 570 -87.89 -0.16 -11.39
N MET D 571 -87.88 -0.10 -12.74
CA MET D 571 -86.69 0.23 -13.51
C MET D 571 -86.89 1.58 -14.19
N GLU D 572 -85.84 2.41 -14.18
CA GLU D 572 -85.89 3.72 -14.81
C GLU D 572 -85.86 3.56 -16.34
N GLN D 573 -86.69 4.36 -17.02
CA GLN D 573 -86.86 4.27 -18.47
C GLN D 573 -85.89 5.22 -19.16
N GLY D 574 -85.16 4.69 -20.16
CA GLY D 574 -84.20 5.47 -20.92
C GLY D 574 -84.85 6.17 -22.11
N GLN D 575 -85.55 5.39 -22.94
CA GLN D 575 -86.24 5.89 -24.11
C GLN D 575 -87.68 5.44 -24.04
N ILE D 576 -88.59 6.25 -24.58
CA ILE D 576 -90.01 5.93 -24.56
C ILE D 576 -90.24 4.69 -25.41
N GLY D 577 -90.77 3.63 -24.77
CA GLY D 577 -91.08 2.39 -25.46
C GLY D 577 -89.88 1.46 -25.59
N GLY D 578 -88.88 1.65 -24.73
CA GLY D 578 -87.63 0.90 -24.80
C GLY D 578 -87.72 -0.45 -24.06
N SER D 579 -86.78 -1.34 -24.38
CA SER D 579 -86.82 -2.71 -23.90
C SER D 579 -86.09 -2.84 -22.55
N GLY D 580 -84.96 -2.18 -22.40
CA GLY D 580 -84.29 -2.11 -21.11
C GLY D 580 -83.08 -3.05 -21.02
N ASP D 581 -82.47 -3.10 -19.83
CA ASP D 581 -81.35 -3.98 -19.56
C ASP D 581 -81.20 -4.15 -18.04
N VAL D 582 -80.41 -5.16 -17.65
CA VAL D 582 -80.21 -5.54 -16.26
C VAL D 582 -79.46 -4.43 -15.53
N LYS D 583 -79.55 -4.44 -14.20
CA LYS D 583 -79.21 -3.30 -13.36
C LYS D 583 -77.72 -3.00 -13.38
N TYR D 584 -76.88 -4.00 -13.65
CA TYR D 584 -75.45 -3.82 -13.58
C TYR D 584 -74.86 -3.55 -14.97
N HIS D 585 -75.66 -2.93 -15.86
CA HIS D 585 -75.18 -2.53 -17.18
C HIS D 585 -75.45 -1.05 -17.46
N LEU D 586 -75.83 -0.27 -16.43
CA LEU D 586 -76.30 1.09 -16.63
C LEU D 586 -75.22 2.10 -16.20
N GLY D 587 -75.38 3.36 -16.63
CA GLY D 587 -74.43 4.43 -16.33
C GLY D 587 -75.04 5.56 -15.49
N SER D 588 -74.20 6.55 -15.12
CA SER D 588 -74.65 7.69 -14.35
C SER D 588 -73.60 8.81 -14.32
N GLU D 589 -74.00 9.99 -13.81
CA GLU D 589 -73.13 11.15 -13.68
C GLU D 589 -73.18 11.70 -12.25
N GLY D 590 -72.17 12.48 -11.86
CA GLY D 590 -72.09 13.04 -10.52
C GLY D 590 -70.95 14.02 -10.34
N GLN D 591 -70.80 14.57 -9.13
CA GLN D 591 -69.75 15.50 -8.76
C GLN D 591 -68.97 14.93 -7.57
N HIS D 592 -67.70 15.32 -7.43
CA HIS D 592 -66.87 14.93 -6.32
C HIS D 592 -66.17 16.15 -5.76
N LEU D 593 -66.37 16.42 -4.46
CA LEU D 593 -65.75 17.53 -3.76
C LEU D 593 -64.58 17.00 -2.95
N GLN D 594 -63.48 17.75 -2.96
CA GLN D 594 -62.25 17.38 -2.28
C GLN D 594 -62.48 17.53 -0.77
N MET D 595 -62.02 16.55 0.01
CA MET D 595 -62.33 16.46 1.43
C MET D 595 -61.47 17.45 2.23
N PHE D 596 -60.19 17.55 1.84
CA PHE D 596 -59.24 18.43 2.48
C PHE D 596 -58.65 19.37 1.44
N GLY D 597 -59.52 20.13 0.76
CA GLY D 597 -59.12 21.05 -0.29
C GLY D 597 -60.32 21.80 -0.84
N ASP D 598 -60.10 22.64 -1.86
CA ASP D 598 -61.17 23.45 -2.42
C ASP D 598 -61.48 23.04 -3.85
N GLY D 599 -61.07 21.83 -4.25
CA GLY D 599 -61.25 21.35 -5.60
C GLY D 599 -62.59 20.67 -5.81
N GLU D 600 -62.98 20.54 -7.08
CA GLU D 600 -64.22 19.89 -7.49
C GLU D 600 -64.02 19.29 -8.87
N ILE D 601 -64.54 18.08 -9.12
CA ILE D 601 -64.40 17.43 -10.41
C ILE D 601 -65.69 16.69 -10.73
N LYS D 602 -65.90 16.38 -12.00
CA LYS D 602 -67.09 15.70 -12.49
C LYS D 602 -66.76 14.23 -12.75
N VAL D 603 -67.67 13.31 -12.42
CA VAL D 603 -67.42 11.88 -12.54
C VAL D 603 -68.55 11.23 -13.33
N SER D 604 -68.20 10.41 -14.32
CA SER D 604 -69.15 9.78 -15.22
C SER D 604 -68.85 8.29 -15.35
N LEU D 605 -69.89 7.47 -15.57
CA LEU D 605 -69.76 6.04 -15.79
C LEU D 605 -70.57 5.64 -17.02
N THR D 606 -69.98 4.81 -17.89
CA THR D 606 -70.53 4.50 -19.20
C THR D 606 -71.25 3.16 -19.22
N ALA D 607 -72.21 3.00 -20.13
CA ALA D 607 -72.96 1.78 -20.29
C ALA D 607 -72.14 0.73 -21.01
N ASN D 608 -72.50 -0.54 -20.83
CA ASN D 608 -71.77 -1.61 -21.48
C ASN D 608 -72.60 -2.88 -21.51
N PRO D 609 -72.34 -3.82 -22.46
CA PRO D 609 -72.94 -5.13 -22.45
C PRO D 609 -72.18 -6.18 -21.63
N SER D 610 -72.69 -7.41 -21.64
CA SER D 610 -72.10 -8.50 -20.89
C SER D 610 -70.78 -8.95 -21.48
N HIS D 611 -70.62 -8.77 -22.80
CA HIS D 611 -69.39 -9.12 -23.48
C HIS D 611 -68.23 -8.35 -22.87
N LEU D 612 -67.26 -9.08 -22.32
CA LEU D 612 -66.19 -8.48 -21.54
C LEU D 612 -65.22 -7.75 -22.45
N GLU D 613 -64.78 -6.56 -22.00
CA GLU D 613 -63.69 -5.79 -22.56
C GLU D 613 -64.10 -5.09 -23.86
N ALA D 614 -65.40 -4.99 -24.12
CA ALA D 614 -65.89 -4.33 -25.32
C ALA D 614 -66.10 -2.84 -25.09
N VAL D 615 -65.85 -2.37 -23.86
CA VAL D 615 -66.05 -0.99 -23.47
C VAL D 615 -64.73 -0.25 -23.56
N ASN D 616 -63.63 -0.94 -23.83
CA ASN D 616 -62.32 -0.35 -23.79
C ASN D 616 -62.16 0.69 -24.89
N PRO D 617 -62.34 0.35 -26.19
CA PRO D 617 -62.29 1.36 -27.23
C PRO D 617 -63.38 2.43 -27.17
N VAL D 618 -64.56 2.09 -26.66
CA VAL D 618 -65.67 3.02 -26.61
C VAL D 618 -65.38 4.13 -25.62
N MET D 619 -64.76 3.83 -24.48
CA MET D 619 -64.57 4.85 -23.48
C MET D 619 -63.39 5.73 -23.83
N GLU D 620 -62.45 5.21 -24.62
CA GLU D 620 -61.32 6.01 -25.11
C GLU D 620 -61.79 7.08 -26.08
N GLY D 621 -62.74 6.73 -26.95
CA GLY D 621 -63.34 7.68 -27.85
C GLY D 621 -64.14 8.77 -27.17
N ILE D 622 -64.86 8.43 -26.10
CA ILE D 622 -65.64 9.42 -25.35
C ILE D 622 -64.70 10.46 -24.78
N VAL D 623 -63.52 10.04 -24.32
CA VAL D 623 -62.59 10.95 -23.69
C VAL D 623 -61.99 11.88 -24.73
N ARG D 624 -61.68 11.36 -25.91
CA ARG D 624 -61.05 12.13 -26.96
C ARG D 624 -61.99 13.20 -27.47
N ALA D 625 -63.28 12.89 -27.56
CA ALA D 625 -64.25 13.85 -28.03
C ALA D 625 -64.43 14.98 -27.04
N LYS D 626 -64.39 14.67 -25.75
CA LYS D 626 -64.54 15.68 -24.71
C LYS D 626 -63.33 16.60 -24.67
N GLN D 627 -62.15 16.05 -24.89
CA GLN D 627 -60.93 16.83 -24.88
C GLN D 627 -60.92 17.81 -26.05
N ASP D 628 -61.41 17.38 -27.21
CA ASP D 628 -61.39 18.19 -28.41
C ASP D 628 -62.34 19.37 -28.28
N TYR D 629 -63.43 19.20 -27.54
CA TYR D 629 -64.42 20.24 -27.36
C TYR D 629 -63.91 21.33 -26.43
N LEU D 630 -63.06 20.99 -25.47
CA LEU D 630 -62.54 21.97 -24.56
C LEU D 630 -61.46 22.80 -25.21
N ASP D 631 -60.61 22.18 -26.04
CA ASP D 631 -59.66 22.88 -26.89
C ASP D 631 -58.65 23.64 -26.04
N LYS D 632 -57.68 22.92 -25.47
CA LYS D 632 -56.67 23.51 -24.63
C LYS D 632 -55.26 23.20 -25.10
N GLY D 633 -55.11 22.41 -26.16
CA GLY D 633 -53.81 22.22 -26.79
C GLY D 633 -53.06 20.99 -26.25
N VAL D 634 -51.75 20.96 -26.52
CA VAL D 634 -50.89 19.83 -26.23
C VAL D 634 -50.63 19.74 -24.72
N ASP D 635 -50.68 20.88 -24.05
CA ASP D 635 -50.44 20.97 -22.61
C ASP D 635 -51.74 20.80 -21.83
N GLY D 636 -52.81 20.41 -22.53
CA GLY D 636 -54.10 20.19 -21.90
C GLY D 636 -54.27 18.74 -21.47
N LYS D 637 -55.16 18.03 -22.15
CA LYS D 637 -55.47 16.63 -21.86
C LYS D 637 -56.00 16.51 -20.44
N THR D 638 -57.18 17.09 -20.22
CA THR D 638 -57.69 17.36 -18.89
C THR D 638 -58.94 16.53 -18.57
N VAL D 639 -59.19 15.47 -19.33
CA VAL D 639 -60.18 14.47 -19.01
C VAL D 639 -59.48 13.14 -18.83
N VAL D 640 -59.64 12.50 -17.66
CA VAL D 640 -58.86 11.35 -17.24
C VAL D 640 -59.64 10.07 -17.46
N PRO D 641 -59.14 9.07 -18.21
CA PRO D 641 -59.75 7.75 -18.27
C PRO D 641 -59.29 6.75 -17.21
N LEU D 642 -60.25 6.14 -16.52
CA LEU D 642 -60.02 5.20 -15.45
C LEU D 642 -60.74 3.91 -15.76
N LEU D 643 -59.99 2.83 -16.01
CA LEU D 643 -60.52 1.63 -16.61
C LEU D 643 -60.23 0.42 -15.72
N LEU D 644 -61.27 -0.32 -15.35
CA LEU D 644 -61.19 -1.45 -14.44
C LEU D 644 -61.34 -2.76 -15.21
N HIS D 645 -60.60 -3.80 -14.82
CA HIS D 645 -60.63 -5.10 -15.48
C HIS D 645 -60.68 -6.22 -14.44
N GLY D 646 -60.87 -7.45 -14.90
CA GLY D 646 -60.64 -8.66 -14.14
C GLY D 646 -59.46 -9.44 -14.69
N ASP D 647 -58.90 -10.36 -13.90
CA ASP D 647 -57.62 -10.97 -14.18
C ASP D 647 -57.72 -11.93 -15.36
N ALA D 648 -58.73 -12.78 -15.39
CA ALA D 648 -58.90 -13.73 -16.49
C ALA D 648 -59.15 -13.02 -17.80
N ALA D 649 -60.00 -11.99 -17.79
CA ALA D 649 -60.36 -11.28 -19.00
C ALA D 649 -59.18 -10.49 -19.56
N PHE D 650 -58.35 -9.93 -18.69
CA PHE D 650 -57.27 -9.07 -19.12
C PHE D 650 -56.21 -9.87 -19.86
N ALA D 651 -55.96 -11.10 -19.43
CA ALA D 651 -54.92 -11.92 -20.02
C ALA D 651 -55.41 -12.66 -21.25
N GLY D 652 -56.71 -12.84 -21.40
CA GLY D 652 -57.23 -13.76 -22.38
C GLY D 652 -57.68 -13.09 -23.67
N LEU D 653 -58.47 -12.03 -23.57
CA LEU D 653 -59.11 -11.41 -24.72
C LEU D 653 -58.12 -10.49 -25.42
N GLY D 654 -58.18 -10.46 -26.75
CA GLY D 654 -57.21 -9.77 -27.58
C GLY D 654 -57.52 -8.29 -27.80
N ILE D 655 -58.72 -7.86 -27.45
CA ILE D 655 -59.12 -6.47 -27.58
C ILE D 655 -58.32 -5.59 -26.62
N VAL D 656 -57.81 -6.15 -25.53
CA VAL D 656 -57.12 -5.38 -24.52
C VAL D 656 -55.83 -4.81 -25.10
N PRO D 657 -54.85 -5.63 -25.55
CA PRO D 657 -53.64 -5.08 -26.15
C PRO D 657 -53.83 -4.31 -27.45
N GLU D 658 -54.90 -4.61 -28.18
CA GLU D 658 -55.22 -3.92 -29.42
C GLU D 658 -55.57 -2.46 -29.15
N THR D 659 -56.17 -2.19 -27.98
CA THR D 659 -56.59 -0.85 -27.62
C THR D 659 -55.45 -0.08 -26.99
N ILE D 660 -54.53 -0.75 -26.30
CA ILE D 660 -53.39 -0.09 -25.69
C ILE D 660 -52.43 0.38 -26.77
N ASN D 661 -52.51 -0.22 -27.96
CA ASN D 661 -51.64 0.10 -29.06
C ASN D 661 -52.02 1.41 -29.73
N LEU D 662 -53.18 1.97 -29.39
CA LEU D 662 -53.60 3.24 -29.96
C LEU D 662 -53.17 4.42 -29.11
N ALA D 663 -52.41 4.20 -28.04
CA ALA D 663 -52.21 5.18 -26.99
C ALA D 663 -51.38 6.38 -27.45
N LYS D 664 -50.41 6.17 -28.33
CA LYS D 664 -49.48 7.21 -28.69
C LYS D 664 -49.63 7.63 -30.15
N LEU D 665 -50.76 7.33 -30.79
CA LEU D 665 -50.96 7.66 -32.18
C LEU D 665 -51.69 8.99 -32.28
N ARG D 666 -51.64 9.59 -33.47
CA ARG D 666 -51.91 11.00 -33.67
C ARG D 666 -53.38 11.29 -33.47
N GLY D 667 -54.27 10.45 -33.95
CA GLY D 667 -55.69 10.72 -33.82
C GLY D 667 -56.36 10.03 -32.64
N TYR D 668 -55.59 9.44 -31.73
CA TYR D 668 -56.15 8.60 -30.69
C TYR D 668 -55.62 8.92 -29.30
N ASP D 669 -54.61 9.78 -29.17
CA ASP D 669 -53.93 10.01 -27.90
C ASP D 669 -54.84 10.79 -26.97
N VAL D 670 -54.87 10.39 -25.69
CA VAL D 670 -55.71 11.03 -24.70
C VAL D 670 -54.91 11.35 -23.44
N GLY D 671 -53.59 11.24 -23.50
CA GLY D 671 -52.76 11.67 -22.39
C GLY D 671 -52.43 10.57 -21.40
N GLY D 672 -52.82 9.33 -21.68
CA GLY D 672 -52.55 8.22 -20.78
C GLY D 672 -53.83 7.67 -20.16
N THR D 673 -53.79 6.41 -19.74
CA THR D 673 -54.91 5.72 -19.12
C THR D 673 -54.44 5.07 -17.84
N ILE D 674 -55.22 5.18 -16.76
CA ILE D 674 -54.96 4.50 -15.50
C ILE D 674 -55.74 3.19 -15.50
N HIS D 675 -55.04 2.05 -15.41
CA HIS D 675 -55.65 0.74 -15.44
C HIS D 675 -55.58 0.09 -14.05
N ILE D 676 -56.70 -0.51 -13.60
CA ILE D 676 -56.76 -1.26 -12.37
C ILE D 676 -57.22 -2.68 -12.69
N VAL D 677 -56.43 -3.69 -12.33
CA VAL D 677 -56.80 -5.08 -12.47
C VAL D 677 -57.11 -5.66 -11.09
N VAL D 678 -58.35 -6.13 -10.90
CA VAL D 678 -58.79 -6.73 -9.66
C VAL D 678 -58.45 -8.21 -9.70
N ASN D 679 -57.33 -8.57 -9.07
CA ASN D 679 -56.75 -9.90 -9.16
C ASN D 679 -57.19 -10.70 -7.95
N ASN D 680 -58.27 -11.46 -8.10
CA ASN D 680 -58.84 -12.24 -7.03
C ASN D 680 -58.57 -13.71 -7.24
N GLN D 681 -57.63 -14.02 -8.13
CA GLN D 681 -57.00 -15.31 -8.21
C GLN D 681 -57.96 -16.39 -8.67
N ILE D 682 -58.96 -16.03 -9.47
CA ILE D 682 -59.93 -17.00 -9.94
C ILE D 682 -60.80 -16.39 -11.04
N GLY D 683 -61.21 -17.24 -11.99
CA GLY D 683 -62.08 -16.89 -13.10
C GLY D 683 -63.53 -17.07 -12.71
N PHE D 684 -64.14 -18.15 -13.16
CA PHE D 684 -65.45 -18.57 -12.68
C PHE D 684 -65.21 -19.86 -11.89
N THR D 685 -64.77 -20.89 -12.59
CA THR D 685 -64.37 -22.15 -12.00
C THR D 685 -62.94 -22.48 -12.42
N THR D 686 -62.20 -21.49 -12.91
CA THR D 686 -60.91 -21.72 -13.55
C THR D 686 -59.83 -20.94 -12.83
N THR D 687 -58.68 -21.57 -12.61
CA THR D 687 -57.58 -20.98 -11.88
C THR D 687 -56.52 -20.49 -12.84
N PRO D 688 -55.61 -19.58 -12.43
CA PRO D 688 -54.61 -18.99 -13.31
C PRO D 688 -53.73 -19.91 -14.13
N ASP D 689 -53.57 -21.16 -13.70
CA ASP D 689 -52.75 -22.12 -14.41
C ASP D 689 -53.39 -22.51 -15.73
N SER D 690 -54.70 -22.31 -15.86
CA SER D 690 -55.43 -22.65 -17.07
C SER D 690 -55.86 -21.42 -17.85
N SER D 691 -55.42 -20.23 -17.43
CA SER D 691 -55.94 -19.00 -17.96
C SER D 691 -54.87 -18.19 -18.70
N ARG D 692 -53.60 -18.32 -18.35
CA ARG D 692 -52.58 -17.54 -18.98
C ARG D 692 -51.25 -18.26 -19.00
N SER D 693 -50.36 -17.82 -19.90
CA SER D 693 -49.01 -18.32 -20.03
C SER D 693 -48.00 -17.27 -19.59
N MET D 694 -48.47 -16.18 -19.00
CA MET D 694 -47.61 -15.15 -18.43
C MET D 694 -47.54 -15.38 -16.92
N HIS D 695 -46.52 -14.83 -16.26
CA HIS D 695 -46.37 -15.00 -14.82
C HIS D 695 -47.35 -14.13 -14.07
N TYR D 696 -47.47 -12.86 -14.47
CA TYR D 696 -48.47 -11.96 -13.93
C TYR D 696 -49.48 -11.62 -15.02
N ALA D 697 -50.66 -11.17 -14.60
CA ALA D 697 -51.72 -10.81 -15.53
C ALA D 697 -51.44 -9.50 -16.22
N THR D 698 -50.56 -8.68 -15.63
CA THR D 698 -50.29 -7.34 -16.11
C THR D 698 -48.98 -7.29 -16.89
N ASP D 699 -48.64 -8.35 -17.64
CA ASP D 699 -47.34 -8.42 -18.29
C ASP D 699 -47.35 -7.78 -19.67
N TYR D 700 -48.51 -7.37 -20.17
CA TYR D 700 -48.58 -6.62 -21.41
C TYR D 700 -47.94 -5.26 -21.25
N ALA D 701 -47.79 -4.79 -20.02
CA ALA D 701 -47.16 -3.51 -19.75
C ALA D 701 -45.71 -3.47 -20.23
N LYS D 702 -45.03 -4.60 -20.19
CA LYS D 702 -43.64 -4.66 -20.58
C LYS D 702 -43.47 -4.60 -22.09
N ALA D 703 -44.55 -4.83 -22.84
CA ALA D 703 -44.51 -4.70 -24.29
C ALA D 703 -44.58 -3.24 -24.72
N PHE D 704 -45.13 -2.39 -23.85
CA PHE D 704 -45.40 -1.00 -24.20
C PHE D 704 -44.54 -0.04 -23.42
N GLY D 705 -43.73 -0.54 -22.49
CA GLY D 705 -42.76 0.29 -21.79
C GLY D 705 -43.38 1.13 -20.68
N CYS D 706 -44.21 0.52 -19.83
CA CYS D 706 -44.97 1.23 -18.82
C CYS D 706 -44.74 0.62 -17.45
N PRO D 707 -44.87 1.38 -16.34
CA PRO D 707 -44.69 0.84 -15.00
C PRO D 707 -45.85 0.05 -14.40
N VAL D 708 -45.55 -0.90 -13.50
CA VAL D 708 -46.55 -1.70 -12.84
C VAL D 708 -46.34 -1.63 -11.33
N PHE D 709 -47.44 -1.53 -10.58
CA PHE D 709 -47.43 -1.54 -9.12
C PHE D 709 -48.36 -2.65 -8.62
N HIS D 710 -47.81 -3.61 -7.86
CA HIS D 710 -48.60 -4.65 -7.23
C HIS D 710 -48.78 -4.32 -5.76
N VAL D 711 -50.01 -4.35 -5.25
CA VAL D 711 -50.28 -3.91 -3.89
C VAL D 711 -51.22 -4.88 -3.20
N ASN D 712 -50.96 -5.11 -1.90
CA ASN D 712 -51.72 -5.97 -1.02
C ASN D 712 -53.03 -5.31 -0.66
N GLY D 713 -54.13 -6.03 -0.83
CA GLY D 713 -55.45 -5.48 -0.65
C GLY D 713 -55.94 -5.53 0.79
N ASP D 714 -55.08 -5.95 1.72
CA ASP D 714 -55.39 -5.89 3.13
C ASP D 714 -54.50 -4.89 3.86
N ASP D 715 -53.92 -3.92 3.13
CA ASP D 715 -53.18 -2.83 3.75
C ASP D 715 -53.66 -1.51 3.17
N PRO D 716 -54.76 -0.92 3.68
CA PRO D 716 -55.38 0.22 3.04
C PRO D 716 -54.57 1.50 2.87
N GLU D 717 -53.57 1.74 3.71
CA GLU D 717 -52.77 2.94 3.59
C GLU D 717 -51.82 2.86 2.42
N ALA D 718 -51.35 1.66 2.11
CA ALA D 718 -50.50 1.45 0.96
C ALA D 718 -51.29 1.56 -0.33
N VAL D 719 -52.57 1.21 -0.30
CA VAL D 719 -53.41 1.27 -1.48
C VAL D 719 -53.67 2.72 -1.85
N VAL D 720 -53.83 3.58 -0.84
CA VAL D 720 -54.12 4.97 -1.05
C VAL D 720 -52.89 5.69 -1.59
N TRP D 721 -51.70 5.24 -1.21
CA TRP D 721 -50.47 5.83 -1.69
C TRP D 721 -50.24 5.49 -3.16
N VAL D 722 -50.53 4.26 -3.57
CA VAL D 722 -50.29 3.82 -4.93
C VAL D 722 -51.23 4.53 -5.88
N GLY D 723 -52.45 4.82 -5.44
CA GLY D 723 -53.40 5.57 -6.24
C GLY D 723 -52.91 6.98 -6.55
N GLN D 724 -52.32 7.64 -5.56
CA GLN D 724 -51.80 8.98 -5.70
C GLN D 724 -50.59 9.01 -6.63
N LEU D 725 -49.71 8.04 -6.49
CA LEU D 725 -48.46 7.99 -7.22
C LEU D 725 -48.71 7.74 -8.70
N ALA D 726 -49.75 6.98 -9.01
CA ALA D 726 -50.10 6.66 -10.38
C ALA D 726 -50.66 7.87 -11.10
N THR D 727 -51.48 8.65 -10.43
CA THR D 727 -52.12 9.81 -11.02
C THR D 727 -51.11 10.93 -11.24
N GLU D 728 -50.05 10.98 -10.44
CA GLU D 728 -48.98 11.95 -10.62
C GLU D 728 -48.09 11.57 -11.80
N TYR D 729 -47.85 10.28 -11.99
CA TYR D 729 -47.01 9.81 -13.09
C TYR D 729 -47.67 10.11 -14.42
N ARG D 730 -49.00 10.00 -14.48
CA ARG D 730 -49.75 10.24 -15.69
C ARG D 730 -49.65 11.70 -16.10
N ARG D 731 -49.69 12.61 -15.13
CA ARG D 731 -49.75 14.02 -15.41
C ARG D 731 -48.39 14.53 -15.88
N ARG D 732 -47.30 13.90 -15.44
CA ARG D 732 -45.98 14.38 -15.77
C ARG D 732 -45.48 13.82 -17.09
N PHE D 733 -45.79 12.56 -17.40
CA PHE D 733 -45.15 11.88 -18.51
C PHE D 733 -46.12 11.55 -19.64
N GLY D 734 -47.42 11.53 -19.36
CA GLY D 734 -48.42 11.35 -20.41
C GLY D 734 -48.48 9.93 -20.94
N LYS D 735 -48.29 8.93 -20.08
CA LYS D 735 -48.26 7.54 -20.49
C LYS D 735 -49.21 6.72 -19.61
N ASP D 736 -49.40 5.45 -19.98
CA ASP D 736 -50.27 4.54 -19.28
C ASP D 736 -49.57 3.98 -18.04
N VAL D 737 -50.36 3.61 -17.04
CA VAL D 737 -49.87 3.09 -15.78
C VAL D 737 -50.79 1.98 -15.33
N PHE D 738 -50.25 0.92 -14.71
CA PHE D 738 -50.99 -0.28 -14.37
C PHE D 738 -50.89 -0.60 -12.88
N ILE D 739 -52.04 -0.84 -12.24
CA ILE D 739 -52.12 -1.23 -10.84
C ILE D 739 -52.74 -2.63 -10.74
N ASP D 740 -52.09 -3.52 -9.97
CA ASP D 740 -52.57 -4.87 -9.72
C ASP D 740 -52.95 -5.00 -8.25
N LEU D 741 -54.25 -5.08 -7.96
CA LEU D 741 -54.77 -5.15 -6.61
C LEU D 741 -55.04 -6.61 -6.27
N VAL D 742 -54.20 -7.19 -5.40
CA VAL D 742 -54.25 -8.60 -5.08
C VAL D 742 -55.20 -8.82 -3.91
N CYS D 743 -56.23 -9.63 -4.12
CA CYS D 743 -57.31 -9.84 -3.17
C CYS D 743 -57.95 -11.20 -3.39
N TYR D 744 -59.13 -11.46 -2.82
CA TYR D 744 -59.80 -12.73 -3.00
C TYR D 744 -61.29 -12.52 -3.22
N ARG D 745 -62.02 -13.60 -3.53
CA ARG D 745 -63.46 -13.61 -3.72
C ARG D 745 -64.10 -14.46 -2.63
N LEU D 746 -64.93 -13.86 -1.76
CA LEU D 746 -65.40 -14.51 -0.55
C LEU D 746 -66.46 -15.55 -0.86
N ARG D 747 -67.39 -15.24 -1.74
CA ARG D 747 -68.44 -16.15 -2.09
C ARG D 747 -68.11 -16.79 -3.43
N GLY D 748 -69.11 -17.44 -4.06
CA GLY D 748 -68.95 -17.99 -5.39
C GLY D 748 -69.03 -16.91 -6.46
N HIS D 749 -69.04 -17.34 -7.73
CA HIS D 749 -69.05 -16.42 -8.84
C HIS D 749 -70.27 -15.52 -8.72
N ASN D 750 -71.41 -16.15 -8.47
CA ASN D 750 -72.62 -15.45 -8.08
C ASN D 750 -73.02 -16.01 -6.71
N GLU D 751 -74.14 -15.54 -6.17
CA GLU D 751 -74.53 -15.85 -4.81
C GLU D 751 -75.35 -17.14 -4.76
N ALA D 752 -75.36 -17.90 -5.84
CA ALA D 752 -76.11 -19.15 -5.89
C ALA D 752 -75.20 -20.34 -6.16
N ASP D 753 -73.87 -20.14 -6.12
CA ASP D 753 -72.92 -21.14 -6.55
C ASP D 753 -72.06 -21.59 -5.37
N ASP D 754 -71.62 -22.85 -5.38
CA ASP D 754 -70.78 -23.41 -4.33
C ASP D 754 -69.37 -23.64 -4.83
N PRO D 755 -68.37 -22.84 -4.42
CA PRO D 755 -67.02 -22.98 -4.95
C PRO D 755 -66.15 -24.11 -4.44
N SER D 756 -66.66 -24.85 -3.45
CA SER D 756 -65.90 -25.92 -2.83
C SER D 756 -65.89 -27.16 -3.72
N MET D 757 -66.81 -27.25 -4.69
CA MET D 757 -66.89 -28.41 -5.53
C MET D 757 -65.63 -28.53 -6.39
N THR D 758 -65.03 -27.39 -6.75
CA THR D 758 -63.94 -27.39 -7.70
C THR D 758 -62.65 -26.80 -7.13
N GLN D 759 -62.74 -26.00 -6.06
CA GLN D 759 -61.56 -25.45 -5.41
C GLN D 759 -61.63 -25.68 -3.91
N PRO D 760 -61.50 -26.92 -3.41
CA PRO D 760 -61.61 -27.20 -1.98
C PRO D 760 -60.56 -26.59 -1.06
N LYS D 761 -59.30 -26.62 -1.47
CA LYS D 761 -58.21 -26.23 -0.61
C LYS D 761 -58.12 -24.72 -0.48
N MET D 762 -58.48 -24.00 -1.54
CA MET D 762 -58.42 -22.55 -1.54
C MET D 762 -59.50 -21.99 -0.63
N TYR D 763 -60.66 -22.64 -0.55
CA TYR D 763 -61.76 -22.13 0.23
C TYR D 763 -61.72 -22.66 1.67
N GLU D 764 -60.68 -23.41 2.03
CA GLU D 764 -60.37 -23.67 3.43
C GLU D 764 -59.65 -22.48 4.04
N LEU D 765 -58.87 -21.77 3.24
CA LEU D 765 -58.17 -20.59 3.69
C LEU D 765 -59.08 -19.36 3.74
N ILE D 766 -60.18 -19.34 3.00
CA ILE D 766 -60.96 -18.13 2.85
C ILE D 766 -62.07 -18.08 3.87
N THR D 767 -62.74 -19.21 4.10
CA THR D 767 -63.93 -19.23 4.93
C THR D 767 -63.54 -19.02 6.39
N GLY D 768 -64.11 -17.97 6.99
CA GLY D 768 -63.89 -17.67 8.39
C GLY D 768 -62.72 -16.74 8.67
N ARG D 769 -62.30 -15.95 7.68
CA ARG D 769 -61.30 -14.92 7.89
C ARG D 769 -61.95 -13.71 8.54
N GLU D 770 -61.14 -12.76 8.97
CA GLU D 770 -61.65 -11.49 9.43
C GLU D 770 -61.43 -10.46 8.33
N THR D 771 -62.39 -9.56 8.15
CA THR D 771 -62.46 -8.67 7.02
C THR D 771 -61.44 -7.55 7.16
N VAL D 772 -61.27 -6.77 6.09
CA VAL D 772 -60.26 -5.72 6.02
C VAL D 772 -60.67 -4.55 6.88
N ARG D 773 -61.97 -4.35 7.08
CA ARG D 773 -62.46 -3.31 7.94
C ARG D 773 -62.18 -3.63 9.40
N ALA D 774 -62.38 -4.89 9.78
CA ALA D 774 -62.14 -5.35 11.13
C ALA D 774 -60.68 -5.27 11.50
N GLN D 775 -59.80 -5.70 10.60
CA GLN D 775 -58.39 -5.67 10.85
C GLN D 775 -57.89 -4.24 11.03
N TYR D 776 -58.41 -3.31 10.24
CA TYR D 776 -57.90 -1.95 10.25
C TYR D 776 -58.35 -1.23 11.51
N THR D 777 -59.56 -1.51 11.98
CA THR D 777 -60.07 -0.92 13.20
C THR D 777 -59.25 -1.37 14.39
N GLU D 778 -58.82 -2.63 14.38
CA GLU D 778 -58.04 -3.20 15.46
C GLU D 778 -56.66 -2.58 15.49
N ASP D 779 -56.10 -2.28 14.33
CA ASP D 779 -54.78 -1.69 14.23
C ASP D 779 -54.78 -0.25 14.74
N LEU D 780 -55.80 0.54 14.40
CA LEU D 780 -55.87 1.92 14.81
C LEU D 780 -56.11 2.05 16.31
N LEU D 781 -56.93 1.18 16.90
CA LEU D 781 -57.16 1.21 18.35
C LEU D 781 -55.91 0.74 19.09
N GLY D 782 -55.10 -0.08 18.45
CA GLY D 782 -53.87 -0.53 19.08
C GLY D 782 -52.80 0.55 19.15
N ARG D 783 -52.68 1.37 18.10
CA ARG D 783 -51.68 2.41 18.04
C ARG D 783 -52.20 3.70 18.66
N GLY D 784 -53.44 3.68 19.15
CA GLY D 784 -53.98 4.82 19.88
C GLY D 784 -54.38 5.97 18.97
N ASP D 785 -54.76 5.64 17.72
CA ASP D 785 -55.07 6.65 16.71
C ASP D 785 -56.56 6.91 16.62
N LEU D 786 -57.37 6.17 17.40
CA LEU D 786 -58.82 6.29 17.36
C LEU D 786 -59.39 5.80 18.69
N SER D 787 -60.49 6.41 19.15
CA SER D 787 -61.16 5.98 20.37
C SER D 787 -62.26 4.98 20.05
N ASN D 788 -62.83 4.35 21.08
CA ASN D 788 -63.86 3.34 20.87
C ASN D 788 -65.20 3.99 20.56
N GLU D 789 -65.49 5.13 21.19
CA GLU D 789 -66.71 5.85 20.91
C GLU D 789 -66.76 6.24 19.44
N ASP D 790 -65.63 6.73 18.93
CA ASP D 790 -65.54 7.12 17.54
C ASP D 790 -65.79 5.92 16.63
N ALA D 791 -65.15 4.79 16.94
CA ALA D 791 -65.24 3.61 16.13
C ALA D 791 -66.65 3.06 16.07
N GLU D 792 -67.43 3.26 17.12
CA GLU D 792 -68.77 2.71 17.19
C GLU D 792 -69.75 3.63 16.50
N ALA D 793 -69.49 4.93 16.55
CA ALA D 793 -70.34 5.89 15.88
C ALA D 793 -70.30 5.69 14.37
N VAL D 794 -69.11 5.41 13.84
CA VAL D 794 -68.92 5.25 12.41
C VAL D 794 -69.87 4.18 11.88
N VAL D 795 -70.05 3.09 12.62
CA VAL D 795 -70.88 2.00 12.18
C VAL D 795 -72.34 2.34 12.35
N ARG D 796 -72.72 2.89 13.50
CA ARG D 796 -74.11 3.13 13.84
C ARG D 796 -74.73 4.13 12.88
N ASP D 797 -74.02 5.20 12.57
CA ASP D 797 -74.57 6.28 11.78
C ASP D 797 -74.95 5.80 10.38
N PHE D 798 -74.07 5.03 9.74
CA PHE D 798 -74.28 4.62 8.36
C PHE D 798 -75.44 3.63 8.27
N HIS D 799 -75.59 2.78 9.27
CA HIS D 799 -76.67 1.80 9.26
C HIS D 799 -78.01 2.49 9.42
N ASP D 800 -78.06 3.56 10.20
CA ASP D 800 -79.29 4.29 10.42
C ASP D 800 -79.73 4.96 9.13
N GLN D 801 -78.77 5.51 8.39
CA GLN D 801 -79.03 6.18 7.12
C GLN D 801 -79.71 5.22 6.14
N MET D 802 -79.19 4.00 6.04
CA MET D 802 -79.70 3.05 5.06
C MET D 802 -81.07 2.55 5.45
N GLU D 803 -81.30 2.35 6.74
CA GLU D 803 -82.56 1.83 7.23
C GLU D 803 -83.67 2.87 6.97
N SER D 804 -83.33 4.14 7.14
CA SER D 804 -84.27 5.22 6.90
C SER D 804 -84.79 5.20 5.47
N VAL D 805 -83.86 5.17 4.51
CA VAL D 805 -84.18 5.23 3.11
C VAL D 805 -85.02 4.01 2.71
N PHE D 806 -84.67 2.85 3.24
CA PHE D 806 -85.34 1.62 2.87
C PHE D 806 -86.82 1.66 3.26
N ASN D 807 -87.10 2.19 4.44
CA ASN D 807 -88.47 2.25 4.94
C ASN D 807 -89.30 3.19 4.08
N GLU D 808 -88.70 4.30 3.67
CA GLU D 808 -89.36 5.29 2.83
C GLU D 808 -89.75 4.69 1.49
N VAL D 809 -88.92 3.77 0.96
CA VAL D 809 -89.13 3.18 -0.34
C VAL D 809 -90.25 2.15 -0.30
N LYS D 810 -90.48 1.54 0.87
CA LYS D 810 -91.47 0.48 1.01
C LYS D 810 -92.87 1.05 1.26
N GLU D 811 -92.97 2.32 1.65
CA GLU D 811 -94.26 2.97 1.88
C GLU D 811 -95.03 3.02 0.57
N GLY D 812 -94.38 3.52 -0.49
CA GLY D 812 -94.95 3.53 -1.82
C GLY D 812 -95.18 2.11 -2.34
N GLY D 813 -96.36 1.89 -2.92
CA GLY D 813 -96.77 0.57 -3.40
C GLY D 813 -96.04 0.17 -4.69
N LYS D 814 -96.01 -1.14 -4.96
CA LYS D 814 -95.36 -1.67 -6.14
C LYS D 814 -96.34 -1.65 -7.32
N LYS D 815 -95.85 -1.21 -8.49
CA LYS D 815 -96.64 -1.17 -9.71
C LYS D 815 -96.65 -2.57 -10.34
N GLN D 816 -97.59 -2.79 -11.26
CA GLN D 816 -97.72 -4.06 -11.97
C GLN D 816 -97.11 -3.93 -13.36
N ALA D 817 -96.83 -5.08 -13.99
CA ALA D 817 -96.15 -5.12 -15.27
C ALA D 817 -97.04 -4.57 -16.38
N GLU D 818 -96.39 -3.97 -17.39
CA GLU D 818 -97.08 -3.41 -18.54
C GLU D 818 -96.23 -3.66 -19.79
N ALA D 819 -96.91 -3.88 -20.93
CA ALA D 819 -96.23 -4.22 -22.17
C ALA D 819 -95.44 -3.02 -22.69
N GLN D 820 -94.34 -3.31 -23.40
CA GLN D 820 -93.46 -2.30 -23.97
C GLN D 820 -93.80 -2.09 -25.44
N THR D 821 -93.92 -0.83 -25.85
CA THR D 821 -94.60 -0.46 -27.09
C THR D 821 -93.64 -0.45 -28.28
N GLY D 822 -92.44 0.11 -28.11
CA GLY D 822 -91.46 0.21 -29.19
C GLY D 822 -90.92 1.63 -29.32
N ILE D 823 -89.88 1.80 -30.13
CA ILE D 823 -89.17 3.07 -30.21
C ILE D 823 -89.29 3.70 -31.60
N THR D 824 -90.21 3.21 -32.43
CA THR D 824 -90.29 3.64 -33.82
C THR D 824 -90.63 5.12 -33.91
N GLY D 825 -91.56 5.59 -33.07
CA GLY D 825 -92.07 6.95 -33.19
C GLY D 825 -91.54 7.88 -32.10
N SER D 826 -90.43 7.52 -31.46
CA SER D 826 -89.91 8.26 -30.33
C SER D 826 -89.06 9.44 -30.80
N GLN D 827 -88.68 9.47 -32.08
CA GLN D 827 -87.98 10.60 -32.66
C GLN D 827 -88.67 11.03 -33.96
N LYS D 828 -88.60 12.32 -34.27
CA LYS D 828 -89.33 12.89 -35.40
C LYS D 828 -88.48 12.85 -36.66
N LEU D 829 -89.15 12.88 -37.82
CA LEU D 829 -88.50 12.90 -39.13
C LEU D 829 -88.48 14.33 -39.67
N PRO D 830 -87.42 14.74 -40.40
CA PRO D 830 -87.28 16.12 -40.86
C PRO D 830 -88.13 16.42 -42.10
N HIS D 831 -89.39 16.76 -41.88
CA HIS D 831 -90.31 17.03 -42.97
C HIS D 831 -90.05 18.44 -43.52
N GLY D 832 -89.79 18.50 -44.83
CA GLY D 832 -89.68 19.76 -45.54
C GLY D 832 -88.34 20.46 -45.33
N LEU D 833 -87.25 19.69 -45.32
CA LEU D 833 -85.92 20.23 -45.18
C LEU D 833 -85.22 20.20 -46.53
N GLU D 834 -84.56 21.30 -46.90
CA GLU D 834 -83.93 21.44 -48.20
C GLU D 834 -82.42 21.41 -48.04
N THR D 835 -81.74 20.67 -48.92
CA THR D 835 -80.36 20.30 -48.71
C THR D 835 -79.46 20.77 -49.85
N ASN D 836 -79.92 21.75 -50.65
CA ASN D 836 -79.13 22.25 -51.75
C ASN D 836 -78.29 23.42 -51.28
N ILE D 837 -77.14 23.63 -51.94
CA ILE D 837 -76.28 24.77 -51.66
C ILE D 837 -76.42 25.77 -52.79
N SER D 838 -75.86 26.98 -52.60
CA SER D 838 -75.91 28.04 -53.59
C SER D 838 -74.78 27.88 -54.60
N ARG D 839 -74.89 28.59 -55.73
CA ARG D 839 -73.93 28.47 -56.80
C ARG D 839 -72.62 29.12 -56.41
N GLU D 840 -72.68 30.13 -55.54
CA GLU D 840 -71.50 30.81 -55.04
C GLU D 840 -70.70 29.88 -54.14
N GLU D 841 -71.42 29.10 -53.31
CA GLU D 841 -70.79 28.16 -52.39
C GLU D 841 -70.07 27.06 -53.14
N LEU D 842 -70.63 26.62 -54.28
CA LEU D 842 -70.07 25.53 -55.04
C LEU D 842 -68.77 25.95 -55.69
N LEU D 843 -68.69 27.18 -56.18
CA LEU D 843 -67.50 27.67 -56.85
C LEU D 843 -66.37 27.87 -55.86
N GLU D 844 -66.70 28.25 -54.63
CA GLU D 844 -65.69 28.50 -53.63
C GLU D 844 -65.06 27.18 -53.20
N LEU D 845 -65.85 26.12 -53.11
CA LEU D 845 -65.35 24.80 -52.74
C LEU D 845 -64.41 24.30 -53.82
N GLY D 846 -64.75 24.56 -55.08
CA GLY D 846 -63.92 24.18 -56.20
C GLY D 846 -62.55 24.86 -56.18
N GLN D 847 -62.51 26.15 -55.84
CA GLN D 847 -61.30 26.93 -55.87
C GLN D 847 -60.31 26.53 -54.78
N ALA D 848 -60.78 25.85 -53.75
CA ALA D 848 -59.91 25.46 -52.66
C ALA D 848 -58.73 24.63 -53.15
N PHE D 849 -58.89 23.95 -54.27
CA PHE D 849 -57.87 23.07 -54.81
C PHE D 849 -56.93 23.81 -55.75
N ALA D 850 -57.15 25.12 -55.95
CA ALA D 850 -56.24 25.97 -56.71
C ALA D 850 -55.44 26.88 -55.81
N ASN D 851 -55.89 27.11 -54.58
CA ASN D 851 -55.22 28.01 -53.66
C ASN D 851 -54.16 27.25 -52.89
N THR D 852 -53.11 26.83 -53.58
CA THR D 852 -52.03 26.09 -52.97
C THR D 852 -51.17 27.04 -52.16
N PRO D 853 -50.44 26.57 -51.13
CA PRO D 853 -49.46 27.42 -50.45
C PRO D 853 -48.34 27.89 -51.37
N GLU D 854 -47.36 28.60 -50.81
CA GLU D 854 -46.51 29.50 -51.58
C GLU D 854 -45.62 28.74 -52.55
N GLY D 855 -44.82 27.80 -52.08
CA GLY D 855 -44.01 27.05 -53.01
C GLY D 855 -44.33 25.57 -53.04
N PHE D 856 -45.64 25.24 -53.08
CA PHE D 856 -46.13 23.87 -53.08
C PHE D 856 -46.44 23.48 -54.51
N ASN D 857 -46.11 22.25 -54.89
CA ASN D 857 -46.56 21.68 -56.14
C ASN D 857 -47.06 20.26 -55.90
N TYR D 858 -48.04 19.84 -56.72
CA TYR D 858 -48.61 18.53 -56.64
C TYR D 858 -47.72 17.53 -57.36
N HIS D 859 -47.90 16.24 -57.07
CA HIS D 859 -47.24 15.15 -57.73
C HIS D 859 -47.85 15.04 -59.10
N PRO D 860 -47.11 14.63 -60.15
CA PRO D 860 -47.64 14.58 -61.50
C PRO D 860 -48.85 13.70 -61.79
N ARG D 861 -49.15 12.76 -60.91
CA ARG D 861 -50.26 11.86 -61.11
C ARG D 861 -51.47 12.32 -60.28
N VAL D 862 -51.28 13.35 -59.44
CA VAL D 862 -52.32 13.93 -58.62
C VAL D 862 -52.79 15.26 -59.19
N ALA D 863 -51.98 15.88 -60.07
CA ALA D 863 -52.25 17.19 -60.59
C ALA D 863 -53.46 17.21 -61.51
N PRO D 864 -53.66 16.22 -62.38
CA PRO D 864 -54.88 16.14 -63.18
C PRO D 864 -56.20 16.03 -62.41
N VAL D 865 -56.17 15.43 -61.22
CA VAL D 865 -57.34 15.28 -60.39
C VAL D 865 -57.73 16.63 -59.83
N ALA D 866 -56.73 17.41 -59.40
CA ALA D 866 -56.97 18.74 -58.87
C ALA D 866 -57.54 19.67 -59.94
N LYS D 867 -57.05 19.60 -61.17
CA LYS D 867 -57.53 20.49 -62.20
C LYS D 867 -58.98 20.18 -62.52
N LYS D 868 -59.34 18.89 -62.53
CA LYS D 868 -60.67 18.48 -62.90
C LYS D 868 -61.66 18.94 -61.84
N ARG D 869 -61.23 19.01 -60.58
CA ARG D 869 -62.08 19.45 -59.50
C ARG D 869 -62.42 20.94 -59.64
N VAL D 870 -61.48 21.74 -60.14
CA VAL D 870 -61.69 23.16 -60.29
C VAL D 870 -62.57 23.46 -61.49
N SER D 871 -62.51 22.65 -62.54
CA SER D 871 -63.26 22.91 -63.74
C SER D 871 -64.65 22.30 -63.72
N SER D 872 -64.87 21.26 -62.90
CA SER D 872 -66.08 20.46 -62.98
C SER D 872 -67.26 21.19 -62.36
N VAL D 873 -66.99 22.13 -61.46
CA VAL D 873 -68.03 22.86 -60.76
C VAL D 873 -68.65 23.89 -61.67
N THR D 874 -68.23 23.97 -62.93
CA THR D 874 -68.85 24.86 -63.89
C THR D 874 -69.14 24.17 -65.21
N GLU D 875 -68.49 23.05 -65.53
CA GLU D 875 -68.64 22.40 -66.82
C GLU D 875 -69.37 21.07 -66.72
N GLY D 876 -69.26 20.35 -65.60
CA GLY D 876 -69.95 19.10 -65.42
C GLY D 876 -68.98 17.95 -65.15
N GLY D 877 -69.54 16.75 -64.98
CA GLY D 877 -68.76 15.54 -64.84
C GLY D 877 -68.17 15.38 -63.46
N ILE D 878 -69.01 15.46 -62.43
CA ILE D 878 -68.56 15.31 -61.06
C ILE D 878 -68.65 13.84 -60.68
N ASP D 879 -67.57 13.29 -60.13
CA ASP D 879 -67.48 11.87 -59.84
C ASP D 879 -67.85 11.61 -58.38
N TRP D 880 -67.73 10.35 -57.95
CA TRP D 880 -68.22 9.92 -56.66
C TRP D 880 -67.43 10.56 -55.53
N ALA D 881 -66.11 10.50 -55.60
CA ALA D 881 -65.29 10.98 -54.51
C ALA D 881 -65.48 12.46 -54.30
N TRP D 882 -65.66 13.22 -55.37
CA TRP D 882 -65.79 14.66 -55.30
C TRP D 882 -67.14 15.04 -54.73
N GLY D 883 -68.15 14.22 -54.98
CA GLY D 883 -69.46 14.39 -54.37
C GLY D 883 -69.43 14.25 -52.84
N GLU D 884 -68.71 13.25 -52.36
CA GLU D 884 -68.58 13.01 -50.93
C GLU D 884 -67.86 14.17 -50.26
N LEU D 885 -66.76 14.64 -50.85
CA LEU D 885 -65.96 15.69 -50.25
C LEU D 885 -66.71 17.01 -50.28
N LEU D 886 -67.52 17.26 -51.31
CA LEU D 886 -68.33 18.47 -51.37
C LEU D 886 -69.31 18.51 -50.20
N ALA D 887 -69.83 17.36 -49.79
CA ALA D 887 -70.76 17.28 -48.67
C ALA D 887 -70.07 17.59 -47.36
N PHE D 888 -68.93 16.97 -47.10
CA PHE D 888 -68.26 17.16 -45.85
C PHE D 888 -67.70 18.57 -45.75
N GLY D 889 -67.24 19.13 -46.87
CA GLY D 889 -66.72 20.47 -46.88
C GLY D 889 -67.79 21.50 -46.59
N SER D 890 -68.95 21.34 -47.19
CA SER D 890 -70.02 22.28 -46.96
C SER D 890 -70.42 22.32 -45.50
N LEU D 891 -70.43 21.17 -44.83
CA LEU D 891 -70.82 21.09 -43.44
C LEU D 891 -69.75 21.67 -42.54
N ALA D 892 -68.48 21.57 -42.92
CA ALA D 892 -67.42 22.14 -42.12
C ALA D 892 -67.41 23.66 -42.23
N ASN D 893 -67.89 24.19 -43.35
CA ASN D 893 -67.95 25.62 -43.54
C ASN D 893 -68.96 26.25 -42.60
N SER D 894 -70.07 25.55 -42.34
CA SER D 894 -71.12 26.09 -41.52
C SER D 894 -70.72 26.14 -40.06
N GLY D 895 -69.74 25.34 -39.66
CA GLY D 895 -69.13 25.49 -38.35
C GLY D 895 -69.09 24.20 -37.55
N ARG D 896 -69.02 23.05 -38.22
CA ARG D 896 -69.06 21.78 -37.54
C ARG D 896 -67.71 21.08 -37.60
N LEU D 897 -67.49 20.19 -36.63
CA LEU D 897 -66.31 19.35 -36.59
C LEU D 897 -66.62 18.06 -37.32
N VAL D 898 -65.92 17.82 -38.44
CA VAL D 898 -66.06 16.65 -39.27
C VAL D 898 -64.83 15.78 -39.13
N ARG D 899 -65.02 14.49 -38.81
CA ARG D 899 -63.94 13.54 -38.59
C ARG D 899 -64.14 12.32 -39.47
N LEU D 900 -63.12 11.94 -40.24
CA LEU D 900 -63.14 10.77 -41.11
C LEU D 900 -61.93 9.91 -40.81
N ALA D 901 -62.14 8.63 -40.47
CA ALA D 901 -61.08 7.73 -40.07
C ALA D 901 -61.26 6.35 -40.67
N GLY D 902 -60.14 5.67 -40.97
CA GLY D 902 -60.15 4.37 -41.61
C GLY D 902 -58.79 4.00 -42.17
N GLU D 903 -58.66 2.79 -42.72
CA GLU D 903 -57.40 2.30 -43.27
C GLU D 903 -57.16 2.92 -44.65
N ASP D 904 -56.08 3.70 -44.74
CA ASP D 904 -55.65 4.32 -45.98
C ASP D 904 -56.71 5.27 -46.50
N SER D 905 -57.24 6.12 -45.62
CA SER D 905 -58.41 6.90 -45.93
C SER D 905 -58.03 8.31 -46.37
N ARG D 906 -56.78 8.70 -46.22
CA ARG D 906 -56.33 10.01 -46.69
C ARG D 906 -56.14 10.01 -48.20
N ARG D 907 -55.57 8.94 -48.75
CA ARG D 907 -55.41 8.78 -50.19
C ARG D 907 -56.63 8.11 -50.78
N GLY D 908 -57.11 7.06 -50.12
CA GLY D 908 -58.15 6.21 -50.66
C GLY D 908 -57.58 4.86 -51.07
N THR D 909 -58.37 3.79 -50.89
CA THR D 909 -57.95 2.44 -51.21
C THR D 909 -57.84 2.29 -52.71
N PHE D 910 -58.72 2.96 -53.44
CA PHE D 910 -58.77 2.85 -54.88
C PHE D 910 -58.20 4.11 -55.53
N THR D 911 -57.40 4.86 -54.77
CA THR D 911 -56.70 6.04 -55.26
C THR D 911 -57.70 7.05 -55.82
N GLN D 912 -58.68 7.45 -55.01
CA GLN D 912 -59.79 8.23 -55.51
C GLN D 912 -60.04 9.50 -54.73
N ARG D 913 -59.49 9.65 -53.52
CA ARG D 913 -59.96 10.70 -52.62
C ARG D 913 -59.01 11.89 -52.62
N HIS D 914 -57.77 11.68 -52.24
CA HIS D 914 -56.77 12.73 -52.18
C HIS D 914 -57.29 13.91 -51.37
N ALA D 915 -57.51 13.68 -50.07
CA ALA D 915 -57.96 14.70 -49.17
C ALA D 915 -56.78 15.44 -48.58
N VAL D 916 -55.65 14.75 -48.44
CA VAL D 916 -54.40 15.38 -48.13
C VAL D 916 -53.42 15.05 -49.23
N ALA D 917 -52.70 16.07 -49.73
CA ALA D 917 -51.72 15.91 -50.80
C ALA D 917 -50.31 16.15 -50.29
N ILE D 918 -49.31 15.55 -50.93
CA ILE D 918 -47.92 15.62 -50.50
C ILE D 918 -47.05 16.09 -51.67
N ASP D 919 -46.09 16.96 -51.37
CA ASP D 919 -45.16 17.52 -52.36
C ASP D 919 -43.98 16.58 -52.54
N PRO D 920 -43.64 16.14 -53.76
CA PRO D 920 -42.56 15.21 -53.96
C PRO D 920 -41.17 15.69 -53.61
N ALA D 921 -40.98 17.01 -53.59
CA ALA D 921 -39.68 17.59 -53.42
C ALA D 921 -39.37 17.85 -51.96
N THR D 922 -40.37 18.17 -51.15
CA THR D 922 -40.12 18.59 -49.79
C THR D 922 -40.86 17.76 -48.76
N ALA D 923 -41.89 17.01 -49.17
CA ALA D 923 -42.72 16.19 -48.30
C ALA D 923 -43.63 17.02 -47.40
N GLU D 924 -44.05 18.19 -47.87
CA GLU D 924 -45.00 19.05 -47.16
C GLU D 924 -46.42 18.55 -47.44
N GLU D 925 -47.32 18.75 -46.47
CA GLU D 925 -48.69 18.29 -46.56
C GLU D 925 -49.64 19.48 -46.78
N PHE D 926 -50.77 19.23 -47.44
CA PHE D 926 -51.77 20.23 -47.70
C PHE D 926 -53.16 19.63 -47.58
N ASN D 927 -54.05 20.28 -46.82
CA ASN D 927 -55.43 19.88 -46.63
C ASN D 927 -56.35 21.01 -47.04
N PRO D 928 -56.82 21.06 -48.30
CA PRO D 928 -57.58 22.17 -48.80
C PRO D 928 -58.84 22.57 -48.06
N LEU D 929 -59.69 21.59 -47.74
CA LEU D 929 -61.00 21.86 -47.22
C LEU D 929 -60.92 22.30 -45.76
N HIS D 930 -59.85 21.96 -45.04
CA HIS D 930 -59.67 22.44 -43.69
C HIS D 930 -59.27 23.89 -43.69
N GLU D 931 -58.47 24.29 -44.66
CA GLU D 931 -58.02 25.67 -44.79
C GLU D 931 -59.21 26.57 -45.09
N LEU D 932 -60.08 26.16 -46.01
CA LEU D 932 -61.22 26.95 -46.37
C LEU D 932 -62.17 27.10 -45.20
N ALA D 933 -62.30 26.08 -44.37
CA ALA D 933 -63.24 26.12 -43.27
C ALA D 933 -62.76 27.06 -42.19
N GLN D 934 -61.45 27.11 -41.98
CA GLN D 934 -60.89 27.96 -40.94
C GLN D 934 -60.85 29.41 -41.38
N SER D 935 -61.09 29.70 -42.65
CA SER D 935 -61.05 31.06 -43.15
C SER D 935 -62.44 31.63 -43.34
N LYS D 936 -63.44 31.10 -42.64
CA LYS D 936 -64.80 31.58 -42.79
C LYS D 936 -65.37 32.03 -41.46
N GLY D 937 -64.65 31.81 -40.37
CA GLY D 937 -64.96 32.48 -39.12
C GLY D 937 -66.10 31.83 -38.34
N ASN D 938 -66.37 30.55 -38.61
CA ASN D 938 -67.30 29.81 -37.78
C ASN D 938 -66.59 28.71 -37.00
N ASN D 939 -65.28 28.62 -37.13
CA ASN D 939 -64.46 27.68 -36.40
C ASN D 939 -64.81 26.24 -36.73
N GLY D 940 -64.87 25.91 -38.02
CA GLY D 940 -65.13 24.56 -38.47
C GLY D 940 -63.84 23.84 -38.77
N LYS D 941 -63.90 22.51 -38.79
CA LYS D 941 -62.73 21.66 -38.92
C LYS D 941 -63.03 20.46 -39.81
N PHE D 942 -62.06 20.03 -40.63
CA PHE D 942 -62.11 18.79 -41.38
C PHE D 942 -60.85 17.99 -41.06
N LEU D 943 -60.99 16.92 -40.27
CA LEU D 943 -59.91 16.11 -39.77
C LEU D 943 -59.94 14.72 -40.38
N VAL D 944 -58.88 14.31 -41.09
CA VAL D 944 -58.78 13.01 -41.73
C VAL D 944 -57.60 12.25 -41.18
N TYR D 945 -57.79 10.99 -40.77
CA TYR D 945 -56.77 10.19 -40.12
C TYR D 945 -56.68 8.81 -40.74
N ASN D 946 -55.47 8.26 -40.82
CA ASN D 946 -55.18 6.91 -41.22
C ASN D 946 -55.06 6.03 -39.97
N SER D 947 -55.96 5.04 -39.83
CA SER D 947 -56.01 4.20 -38.65
C SER D 947 -54.95 3.12 -38.69
N ALA D 948 -54.75 2.45 -37.55
CA ALA D 948 -53.98 1.22 -37.49
C ALA D 948 -54.81 0.08 -38.05
N LEU D 949 -54.21 -1.10 -38.16
CA LEU D 949 -54.86 -2.22 -38.83
C LEU D 949 -55.71 -2.97 -37.82
N THR D 950 -56.90 -2.42 -37.55
CA THR D 950 -57.85 -2.98 -36.60
C THR D 950 -59.26 -2.63 -37.03
N GLU D 951 -60.21 -3.55 -36.85
CA GLU D 951 -61.60 -3.28 -37.16
C GLU D 951 -62.41 -3.16 -35.87
N TYR D 952 -62.05 -3.91 -34.84
CA TYR D 952 -62.78 -3.94 -33.59
C TYR D 952 -62.51 -2.66 -32.82
N ALA D 953 -61.24 -2.28 -32.69
CA ALA D 953 -60.87 -1.09 -31.95
C ALA D 953 -61.16 0.17 -32.76
N GLY D 954 -61.02 0.10 -34.08
CA GLY D 954 -61.33 1.21 -34.94
C GLY D 954 -62.78 1.66 -34.87
N MET D 955 -63.71 0.74 -35.12
CA MET D 955 -65.11 1.09 -35.18
C MET D 955 -65.59 1.46 -33.79
N GLY D 956 -65.05 0.82 -32.76
CA GLY D 956 -65.44 1.09 -31.41
C GLY D 956 -65.08 2.50 -30.98
N PHE D 957 -63.92 2.98 -31.44
CA PHE D 957 -63.46 4.30 -31.11
C PHE D 957 -64.35 5.36 -31.74
N GLU D 958 -64.83 5.13 -32.95
CA GLU D 958 -65.66 6.11 -33.62
C GLU D 958 -67.05 6.14 -33.02
N TYR D 959 -67.59 4.99 -32.59
CA TYR D 959 -68.87 4.97 -31.93
C TYR D 959 -68.80 5.81 -30.66
N GLY D 960 -67.69 5.71 -29.96
CA GLY D 960 -67.52 6.46 -28.73
C GLY D 960 -67.43 7.96 -28.96
N TYR D 961 -66.84 8.34 -30.08
CA TYR D 961 -66.67 9.75 -30.42
C TYR D 961 -68.03 10.37 -30.65
N SER D 962 -68.95 9.61 -31.22
CA SER D 962 -70.28 10.10 -31.51
C SER D 962 -71.11 10.28 -30.26
N VAL D 963 -70.80 9.53 -29.20
CA VAL D 963 -71.54 9.60 -27.95
C VAL D 963 -71.00 10.74 -27.11
N GLY D 964 -69.70 11.00 -27.21
CA GLY D 964 -69.05 12.04 -26.41
C GLY D 964 -69.27 13.45 -26.95
N ASN D 965 -69.62 13.59 -28.23
CA ASN D 965 -69.95 14.89 -28.80
C ASN D 965 -71.09 14.72 -29.79
N GLU D 966 -72.28 15.13 -29.39
CA GLU D 966 -73.48 14.86 -30.13
C GLU D 966 -73.57 15.73 -31.38
N ASP D 967 -72.74 16.78 -31.47
CA ASP D 967 -72.86 17.77 -32.51
C ASP D 967 -71.80 17.61 -33.60
N SER D 968 -71.02 16.53 -33.54
CA SER D 968 -69.98 16.27 -34.52
C SER D 968 -70.49 15.31 -35.60
N ILE D 969 -69.84 15.33 -36.77
CA ILE D 969 -70.12 14.41 -37.84
C ILE D 969 -68.95 13.44 -37.95
N VAL D 970 -69.19 12.15 -37.68
CA VAL D 970 -68.16 11.13 -37.60
C VAL D 970 -68.46 10.02 -38.61
N ALA D 971 -67.43 9.56 -39.32
CA ALA D 971 -67.55 8.50 -40.30
C ALA D 971 -66.38 7.53 -40.22
N TRP D 972 -66.67 6.22 -40.18
CA TRP D 972 -65.67 5.17 -40.23
C TRP D 972 -65.77 4.44 -41.56
N GLU D 973 -64.62 4.20 -42.18
CA GLU D 973 -64.55 3.57 -43.49
C GLU D 973 -63.79 2.25 -43.38
N ALA D 974 -64.26 1.25 -44.12
CA ALA D 974 -63.63 -0.05 -44.19
C ALA D 974 -62.92 -0.18 -45.52
N GLN D 975 -61.79 -0.90 -45.54
CA GLN D 975 -61.00 -1.06 -46.74
C GLN D 975 -61.81 -1.80 -47.78
N PHE D 976 -62.37 -2.95 -47.37
CA PHE D 976 -63.47 -3.59 -48.08
C PHE D 976 -64.52 -3.93 -47.05
N GLY D 977 -65.78 -4.00 -47.47
CA GLY D 977 -66.88 -4.23 -46.56
C GLY D 977 -66.92 -5.65 -46.00
N ASP D 978 -66.04 -6.51 -46.49
CA ASP D 978 -65.99 -7.90 -46.09
C ASP D 978 -65.20 -8.08 -44.81
N PHE D 979 -64.49 -7.05 -44.39
CA PHE D 979 -63.67 -7.14 -43.20
C PHE D 979 -64.39 -6.58 -41.99
N ALA D 980 -65.67 -6.23 -42.12
CA ALA D 980 -66.42 -5.64 -41.02
C ALA D 980 -66.93 -6.71 -40.05
N ASN D 981 -66.84 -7.99 -40.41
CA ASN D 981 -67.21 -9.05 -39.51
C ASN D 981 -66.20 -9.20 -38.39
N GLY D 982 -65.08 -8.49 -38.47
CA GLY D 982 -64.14 -8.45 -37.38
C GLY D 982 -64.58 -7.49 -36.28
N ALA D 983 -65.64 -6.74 -36.52
CA ALA D 983 -66.19 -5.81 -35.55
C ALA D 983 -67.63 -6.15 -35.23
N GLN D 984 -67.97 -7.44 -35.26
CA GLN D 984 -69.36 -7.86 -35.15
C GLN D 984 -69.92 -7.53 -33.76
N THR D 985 -69.09 -7.65 -32.74
CA THR D 985 -69.50 -7.34 -31.38
C THR D 985 -70.03 -5.92 -31.28
N ILE D 986 -69.30 -4.95 -31.86
CA ILE D 986 -69.69 -3.56 -31.82
C ILE D 986 -70.99 -3.35 -32.59
N ILE D 987 -71.13 -3.96 -33.75
CA ILE D 987 -72.34 -3.80 -34.55
C ILE D 987 -73.55 -4.33 -33.80
N ASP D 988 -73.40 -5.46 -33.10
CA ASP D 988 -74.52 -6.15 -32.50
C ASP D 988 -74.89 -5.58 -31.13
N GLU D 989 -73.90 -5.11 -30.37
CA GLU D 989 -74.11 -4.79 -28.98
C GLU D 989 -74.24 -3.29 -28.75
N TYR D 990 -73.79 -2.45 -29.68
CA TYR D 990 -73.77 -1.01 -29.49
C TYR D 990 -74.54 -0.28 -30.59
N VAL D 991 -74.20 -0.48 -31.85
CA VAL D 991 -74.69 0.34 -32.95
C VAL D 991 -76.14 0.01 -33.23
N SER D 992 -76.47 -1.27 -33.26
CA SER D 992 -77.77 -1.73 -33.69
C SER D 992 -78.81 -1.63 -32.58
N SER D 993 -78.39 -1.63 -31.31
CA SER D 993 -79.30 -1.93 -30.21
C SER D 993 -79.11 -1.07 -28.97
N GLY D 994 -78.33 0.01 -29.05
CA GLY D 994 -78.05 0.82 -27.87
C GLY D 994 -79.22 1.68 -27.42
N GLU D 995 -80.01 2.18 -28.36
CA GLU D 995 -81.13 3.03 -28.04
C GLU D 995 -82.22 2.26 -27.32
N ALA D 996 -82.49 1.04 -27.76
CA ALA D 996 -83.55 0.24 -27.19
C ALA D 996 -83.20 -0.29 -25.81
N LYS D 997 -81.91 -0.43 -25.51
CA LYS D 997 -81.48 -1.00 -24.26
C LYS D 997 -81.24 0.06 -23.20
N TRP D 998 -80.54 1.15 -23.55
CA TRP D 998 -80.10 2.11 -22.56
C TRP D 998 -80.60 3.52 -22.85
N GLY D 999 -81.20 3.77 -24.01
CA GLY D 999 -81.57 5.12 -24.38
C GLY D 999 -80.39 5.98 -24.82
N GLN D 1000 -79.32 5.35 -25.30
CA GLN D 1000 -78.12 6.02 -25.77
C GLN D 1000 -78.20 6.14 -27.28
N THR D 1001 -78.12 7.36 -27.81
CA THR D 1001 -78.31 7.61 -29.22
C THR D 1001 -76.98 7.95 -29.89
N SER D 1002 -76.88 7.66 -31.20
CA SER D 1002 -75.68 7.91 -31.99
C SER D 1002 -76.04 8.25 -33.43
N LYS D 1003 -75.16 8.99 -34.11
CA LYS D 1003 -75.30 9.32 -35.52
C LYS D 1003 -74.05 8.96 -36.31
N LEU D 1004 -73.51 7.76 -36.07
CA LEU D 1004 -72.31 7.30 -36.73
C LEU D 1004 -72.64 6.96 -38.18
N ILE D 1005 -71.68 7.16 -39.09
CA ILE D 1005 -71.81 6.79 -40.48
C ILE D 1005 -70.82 5.68 -40.76
N LEU D 1006 -71.31 4.56 -41.32
CA LEU D 1006 -70.46 3.48 -41.79
C LEU D 1006 -70.42 3.50 -43.31
N LEU D 1007 -69.22 3.60 -43.88
CA LEU D 1007 -68.99 3.57 -45.32
C LEU D 1007 -68.34 2.24 -45.68
N LEU D 1008 -69.10 1.34 -46.35
CA LEU D 1008 -68.70 -0.03 -46.59
C LEU D 1008 -68.69 -0.33 -48.07
N PRO D 1009 -67.53 -0.47 -48.75
CA PRO D 1009 -67.48 -0.83 -50.16
C PRO D 1009 -68.05 -2.18 -50.56
N HIS D 1010 -68.76 -2.24 -51.68
CA HIS D 1010 -69.55 -3.39 -52.06
C HIS D 1010 -69.65 -3.48 -53.57
N GLY D 1011 -69.54 -4.69 -54.14
CA GLY D 1011 -69.76 -4.89 -55.55
C GLY D 1011 -69.16 -6.19 -56.07
N TYR D 1012 -69.86 -6.82 -57.02
CA TYR D 1012 -69.47 -8.09 -57.59
C TYR D 1012 -68.77 -7.85 -58.92
N GLU D 1013 -67.44 -7.96 -58.93
CA GLU D 1013 -66.62 -7.56 -60.06
C GLU D 1013 -65.57 -8.60 -60.44
N GLY D 1014 -65.49 -9.72 -59.75
CA GLY D 1014 -64.60 -10.81 -60.13
C GLY D 1014 -63.30 -10.85 -59.37
N GLN D 1015 -63.23 -10.26 -58.18
CA GLN D 1015 -62.00 -10.23 -57.42
C GLN D 1015 -61.97 -11.29 -56.34
N GLY D 1016 -63.01 -12.11 -56.24
CA GLY D 1016 -62.99 -13.27 -55.36
C GLY D 1016 -63.90 -13.13 -54.16
N PRO D 1017 -64.00 -14.17 -53.31
CA PRO D 1017 -64.94 -14.17 -52.20
C PRO D 1017 -64.69 -13.26 -51.00
N ASP D 1018 -63.50 -12.70 -50.84
CA ASP D 1018 -63.22 -11.82 -49.73
C ASP D 1018 -63.05 -10.39 -50.20
N HIS D 1019 -63.50 -10.08 -51.42
CA HIS D 1019 -63.46 -8.74 -51.95
C HIS D 1019 -64.70 -8.51 -52.80
N SER D 1020 -65.88 -8.86 -52.31
CA SER D 1020 -67.09 -8.78 -53.12
C SER D 1020 -68.35 -8.35 -52.37
N SER D 1021 -68.52 -8.70 -51.08
CA SER D 1021 -69.80 -8.51 -50.43
C SER D 1021 -69.65 -7.99 -49.01
N ALA D 1022 -70.32 -6.87 -48.73
CA ALA D 1022 -70.36 -6.29 -47.40
C ALA D 1022 -71.46 -6.91 -46.53
N ARG D 1023 -72.24 -7.84 -47.09
CA ARG D 1023 -73.22 -8.62 -46.36
C ARG D 1023 -74.43 -7.74 -46.00
N ILE D 1024 -75.23 -7.43 -47.03
CA ILE D 1024 -76.40 -6.58 -46.89
C ILE D 1024 -77.46 -7.32 -46.09
N GLU D 1025 -77.57 -8.63 -46.30
CA GLU D 1025 -78.60 -9.44 -45.67
C GLU D 1025 -78.46 -9.41 -44.15
N ARG D 1026 -77.24 -9.35 -43.65
CA ARG D 1026 -77.01 -9.37 -42.23
C ARG D 1026 -77.47 -8.07 -41.59
N PHE D 1027 -77.23 -6.94 -42.25
CA PHE D 1027 -77.62 -5.64 -41.73
C PHE D 1027 -79.14 -5.49 -41.76
N LEU D 1028 -79.81 -6.06 -42.75
CA LEU D 1028 -81.23 -5.92 -42.83
C LEU D 1028 -81.95 -6.84 -41.84
N GLN D 1029 -81.28 -7.87 -41.32
CA GLN D 1029 -81.84 -8.67 -40.24
C GLN D 1029 -81.91 -7.85 -38.96
N LEU D 1030 -80.86 -7.09 -38.66
CA LEU D 1030 -80.74 -6.35 -37.43
C LEU D 1030 -81.72 -5.18 -37.37
N CYS D 1031 -82.33 -4.79 -38.48
CA CYS D 1031 -83.20 -3.63 -38.52
C CYS D 1031 -84.62 -3.97 -38.08
N ALA D 1032 -85.14 -3.17 -37.14
CA ALA D 1032 -86.53 -3.24 -36.71
C ALA D 1032 -86.81 -2.00 -35.87
N GLU D 1033 -88.07 -1.54 -35.88
CA GLU D 1033 -88.50 -0.40 -35.09
C GLU D 1033 -87.85 0.89 -35.58
N GLY D 1034 -87.46 0.93 -36.85
CA GLY D 1034 -86.72 2.06 -37.38
C GLY D 1034 -85.44 2.37 -36.63
N SER D 1035 -84.58 1.38 -36.44
CA SER D 1035 -83.41 1.51 -35.60
C SER D 1035 -82.28 2.22 -36.32
N MET D 1036 -82.07 1.91 -37.62
CA MET D 1036 -81.08 2.62 -38.42
C MET D 1036 -81.49 2.67 -39.88
N THR D 1037 -80.81 3.54 -40.64
CA THR D 1037 -81.05 3.78 -42.06
C THR D 1037 -80.00 3.06 -42.91
N VAL D 1038 -80.45 2.34 -43.95
CA VAL D 1038 -79.58 1.57 -44.83
C VAL D 1038 -79.84 1.99 -46.28
N ALA D 1039 -78.77 2.28 -47.04
CA ALA D 1039 -78.89 2.86 -48.37
C ALA D 1039 -77.78 2.38 -49.31
N GLN D 1040 -78.06 2.44 -50.61
CA GLN D 1040 -77.11 2.11 -51.66
C GLN D 1040 -77.33 3.01 -52.86
N PRO D 1041 -76.82 4.26 -52.86
CA PRO D 1041 -77.10 5.21 -53.94
C PRO D 1041 -76.35 4.96 -55.24
N SER D 1042 -76.83 5.56 -56.33
CA SER D 1042 -76.33 5.27 -57.67
C SER D 1042 -75.75 6.50 -58.39
N THR D 1043 -75.78 7.68 -57.78
CA THR D 1043 -75.24 8.88 -58.40
C THR D 1043 -74.57 9.72 -57.35
N PRO D 1044 -73.47 10.43 -57.65
CA PRO D 1044 -72.83 11.31 -56.68
C PRO D 1044 -73.69 12.36 -56.00
N ALA D 1045 -74.60 12.96 -56.75
CA ALA D 1045 -75.47 13.97 -56.21
C ALA D 1045 -76.39 13.40 -55.14
N ASN D 1046 -76.82 12.15 -55.31
CA ASN D 1046 -77.76 11.55 -54.40
C ASN D 1046 -77.04 11.17 -53.12
N HIS D 1047 -75.76 10.86 -53.21
CA HIS D 1047 -74.94 10.58 -52.05
C HIS D 1047 -74.75 11.84 -51.24
N PHE D 1048 -74.61 12.97 -51.94
CA PHE D 1048 -74.44 14.29 -51.34
C PHE D 1048 -75.66 14.64 -50.51
N HIS D 1049 -76.83 14.44 -51.07
CA HIS D 1049 -78.06 14.84 -50.43
C HIS D 1049 -78.36 13.96 -49.23
N LEU D 1050 -78.01 12.67 -49.30
CA LEU D 1050 -78.23 11.74 -48.20
C LEU D 1050 -77.40 12.13 -46.99
N LEU D 1051 -76.13 12.46 -47.20
CA LEU D 1051 -75.25 12.82 -46.11
C LEU D 1051 -75.70 14.12 -45.44
N ARG D 1052 -76.20 15.08 -46.23
CA ARG D 1052 -76.58 16.37 -45.69
C ARG D 1052 -77.91 16.28 -44.96
N ARG D 1053 -78.81 15.40 -45.38
CA ARG D 1053 -80.06 15.23 -44.67
C ARG D 1053 -79.81 14.66 -43.28
N HIS D 1054 -78.86 13.75 -43.18
CA HIS D 1054 -78.54 13.09 -41.93
C HIS D 1054 -77.95 14.10 -40.96
N ALA D 1055 -77.11 15.00 -41.45
CA ALA D 1055 -76.38 15.90 -40.58
C ALA D 1055 -77.25 17.06 -40.10
N LEU D 1056 -78.24 17.46 -40.88
CA LEU D 1056 -79.04 18.63 -40.55
C LEU D 1056 -80.36 18.26 -39.89
N SER D 1057 -80.69 16.98 -39.76
CA SER D 1057 -81.95 16.57 -39.16
C SER D 1057 -81.81 16.47 -37.65
N ASP D 1058 -82.91 16.06 -36.99
CA ASP D 1058 -82.93 15.87 -35.55
C ASP D 1058 -83.27 14.42 -35.22
N LEU D 1059 -82.97 13.50 -36.15
CA LEU D 1059 -83.17 12.08 -35.97
C LEU D 1059 -81.83 11.46 -35.64
N LYS D 1060 -81.65 11.05 -34.39
CA LYS D 1060 -80.35 10.63 -33.89
C LYS D 1060 -80.24 9.12 -33.95
N ARG D 1061 -80.05 8.59 -35.17
CA ARG D 1061 -79.89 7.17 -35.40
C ARG D 1061 -78.80 6.96 -36.44
N PRO D 1062 -78.11 5.80 -36.46
CA PRO D 1062 -77.03 5.57 -37.41
C PRO D 1062 -77.39 5.44 -38.88
N LEU D 1063 -76.38 5.53 -39.75
CA LEU D 1063 -76.53 5.48 -41.20
C LEU D 1063 -75.47 4.55 -41.77
N VAL D 1064 -75.92 3.54 -42.55
CA VAL D 1064 -75.06 2.56 -43.18
C VAL D 1064 -75.20 2.71 -44.69
N ILE D 1065 -74.09 3.04 -45.38
CA ILE D 1065 -74.07 3.26 -46.81
C ILE D 1065 -73.17 2.20 -47.46
N PHE D 1066 -73.61 1.68 -48.62
CA PHE D 1066 -72.86 0.71 -49.39
C PHE D 1066 -72.29 1.40 -50.62
N THR D 1067 -70.96 1.59 -50.63
CA THR D 1067 -70.28 2.48 -51.56
C THR D 1067 -69.66 1.68 -52.68
N PRO D 1068 -69.44 2.26 -53.89
CA PRO D 1068 -68.91 1.52 -55.03
C PRO D 1068 -67.40 1.41 -55.17
N LYS D 1069 -66.96 0.58 -56.13
CA LYS D 1069 -65.55 0.31 -56.39
C LYS D 1069 -65.17 0.60 -57.84
N SER D 1070 -65.98 0.14 -58.78
CA SER D 1070 -65.72 0.34 -60.19
C SER D 1070 -66.51 1.51 -60.75
N MET D 1071 -67.64 1.80 -60.13
CA MET D 1071 -68.51 2.88 -60.54
C MET D 1071 -67.88 4.22 -60.18
N LEU D 1072 -66.81 4.20 -59.39
CA LEU D 1072 -66.06 5.38 -59.04
C LEU D 1072 -65.58 6.11 -60.28
N ARG D 1073 -65.32 5.39 -61.38
CA ARG D 1073 -64.74 5.98 -62.57
C ARG D 1073 -65.57 5.68 -63.81
N ASN D 1074 -66.89 5.51 -63.65
CA ASN D 1074 -67.79 5.29 -64.76
C ASN D 1074 -68.36 6.63 -65.19
N LYS D 1075 -68.34 6.91 -66.48
CA LYS D 1075 -68.66 8.23 -66.97
C LYS D 1075 -70.15 8.39 -67.18
N ALA D 1076 -70.91 7.31 -67.11
CA ALA D 1076 -72.34 7.40 -67.20
C ALA D 1076 -72.97 7.73 -65.87
N ALA D 1077 -72.17 7.72 -64.80
CA ALA D 1077 -72.68 7.91 -63.46
C ALA D 1077 -72.35 9.31 -62.93
N ALA D 1078 -71.68 10.14 -63.71
CA ALA D 1078 -71.27 11.46 -63.24
C ALA D 1078 -72.46 12.41 -63.21
N SER D 1079 -72.33 13.51 -62.45
CA SER D 1079 -73.42 14.43 -62.17
C SER D 1079 -73.09 15.84 -62.65
N ALA D 1080 -74.15 16.63 -62.90
CA ALA D 1080 -74.05 18.01 -63.35
C ALA D 1080 -74.22 18.96 -62.19
N PRO D 1081 -73.75 20.22 -62.26
CA PRO D 1081 -73.86 21.16 -61.16
C PRO D 1081 -75.27 21.52 -60.68
N GLU D 1082 -76.23 21.47 -61.58
CA GLU D 1082 -77.61 21.77 -61.26
C GLU D 1082 -78.17 20.76 -60.26
N ASP D 1083 -77.58 19.56 -60.21
CA ASP D 1083 -78.05 18.52 -59.32
C ASP D 1083 -77.64 18.78 -57.88
N PHE D 1084 -76.70 19.70 -57.66
CA PHE D 1084 -76.30 20.09 -56.33
C PHE D 1084 -76.90 21.42 -55.90
N THR D 1085 -77.48 22.20 -56.83
CA THR D 1085 -77.91 23.55 -56.53
C THR D 1085 -79.36 23.84 -56.90
N GLU D 1086 -80.02 23.00 -57.69
CA GLU D 1086 -81.41 23.25 -58.05
C GLU D 1086 -82.33 22.13 -57.58
N VAL D 1087 -81.83 20.89 -57.48
CA VAL D 1087 -82.58 19.79 -56.90
C VAL D 1087 -82.47 19.91 -55.38
N THR D 1088 -83.61 19.83 -54.69
CA THR D 1088 -83.69 20.26 -53.30
C THR D 1088 -83.55 19.11 -52.30
N LYS D 1089 -83.96 17.89 -52.68
CA LYS D 1089 -84.08 16.79 -51.73
C LYS D 1089 -83.43 15.51 -52.25
N PHE D 1090 -83.22 14.55 -51.35
CA PHE D 1090 -82.75 13.21 -51.65
C PHE D 1090 -83.88 12.36 -52.20
N GLN D 1091 -83.59 11.54 -53.19
CA GLN D 1091 -84.58 10.69 -53.82
C GLN D 1091 -84.39 9.25 -53.37
N SER D 1092 -85.49 8.59 -53.01
CA SER D 1092 -85.46 7.23 -52.50
C SER D 1092 -85.78 6.23 -53.59
N VAL D 1093 -86.53 6.65 -54.60
CA VAL D 1093 -86.80 5.86 -55.78
C VAL D 1093 -86.58 6.75 -56.99
N ILE D 1094 -85.80 6.29 -57.97
CA ILE D 1094 -85.56 7.02 -59.21
C ILE D 1094 -86.21 6.25 -60.34
N ASN D 1095 -87.16 6.88 -61.03
CA ASN D 1095 -87.91 6.25 -62.09
C ASN D 1095 -87.08 6.32 -63.36
N ASP D 1096 -87.47 5.53 -64.39
CA ASP D 1096 -86.66 5.35 -65.59
C ASP D 1096 -86.67 6.63 -66.40
N PRO D 1097 -85.50 7.21 -66.73
CA PRO D 1097 -85.44 8.40 -67.58
C PRO D 1097 -85.43 8.21 -69.09
N ASN D 1098 -85.62 6.98 -69.57
CA ASN D 1098 -85.59 6.71 -71.00
C ASN D 1098 -86.83 5.92 -71.39
N VAL D 1099 -88.01 6.42 -71.02
CA VAL D 1099 -89.26 5.82 -71.46
C VAL D 1099 -89.98 6.79 -72.37
N ALA D 1100 -90.13 6.39 -73.64
CA ALA D 1100 -90.78 7.21 -74.64
C ALA D 1100 -92.27 7.29 -74.37
N ASP D 1101 -92.92 6.12 -74.30
CA ASP D 1101 -94.36 6.05 -74.07
C ASP D 1101 -94.62 5.04 -72.96
N ALA D 1102 -95.41 5.46 -71.98
CA ALA D 1102 -95.58 4.70 -70.75
C ALA D 1102 -96.71 3.70 -70.89
N ALA D 1103 -97.50 3.80 -71.97
CA ALA D 1103 -98.63 2.94 -72.16
C ALA D 1103 -98.22 1.66 -72.89
N LYS D 1104 -96.95 1.57 -73.28
CA LYS D 1104 -96.47 0.41 -74.02
C LYS D 1104 -95.59 -0.48 -73.14
N VAL D 1105 -95.48 -0.16 -71.85
CA VAL D 1105 -94.64 -0.93 -70.94
C VAL D 1105 -95.43 -2.13 -70.46
N LYS D 1106 -94.78 -3.30 -70.42
CA LYS D 1106 -95.40 -4.53 -69.97
C LYS D 1106 -94.51 -5.32 -68.99
N LYS D 1107 -93.34 -4.79 -68.66
CA LYS D 1107 -92.50 -5.36 -67.62
C LYS D 1107 -91.79 -4.24 -66.86
N VAL D 1108 -91.76 -4.36 -65.54
CA VAL D 1108 -91.03 -3.45 -64.68
C VAL D 1108 -89.94 -4.23 -63.96
N MET D 1109 -88.71 -3.72 -63.98
CA MET D 1109 -87.59 -4.29 -63.26
C MET D 1109 -87.24 -3.40 -62.09
N LEU D 1110 -87.00 -3.98 -60.90
CA LEU D 1110 -86.52 -3.26 -59.75
C LEU D 1110 -85.08 -3.67 -59.49
N VAL D 1111 -84.21 -2.70 -59.22
CA VAL D 1111 -82.79 -2.92 -59.09
C VAL D 1111 -82.24 -1.97 -58.03
N SER D 1112 -81.07 -2.28 -57.47
CA SER D 1112 -80.37 -1.39 -56.56
C SER D 1112 -78.88 -1.47 -56.81
N GLY D 1113 -78.23 -0.32 -57.05
CA GLY D 1113 -76.78 -0.24 -57.13
C GLY D 1113 -76.27 -0.16 -58.57
N LYS D 1114 -75.14 -0.81 -58.82
CA LYS D 1114 -74.38 -0.62 -60.06
C LYS D 1114 -74.86 -1.49 -61.20
N LEU D 1115 -75.76 -2.44 -60.96
CA LEU D 1115 -76.22 -3.30 -62.02
C LEU D 1115 -77.20 -2.54 -62.90
N TYR D 1116 -77.60 -1.33 -62.49
CA TYR D 1116 -78.48 -0.51 -63.30
C TYR D 1116 -77.82 -0.22 -64.64
N TYR D 1117 -76.53 0.11 -64.60
CA TYR D 1117 -75.86 0.67 -65.75
C TYR D 1117 -75.60 -0.40 -66.81
N GLU D 1118 -75.73 -1.67 -66.45
CA GLU D 1118 -75.61 -2.76 -67.41
C GLU D 1118 -76.95 -3.02 -68.07
N LEU D 1119 -78.02 -3.02 -67.28
CA LEU D 1119 -79.34 -3.29 -67.79
C LEU D 1119 -79.74 -2.17 -68.75
N ALA D 1120 -79.40 -0.92 -68.41
CA ALA D 1120 -79.75 0.23 -69.20
C ALA D 1120 -79.08 0.17 -70.57
N LYS D 1121 -77.81 -0.24 -70.55
CA LYS D 1121 -76.99 -0.40 -71.74
C LYS D 1121 -77.66 -1.35 -72.71
N ARG D 1122 -78.13 -2.48 -72.19
CA ARG D 1122 -78.68 -3.54 -73.01
C ARG D 1122 -80.02 -3.13 -73.57
N LYS D 1123 -80.79 -2.37 -72.81
CA LYS D 1123 -82.10 -1.91 -73.23
C LYS D 1123 -81.98 -1.01 -74.45
N GLU D 1124 -80.94 -0.18 -74.46
CA GLU D 1124 -80.69 0.76 -75.54
C GLU D 1124 -80.27 0.01 -76.80
N LYS D 1125 -79.43 -1.01 -76.62
CA LYS D 1125 -78.84 -1.74 -77.72
C LYS D 1125 -79.90 -2.56 -78.45
N ASP D 1126 -80.83 -3.16 -77.72
CA ASP D 1126 -81.80 -4.05 -78.30
C ASP D 1126 -83.10 -3.32 -78.64
N GLY D 1127 -83.24 -2.08 -78.17
CA GLY D 1127 -84.38 -1.27 -78.55
C GLY D 1127 -85.68 -1.78 -77.95
N ARG D 1128 -85.68 -2.00 -76.64
CA ARG D 1128 -86.84 -2.52 -75.95
C ARG D 1128 -87.63 -1.35 -75.37
N ASP D 1129 -88.88 -1.20 -75.81
CA ASP D 1129 -89.75 -0.13 -75.35
C ASP D 1129 -90.86 -0.70 -74.48
N ASP D 1130 -90.76 -1.98 -74.14
CA ASP D 1130 -91.76 -2.64 -73.32
C ASP D 1130 -91.18 -2.90 -71.92
N ILE D 1131 -90.02 -2.31 -71.61
CA ILE D 1131 -89.39 -2.49 -70.31
C ILE D 1131 -89.17 -1.13 -69.67
N ALA D 1132 -89.23 -1.10 -68.33
CA ALA D 1132 -88.89 0.07 -67.53
C ALA D 1132 -88.06 -0.34 -66.31
N ILE D 1133 -86.89 0.28 -66.11
CA ILE D 1133 -86.03 -0.04 -64.99
C ILE D 1133 -86.17 1.02 -63.91
N VAL D 1134 -86.51 0.60 -62.68
CA VAL D 1134 -86.74 1.49 -61.54
C VAL D 1134 -85.75 1.15 -60.43
N ARG D 1135 -85.11 2.17 -59.84
CA ARG D 1135 -84.05 2.01 -58.87
C ARG D 1135 -84.55 2.28 -57.46
N ILE D 1136 -84.01 1.54 -56.48
CA ILE D 1136 -84.30 1.73 -55.08
C ILE D 1136 -83.02 2.13 -54.38
N GLU D 1137 -82.99 3.32 -53.81
CA GLU D 1137 -81.80 3.93 -53.27
C GLU D 1137 -81.72 3.75 -51.76
N MET D 1138 -82.88 3.83 -51.09
CA MET D 1138 -82.98 3.58 -49.66
C MET D 1138 -83.65 2.22 -49.46
N LEU D 1139 -82.95 1.32 -48.75
CA LEU D 1139 -83.39 -0.06 -48.57
C LEU D 1139 -84.22 -0.20 -47.31
N HIS D 1140 -83.77 0.41 -46.20
CA HIS D 1140 -84.53 0.44 -44.97
C HIS D 1140 -84.53 1.86 -44.42
N PRO D 1141 -85.69 2.48 -44.08
CA PRO D 1141 -87.01 1.92 -44.28
C PRO D 1141 -87.44 1.73 -45.71
N ILE D 1142 -88.48 0.94 -45.93
CA ILE D 1142 -88.96 0.64 -47.27
C ILE D 1142 -89.80 1.81 -47.73
N PRO D 1143 -89.47 2.46 -48.85
CA PRO D 1143 -90.29 3.53 -49.39
C PRO D 1143 -91.42 2.97 -50.24
N PHE D 1144 -92.47 2.50 -49.58
CA PHE D 1144 -93.49 1.75 -50.27
C PHE D 1144 -94.48 2.65 -50.97
N ASN D 1145 -94.59 3.91 -50.52
CA ASN D 1145 -95.49 4.86 -51.17
C ASN D 1145 -94.94 5.26 -52.52
N ARG D 1146 -93.61 5.43 -52.61
CA ARG D 1146 -92.97 5.82 -53.84
C ARG D 1146 -92.98 4.67 -54.85
N ILE D 1147 -92.73 3.45 -54.38
CA ILE D 1147 -92.73 2.30 -55.25
C ILE D 1147 -94.13 2.10 -55.81
N SER D 1148 -95.14 2.33 -54.99
CA SER D 1148 -96.52 2.19 -55.43
C SER D 1148 -96.85 3.22 -56.50
N GLU D 1149 -96.37 4.45 -56.31
CA GLU D 1149 -96.62 5.56 -57.21
C GLU D 1149 -95.99 5.26 -58.57
N ALA D 1150 -94.78 4.71 -58.56
CA ALA D 1150 -94.04 4.40 -59.78
C ALA D 1150 -94.73 3.30 -60.57
N LEU D 1151 -95.16 2.24 -59.88
CA LEU D 1151 -95.82 1.12 -60.53
C LEU D 1151 -97.16 1.56 -61.12
N ALA D 1152 -97.81 2.53 -60.48
CA ALA D 1152 -99.12 2.98 -60.92
C ALA D 1152 -99.01 3.78 -62.22
N GLY D 1153 -97.82 4.32 -62.49
CA GLY D 1153 -97.58 5.10 -63.69
C GLY D 1153 -97.50 4.24 -64.95
N TYR D 1154 -97.41 2.92 -64.78
CA TYR D 1154 -97.39 2.00 -65.90
C TYR D 1154 -98.62 1.10 -65.82
N PRO D 1155 -99.77 1.49 -66.38
CA PRO D 1155 -101.03 0.79 -66.13
C PRO D 1155 -101.25 -0.53 -66.85
N ASN D 1156 -100.38 -0.90 -67.79
CA ASN D 1156 -100.55 -2.12 -68.56
C ASN D 1156 -99.46 -3.12 -68.23
N ALA D 1157 -98.85 -2.98 -67.05
CA ALA D 1157 -97.80 -3.90 -66.61
C ALA D 1157 -98.41 -5.22 -66.15
N GLU D 1158 -97.74 -6.31 -66.49
CA GLU D 1158 -98.20 -7.65 -66.18
C GLU D 1158 -97.23 -8.37 -65.25
N GLU D 1159 -95.95 -7.99 -65.30
CA GLU D 1159 -94.91 -8.63 -64.52
C GLU D 1159 -94.10 -7.60 -63.73
N VAL D 1160 -93.54 -8.05 -62.61
CA VAL D 1160 -92.53 -7.30 -61.87
C VAL D 1160 -91.38 -8.24 -61.59
N LEU D 1161 -90.16 -7.82 -61.91
CA LEU D 1161 -88.96 -8.61 -61.72
C LEU D 1161 -88.08 -7.93 -60.69
N PHE D 1162 -87.47 -8.69 -59.79
CA PHE D 1162 -86.49 -8.17 -58.86
C PHE D 1162 -85.14 -8.72 -59.25
N VAL D 1163 -84.19 -7.84 -59.62
CA VAL D 1163 -82.94 -8.25 -60.22
C VAL D 1163 -81.80 -7.86 -59.29
N GLN D 1164 -80.94 -8.81 -58.92
CA GLN D 1164 -79.76 -8.53 -58.12
C GLN D 1164 -78.60 -9.38 -58.57
N ASP D 1165 -77.38 -8.94 -58.21
CA ASP D 1165 -76.16 -9.64 -58.55
C ASP D 1165 -75.82 -10.71 -57.52
N GLU D 1166 -76.29 -10.57 -56.29
CA GLU D 1166 -75.85 -11.45 -55.22
C GLU D 1166 -76.55 -12.78 -55.34
N PRO D 1167 -76.00 -13.87 -54.76
CA PRO D 1167 -76.72 -15.15 -54.65
C PRO D 1167 -78.07 -15.03 -53.99
N ALA D 1168 -78.92 -16.04 -54.19
CA ALA D 1168 -80.32 -15.95 -53.83
C ALA D 1168 -80.56 -15.93 -52.32
N ASN D 1169 -79.57 -16.35 -51.53
CA ASN D 1169 -79.68 -16.35 -50.10
C ASN D 1169 -78.94 -15.16 -49.51
N GLN D 1170 -78.55 -14.21 -50.35
CA GLN D 1170 -77.83 -13.03 -49.94
C GLN D 1170 -78.43 -11.82 -50.66
N GLY D 1171 -77.96 -10.62 -50.32
CA GLY D 1171 -78.43 -9.40 -50.93
C GLY D 1171 -79.77 -8.97 -50.36
N PRO D 1172 -80.45 -7.97 -50.94
CA PRO D 1172 -81.76 -7.54 -50.46
C PRO D 1172 -83.02 -8.36 -50.75
N TRP D 1173 -82.93 -9.49 -51.44
CA TRP D 1173 -84.11 -10.21 -51.86
C TRP D 1173 -84.85 -10.84 -50.69
N PRO D 1174 -84.18 -11.53 -49.75
CA PRO D 1174 -84.89 -12.15 -48.63
C PRO D 1174 -85.78 -11.21 -47.82
N PHE D 1175 -85.29 -9.98 -47.62
CA PHE D 1175 -86.00 -8.96 -46.86
C PHE D 1175 -87.23 -8.47 -47.63
N TYR D 1176 -87.07 -8.29 -48.94
CA TYR D 1176 -88.10 -7.67 -49.75
C TYR D 1176 -89.21 -8.65 -50.09
N GLN D 1177 -88.89 -9.94 -50.25
CA GLN D 1177 -89.90 -10.91 -50.63
C GLN D 1177 -90.85 -11.15 -49.46
N GLU D 1178 -90.39 -10.88 -48.25
CA GLU D 1178 -91.20 -11.06 -47.05
C GLU D 1178 -92.13 -9.87 -46.83
N HIS D 1179 -91.61 -8.65 -47.00
CA HIS D 1179 -92.25 -7.45 -46.50
C HIS D 1179 -93.03 -6.68 -47.55
N LEU D 1180 -92.62 -6.71 -48.82
CA LEU D 1180 -93.15 -5.77 -49.80
C LEU D 1180 -94.56 -6.16 -50.23
N PRO D 1181 -94.89 -7.45 -50.46
CA PRO D 1181 -96.25 -7.83 -50.81
C PRO D 1181 -97.37 -7.43 -49.85
N GLU D 1182 -97.05 -7.37 -48.55
CA GLU D 1182 -97.99 -6.93 -47.54
C GLU D 1182 -98.28 -5.44 -47.70
N LEU D 1183 -97.23 -4.65 -47.97
CA LEU D 1183 -97.33 -3.20 -47.99
C LEU D 1183 -97.96 -2.69 -49.29
N ILE D 1184 -97.86 -3.46 -50.38
CA ILE D 1184 -98.48 -3.09 -51.64
C ILE D 1184 -99.36 -4.24 -52.09
N PRO D 1185 -100.60 -4.35 -51.59
CA PRO D 1185 -101.48 -5.49 -51.91
C PRO D 1185 -101.82 -5.77 -53.37
N ASN D 1186 -101.87 -4.73 -54.21
CA ASN D 1186 -102.38 -4.87 -55.57
C ASN D 1186 -101.27 -5.15 -56.56
N MET D 1187 -100.03 -5.33 -56.09
CA MET D 1187 -98.87 -5.54 -56.94
C MET D 1187 -98.92 -6.97 -57.48
N PRO D 1188 -98.50 -7.23 -58.74
CA PRO D 1188 -98.33 -8.60 -59.23
C PRO D 1188 -97.29 -9.38 -58.46
N LYS D 1189 -97.30 -10.71 -58.59
CA LYS D 1189 -96.33 -11.56 -57.91
C LYS D 1189 -94.94 -11.27 -58.47
N MET D 1190 -93.96 -11.13 -57.58
CA MET D 1190 -92.60 -10.80 -57.96
C MET D 1190 -91.90 -12.06 -58.44
N ARG D 1191 -90.88 -11.88 -59.27
CA ARG D 1191 -90.06 -12.97 -59.80
C ARG D 1191 -88.60 -12.61 -59.63
N ARG D 1192 -87.83 -13.50 -59.03
CA ARG D 1192 -86.43 -13.25 -58.74
C ARG D 1192 -85.59 -13.54 -59.97
N VAL D 1193 -84.58 -12.71 -60.20
CA VAL D 1193 -83.52 -13.00 -61.15
C VAL D 1193 -82.20 -12.68 -60.49
N SER D 1194 -81.40 -13.70 -60.22
CA SER D 1194 -80.15 -13.56 -59.49
C SER D 1194 -79.23 -14.73 -59.77
N ARG D 1195 -78.07 -14.74 -59.11
CA ARG D 1195 -77.20 -15.88 -59.07
C ARG D 1195 -77.78 -16.95 -58.14
N ARG D 1196 -77.36 -18.22 -58.30
CA ARG D 1196 -77.85 -19.31 -57.48
C ARG D 1196 -77.32 -19.19 -56.07
N ALA D 1197 -77.98 -19.88 -55.12
CA ALA D 1197 -77.59 -19.85 -53.72
C ALA D 1197 -76.26 -20.57 -53.51
N GLN D 1198 -75.44 -20.05 -52.59
CA GLN D 1198 -74.08 -20.50 -52.42
C GLN D 1198 -73.69 -20.47 -50.95
N SER D 1199 -72.71 -21.30 -50.60
CA SER D 1199 -72.17 -21.35 -49.26
C SER D 1199 -71.15 -20.25 -49.06
N SER D 1200 -70.37 -19.94 -50.10
CA SER D 1200 -69.47 -18.82 -50.10
C SER D 1200 -70.13 -17.62 -50.74
N THR D 1201 -69.41 -16.51 -50.79
CA THR D 1201 -69.92 -15.23 -51.26
C THR D 1201 -69.89 -15.16 -52.79
N ALA D 1202 -68.79 -15.59 -53.40
CA ALA D 1202 -68.61 -15.50 -54.84
C ALA D 1202 -67.56 -16.49 -55.30
N THR D 1203 -67.45 -16.67 -56.62
CA THR D 1203 -66.49 -17.57 -57.23
C THR D 1203 -65.08 -17.03 -57.12
N GLY D 1204 -64.10 -17.88 -57.34
CA GLY D 1204 -62.70 -17.50 -57.27
C GLY D 1204 -62.06 -17.43 -58.66
N VAL D 1205 -62.77 -17.90 -59.68
CA VAL D 1205 -62.32 -17.89 -61.06
C VAL D 1205 -62.98 -16.72 -61.77
N ALA D 1206 -62.21 -16.01 -62.60
CA ALA D 1206 -62.66 -14.79 -63.23
C ALA D 1206 -63.48 -15.06 -64.50
N LYS D 1207 -63.15 -16.11 -65.24
CA LYS D 1207 -63.89 -16.42 -66.44
C LYS D 1207 -65.30 -16.88 -66.09
N VAL D 1208 -65.46 -17.56 -64.96
CA VAL D 1208 -66.75 -18.04 -64.51
C VAL D 1208 -67.61 -16.86 -64.11
N HIS D 1209 -66.99 -15.82 -63.54
CA HIS D 1209 -67.70 -14.62 -63.16
C HIS D 1209 -68.34 -13.96 -64.38
N GLN D 1210 -67.61 -13.92 -65.48
CA GLN D 1210 -68.09 -13.25 -66.68
C GLN D 1210 -69.20 -14.06 -67.31
N LEU D 1211 -69.12 -15.38 -67.23
CA LEU D 1211 -70.12 -16.25 -67.80
C LEU D 1211 -71.42 -16.13 -67.04
N GLU D 1212 -71.35 -16.01 -65.72
CA GLU D 1212 -72.51 -15.87 -64.85
C GLU D 1212 -73.24 -14.58 -65.13
N GLU D 1213 -72.50 -13.49 -65.35
CA GLU D 1213 -73.08 -12.18 -65.55
C GLU D 1213 -73.88 -12.15 -66.85
N LYS D 1214 -73.36 -12.80 -67.88
CA LYS D 1214 -74.02 -12.88 -69.17
C LYS D 1214 -75.33 -13.65 -69.02
N GLN D 1215 -75.29 -14.75 -68.29
CA GLN D 1215 -76.43 -15.62 -68.09
C GLN D 1215 -77.56 -14.86 -67.37
N LEU D 1216 -77.19 -14.00 -66.43
CA LEU D 1216 -78.11 -13.26 -65.58
C LEU D 1216 -78.87 -12.24 -66.39
N ILE D 1217 -78.16 -11.45 -67.19
CA ILE D 1217 -78.77 -10.38 -67.95
C ILE D 1217 -79.63 -10.96 -69.06
N ASP D 1218 -79.25 -12.13 -69.58
CA ASP D 1218 -80.03 -12.77 -70.62
C ASP D 1218 -81.36 -13.25 -70.07
N GLU D 1219 -81.35 -13.73 -68.83
CA GLU D 1219 -82.54 -14.27 -68.18
C GLU D 1219 -83.53 -13.15 -67.90
N ALA D 1220 -83.03 -11.94 -67.65
CA ALA D 1220 -83.85 -10.79 -67.36
C ALA D 1220 -84.63 -10.33 -68.57
N PHE D 1221 -84.02 -10.42 -69.75
CA PHE D 1221 -84.63 -9.95 -70.99
C PHE D 1221 -85.25 -11.12 -71.74
N GLU D 1222 -85.87 -12.05 -71.01
CA GLU D 1222 -86.49 -13.24 -71.57
C GLU D 1222 -85.42 -14.14 -72.16
N PRO E 104 -11.56 39.52 -54.99
CA PRO E 104 -10.63 38.87 -55.93
C PRO E 104 -10.02 39.87 -56.90
N GLY E 105 -8.70 39.76 -57.10
CA GLY E 105 -7.97 40.62 -58.01
C GLY E 105 -6.85 41.39 -57.31
N GLN E 106 -6.42 42.48 -57.94
CA GLN E 106 -5.25 43.24 -57.51
C GLN E 106 -5.69 44.59 -56.96
N THR E 107 -4.97 45.10 -55.96
CA THR E 107 -5.25 46.42 -55.43
C THR E 107 -3.99 47.02 -54.83
N PRO E 108 -3.60 48.25 -55.22
CA PRO E 108 -2.49 48.96 -54.61
C PRO E 108 -2.53 49.08 -53.09
N ILE E 109 -1.34 49.10 -52.48
CA ILE E 109 -1.20 49.24 -51.04
C ILE E 109 -1.04 50.72 -50.75
N ARG E 110 -1.84 51.23 -49.81
CA ARG E 110 -1.86 52.64 -49.49
C ARG E 110 -1.86 52.83 -47.99
N GLY E 111 -1.12 53.83 -47.50
CA GLY E 111 -1.28 54.32 -46.15
C GLY E 111 -0.20 53.79 -45.21
N ILE E 112 -0.62 53.39 -44.01
CA ILE E 112 0.28 52.85 -43.01
C ILE E 112 0.82 51.50 -43.49
N PHE E 113 0.02 50.80 -44.30
CA PHE E 113 0.37 49.50 -44.82
C PHE E 113 1.52 49.61 -45.81
N LYS E 114 1.57 50.71 -46.55
CA LYS E 114 2.64 50.95 -47.50
C LYS E 114 3.95 51.19 -46.76
N SER E 115 3.87 51.85 -45.60
CA SER E 115 5.05 52.12 -44.78
C SER E 115 5.60 50.84 -44.16
N ILE E 116 4.70 49.94 -43.74
CA ILE E 116 5.11 48.66 -43.17
C ILE E 116 5.82 47.85 -44.23
N ALA E 117 5.33 47.91 -45.47
CA ALA E 117 5.90 47.14 -46.56
C ALA E 117 7.30 47.62 -46.90
N LYS E 118 7.51 48.94 -46.88
CA LYS E 118 8.77 49.51 -47.31
C LYS E 118 9.86 49.21 -46.28
N ASN E 119 9.50 49.22 -45.00
CA ASN E 119 10.45 48.99 -43.94
C ASN E 119 10.92 47.54 -43.93
N MET E 120 10.01 46.62 -44.24
CA MET E 120 10.35 45.20 -44.26
C MET E 120 11.30 44.90 -45.42
N ASP E 121 11.20 45.67 -46.50
CA ASP E 121 12.10 45.54 -47.62
C ASP E 121 13.49 46.05 -47.26
N ILE E 122 13.55 47.14 -46.49
CA ILE E 122 14.83 47.71 -46.07
C ILE E 122 15.53 46.74 -45.13
N SER E 123 14.77 45.97 -44.36
CA SER E 123 15.32 45.12 -43.32
C SER E 123 16.05 43.91 -43.88
N LEU E 124 16.00 43.72 -45.20
CA LEU E 124 16.66 42.61 -45.84
C LEU E 124 18.17 42.78 -45.83
N GLU E 125 18.67 43.95 -45.43
CA GLU E 125 20.11 44.18 -45.44
C GLU E 125 20.70 44.08 -44.04
N ILE E 126 20.06 43.36 -43.12
CA ILE E 126 20.61 43.10 -41.80
C ILE E 126 20.87 41.61 -41.66
N PRO E 127 22.12 41.15 -41.43
CA PRO E 127 22.41 39.78 -41.05
C PRO E 127 22.02 39.42 -39.63
N THR E 128 21.17 38.41 -39.46
CA THR E 128 20.56 38.14 -38.17
C THR E 128 20.74 36.69 -37.76
N ALA E 129 20.83 36.46 -36.45
CA ALA E 129 20.81 35.14 -35.86
C ALA E 129 19.91 35.14 -34.63
N THR E 130 19.54 33.95 -34.15
CA THR E 130 18.54 33.79 -33.11
C THR E 130 19.01 32.79 -32.05
N SER E 131 18.61 33.03 -30.80
CA SER E 131 18.86 32.14 -29.67
C SER E 131 17.55 31.87 -28.93
N VAL E 132 17.39 30.66 -28.39
CA VAL E 132 16.14 30.23 -27.76
C VAL E 132 16.47 29.60 -26.42
N ARG E 133 15.72 29.94 -25.36
CA ARG E 133 15.91 29.37 -24.03
C ARG E 133 14.57 29.26 -23.30
N ASP E 134 14.39 28.16 -22.57
CA ASP E 134 13.18 27.90 -21.79
C ASP E 134 13.49 28.01 -20.30
N MET E 135 12.53 28.55 -19.53
CA MET E 135 12.76 28.98 -18.16
C MET E 135 11.59 28.54 -17.29
N PRO E 136 11.81 28.10 -16.03
CA PRO E 136 10.72 27.87 -15.08
C PRO E 136 9.89 29.11 -14.79
N ALA E 137 8.59 28.93 -14.50
CA ALA E 137 7.68 30.05 -14.36
C ALA E 137 6.82 29.95 -13.09
N ARG E 138 7.14 29.06 -12.15
CA ARG E 138 6.28 28.80 -11.01
C ARG E 138 6.33 29.96 -10.03
N LEU E 139 7.54 30.48 -9.76
CA LEU E 139 7.74 31.53 -8.78
C LEU E 139 7.10 32.83 -9.26
N MET E 140 6.99 33.03 -10.58
CA MET E 140 6.31 34.19 -11.10
C MET E 140 4.85 34.14 -10.71
N PHE E 141 4.21 32.99 -10.92
CA PHE E 141 2.81 32.85 -10.62
C PHE E 141 2.53 33.14 -9.16
N GLU E 142 3.38 32.61 -8.27
CA GLU E 142 3.17 32.71 -6.84
C GLU E 142 3.33 34.15 -6.37
N ASN E 143 4.42 34.78 -6.76
CA ASN E 143 4.76 36.10 -6.25
C ASN E 143 3.88 37.17 -6.86
N ARG E 144 3.38 36.94 -8.07
CA ARG E 144 2.46 37.88 -8.69
C ARG E 144 1.14 37.89 -7.94
N ALA E 145 0.71 36.72 -7.47
CA ALA E 145 -0.52 36.61 -6.72
C ALA E 145 -0.44 37.38 -5.40
N MET E 146 0.73 37.34 -4.77
CA MET E 146 0.93 38.02 -3.51
C MET E 146 0.88 39.54 -3.70
N VAL E 147 1.37 40.04 -4.83
CA VAL E 147 1.40 41.47 -5.08
C VAL E 147 -0.01 41.96 -5.37
N ASN E 148 -0.81 41.15 -6.06
CA ASN E 148 -2.14 41.56 -6.46
C ASN E 148 -3.10 41.51 -5.29
N ASP E 149 -2.81 40.70 -4.27
CA ASP E 149 -3.61 40.68 -3.06
C ASP E 149 -3.45 41.97 -2.26
N GLN E 150 -2.22 42.48 -2.21
CA GLN E 150 -1.94 43.74 -1.55
C GLN E 150 -2.66 44.89 -2.25
N LEU E 151 -2.67 44.88 -3.58
CA LEU E 151 -3.26 45.98 -4.33
C LEU E 151 -4.77 45.96 -4.17
N LYS E 152 -5.36 44.78 -4.00
CA LYS E 152 -6.80 44.67 -3.91
C LYS E 152 -7.31 45.32 -2.62
N ARG E 153 -6.57 45.15 -1.52
CA ARG E 153 -6.99 45.70 -0.24
C ARG E 153 -6.82 47.21 -0.23
N THR E 154 -5.85 47.72 -1.00
CA THR E 154 -5.57 49.14 -1.06
C THR E 154 -6.27 49.78 -2.27
N ARG E 155 -7.22 49.06 -2.87
CA ARG E 155 -7.99 49.54 -4.02
C ARG E 155 -7.06 50.10 -5.10
N GLY E 156 -5.97 49.37 -5.37
CA GLY E 156 -5.10 49.66 -6.50
C GLY E 156 -5.53 48.87 -7.73
N GLY E 157 -4.59 48.65 -8.65
CA GLY E 157 -4.87 47.96 -9.90
C GLY E 157 -4.43 46.49 -9.87
N LYS E 158 -3.59 46.11 -10.85
CA LYS E 158 -3.23 44.74 -11.12
C LYS E 158 -2.00 44.73 -12.00
N ILE E 159 -0.96 43.97 -11.65
CA ILE E 159 0.21 43.84 -12.51
C ILE E 159 0.10 42.57 -13.34
N SER E 160 0.81 42.56 -14.48
CA SER E 160 0.77 41.49 -15.47
C SER E 160 2.15 40.87 -15.63
N PHE E 161 2.24 39.80 -16.44
CA PHE E 161 3.49 39.08 -16.65
C PHE E 161 4.43 39.89 -17.54
N THR E 162 3.87 40.70 -18.45
CA THR E 162 4.67 41.53 -19.33
C THR E 162 5.41 42.60 -18.54
N HIS E 163 4.78 43.12 -17.48
CA HIS E 163 5.40 44.11 -16.63
C HIS E 163 6.66 43.55 -15.98
N ILE E 164 6.56 42.31 -15.47
CA ILE E 164 7.66 41.69 -14.73
C ILE E 164 8.79 41.34 -15.67
N ILE E 165 8.46 40.77 -16.84
CA ILE E 165 9.48 40.34 -17.79
C ILE E 165 10.13 41.57 -18.40
N GLY E 166 9.35 42.63 -18.60
CA GLY E 166 9.89 43.90 -19.07
C GLY E 166 10.96 44.45 -18.14
N TYR E 167 10.70 44.43 -16.84
CA TYR E 167 11.61 45.00 -15.86
C TYR E 167 12.88 44.15 -15.80
N ALA E 168 12.72 42.83 -15.88
CA ALA E 168 13.85 41.91 -15.86
C ALA E 168 14.74 42.13 -17.07
N MET E 169 14.12 42.45 -18.21
CA MET E 169 14.84 42.66 -19.46
C MET E 169 15.71 43.91 -19.36
N VAL E 170 15.21 44.95 -18.70
CA VAL E 170 15.94 46.19 -18.52
C VAL E 170 17.17 45.95 -17.64
N LYS E 171 17.00 45.19 -16.57
CA LYS E 171 18.10 44.89 -15.66
C LYS E 171 19.18 44.08 -16.37
N ALA E 172 18.77 43.21 -17.29
CA ALA E 172 19.69 42.36 -18.02
C ALA E 172 20.51 43.16 -19.02
N VAL E 173 19.88 44.16 -19.66
CA VAL E 173 20.57 45.01 -20.63
C VAL E 173 21.60 45.87 -19.92
N MET E 174 21.32 46.25 -18.67
CA MET E 174 22.27 47.00 -17.87
C MET E 174 23.49 46.14 -17.54
N ALA E 175 23.27 44.84 -17.30
CA ALA E 175 24.33 43.92 -16.97
C ALA E 175 25.17 43.58 -18.21
N HIS E 176 24.57 43.64 -19.40
CA HIS E 176 25.24 43.31 -20.64
C HIS E 176 24.99 44.43 -21.65
N PRO E 177 25.71 45.57 -21.56
CA PRO E 177 25.43 46.76 -22.36
C PRO E 177 25.56 46.65 -23.87
N ASP E 178 26.29 45.64 -24.36
CA ASP E 178 26.50 45.45 -25.79
C ASP E 178 25.20 45.19 -26.53
N MET E 179 24.15 44.76 -25.81
CA MET E 179 22.89 44.42 -26.44
C MET E 179 22.13 45.67 -26.84
N ASN E 180 22.65 46.86 -26.53
CA ASN E 180 21.93 48.11 -26.79
C ASN E 180 22.55 48.86 -27.97
N ASN E 181 23.58 48.29 -28.61
CA ASN E 181 24.31 48.97 -29.66
C ASN E 181 23.72 48.65 -31.03
N SER E 182 24.10 49.43 -32.06
CA SER E 182 23.61 49.27 -33.41
C SER E 182 24.70 49.60 -34.44
N TYR E 183 24.38 49.47 -35.73
CA TYR E 183 25.33 49.58 -36.82
C TYR E 183 24.83 50.61 -37.84
N ASP E 184 25.76 51.35 -38.45
CA ASP E 184 25.41 52.28 -39.51
C ASP E 184 26.64 52.61 -40.34
N VAL E 185 26.46 53.02 -41.59
CA VAL E 185 27.56 53.46 -42.42
C VAL E 185 27.48 54.97 -42.60
N ILE E 186 28.52 55.68 -42.13
CA ILE E 186 28.55 57.13 -42.01
C ILE E 186 29.78 57.68 -42.71
N ASP E 187 29.57 58.50 -43.74
CA ASP E 187 30.68 59.00 -44.54
C ASP E 187 31.36 57.83 -45.23
N GLY E 188 30.59 56.81 -45.53
CA GLY E 188 31.13 55.66 -46.22
C GLY E 188 32.06 54.79 -45.38
N LYS E 189 32.02 54.91 -44.06
CA LYS E 189 32.77 53.99 -43.24
C LYS E 189 31.82 53.26 -42.29
N PRO E 190 32.00 51.94 -42.03
CA PRO E 190 31.39 51.24 -40.93
C PRO E 190 31.54 51.83 -39.54
N THR E 191 30.46 51.83 -38.75
CA THR E 191 30.44 52.54 -37.49
C THR E 191 29.57 51.81 -36.46
N LEU E 192 30.04 51.79 -35.20
CA LEU E 192 29.27 51.31 -34.07
C LEU E 192 28.63 52.49 -33.35
N ILE E 193 27.36 52.36 -32.96
CA ILE E 193 26.62 53.42 -32.33
C ILE E 193 26.23 53.01 -30.92
N VAL E 194 26.66 53.79 -29.92
CA VAL E 194 26.42 53.52 -28.52
C VAL E 194 25.50 54.58 -27.96
N PRO E 195 24.20 54.31 -27.73
CA PRO E 195 23.27 55.34 -27.26
C PRO E 195 23.46 55.79 -25.82
N GLU E 196 22.76 56.87 -25.45
CA GLU E 196 22.84 57.46 -24.13
C GLU E 196 21.89 56.74 -23.17
N HIS E 197 20.71 56.36 -23.65
CA HIS E 197 19.69 55.79 -22.81
C HIS E 197 19.20 54.44 -23.34
N ILE E 198 18.52 53.68 -22.48
CA ILE E 198 17.78 52.49 -22.86
C ILE E 198 16.31 52.88 -23.03
N ASN E 199 15.87 52.98 -24.28
CA ASN E 199 14.48 53.26 -24.61
C ASN E 199 13.81 51.99 -25.09
N LEU E 200 12.77 51.54 -24.40
CA LEU E 200 12.18 50.23 -24.61
C LEU E 200 10.91 50.38 -25.43
N GLY E 201 10.85 49.68 -26.57
CA GLY E 201 9.71 49.73 -27.45
C GLY E 201 8.70 48.63 -27.17
N LEU E 202 7.43 49.00 -27.05
CA LEU E 202 6.34 48.07 -26.83
C LEU E 202 5.54 47.92 -28.11
N ALA E 203 5.25 46.67 -28.47
CA ALA E 203 4.41 46.36 -29.62
C ALA E 203 2.95 46.45 -29.20
N ILE E 204 2.29 47.56 -29.54
CA ILE E 204 0.87 47.76 -29.23
C ILE E 204 0.05 47.45 -30.48
N ASP E 205 -0.81 46.43 -30.37
CA ASP E 205 -1.76 46.09 -31.42
C ASP E 205 -3.04 46.89 -31.19
N LEU E 206 -3.28 47.90 -32.06
CA LEU E 206 -4.43 48.78 -31.93
C LEU E 206 -5.27 48.73 -33.22
N PRO E 207 -6.58 48.36 -33.12
CA PRO E 207 -7.52 48.55 -34.22
C PRO E 207 -7.73 50.02 -34.58
N GLN E 208 -8.06 50.28 -35.86
CA GLN E 208 -8.20 51.63 -36.39
C GLN E 208 -9.69 51.90 -36.65
N LYS E 209 -9.99 53.11 -37.16
CA LYS E 209 -11.35 53.53 -37.41
C LYS E 209 -12.01 52.65 -38.48
N ASP E 210 -11.22 52.22 -39.48
CA ASP E 210 -11.72 51.43 -40.59
C ASP E 210 -12.21 50.07 -40.11
N GLY E 211 -11.42 49.46 -39.21
CA GLY E 211 -11.71 48.11 -38.71
C GLY E 211 -10.61 47.12 -39.08
N SER E 212 -9.39 47.61 -39.32
CA SER E 212 -8.23 46.78 -39.60
C SER E 212 -7.16 47.01 -38.55
N ARG E 213 -6.59 45.91 -38.04
CA ARG E 213 -5.57 45.97 -37.00
C ARG E 213 -4.24 46.39 -37.62
N ALA E 214 -3.49 47.22 -36.89
CA ALA E 214 -2.16 47.65 -37.29
C ALA E 214 -1.24 47.66 -36.06
N LEU E 215 0.04 47.35 -36.26
CA LEU E 215 1.00 47.26 -35.18
C LEU E 215 1.94 48.47 -35.24
N VAL E 216 2.12 49.13 -34.09
CA VAL E 216 3.02 50.26 -33.95
C VAL E 216 3.90 50.04 -32.74
N VAL E 217 5.06 50.69 -32.71
CA VAL E 217 5.99 50.56 -31.61
C VAL E 217 6.17 51.93 -30.96
N ALA E 218 5.69 52.06 -29.71
CA ALA E 218 5.87 53.23 -28.88
C ALA E 218 6.97 52.97 -27.86
N ALA E 219 7.57 54.05 -27.34
CA ALA E 219 8.77 53.94 -26.52
C ALA E 219 8.52 54.40 -25.10
N ILE E 220 9.08 53.67 -24.13
CA ILE E 220 9.27 54.13 -22.76
C ILE E 220 10.71 54.61 -22.66
N LYS E 221 10.92 55.87 -22.27
CA LYS E 221 12.22 56.49 -22.41
C LYS E 221 12.93 56.58 -21.07
N GLU E 222 14.26 56.53 -21.11
CA GLU E 222 15.13 56.70 -19.96
C GLU E 222 14.75 55.71 -18.88
N THR E 223 14.94 54.43 -19.19
CA THR E 223 14.44 53.34 -18.36
C THR E 223 15.51 52.89 -17.38
N GLU E 224 16.76 53.29 -17.60
CA GLU E 224 17.86 52.79 -16.79
C GLU E 224 17.99 53.56 -15.48
N LYS E 225 17.08 54.51 -15.24
CA LYS E 225 17.05 55.26 -14.01
C LYS E 225 15.65 55.19 -13.42
N MET E 226 15.09 53.98 -13.36
CA MET E 226 13.75 53.75 -12.84
C MET E 226 13.77 52.54 -11.90
N ASN E 227 12.90 52.58 -10.88
CA ASN E 227 12.60 51.41 -10.06
C ASN E 227 11.26 50.85 -10.54
N PHE E 228 10.78 49.76 -9.91
CA PHE E 228 9.64 49.05 -10.45
C PHE E 228 8.40 49.93 -10.43
N SER E 229 8.26 50.76 -9.39
CA SER E 229 7.10 51.64 -9.25
C SER E 229 7.05 52.63 -10.40
N GLU E 230 8.21 53.25 -10.69
CA GLU E 230 8.33 54.21 -11.76
C GLU E 230 8.09 53.54 -13.11
N PHE E 231 8.62 52.33 -13.28
CA PHE E 231 8.51 51.60 -14.53
C PHE E 231 7.04 51.30 -14.84
N LEU E 232 6.29 50.88 -13.83
CA LEU E 232 4.91 50.48 -14.01
C LEU E 232 4.08 51.68 -14.44
N ALA E 233 4.38 52.85 -13.86
CA ALA E 233 3.66 54.08 -14.16
C ALA E 233 3.86 54.48 -15.61
N ALA E 234 5.11 54.46 -16.06
CA ALA E 234 5.46 54.84 -17.42
C ALA E 234 4.80 53.91 -18.44
N TYR E 235 4.77 52.61 -18.12
CA TYR E 235 4.17 51.61 -18.98
C TYR E 235 2.71 51.94 -19.17
N GLU E 236 2.00 52.16 -18.06
CA GLU E 236 0.57 52.36 -18.08
C GLU E 236 0.22 53.70 -18.71
N ASP E 237 1.15 54.65 -18.65
CA ASP E 237 0.98 55.95 -19.30
C ASP E 237 0.86 55.78 -20.81
N ILE E 238 1.79 55.02 -21.42
CA ILE E 238 1.83 54.83 -22.86
C ILE E 238 0.57 54.11 -23.31
N VAL E 239 0.17 53.09 -22.56
CA VAL E 239 -0.97 52.27 -22.92
C VAL E 239 -2.25 53.10 -22.85
N ALA E 240 -2.38 53.92 -21.81
CA ALA E 240 -3.57 54.70 -21.57
C ALA E 240 -3.79 55.72 -22.67
N ARG E 241 -2.71 56.43 -23.05
CA ARG E 241 -2.81 57.47 -24.05
C ARG E 241 -3.05 56.88 -25.44
N SER E 242 -2.69 55.62 -25.64
CA SER E 242 -2.87 54.99 -26.94
C SER E 242 -4.36 54.75 -27.19
N ARG E 243 -5.10 54.39 -26.15
CA ARG E 243 -6.51 54.07 -26.27
C ARG E 243 -7.32 55.34 -26.48
N LYS E 244 -6.90 56.44 -25.86
CA LYS E 244 -7.58 57.73 -25.97
C LYS E 244 -7.14 58.47 -27.23
N GLY E 245 -6.11 57.98 -27.91
CA GLY E 245 -5.64 58.58 -29.14
C GLY E 245 -4.94 59.91 -28.90
N LYS E 246 -3.94 59.89 -28.01
CA LYS E 246 -3.22 61.10 -27.64
C LYS E 246 -1.72 60.88 -27.64
N LEU E 247 -1.21 60.13 -28.62
CA LEU E 247 0.23 59.90 -28.77
C LEU E 247 0.78 60.88 -29.81
N THR E 248 1.90 61.50 -29.47
CA THR E 248 2.57 62.46 -30.33
C THR E 248 3.58 61.74 -31.22
N MET E 249 4.32 62.51 -32.02
CA MET E 249 5.28 61.96 -32.95
C MET E 249 6.59 61.66 -32.23
N ASP E 250 6.80 62.28 -31.08
CA ASP E 250 8.03 62.09 -30.32
C ASP E 250 8.03 60.70 -29.66
N ASP E 251 6.85 60.14 -29.43
CA ASP E 251 6.72 58.86 -28.75
C ASP E 251 7.11 57.70 -29.65
N TYR E 252 7.20 57.95 -30.96
CA TYR E 252 7.53 56.90 -31.90
C TYR E 252 8.99 57.01 -32.35
N GLN E 253 9.84 57.74 -31.61
CA GLN E 253 11.20 57.95 -32.06
C GLN E 253 12.18 57.62 -30.96
N GLY E 254 13.32 57.02 -31.34
CA GLY E 254 14.44 56.84 -30.44
C GLY E 254 14.50 55.48 -29.76
N VAL E 255 13.79 54.47 -30.31
CA VAL E 255 13.78 53.14 -29.72
C VAL E 255 15.16 52.51 -29.88
N THR E 256 15.63 51.82 -28.84
CA THR E 256 16.93 51.18 -28.86
C THR E 256 16.82 49.66 -28.73
N VAL E 257 15.72 49.15 -28.16
CA VAL E 257 15.52 47.72 -27.99
C VAL E 257 14.03 47.46 -27.82
N SER E 258 13.53 46.35 -28.39
CA SER E 258 12.10 46.09 -28.51
C SER E 258 11.68 44.80 -27.81
N LEU E 259 10.40 44.71 -27.47
CA LEU E 259 9.79 43.56 -26.81
C LEU E 259 8.48 43.21 -27.51
N THR E 260 8.27 41.92 -27.79
CA THR E 260 7.06 41.44 -28.43
C THR E 260 6.53 40.22 -27.67
N ASN E 261 5.22 39.99 -27.74
CA ASN E 261 4.56 38.97 -26.95
C ASN E 261 3.62 38.13 -27.81
N PRO E 262 4.14 37.19 -28.63
CA PRO E 262 3.29 36.24 -29.35
C PRO E 262 2.62 35.16 -28.51
N GLY E 263 2.95 35.08 -27.23
CA GLY E 263 2.40 34.06 -26.34
C GLY E 263 0.99 34.38 -25.86
N GLY E 264 0.52 35.60 -26.07
CA GLY E 264 -0.84 35.98 -25.76
C GLY E 264 -1.88 35.07 -26.43
N ILE E 265 -1.69 34.80 -27.72
CA ILE E 265 -2.58 33.94 -28.48
C ILE E 265 -2.31 32.48 -28.10
N GLY E 266 -1.05 32.14 -27.83
CA GLY E 266 -0.69 30.80 -27.39
C GLY E 266 0.41 30.15 -28.24
N THR E 267 1.15 30.94 -29.02
CA THR E 267 2.28 30.48 -29.78
C THR E 267 3.41 30.11 -28.82
N ARG E 268 4.16 29.05 -29.15
CA ARG E 268 5.19 28.55 -28.25
C ARG E 268 6.45 29.40 -28.37
N HIS E 269 6.91 29.67 -29.60
CA HIS E 269 7.93 30.67 -29.84
C HIS E 269 7.90 31.11 -31.29
N SER E 270 8.66 32.18 -31.61
CA SER E 270 8.71 32.74 -32.95
C SER E 270 10.13 33.12 -33.33
N VAL E 271 10.35 33.36 -34.63
CA VAL E 271 11.58 33.92 -35.14
C VAL E 271 11.25 35.22 -35.88
N PRO E 272 11.24 36.38 -35.20
CA PRO E 272 10.83 37.64 -35.81
C PRO E 272 11.89 38.42 -36.60
N ARG E 273 11.44 39.50 -37.27
CA ARG E 273 12.32 40.36 -38.06
C ARG E 273 12.84 41.52 -37.21
N LEU E 274 14.05 41.97 -37.52
CA LEU E 274 14.68 43.09 -36.85
C LEU E 274 14.63 44.29 -37.79
N THR E 275 14.25 45.45 -37.26
CA THR E 275 14.13 46.67 -38.04
C THR E 275 15.41 47.49 -37.92
N LYS E 276 15.66 48.34 -38.91
CA LYS E 276 16.90 49.10 -38.99
C LYS E 276 16.94 50.12 -37.88
N GLY E 277 18.12 50.26 -37.25
CA GLY E 277 18.32 51.23 -36.20
C GLY E 277 18.45 50.60 -34.82
N GLN E 278 18.25 49.29 -34.72
CA GLN E 278 18.30 48.57 -33.45
C GLN E 278 19.28 47.41 -33.57
N GLY E 279 19.59 46.79 -32.43
CA GLY E 279 20.52 45.69 -32.38
C GLY E 279 19.88 44.36 -31.98
N THR E 280 18.79 44.40 -31.19
CA THR E 280 18.14 43.18 -30.76
C THR E 280 16.64 43.38 -30.61
N ILE E 281 15.89 42.27 -30.69
CA ILE E 281 14.48 42.19 -30.39
C ILE E 281 14.24 40.92 -29.58
N ILE E 282 13.43 41.02 -28.52
CA ILE E 282 13.17 39.94 -27.59
C ILE E 282 11.71 39.51 -27.72
N GLY E 283 11.47 38.19 -27.77
CA GLY E 283 10.13 37.63 -27.89
C GLY E 283 9.77 36.72 -26.73
N VAL E 284 8.51 36.81 -26.27
CA VAL E 284 8.01 36.06 -25.13
C VAL E 284 6.89 35.14 -25.58
N GLY E 285 7.06 33.83 -25.32
CA GLY E 285 6.14 32.81 -25.77
C GLY E 285 5.15 32.40 -24.68
N SER E 286 4.44 31.30 -24.93
CA SER E 286 3.31 30.88 -24.13
C SER E 286 3.74 30.42 -22.75
N MET E 287 2.92 30.72 -21.74
CA MET E 287 3.13 30.25 -20.38
C MET E 287 2.08 29.21 -20.08
N ASP E 288 2.42 27.95 -20.34
CA ASP E 288 1.46 26.87 -20.33
C ASP E 288 2.20 25.54 -20.19
N TYR E 289 1.48 24.48 -19.82
CA TYR E 289 2.08 23.17 -19.72
C TYR E 289 2.46 22.75 -21.13
N PRO E 290 3.51 21.94 -21.32
CA PRO E 290 3.79 21.33 -22.62
C PRO E 290 2.63 20.45 -23.07
N ALA E 291 2.57 20.19 -24.38
CA ALA E 291 1.38 19.59 -24.97
C ALA E 291 1.28 18.10 -24.68
N GLU E 292 2.35 17.48 -24.16
CA GLU E 292 2.29 16.08 -23.75
C GLU E 292 1.66 15.93 -22.36
N PHE E 293 1.33 17.03 -21.69
CA PHE E 293 0.74 17.01 -20.37
C PHE E 293 -0.63 17.67 -20.34
N GLN E 294 -1.19 18.02 -21.50
CA GLN E 294 -2.41 18.83 -21.53
C GLN E 294 -3.67 18.01 -21.32
N GLY E 295 -3.54 16.69 -21.16
CA GLY E 295 -4.68 15.84 -20.86
C GLY E 295 -4.56 15.12 -19.51
N ALA E 296 -3.51 15.40 -18.75
CA ALA E 296 -3.28 14.74 -17.48
C ALA E 296 -4.14 15.39 -16.39
N SER E 297 -4.28 14.68 -15.27
CA SER E 297 -5.06 15.16 -14.14
C SER E 297 -4.21 16.07 -13.27
N GLU E 298 -4.87 16.97 -12.53
CA GLU E 298 -4.20 17.90 -11.64
C GLU E 298 -3.53 17.12 -10.52
N ASP E 299 -4.20 16.09 -10.02
CA ASP E 299 -3.72 15.29 -8.92
C ASP E 299 -2.37 14.68 -9.27
N ARG E 300 -2.26 14.16 -10.49
CA ARG E 300 -1.09 13.40 -10.91
C ARG E 300 0.08 14.33 -11.16
N LEU E 301 -0.19 15.50 -11.73
CA LEU E 301 0.83 16.51 -11.99
C LEU E 301 1.39 17.04 -10.68
N ALA E 302 0.53 17.19 -9.67
CA ALA E 302 0.94 17.68 -8.36
C ALA E 302 1.85 16.69 -7.65
N GLU E 303 1.62 15.40 -7.87
CA GLU E 303 2.40 14.35 -7.24
C GLU E 303 3.82 14.35 -7.80
N LEU E 304 3.94 14.52 -9.12
CA LEU E 304 5.21 14.44 -9.81
C LEU E 304 6.04 15.67 -9.48
N GLY E 305 5.41 16.84 -9.56
CA GLY E 305 6.10 18.11 -9.33
C GLY E 305 6.38 18.85 -10.62
N VAL E 306 5.41 18.84 -11.55
CA VAL E 306 5.58 19.42 -12.87
C VAL E 306 5.18 20.87 -12.80
N GLY E 307 6.01 21.75 -13.37
CA GLY E 307 5.73 23.17 -13.40
C GLY E 307 5.42 23.67 -14.79
N LYS E 308 5.25 24.99 -14.92
CA LYS E 308 4.99 25.63 -16.20
C LYS E 308 6.24 26.35 -16.71
N LEU E 309 6.25 26.59 -18.02
CA LEU E 309 7.40 27.09 -18.77
C LEU E 309 7.16 28.54 -19.17
N VAL E 310 8.22 29.18 -19.65
CA VAL E 310 8.14 30.29 -20.56
C VAL E 310 9.36 30.22 -21.45
N THR E 311 9.18 30.41 -22.77
CA THR E 311 10.26 30.37 -23.73
C THR E 311 10.54 31.77 -24.22
N ILE E 312 11.81 32.18 -24.20
CA ILE E 312 12.23 33.53 -24.58
C ILE E 312 13.25 33.43 -25.70
N THR E 313 13.15 34.33 -26.70
CA THR E 313 14.02 34.36 -27.86
C THR E 313 14.77 35.68 -27.95
N SER E 314 15.88 35.67 -28.68
CA SER E 314 16.70 36.84 -28.93
C SER E 314 17.17 36.83 -30.39
N THR E 315 16.81 37.88 -31.14
CA THR E 315 17.22 38.03 -32.53
C THR E 315 18.10 39.27 -32.65
N TYR E 316 19.32 39.12 -33.16
CA TYR E 316 20.34 40.15 -33.05
C TYR E 316 21.11 40.32 -34.36
N ASP E 317 21.68 41.51 -34.55
CA ASP E 317 22.50 41.87 -35.69
C ASP E 317 23.93 41.41 -35.47
N HIS E 318 24.44 40.57 -36.38
CA HIS E 318 25.63 39.78 -36.14
C HIS E 318 26.88 40.54 -36.52
N ARG E 319 26.74 41.75 -37.05
CA ARG E 319 27.86 42.61 -37.34
C ARG E 319 28.38 43.29 -36.08
N VAL E 320 27.55 43.39 -35.03
CA VAL E 320 27.92 44.14 -33.84
C VAL E 320 27.69 43.35 -32.56
N ILE E 321 26.90 42.27 -32.58
CA ILE E 321 26.69 41.43 -31.40
C ILE E 321 27.06 40.01 -31.76
N GLN E 322 27.79 39.32 -30.87
CA GLN E 322 28.20 37.95 -31.09
C GLN E 322 27.31 37.02 -30.28
N GLY E 323 27.42 35.72 -30.57
CA GLY E 323 26.54 34.71 -30.01
C GLY E 323 26.69 34.55 -28.50
N ALA E 324 27.93 34.64 -28.02
CA ALA E 324 28.23 34.47 -26.61
C ALA E 324 27.53 35.53 -25.77
N VAL E 325 27.47 36.77 -26.28
CA VAL E 325 26.85 37.85 -25.57
C VAL E 325 25.34 37.60 -25.47
N SER E 326 24.73 37.14 -26.57
CA SER E 326 23.31 36.86 -26.61
C SER E 326 22.94 35.75 -25.64
N GLY E 327 23.78 34.73 -25.55
CA GLY E 327 23.55 33.62 -24.64
C GLY E 327 23.63 34.04 -23.19
N GLU E 328 24.63 34.87 -22.86
CA GLU E 328 24.81 35.35 -21.50
C GLU E 328 23.66 36.25 -21.08
N PHE E 329 23.10 36.99 -22.04
CA PHE E 329 21.95 37.84 -21.77
C PHE E 329 20.78 37.01 -21.31
N LEU E 330 20.49 35.90 -22.02
CA LEU E 330 19.35 35.07 -21.67
C LEU E 330 19.60 34.31 -20.37
N ARG E 331 20.85 33.98 -20.06
CA ARG E 331 21.17 33.31 -18.82
C ARG E 331 20.90 34.22 -17.63
N THR E 332 21.15 35.52 -17.79
CA THR E 332 20.94 36.49 -16.72
C THR E 332 19.45 36.67 -16.48
N MET E 333 18.64 36.70 -17.54
CA MET E 333 17.20 36.83 -17.39
C MET E 333 16.62 35.65 -16.65
N SER E 334 17.16 34.46 -16.91
CA SER E 334 16.70 33.23 -16.28
C SER E 334 16.98 33.27 -14.78
N ARG E 335 18.14 33.82 -14.39
CA ARG E 335 18.55 33.88 -13.00
C ARG E 335 17.72 34.88 -12.22
N LEU E 336 17.35 36.00 -12.84
CA LEU E 336 16.66 37.07 -12.16
C LEU E 336 15.26 36.65 -11.77
N LEU E 337 14.61 35.84 -12.61
CA LEU E 337 13.21 35.51 -12.39
C LEU E 337 13.06 34.43 -11.33
N THR E 338 14.17 34.00 -10.73
CA THR E 338 14.14 33.00 -9.69
C THR E 338 15.07 33.41 -8.55
N ASP E 339 15.29 34.71 -8.38
CA ASP E 339 16.34 35.26 -7.52
C ASP E 339 15.71 35.97 -6.33
N ASP E 340 16.37 35.84 -5.16
CA ASP E 340 15.86 36.40 -3.91
C ASP E 340 15.88 37.93 -3.96
N SER E 341 16.99 38.49 -4.46
CA SER E 341 17.20 39.92 -4.43
C SER E 341 16.28 40.66 -5.40
N PHE E 342 15.85 39.99 -6.46
CA PHE E 342 15.01 40.59 -7.49
C PHE E 342 13.61 40.81 -6.93
N TRP E 343 13.09 39.81 -6.22
CA TRP E 343 11.73 39.87 -5.71
C TRP E 343 11.62 40.72 -4.45
N ASP E 344 12.75 40.99 -3.78
CA ASP E 344 12.78 41.90 -2.65
C ASP E 344 12.60 43.33 -3.14
N GLU E 345 13.20 43.67 -4.28
CA GLU E 345 13.04 44.99 -4.84
C GLU E 345 11.58 45.26 -5.17
N ILE E 346 10.91 44.31 -5.80
CA ILE E 346 9.56 44.52 -6.29
C ILE E 346 8.61 44.64 -5.11
N PHE E 347 8.83 43.82 -4.09
CA PHE E 347 7.97 43.82 -2.92
C PHE E 347 8.14 45.11 -2.13
N ASP E 348 9.38 45.58 -2.03
CA ASP E 348 9.69 46.82 -1.34
C ASP E 348 8.98 48.00 -1.99
N ALA E 349 8.93 48.01 -3.31
CA ALA E 349 8.42 49.14 -4.05
C ALA E 349 6.90 49.16 -4.08
N MET E 350 6.26 48.02 -3.86
CA MET E 350 4.82 47.97 -3.95
C MET E 350 4.21 47.91 -2.55
N ASN E 351 5.06 47.92 -1.51
CA ASN E 351 4.63 47.99 -0.12
C ASN E 351 3.81 46.75 0.22
N VAL E 352 4.45 45.58 0.19
CA VAL E 352 3.82 44.37 0.66
C VAL E 352 4.62 43.89 1.85
N PRO E 353 3.95 43.51 2.97
CA PRO E 353 4.63 43.28 4.24
C PRO E 353 5.24 41.90 4.48
N TYR E 354 5.01 40.96 3.57
CA TYR E 354 5.44 39.59 3.75
C TYR E 354 6.77 39.35 3.04
N THR E 355 7.47 38.28 3.44
CA THR E 355 8.63 37.82 2.72
C THR E 355 8.16 37.13 1.45
N PRO E 356 8.81 37.34 0.29
CA PRO E 356 8.45 36.62 -0.93
C PRO E 356 8.72 35.12 -0.84
N MET E 357 7.92 34.35 -1.57
CA MET E 357 8.11 32.93 -1.74
C MET E 357 9.45 32.67 -2.43
N ARG E 358 10.19 31.66 -1.98
CA ARG E 358 11.54 31.40 -2.43
C ARG E 358 11.56 30.19 -3.34
N TRP E 359 12.68 30.00 -4.06
CA TRP E 359 12.84 28.94 -5.04
C TRP E 359 13.62 27.79 -4.43
N ALA E 360 13.10 26.57 -4.56
CA ALA E 360 13.74 25.39 -4.01
C ALA E 360 13.24 24.15 -4.73
N GLN E 361 13.96 23.03 -4.54
CA GLN E 361 13.54 21.74 -5.05
C GLN E 361 12.50 21.12 -4.13
N ASP E 362 11.70 20.22 -4.69
CA ASP E 362 10.72 19.45 -3.94
C ASP E 362 11.46 18.41 -3.10
N VAL E 363 11.00 18.21 -1.85
CA VAL E 363 11.65 17.32 -0.91
C VAL E 363 10.78 16.09 -0.73
N PRO E 364 11.36 14.90 -0.45
CA PRO E 364 10.59 13.68 -0.22
C PRO E 364 9.86 13.61 1.12
N ASN E 365 8.74 12.88 1.14
CA ASN E 365 7.94 12.69 2.34
C ASN E 365 8.51 11.54 3.15
N THR E 366 9.64 11.81 3.83
CA THR E 366 10.36 10.84 4.62
C THR E 366 10.64 11.44 5.99
N GLY E 367 10.96 10.59 6.96
CA GLY E 367 11.19 11.02 8.33
C GLY E 367 9.91 11.48 8.99
N VAL E 368 9.90 12.74 9.43
CA VAL E 368 8.70 13.37 9.97
C VAL E 368 7.75 13.65 8.81
N ASP E 369 6.51 13.21 8.97
CA ASP E 369 5.51 13.29 7.93
C ASP E 369 5.15 14.75 7.69
N LYS E 370 4.55 15.04 6.53
CA LYS E 370 4.26 16.40 6.16
C LYS E 370 3.00 16.91 6.87
N ASN E 371 2.09 16.03 7.26
CA ASN E 371 0.95 16.45 8.06
C ASN E 371 1.42 16.99 9.41
N THR E 372 2.43 16.38 9.99
CA THR E 372 2.99 16.86 11.24
C THR E 372 3.55 18.26 11.06
N ARG E 373 4.16 18.54 9.90
CA ARG E 373 4.79 19.82 9.66
C ARG E 373 3.75 20.92 9.46
N VAL E 374 2.58 20.60 8.91
CA VAL E 374 1.56 21.59 8.69
C VAL E 374 0.90 21.94 10.02
N MET E 375 0.87 21.02 10.97
CA MET E 375 0.29 21.28 12.26
C MET E 375 1.22 22.13 13.09
N GLN E 376 2.52 21.98 12.90
CA GLN E 376 3.50 22.80 13.57
C GLN E 376 3.48 24.23 13.07
N LEU E 377 3.10 24.44 11.80
CA LEU E 377 3.01 25.76 11.22
C LEU E 377 1.79 26.49 11.79
N ILE E 378 0.69 25.77 11.99
CA ILE E 378 -0.51 26.37 12.54
C ILE E 378 -0.23 26.84 13.97
N GLU E 379 0.54 26.06 14.72
CA GLU E 379 0.83 26.38 16.10
C GLU E 379 1.76 27.59 16.18
N ALA E 380 2.66 27.74 15.22
CA ALA E 380 3.60 28.84 15.20
C ALA E 380 2.91 30.17 14.97
N TYR E 381 1.92 30.22 14.08
CA TYR E 381 1.21 31.44 13.80
C TYR E 381 0.30 31.84 14.96
N ARG E 382 -0.34 30.87 15.58
CA ARG E 382 -1.18 31.15 16.74
C ARG E 382 -0.36 31.68 17.91
N SER E 383 0.92 31.34 17.97
CA SER E 383 1.75 31.68 19.10
C SER E 383 2.58 32.93 18.85
N ARG E 384 3.08 33.13 17.63
CA ARG E 384 4.11 34.13 17.38
C ARG E 384 3.81 34.99 16.15
N GLY E 385 2.57 35.01 15.69
CA GLY E 385 2.25 35.71 14.47
C GLY E 385 2.12 37.22 14.65
N HIS E 386 1.97 37.64 15.90
CA HIS E 386 1.87 39.04 16.25
C HIS E 386 3.17 39.78 15.97
N LEU E 387 4.26 39.05 15.75
CA LEU E 387 5.55 39.68 15.54
C LEU E 387 5.65 40.25 14.15
N ILE E 388 4.77 39.89 13.22
CA ILE E 388 4.82 40.43 11.87
C ILE E 388 3.50 41.05 11.47
N ALA E 389 2.70 41.54 12.41
CA ALA E 389 1.39 42.06 12.09
C ALA E 389 1.46 43.54 11.78
N ASP E 390 0.48 44.03 11.01
CA ASP E 390 0.45 45.40 10.54
C ASP E 390 -0.25 46.28 11.56
N THR E 391 0.47 46.65 12.62
CA THR E 391 -0.13 47.35 13.74
C THR E 391 0.47 48.74 13.91
N ASN E 392 1.47 49.12 13.12
CA ASN E 392 2.11 50.40 13.26
C ASN E 392 1.68 51.32 12.14
N PRO E 393 1.04 52.47 12.40
CA PRO E 393 0.67 53.41 11.36
C PRO E 393 1.82 54.04 10.59
N LEU E 394 2.98 54.18 11.23
CA LEU E 394 4.16 54.68 10.60
C LEU E 394 5.00 53.51 10.08
N SER E 395 5.86 53.80 9.11
CA SER E 395 6.82 52.85 8.60
C SER E 395 8.14 53.07 9.33
N TRP E 396 8.17 52.74 10.62
CA TRP E 396 9.21 53.18 11.52
C TRP E 396 9.75 51.99 12.30
N VAL E 397 11.07 51.84 12.31
CA VAL E 397 11.74 50.94 13.23
C VAL E 397 12.73 51.75 14.05
N GLN E 398 12.61 51.64 15.38
CA GLN E 398 13.44 52.38 16.30
C GLN E 398 14.85 51.83 16.23
N PRO E 399 15.85 52.65 15.91
CA PRO E 399 17.23 52.18 15.76
C PRO E 399 17.99 51.40 16.82
N GLY E 400 17.68 51.53 18.11
CA GLY E 400 18.52 50.88 19.09
C GLY E 400 17.86 49.70 19.82
N MET E 401 16.70 49.25 19.32
CA MET E 401 15.95 48.19 19.98
C MET E 401 16.23 46.86 19.30
N PRO E 402 16.40 45.75 20.04
CA PRO E 402 16.58 44.44 19.43
C PRO E 402 15.37 43.98 18.62
N VAL E 403 15.63 43.32 17.49
CA VAL E 403 14.57 42.77 16.65
C VAL E 403 14.48 41.28 16.94
N PRO E 404 13.33 40.76 17.42
CA PRO E 404 13.17 39.33 17.68
C PRO E 404 13.27 38.48 16.42
N ASP E 405 13.71 37.23 16.62
CA ASP E 405 13.77 36.23 15.57
C ASP E 405 12.35 35.81 15.22
N HIS E 406 12.03 35.82 13.91
CA HIS E 406 10.75 35.30 13.45
C HIS E 406 10.94 34.43 12.21
N ARG E 407 11.84 33.45 12.35
CA ARG E 407 12.09 32.47 11.31
C ARG E 407 11.08 31.34 11.41
N ASP E 408 10.25 31.34 12.46
CA ASP E 408 9.29 30.27 12.67
C ASP E 408 8.08 30.43 11.75
N LEU E 409 7.97 31.56 11.07
CA LEU E 409 6.77 31.89 10.35
C LEU E 409 6.94 31.73 8.85
N ASP E 410 8.09 31.21 8.40
CA ASP E 410 8.28 30.94 6.98
C ASP E 410 8.32 29.44 6.74
N ILE E 411 7.81 29.00 5.59
CA ILE E 411 7.52 27.60 5.35
C ILE E 411 8.81 26.81 5.16
N GLU E 412 9.95 27.47 5.00
CA GLU E 412 11.21 26.80 4.80
C GLU E 412 11.70 26.16 6.09
N THR E 413 11.38 26.76 7.24
CA THR E 413 11.88 26.28 8.51
C THR E 413 11.14 25.01 8.92
N HIS E 414 9.98 24.75 8.32
CA HIS E 414 9.20 23.57 8.61
C HIS E 414 9.31 22.55 7.48
N ASN E 415 10.32 22.68 6.62
CA ASN E 415 10.59 21.78 5.51
C ASN E 415 9.39 21.64 4.58
N LEU E 416 8.86 22.75 4.12
CA LEU E 416 7.83 22.77 3.10
C LEU E 416 8.29 23.71 2.00
N THR E 417 7.65 23.64 0.83
CA THR E 417 8.14 24.28 -0.38
C THR E 417 6.95 24.71 -1.21
N ILE E 418 7.17 25.56 -2.20
CA ILE E 418 6.14 26.01 -3.13
C ILE E 418 5.43 24.84 -3.77
N TRP E 419 6.08 23.67 -3.82
CA TRP E 419 5.52 22.51 -4.50
C TRP E 419 4.49 21.80 -3.63
N ASP E 420 4.22 22.31 -2.43
CA ASP E 420 3.25 21.70 -1.53
C ASP E 420 1.98 22.52 -1.42
N LEU E 421 1.87 23.61 -2.16
CA LEU E 421 0.82 24.58 -1.93
C LEU E 421 -0.53 24.06 -2.41
N ASP E 422 -0.56 23.16 -3.38
CA ASP E 422 -1.83 22.66 -3.90
C ASP E 422 -2.08 21.20 -3.50
N ARG E 423 -1.22 20.63 -2.66
CA ARG E 423 -1.47 19.33 -2.06
C ARG E 423 -2.40 19.49 -0.86
N THR E 424 -3.04 18.40 -0.44
CA THR E 424 -4.08 18.42 0.56
C THR E 424 -3.64 17.66 1.80
N PHE E 425 -4.02 18.14 2.99
CA PHE E 425 -3.49 17.68 4.26
C PHE E 425 -4.61 17.56 5.30
N ASN E 426 -4.37 16.78 6.36
CA ASN E 426 -5.29 16.65 7.49
C ASN E 426 -4.96 17.69 8.54
N VAL E 427 -5.96 18.47 8.95
CA VAL E 427 -5.72 19.67 9.74
C VAL E 427 -6.46 19.61 11.07
N GLY E 428 -7.31 18.60 11.27
CA GLY E 428 -7.82 18.28 12.58
C GLY E 428 -8.79 19.33 13.11
N GLY E 429 -9.71 19.78 12.26
CA GLY E 429 -10.80 20.64 12.70
C GLY E 429 -10.52 22.12 12.53
N PHE E 430 -9.32 22.47 12.05
CA PHE E 430 -8.99 23.86 11.79
C PHE E 430 -9.93 24.40 10.72
N GLY E 431 -10.57 25.54 11.01
CA GLY E 431 -11.46 26.18 10.07
C GLY E 431 -12.78 25.42 9.90
N GLY E 432 -13.07 24.53 10.84
CA GLY E 432 -14.26 23.70 10.77
C GLY E 432 -14.18 22.68 9.63
N LYS E 433 -12.97 22.22 9.30
CA LYS E 433 -12.78 21.27 8.23
C LYS E 433 -11.77 20.22 8.67
N GLU E 434 -11.89 19.01 8.10
CA GLU E 434 -11.01 17.91 8.40
C GLU E 434 -9.84 17.86 7.42
N THR E 435 -9.97 18.55 6.28
CA THR E 435 -8.98 18.48 5.22
C THR E 435 -8.91 19.82 4.50
N MET E 436 -7.73 20.17 3.97
CA MET E 436 -7.48 21.50 3.43
C MET E 436 -6.19 21.50 2.64
N THR E 437 -5.99 22.49 1.78
CA THR E 437 -4.75 22.67 1.06
C THR E 437 -3.86 23.65 1.81
N LEU E 438 -2.54 23.63 1.55
CA LEU E 438 -1.61 24.48 2.25
C LEU E 438 -1.83 25.94 1.85
N ARG E 439 -2.38 26.19 0.68
CA ARG E 439 -2.68 27.52 0.24
C ARG E 439 -3.80 28.08 1.10
N GLU E 440 -4.85 27.31 1.33
CA GLU E 440 -5.96 27.79 2.13
C GLU E 440 -5.56 27.97 3.59
N VAL E 441 -4.68 27.10 4.11
CA VAL E 441 -4.23 27.20 5.49
C VAL E 441 -3.49 28.52 5.68
N LEU E 442 -2.56 28.85 4.79
CA LEU E 442 -1.78 30.06 4.92
C LEU E 442 -2.67 31.29 4.82
N SER E 443 -3.67 31.23 3.96
CA SER E 443 -4.57 32.35 3.76
C SER E 443 -5.34 32.66 5.03
N ARG E 444 -5.86 31.63 5.68
CA ARG E 444 -6.65 31.82 6.89
C ARG E 444 -5.78 32.30 8.04
N LEU E 445 -4.58 31.74 8.19
CA LEU E 445 -3.70 32.14 9.26
C LEU E 445 -3.32 33.60 9.14
N ARG E 446 -3.08 34.07 7.92
CA ARG E 446 -2.62 35.42 7.69
C ARG E 446 -3.75 36.40 7.90
N ALA E 447 -4.98 36.01 7.61
CA ALA E 447 -6.13 36.87 7.80
C ALA E 447 -6.49 37.04 9.26
N ALA E 448 -6.13 36.07 10.08
CA ALA E 448 -6.52 36.06 11.47
C ALA E 448 -5.47 36.65 12.38
N TYR E 449 -4.19 36.60 12.01
CA TYR E 449 -3.15 36.88 12.96
C TYR E 449 -2.12 37.89 12.44
N THR E 450 -2.29 38.47 11.26
CA THR E 450 -1.22 39.27 10.68
C THR E 450 -1.72 40.57 10.07
N LEU E 451 -3.00 40.92 10.19
CA LEU E 451 -3.54 42.16 9.67
C LEU E 451 -3.50 43.23 10.75
N LYS E 452 -4.61 43.90 11.06
CA LYS E 452 -4.62 45.08 11.90
C LYS E 452 -4.77 44.77 13.38
N VAL E 453 -4.97 43.51 13.76
CA VAL E 453 -5.06 43.12 15.16
C VAL E 453 -4.08 41.99 15.43
N GLY E 454 -3.20 42.18 16.41
CA GLY E 454 -2.29 41.14 16.85
C GLY E 454 -2.60 40.71 18.28
N SER E 455 -2.58 39.40 18.54
CA SER E 455 -3.11 38.84 19.76
C SER E 455 -2.12 37.87 20.40
N GLU E 456 -2.06 37.91 21.74
CA GLU E 456 -1.27 37.00 22.54
C GLU E 456 -2.16 36.32 23.56
N TYR E 457 -2.34 34.99 23.45
CA TYR E 457 -3.25 34.26 24.32
C TYR E 457 -2.86 32.81 24.57
N THR E 458 -1.72 32.33 24.07
CA THR E 458 -1.42 30.91 24.10
C THR E 458 -0.72 30.55 25.40
N HIS E 459 -0.33 31.56 26.19
CA HIS E 459 0.31 31.36 27.46
C HIS E 459 -0.70 31.06 28.57
N ILE E 460 -1.99 31.23 28.31
CA ILE E 460 -3.03 30.98 29.28
C ILE E 460 -3.12 29.48 29.55
N LEU E 461 -3.34 29.09 30.81
CA LEU E 461 -3.24 27.71 31.24
C LEU E 461 -4.57 26.98 31.10
N ASP E 462 -5.70 27.68 31.23
CA ASP E 462 -6.99 27.04 31.17
C ASP E 462 -7.40 26.80 29.72
N ARG E 463 -8.01 25.64 29.45
CA ARG E 463 -8.29 25.20 28.10
C ARG E 463 -9.53 25.88 27.56
N ASP E 464 -10.53 26.11 28.42
CA ASP E 464 -11.78 26.71 28.00
C ASP E 464 -11.61 28.18 27.65
N GLU E 465 -10.78 28.91 28.40
CA GLU E 465 -10.43 30.28 28.07
C GLU E 465 -9.76 30.35 26.70
N ARG E 466 -8.72 29.55 26.49
CA ARG E 466 -7.99 29.56 25.24
C ARG E 466 -8.92 29.30 24.07
N THR E 467 -9.85 28.37 24.21
CA THR E 467 -10.70 27.97 23.12
C THR E 467 -11.69 29.08 22.78
N TRP E 468 -12.17 29.80 23.79
CA TRP E 468 -13.11 30.89 23.60
C TRP E 468 -12.47 32.00 22.76
N LEU E 469 -11.23 32.35 23.08
CA LEU E 469 -10.52 33.40 22.38
C LEU E 469 -10.18 32.97 20.97
N GLN E 470 -9.73 31.73 20.82
CA GLN E 470 -9.30 31.19 19.55
C GLN E 470 -10.45 31.16 18.56
N ASP E 471 -11.63 30.80 19.03
CA ASP E 471 -12.80 30.70 18.17
C ASP E 471 -13.23 32.08 17.69
N ARG E 472 -13.13 33.09 18.55
CA ARG E 472 -13.62 34.42 18.22
C ARG E 472 -12.62 35.17 17.33
N LEU E 473 -11.33 34.86 17.44
CA LEU E 473 -10.32 35.55 16.64
C LEU E 473 -10.24 34.97 15.24
N GLU E 474 -10.68 33.72 15.06
CA GLU E 474 -10.59 33.05 13.76
C GLU E 474 -11.88 33.17 12.98
N ALA E 475 -12.97 33.54 13.63
CA ALA E 475 -14.21 33.87 12.94
C ALA E 475 -14.05 35.20 12.22
N GLY E 476 -13.43 36.16 12.88
CA GLY E 476 -13.13 37.46 12.29
C GLY E 476 -14.07 38.54 12.79
N MET E 477 -13.84 39.77 12.31
CA MET E 477 -14.64 40.91 12.69
C MET E 477 -15.86 40.96 11.79
N PRO E 478 -17.09 41.00 12.33
CA PRO E 478 -18.29 41.07 11.51
C PRO E 478 -18.46 42.43 10.83
N LYS E 479 -19.10 42.44 9.66
CA LYS E 479 -19.22 43.64 8.86
C LYS E 479 -20.24 44.56 9.49
N PRO E 480 -19.91 45.84 9.76
CA PRO E 480 -20.85 46.76 10.38
C PRO E 480 -21.84 47.40 9.41
N THR E 481 -22.97 47.84 9.95
CA THR E 481 -24.04 48.44 9.18
C THR E 481 -23.70 49.89 8.87
N GLN E 482 -24.53 50.55 8.07
CA GLN E 482 -24.22 51.89 7.62
C GLN E 482 -24.44 52.89 8.74
N ALA E 483 -25.46 52.68 9.57
CA ALA E 483 -25.71 53.55 10.70
C ALA E 483 -24.55 53.51 11.68
N GLU E 484 -24.02 52.32 11.92
CA GLU E 484 -22.88 52.14 12.79
C GLU E 484 -21.67 52.89 12.25
N GLN E 485 -21.46 52.81 10.94
CA GLN E 485 -20.31 53.44 10.32
C GLN E 485 -20.39 54.95 10.44
N LYS E 486 -21.58 55.52 10.32
CA LYS E 486 -21.73 56.96 10.40
C LYS E 486 -21.52 57.42 11.84
N TYR E 487 -21.82 56.57 12.81
CA TYR E 487 -21.64 56.91 14.21
C TYR E 487 -20.17 56.99 14.56
N ILE E 488 -19.35 56.11 13.97
CA ILE E 488 -17.92 56.16 14.20
C ILE E 488 -17.34 57.45 13.61
N LEU E 489 -17.87 57.91 12.49
CA LEU E 489 -17.36 59.10 11.84
C LEU E 489 -17.72 60.35 12.63
N GLN E 490 -18.88 60.36 13.29
CA GLN E 490 -19.28 61.49 14.12
C GLN E 490 -18.32 61.65 15.30
N LYS E 491 -17.91 60.54 15.92
CA LYS E 491 -17.07 60.58 17.09
C LYS E 491 -15.65 61.00 16.72
N LEU E 492 -15.13 60.52 15.59
CA LEU E 492 -13.81 60.95 15.13
C LEU E 492 -13.82 62.44 14.84
N ASN E 493 -14.90 62.94 14.25
CA ASN E 493 -14.96 64.34 13.89
C ASN E 493 -14.94 65.19 15.14
N ALA E 494 -15.71 64.80 16.16
CA ALA E 494 -15.80 65.54 17.39
C ALA E 494 -14.43 65.70 18.02
N ALA E 495 -13.68 64.61 18.09
CA ALA E 495 -12.36 64.61 18.68
C ALA E 495 -11.45 65.61 18.01
N GLU E 496 -11.31 65.51 16.68
CA GLU E 496 -10.37 66.35 15.95
C GLU E 496 -10.82 67.81 15.96
N ALA E 497 -12.12 68.04 15.86
CA ALA E 497 -12.64 69.39 15.78
C ALA E 497 -12.40 70.16 17.07
N PHE E 498 -12.57 69.50 18.20
CA PHE E 498 -12.39 70.10 19.51
C PHE E 498 -10.96 70.56 19.69
N GLU E 499 -10.00 69.74 19.26
CA GLU E 499 -8.60 70.07 19.39
C GLU E 499 -8.26 71.31 18.58
N ASN E 500 -8.78 71.37 17.36
CA ASN E 500 -8.48 72.46 16.44
C ASN E 500 -9.09 73.77 16.94
N PHE E 501 -10.23 73.70 17.59
CA PHE E 501 -10.87 74.90 18.09
C PHE E 501 -10.01 75.53 19.16
N LEU E 502 -9.53 74.73 20.11
CA LEU E 502 -8.71 75.22 21.22
C LEU E 502 -7.39 75.78 20.70
N GLN E 503 -6.81 75.14 19.70
CA GLN E 503 -5.58 75.60 19.10
C GLN E 503 -5.75 77.02 18.58
N THR E 504 -6.89 77.29 17.93
CA THR E 504 -7.13 78.55 17.25
C THR E 504 -7.42 79.67 18.23
N LYS E 505 -8.20 79.40 19.28
CA LYS E 505 -8.67 80.45 20.16
C LYS E 505 -7.71 80.71 21.32
N TYR E 506 -6.94 79.71 21.74
CA TYR E 506 -5.99 79.86 22.84
C TYR E 506 -4.64 79.25 22.44
N VAL E 507 -3.72 80.08 21.96
CA VAL E 507 -2.58 79.60 21.19
C VAL E 507 -1.49 79.11 22.12
N GLY E 508 -1.09 79.96 23.08
CA GLY E 508 0.05 79.68 23.92
C GLY E 508 -0.25 78.65 25.02
N GLN E 509 -1.54 78.42 25.29
CA GLN E 509 -1.94 77.71 26.49
C GLN E 509 -1.73 76.21 26.33
N LYS E 510 -1.34 75.59 27.44
CA LYS E 510 -0.97 74.19 27.54
C LYS E 510 -2.23 73.34 27.66
N ARG E 511 -2.36 72.31 26.83
CA ARG E 511 -3.59 71.54 26.79
C ARG E 511 -3.36 70.02 26.72
N PHE E 512 -2.16 69.58 26.32
CA PHE E 512 -1.85 68.17 26.15
C PHE E 512 -2.83 67.53 25.17
N SER E 513 -2.55 67.65 23.88
CA SER E 513 -3.48 67.29 22.83
C SER E 513 -3.47 65.80 22.58
N LEU E 514 -4.52 65.33 21.90
CA LEU E 514 -4.76 63.94 21.61
C LEU E 514 -4.56 63.69 20.11
N GLU E 515 -4.05 64.68 19.40
CA GLU E 515 -3.84 64.58 17.98
C GLU E 515 -2.80 63.52 17.69
N GLY E 516 -3.17 62.56 16.84
CA GLY E 516 -2.37 61.38 16.62
C GLY E 516 -3.03 60.14 17.18
N ALA E 517 -3.93 60.32 18.15
CA ALA E 517 -4.54 59.22 18.88
C ALA E 517 -6.02 59.47 19.09
N GLU E 518 -6.72 59.84 18.03
CA GLU E 518 -8.12 60.21 18.14
C GLU E 518 -9.02 58.99 18.14
N ALA E 519 -8.48 57.81 17.88
CA ALA E 519 -9.26 56.60 17.90
C ALA E 519 -9.59 56.14 19.31
N LEU E 520 -8.96 56.75 20.31
CA LEU E 520 -9.27 56.47 21.70
C LEU E 520 -10.72 56.77 22.02
N ILE E 521 -11.33 57.76 21.38
CA ILE E 521 -12.68 58.17 21.74
C ILE E 521 -13.68 57.12 21.31
N PRO E 522 -13.70 56.65 20.05
CA PRO E 522 -14.52 55.49 19.73
C PRO E 522 -14.21 54.16 20.41
N LEU E 523 -12.99 53.95 20.92
CA LEU E 523 -12.67 52.73 21.67
C LEU E 523 -13.35 52.74 23.03
N MET E 524 -13.24 53.86 23.75
CA MET E 524 -13.82 53.99 25.06
C MET E 524 -15.34 53.95 24.98
N ASP E 525 -15.90 54.50 23.90
CA ASP E 525 -17.33 54.54 23.70
C ASP E 525 -17.88 53.14 23.46
N SER E 526 -17.11 52.31 22.77
CA SER E 526 -17.51 50.95 22.45
C SER E 526 -17.61 50.11 23.72
N ALA E 527 -16.64 50.28 24.61
CA ALA E 527 -16.58 49.52 25.85
C ALA E 527 -17.74 49.89 26.77
N ILE E 528 -18.02 51.18 26.91
CA ILE E 528 -19.07 51.66 27.80
C ILE E 528 -20.43 51.24 27.27
N ASP E 529 -20.57 51.16 25.96
CA ASP E 529 -21.83 50.79 25.33
C ASP E 529 -22.10 49.30 25.53
N THR E 530 -21.06 48.48 25.46
CA THR E 530 -21.16 47.05 25.68
C THR E 530 -21.53 46.76 27.13
N ALA E 531 -21.03 47.56 28.07
CA ALA E 531 -21.31 47.36 29.48
C ALA E 531 -22.76 47.70 29.79
N ALA E 532 -23.31 48.70 29.11
CA ALA E 532 -24.69 49.08 29.28
C ALA E 532 -25.62 47.99 28.78
N GLY E 533 -25.20 47.26 27.76
CA GLY E 533 -25.99 46.17 27.24
C GLY E 533 -25.97 44.94 28.13
N GLN E 534 -24.91 44.78 28.92
CA GLN E 534 -24.81 43.67 29.84
C GLN E 534 -25.66 43.91 31.07
N GLY E 535 -26.01 45.16 31.33
CA GLY E 535 -26.94 45.47 32.40
C GLY E 535 -26.26 45.93 33.68
N LEU E 536 -25.08 46.56 33.57
CA LEU E 536 -24.27 46.90 34.73
C LEU E 536 -24.60 48.32 35.17
N ASP E 537 -24.03 48.75 36.29
CA ASP E 537 -24.49 49.93 37.00
C ASP E 537 -23.64 51.17 36.74
N GLU E 538 -22.31 51.04 36.77
CA GLU E 538 -21.44 52.20 36.67
C GLU E 538 -20.12 51.84 35.99
N VAL E 539 -19.43 52.85 35.44
CA VAL E 539 -18.07 52.75 34.95
C VAL E 539 -17.23 53.84 35.61
N VAL E 540 -16.10 53.48 36.23
CA VAL E 540 -15.20 54.41 36.87
C VAL E 540 -13.91 54.49 36.08
N ILE E 541 -13.46 55.71 35.74
CA ILE E 541 -12.30 55.94 34.89
C ILE E 541 -11.19 56.60 35.69
N GLY E 542 -9.95 56.18 35.45
CA GLY E 542 -8.76 56.88 35.89
C GLY E 542 -7.76 57.02 34.76
N MET E 543 -7.14 58.19 34.62
CA MET E 543 -6.27 58.46 33.50
C MET E 543 -5.29 59.57 33.81
N PRO E 544 -4.21 59.74 33.00
CA PRO E 544 -3.36 60.92 33.04
C PRO E 544 -3.76 62.10 32.17
N HIS E 545 -2.80 62.99 31.91
CA HIS E 545 -2.96 64.28 31.24
C HIS E 545 -3.35 64.19 29.77
N ARG E 546 -2.88 63.17 29.05
CA ARG E 546 -2.98 63.09 27.60
C ARG E 546 -4.41 62.89 27.17
N GLY E 547 -5.05 63.96 26.71
CA GLY E 547 -6.38 63.90 26.14
C GLY E 547 -7.48 63.92 27.18
N ARG E 548 -7.32 64.70 28.24
CA ARG E 548 -8.26 64.65 29.33
C ARG E 548 -9.47 65.50 29.05
N LEU E 549 -9.26 66.69 28.51
CA LEU E 549 -10.34 67.62 28.26
C LEU E 549 -11.24 67.10 27.15
N ASN E 550 -10.69 66.23 26.32
CA ASN E 550 -11.41 65.61 25.22
C ASN E 550 -12.34 64.55 25.77
N VAL E 551 -11.86 63.77 26.74
CA VAL E 551 -12.62 62.71 27.37
C VAL E 551 -13.72 63.29 28.23
N LEU E 552 -13.46 64.41 28.90
CA LEU E 552 -14.45 65.03 29.75
C LEU E 552 -15.66 65.48 28.95
N PHE E 553 -15.45 65.94 27.72
CA PHE E 553 -16.52 66.49 26.91
C PHE E 553 -17.23 65.40 26.10
N ASN E 554 -16.49 64.44 25.57
CA ASN E 554 -17.04 63.51 24.59
C ASN E 554 -17.44 62.18 25.21
N ILE E 555 -16.91 61.81 26.39
CA ILE E 555 -17.26 60.54 27.02
C ILE E 555 -18.07 60.75 28.28
N VAL E 556 -17.78 61.76 29.09
CA VAL E 556 -18.40 61.89 30.39
C VAL E 556 -19.60 62.84 30.31
N GLY E 557 -19.48 63.93 29.55
CA GLY E 557 -20.61 64.81 29.31
C GLY E 557 -20.55 66.12 30.08
N LYS E 558 -19.35 66.56 30.47
CA LYS E 558 -19.17 67.85 31.11
C LYS E 558 -19.54 68.92 30.10
N PRO E 559 -20.35 69.94 30.47
CA PRO E 559 -20.78 70.98 29.53
C PRO E 559 -19.63 71.86 29.03
N LEU E 560 -19.80 72.37 27.81
CA LEU E 560 -18.71 72.99 27.07
C LEU E 560 -18.42 74.37 27.62
N ALA E 561 -19.43 74.99 28.21
CA ALA E 561 -19.27 76.29 28.81
C ALA E 561 -18.22 76.26 29.91
N SER E 562 -18.23 75.17 30.69
CA SER E 562 -17.34 74.99 31.82
C SER E 562 -15.87 74.98 31.38
N ILE E 563 -15.61 74.30 30.26
CA ILE E 563 -14.25 74.13 29.79
C ILE E 563 -13.71 75.45 29.24
N PHE E 564 -14.54 76.20 28.53
CA PHE E 564 -14.14 77.49 27.99
C PHE E 564 -13.85 78.47 29.12
N ASN E 565 -14.68 78.46 30.17
CA ASN E 565 -14.48 79.33 31.31
C ASN E 565 -13.12 79.07 31.95
N GLU E 566 -12.77 77.79 32.09
CA GLU E 566 -11.50 77.40 32.69
C GLU E 566 -10.35 78.07 31.95
N PHE E 567 -10.42 78.10 30.61
CA PHE E 567 -9.36 78.64 29.78
C PHE E 567 -9.28 80.16 29.90
N GLU E 568 -10.38 80.81 30.30
CA GLU E 568 -10.41 82.26 30.45
C GLU E 568 -10.07 82.68 31.88
N GLY E 569 -9.87 81.71 32.78
CA GLY E 569 -9.33 81.98 34.10
C GLY E 569 -10.36 81.90 35.23
N GLN E 570 -11.62 81.55 34.89
CA GLN E 570 -12.65 81.35 35.90
C GLN E 570 -12.73 79.86 36.24
N MET E 571 -12.38 79.53 37.49
CA MET E 571 -12.25 78.15 37.93
C MET E 571 -13.36 77.83 38.94
N GLU E 572 -13.95 76.63 38.83
CA GLU E 572 -15.00 76.19 39.72
C GLU E 572 -14.40 75.86 41.09
N GLN E 573 -15.11 76.26 42.16
CA GLN E 573 -14.62 76.12 43.52
C GLN E 573 -15.14 74.80 44.10
N GLY E 574 -14.20 74.02 44.69
CA GLY E 574 -14.53 72.74 45.30
C GLY E 574 -14.97 72.90 46.76
N GLN E 575 -14.12 73.56 47.55
CA GLN E 575 -14.37 73.80 48.96
C GLN E 575 -14.24 75.30 49.21
N ILE E 576 -15.01 75.82 50.17
CA ILE E 576 -14.98 77.24 50.48
C ILE E 576 -13.61 77.58 51.05
N GLY E 577 -12.91 78.48 50.37
CA GLY E 577 -11.59 78.94 50.80
C GLY E 577 -10.46 78.02 50.35
N GLY E 578 -10.70 77.23 49.31
CA GLY E 578 -9.74 76.24 48.84
C GLY E 578 -8.72 76.84 47.88
N SER E 579 -7.61 76.12 47.68
CA SER E 579 -6.48 76.61 46.92
C SER E 579 -6.60 76.28 45.44
N GLY E 580 -7.06 75.07 45.12
CA GLY E 580 -7.38 74.72 43.75
C GLY E 580 -6.32 73.86 43.09
N ASP E 581 -6.50 73.58 41.79
CA ASP E 581 -5.55 72.82 41.01
C ASP E 581 -5.80 73.07 39.52
N VAL E 582 -4.83 72.68 38.69
CA VAL E 582 -4.84 72.91 37.26
C VAL E 582 -5.95 72.08 36.61
N LYS E 583 -6.34 72.48 35.41
CA LYS E 583 -7.60 72.07 34.80
C LYS E 583 -7.60 70.58 34.45
N TYR E 584 -6.43 70.00 34.21
CA TYR E 584 -6.35 68.62 33.77
C TYR E 584 -6.10 67.68 34.95
N HIS E 585 -6.57 68.06 36.16
CA HIS E 585 -6.46 67.21 37.33
C HIS E 585 -7.82 67.01 38.01
N LEU E 586 -8.92 67.41 37.36
CA LEU E 586 -10.22 67.45 37.99
C LEU E 586 -11.09 66.29 37.52
N GLY E 587 -12.19 66.01 38.25
CA GLY E 587 -13.11 64.91 37.93
C GLY E 587 -14.52 65.38 37.61
N SER E 588 -15.41 64.44 37.24
CA SER E 588 -16.80 64.74 36.93
C SER E 588 -17.65 63.47 36.85
N GLU E 589 -18.98 63.66 36.77
CA GLU E 589 -19.96 62.58 36.67
C GLU E 589 -20.89 62.82 35.49
N GLY E 590 -21.56 61.76 35.00
CA GLY E 590 -22.46 61.85 33.87
C GLY E 590 -23.21 60.56 33.60
N GLN E 591 -24.06 60.58 32.55
CA GLN E 591 -24.85 59.42 32.11
C GLN E 591 -24.52 59.11 30.66
N HIS E 592 -24.69 57.86 30.25
CA HIS E 592 -24.49 57.44 28.88
C HIS E 592 -25.68 56.60 28.45
N LEU E 593 -26.34 57.02 27.36
CA LEU E 593 -27.47 56.31 26.78
C LEU E 593 -27.00 55.54 25.56
N GLN E 594 -27.50 54.31 25.42
CA GLN E 594 -27.13 53.42 24.35
C GLN E 594 -27.74 53.93 23.05
N MET E 595 -26.98 53.95 21.97
CA MET E 595 -27.37 54.59 20.72
C MET E 595 -28.37 53.71 19.96
N PHE E 596 -28.11 52.40 19.97
CA PHE E 596 -28.95 51.42 19.30
C PHE E 596 -29.43 50.39 20.30
N GLY E 597 -30.10 50.85 21.37
CA GLY E 597 -30.57 49.99 22.44
C GLY E 597 -31.33 50.80 23.48
N ASP E 598 -31.78 50.15 24.55
CA ASP E 598 -32.58 50.80 25.57
C ASP E 598 -31.83 50.87 26.90
N GLY E 599 -30.51 50.70 26.86
CA GLY E 599 -29.69 50.68 28.06
C GLY E 599 -29.24 52.07 28.49
N GLU E 600 -28.81 52.18 29.76
CA GLU E 600 -28.31 53.41 30.33
C GLU E 600 -27.31 53.05 31.42
N ILE E 601 -26.21 53.80 31.53
CA ILE E 601 -25.19 53.53 32.53
C ILE E 601 -24.64 54.86 33.02
N LYS E 602 -24.02 54.85 34.21
CA LYS E 602 -23.45 56.02 34.85
C LYS E 602 -21.94 56.02 34.65
N VAL E 603 -21.33 57.19 34.39
CA VAL E 603 -19.91 57.31 34.10
C VAL E 603 -19.28 58.34 35.01
N SER E 604 -18.16 57.99 35.65
CA SER E 604 -17.47 58.83 36.61
C SER E 604 -15.98 58.91 36.29
N LEU E 605 -15.34 60.06 36.61
CA LEU E 605 -13.92 60.23 36.45
C LEU E 605 -13.32 60.82 37.73
N THR E 606 -12.18 60.29 38.18
CA THR E 606 -11.62 60.57 39.49
C THR E 606 -10.48 61.59 39.39
N ALA E 607 -10.25 62.31 40.49
CA ALA E 607 -9.19 63.30 40.56
C ALA E 607 -7.84 62.63 40.76
N ASN E 608 -6.76 63.33 40.40
CA ASN E 608 -5.43 62.77 40.53
C ASN E 608 -4.39 63.86 40.51
N PRO E 609 -3.20 63.64 41.10
CA PRO E 609 -2.07 64.55 40.96
C PRO E 609 -1.19 64.30 39.74
N SER E 610 -0.11 65.09 39.61
CA SER E 610 0.79 64.99 38.49
C SER E 610 1.63 63.72 38.55
N HIS E 611 1.88 63.22 39.76
CA HIS E 611 2.63 62.00 39.96
C HIS E 611 1.95 60.86 39.22
N LEU E 612 2.64 60.26 38.26
CA LEU E 612 2.05 59.29 37.37
C LEU E 612 1.81 57.97 38.10
N GLU E 613 0.64 57.37 37.83
CA GLU E 613 0.30 56.01 38.20
C GLU E 613 -0.07 55.92 39.69
N ALA E 614 -0.32 57.04 40.34
CA ALA E 614 -0.68 57.06 41.74
C ALA E 614 -2.19 56.92 41.94
N VAL E 615 -2.93 56.86 40.83
CA VAL E 615 -4.38 56.78 40.85
C VAL E 615 -4.81 55.32 40.73
N ASN E 616 -3.87 54.42 40.49
CA ASN E 616 -4.21 53.05 40.20
C ASN E 616 -4.82 52.37 41.42
N PRO E 617 -4.17 52.34 42.60
CA PRO E 617 -4.80 51.79 43.79
C PRO E 617 -6.01 52.54 44.30
N VAL E 618 -6.06 53.86 44.09
CA VAL E 618 -7.16 54.66 44.59
C VAL E 618 -8.44 54.34 43.85
N MET E 619 -8.37 54.11 42.54
CA MET E 619 -9.59 53.90 41.78
C MET E 619 -10.09 52.47 41.97
N GLU E 620 -9.20 51.54 42.31
CA GLU E 620 -9.60 50.17 42.61
C GLU E 620 -10.40 50.11 43.90
N GLY E 621 -10.01 50.89 44.90
CA GLY E 621 -10.73 51.00 46.15
C GLY E 621 -12.10 51.62 46.00
N ILE E 622 -12.24 52.64 45.14
CA ILE E 622 -13.51 53.29 44.90
C ILE E 622 -14.49 52.26 44.33
N VAL E 623 -14.02 51.38 43.47
CA VAL E 623 -14.89 50.42 42.81
C VAL E 623 -15.34 49.38 43.83
N ARG E 624 -14.44 48.95 44.70
CA ARG E 624 -14.75 47.91 45.67
C ARG E 624 -15.78 48.40 46.67
N ALA E 625 -15.70 49.67 47.06
CA ALA E 625 -16.63 50.23 48.01
C ALA E 625 -18.03 50.33 47.40
N LYS E 626 -18.11 50.67 46.12
CA LYS E 626 -19.38 50.80 45.44
C LYS E 626 -20.04 49.43 45.25
N GLN E 627 -19.24 48.41 44.98
CA GLN E 627 -19.75 47.07 44.80
C GLN E 627 -20.32 46.55 46.11
N ASP E 628 -19.67 46.85 47.22
CA ASP E 628 -20.07 46.34 48.52
C ASP E 628 -21.39 46.95 48.95
N TYR E 629 -21.65 48.20 48.54
CA TYR E 629 -22.86 48.90 48.92
C TYR E 629 -24.06 48.36 48.16
N LEU E 630 -23.87 47.87 46.94
CA LEU E 630 -24.96 47.34 46.16
C LEU E 630 -25.35 45.96 46.65
N ASP E 631 -24.36 45.13 47.03
CA ASP E 631 -24.59 43.87 47.69
C ASP E 631 -25.36 42.92 46.79
N LYS E 632 -24.68 42.33 45.81
CA LYS E 632 -25.30 41.42 44.87
C LYS E 632 -24.61 40.06 44.82
N GLY E 633 -23.52 39.88 45.58
CA GLY E 633 -22.92 38.57 45.73
C GLY E 633 -21.79 38.31 44.74
N VAL E 634 -21.45 37.02 44.59
CA VAL E 634 -20.31 36.57 43.80
C VAL E 634 -20.61 36.71 42.31
N ASP E 635 -21.90 36.61 41.96
CA ASP E 635 -22.36 36.69 40.58
C ASP E 635 -22.67 38.13 40.20
N GLY E 636 -22.29 39.09 41.06
CA GLY E 636 -22.51 40.50 40.82
C GLY E 636 -21.31 41.13 40.13
N LYS E 637 -20.59 41.99 40.86
CA LYS E 637 -19.44 42.70 40.36
C LYS E 637 -19.83 43.56 39.17
N THR E 638 -20.66 44.58 39.44
CA THR E 638 -21.39 45.30 38.42
C THR E 638 -20.94 46.75 38.30
N VAL E 639 -19.77 47.08 38.82
CA VAL E 639 -19.11 48.34 38.59
C VAL E 639 -17.78 48.07 37.91
N VAL E 640 -17.56 48.65 36.72
CA VAL E 640 -16.46 48.31 35.83
C VAL E 640 -15.33 49.33 35.98
N PRO E 641 -14.08 48.94 36.30
CA PRO E 641 -12.94 49.83 36.23
C PRO E 641 -12.24 49.90 34.87
N LEU E 642 -12.04 51.13 34.37
CA LEU E 642 -11.42 51.40 33.08
C LEU E 642 -10.26 52.34 33.29
N LEU E 643 -9.04 51.85 33.06
CA LEU E 643 -7.82 52.52 33.48
C LEU E 643 -6.90 52.76 32.29
N LEU E 644 -6.51 54.02 32.08
CA LEU E 644 -5.70 54.44 30.95
C LEU E 644 -4.27 54.74 31.41
N HIS E 645 -3.28 54.40 30.58
CA HIS E 645 -1.88 54.61 30.90
C HIS E 645 -1.13 55.19 29.69
N GLY E 646 0.12 55.58 29.90
CA GLY E 646 1.08 55.84 28.83
C GLY E 646 2.20 54.81 28.82
N ASP E 647 2.92 54.70 27.71
CA ASP E 647 3.81 53.59 27.46
C ASP E 647 5.04 53.66 28.35
N ALA E 648 5.67 54.83 28.49
CA ALA E 648 6.84 54.96 29.33
C ALA E 648 6.52 54.72 30.79
N ALA E 649 5.39 55.26 31.27
CA ALA E 649 5.01 55.12 32.66
C ALA E 649 4.65 53.69 33.01
N PHE E 650 4.02 52.97 32.09
CA PHE E 650 3.54 51.63 32.38
C PHE E 650 4.70 50.67 32.56
N ALA E 651 5.79 50.84 31.82
CA ALA E 651 6.92 49.95 31.86
C ALA E 651 7.89 50.31 32.97
N GLY E 652 7.85 51.54 33.45
CA GLY E 652 8.90 52.05 34.31
C GLY E 652 8.58 51.99 35.79
N LEU E 653 7.40 52.49 36.17
CA LEU E 653 7.04 52.65 37.56
C LEU E 653 6.56 51.34 38.13
N GLY E 654 6.92 51.08 39.40
CA GLY E 654 6.68 49.79 40.04
C GLY E 654 5.31 49.66 40.68
N ILE E 655 4.58 50.75 40.80
CA ILE E 655 3.24 50.74 41.36
C ILE E 655 2.29 49.98 40.45
N VAL E 656 2.59 49.89 39.15
CA VAL E 656 1.69 49.29 38.19
C VAL E 656 1.57 47.80 38.49
N PRO E 657 2.64 46.99 38.43
CA PRO E 657 2.53 45.56 38.76
C PRO E 657 2.15 45.25 40.21
N GLU E 658 2.45 46.15 41.12
CA GLU E 658 2.11 46.00 42.52
C GLU E 658 0.60 46.01 42.71
N THR E 659 -0.11 46.77 41.87
CA THR E 659 -1.56 46.92 41.97
C THR E 659 -2.26 45.79 41.23
N ILE E 660 -1.65 45.26 40.17
CA ILE E 660 -2.24 44.17 39.42
C ILE E 660 -2.19 42.90 40.25
N ASN E 661 -1.29 42.84 41.23
CA ASN E 661 -1.11 41.68 42.07
C ASN E 661 -2.21 41.55 43.11
N LEU E 662 -3.05 42.58 43.27
CA LEU E 662 -4.15 42.52 44.21
C LEU E 662 -5.44 42.00 43.57
N ALA E 663 -5.39 41.60 42.31
CA ALA E 663 -6.59 41.40 41.51
C ALA E 663 -7.42 40.21 41.96
N LYS E 664 -6.79 39.15 42.44
CA LYS E 664 -7.50 37.92 42.75
C LYS E 664 -7.48 37.62 44.24
N LEU E 665 -7.23 38.60 45.10
CA LEU E 665 -7.16 38.39 46.52
C LEU E 665 -8.52 38.70 47.14
N ARG E 666 -8.72 38.23 48.37
CA ARG E 666 -10.03 38.08 48.96
C ARG E 666 -10.64 39.42 49.27
N GLY E 667 -9.87 40.35 49.78
CA GLY E 667 -10.43 41.65 50.14
C GLY E 667 -10.24 42.74 49.09
N TYR E 668 -9.82 42.37 47.87
CA TYR E 668 -9.44 43.36 46.88
C TYR E 668 -10.05 43.10 45.51
N ASP E 669 -10.70 41.97 45.29
CA ASP E 669 -11.16 41.57 43.97
C ASP E 669 -12.34 42.43 43.54
N VAL E 670 -12.35 42.86 42.28
CA VAL E 670 -13.40 43.71 41.75
C VAL E 670 -13.91 43.17 40.43
N GLY E 671 -13.56 41.95 40.07
CA GLY E 671 -14.12 41.31 38.91
C GLY E 671 -13.32 41.51 37.63
N GLY E 672 -12.15 42.13 37.71
CA GLY E 672 -11.32 42.38 36.54
C GLY E 672 -11.23 43.87 36.21
N THR E 673 -10.15 44.25 35.53
CA THR E 673 -9.90 45.61 35.12
C THR E 673 -9.57 45.64 33.63
N ILE E 674 -10.14 46.59 32.89
CA ILE E 674 -9.82 46.82 31.50
C ILE E 674 -8.74 47.89 31.41
N HIS E 675 -7.57 47.54 30.86
CA HIS E 675 -6.44 48.44 30.75
C HIS E 675 -6.23 48.88 29.31
N ILE E 676 -5.99 50.18 29.08
CA ILE E 676 -5.66 50.72 27.78
C ILE E 676 -4.33 51.44 27.87
N VAL E 677 -3.34 51.04 27.07
CA VAL E 677 -2.06 51.70 26.99
C VAL E 677 -1.98 52.47 25.67
N VAL E 678 -1.83 53.79 25.75
CA VAL E 678 -1.70 54.65 24.59
C VAL E 678 -0.24 54.70 24.18
N ASN E 679 0.12 53.89 23.20
CA ASN E 679 1.49 53.66 22.79
C ASN E 679 1.81 54.57 21.61
N ASN E 680 2.37 55.75 21.90
CA ASN E 680 2.68 56.72 20.88
C ASN E 680 4.19 56.80 20.66
N GLN E 681 4.90 55.80 21.14
CA GLN E 681 6.25 55.51 20.74
C GLN E 681 7.22 56.58 21.20
N ILE E 682 6.94 57.24 22.31
CA ILE E 682 7.80 58.30 22.81
C ILE E 682 7.39 58.70 24.22
N GLY E 683 8.39 59.07 25.02
CA GLY E 683 8.23 59.55 26.39
C GLY E 683 8.02 61.06 26.40
N PHE E 684 9.06 61.80 26.75
CA PHE E 684 9.07 63.25 26.58
C PHE E 684 10.09 63.55 25.49
N THR E 685 11.36 63.23 25.75
CA THR E 685 12.41 63.29 24.76
C THR E 685 13.12 61.95 24.70
N THR E 686 12.48 60.88 25.19
CA THR E 686 13.11 59.59 25.36
C THR E 686 12.36 58.55 24.55
N THR E 687 13.09 57.67 23.86
CA THR E 687 12.53 56.66 23.00
C THR E 687 12.55 55.32 23.70
N PRO E 688 11.75 54.33 23.25
CA PRO E 688 11.65 53.04 23.92
C PRO E 688 12.92 52.24 24.20
N ASP E 689 13.99 52.53 23.47
CA ASP E 689 15.25 51.85 23.65
C ASP E 689 15.89 52.24 24.98
N SER E 690 15.49 53.39 25.54
CA SER E 690 16.03 53.87 26.79
C SER E 690 15.02 53.78 27.92
N SER E 691 13.87 53.15 27.69
CA SER E 691 12.77 53.19 28.62
C SER E 691 12.42 51.81 29.16
N ARG E 692 12.68 50.74 28.44
CA ARG E 692 12.32 49.43 28.91
C ARG E 692 13.25 48.36 28.37
N SER E 693 13.26 47.22 29.04
CA SER E 693 14.02 46.05 28.66
C SER E 693 13.09 44.92 28.20
N MET E 694 11.80 45.22 28.04
CA MET E 694 10.83 44.29 27.50
C MET E 694 10.61 44.63 26.03
N HIS E 695 10.09 43.70 25.24
CA HIS E 695 9.86 43.92 23.82
C HIS E 695 8.64 44.79 23.61
N TYR E 696 7.55 44.49 24.32
CA TYR E 696 6.36 45.32 24.32
C TYR E 696 6.17 45.94 25.71
N ALA E 697 5.41 47.02 25.77
CA ALA E 697 5.15 47.71 27.02
C ALA E 697 4.17 46.94 27.88
N THR E 698 3.39 46.04 27.27
CA THR E 698 2.33 45.33 27.94
C THR E 698 2.75 43.91 28.29
N ASP E 699 4.02 43.69 28.64
CA ASP E 699 4.51 42.34 28.84
C ASP E 699 4.33 41.86 30.28
N TYR E 700 3.88 42.73 31.18
CA TYR E 700 3.52 42.32 32.52
C TYR E 700 2.31 41.40 32.50
N ALA E 701 1.54 41.42 31.43
CA ALA E 701 0.37 40.57 31.29
C ALA E 701 0.75 39.09 31.32
N LYS E 702 1.92 38.75 30.82
CA LYS E 702 2.35 37.37 30.77
C LYS E 702 2.76 36.86 32.13
N ALA E 703 3.00 37.75 33.09
CA ALA E 703 3.31 37.33 34.45
C ALA E 703 2.05 36.92 35.20
N PHE E 704 0.90 37.42 34.76
CA PHE E 704 -0.35 37.25 35.49
C PHE E 704 -1.33 36.37 34.73
N GLY E 705 -0.99 35.96 33.51
CA GLY E 705 -1.78 34.99 32.78
C GLY E 705 -3.01 35.61 32.12
N CYS E 706 -2.83 36.75 31.44
CA CYS E 706 -3.94 37.51 30.89
C CYS E 706 -3.72 37.77 29.41
N PRO E 707 -4.79 37.96 28.60
CA PRO E 707 -4.64 38.23 27.17
C PRO E 707 -4.30 39.67 26.77
N VAL E 708 -3.61 39.83 25.63
CA VAL E 708 -3.23 41.14 25.12
C VAL E 708 -3.69 41.27 23.68
N PHE E 709 -4.22 42.45 23.32
CA PHE E 709 -4.63 42.79 21.97
C PHE E 709 -3.91 44.04 21.52
N HIS E 710 -3.14 43.97 20.43
CA HIS E 710 -2.48 45.11 19.83
C HIS E 710 -3.25 45.55 18.60
N VAL E 711 -3.60 46.83 18.48
CA VAL E 711 -4.47 47.28 17.41
C VAL E 711 -3.92 48.57 16.81
N ASN E 712 -4.05 48.69 15.48
CA ASN E 712 -3.65 49.83 14.68
C ASN E 712 -4.61 50.97 14.90
N GLY E 713 -4.09 52.14 15.20
CA GLY E 713 -4.90 53.29 15.54
C GLY E 713 -5.37 54.09 14.34
N ASP E 714 -5.09 53.61 13.12
CA ASP E 714 -5.61 54.21 11.92
C ASP E 714 -6.60 53.29 11.22
N ASP E 715 -7.19 52.33 11.94
CA ASP E 715 -8.27 51.49 11.42
C ASP E 715 -9.41 51.47 12.41
N PRO E 716 -10.32 52.46 12.38
CA PRO E 716 -11.32 52.61 13.43
C PRO E 716 -12.31 51.48 13.63
N GLU E 717 -12.59 50.68 12.62
CA GLU E 717 -13.55 49.60 12.77
C GLU E 717 -12.95 48.44 13.56
N ALA E 718 -11.65 48.23 13.44
CA ALA E 718 -10.95 47.23 14.22
C ALA E 718 -10.83 47.65 15.67
N VAL E 719 -10.74 48.94 15.94
CA VAL E 719 -10.61 49.46 17.28
C VAL E 719 -11.91 49.23 18.03
N VAL E 720 -13.04 49.39 17.35
CA VAL E 720 -14.35 49.25 17.96
C VAL E 720 -14.63 47.79 18.26
N TRP E 721 -14.10 46.89 17.45
CA TRP E 721 -14.28 45.46 17.67
C TRP E 721 -13.50 44.99 18.88
N VAL E 722 -12.28 45.49 19.06
CA VAL E 722 -11.41 45.06 20.15
C VAL E 722 -11.98 45.54 21.49
N GLY E 723 -12.61 46.71 21.50
CA GLY E 723 -13.25 47.22 22.69
C GLY E 723 -14.40 46.34 23.16
N GLN E 724 -15.19 45.84 22.22
CA GLN E 724 -16.32 44.97 22.52
C GLN E 724 -15.85 43.61 23.03
N LEU E 725 -14.81 43.07 22.41
CA LEU E 725 -14.32 41.74 22.71
C LEU E 725 -13.70 41.70 24.10
N ALA E 726 -13.08 42.80 24.51
CA ALA E 726 -12.45 42.89 25.81
C ALA E 726 -13.47 42.93 26.94
N THR E 727 -14.57 43.67 26.73
CA THR E 727 -15.59 43.83 27.74
C THR E 727 -16.39 42.54 27.91
N GLU E 728 -16.48 41.72 26.86
CA GLU E 728 -17.13 40.43 26.94
C GLU E 728 -16.28 39.42 27.68
N TYR E 729 -14.96 39.47 27.50
CA TYR E 729 -14.04 38.55 28.15
C TYR E 729 -14.06 38.80 29.66
N ARG E 730 -14.19 40.05 30.07
CA ARG E 730 -14.19 40.40 31.48
C ARG E 730 -15.42 39.84 32.17
N ARG E 731 -16.56 39.88 31.49
CA ARG E 731 -17.82 39.50 32.09
C ARG E 731 -17.91 37.99 32.25
N ARG E 732 -17.25 37.23 31.37
CA ARG E 732 -17.36 35.78 31.41
C ARG E 732 -16.35 35.16 32.36
N PHE E 733 -15.14 35.70 32.44
CA PHE E 733 -14.05 35.02 33.12
C PHE E 733 -13.59 35.76 34.38
N GLY E 734 -13.90 37.04 34.51
CA GLY E 734 -13.61 37.78 35.71
C GLY E 734 -12.13 38.07 35.91
N LYS E 735 -11.41 38.36 34.82
CA LYS E 735 -9.98 38.59 34.86
C LYS E 735 -9.64 39.90 34.13
N ASP E 736 -8.38 40.31 34.24
CA ASP E 736 -7.89 41.53 33.63
C ASP E 736 -7.59 41.30 32.15
N VAL E 737 -7.69 42.37 31.36
CA VAL E 737 -7.48 42.33 29.92
C VAL E 737 -6.73 43.60 29.53
N PHE E 738 -5.83 43.50 28.54
CA PHE E 738 -4.94 44.58 28.17
C PHE E 738 -5.06 44.92 26.69
N ILE E 739 -5.22 46.21 26.37
CA ILE E 739 -5.28 46.71 25.00
C ILE E 739 -4.12 47.67 24.77
N ASP E 740 -3.39 47.48 23.67
CA ASP E 740 -2.29 48.32 23.26
C ASP E 740 -2.66 49.06 21.97
N LEU E 741 -2.92 50.36 22.07
CA LEU E 741 -3.33 51.17 20.95
C LEU E 741 -2.12 51.88 20.37
N VAL E 742 -1.68 51.44 19.19
CA VAL E 742 -0.45 51.94 18.58
C VAL E 742 -0.77 53.15 17.72
N CYS E 743 -0.14 54.28 18.03
CA CYS E 743 -0.42 55.56 17.42
C CYS E 743 0.82 56.46 17.48
N TYR E 744 0.67 57.77 17.25
CA TYR E 744 1.80 58.68 17.31
C TYR E 744 1.38 59.98 18.00
N ARG E 745 2.35 60.87 18.25
CA ARG E 745 2.15 62.18 18.84
C ARG E 745 2.51 63.24 17.83
N LEU E 746 1.54 64.07 17.40
CA LEU E 746 1.70 64.96 16.26
C LEU E 746 2.58 66.15 16.62
N ARG E 747 2.37 66.74 17.78
CA ARG E 747 3.14 67.88 18.20
C ARG E 747 4.19 67.42 19.20
N GLY E 748 4.79 68.37 19.92
CA GLY E 748 5.74 68.07 20.98
C GLY E 748 5.02 67.61 22.25
N HIS E 749 5.80 67.45 23.33
CA HIS E 749 5.25 66.96 24.58
C HIS E 749 4.15 67.90 25.03
N ASN E 750 4.46 69.19 24.98
CA ASN E 750 3.46 70.24 25.14
C ASN E 750 3.51 71.07 23.86
N GLU E 751 2.71 72.13 23.80
CA GLU E 751 2.53 72.89 22.58
C GLU E 751 3.57 73.99 22.47
N ALA E 752 4.62 73.96 23.30
CA ALA E 752 5.66 74.96 23.27
C ALA E 752 7.02 74.35 22.98
N ASP E 753 7.05 73.06 22.60
CA ASP E 753 8.30 72.32 22.48
C ASP E 753 8.53 71.91 21.03
N ASP E 754 9.81 71.81 20.63
CA ASP E 754 10.17 71.43 19.28
C ASP E 754 10.80 70.04 19.28
N PRO E 755 10.12 68.99 18.79
CA PRO E 755 10.64 67.64 18.86
C PRO E 755 11.71 67.24 17.86
N SER E 756 12.04 68.12 16.92
CA SER E 756 13.00 67.82 15.88
C SER E 756 14.42 67.94 16.41
N MET E 757 14.61 68.59 17.56
CA MET E 757 15.94 68.77 18.10
C MET E 757 16.53 67.42 18.50
N THR E 758 15.69 66.47 18.92
CA THR E 758 16.16 65.23 19.49
C THR E 758 15.68 64.01 18.71
N GLN E 759 14.59 64.14 17.94
CA GLN E 759 14.10 63.04 17.12
C GLN E 759 13.87 63.51 15.69
N PRO E 760 14.91 63.83 14.90
CA PRO E 760 14.73 64.33 13.54
C PRO E 760 14.09 63.40 12.52
N LYS E 761 14.47 62.13 12.53
CA LYS E 761 14.06 61.21 11.49
C LYS E 761 12.61 60.76 11.70
N MET E 762 12.18 60.67 12.96
CA MET E 762 10.83 60.25 13.28
C MET E 762 9.85 61.33 12.88
N TYR E 763 10.23 62.60 12.99
CA TYR E 763 9.30 63.68 12.71
C TYR E 763 9.38 64.12 11.24
N GLU E 764 10.17 63.41 10.42
CA GLU E 764 10.07 63.52 8.98
C GLU E 764 8.89 62.68 8.48
N LEU E 765 8.61 61.58 9.15
CA LEU E 765 7.51 60.72 8.81
C LEU E 765 6.18 61.26 9.30
N ILE E 766 6.16 62.12 10.32
CA ILE E 766 4.92 62.50 10.98
C ILE E 766 4.38 63.78 10.36
N THR E 767 5.25 64.75 10.09
CA THR E 767 4.80 66.06 9.65
C THR E 767 4.25 65.98 8.24
N GLY E 768 2.98 66.38 8.09
CA GLY E 768 2.34 66.43 6.80
C GLY E 768 1.59 65.15 6.41
N ARG E 769 1.22 64.33 7.39
CA ARG E 769 0.38 63.18 7.15
C ARG E 769 -1.07 63.63 7.01
N GLU E 770 -1.94 62.72 6.59
CA GLU E 770 -3.36 62.97 6.62
C GLU E 770 -3.96 62.25 7.82
N THR E 771 -4.93 62.89 8.46
CA THR E 771 -5.45 62.46 9.74
C THR E 771 -6.35 61.24 9.57
N VAL E 772 -6.74 60.64 10.69
CA VAL E 772 -7.52 59.40 10.71
C VAL E 772 -8.94 59.69 10.30
N ARG E 773 -9.43 60.90 10.54
CA ARG E 773 -10.76 61.30 10.13
C ARG E 773 -10.82 61.46 8.62
N ALA E 774 -9.79 62.05 8.03
CA ALA E 774 -9.71 62.26 6.61
C ALA E 774 -9.62 60.95 5.85
N GLN E 775 -8.79 60.03 6.33
CA GLN E 775 -8.64 58.74 5.69
C GLN E 775 -9.94 57.97 5.72
N TYR E 776 -10.67 58.03 6.81
CA TYR E 776 -11.86 57.20 6.97
C TYR E 776 -12.99 57.74 6.10
N THR E 777 -13.08 59.05 5.94
CA THR E 777 -14.08 59.65 5.11
C THR E 777 -13.86 59.29 3.66
N GLU E 778 -12.60 59.20 3.25
CA GLU E 778 -12.24 58.86 1.89
C GLU E 778 -12.57 57.42 1.60
N ASP E 779 -12.41 56.55 2.58
CA ASP E 779 -12.69 55.13 2.43
C ASP E 779 -14.19 54.88 2.29
N LEU E 780 -15.02 55.56 3.08
CA LEU E 780 -16.45 55.36 3.05
C LEU E 780 -17.05 55.90 1.76
N LEU E 781 -16.57 57.03 1.24
CA LEU E 781 -17.05 57.57 -0.02
C LEU E 781 -16.60 56.69 -1.18
N GLY E 782 -15.49 56.00 -1.03
CA GLY E 782 -15.03 55.10 -2.07
C GLY E 782 -15.86 53.83 -2.20
N ARG E 783 -16.31 53.27 -1.07
CA ARG E 783 -17.08 52.05 -1.07
C ARG E 783 -18.57 52.35 -1.19
N GLY E 784 -18.93 53.63 -1.28
CA GLY E 784 -20.30 54.01 -1.54
C GLY E 784 -21.19 53.89 -0.31
N ASP E 785 -20.59 54.03 0.89
CA ASP E 785 -21.29 53.83 2.14
C ASP E 785 -21.79 55.15 2.72
N LEU E 786 -21.47 56.27 2.06
CA LEU E 786 -21.84 57.59 2.55
C LEU E 786 -21.88 58.57 1.38
N SER E 787 -22.79 59.54 1.40
CA SER E 787 -22.86 60.57 0.38
C SER E 787 -22.03 61.78 0.77
N ASN E 788 -21.85 62.72 -0.17
CA ASN E 788 -21.03 63.89 0.09
C ASN E 788 -21.80 64.91 0.92
N GLU E 789 -23.10 65.03 0.68
CA GLU E 789 -23.92 65.94 1.46
C GLU E 789 -23.88 65.54 2.93
N ASP E 790 -23.96 64.24 3.20
CA ASP E 790 -23.91 63.73 4.55
C ASP E 790 -22.56 64.06 5.18
N ALA E 791 -21.48 63.82 4.45
CA ALA E 791 -20.15 64.02 4.95
C ALA E 791 -19.88 65.47 5.29
N GLU E 792 -20.52 66.40 4.59
CA GLU E 792 -20.26 67.81 4.79
C GLU E 792 -21.12 68.34 5.94
N ALA E 793 -22.30 67.76 6.12
CA ALA E 793 -23.16 68.16 7.21
C ALA E 793 -22.52 67.83 8.55
N VAL E 794 -21.88 66.66 8.63
CA VAL E 794 -21.28 66.20 9.86
C VAL E 794 -20.30 67.24 10.39
N VAL E 795 -19.52 67.86 9.49
CA VAL E 795 -18.52 68.82 9.88
C VAL E 795 -19.16 70.14 10.25
N ARG E 796 -20.08 70.61 9.42
CA ARG E 796 -20.66 71.93 9.57
C ARG E 796 -21.44 72.04 10.87
N ASP E 797 -22.22 71.02 11.20
CA ASP E 797 -23.10 71.09 12.35
C ASP E 797 -22.31 71.24 13.64
N PHE E 798 -21.23 70.47 13.80
CA PHE E 798 -20.49 70.45 15.04
C PHE E 798 -19.75 71.77 15.24
N HIS E 799 -19.27 72.36 14.16
CA HIS E 799 -18.55 73.62 14.26
C HIS E 799 -19.48 74.74 14.66
N ASP E 800 -20.73 74.69 14.19
CA ASP E 800 -21.71 75.71 14.52
C ASP E 800 -22.05 75.65 16.00
N GLN E 801 -22.16 74.43 16.53
CA GLN E 801 -22.46 74.21 17.94
C GLN E 801 -21.41 74.86 18.83
N MET E 802 -20.13 74.68 18.49
CA MET E 802 -19.04 75.17 19.32
C MET E 802 -18.95 76.67 19.25
N GLU E 803 -19.18 77.23 18.06
CA GLU E 803 -19.08 78.66 17.86
C GLU E 803 -20.16 79.37 18.66
N SER E 804 -21.35 78.78 18.71
CA SER E 804 -22.47 79.33 19.45
C SER E 804 -22.12 79.49 20.93
N VAL E 805 -21.64 78.40 21.54
CA VAL E 805 -21.35 78.36 22.96
C VAL E 805 -20.24 79.37 23.29
N PHE E 806 -19.24 79.46 22.43
CA PHE E 806 -18.10 80.33 22.67
C PHE E 806 -18.53 81.78 22.75
N ASN E 807 -19.42 82.19 21.87
CA ASN E 807 -19.87 83.58 21.81
C ASN E 807 -20.66 83.91 23.08
N GLU E 808 -21.47 82.97 23.54
CA GLU E 808 -22.27 83.14 24.74
C GLU E 808 -21.38 83.34 25.96
N VAL E 809 -20.22 82.69 25.99
CA VAL E 809 -19.32 82.73 27.13
C VAL E 809 -18.57 84.06 27.17
N LYS E 810 -18.38 84.70 26.01
CA LYS E 810 -17.62 85.93 25.93
C LYS E 810 -18.48 87.16 26.23
N GLU E 811 -19.81 87.01 26.20
CA GLU E 811 -20.71 88.11 26.51
C GLU E 811 -20.53 88.52 27.97
N GLY E 812 -20.56 87.54 28.87
CA GLY E 812 -20.29 87.76 30.28
C GLY E 812 -18.85 88.22 30.50
N GLY E 813 -18.69 89.26 31.33
CA GLY E 813 -17.39 89.86 31.59
C GLY E 813 -16.51 88.99 32.48
N LYS E 814 -15.20 89.24 32.42
CA LYS E 814 -14.22 88.49 33.20
C LYS E 814 -14.07 89.12 34.57
N LYS E 815 -14.06 88.29 35.62
CA LYS E 815 -13.86 88.74 36.99
C LYS E 815 -12.37 88.95 37.25
N GLN E 816 -12.06 89.67 38.32
CA GLN E 816 -10.68 89.94 38.72
C GLN E 816 -10.29 89.01 39.87
N ALA E 817 -8.98 88.90 40.10
CA ALA E 817 -8.43 87.96 41.07
C ALA E 817 -8.80 88.40 42.49
N GLU E 818 -8.95 87.42 43.38
CA GLU E 818 -9.28 87.65 44.78
C GLU E 818 -8.53 86.64 45.64
N ALA E 819 -8.12 87.06 46.84
CA ALA E 819 -7.32 86.23 47.72
C ALA E 819 -8.14 85.06 48.26
N GLN E 820 -7.44 83.94 48.53
CA GLN E 820 -8.06 82.71 49.03
C GLN E 820 -7.89 82.66 50.54
N THR E 821 -8.98 82.34 51.26
CA THR E 821 -9.09 82.59 52.68
C THR E 821 -8.57 81.43 53.51
N GLY E 822 -8.93 80.19 53.13
CA GLY E 822 -8.52 79.00 53.87
C GLY E 822 -9.71 78.09 54.16
N ILE E 823 -9.44 76.88 54.65
CA ILE E 823 -10.48 75.87 54.82
C ILE E 823 -10.68 75.50 56.28
N THR E 824 -10.16 76.30 57.21
CA THR E 824 -10.17 75.95 58.62
C THR E 824 -11.59 75.86 59.15
N GLY E 825 -12.46 76.80 58.76
CA GLY E 825 -13.79 76.91 59.33
C GLY E 825 -14.88 76.42 58.38
N SER E 826 -14.51 75.63 57.38
CA SER E 826 -15.45 75.20 56.35
C SER E 826 -16.28 74.00 56.81
N GLN E 827 -15.85 73.33 57.89
CA GLN E 827 -16.60 72.24 58.49
C GLN E 827 -16.75 72.49 59.99
N LYS E 828 -17.87 72.02 60.57
CA LYS E 828 -18.20 72.29 61.96
C LYS E 828 -17.64 71.20 62.87
N LEU E 829 -17.46 71.57 64.15
CA LEU E 829 -16.97 70.65 65.17
C LEU E 829 -18.14 70.14 65.99
N PRO E 830 -18.12 68.87 66.46
CA PRO E 830 -19.25 68.28 67.17
C PRO E 830 -19.33 68.70 68.64
N HIS E 831 -19.96 69.86 68.88
CA HIS E 831 -20.06 70.39 70.23
C HIS E 831 -21.16 69.67 70.98
N GLY E 832 -20.79 69.09 72.14
CA GLY E 832 -21.74 68.51 73.07
C GLY E 832 -22.22 67.12 72.64
N LEU E 833 -21.29 66.30 72.13
CA LEU E 833 -21.60 64.94 71.73
C LEU E 833 -21.04 63.99 72.78
N GLU E 834 -21.85 62.99 73.18
CA GLU E 834 -21.48 62.06 74.24
C GLU E 834 -21.21 60.70 73.64
N THR E 835 -20.15 60.04 74.08
CA THR E 835 -19.60 58.89 73.41
C THR E 835 -19.54 57.66 74.31
N ASN E 836 -20.30 57.66 75.40
CA ASN E 836 -20.32 56.53 76.32
C ASN E 836 -21.39 55.54 75.90
N ILE E 837 -21.19 54.26 76.23
CA ILE E 837 -22.17 53.23 75.97
C ILE E 837 -22.82 52.83 77.30
N SER E 838 -23.90 52.04 77.24
CA SER E 838 -24.61 51.59 78.42
C SER E 838 -23.96 50.34 78.98
N ARG E 839 -24.31 50.01 80.23
CA ARG E 839 -23.72 48.88 80.92
C ARG E 839 -24.20 47.57 80.31
N GLU E 840 -25.42 47.58 79.76
CA GLU E 840 -25.97 46.41 79.12
C GLU E 840 -25.22 46.12 77.83
N GLU E 841 -24.85 47.17 77.09
CA GLU E 841 -24.14 47.03 75.83
C GLU E 841 -22.74 46.47 76.06
N LEU E 842 -22.11 46.83 77.18
CA LEU E 842 -20.75 46.43 77.47
C LEU E 842 -20.71 44.94 77.80
N LEU E 843 -21.73 44.44 78.51
CA LEU E 843 -21.75 43.04 78.90
C LEU E 843 -22.02 42.16 77.69
N GLU E 844 -22.80 42.65 76.74
CA GLU E 844 -23.15 41.88 75.56
C GLU E 844 -21.92 41.71 74.68
N LEU E 845 -21.10 42.76 74.57
CA LEU E 845 -19.87 42.71 73.79
C LEU E 845 -18.92 41.71 74.41
N GLY E 846 -18.86 41.68 75.73
CA GLY E 846 -18.02 40.72 76.43
C GLY E 846 -18.41 39.28 76.18
N GLN E 847 -19.72 38.99 76.15
CA GLN E 847 -20.20 37.64 75.99
C GLN E 847 -19.97 37.08 74.60
N ALA E 848 -19.72 37.92 73.62
CA ALA E 848 -19.51 37.46 72.27
C ALA E 848 -18.38 36.45 72.18
N PHE E 849 -17.43 36.52 73.12
CA PHE E 849 -16.27 35.66 73.12
C PHE E 849 -16.52 34.37 73.89
N ALA E 850 -17.73 34.19 74.44
CA ALA E 850 -18.12 32.95 75.07
C ALA E 850 -19.10 32.17 74.22
N ASN E 851 -19.77 32.82 73.26
CA ASN E 851 -20.75 32.17 72.42
C ASN E 851 -20.07 31.55 71.23
N THR E 852 -19.27 30.52 71.45
CA THR E 852 -18.56 29.83 70.40
C THR E 852 -19.53 28.97 69.61
N PRO E 853 -19.27 28.64 68.34
CA PRO E 853 -20.07 27.67 67.62
C PRO E 853 -20.05 26.29 68.26
N GLU E 854 -20.69 25.31 67.61
CA GLU E 854 -21.16 24.11 68.29
C GLU E 854 -19.99 23.24 68.75
N GLY E 855 -19.10 22.84 67.86
CA GLY E 855 -17.97 22.05 68.32
C GLY E 855 -16.64 22.74 68.09
N PHE E 856 -16.56 24.03 68.42
CA PHE E 856 -15.37 24.85 68.25
C PHE E 856 -14.64 24.91 69.59
N ASN E 857 -13.31 24.81 69.55
CA ASN E 857 -12.49 25.09 70.70
C ASN E 857 -11.32 25.99 70.31
N TYR E 858 -10.87 26.82 71.25
CA TYR E 858 -9.76 27.72 71.05
C TYR E 858 -8.45 26.97 71.23
N HIS E 859 -7.37 27.54 70.69
CA HIS E 859 -6.02 27.04 70.87
C HIS E 859 -5.63 27.33 72.30
N PRO E 860 -4.81 26.49 72.96
CA PRO E 860 -4.47 26.70 74.34
C PRO E 860 -3.78 27.99 74.77
N ARG E 861 -3.21 28.72 73.83
CA ARG E 861 -2.50 29.95 74.13
C ARG E 861 -3.40 31.15 73.82
N VAL E 862 -4.57 30.90 73.23
CA VAL E 862 -5.56 31.92 72.90
C VAL E 862 -6.72 31.88 73.87
N ALA E 863 -6.89 30.77 74.59
CA ALA E 863 -8.03 30.56 75.47
C ALA E 863 -7.99 31.47 76.67
N PRO E 864 -6.84 31.72 77.32
CA PRO E 864 -6.77 32.69 78.39
C PRO E 864 -7.13 34.14 78.04
N VAL E 865 -6.91 34.53 76.79
CA VAL E 865 -7.22 35.87 76.33
C VAL E 865 -8.73 36.02 76.23
N ALA E 866 -9.40 34.98 75.73
CA ALA E 866 -10.84 34.99 75.61
C ALA E 866 -11.52 35.04 76.99
N LYS E 867 -11.00 34.30 77.97
CA LYS E 867 -11.62 34.30 79.27
C LYS E 867 -11.49 35.66 79.92
N LYS E 868 -10.36 36.32 79.73
CA LYS E 868 -10.11 37.59 80.37
C LYS E 868 -11.04 38.65 79.79
N ARG E 869 -11.39 38.51 78.52
CA ARG E 869 -12.28 39.46 77.87
C ARG E 869 -13.69 39.36 78.44
N VAL E 870 -14.12 38.15 78.81
CA VAL E 870 -15.46 37.94 79.34
C VAL E 870 -15.54 38.42 80.78
N SER E 871 -14.46 38.33 81.55
CA SER E 871 -14.49 38.70 82.94
C SER E 871 -14.18 40.15 83.19
N SER E 872 -13.49 40.82 82.25
CA SER E 872 -12.94 42.14 82.49
C SER E 872 -14.02 43.20 82.43
N VAL E 873 -15.12 42.92 81.74
CA VAL E 873 -16.20 43.88 81.56
C VAL E 873 -17.02 43.97 82.82
N THR E 874 -16.64 43.26 83.89
CA THR E 874 -17.31 43.40 85.17
C THR E 874 -16.32 43.55 86.32
N GLU E 875 -15.07 43.15 86.17
CA GLU E 875 -14.11 43.17 87.25
C GLU E 875 -13.02 44.21 87.07
N GLY E 876 -12.66 44.54 85.82
CA GLY E 876 -11.65 45.56 85.57
C GLY E 876 -10.49 45.01 84.77
N GLY E 877 -9.51 45.88 84.50
CA GLY E 877 -8.28 45.49 83.87
C GLY E 877 -8.42 45.30 82.36
N ILE E 878 -8.95 46.31 81.68
CA ILE E 878 -9.13 46.24 80.24
C ILE E 878 -7.87 46.79 79.57
N ASP E 879 -7.32 46.04 78.61
CA ASP E 879 -6.06 46.39 77.99
C ASP E 879 -6.31 47.15 76.69
N TRP E 880 -5.23 47.45 75.96
CA TRP E 880 -5.30 48.32 74.81
C TRP E 880 -6.07 47.68 73.68
N ALA E 881 -5.76 46.44 73.34
CA ALA E 881 -6.38 45.79 72.20
C ALA E 881 -7.88 45.64 72.41
N TRP E 882 -8.30 45.37 73.64
CA TRP E 882 -9.69 45.14 73.94
C TRP E 882 -10.46 46.45 73.89
N GLY E 883 -9.81 47.55 74.23
CA GLY E 883 -10.40 48.87 74.08
C GLY E 883 -10.71 49.23 72.64
N GLU E 884 -9.77 48.92 71.73
CA GLU E 884 -9.94 49.19 70.31
C GLU E 884 -11.09 48.38 69.75
N LEU E 885 -11.16 47.09 70.09
CA LEU E 885 -12.18 46.20 69.54
C LEU E 885 -13.55 46.56 70.10
N LEU E 886 -13.62 47.02 71.34
CA LEU E 886 -14.89 47.46 71.91
C LEU E 886 -15.45 48.63 71.14
N ALA E 887 -14.58 49.52 70.64
CA ALA E 887 -15.01 50.66 69.86
C ALA E 887 -15.56 50.23 68.50
N PHE E 888 -14.84 49.39 67.80
CA PHE E 888 -15.26 49.00 66.47
C PHE E 888 -16.51 48.14 66.54
N GLY E 889 -16.62 47.31 67.57
CA GLY E 889 -17.78 46.47 67.76
C GLY E 889 -19.03 47.28 68.03
N SER E 890 -18.92 48.28 68.89
CA SER E 890 -20.07 49.09 69.22
C SER E 890 -20.61 49.79 67.97
N LEU E 891 -19.72 50.25 67.09
CA LEU E 891 -20.13 50.96 65.89
C LEU E 891 -20.75 50.01 64.88
N ALA E 892 -20.29 48.76 64.84
CA ALA E 892 -20.87 47.80 63.93
C ALA E 892 -22.26 47.39 64.37
N ASN E 893 -22.53 47.43 65.67
CA ASN E 893 -23.82 47.07 66.20
C ASN E 893 -24.87 48.08 65.78
N SER E 894 -24.50 49.35 65.70
CA SER E 894 -25.43 50.41 65.36
C SER E 894 -25.85 50.34 63.90
N GLY E 895 -25.02 49.72 63.07
CA GLY E 895 -25.44 49.43 61.71
C GLY E 895 -24.45 49.90 60.66
N ARG E 896 -23.17 49.98 60.99
CA ARG E 896 -22.17 50.50 60.07
C ARG E 896 -21.26 49.40 59.57
N LEU E 897 -20.66 49.64 58.41
CA LEU E 897 -19.68 48.76 57.82
C LEU E 897 -18.30 49.22 58.29
N VAL E 898 -17.63 48.35 59.07
CA VAL E 898 -16.30 48.61 59.61
C VAL E 898 -15.31 47.70 58.91
N ARG E 899 -14.23 48.28 58.38
CA ARG E 899 -13.20 47.56 57.64
C ARG E 899 -11.83 47.87 58.23
N LEU E 900 -11.06 46.83 58.56
CA LEU E 900 -9.72 46.94 59.09
C LEU E 900 -8.77 46.10 58.26
N ALA E 901 -7.71 46.71 57.71
CA ALA E 901 -6.79 46.03 56.82
C ALA E 901 -5.35 46.42 57.12
N GLY E 902 -4.42 45.47 56.90
CA GLY E 902 -3.01 45.67 57.20
C GLY E 902 -2.25 44.35 57.23
N GLU E 903 -0.93 44.42 57.42
CA GLU E 903 -0.07 43.24 57.46
C GLU E 903 -0.21 42.53 58.80
N ASP E 904 -0.72 41.30 58.76
CA ASP E 904 -0.85 40.44 59.93
C ASP E 904 -1.79 41.07 60.94
N SER E 905 -2.94 41.56 60.48
CA SER E 905 -3.80 42.37 61.29
C SER E 905 -4.93 41.57 61.91
N ARG E 906 -5.11 40.32 61.49
CA ARG E 906 -6.10 39.45 62.09
C ARG E 906 -5.63 38.93 63.45
N ARG E 907 -4.36 38.53 63.54
CA ARG E 907 -3.77 38.09 64.79
C ARG E 907 -3.19 39.28 65.54
N GLY E 908 -2.48 40.15 64.82
CA GLY E 908 -1.71 41.22 65.43
C GLY E 908 -0.22 40.94 65.34
N THR E 909 0.58 41.99 65.15
CA THR E 909 2.01 41.87 65.01
C THR E 909 2.63 41.47 66.34
N PHE E 910 2.04 41.94 67.43
CA PHE E 910 2.55 41.68 68.75
C PHE E 910 1.67 40.67 69.47
N THR E 911 0.88 39.90 68.72
CA THR E 911 0.05 38.83 69.23
C THR E 911 -0.92 39.39 70.28
N GLN E 912 -1.71 40.39 69.91
CA GLN E 912 -2.49 41.12 70.89
C GLN E 912 -3.97 41.20 70.52
N ARG E 913 -4.36 40.93 69.28
CA ARG E 913 -5.69 41.31 68.83
C ARG E 913 -6.64 40.12 68.83
N HIS E 914 -6.32 39.09 68.05
CA HIS E 914 -7.14 37.90 67.95
C HIS E 914 -8.58 38.27 67.62
N ALA E 915 -8.78 38.84 66.43
CA ALA E 915 -10.09 39.21 65.97
C ALA E 915 -10.74 38.04 65.24
N VAL E 916 -9.92 37.20 64.63
CA VAL E 916 -10.38 35.93 64.11
C VAL E 916 -9.56 34.84 64.77
N ALA E 917 -10.22 33.78 65.26
CA ALA E 917 -9.59 32.66 65.94
C ALA E 917 -9.71 31.40 65.09
N ILE E 918 -8.77 30.47 65.25
CA ILE E 918 -8.72 29.24 64.47
C ILE E 918 -8.65 28.03 65.41
N ASP E 919 -9.38 26.97 65.06
CA ASP E 919 -9.44 25.73 65.83
C ASP E 919 -8.29 24.82 65.43
N PRO E 920 -7.45 24.34 66.37
CA PRO E 920 -6.32 23.51 66.02
C PRO E 920 -6.62 22.17 65.40
N ALA E 921 -7.82 21.66 65.62
CA ALA E 921 -8.19 20.33 65.22
C ALA E 921 -8.80 20.31 63.84
N THR E 922 -9.52 21.36 63.46
CA THR E 922 -10.27 21.32 62.21
C THR E 922 -9.92 22.48 61.28
N ALA E 923 -9.29 23.53 61.80
CA ALA E 923 -8.92 24.72 61.03
C ALA E 923 -10.15 25.57 60.66
N GLU E 924 -11.18 25.57 61.51
CA GLU E 924 -12.36 26.39 61.32
C GLU E 924 -12.07 27.78 61.87
N GLU E 925 -12.71 28.81 61.29
CA GLU E 925 -12.51 30.19 61.68
C GLU E 925 -13.73 30.72 62.42
N PHE E 926 -13.51 31.69 63.30
CA PHE E 926 -14.57 32.31 64.07
C PHE E 926 -14.29 33.81 64.23
N ASN E 927 -15.30 34.64 63.94
CA ASN E 927 -15.23 36.09 64.07
C ASN E 927 -16.33 36.58 64.99
N PRO E 928 -16.09 36.70 66.30
CA PRO E 928 -17.14 37.01 67.25
C PRO E 928 -17.96 38.26 67.01
N LEU E 929 -17.28 39.38 66.75
CA LEU E 929 -17.94 40.67 66.70
C LEU E 929 -18.76 40.81 65.44
N HIS E 930 -18.45 40.07 64.38
CA HIS E 930 -19.26 40.09 63.17
C HIS E 930 -20.56 39.35 63.39
N GLU E 931 -20.51 38.26 64.16
CA GLU E 931 -21.67 37.46 64.46
C GLU E 931 -22.64 38.27 65.30
N LEU E 932 -22.15 38.98 66.30
CA LEU E 932 -23.00 39.77 67.17
C LEU E 932 -23.66 40.88 66.39
N ALA E 933 -22.96 41.47 65.43
CA ALA E 933 -23.50 42.60 64.69
C ALA E 933 -24.60 42.15 63.76
N GLN E 934 -24.48 40.95 63.20
CA GLN E 934 -25.47 40.46 62.27
C GLN E 934 -26.70 39.94 62.99
N SER E 935 -26.64 39.80 64.31
CA SER E 935 -27.76 39.30 65.08
C SER E 935 -28.51 40.41 65.79
N LYS E 936 -28.38 41.64 65.33
CA LYS E 936 -29.05 42.77 65.97
C LYS E 936 -29.97 43.50 65.00
N GLY E 937 -29.95 43.12 63.73
CA GLY E 937 -30.99 43.53 62.82
C GLY E 937 -30.82 44.95 62.28
N ASN E 938 -29.61 45.47 62.31
CA ASN E 938 -29.31 46.73 61.65
C ASN E 938 -28.38 46.53 60.46
N ASN E 939 -28.02 45.29 60.17
CA ASN E 939 -27.20 44.92 59.03
C ASN E 939 -25.82 45.55 59.11
N GLY E 940 -25.15 45.39 60.25
CA GLY E 940 -23.79 45.89 60.43
C GLY E 940 -22.78 44.79 60.16
N LYS E 941 -21.54 45.17 59.89
CA LYS E 941 -20.49 44.27 59.48
C LYS E 941 -19.17 44.65 60.12
N PHE E 942 -18.35 43.67 60.49
CA PHE E 942 -16.97 43.85 60.90
C PHE E 942 -16.07 42.96 60.05
N LEU E 943 -15.33 43.55 59.12
CA LEU E 943 -14.52 42.84 58.14
C LEU E 943 -13.04 43.09 58.40
N VAL E 944 -12.25 42.03 58.64
CA VAL E 944 -10.83 42.13 58.93
C VAL E 944 -10.05 41.34 57.87
N TYR E 945 -9.03 41.95 57.26
CA TYR E 945 -8.29 41.34 56.18
C TYR E 945 -6.79 41.47 56.41
N ASN E 946 -6.03 40.45 55.99
CA ASN E 946 -4.59 40.44 55.97
C ASN E 946 -4.10 40.84 54.58
N SER E 947 -3.39 41.97 54.47
CA SER E 947 -2.95 42.51 53.20
C SER E 947 -1.74 41.78 52.67
N ALA E 948 -1.41 42.03 51.41
CA ALA E 948 -0.13 41.64 50.84
C ALA E 948 0.96 42.58 51.34
N LEU E 949 2.21 42.30 50.99
CA LEU E 949 3.33 43.03 51.54
C LEU E 949 3.59 44.26 50.68
N THR E 950 2.78 45.31 50.90
CA THR E 950 2.85 46.56 50.18
C THR E 950 2.38 47.70 51.07
N GLU E 951 3.01 48.86 50.97
CA GLU E 951 2.59 50.03 51.72
C GLU E 951 1.95 51.06 50.79
N TYR E 952 2.43 51.14 49.56
CA TYR E 952 1.96 52.13 48.60
C TYR E 952 0.58 51.72 48.11
N ALA E 953 0.42 50.47 47.69
CA ALA E 953 -0.84 49.98 47.19
C ALA E 953 -1.85 49.74 48.30
N GLY E 954 -1.37 49.32 49.48
CA GLY E 954 -2.22 49.13 50.63
C GLY E 954 -2.92 50.39 51.09
N MET E 955 -2.16 51.44 51.37
CA MET E 955 -2.73 52.65 51.92
C MET E 955 -3.57 53.34 50.86
N GLY E 956 -3.17 53.23 49.60
CA GLY E 956 -3.90 53.84 48.52
C GLY E 956 -5.28 53.24 48.34
N PHE E 957 -5.37 51.92 48.55
CA PHE E 957 -6.63 51.22 48.41
C PHE E 957 -7.61 51.63 49.50
N GLU E 958 -7.11 51.87 50.71
CA GLU E 958 -7.99 52.24 51.81
C GLU E 958 -8.46 53.69 51.66
N TYR E 959 -7.61 54.57 51.16
CA TYR E 959 -8.02 55.95 50.91
C TYR E 959 -9.16 55.95 49.92
N GLY E 960 -9.08 55.10 48.91
CA GLY E 960 -10.10 55.04 47.89
C GLY E 960 -11.42 54.51 48.43
N TYR E 961 -11.36 53.60 49.38
CA TYR E 961 -12.54 53.00 49.97
C TYR E 961 -13.31 54.06 50.72
N SER E 962 -12.60 54.99 51.35
CA SER E 962 -13.22 56.03 52.13
C SER E 962 -13.90 57.06 51.25
N VAL E 963 -13.45 57.22 50.00
CA VAL E 963 -14.02 58.17 49.07
C VAL E 963 -15.24 57.56 48.40
N GLY E 964 -15.21 56.26 48.17
CA GLY E 964 -16.30 55.58 47.49
C GLY E 964 -17.50 55.29 48.38
N ASN E 965 -17.32 55.28 49.69
CA ASN E 965 -18.44 55.13 50.62
C ASN E 965 -18.19 56.01 51.83
N GLU E 966 -18.93 57.11 51.91
CA GLU E 966 -18.68 58.14 52.89
C GLU E 966 -19.14 57.71 54.28
N ASP E 967 -19.95 56.64 54.35
CA ASP E 967 -20.60 56.26 55.59
C ASP E 967 -19.93 55.06 56.24
N SER E 968 -18.78 54.62 55.72
CA SER E 968 -18.07 53.48 56.26
C SER E 968 -16.95 53.95 57.18
N ILE E 969 -16.50 53.06 58.09
CA ILE E 969 -15.37 53.32 58.95
C ILE E 969 -14.21 52.44 58.49
N VAL E 970 -13.13 53.06 58.00
CA VAL E 970 -12.00 52.38 57.39
C VAL E 970 -10.73 52.70 58.15
N ALA E 971 -9.89 51.69 58.40
CA ALA E 971 -8.63 51.86 59.11
C ALA E 971 -7.54 51.02 58.46
N TRP E 972 -6.37 51.64 58.21
CA TRP E 972 -5.18 50.96 57.71
C TRP E 972 -4.14 50.94 58.81
N GLU E 973 -3.51 49.77 58.99
CA GLU E 973 -2.52 49.56 60.04
C GLU E 973 -1.18 49.21 59.41
N ALA E 974 -0.11 49.74 60.00
CA ALA E 974 1.25 49.46 59.58
C ALA E 974 1.89 48.52 60.58
N GLN E 975 2.78 47.64 60.10
CA GLN E 975 3.42 46.66 60.94
C GLN E 975 4.29 47.38 61.98
N PHE E 976 5.13 48.30 61.50
CA PHE E 976 5.73 49.33 62.32
C PHE E 976 5.56 50.64 61.59
N GLY E 977 5.53 51.74 62.35
CA GLY E 977 5.27 53.05 61.77
C GLY E 977 6.42 53.57 60.92
N ASP E 978 7.54 52.85 60.92
CA ASP E 978 8.74 53.26 60.22
C ASP E 978 8.67 52.85 58.76
N PHE E 979 7.70 52.02 58.39
CA PHE E 979 7.60 51.55 57.04
C PHE E 979 6.59 52.37 56.25
N ALA E 980 6.05 53.45 56.83
CA ALA E 980 5.06 54.25 56.16
C ALA E 980 5.68 55.23 55.17
N ASN E 981 7.00 55.39 55.18
CA ASN E 981 7.66 56.22 54.20
C ASN E 981 7.67 55.57 52.83
N GLY E 982 7.23 54.32 52.75
CA GLY E 982 7.03 53.68 51.47
C GLY E 982 5.74 54.10 50.79
N ALA E 983 4.90 54.85 51.51
CA ALA E 983 3.66 55.35 50.98
C ALA E 983 3.61 56.87 51.03
N GLN E 984 4.76 57.51 50.86
CA GLN E 984 4.86 58.94 51.06
C GLN E 984 4.05 59.71 50.02
N THR E 985 4.02 59.19 48.79
CA THR E 985 3.26 59.81 47.73
C THR E 985 1.80 59.96 48.12
N ILE E 986 1.19 58.91 48.67
CA ILE E 986 -0.20 58.93 49.07
C ILE E 986 -0.41 59.91 50.21
N ILE E 987 0.48 59.94 51.19
CA ILE E 987 0.34 60.83 52.31
C ILE E 987 0.40 62.28 51.85
N ASP E 988 1.27 62.59 50.90
CA ASP E 988 1.54 63.97 50.52
C ASP E 988 0.54 64.48 49.48
N GLU E 989 0.06 63.60 48.60
CA GLU E 989 -0.70 64.05 47.44
C GLU E 989 -2.19 63.84 47.62
N TYR E 990 -2.62 62.98 48.55
CA TYR E 990 -4.03 62.64 48.70
C TYR E 990 -4.54 62.92 50.11
N VAL E 991 -3.91 62.35 51.13
CA VAL E 991 -4.44 62.35 52.49
C VAL E 991 -4.32 63.72 53.10
N SER E 992 -3.18 64.37 52.92
CA SER E 992 -2.86 65.61 53.59
C SER E 992 -3.46 66.81 52.90
N SER E 993 -3.76 66.71 51.59
CA SER E 993 -3.97 67.89 50.77
C SER E 993 -5.11 67.77 49.76
N GLY E 994 -5.95 66.75 49.85
CA GLY E 994 -7.00 66.56 48.86
C GLY E 994 -8.15 67.54 48.99
N GLU E 995 -8.50 67.94 50.21
CA GLU E 995 -9.60 68.85 50.45
C GLU E 995 -9.28 70.22 49.91
N ALA E 996 -8.06 70.70 50.12
CA ALA E 996 -7.68 72.03 49.71
C ALA E 996 -7.51 72.15 48.20
N LYS E 997 -7.23 71.05 47.52
CA LYS E 997 -6.98 71.08 46.10
C LYS E 997 -8.25 70.83 45.29
N TRP E 998 -9.03 69.81 45.66
CA TRP E 998 -10.15 69.39 44.85
C TRP E 998 -11.48 69.42 45.59
N GLY E 999 -11.48 69.65 46.89
CA GLY E 999 -12.72 69.57 47.66
C GLY E 999 -13.17 68.14 47.93
N GLN E 1000 -12.24 67.18 47.90
CA GLN E 1000 -12.52 65.78 48.15
C GLN E 1000 -12.19 65.47 49.59
N THR E 1001 -13.17 64.95 50.35
CA THR E 1001 -13.04 64.74 51.78
C THR E 1001 -12.90 63.25 52.08
N SER E 1002 -12.24 62.93 53.21
CA SER E 1002 -12.02 61.56 53.64
C SER E 1002 -11.98 61.47 55.16
N LYS E 1003 -12.31 60.30 55.70
CA LYS E 1003 -12.24 60.02 57.13
C LYS E 1003 -11.43 58.75 57.41
N LEU E 1004 -10.28 58.60 56.76
CA LEU E 1004 -9.44 57.45 56.91
C LEU E 1004 -8.75 57.51 58.27
N ILE E 1005 -8.49 56.35 58.87
CA ILE E 1005 -7.76 56.24 60.12
C ILE E 1005 -6.45 55.54 59.84
N LEU E 1006 -5.34 56.15 60.23
CA LEU E 1006 -4.03 55.52 60.17
C LEU E 1006 -3.59 55.13 61.58
N LEU E 1007 -3.30 53.84 61.78
CA LEU E 1007 -2.80 53.31 63.04
C LEU E 1007 -1.32 52.96 62.88
N LEU E 1008 -0.43 53.74 63.51
CA LEU E 1008 1.00 53.66 63.29
C LEU E 1008 1.72 53.39 64.61
N PRO E 1009 2.26 52.18 64.86
CA PRO E 1009 3.02 51.89 66.06
C PRO E 1009 4.31 52.68 66.29
N HIS E 1010 4.55 53.10 67.53
CA HIS E 1010 5.60 54.05 67.85
C HIS E 1010 6.11 53.82 69.26
N GLY E 1011 7.41 53.90 69.46
CA GLY E 1011 7.98 53.82 70.80
C GLY E 1011 9.46 53.49 70.79
N TYR E 1012 10.20 54.07 71.74
CA TYR E 1012 11.64 53.91 71.86
C TYR E 1012 11.92 52.88 72.94
N GLU E 1013 12.28 51.65 72.54
CA GLU E 1013 12.40 50.53 73.44
C GLU E 1013 13.67 49.70 73.24
N GLY E 1014 14.54 50.10 72.32
CA GLY E 1014 15.83 49.45 72.17
C GLY E 1014 15.88 48.40 71.06
N GLN E 1015 15.00 48.47 70.07
CA GLN E 1015 14.97 47.48 69.02
C GLN E 1015 15.66 47.99 67.77
N GLY E 1016 16.21 49.20 67.78
CA GLY E 1016 17.05 49.67 66.70
C GLY E 1016 16.39 50.77 65.88
N PRO E 1017 17.10 51.33 64.87
CA PRO E 1017 16.59 52.47 64.12
C PRO E 1017 15.43 52.28 63.14
N ASP E 1018 15.10 51.05 62.78
CA ASP E 1018 13.99 50.82 61.87
C ASP E 1018 12.80 50.18 62.60
N HIS E 1019 12.80 50.25 63.92
CA HIS E 1019 11.70 49.74 64.72
C HIS E 1019 11.51 50.64 65.92
N SER E 1020 11.48 51.96 65.73
CA SER E 1020 11.41 52.88 66.86
C SER E 1020 10.56 54.13 66.62
N SER E 1021 10.48 54.68 65.40
CA SER E 1021 9.87 55.98 65.22
C SER E 1021 9.00 56.03 63.98
N ALA E 1022 7.74 56.44 64.17
CA ALA E 1022 6.80 56.64 63.08
C ALA E 1022 6.92 58.04 62.46
N ARG E 1023 7.82 58.87 62.99
CA ARG E 1023 8.15 60.17 62.41
C ARG E 1023 7.01 61.16 62.64
N ILE E 1024 6.86 61.58 63.90
CA ILE E 1024 5.81 62.49 64.31
C ILE E 1024 6.07 63.86 63.71
N GLU E 1025 7.34 64.26 63.63
CA GLU E 1025 7.73 65.58 63.16
C GLU E 1025 7.29 65.80 61.73
N ARG E 1026 7.30 64.75 60.91
CA ARG E 1026 6.95 64.86 59.51
C ARG E 1026 5.46 65.12 59.37
N PHE E 1027 4.63 64.46 60.17
CA PHE E 1027 3.19 64.61 60.11
C PHE E 1027 2.78 65.97 60.60
N LEU E 1028 3.48 66.51 61.59
CA LEU E 1028 3.11 67.81 62.12
C LEU E 1028 3.55 68.94 61.19
N GLN E 1029 4.49 68.70 60.27
CA GLN E 1029 4.82 69.68 59.25
C GLN E 1029 3.66 69.84 58.27
N LEU E 1030 3.07 68.72 57.87
CA LEU E 1030 2.03 68.71 56.86
C LEU E 1030 0.72 69.34 57.36
N CYS E 1031 0.58 69.56 58.67
CA CYS E 1031 -0.66 70.06 59.22
C CYS E 1031 -0.73 71.58 59.15
N ALA E 1032 -1.84 72.09 58.62
CA ALA E 1032 -2.18 73.50 58.62
C ALA E 1032 -3.63 73.65 58.21
N GLU E 1033 -4.29 74.70 58.69
CA GLU E 1033 -5.67 75.01 58.36
C GLU E 1033 -6.61 73.95 58.91
N GLY E 1034 -6.21 73.27 59.98
CA GLY E 1034 -6.99 72.16 60.52
C GLY E 1034 -7.26 71.06 59.51
N SER E 1035 -6.22 70.56 58.86
CA SER E 1035 -6.38 69.62 57.77
C SER E 1035 -6.62 68.20 58.28
N MET E 1036 -5.91 67.79 59.34
CA MET E 1036 -6.16 66.50 59.96
C MET E 1036 -5.85 66.52 61.44
N THR E 1037 -6.33 65.49 62.15
CA THR E 1037 -6.18 65.32 63.59
C THR E 1037 -5.07 64.33 63.91
N VAL E 1038 -4.17 64.68 64.84
CA VAL E 1038 -3.02 63.86 65.22
C VAL E 1038 -3.04 63.67 66.74
N ALA E 1039 -2.90 62.42 67.21
CA ALA E 1039 -3.07 62.07 68.61
C ALA E 1039 -2.15 60.94 69.04
N GLN E 1040 -1.87 60.87 70.35
CA GLN E 1040 -1.08 59.82 70.96
C GLN E 1040 -1.62 59.53 72.35
N PRO E 1041 -2.68 58.73 72.49
CA PRO E 1041 -3.31 58.49 73.79
C PRO E 1041 -2.56 57.55 74.72
N SER E 1042 -2.90 57.59 76.02
CA SER E 1042 -2.14 56.89 77.04
C SER E 1042 -2.96 55.86 77.83
N THR E 1043 -4.26 55.73 77.55
CA THR E 1043 -5.11 54.78 78.24
C THR E 1043 -6.09 54.17 77.26
N PRO E 1044 -6.46 52.88 77.38
CA PRO E 1044 -7.44 52.27 76.50
C PRO E 1044 -8.79 52.97 76.37
N ALA E 1045 -9.30 53.51 77.47
CA ALA E 1045 -10.57 54.19 77.46
C ALA E 1045 -10.52 55.44 76.60
N ASN E 1046 -9.38 56.13 76.59
CA ASN E 1046 -9.25 57.39 75.88
C ASN E 1046 -9.13 57.09 74.39
N HIS E 1047 -8.58 55.95 74.03
CA HIS E 1047 -8.51 55.53 72.65
C HIS E 1047 -9.90 55.21 72.14
N PHE E 1048 -10.72 54.62 73.01
CA PHE E 1048 -12.10 54.27 72.71
C PHE E 1048 -12.89 55.51 72.37
N HIS E 1049 -12.77 56.54 73.21
CA HIS E 1049 -13.56 57.73 73.05
C HIS E 1049 -13.13 58.53 71.82
N LEU E 1050 -11.84 58.51 71.48
CA LEU E 1050 -11.33 59.21 70.31
C LEU E 1050 -11.90 58.61 69.04
N LEU E 1051 -11.92 57.29 68.93
CA LEU E 1051 -12.41 56.62 67.75
C LEU E 1051 -13.90 56.87 67.57
N ARG E 1052 -14.66 56.89 68.66
CA ARG E 1052 -16.10 57.05 68.59
C ARG E 1052 -16.48 58.49 68.26
N ARG E 1053 -15.70 59.47 68.72
CA ARG E 1053 -15.97 60.85 68.38
C ARG E 1053 -15.80 61.08 66.90
N HIS E 1054 -14.80 60.46 66.31
CA HIS E 1054 -14.49 60.60 64.91
C HIS E 1054 -15.60 60.02 64.06
N ALA E 1055 -16.16 58.89 64.47
CA ALA E 1055 -17.12 58.17 63.67
C ALA E 1055 -18.50 58.81 63.75
N LEU E 1056 -18.84 59.44 64.87
CA LEU E 1056 -20.19 59.97 65.06
C LEU E 1056 -20.27 61.46 64.75
N SER E 1057 -19.17 62.13 64.42
CA SER E 1057 -19.20 63.55 64.14
C SER E 1057 -19.52 63.80 62.67
N ASP E 1058 -19.53 65.09 62.28
CA ASP E 1058 -19.78 65.48 60.91
C ASP E 1058 -18.57 66.25 60.37
N LEU E 1059 -17.39 66.00 60.93
CA LEU E 1059 -16.14 66.59 60.49
C LEU E 1059 -15.41 65.57 59.64
N LYS E 1060 -15.36 65.80 58.34
CA LYS E 1060 -14.88 64.80 57.40
C LYS E 1060 -13.42 65.07 57.08
N ARG E 1061 -12.54 64.74 58.03
CA ARG E 1061 -11.10 64.90 57.87
C ARG E 1061 -10.40 63.70 58.46
N PRO E 1062 -9.17 63.34 58.01
CA PRO E 1062 -8.48 62.17 58.52
C PRO E 1062 -8.00 62.21 59.96
N LEU E 1063 -7.65 61.03 60.49
CA LEU E 1063 -7.19 60.85 61.86
C LEU E 1063 -5.95 59.96 61.89
N VAL E 1064 -4.87 60.45 62.49
CA VAL E 1064 -3.60 59.75 62.60
C VAL E 1064 -3.32 59.49 64.07
N ILE E 1065 -3.23 58.21 64.46
CA ILE E 1065 -3.00 57.81 65.84
C ILE E 1065 -1.66 57.09 65.94
N PHE E 1066 -0.92 57.36 67.01
CA PHE E 1066 0.36 56.73 67.29
C PHE E 1066 0.18 55.73 68.42
N THR E 1067 0.24 54.43 68.09
CA THR E 1067 -0.20 53.35 68.95
C THR E 1067 1.00 52.70 69.63
N PRO E 1068 0.85 52.08 70.82
CA PRO E 1068 1.98 51.50 71.55
C PRO E 1068 2.40 50.08 71.21
N LYS E 1069 3.54 49.66 71.79
CA LYS E 1069 4.13 48.35 71.55
C LYS E 1069 4.36 47.59 72.85
N SER E 1070 4.92 48.24 73.86
CA SER E 1070 5.19 47.62 75.14
C SER E 1070 4.11 47.93 76.16
N MET E 1071 3.43 49.06 75.97
CA MET E 1071 2.39 49.51 76.86
C MET E 1071 1.14 48.66 76.66
N LEU E 1072 1.13 47.84 75.60
CA LEU E 1072 0.05 46.91 75.34
C LEU E 1072 -0.18 45.98 76.52
N ARG E 1073 0.86 45.67 77.28
CA ARG E 1073 0.77 44.70 78.36
C ARG E 1073 1.26 45.27 79.68
N ASN E 1074 1.12 46.58 79.88
CA ASN E 1074 1.50 47.23 81.12
C ASN E 1074 0.26 47.32 82.00
N LYS E 1075 0.38 46.93 83.26
CA LYS E 1075 -0.78 46.77 84.11
C LYS E 1075 -1.14 48.09 84.78
N ALA E 1076 -0.28 49.09 84.69
CA ALA E 1076 -0.60 50.40 85.22
C ALA E 1076 -1.43 51.21 84.23
N ALA E 1077 -1.57 50.71 83.01
CA ALA E 1077 -2.24 51.44 81.95
C ALA E 1077 -3.65 50.90 81.69
N ALA E 1078 -4.09 49.87 82.42
CA ALA E 1078 -5.38 49.27 82.17
C ALA E 1078 -6.50 50.14 82.70
N SER E 1079 -7.72 49.91 82.21
CA SER E 1079 -8.88 50.76 82.49
C SER E 1079 -10.00 49.99 83.17
N ALA E 1080 -10.87 50.71 83.89
CA ALA E 1080 -12.00 50.16 84.60
C ALA E 1080 -13.26 50.35 83.79
N PRO E 1081 -14.34 49.56 84.01
CA PRO E 1081 -15.57 49.69 83.24
C PRO E 1081 -16.30 51.01 83.30
N GLU E 1082 -16.17 51.73 84.41
CA GLU E 1082 -16.80 53.02 84.58
C GLU E 1082 -16.24 54.03 83.59
N ASP E 1083 -15.03 53.80 83.08
CA ASP E 1083 -14.40 54.72 82.15
C ASP E 1083 -14.99 54.60 80.76
N PHE E 1084 -15.75 53.54 80.50
CA PHE E 1084 -16.43 53.37 79.22
C PHE E 1084 -17.91 53.69 79.32
N THR E 1085 -18.46 53.82 80.52
CA THR E 1085 -19.92 53.93 80.69
C THR E 1085 -20.34 55.14 81.51
N GLU E 1086 -19.44 55.79 82.25
CA GLU E 1086 -19.82 56.94 83.05
C GLU E 1086 -19.08 58.21 82.63
N VAL E 1087 -17.85 58.08 82.11
CA VAL E 1087 -17.14 59.20 81.52
C VAL E 1087 -17.67 59.42 80.12
N THR E 1088 -18.02 60.67 79.78
CA THR E 1088 -18.83 60.97 78.63
C THR E 1088 -18.02 61.36 77.40
N LYS E 1089 -16.83 61.97 77.57
CA LYS E 1089 -16.12 62.58 76.47
C LYS E 1089 -14.64 62.17 76.47
N PHE E 1090 -13.96 62.45 75.35
CA PHE E 1090 -12.53 62.27 75.18
C PHE E 1090 -11.79 63.42 75.83
N GLN E 1091 -10.66 63.12 76.47
CA GLN E 1091 -9.87 64.13 77.15
C GLN E 1091 -8.62 64.42 76.33
N SER E 1092 -8.30 65.71 76.18
CA SER E 1092 -7.18 66.15 75.37
C SER E 1092 -5.98 66.45 76.25
N VAL E 1093 -6.21 66.82 77.50
CA VAL E 1093 -5.17 67.00 78.49
C VAL E 1093 -5.62 66.29 79.76
N ILE E 1094 -4.76 65.44 80.34
CA ILE E 1094 -5.02 64.75 81.58
C ILE E 1094 -4.09 65.30 82.64
N ASN E 1095 -4.65 65.87 83.70
CA ASN E 1095 -3.89 66.48 84.76
C ASN E 1095 -3.43 65.39 85.72
N ASP E 1096 -2.47 65.71 86.59
CA ASP E 1096 -1.80 64.72 87.42
C ASP E 1096 -2.76 64.21 88.49
N PRO E 1097 -3.00 62.89 88.58
CA PRO E 1097 -3.85 62.34 89.63
C PRO E 1097 -3.23 62.03 90.99
N ASN E 1098 -1.97 62.41 91.20
CA ASN E 1098 -1.30 62.12 92.45
C ASN E 1098 -0.66 63.39 93.00
N VAL E 1099 -1.45 64.46 93.12
CA VAL E 1099 -1.00 65.68 93.74
C VAL E 1099 -1.77 65.90 95.04
N ALA E 1100 -1.05 65.85 96.15
CA ALA E 1100 -1.64 66.02 97.46
C ALA E 1100 -2.08 67.46 97.67
N ASP E 1101 -1.12 68.39 97.52
CA ASP E 1101 -1.38 69.80 97.72
C ASP E 1101 -0.81 70.57 96.53
N ALA E 1102 -1.65 71.42 95.94
CA ALA E 1102 -1.31 72.07 94.68
C ALA E 1102 -0.55 73.35 94.91
N ALA E 1103 -0.48 73.81 96.16
CA ALA E 1103 0.19 75.06 96.47
C ALA E 1103 1.67 74.83 96.73
N LYS E 1104 2.11 73.57 96.71
CA LYS E 1104 3.50 73.24 96.97
C LYS E 1104 4.24 72.85 95.70
N VAL E 1105 3.58 72.95 94.54
CA VAL E 1105 4.19 72.58 93.28
C VAL E 1105 5.03 73.75 92.79
N LYS E 1106 6.24 73.44 92.28
CA LYS E 1106 7.15 74.45 91.76
C LYS E 1106 7.76 74.05 90.42
N LYS E 1107 7.38 72.88 89.87
CA LYS E 1107 7.77 72.48 88.54
C LYS E 1107 6.63 71.71 87.89
N VAL E 1108 6.35 72.02 86.62
CA VAL E 1108 5.39 71.30 85.82
C VAL E 1108 6.11 70.64 84.65
N MET E 1109 5.87 69.36 84.43
CA MET E 1109 6.40 68.62 83.31
C MET E 1109 5.28 68.33 82.32
N LEU E 1110 5.53 68.53 81.02
CA LEU E 1110 4.60 68.16 79.97
C LEU E 1110 5.18 66.97 79.22
N VAL E 1111 4.34 65.97 78.94
CA VAL E 1111 4.77 64.72 78.34
C VAL E 1111 3.66 64.22 77.42
N SER E 1112 4.01 63.33 76.50
CA SER E 1112 3.04 62.66 75.65
C SER E 1112 3.46 61.21 75.42
N GLY E 1113 2.57 60.25 75.72
CA GLY E 1113 2.79 58.86 75.40
C GLY E 1113 3.24 58.03 76.61
N LYS E 1114 4.13 57.06 76.36
CA LYS E 1114 4.45 56.02 77.32
C LYS E 1114 5.52 56.43 78.32
N LEU E 1115 6.17 57.57 78.14
CA LEU E 1115 7.20 57.98 79.06
C LEU E 1115 6.56 58.50 80.34
N TYR E 1116 5.24 58.66 80.36
CA TYR E 1116 4.55 59.09 81.56
C TYR E 1116 4.78 58.08 82.68
N TYR E 1117 4.70 56.80 82.34
CA TYR E 1117 4.64 55.74 83.33
C TYR E 1117 5.99 55.54 83.99
N GLU E 1118 7.06 56.08 83.40
CA GLU E 1118 8.38 56.01 84.00
C GLU E 1118 8.57 57.19 84.94
N LEU E 1119 8.15 58.38 84.53
CA LEU E 1119 8.30 59.57 85.33
C LEU E 1119 7.46 59.44 86.60
N ALA E 1120 6.26 58.88 86.47
CA ALA E 1120 5.34 58.72 87.58
C ALA E 1120 5.92 57.79 88.63
N LYS E 1121 6.54 56.71 88.15
CA LYS E 1121 7.18 55.70 88.97
C LYS E 1121 8.24 56.34 89.84
N ARG E 1122 9.06 57.20 89.25
CA ARG E 1122 10.19 57.80 89.91
C ARG E 1122 9.72 58.82 90.92
N LYS E 1123 8.64 59.52 90.62
CA LYS E 1123 8.10 60.55 91.50
C LYS E 1123 7.63 59.91 92.81
N GLU E 1124 7.04 58.72 92.70
CA GLU E 1124 6.53 58.00 93.85
C GLU E 1124 7.68 57.50 94.72
N LYS E 1125 8.73 57.02 94.08
CA LYS E 1125 9.85 56.40 94.75
C LYS E 1125 10.63 57.43 95.55
N ASP E 1126 10.81 58.62 95.00
CA ASP E 1126 11.64 59.64 95.63
C ASP E 1126 10.81 60.58 96.48
N GLY E 1127 9.49 60.50 96.38
CA GLY E 1127 8.63 61.28 97.25
C GLY E 1127 8.70 62.77 96.96
N ARG E 1128 8.52 63.14 95.69
CA ARG E 1128 8.59 64.52 95.27
C ARG E 1128 7.17 65.09 95.23
N ASP E 1129 6.93 66.12 96.04
CA ASP E 1129 5.63 66.77 96.11
C ASP E 1129 5.71 68.16 95.51
N ASP E 1130 6.83 68.48 94.87
CA ASP E 1130 7.02 69.77 94.23
C ASP E 1130 6.97 69.62 92.71
N ILE E 1131 6.54 68.45 92.22
CA ILE E 1131 6.44 68.21 90.80
C ILE E 1131 5.02 67.80 90.44
N ALA E 1132 4.58 68.16 89.22
CA ALA E 1132 3.32 67.72 88.66
C ALA E 1132 3.50 67.34 87.20
N ILE E 1133 3.08 66.13 86.81
CA ILE E 1133 3.21 65.67 85.44
C ILE E 1133 1.87 65.78 84.73
N VAL E 1134 1.83 66.48 83.58
CA VAL E 1134 0.63 66.73 82.80
C VAL E 1134 0.79 66.14 81.40
N ARG E 1135 -0.21 65.42 80.91
CA ARG E 1135 -0.15 64.69 79.66
C ARG E 1135 -0.91 65.42 78.56
N ILE E 1136 -0.40 65.33 77.33
CA ILE E 1136 -1.04 65.88 76.15
C ILE E 1136 -1.38 64.74 75.23
N GLU E 1137 -2.68 64.54 74.95
CA GLU E 1137 -3.17 63.38 74.24
C GLU E 1137 -3.43 63.72 72.79
N MET E 1138 -3.92 64.94 72.52
CA MET E 1138 -4.11 65.42 71.17
C MET E 1138 -3.03 66.44 70.87
N LEU E 1139 -2.27 66.20 69.79
CA LEU E 1139 -1.11 66.98 69.44
C LEU E 1139 -1.49 68.10 68.47
N HIS E 1140 -2.31 67.77 67.46
CA HIS E 1140 -2.84 68.78 66.54
C HIS E 1140 -4.34 68.54 66.36
N PRO E 1141 -5.23 69.54 66.53
CA PRO E 1141 -4.89 70.89 66.97
C PRO E 1141 -4.37 71.00 68.39
N ILE E 1142 -3.75 72.13 68.71
CA ILE E 1142 -3.17 72.34 70.02
C ILE E 1142 -4.29 72.73 70.96
N PRO E 1143 -4.51 71.98 72.06
CA PRO E 1143 -5.49 72.36 73.05
C PRO E 1143 -4.94 73.36 74.04
N PHE E 1144 -4.88 74.61 73.62
CA PHE E 1144 -4.16 75.62 74.38
C PHE E 1144 -5.00 76.15 75.53
N ASN E 1145 -6.32 76.03 75.45
CA ASN E 1145 -7.18 76.48 76.52
C ASN E 1145 -7.07 75.54 77.71
N ARG E 1146 -6.95 74.24 77.44
CA ARG E 1146 -6.85 73.25 78.49
C ARG E 1146 -5.48 73.31 79.16
N ILE E 1147 -4.41 73.51 78.37
CA ILE E 1147 -3.07 73.60 78.91
C ILE E 1147 -2.99 74.82 79.79
N SER E 1148 -3.65 75.91 79.38
CA SER E 1148 -3.64 77.14 80.16
C SER E 1148 -4.34 76.94 81.48
N GLU E 1149 -5.46 76.22 81.45
CA GLU E 1149 -6.28 75.96 82.63
C GLU E 1149 -5.49 75.13 83.63
N ALA E 1150 -4.75 74.13 83.14
CA ALA E 1150 -3.97 73.24 83.98
C ALA E 1150 -2.84 73.99 84.66
N LEU E 1151 -2.12 74.82 83.90
CA LEU E 1151 -1.01 75.58 84.44
C LEU E 1151 -1.49 76.59 85.48
N ALA E 1152 -2.70 77.11 85.30
CA ALA E 1152 -3.25 78.11 86.20
C ALA E 1152 -3.58 77.50 87.55
N GLY E 1153 -3.81 76.19 87.58
CA GLY E 1153 -4.14 75.49 88.80
C GLY E 1153 -2.95 75.33 89.75
N TYR E 1154 -1.74 75.62 89.27
CA TYR E 1154 -0.54 75.58 90.08
C TYR E 1154 0.06 76.98 90.15
N PRO E 1155 -0.37 77.84 91.11
CA PRO E 1155 -0.01 79.24 91.09
C PRO E 1155 1.41 79.64 91.51
N ASN E 1156 2.18 78.69 92.05
CA ASN E 1156 3.51 78.99 92.53
C ASN E 1156 4.55 78.30 91.66
N ALA E 1157 4.20 77.96 90.41
CA ALA E 1157 5.12 77.31 89.50
C ALA E 1157 6.11 78.33 88.95
N GLU E 1158 7.37 77.90 88.80
CA GLU E 1158 8.44 78.77 88.35
C GLU E 1158 9.03 78.24 87.03
N GLU E 1159 8.92 76.93 86.79
CA GLU E 1159 9.49 76.31 85.61
C GLU E 1159 8.45 75.47 84.89
N VAL E 1160 8.62 75.31 83.57
CA VAL E 1160 7.90 74.35 82.77
C VAL E 1160 8.91 73.58 81.95
N LEU E 1161 8.84 72.25 81.99
CA LEU E 1161 9.75 71.37 81.28
C LEU E 1161 8.96 70.60 80.22
N PHE E 1162 9.52 70.44 79.03
CA PHE E 1162 8.95 69.60 78.00
C PHE E 1162 9.83 68.38 77.84
N VAL E 1163 9.29 67.18 78.12
CA VAL E 1163 10.09 65.98 78.20
C VAL E 1163 9.65 65.01 77.10
N GLN E 1164 10.59 64.54 76.28
CA GLN E 1164 10.31 63.55 75.27
C GLN E 1164 11.45 62.57 75.14
N ASP E 1165 11.16 61.40 74.55
CA ASP E 1165 12.14 60.35 74.35
C ASP E 1165 12.91 60.55 73.05
N GLU E 1166 12.33 61.23 72.07
CA GLU E 1166 12.91 61.30 70.74
C GLU E 1166 14.08 62.27 70.76
N PRO E 1167 15.03 62.17 69.80
CA PRO E 1167 16.06 63.20 69.62
C PRO E 1167 15.51 64.60 69.44
N ALA E 1168 16.35 65.61 69.62
CA ALA E 1168 15.91 66.98 69.72
C ALA E 1168 15.41 67.54 68.40
N ASN E 1169 15.75 66.90 67.28
CA ASN E 1169 15.31 67.34 65.98
C ASN E 1169 14.16 66.48 65.50
N GLN E 1170 13.59 65.67 66.39
CA GLN E 1170 12.49 64.79 66.07
C GLN E 1170 11.46 64.88 67.19
N GLY E 1171 10.32 64.21 67.01
CA GLY E 1171 9.26 64.20 68.01
C GLY E 1171 8.45 65.46 67.96
N PRO E 1172 7.55 65.72 68.94
CA PRO E 1172 6.77 66.95 68.97
C PRO E 1172 7.38 68.27 69.42
N TRP E 1173 8.66 68.32 69.77
CA TRP E 1173 9.25 69.52 70.35
C TRP E 1173 9.36 70.65 69.32
N PRO E 1174 9.86 70.42 68.10
CA PRO E 1174 9.97 71.49 67.12
C PRO E 1174 8.70 72.27 66.84
N PHE E 1175 7.56 71.55 66.80
CA PHE E 1175 6.26 72.13 66.54
C PHE E 1175 5.81 72.96 67.74
N TYR E 1176 6.05 72.48 68.94
CA TYR E 1176 5.51 73.10 70.14
C TYR E 1176 6.32 74.31 70.55
N GLN E 1177 7.64 74.30 70.31
CA GLN E 1177 8.48 75.42 70.73
C GLN E 1177 8.19 76.64 69.87
N GLU E 1178 7.66 76.42 68.67
CA GLU E 1178 7.32 77.50 67.75
C GLU E 1178 5.98 78.11 68.11
N HIS E 1179 4.99 77.26 68.39
CA HIS E 1179 3.59 77.68 68.39
C HIS E 1179 3.03 77.97 69.78
N LEU E 1180 3.51 77.30 70.82
CA LEU E 1180 2.81 77.33 72.10
C LEU E 1180 3.05 78.65 72.82
N PRO E 1181 4.26 79.24 72.84
CA PRO E 1181 4.48 80.54 73.48
C PRO E 1181 3.60 81.71 73.00
N GLU E 1182 3.23 81.68 71.72
CA GLU E 1182 2.34 82.69 71.16
C GLU E 1182 0.94 82.55 71.73
N LEU E 1183 0.47 81.30 71.87
CA LEU E 1183 -0.90 81.02 72.24
C LEU E 1183 -1.11 81.17 73.75
N ILE E 1184 -0.06 81.02 74.56
CA ILE E 1184 -0.14 81.21 76.00
C ILE E 1184 0.91 82.23 76.41
N PRO E 1185 0.64 83.55 76.28
CA PRO E 1185 1.63 84.58 76.57
C PRO E 1185 2.26 84.65 77.96
N ASN E 1186 1.52 84.23 78.98
CA ASN E 1186 1.96 84.43 80.36
C ASN E 1186 2.72 83.22 80.89
N MET E 1187 2.98 82.21 80.05
CA MET E 1187 3.63 80.99 80.46
C MET E 1187 5.13 81.27 80.64
N PRO E 1188 5.81 80.64 81.62
CA PRO E 1188 7.28 80.74 81.72
C PRO E 1188 7.97 80.14 80.51
N LYS E 1189 9.26 80.46 80.34
CA LYS E 1189 10.03 79.92 79.21
C LYS E 1189 10.19 78.42 79.40
N MET E 1190 9.97 77.66 78.31
CA MET E 1190 10.03 76.22 78.35
C MET E 1190 11.47 75.77 78.29
N ARG E 1191 11.75 74.57 78.81
CA ARG E 1191 13.06 73.97 78.80
C ARG E 1191 12.94 72.54 78.30
N ARG E 1192 13.75 72.18 77.31
CA ARG E 1192 13.69 70.88 76.69
C ARG E 1192 14.47 69.87 77.52
N VAL E 1193 13.95 68.66 77.64
CA VAL E 1193 14.69 67.53 78.15
C VAL E 1193 14.44 66.36 77.21
N SER E 1194 15.48 65.92 76.49
CA SER E 1194 15.35 64.89 75.49
C SER E 1194 16.70 64.26 75.20
N ARG E 1195 16.73 63.33 74.25
CA ARG E 1195 17.97 62.82 73.69
C ARG E 1195 18.58 63.86 72.75
N ARG E 1196 19.89 63.74 72.48
CA ARG E 1196 20.60 64.67 71.61
C ARG E 1196 20.15 64.47 70.17
N ALA E 1197 20.41 65.48 69.32
CA ALA E 1197 20.04 65.45 67.92
C ALA E 1197 20.90 64.43 67.16
N GLN E 1198 20.29 63.74 66.20
CA GLN E 1198 20.92 62.62 65.54
C GLN E 1198 20.52 62.58 64.07
N SER E 1199 21.38 61.96 63.26
CA SER E 1199 21.14 61.77 61.84
C SER E 1199 20.24 60.57 61.61
N SER E 1200 20.40 59.54 62.43
CA SER E 1200 19.51 58.39 62.42
C SER E 1200 18.44 58.56 63.49
N THR E 1201 17.55 57.58 63.58
CA THR E 1201 16.40 57.62 64.46
C THR E 1201 16.79 57.23 65.88
N ALA E 1202 17.57 56.16 66.03
CA ALA E 1202 17.93 55.63 67.34
C ALA E 1202 19.20 54.80 67.23
N THR E 1203 19.77 54.43 68.38
CA THR E 1203 20.98 53.63 68.46
C THR E 1203 20.69 52.19 68.07
N GLY E 1204 21.73 51.44 67.78
CA GLY E 1204 21.62 50.04 67.40
C GLY E 1204 22.08 49.10 68.51
N VAL E 1205 22.69 49.66 69.56
CA VAL E 1205 23.16 48.91 70.71
C VAL E 1205 22.15 49.06 71.84
N ALA E 1206 21.88 47.96 72.55
CA ALA E 1206 20.82 47.93 73.55
C ALA E 1206 21.30 48.47 74.89
N LYS E 1207 22.57 48.26 75.25
CA LYS E 1207 23.08 48.75 76.50
C LYS E 1207 23.14 50.27 76.49
N VAL E 1208 23.42 50.85 75.32
CA VAL E 1208 23.50 52.30 75.18
C VAL E 1208 22.11 52.90 75.33
N HIS E 1209 21.09 52.18 74.87
CA HIS E 1209 19.71 52.64 75.00
C HIS E 1209 19.34 52.78 76.46
N GLN E 1210 19.76 51.82 77.29
CA GLN E 1210 19.39 51.82 78.69
C GLN E 1210 20.13 52.93 79.42
N LEU E 1211 21.36 53.21 79.00
CA LEU E 1211 22.17 54.25 79.63
C LEU E 1211 21.59 55.62 79.34
N GLU E 1212 21.10 55.81 78.11
CA GLU E 1212 20.51 57.07 77.68
C GLU E 1212 19.24 57.37 78.46
N GLU E 1213 18.42 56.33 78.69
CA GLU E 1213 17.13 56.50 79.36
C GLU E 1213 17.35 56.95 80.79
N LYS E 1214 18.36 56.38 81.45
CA LYS E 1214 18.68 56.73 82.82
C LYS E 1214 19.12 58.18 82.90
N GLN E 1215 19.95 58.59 81.94
CA GLN E 1215 20.48 59.94 81.88
C GLN E 1215 19.37 60.96 81.73
N LEU E 1216 18.35 60.61 80.94
CA LEU E 1216 17.24 61.48 80.59
C LEU E 1216 16.37 61.76 81.82
N ILE E 1217 16.00 60.69 82.54
CA ILE E 1217 15.10 60.81 83.66
C ILE E 1217 15.82 61.51 84.81
N ASP E 1218 17.14 61.34 84.91
CA ASP E 1218 17.90 62.00 85.96
C ASP E 1218 17.94 63.50 85.71
N GLU E 1219 18.04 63.89 84.44
CA GLU E 1219 18.13 65.30 84.08
C GLU E 1219 16.81 66.02 84.37
N ALA E 1220 15.70 65.28 84.28
CA ALA E 1220 14.38 65.84 84.49
C ALA E 1220 14.16 66.16 85.97
N PHE E 1221 14.70 65.34 86.86
CA PHE E 1221 14.51 65.51 88.28
C PHE E 1221 15.72 66.20 88.90
N GLU E 1222 16.26 67.20 88.19
CA GLU E 1222 17.43 67.96 88.62
C GLU E 1222 18.65 67.05 88.64
N PRO F 104 9.99 -50.12 45.79
CA PRO F 104 8.89 -51.02 45.42
C PRO F 104 8.32 -51.74 46.64
N GLY F 105 6.99 -51.78 46.74
CA GLY F 105 6.29 -52.46 47.82
C GLY F 105 5.38 -51.52 48.60
N GLN F 106 5.04 -51.93 49.83
CA GLN F 106 4.10 -51.24 50.69
C GLN F 106 4.82 -50.59 51.84
N THR F 107 4.34 -49.43 52.29
CA THR F 107 4.91 -48.77 53.45
C THR F 107 3.86 -47.91 54.15
N PRO F 108 3.66 -48.06 55.46
CA PRO F 108 2.75 -47.19 56.21
C PRO F 108 3.00 -45.70 56.08
N ILE F 109 1.91 -44.92 56.17
CA ILE F 109 1.99 -43.47 56.10
C ILE F 109 2.10 -42.95 57.52
N ARG F 110 3.09 -42.09 57.76
CA ARG F 110 3.39 -41.61 59.09
C ARG F 110 3.65 -40.10 59.04
N GLY F 111 3.14 -39.37 60.03
CA GLY F 111 3.57 -38.01 60.27
C GLY F 111 2.56 -36.98 59.75
N ILE F 112 3.08 -35.93 59.11
CA ILE F 112 2.26 -34.88 58.52
C ILE F 112 1.46 -35.45 57.36
N PHE F 113 2.02 -36.47 56.70
CA PHE F 113 1.38 -37.09 55.57
C PHE F 113 0.13 -37.86 56.00
N LYS F 114 0.16 -38.43 57.20
CA LYS F 114 -0.99 -39.14 57.73
C LYS F 114 -2.12 -38.16 58.02
N SER F 115 -1.78 -36.96 58.48
CA SER F 115 -2.76 -35.93 58.77
C SER F 115 -3.42 -35.41 57.49
N ILE F 116 -2.64 -35.27 56.42
CA ILE F 116 -3.15 -34.82 55.14
C ILE F 116 -4.13 -35.86 54.61
N ALA F 117 -3.82 -37.13 54.80
CA ALA F 117 -4.65 -38.20 54.30
C ALA F 117 -5.99 -38.24 55.04
N LYS F 118 -5.98 -38.00 56.35
CA LYS F 118 -7.18 -38.13 57.16
C LYS F 118 -8.13 -36.99 56.84
N ASN F 119 -7.60 -35.81 56.59
CA ASN F 119 -8.43 -34.64 56.34
C ASN F 119 -9.11 -34.75 54.98
N MET F 120 -8.42 -35.34 54.00
CA MET F 120 -8.98 -35.50 52.66
C MET F 120 -10.13 -36.51 52.70
N ASP F 121 -10.05 -37.48 53.62
CA ASP F 121 -11.13 -38.44 53.79
C ASP F 121 -12.33 -37.79 54.43
N ILE F 122 -12.12 -36.88 55.38
CA ILE F 122 -13.21 -36.18 56.04
C ILE F 122 -13.92 -35.28 55.05
N SER F 123 -13.20 -34.76 54.06
CA SER F 123 -13.73 -33.77 53.14
C SER F 123 -14.71 -34.37 52.15
N LEU F 124 -14.88 -35.69 52.18
CA LEU F 124 -15.80 -36.37 51.29
C LEU F 124 -17.24 -36.10 51.67
N GLU F 125 -17.49 -35.45 52.80
CA GLU F 125 -18.85 -35.19 53.24
C GLU F 125 -19.27 -33.74 52.99
N ILE F 126 -18.62 -33.05 52.04
CA ILE F 126 -19.01 -31.71 51.67
C ILE F 126 -19.49 -31.73 50.22
N PRO F 127 -20.75 -31.36 49.91
CA PRO F 127 -21.19 -31.14 48.53
C PRO F 127 -20.67 -29.86 47.90
N THR F 128 -19.98 -29.96 46.78
CA THR F 128 -19.24 -28.84 46.23
C THR F 128 -19.61 -28.60 44.77
N ALA F 129 -19.55 -27.33 44.35
CA ALA F 129 -19.66 -26.94 42.96
C ALA F 129 -18.61 -25.88 42.64
N THR F 130 -18.37 -25.63 41.35
CA THR F 130 -17.28 -24.78 40.90
C THR F 130 -17.75 -23.81 39.82
N SER F 131 -17.15 -22.62 39.80
CA SER F 131 -17.37 -21.60 38.78
C SER F 131 -16.03 -21.13 38.22
N VAL F 132 -15.99 -20.79 36.93
CA VAL F 132 -14.76 -20.44 36.23
C VAL F 132 -15.00 -19.15 35.44
N ARG F 133 -14.06 -18.21 35.49
CA ARG F 133 -14.14 -16.96 34.76
C ARG F 133 -12.77 -16.47 34.34
N ASP F 134 -12.66 -15.92 33.13
CA ASP F 134 -11.42 -15.40 32.58
C ASP F 134 -11.49 -13.87 32.50
N MET F 135 -10.37 -13.21 32.76
CA MET F 135 -10.33 -11.77 33.00
C MET F 135 -9.13 -11.17 32.27
N PRO F 136 -9.25 -9.96 31.68
CA PRO F 136 -8.09 -9.23 31.16
C PRO F 136 -7.03 -8.92 32.21
N ALA F 137 -5.76 -8.88 31.80
CA ALA F 137 -4.66 -8.74 32.73
C ALA F 137 -3.65 -7.66 32.32
N ARG F 138 -3.98 -6.81 31.34
CA ARG F 138 -3.02 -5.86 30.79
C ARG F 138 -2.76 -4.72 31.77
N LEU F 139 -3.81 -4.22 32.39
CA LEU F 139 -3.70 -3.08 33.30
C LEU F 139 -2.94 -3.47 34.55
N MET F 140 -2.98 -4.74 34.94
CA MET F 140 -2.20 -5.21 36.07
C MET F 140 -0.73 -5.07 35.76
N PHE F 141 -0.31 -5.55 34.58
CA PHE F 141 1.08 -5.50 34.20
C PHE F 141 1.59 -4.06 34.22
N GLU F 142 0.81 -3.14 33.67
CA GLU F 142 1.23 -1.76 33.51
C GLU F 142 1.38 -1.08 34.87
N ASN F 143 0.35 -1.20 35.71
CA ASN F 143 0.30 -0.47 36.95
C ASN F 143 1.25 -1.07 37.98
N ARG F 144 1.53 -2.36 37.88
CA ARG F 144 2.49 -2.99 38.77
C ARG F 144 3.89 -2.46 38.47
N ALA F 145 4.19 -2.23 37.20
CA ALA F 145 5.49 -1.71 36.80
C ALA F 145 5.71 -0.31 37.34
N MET F 146 4.65 0.49 37.39
CA MET F 146 4.74 1.85 37.88
C MET F 146 5.01 1.86 39.37
N VAL F 147 4.45 0.90 40.12
CA VAL F 147 4.63 0.86 41.56
C VAL F 147 6.04 0.41 41.88
N ASN F 148 6.58 -0.50 41.09
CA ASN F 148 7.89 -1.06 41.38
C ASN F 148 8.99 -0.08 41.00
N ASP F 149 8.71 0.86 40.09
CA ASP F 149 9.67 1.91 39.75
C ASP F 149 9.82 2.89 40.91
N GLN F 150 8.72 3.20 41.59
CA GLN F 150 8.74 4.07 42.75
C GLN F 150 9.54 3.42 43.88
N LEU F 151 9.36 2.12 44.09
CA LEU F 151 10.01 1.45 45.20
C LEU F 151 11.51 1.35 44.94
N LYS F 152 11.91 1.26 43.67
CA LYS F 152 13.32 1.09 43.35
C LYS F 152 14.10 2.36 43.71
N ARG F 153 13.50 3.54 43.47
CA ARG F 153 14.18 4.79 43.74
C ARG F 153 14.26 5.05 45.25
N THR F 154 13.29 4.52 46.00
CA THR F 154 13.24 4.69 47.43
C THR F 154 13.85 3.49 48.16
N ARG F 155 14.58 2.64 47.41
CA ARG F 155 15.25 1.46 47.96
C ARG F 155 14.29 0.63 48.80
N GLY F 156 13.07 0.45 48.30
CA GLY F 156 12.10 -0.47 48.89
C GLY F 156 12.22 -1.85 48.24
N GLY F 157 11.13 -2.62 48.32
CA GLY F 157 11.11 -3.99 47.80
C GLY F 157 10.45 -4.09 46.43
N LYS F 158 9.43 -4.95 46.34
CA LYS F 158 8.82 -5.35 45.08
C LYS F 158 7.48 -6.02 45.38
N ILE F 159 6.40 -5.60 44.72
CA ILE F 159 5.12 -6.27 44.89
C ILE F 159 4.90 -7.27 43.77
N SER F 160 4.06 -8.28 44.03
CA SER F 160 3.78 -9.40 43.13
C SER F 160 2.31 -9.41 42.74
N PHE F 161 1.94 -10.34 41.84
CA PHE F 161 0.57 -10.43 41.35
C PHE F 161 -0.34 -11.03 42.42
N THR F 162 0.21 -11.90 43.27
CA THR F 162 -0.57 -12.52 44.33
C THR F 162 -1.00 -11.49 45.36
N HIS F 163 -0.15 -10.49 45.61
CA HIS F 163 -0.49 -9.41 46.52
C HIS F 163 -1.71 -8.65 46.04
N ILE F 164 -1.75 -8.33 44.75
CA ILE F 164 -2.81 -7.52 44.18
C ILE F 164 -4.11 -8.32 44.14
N ILE F 165 -4.04 -9.58 43.72
CA ILE F 165 -5.23 -10.40 43.59
C ILE F 165 -5.76 -10.74 44.98
N GLY F 166 -4.86 -10.91 45.95
CA GLY F 166 -5.24 -11.10 47.33
C GLY F 166 -6.07 -9.96 47.88
N TYR F 167 -5.64 -8.72 47.62
CA TYR F 167 -6.30 -7.55 48.15
C TYR F 167 -7.66 -7.40 47.48
N ALA F 168 -7.74 -7.68 46.18
CA ALA F 168 -8.99 -7.60 45.44
C ALA F 168 -10.00 -8.61 45.98
N MET F 169 -9.49 -9.78 46.38
CA MET F 169 -10.33 -10.86 46.89
C MET F 169 -10.97 -10.45 48.20
N VAL F 170 -10.21 -9.75 49.05
CA VAL F 170 -10.69 -9.28 50.34
C VAL F 170 -11.82 -8.27 50.14
N LYS F 171 -11.63 -7.35 49.20
CA LYS F 171 -12.62 -6.32 48.92
C LYS F 171 -13.90 -6.95 48.40
N ALA F 172 -13.78 -8.03 47.64
CA ALA F 172 -14.92 -8.71 47.05
C ALA F 172 -15.72 -9.46 48.11
N VAL F 173 -15.04 -10.04 49.10
CA VAL F 173 -15.70 -10.77 50.16
C VAL F 173 -16.47 -9.79 51.05
N MET F 174 -15.96 -8.57 51.18
CA MET F 174 -16.66 -7.53 51.92
C MET F 174 -17.94 -7.13 51.20
N ALA F 175 -17.90 -7.11 49.87
CA ALA F 175 -19.05 -6.73 49.06
C ALA F 175 -20.10 -7.85 49.03
N HIS F 176 -19.66 -9.10 49.20
CA HIS F 176 -20.55 -10.25 49.18
C HIS F 176 -20.27 -11.12 50.38
N PRO F 177 -20.77 -10.76 51.59
CA PRO F 177 -20.41 -11.44 52.84
C PRO F 177 -20.77 -12.91 52.99
N ASP F 178 -21.71 -13.40 52.18
CA ASP F 178 -22.14 -14.79 52.25
C ASP F 178 -21.01 -15.76 51.93
N MET F 179 -19.97 -15.28 51.26
CA MET F 179 -18.88 -16.14 50.84
C MET F 179 -17.98 -16.48 52.02
N ASN F 180 -18.26 -15.94 53.21
CA ASN F 180 -17.39 -16.14 54.37
C ASN F 180 -18.04 -17.10 55.37
N ASN F 181 -19.22 -17.63 55.06
CA ASN F 181 -19.98 -18.46 56.00
C ASN F 181 -19.64 -19.93 55.82
N SER F 182 -20.03 -20.76 56.79
CA SER F 182 -19.76 -22.19 56.78
C SER F 182 -20.92 -22.97 57.41
N TYR F 183 -20.82 -24.30 57.42
CA TYR F 183 -21.88 -25.20 57.85
C TYR F 183 -21.37 -26.14 58.93
N ASP F 184 -22.22 -26.49 59.90
CA ASP F 184 -21.89 -27.45 60.93
C ASP F 184 -23.15 -28.01 61.55
N VAL F 185 -23.07 -29.20 62.12
CA VAL F 185 -24.20 -29.78 62.84
C VAL F 185 -23.89 -29.76 64.33
N ILE F 186 -24.72 -29.04 65.10
CA ILE F 186 -24.49 -28.73 66.51
C ILE F 186 -25.70 -29.14 67.32
N ASP F 187 -25.51 -30.08 68.26
CA ASP F 187 -26.61 -30.61 69.04
C ASP F 187 -27.57 -31.33 68.10
N GLY F 188 -27.03 -31.89 67.04
CA GLY F 188 -27.85 -32.63 66.10
C GLY F 188 -28.78 -31.77 65.25
N LYS F 189 -28.54 -30.48 65.16
CA LYS F 189 -29.30 -29.66 64.23
C LYS F 189 -28.37 -29.00 63.22
N PRO F 190 -28.74 -28.90 61.94
CA PRO F 190 -28.08 -28.01 60.98
C PRO F 190 -27.95 -26.54 61.35
N THR F 191 -26.79 -25.95 61.07
CA THR F 191 -26.47 -24.63 61.56
C THR F 191 -25.60 -23.85 60.57
N LEU F 192 -25.88 -22.56 60.43
CA LEU F 192 -25.06 -21.63 59.67
C LEU F 192 -24.15 -20.88 60.62
N ILE F 193 -22.87 -20.72 60.25
CA ILE F 193 -21.88 -20.09 61.09
C ILE F 193 -21.36 -18.84 60.41
N VAL F 194 -21.53 -17.68 61.08
CA VAL F 194 -21.14 -16.38 60.56
C VAL F 194 -19.98 -15.84 61.39
N PRO F 195 -18.72 -15.87 60.90
CA PRO F 195 -17.59 -15.42 61.70
C PRO F 195 -17.50 -13.93 61.94
N GLU F 196 -16.58 -13.54 62.84
CA GLU F 196 -16.38 -12.15 63.22
C GLU F 196 -15.45 -11.46 62.23
N HIS F 197 -14.41 -12.17 61.77
CA HIS F 197 -13.39 -11.59 60.93
C HIS F 197 -13.21 -12.36 59.63
N ILE F 198 -12.55 -11.73 58.66
CA ILE F 198 -12.06 -12.38 57.45
C ILE F 198 -10.61 -12.73 57.65
N ASN F 199 -10.34 -14.02 57.89
CA ASN F 199 -8.98 -14.51 58.02
C ASN F 199 -8.60 -15.28 56.76
N LEU F 200 -7.55 -14.84 56.07
CA LEU F 200 -7.22 -15.31 54.74
C LEU F 200 -6.07 -16.29 54.83
N GLY F 201 -6.29 -17.51 54.33
CA GLY F 201 -5.28 -18.56 54.36
C GLY F 201 -4.44 -18.58 53.09
N LEU F 202 -3.12 -18.62 53.26
CA LEU F 202 -2.17 -18.70 52.16
C LEU F 202 -1.60 -20.11 52.09
N ALA F 203 -1.58 -20.68 50.89
CA ALA F 203 -0.99 -21.98 50.66
C ALA F 203 0.52 -21.78 50.45
N ILE F 204 1.30 -22.08 51.49
CA ILE F 204 2.75 -21.99 51.42
C ILE F 204 3.34 -23.37 51.19
N ASP F 205 4.01 -23.54 50.05
CA ASP F 205 4.73 -24.77 49.72
C ASP F 205 6.15 -24.66 50.27
N LEU F 206 6.44 -25.42 51.35
CA LEU F 206 7.73 -25.35 52.01
C LEU F 206 8.36 -26.76 52.04
N PRO F 207 9.57 -26.94 51.47
CA PRO F 207 10.38 -28.14 51.73
C PRO F 207 10.79 -28.27 53.20
N GLN F 208 10.98 -29.52 53.67
CA GLN F 208 11.49 -29.74 55.02
C GLN F 208 12.94 -30.24 54.94
N LYS F 209 13.52 -30.54 56.11
CA LYS F 209 14.91 -30.98 56.23
C LYS F 209 15.14 -32.28 55.48
N ASP F 210 14.15 -33.18 55.49
CA ASP F 210 14.24 -34.49 54.88
C ASP F 210 14.44 -34.37 53.36
N GLY F 211 13.68 -33.46 52.72
CA GLY F 211 13.76 -33.25 51.29
C GLY F 211 12.46 -33.56 50.56
N SER F 212 11.35 -33.51 51.29
CA SER F 212 10.01 -33.74 50.73
C SER F 212 9.16 -32.49 50.95
N ARG F 213 8.48 -32.05 49.88
CA ARG F 213 7.63 -30.86 49.93
C ARG F 213 6.32 -31.20 50.65
N ALA F 214 5.85 -30.25 51.46
CA ALA F 214 4.57 -30.35 52.15
C ALA F 214 3.86 -29.01 52.09
N LEU F 215 2.52 -29.04 52.03
CA LEU F 215 1.72 -27.84 51.91
C LEU F 215 1.02 -27.58 53.24
N VAL F 216 1.11 -26.34 53.72
CA VAL F 216 0.46 -25.91 54.95
C VAL F 216 -0.27 -24.59 54.68
N VAL F 217 -1.30 -24.31 55.47
CA VAL F 217 -2.08 -23.09 55.30
C VAL F 217 -1.93 -22.24 56.57
N ALA F 218 -1.28 -21.08 56.42
CA ALA F 218 -1.15 -20.08 57.47
C ALA F 218 -2.13 -18.95 57.21
N ALA F 219 -2.47 -18.20 58.26
CA ALA F 219 -3.54 -17.21 58.19
C ALA F 219 -3.03 -15.79 58.38
N ILE F 220 -3.56 -14.87 57.59
CA ILE F 220 -3.48 -13.44 57.84
C ILE F 220 -4.80 -13.04 58.49
N LYS F 221 -4.73 -12.45 59.69
CA LYS F 221 -5.93 -12.29 60.50
C LYS F 221 -6.42 -10.85 60.48
N GLU F 222 -7.74 -10.69 60.62
CA GLU F 222 -8.40 -9.41 60.74
C GLU F 222 -8.03 -8.54 59.54
N THR F 223 -8.48 -8.98 58.36
CA THR F 223 -8.05 -8.41 57.10
C THR F 223 -9.04 -7.34 56.65
N GLU F 224 -10.23 -7.30 57.25
CA GLU F 224 -11.27 -6.40 56.79
C GLU F 224 -11.09 -4.99 57.35
N LYS F 225 -10.02 -4.78 58.11
CA LYS F 225 -9.68 -3.48 58.66
C LYS F 225 -8.24 -3.14 58.29
N MET F 226 -7.90 -3.32 57.02
CA MET F 226 -6.56 -3.07 56.52
C MET F 226 -6.63 -2.30 55.20
N ASN F 227 -5.63 -1.45 54.95
CA ASN F 227 -5.41 -0.85 53.64
C ASN F 227 -4.26 -1.61 52.99
N PHE F 228 -3.87 -1.21 51.76
CA PHE F 228 -2.96 -2.02 50.99
C PHE F 228 -1.60 -2.09 51.67
N SER F 229 -1.18 -0.98 52.29
CA SER F 229 0.11 -0.91 52.97
C SER F 229 0.15 -1.92 54.11
N GLU F 230 -0.90 -1.93 54.92
CA GLU F 230 -1.02 -2.82 56.05
C GLU F 230 -1.08 -4.27 55.57
N PHE F 231 -1.82 -4.52 54.48
CA PHE F 231 -2.01 -5.86 53.95
C PHE F 231 -0.67 -6.43 53.50
N LEU F 232 0.14 -5.62 52.83
CA LEU F 232 1.40 -6.08 52.27
C LEU F 232 2.35 -6.47 53.40
N ALA F 233 2.33 -5.71 54.49
CA ALA F 233 3.17 -5.94 55.63
C ALA F 233 2.84 -7.28 56.29
N ALA F 234 1.56 -7.52 56.52
CA ALA F 234 1.08 -8.75 57.15
C ALA F 234 1.44 -9.97 56.31
N TYR F 235 1.31 -9.84 54.99
CA TYR F 235 1.60 -10.91 54.06
C TYR F 235 3.07 -11.29 54.21
N GLU F 236 3.95 -10.29 54.14
CA GLU F 236 5.38 -10.51 54.15
C GLU F 236 5.85 -11.00 55.51
N ASP F 237 5.10 -10.67 56.56
CA ASP F 237 5.40 -11.16 57.90
C ASP F 237 5.27 -12.68 57.96
N ILE F 238 4.15 -13.21 57.45
CA ILE F 238 3.89 -14.64 57.50
C ILE F 238 4.93 -15.39 56.69
N VAL F 239 5.26 -14.86 55.51
CA VAL F 239 6.19 -15.51 54.60
C VAL F 239 7.58 -15.54 55.22
N ALA F 240 7.98 -14.44 55.84
CA ALA F 240 9.32 -14.28 56.41
C ALA F 240 9.55 -15.26 57.55
N ARG F 241 8.56 -15.37 58.45
CA ARG F 241 8.67 -16.22 59.62
C ARG F 241 8.62 -17.69 59.23
N SER F 242 8.04 -18.00 58.08
CA SER F 242 7.93 -19.38 57.63
C SER F 242 9.31 -19.91 57.24
N ARG F 243 10.11 -19.06 56.60
CA ARG F 243 11.41 -19.46 56.12
C ARG F 243 12.39 -19.62 57.27
N LYS F 244 12.24 -18.80 58.32
CA LYS F 244 13.10 -18.84 59.48
C LYS F 244 12.63 -19.91 60.48
N GLY F 245 11.44 -20.47 60.25
CA GLY F 245 10.91 -21.52 61.11
C GLY F 245 10.48 -20.98 62.46
N LYS F 246 9.63 -19.95 62.45
CA LYS F 246 9.18 -19.30 63.68
C LYS F 246 7.68 -19.09 63.68
N LEU F 247 6.91 -20.07 63.16
CA LEU F 247 5.45 -20.02 63.18
C LEU F 247 4.92 -20.80 64.38
N THR F 248 3.98 -20.20 65.10
CA THR F 248 3.36 -20.80 66.26
C THR F 248 2.13 -21.60 65.84
N MET F 249 1.42 -22.16 66.81
CA MET F 249 0.27 -23.00 66.56
C MET F 249 -0.97 -22.12 66.34
N ASP F 250 -0.91 -20.87 66.79
CA ASP F 250 -2.04 -19.96 66.65
C ASP F 250 -2.17 -19.49 65.20
N ASP F 251 -1.07 -19.53 64.44
CA ASP F 251 -1.05 -19.06 63.07
C ASP F 251 -1.75 -20.04 62.13
N TYR F 252 -1.98 -21.27 62.59
CA TYR F 252 -2.61 -22.28 61.76
C TYR F 252 -4.08 -22.46 62.15
N GLN F 253 -4.68 -21.51 62.86
CA GLN F 253 -6.04 -21.69 63.34
C GLN F 253 -6.90 -20.49 62.96
N GLY F 254 -8.15 -20.77 62.59
CA GLY F 254 -9.17 -19.74 62.43
C GLY F 254 -9.35 -19.25 61.00
N VAL F 255 -8.90 -20.03 60.01
CA VAL F 255 -9.01 -19.65 58.61
C VAL F 255 -10.49 -19.68 58.21
N THR F 256 -10.92 -18.67 57.45
CA THR F 256 -12.30 -18.57 57.00
C THR F 256 -12.42 -18.65 55.48
N VAL F 257 -11.34 -18.36 54.74
CA VAL F 257 -11.35 -18.41 53.29
C VAL F 257 -9.92 -18.52 52.79
N SER F 258 -9.69 -19.30 51.73
CA SER F 258 -8.35 -19.69 51.30
C SER F 258 -8.06 -19.24 49.86
N LEU F 259 -6.77 -19.13 49.53
CA LEU F 259 -6.27 -18.74 48.23
C LEU F 259 -5.15 -19.67 47.81
N THR F 260 -5.19 -20.15 46.56
CA THR F 260 -4.17 -21.04 46.02
C THR F 260 -3.75 -20.55 44.65
N ASN F 261 -2.51 -20.87 44.24
CA ASN F 261 -1.92 -20.33 43.02
C ASN F 261 -1.27 -21.44 42.21
N PRO F 262 -2.04 -22.28 41.50
CA PRO F 262 -1.46 -23.25 40.57
C PRO F 262 -0.87 -22.69 39.28
N GLY F 263 -1.03 -21.39 39.04
CA GLY F 263 -0.54 -20.77 37.83
C GLY F 263 0.96 -20.48 37.86
N GLY F 264 1.59 -20.61 39.03
CA GLY F 264 3.03 -20.47 39.16
C GLY F 264 3.79 -21.42 38.24
N ILE F 265 3.38 -22.68 38.21
CA ILE F 265 4.00 -23.69 37.37
C ILE F 265 3.56 -23.48 35.92
N GLY F 266 2.32 -23.05 35.71
CA GLY F 266 1.82 -22.76 34.37
C GLY F 266 0.52 -23.48 34.03
N THR F 267 -0.18 -24.01 35.04
CA THR F 267 -1.47 -24.64 34.86
C THR F 267 -2.50 -23.57 34.50
N ARG F 268 -3.46 -23.90 33.63
CA ARG F 268 -4.41 -22.93 33.14
C ARG F 268 -5.53 -22.73 34.17
N HIS F 269 -6.09 -23.81 34.69
CA HIS F 269 -6.99 -23.74 35.83
C HIS F 269 -7.07 -25.11 36.50
N SER F 270 -7.68 -25.15 37.70
CA SER F 270 -7.83 -26.37 38.47
C SER F 270 -9.21 -26.46 39.11
N VAL F 271 -9.57 -27.66 39.57
CA VAL F 271 -10.76 -27.89 40.38
C VAL F 271 -10.31 -28.50 41.71
N PRO F 272 -10.01 -27.68 42.73
CA PRO F 272 -9.50 -28.18 44.01
C PRO F 272 -10.52 -28.68 45.04
N ARG F 273 -10.01 -29.25 46.14
CA ARG F 273 -10.83 -29.76 47.23
C ARG F 273 -11.03 -28.69 48.29
N LEU F 274 -12.18 -28.74 48.97
CA LEU F 274 -12.51 -27.84 50.05
C LEU F 274 -12.41 -28.60 51.35
N THR F 275 -11.78 -27.98 52.35
CA THR F 275 -11.57 -28.60 53.66
C THR F 275 -12.66 -28.16 54.61
N LYS F 276 -12.92 -28.98 55.63
CA LYS F 276 -14.02 -28.77 56.56
C LYS F 276 -13.75 -27.52 57.39
N GLY F 277 -14.78 -26.70 57.59
CA GLY F 277 -14.68 -25.51 58.40
C GLY F 277 -14.71 -24.22 57.59
N GLN F 278 -14.70 -24.33 56.25
CA GLN F 278 -14.69 -23.18 55.37
C GLN F 278 -15.86 -23.29 54.39
N GLY F 279 -16.10 -22.21 53.65
CA GLY F 279 -17.18 -22.16 52.69
C GLY F 279 -16.71 -22.05 51.24
N THR F 280 -15.53 -21.46 51.00
CA THR F 280 -15.03 -21.31 49.65
C THR F 280 -13.51 -21.36 49.61
N ILE F 281 -12.98 -21.73 48.44
CA ILE F 281 -11.57 -21.66 48.11
C ILE F 281 -11.42 -21.09 46.70
N ILE F 282 -10.46 -20.17 46.53
CA ILE F 282 -10.26 -19.44 45.29
C ILE F 282 -8.93 -19.86 44.68
N GLY F 283 -8.90 -20.11 43.36
CA GLY F 283 -7.72 -20.54 42.64
C GLY F 283 -7.35 -19.59 41.52
N VAL F 284 -6.05 -19.32 41.35
CA VAL F 284 -5.52 -18.38 40.37
C VAL F 284 -4.64 -19.13 39.38
N GLY F 285 -4.97 -19.04 38.10
CA GLY F 285 -4.31 -19.77 37.03
C GLY F 285 -3.25 -18.92 36.33
N SER F 286 -2.78 -19.43 35.19
CA SER F 286 -1.62 -18.88 34.50
C SER F 286 -1.93 -17.52 33.88
N MET F 287 -0.94 -16.62 33.91
CA MET F 287 -1.03 -15.33 33.27
C MET F 287 -0.13 -15.34 32.05
N ASP F 288 -0.69 -15.71 30.91
CA ASP F 288 0.07 -16.01 29.72
C ASP F 288 -0.85 -15.94 28.50
N TYR F 289 -0.27 -15.83 27.31
CA TYR F 289 -1.05 -15.84 26.09
C TYR F 289 -1.69 -17.19 25.96
N PRO F 290 -2.88 -17.33 25.34
CA PRO F 290 -3.42 -18.63 25.00
C PRO F 290 -2.49 -19.38 24.05
N ALA F 291 -2.65 -20.70 23.99
CA ALA F 291 -1.67 -21.55 23.33
C ALA F 291 -1.77 -21.48 21.80
N GLU F 292 -2.84 -20.89 21.27
CA GLU F 292 -2.96 -20.69 19.83
C GLU F 292 -2.18 -19.44 19.38
N PHE F 293 -1.59 -18.70 20.31
CA PHE F 293 -0.84 -17.50 19.99
C PHE F 293 0.61 -17.61 20.43
N GLN F 294 1.06 -18.78 20.88
CA GLN F 294 2.37 -18.90 21.51
C GLN F 294 3.50 -19.00 20.49
N GLY F 295 3.19 -19.00 19.20
CA GLY F 295 4.21 -19.00 18.17
C GLY F 295 4.15 -17.78 17.25
N ALA F 296 3.28 -16.82 17.56
CA ALA F 296 3.13 -15.63 16.74
C ALA F 296 4.21 -14.62 17.09
N SER F 297 4.41 -13.64 16.20
CA SER F 297 5.40 -12.60 16.38
C SER F 297 4.84 -11.49 17.25
N GLU F 298 5.72 -10.76 17.92
CA GLU F 298 5.34 -9.65 18.77
C GLU F 298 4.72 -8.53 17.93
N ASP F 299 5.28 -8.31 16.74
CA ASP F 299 4.83 -7.27 15.85
C ASP F 299 3.36 -7.47 15.49
N ARG F 300 3.00 -8.72 15.20
CA ARG F 300 1.69 -9.05 14.69
C ARG F 300 0.65 -8.97 15.80
N LEU F 301 1.03 -9.41 17.00
CA LEU F 301 0.15 -9.37 18.16
C LEU F 301 -0.13 -7.92 18.56
N ALA F 302 0.88 -7.05 18.42
CA ALA F 302 0.75 -5.63 18.74
C ALA F 302 -0.21 -4.94 17.79
N GLU F 303 -0.21 -5.37 16.53
CA GLU F 303 -1.06 -4.76 15.51
C GLU F 303 -2.53 -5.08 15.80
N LEU F 304 -2.81 -6.32 16.20
CA LEU F 304 -4.16 -6.80 16.40
C LEU F 304 -4.72 -6.18 17.67
N GLY F 305 -3.93 -6.19 18.75
CA GLY F 305 -4.36 -5.70 20.03
C GLY F 305 -4.70 -6.82 21.02
N VAL F 306 -3.88 -7.87 21.01
CA VAL F 306 -4.14 -9.06 21.81
C VAL F 306 -3.49 -8.86 23.17
N GLY F 307 -4.23 -9.16 24.22
CA GLY F 307 -3.74 -9.03 25.58
C GLY F 307 -3.56 -10.39 26.25
N LYS F 308 -3.21 -10.37 27.54
CA LYS F 308 -3.02 -11.57 28.32
C LYS F 308 -4.19 -11.76 29.29
N LEU F 309 -4.35 -13.02 29.74
CA LEU F 309 -5.48 -13.49 30.51
C LEU F 309 -5.07 -13.72 31.95
N VAL F 310 -6.07 -13.93 32.80
CA VAL F 310 -5.94 -14.69 34.03
C VAL F 310 -7.28 -15.38 34.26
N THR F 311 -7.25 -16.67 34.62
CA THR F 311 -8.45 -17.44 34.89
C THR F 311 -8.55 -17.68 36.40
N ILE F 312 -9.72 -17.40 36.97
CA ILE F 312 -9.97 -17.52 38.40
C ILE F 312 -11.15 -18.45 38.64
N THR F 313 -11.03 -19.31 39.66
CA THR F 313 -12.04 -20.30 39.98
C THR F 313 -12.56 -20.09 41.40
N SER F 314 -13.76 -20.64 41.66
CA SER F 314 -14.40 -20.61 42.96
C SER F 314 -15.05 -21.95 43.25
N THR F 315 -14.64 -22.61 44.34
CA THR F 315 -15.22 -23.88 44.77
C THR F 315 -15.88 -23.68 46.12
N TYR F 316 -17.18 -24.01 46.22
CA TYR F 316 -18.00 -23.60 47.36
C TYR F 316 -18.90 -24.73 47.84
N ASP F 317 -19.29 -24.65 49.11
CA ASP F 317 -20.20 -25.60 49.74
C ASP F 317 -21.64 -25.21 49.46
N HIS F 318 -22.40 -26.13 48.86
CA HIS F 318 -23.65 -25.81 48.21
C HIS F 318 -24.81 -25.87 49.19
N ARG F 319 -24.54 -26.25 50.44
CA ARG F 319 -25.54 -26.23 51.49
C ARG F 319 -25.76 -24.82 52.01
N VAL F 320 -24.80 -23.92 51.83
CA VAL F 320 -24.86 -22.59 52.44
C VAL F 320 -24.58 -21.49 51.42
N ILE F 321 -23.99 -21.79 50.26
CA ILE F 321 -23.76 -20.78 49.23
C ILE F 321 -24.40 -21.27 47.94
N GLN F 322 -25.10 -20.37 47.24
CA GLN F 322 -25.75 -20.71 45.98
C GLN F 322 -24.92 -20.19 44.82
N GLY F 323 -25.29 -20.62 43.60
CA GLY F 323 -24.51 -20.36 42.40
C GLY F 323 -24.48 -18.88 42.03
N ALA F 324 -25.60 -18.20 42.21
CA ALA F 324 -25.73 -16.80 41.88
C ALA F 324 -24.76 -15.95 42.69
N VAL F 325 -24.58 -16.29 43.96
CA VAL F 325 -23.68 -15.55 44.83
C VAL F 325 -22.25 -15.73 44.35
N SER F 326 -21.88 -16.97 43.99
CA SER F 326 -20.54 -17.27 43.53
C SER F 326 -20.22 -16.53 42.24
N GLY F 327 -21.19 -16.45 41.33
CA GLY F 327 -21.01 -15.74 40.09
C GLY F 327 -20.82 -14.25 40.28
N GLU F 328 -21.62 -13.66 41.17
CA GLU F 328 -21.54 -12.24 41.45
C GLU F 328 -20.20 -11.89 42.11
N PHE F 329 -19.67 -12.81 42.91
CA PHE F 329 -18.38 -12.63 43.53
C PHE F 329 -17.30 -12.47 42.47
N LEU F 330 -17.29 -13.35 41.47
CA LEU F 330 -16.27 -13.32 40.45
C LEU F 330 -16.45 -12.11 39.54
N ARG F 331 -17.68 -11.65 39.35
CA ARG F 331 -17.94 -10.48 38.53
C ARG F 331 -17.35 -9.22 39.20
N THR F 332 -17.41 -9.17 40.52
CA THR F 332 -16.89 -8.04 41.27
C THR F 332 -15.38 -8.01 41.20
N MET F 333 -14.73 -9.17 41.29
CA MET F 333 -13.29 -9.24 41.20
C MET F 333 -12.80 -8.78 39.84
N SER F 334 -13.55 -9.11 38.79
CA SER F 334 -13.22 -8.72 37.43
C SER F 334 -13.27 -7.21 37.27
N ARG F 335 -14.27 -6.57 37.90
CA ARG F 335 -14.47 -5.13 37.80
C ARG F 335 -13.38 -4.38 38.54
N LEU F 336 -12.93 -4.89 39.68
CA LEU F 336 -11.98 -4.19 40.53
C LEU F 336 -10.62 -4.10 39.84
N LEU F 337 -10.23 -5.12 39.10
CA LEU F 337 -8.90 -5.19 38.55
C LEU F 337 -8.78 -4.32 37.30
N THR F 338 -9.85 -3.61 36.94
CA THR F 338 -9.84 -2.74 35.78
C THR F 338 -10.52 -1.41 36.13
N ASP F 339 -10.50 -1.04 37.42
CA ASP F 339 -11.31 0.05 37.95
C ASP F 339 -10.43 1.21 38.38
N ASP F 340 -10.91 2.44 38.16
CA ASP F 340 -10.16 3.65 38.44
C ASP F 340 -9.95 3.82 39.93
N SER F 341 -10.99 3.60 40.71
CA SER F 341 -10.96 3.86 42.14
C SER F 341 -10.09 2.86 42.89
N PHE F 342 -9.92 1.65 42.34
CA PHE F 342 -9.16 0.61 42.99
C PHE F 342 -7.68 0.94 42.91
N TRP F 343 -7.23 1.42 41.75
CA TRP F 343 -5.82 1.70 41.54
C TRP F 343 -5.41 3.03 42.16
N ASP F 344 -6.37 3.91 42.46
CA ASP F 344 -6.09 5.13 43.18
C ASP F 344 -5.75 4.83 44.62
N GLU F 345 -6.44 3.87 45.23
CA GLU F 345 -6.16 3.46 46.59
C GLU F 345 -4.73 2.93 46.70
N ILE F 346 -4.32 2.08 45.76
CA ILE F 346 -3.03 1.41 45.87
C ILE F 346 -1.93 2.42 45.67
N PHE F 347 -2.11 3.35 44.73
CA PHE F 347 -1.11 4.35 44.42
C PHE F 347 -0.96 5.32 45.59
N ASP F 348 -2.08 5.69 46.21
CA ASP F 348 -2.09 6.58 47.35
C ASP F 348 -1.29 5.98 48.50
N ALA F 349 -1.44 4.69 48.72
CA ALA F 349 -0.86 4.03 49.88
C ALA F 349 0.63 3.77 49.68
N MET F 350 1.10 3.72 48.44
CA MET F 350 2.49 3.40 48.20
C MET F 350 3.28 4.66 47.84
N ASN F 351 2.58 5.81 47.81
CA ASN F 351 3.20 7.10 47.59
C ASN F 351 3.87 7.14 46.21
N VAL F 352 3.04 7.05 45.16
CA VAL F 352 3.53 7.23 43.81
C VAL F 352 2.84 8.47 43.25
N PRO F 353 3.59 9.41 42.62
CA PRO F 353 3.06 10.73 42.28
C PRO F 353 2.28 10.87 40.98
N TYR F 354 2.23 9.82 40.18
CA TYR F 354 1.61 9.88 38.87
C TYR F 354 0.18 9.38 38.94
N THR F 355 -0.63 9.73 37.93
CA THR F 355 -1.94 9.15 37.76
C THR F 355 -1.77 7.74 37.22
N PRO F 356 -2.54 6.74 37.70
CA PRO F 356 -2.47 5.40 37.14
C PRO F 356 -2.97 5.33 35.70
N MET F 357 -2.42 4.38 34.95
CA MET F 357 -2.85 4.05 33.60
C MET F 357 -4.29 3.57 33.64
N ARG F 358 -5.11 3.98 32.69
CA ARG F 358 -6.53 3.74 32.70
C ARG F 358 -6.89 2.68 31.67
N TRP F 359 -8.11 2.14 31.74
CA TRP F 359 -8.57 1.06 30.88
C TRP F 359 -9.43 1.63 29.78
N ALA F 360 -9.15 1.25 28.53
CA ALA F 360 -9.88 1.73 27.39
C ALA F 360 -9.70 0.79 26.20
N GLN F 361 -10.55 0.93 25.18
CA GLN F 361 -10.43 0.19 23.95
C GLN F 361 -9.38 0.84 23.05
N ASP F 362 -8.82 0.04 22.13
CA ASP F 362 -7.90 0.52 21.14
C ASP F 362 -8.67 1.33 20.09
N VAL F 363 -8.08 2.44 19.63
CA VAL F 363 -8.72 3.35 18.70
C VAL F 363 -8.05 3.21 17.34
N PRO F 364 -8.78 3.42 16.22
CA PRO F 364 -8.19 3.35 14.89
C PRO F 364 -7.30 4.54 14.50
N ASN F 365 -6.32 4.28 13.63
CA ASN F 365 -5.40 5.30 13.15
C ASN F 365 -6.04 6.04 11.97
N THR F 366 -6.99 6.91 12.29
CA THR F 366 -7.75 7.66 11.31
C THR F 366 -7.73 9.13 11.71
N GLY F 367 -8.05 10.02 10.76
CA GLY F 367 -8.02 11.45 11.00
C GLY F 367 -6.59 11.96 11.17
N VAL F 368 -6.31 12.56 12.32
CA VAL F 368 -4.96 12.97 12.68
C VAL F 368 -4.15 11.72 13.01
N ASP F 369 -2.99 11.62 12.38
CA ASP F 369 -2.13 10.44 12.50
C ASP F 369 -1.58 10.36 13.90
N LYS F 370 -1.13 9.17 14.29
CA LYS F 370 -0.66 8.93 15.63
C LYS F 370 0.75 9.49 15.84
N ASN F 371 1.55 9.62 14.79
CA ASN F 371 2.83 10.27 14.91
C ASN F 371 2.66 11.73 15.30
N THR F 372 1.65 12.39 14.75
CA THR F 372 1.35 13.76 15.09
C THR F 372 1.01 13.87 16.58
N ARG F 373 0.30 12.87 17.11
CA ARG F 373 -0.14 12.91 18.48
C ARG F 373 1.02 12.70 19.45
N VAL F 374 2.03 11.93 19.06
CA VAL F 374 3.16 11.68 19.92
C VAL F 374 4.05 12.92 19.96
N MET F 375 4.06 13.71 18.91
CA MET F 375 4.86 14.92 18.87
C MET F 375 4.21 16.00 19.70
N GLN F 376 2.88 16.00 19.77
CA GLN F 376 2.15 16.94 20.60
C GLN F 376 2.34 16.62 22.08
N LEU F 377 2.55 15.36 22.42
CA LEU F 377 2.79 14.95 23.80
C LEU F 377 4.17 15.40 24.26
N ILE F 378 5.16 15.33 23.37
CA ILE F 378 6.51 15.76 23.69
C ILE F 378 6.50 17.25 23.97
N GLU F 379 5.74 18.01 23.19
CA GLU F 379 5.69 19.45 23.33
C GLU F 379 5.00 19.85 24.63
N ALA F 380 4.00 19.08 25.04
CA ALA F 380 3.27 19.36 26.27
C ALA F 380 4.12 19.20 27.51
N TYR F 381 4.97 18.18 27.55
CA TYR F 381 5.83 17.95 28.70
C TYR F 381 6.94 18.99 28.78
N ARG F 382 7.49 19.38 27.64
CA ARG F 382 8.52 20.40 27.60
C ARG F 382 7.97 21.74 28.06
N SER F 383 6.67 21.96 27.89
CA SER F 383 6.07 23.25 28.16
C SER F 383 5.43 23.32 29.54
N ARG F 384 4.80 22.23 29.99
CA ARG F 384 3.93 22.28 31.15
C ARG F 384 4.19 21.17 32.15
N GLY F 385 5.34 20.49 32.07
CA GLY F 385 5.59 19.34 32.91
C GLY F 385 5.99 19.70 34.33
N HIS F 386 6.37 20.96 34.53
CA HIS F 386 6.75 21.48 35.83
C HIS F 386 5.56 21.51 36.77
N LEU F 387 4.34 21.38 36.25
CA LEU F 387 3.16 21.47 37.07
C LEU F 387 2.96 20.20 37.87
N ILE F 388 3.63 19.10 37.54
CA ILE F 388 3.47 17.87 38.29
C ILE F 388 4.81 17.34 38.78
N ALA F 389 5.81 18.19 38.99
CA ALA F 389 7.13 17.74 39.37
C ALA F 389 7.26 17.65 40.87
N ASP F 390 8.18 16.81 41.34
CA ASP F 390 8.37 16.52 42.75
C ASP F 390 9.34 17.53 43.34
N THR F 391 8.85 18.72 43.64
CA THR F 391 9.70 19.82 44.06
C THR F 391 9.36 20.28 45.48
N ASN F 392 8.34 19.71 46.11
CA ASN F 392 7.94 20.13 47.44
C ASN F 392 8.36 19.08 48.45
N PRO F 393 9.20 19.40 49.45
CA PRO F 393 9.56 18.44 50.47
C PRO F 393 8.43 17.95 51.36
N LEU F 394 7.42 18.78 51.56
CA LEU F 394 6.25 18.43 52.32
C LEU F 394 5.18 17.91 51.38
N SER F 395 4.25 17.13 51.93
CA SER F 395 3.08 16.68 51.21
C SER F 395 1.93 17.62 51.51
N TRP F 396 2.04 18.84 50.98
CA TRP F 396 1.21 19.96 51.42
C TRP F 396 0.61 20.65 50.21
N VAL F 397 -0.70 20.85 50.24
CA VAL F 397 -1.37 21.74 49.30
C VAL F 397 -2.10 22.81 50.10
N GLN F 398 -1.81 24.07 49.78
CA GLN F 398 -2.38 25.21 50.47
C GLN F 398 -3.86 25.30 50.13
N PRO F 399 -4.75 25.26 51.13
CA PRO F 399 -6.18 25.26 50.89
C PRO F 399 -6.90 26.32 50.06
N GLY F 400 -6.41 27.55 49.95
CA GLY F 400 -7.19 28.56 49.26
C GLY F 400 -6.64 29.00 47.91
N MET F 401 -5.65 28.27 47.38
CA MET F 401 -5.00 28.65 46.14
C MET F 401 -5.57 27.84 44.99
N PRO F 402 -5.82 28.45 43.82
CA PRO F 402 -6.29 27.71 42.65
C PRO F 402 -5.31 26.66 42.16
N VAL F 403 -5.82 25.50 41.73
CA VAL F 403 -4.99 24.45 41.17
C VAL F 403 -5.10 24.50 39.66
N PRO F 404 -4.00 24.71 38.92
CA PRO F 404 -4.05 24.75 37.46
C PRO F 404 -4.46 23.43 36.83
N ASP F 405 -5.05 23.52 35.64
CA ASP F 405 -5.41 22.36 34.84
C ASP F 405 -4.14 21.73 34.28
N HIS F 406 -4.01 20.41 34.45
CA HIS F 406 -2.92 19.69 33.85
C HIS F 406 -3.41 18.39 33.22
N ARG F 407 -4.43 18.53 32.38
CA ARG F 407 -4.98 17.43 31.61
C ARG F 407 -4.16 17.20 30.35
N ASP F 408 -3.21 18.09 30.07
CA ASP F 408 -2.41 17.99 28.86
C ASP F 408 -1.34 16.93 28.99
N LEU F 409 -1.14 16.40 30.19
CA LEU F 409 -0.01 15.54 30.46
C LEU F 409 -0.42 14.09 30.57
N ASP F 410 -1.69 13.75 30.28
CA ASP F 410 -2.12 12.36 30.27
C ASP F 410 -2.44 11.93 28.85
N ILE F 411 -2.16 10.67 28.53
CA ILE F 411 -2.15 10.20 27.16
C ILE F 411 -3.56 10.11 26.59
N GLU F 412 -4.58 10.22 27.43
CA GLU F 412 -5.95 10.14 26.98
C GLU F 412 -6.35 11.40 26.22
N THR F 413 -5.78 12.55 26.58
CA THR F 413 -6.17 13.81 25.97
C THR F 413 -5.60 13.92 24.57
N HIS F 414 -4.60 13.11 24.24
CA HIS F 414 -3.98 13.10 22.93
C HIS F 414 -4.41 11.88 22.13
N ASN F 415 -5.50 11.22 22.54
CA ASN F 415 -6.06 10.05 21.88
C ASN F 415 -5.05 8.94 21.72
N LEU F 416 -4.40 8.54 22.81
CA LEU F 416 -3.55 7.38 22.85
C LEU F 416 -3.99 6.51 24.01
N THR F 417 -3.55 5.25 24.03
CA THR F 417 -4.09 4.24 24.92
C THR F 417 -2.97 3.29 25.29
N ILE F 418 -3.19 2.47 26.32
CA ILE F 418 -2.24 1.46 26.77
C ILE F 418 -1.83 0.55 25.62
N TRP F 419 -2.66 0.45 24.59
CA TRP F 419 -2.40 -0.45 23.47
C TRP F 419 -1.38 0.13 22.50
N ASP F 420 -0.87 1.34 22.77
CA ASP F 420 0.10 1.98 21.89
C ASP F 420 1.49 1.99 22.50
N LEU F 421 1.67 1.39 23.67
CA LEU F 421 2.89 1.58 24.43
C LEU F 421 4.05 0.83 23.81
N ASP F 422 3.80 -0.26 23.08
CA ASP F 422 4.88 -1.04 22.50
C ASP F 422 4.96 -0.88 20.98
N ARG F 423 4.14 0.00 20.40
CA ARG F 423 4.26 0.38 19.00
C ARG F 423 5.36 1.42 18.84
N THR F 424 5.86 1.58 17.61
CA THR F 424 7.03 2.39 17.32
C THR F 424 6.63 3.57 16.45
N PHE F 425 7.26 4.73 16.67
CA PHE F 425 6.85 6.00 16.09
C PHE F 425 8.05 6.82 15.65
N ASN F 426 7.85 7.79 14.76
CA ASN F 426 8.88 8.71 14.33
C ASN F 426 8.87 9.94 15.22
N VAL F 427 10.04 10.30 15.78
CA VAL F 427 10.12 11.26 16.85
C VAL F 427 11.01 12.44 16.48
N GLY F 428 11.70 12.35 15.34
CA GLY F 428 12.34 13.51 14.76
C GLY F 428 13.52 14.01 15.57
N GLY F 429 14.37 13.09 16.01
CA GLY F 429 15.64 13.47 16.61
C GLY F 429 15.58 13.55 18.15
N PHE F 430 14.41 13.31 18.73
CA PHE F 430 14.28 13.29 20.17
C PHE F 430 15.13 12.18 20.74
N GLY F 431 15.97 12.51 21.71
CA GLY F 431 16.83 11.53 22.37
C GLY F 431 17.96 11.05 21.47
N GLY F 432 18.24 11.81 20.40
CA GLY F 432 19.25 11.42 19.43
C GLY F 432 18.84 10.19 18.62
N LYS F 433 17.54 10.01 18.41
CA LYS F 433 17.05 8.85 17.67
C LYS F 433 15.96 9.30 16.71
N GLU F 434 15.80 8.56 15.61
CA GLU F 434 14.81 8.84 14.61
C GLU F 434 13.52 8.08 14.89
N THR F 435 13.59 7.03 15.71
CA THR F 435 12.47 6.16 15.96
C THR F 435 12.51 5.64 17.38
N MET F 436 11.35 5.36 17.98
CA MET F 436 11.24 5.05 19.39
C MET F 436 9.87 4.49 19.71
N THR F 437 9.72 3.82 20.84
CA THR F 437 8.43 3.34 21.31
C THR F 437 7.83 4.35 22.28
N LEU F 438 6.50 4.31 22.47
CA LEU F 438 5.83 5.26 23.34
C LEU F 438 6.22 5.03 24.78
N ARG F 439 6.63 3.82 25.13
CA ARG F 439 7.09 3.53 26.47
C ARG F 439 8.39 4.27 26.72
N GLU F 440 9.32 4.23 25.79
CA GLU F 440 10.60 4.88 25.97
C GLU F 440 10.45 6.40 25.97
N VAL F 441 9.53 6.94 25.17
CA VAL F 441 9.28 8.37 25.11
C VAL F 441 8.81 8.86 26.47
N LEU F 442 7.82 8.18 27.06
CA LEU F 442 7.28 8.59 28.33
C LEU F 442 8.33 8.52 29.42
N SER F 443 9.18 7.52 29.37
CA SER F 443 10.22 7.32 30.36
C SER F 443 11.19 8.48 30.36
N ARG F 444 11.63 8.90 29.17
CA ARG F 444 12.59 9.97 29.05
C ARG F 444 11.99 11.29 29.46
N LEU F 445 10.75 11.56 29.06
CA LEU F 445 10.10 12.81 29.41
C LEU F 445 9.94 12.95 30.91
N ARG F 446 9.61 11.85 31.59
CA ARG F 446 9.36 11.89 33.01
C ARG F 446 10.65 12.05 33.79
N ALA F 447 11.75 11.51 33.27
CA ALA F 447 13.03 11.63 33.92
C ALA F 447 13.60 13.02 33.82
N ALA F 448 13.22 13.75 32.78
CA ALA F 448 13.80 15.05 32.49
C ALA F 448 12.99 16.19 33.08
N TYR F 449 11.68 16.02 33.26
CA TYR F 449 10.84 17.16 33.53
C TYR F 449 9.92 16.95 34.74
N THR F 450 10.02 15.84 35.48
CA THR F 450 9.03 15.56 36.50
C THR F 450 9.64 15.05 37.81
N LEU F 451 10.96 15.02 37.94
CA LEU F 451 11.61 14.59 39.16
C LEU F 451 11.90 15.79 40.04
N LYS F 452 13.15 16.00 40.48
CA LYS F 452 13.45 16.99 41.50
C LYS F 452 13.77 18.37 40.94
N VAL F 453 13.80 18.54 39.62
CA VAL F 453 14.03 19.83 39.01
C VAL F 453 12.93 20.11 38.00
N GLY F 454 12.23 21.23 38.15
CA GLY F 454 11.24 21.68 37.20
C GLY F 454 11.67 22.95 36.50
N SER F 455 11.47 23.03 35.18
CA SER F 455 12.07 24.07 34.38
C SER F 455 11.05 24.74 33.46
N GLU F 456 11.18 26.05 33.30
CA GLU F 456 10.36 26.85 32.40
C GLU F 456 11.27 27.61 31.44
N TYR F 457 11.22 27.29 30.14
CA TYR F 457 12.11 27.88 29.16
C TYR F 457 11.53 28.00 27.75
N THR F 458 10.28 27.64 27.53
CA THR F 458 9.74 27.53 26.18
C THR F 458 9.19 28.86 25.71
N HIS F 459 9.08 29.82 26.62
CA HIS F 459 8.61 31.15 26.32
C HIS F 459 9.70 32.03 25.72
N ILE F 460 10.95 31.58 25.75
CA ILE F 460 12.06 32.34 25.19
C ILE F 460 11.94 32.38 23.68
N LEU F 461 12.27 33.53 23.06
CA LEU F 461 12.00 33.78 21.66
C LEU F 461 13.16 33.31 20.78
N ASP F 462 14.40 33.36 21.29
CA ASP F 462 15.56 33.01 20.49
C ASP F 462 15.71 31.49 20.44
N ARG F 463 16.08 30.97 19.26
CA ARG F 463 16.09 29.54 19.00
C ARG F 463 17.34 28.91 19.58
N ASP F 464 18.47 29.61 19.52
CA ASP F 464 19.72 29.08 20.01
C ASP F 464 19.75 28.97 21.53
N GLU F 465 19.17 29.94 22.23
CA GLU F 465 19.00 29.85 23.67
C GLU F 465 18.17 28.64 24.06
N ARG F 466 16.99 28.49 23.45
CA ARG F 466 16.10 27.39 23.75
C ARG F 466 16.80 26.05 23.57
N THR F 467 17.59 25.92 22.49
CA THR F 467 18.21 24.66 22.16
C THR F 467 19.29 24.32 23.16
N TRP F 468 20.02 25.32 23.64
CA TRP F 468 21.09 25.12 24.60
C TRP F 468 20.54 24.56 25.90
N LEU F 469 19.42 25.12 26.38
CA LEU F 469 18.80 24.69 27.61
C LEU F 469 18.20 23.30 27.45
N GLN F 470 17.54 23.07 26.33
CA GLN F 470 16.85 21.82 26.07
C GLN F 470 17.82 20.67 26.03
N ASP F 471 18.99 20.88 25.44
CA ASP F 471 20.00 19.85 25.32
C ASP F 471 20.58 19.50 26.67
N ARG F 472 20.75 20.48 27.55
CA ARG F 472 21.40 20.26 28.83
C ARG F 472 20.43 19.66 29.83
N LEU F 473 19.13 19.93 29.70
CA LEU F 473 18.16 19.41 30.63
C LEU F 473 17.78 17.97 30.30
N GLU F 474 17.98 17.55 29.06
CA GLU F 474 17.60 16.22 28.63
C GLU F 474 18.77 15.25 28.68
N ALA F 475 20.00 15.76 28.79
CA ALA F 475 21.16 14.93 29.05
C ALA F 475 21.13 14.43 30.47
N GLY F 476 20.76 15.31 31.40
CA GLY F 476 20.60 14.95 32.79
C GLY F 476 21.76 15.44 33.64
N MET F 477 21.66 15.19 34.96
CA MET F 477 22.69 15.58 35.90
C MET F 477 23.76 14.50 35.92
N PRO F 478 25.05 14.83 35.71
CA PRO F 478 26.12 13.84 35.75
C PRO F 478 26.41 13.34 37.15
N LYS F 479 26.86 12.09 37.26
CA LYS F 479 27.07 11.44 38.53
C LYS F 479 28.31 12.03 39.20
N PRO F 480 28.22 12.52 40.45
CA PRO F 480 29.38 13.09 41.12
C PRO F 480 30.31 12.07 41.77
N THR F 481 31.57 12.47 41.95
CA THR F 481 32.60 11.63 42.51
C THR F 481 32.45 11.57 44.02
N GLN F 482 33.25 10.74 44.68
CA GLN F 482 33.11 10.54 46.10
C GLN F 482 33.65 11.73 46.87
N ALA F 483 34.73 12.35 46.39
CA ALA F 483 35.27 13.53 47.03
C ALA F 483 34.26 14.67 47.00
N GLU F 484 33.58 14.84 45.87
CA GLU F 484 32.56 15.84 45.71
C GLU F 484 31.43 15.62 46.70
N GLN F 485 31.02 14.36 46.86
CA GLN F 485 29.93 14.02 47.74
C GLN F 485 30.26 14.32 49.18
N LYS F 486 31.50 14.09 49.59
CA LYS F 486 31.89 14.35 50.96
C LYS F 486 31.95 15.85 51.22
N TYR F 487 32.26 16.63 50.19
CA TYR F 487 32.34 18.08 50.32
C TYR F 487 30.96 18.66 50.56
N ILE F 488 29.93 18.11 49.91
CA ILE F 488 28.57 18.56 50.11
C ILE F 488 28.13 18.26 51.54
N LEU F 489 28.58 17.14 52.10
CA LEU F 489 28.18 16.74 53.45
C LEU F 489 28.84 17.64 54.48
N GLN F 490 30.07 18.09 54.23
CA GLN F 490 30.75 18.99 55.15
C GLN F 490 30.01 20.33 55.25
N LYS F 491 29.51 20.83 54.12
CA LYS F 491 28.86 22.13 54.09
C LYS F 491 27.49 22.06 54.76
N LEU F 492 26.75 20.97 54.55
CA LEU F 492 25.47 20.79 55.22
C LEU F 492 25.67 20.71 56.72
N ASN F 493 26.72 20.02 57.16
CA ASN F 493 26.97 19.85 58.56
C ASN F 493 27.26 21.19 59.21
N ALA F 494 28.09 22.00 58.56
CA ALA F 494 28.47 23.29 59.08
C ALA F 494 27.25 24.15 59.33
N ALA F 495 26.35 24.20 58.35
CA ALA F 495 25.14 25.00 58.44
C ALA F 495 24.32 24.62 59.67
N GLU F 496 23.98 23.33 59.79
CA GLU F 496 23.10 22.87 60.85
C GLU F 496 23.77 23.01 62.21
N ALA F 497 25.07 22.74 62.27
CA ALA F 497 25.79 22.76 63.53
C ALA F 497 25.86 24.16 64.12
N PHE F 498 26.07 25.15 63.26
CA PHE F 498 26.18 26.55 63.67
C PHE F 498 24.88 27.01 64.30
N GLU F 499 23.75 26.64 63.70
CA GLU F 499 22.45 27.03 64.19
C GLU F 499 22.20 26.46 65.58
N ASN F 500 22.56 25.19 65.77
CA ASN F 500 22.32 24.49 67.01
C ASN F 500 23.18 25.06 68.12
N PHE F 501 24.38 25.50 67.79
CA PHE F 501 25.27 26.04 68.80
C PHE F 501 24.68 27.32 69.37
N LEU F 502 24.21 28.21 68.50
CA LEU F 502 23.65 29.49 68.92
C LEU F 502 22.38 29.28 69.73
N GLN F 503 21.56 28.31 69.34
CA GLN F 503 20.35 27.99 70.07
C GLN F 503 20.68 27.64 71.52
N THR F 504 21.74 26.87 71.71
CA THR F 504 22.09 26.33 73.01
C THR F 504 22.69 27.39 73.92
N LYS F 505 23.56 28.25 73.39
CA LYS F 505 24.31 29.17 74.21
C LYS F 505 23.58 30.50 74.41
N TYR F 506 22.72 30.91 73.47
CA TYR F 506 21.97 32.15 73.58
C TYR F 506 20.50 31.91 73.23
N VAL F 507 19.67 31.68 74.26
CA VAL F 507 18.37 31.06 74.07
C VAL F 507 17.35 32.09 73.59
N GLY F 508 17.24 33.19 74.32
CA GLY F 508 16.20 34.17 74.07
C GLY F 508 16.48 35.05 72.85
N GLN F 509 17.73 35.09 72.40
CA GLN F 509 18.18 36.09 71.46
C GLN F 509 17.69 35.77 70.05
N LYS F 510 17.37 36.84 69.31
CA LYS F 510 16.79 36.79 67.98
C LYS F 510 17.91 36.59 66.97
N ARG F 511 17.76 35.61 66.07
CA ARG F 511 18.84 35.27 65.15
C ARG F 511 18.35 35.03 63.72
N PHE F 512 17.05 34.78 63.51
CA PHE F 512 16.49 34.47 62.21
C PHE F 512 17.22 33.28 61.59
N SER F 513 16.77 32.08 61.96
CA SER F 513 17.48 30.86 61.64
C SER F 513 17.20 30.40 60.22
N LEU F 514 18.06 29.51 59.73
CA LEU F 514 18.03 28.99 58.39
C LEU F 514 17.58 27.53 58.40
N GLU F 515 17.14 27.06 59.56
CA GLU F 515 16.71 25.68 59.72
C GLU F 515 15.49 25.42 58.87
N GLY F 516 15.57 24.42 58.02
CA GLY F 516 14.57 24.17 57.00
C GLY F 516 15.09 24.44 55.62
N ALA F 517 16.14 25.26 55.51
CA ALA F 517 16.65 25.72 54.24
C ALA F 517 18.16 25.73 54.23
N GLU F 518 18.77 24.62 54.67
CA GLU F 518 20.21 24.57 54.82
C GLU F 518 20.89 24.24 53.51
N ALA F 519 20.13 23.92 52.46
CA ALA F 519 20.70 23.64 51.16
C ALA F 519 21.14 24.92 50.45
N LEU F 520 20.77 26.07 50.97
CA LEU F 520 21.22 27.34 50.44
C LEU F 520 22.73 27.47 50.48
N ILE F 521 23.40 26.87 51.47
CA ILE F 521 24.82 27.06 51.62
C ILE F 521 25.58 26.33 50.52
N PRO F 522 25.35 25.04 50.25
CA PRO F 522 25.91 24.43 49.06
C PRO F 522 25.48 24.97 47.69
N LEU F 523 24.34 25.65 47.58
CA LEU F 523 23.93 26.26 46.32
C LEU F 523 24.79 27.48 46.01
N MET F 524 24.96 28.35 47.01
CA MET F 524 25.74 29.56 46.84
C MET F 524 27.20 29.23 46.61
N ASP F 525 27.68 28.16 47.24
CA ASP F 525 29.06 27.73 47.11
C ASP F 525 29.33 27.23 45.70
N SER F 526 28.35 26.56 45.11
CA SER F 526 28.47 26.00 43.77
C SER F 526 28.63 27.10 42.75
N ALA F 527 27.82 28.16 42.89
CA ALA F 527 27.81 29.27 41.98
C ALA F 527 29.13 30.05 42.03
N ILE F 528 29.64 30.31 43.23
CA ILE F 528 30.87 31.07 43.41
C ILE F 528 32.05 30.28 42.88
N ASP F 529 32.00 28.95 43.00
CA ASP F 529 33.08 28.09 42.56
C ASP F 529 33.13 28.04 41.03
N THR F 530 31.97 28.04 40.39
CA THR F 530 31.87 28.04 38.94
C THR F 530 32.38 29.35 38.38
N ALA F 531 32.15 30.46 39.08
CA ALA F 531 32.60 31.76 38.63
C ALA F 531 34.11 31.89 38.70
N ALA F 532 34.71 31.25 39.71
CA ALA F 532 36.15 31.25 39.87
C ALA F 532 36.81 30.46 38.75
N GLY F 533 36.14 29.44 38.25
CA GLY F 533 36.66 28.65 37.16
C GLY F 533 36.57 29.36 35.82
N GLN F 534 35.63 30.29 35.69
CA GLN F 534 35.46 31.06 34.47
C GLN F 534 36.51 32.15 34.39
N GLY F 535 37.09 32.52 35.52
CA GLY F 535 38.20 33.45 35.53
C GLY F 535 37.78 34.88 35.88
N LEU F 536 36.72 35.05 36.66
CA LEU F 536 36.15 36.35 36.93
C LEU F 536 36.76 36.92 38.20
N ASP F 537 36.42 38.17 38.53
CA ASP F 537 37.17 38.95 39.50
C ASP F 537 36.51 39.00 40.87
N GLU F 538 35.19 39.22 40.94
CA GLU F 538 34.51 39.42 42.20
C GLU F 538 33.07 38.92 42.14
N VAL F 539 32.49 38.63 43.31
CA VAL F 539 31.07 38.37 43.47
C VAL F 539 30.53 39.29 44.55
N VAL F 540 29.44 40.03 44.27
CA VAL F 540 28.81 40.93 45.20
C VAL F 540 27.44 40.37 45.59
N ILE F 541 27.16 40.29 46.90
CA ILE F 541 25.94 39.68 47.42
C ILE F 541 25.07 40.73 48.08
N GLY F 542 23.76 40.63 47.89
CA GLY F 542 22.77 41.36 48.66
C GLY F 542 21.66 40.42 49.13
N MET F 543 21.22 40.56 50.38
CA MET F 543 20.27 39.64 50.94
C MET F 543 19.53 40.25 52.12
N PRO F 544 18.39 39.65 52.55
CA PRO F 544 17.76 39.98 53.82
C PRO F 544 18.22 39.23 55.06
N HIS F 545 17.38 39.25 56.11
CA HIS F 545 17.67 38.75 57.45
C HIS F 545 17.83 37.24 57.54
N ARG F 546 17.10 36.47 56.73
CA ARG F 546 16.98 35.03 56.86
C ARG F 546 18.29 34.34 56.52
N GLY F 547 19.02 33.93 57.56
CA GLY F 547 20.23 33.15 57.41
C GLY F 547 21.45 33.99 57.10
N ARG F 548 21.56 35.16 57.72
CA ARG F 548 22.63 36.08 57.36
C ARG F 548 23.91 35.71 58.07
N LEU F 549 23.83 35.38 59.36
CA LEU F 549 25.00 35.08 60.16
C LEU F 549 25.63 33.78 59.69
N ASN F 550 24.83 32.94 59.05
CA ASN F 550 25.28 31.67 58.52
C ASN F 550 26.10 31.90 57.26
N VAL F 551 25.64 32.84 56.41
CA VAL F 551 26.30 33.18 55.17
C VAL F 551 27.60 33.93 55.45
N LEU F 552 27.61 34.77 56.47
CA LEU F 552 28.80 35.53 56.82
C LEU F 552 29.94 34.60 57.20
N PHE F 553 29.64 33.51 57.88
CA PHE F 553 30.66 32.61 58.39
C PHE F 553 31.06 31.56 57.37
N ASN F 554 30.10 31.03 56.60
CA ASN F 554 30.35 29.86 55.78
C ASN F 554 30.62 30.23 54.32
N ILE F 555 30.21 31.41 53.85
CA ILE F 555 30.42 31.80 52.46
C ILE F 555 31.43 32.93 52.35
N VAL F 556 31.42 33.90 53.26
CA VAL F 556 32.24 35.09 53.10
C VAL F 556 33.54 34.94 53.86
N GLY F 557 33.50 34.37 55.07
CA GLY F 557 34.71 34.07 55.81
C GLY F 557 34.97 35.02 56.97
N LYS F 558 33.93 35.65 57.50
CA LYS F 558 34.06 36.47 58.69
C LYS F 558 34.45 35.57 59.85
N PRO F 559 35.45 35.94 60.68
CA PRO F 559 35.91 35.08 61.77
C PRO F 559 34.87 34.90 62.87
N LEU F 560 34.94 33.75 63.54
CA LEU F 560 33.87 33.28 64.41
C LEU F 560 33.89 34.06 65.72
N ALA F 561 35.06 34.55 66.09
CA ALA F 561 35.21 35.34 67.29
C ALA F 561 34.32 36.58 67.23
N SER F 562 34.27 37.20 66.04
CA SER F 562 33.53 38.43 65.82
C SER F 562 32.05 38.23 66.07
N ILE F 563 31.50 37.09 65.63
CA ILE F 563 30.09 36.83 65.73
C ILE F 563 29.69 36.56 67.18
N PHE F 564 30.53 35.83 67.91
CA PHE F 564 30.27 35.54 69.30
C PHE F 564 30.30 36.82 70.13
N ASN F 565 31.26 37.71 69.84
CA ASN F 565 31.36 38.98 70.54
C ASN F 565 30.09 39.79 70.37
N GLU F 566 29.55 39.81 69.15
CA GLU F 566 28.33 40.55 68.85
C GLU F 566 27.21 40.11 69.79
N PHE F 567 27.11 38.79 70.01
CA PHE F 567 26.04 38.23 70.82
C PHE F 567 26.23 38.56 72.30
N GLU F 568 27.46 38.85 72.71
CA GLU F 568 27.75 39.19 74.11
C GLU F 568 27.68 40.70 74.34
N GLY F 569 27.46 41.48 73.27
CA GLY F 569 27.16 42.90 73.41
C GLY F 569 28.31 43.82 73.01
N GLN F 570 29.43 43.24 72.54
CA GLN F 570 30.55 44.03 72.03
C GLN F 570 30.44 44.15 70.52
N MET F 571 30.22 45.39 70.05
CA MET F 571 29.93 45.65 68.64
C MET F 571 31.10 46.42 68.03
N GLU F 572 31.46 46.05 66.78
CA GLU F 572 32.54 46.70 66.06
C GLU F 572 32.10 48.09 65.61
N GLN F 573 33.00 49.07 65.74
CA GLN F 573 32.69 50.46 65.45
C GLN F 573 33.06 50.77 63.99
N GLY F 574 32.12 51.38 63.27
CA GLY F 574 32.31 51.75 61.87
C GLY F 574 32.96 53.13 61.73
N GLN F 575 32.36 54.13 62.38
CA GLN F 575 32.84 55.50 62.36
C GLN F 575 32.98 55.97 63.80
N ILE F 576 33.95 56.85 64.05
CA ILE F 576 34.20 57.35 65.39
C ILE F 576 32.99 58.18 65.82
N GLY F 577 32.36 57.75 66.91
CA GLY F 577 31.21 58.45 67.48
C GLY F 577 29.89 58.07 66.81
N GLY F 578 29.86 56.91 66.17
CA GLY F 578 28.70 56.47 65.41
C GLY F 578 27.66 55.79 66.29
N SER F 579 26.43 55.67 65.77
CA SER F 579 25.30 55.17 66.53
C SER F 579 25.16 53.66 66.42
N GLY F 580 25.37 53.10 65.23
CA GLY F 580 25.44 51.66 65.06
C GLY F 580 24.15 51.08 64.46
N ASP F 581 24.11 49.74 64.38
CA ASP F 581 22.94 49.03 63.88
C ASP F 581 23.03 47.57 64.32
N VAL F 582 21.90 46.87 64.22
CA VAL F 582 21.74 45.49 64.67
C VAL F 582 22.60 44.58 63.81
N LYS F 583 22.88 43.38 64.33
CA LYS F 583 23.96 42.53 63.85
C LYS F 583 23.67 41.98 62.45
N TYR F 584 22.40 41.86 62.09
CA TYR F 584 22.04 41.27 60.81
C TYR F 584 21.81 42.34 59.74
N HIS F 585 22.49 43.48 59.85
CA HIS F 585 22.41 44.53 58.86
C HIS F 585 23.81 44.95 58.37
N LEU F 586 24.85 44.19 58.71
CA LEU F 586 26.22 44.59 58.46
C LEU F 586 26.81 43.84 57.28
N GLY F 587 27.93 44.34 56.74
CA GLY F 587 28.61 43.74 55.60
C GLY F 587 30.02 43.25 55.90
N SER F 588 30.68 42.62 54.90
CA SER F 588 32.05 42.13 55.06
C SER F 588 32.66 41.74 53.72
N GLU F 589 33.98 41.48 53.73
CA GLU F 589 34.74 41.07 52.55
C GLU F 589 35.53 39.79 52.84
N GLY F 590 35.94 39.07 51.79
CA GLY F 590 36.68 37.83 51.94
C GLY F 590 37.17 37.26 50.61
N GLN F 591 37.85 36.11 50.66
CA GLN F 591 38.37 35.39 49.51
C GLN F 591 37.80 33.98 49.48
N HIS F 592 37.70 33.39 48.29
CA HIS F 592 37.25 32.02 48.13
C HIS F 592 38.22 31.29 47.21
N LEU F 593 38.78 30.17 47.70
CA LEU F 593 39.69 29.34 46.95
C LEU F 593 38.93 28.12 46.44
N GLN F 594 39.20 27.73 45.19
CA GLN F 594 38.54 26.63 44.53
C GLN F 594 39.05 25.33 45.16
N MET F 595 38.14 24.39 45.45
CA MET F 595 38.46 23.20 46.22
C MET F 595 39.19 22.17 45.35
N PHE F 596 38.72 22.04 44.09
CA PHE F 596 39.29 21.12 43.15
C PHE F 596 39.74 21.89 41.90
N GLY F 597 40.60 22.87 42.09
CA GLY F 597 41.08 23.74 41.01
C GLY F 597 42.11 24.73 41.53
N ASP F 598 42.59 25.62 40.66
CA ASP F 598 43.61 26.58 41.03
C ASP F 598 43.09 28.01 40.99
N GLY F 599 41.76 28.16 41.02
CA GLY F 599 41.12 29.47 40.92
C GLY F 599 40.97 30.15 42.28
N GLU F 600 40.74 31.46 42.24
CA GLU F 600 40.54 32.28 43.43
C GLU F 600 39.66 33.46 43.04
N ILE F 601 38.71 33.84 43.90
CA ILE F 601 37.80 34.95 43.63
C ILE F 601 37.57 35.70 44.93
N LYS F 602 37.11 36.95 44.82
CA LYS F 602 36.83 37.83 45.93
C LYS F 602 35.33 37.89 46.19
N VAL F 603 34.90 37.90 47.45
CA VAL F 603 33.50 37.85 47.80
C VAL F 603 33.18 38.99 48.77
N SER F 604 32.10 39.74 48.48
CA SER F 604 31.69 40.90 49.25
C SER F 604 30.22 40.85 49.59
N LEU F 605 29.82 41.42 50.73
CA LEU F 605 28.43 41.52 51.14
C LEU F 605 28.14 42.95 51.58
N THR F 606 26.98 43.50 51.16
CA THR F 606 26.67 44.90 51.31
C THR F 606 25.71 45.14 52.47
N ALA F 607 25.75 46.34 53.04
CA ALA F 607 24.90 46.73 54.14
C ALA F 607 23.49 47.05 53.64
N ASN F 608 22.51 46.97 54.54
CA ASN F 608 21.13 47.23 54.16
C ASN F 608 20.29 47.53 55.37
N PRO F 609 19.17 48.27 55.23
CA PRO F 609 18.19 48.43 56.30
C PRO F 609 17.12 47.35 56.38
N SER F 610 16.19 47.51 57.31
CA SER F 610 15.12 46.54 57.52
C SER F 610 14.12 46.57 56.39
N HIS F 611 13.96 47.74 55.75
CA HIS F 611 13.05 47.88 54.62
C HIS F 611 13.44 46.89 53.53
N LEU F 612 12.52 45.98 53.19
CA LEU F 612 12.82 44.88 52.30
C LEU F 612 12.94 45.38 50.86
N GLU F 613 13.94 44.85 50.16
CA GLU F 613 14.12 44.98 48.72
C GLU F 613 14.66 46.35 48.34
N ALA F 614 15.19 47.10 49.31
CA ALA F 614 15.74 48.41 49.05
C ALA F 614 17.21 48.34 48.67
N VAL F 615 17.78 47.13 48.68
CA VAL F 615 19.18 46.91 48.40
C VAL F 615 19.34 46.52 46.94
N ASN F 616 18.24 46.31 46.22
CA ASN F 616 18.31 45.80 44.87
C ASN F 616 18.97 46.79 43.95
N PRO F 617 18.49 48.05 43.80
CA PRO F 617 19.19 49.03 42.99
C PRO F 617 20.57 49.44 43.48
N VAL F 618 20.80 49.41 44.79
CA VAL F 618 22.06 49.83 45.36
C VAL F 618 23.16 48.84 44.98
N MET F 619 22.87 47.54 44.97
CA MET F 619 23.93 46.58 44.70
C MET F 619 24.21 46.49 43.21
N GLU F 620 23.23 46.84 42.37
CA GLU F 620 23.44 46.89 40.93
C GLU F 620 24.40 48.01 40.56
N GLY F 621 24.28 49.14 41.22
CA GLY F 621 25.19 50.26 41.02
C GLY F 621 26.61 49.98 41.47
N ILE F 622 26.78 49.26 42.58
CA ILE F 622 28.10 48.91 43.07
C ILE F 622 28.81 48.06 42.03
N VAL F 623 28.08 47.17 41.36
CA VAL F 623 28.67 46.26 40.41
C VAL F 623 29.09 47.03 39.17
N ARG F 624 28.27 47.98 38.72
CA ARG F 624 28.54 48.74 37.52
C ARG F 624 29.77 49.61 37.70
N ALA F 625 29.95 50.17 38.88
CA ALA F 625 31.08 51.03 39.15
C ALA F 625 32.38 50.22 39.15
N LYS F 626 32.34 49.00 39.68
CA LYS F 626 33.50 48.14 39.73
C LYS F 626 33.89 47.67 38.34
N GLN F 627 32.91 47.40 37.49
CA GLN F 627 33.17 46.95 36.13
C GLN F 627 33.83 48.08 35.34
N ASP F 628 33.39 49.32 35.54
CA ASP F 628 33.88 50.44 34.78
C ASP F 628 35.33 50.73 35.14
N TYR F 629 35.73 50.46 36.38
CA TYR F 629 37.08 50.72 36.84
C TYR F 629 38.06 49.71 36.26
N LEU F 630 37.61 48.49 36.01
CA LEU F 630 38.49 47.48 35.46
C LEU F 630 38.72 47.71 33.97
N ASP F 631 37.67 48.12 33.25
CA ASP F 631 37.79 48.57 31.87
C ASP F 631 38.26 47.43 30.98
N LYS F 632 37.36 46.50 30.66
CA LYS F 632 37.68 45.35 29.83
C LYS F 632 36.78 45.25 28.61
N GLY F 633 35.80 46.14 28.46
CA GLY F 633 35.02 46.21 27.24
C GLY F 633 33.73 45.38 27.29
N VAL F 634 33.17 45.12 26.11
CA VAL F 634 31.87 44.47 25.95
C VAL F 634 31.98 42.99 26.28
N ASP F 635 33.18 42.42 26.06
CA ASP F 635 33.45 41.01 26.29
C ASP F 635 33.93 40.78 27.72
N GLY F 636 33.83 41.82 28.57
CA GLY F 636 34.23 41.73 29.96
C GLY F 636 33.07 41.33 30.84
N LYS F 637 32.63 42.28 31.68
CA LYS F 637 31.53 42.07 32.61
C LYS F 637 31.90 40.96 33.58
N THR F 638 32.90 41.23 34.41
CA THR F 638 33.59 40.21 35.18
C THR F 638 33.37 40.36 36.69
N VAL F 639 32.35 41.11 37.08
CA VAL F 639 31.88 41.16 38.46
C VAL F 639 30.44 40.67 38.48
N VAL F 640 30.15 39.63 39.27
CA VAL F 640 28.90 38.89 39.22
C VAL F 640 27.99 39.35 40.35
N PRO F 641 26.75 39.81 40.10
CA PRO F 641 25.76 40.05 41.14
C PRO F 641 24.90 38.86 41.52
N LEU F 642 24.83 38.56 42.83
CA LEU F 642 24.10 37.43 43.38
C LEU F 642 23.14 37.96 44.43
N LEU F 643 21.84 37.86 44.16
CA LEU F 643 20.82 38.57 44.92
C LEU F 643 19.79 37.58 45.46
N LEU F 644 19.57 37.61 46.79
CA LEU F 644 18.70 36.70 47.49
C LEU F 644 17.42 37.41 47.91
N HIS F 645 16.28 36.73 47.85
CA HIS F 645 14.99 37.29 48.20
C HIS F 645 14.19 36.31 49.05
N GLY F 646 13.05 36.77 49.58
CA GLY F 646 12.01 35.92 50.14
C GLY F 646 10.75 35.95 49.28
N ASP F 647 9.88 34.96 49.47
CA ASP F 647 8.79 34.71 48.54
C ASP F 647 7.72 35.79 48.63
N ALA F 648 7.32 36.18 49.84
CA ALA F 648 6.31 37.22 50.01
C ALA F 648 6.79 38.56 49.49
N ALA F 649 8.04 38.92 49.79
CA ALA F 649 8.58 40.20 49.38
C ALA F 649 8.76 40.29 47.87
N PHE F 650 9.13 39.20 47.23
CA PHE F 650 9.41 39.21 45.81
C PHE F 650 8.16 39.46 45.00
N ALA F 651 7.03 38.92 45.45
CA ALA F 651 5.78 39.03 44.71
C ALA F 651 5.05 40.33 45.03
N GLY F 652 5.36 40.95 46.16
CA GLY F 652 4.52 42.03 46.66
C GLY F 652 5.03 43.42 46.33
N LEU F 653 6.32 43.66 46.58
CA LEU F 653 6.89 44.99 46.48
C LEU F 653 7.23 45.29 45.03
N GLY F 654 7.01 46.55 44.63
CA GLY F 654 7.11 46.97 43.24
C GLY F 654 8.53 47.35 42.81
N ILE F 655 9.44 47.51 43.77
CA ILE F 655 10.82 47.83 43.49
C ILE F 655 11.50 46.68 42.75
N VAL F 656 11.01 45.45 42.91
CA VAL F 656 11.66 44.28 42.34
C VAL F 656 11.59 44.35 40.82
N PRO F 657 10.39 44.36 40.19
CA PRO F 657 10.32 44.47 38.74
C PRO F 657 10.84 45.78 38.14
N GLU F 658 10.81 46.85 38.92
CA GLU F 658 11.32 48.13 38.51
C GLU F 658 12.83 48.07 38.28
N THR F 659 13.53 47.24 39.05
CA THR F 659 14.98 47.12 38.97
C THR F 659 15.37 46.14 37.89
N ILE F 660 14.56 45.13 37.63
CA ILE F 660 14.84 44.15 36.59
C ILE F 660 14.71 44.80 35.23
N ASN F 661 13.96 45.90 35.14
CA ASN F 661 13.70 46.60 33.90
C ASN F 661 14.91 47.41 33.46
N LEU F 662 15.91 47.57 34.32
CA LEU F 662 17.12 48.30 33.95
C LEU F 662 18.19 47.40 33.37
N ALA F 663 17.90 46.11 33.18
CA ALA F 663 18.93 45.11 32.95
C ALA F 663 19.62 45.26 31.60
N LYS F 664 18.90 45.69 30.57
CA LYS F 664 19.43 45.71 29.21
C LYS F 664 19.57 47.13 28.70
N LEU F 665 19.60 48.14 29.56
CA LEU F 665 19.71 49.52 29.13
C LEU F 665 21.16 49.94 29.15
N ARG F 666 21.46 51.05 28.47
CA ARG F 666 22.80 51.39 28.04
C ARG F 666 23.66 51.77 29.23
N GLY F 667 23.13 52.53 30.17
CA GLY F 667 23.94 52.96 31.30
C GLY F 667 23.78 52.10 32.55
N TYR F 668 23.14 50.93 32.44
CA TYR F 668 22.78 50.17 33.62
C TYR F 668 23.15 48.69 33.50
N ASP F 669 23.57 48.22 32.33
CA ASP F 669 23.77 46.80 32.09
C ASP F 669 25.00 46.31 32.83
N VAL F 670 24.91 45.14 33.46
CA VAL F 670 25.99 44.56 34.22
C VAL F 670 26.22 43.10 33.83
N GLY F 671 25.63 42.65 32.74
CA GLY F 671 25.91 41.33 32.22
C GLY F 671 24.98 40.24 32.73
N GLY F 672 23.95 40.60 33.50
CA GLY F 672 23.02 39.62 34.04
C GLY F 672 23.12 39.51 35.55
N THR F 673 22.04 39.08 36.18
CA THR F 673 21.95 38.89 37.62
C THR F 673 21.43 37.50 37.92
N ILE F 674 22.04 36.81 38.89
CA ILE F 674 21.56 35.52 39.39
C ILE F 674 20.67 35.77 40.59
N HIS F 675 19.39 35.37 40.50
CA HIS F 675 18.42 35.58 41.56
C HIS F 675 18.09 34.25 42.24
N ILE F 676 18.04 34.24 43.58
CA ILE F 676 17.61 33.10 44.35
C ILE F 676 16.45 33.51 45.24
N VAL F 677 15.30 32.83 45.10
CA VAL F 677 14.14 33.05 45.96
C VAL F 677 14.01 31.87 46.92
N VAL F 678 14.08 32.15 48.21
CA VAL F 678 13.94 31.16 49.26
C VAL F 678 12.47 31.00 49.58
N ASN F 679 11.85 29.99 48.99
CA ASN F 679 10.42 29.78 49.02
C ASN F 679 10.09 28.80 50.14
N ASN F 680 9.76 29.33 51.32
CA ASN F 680 9.47 28.52 52.48
C ASN F 680 7.99 28.56 52.81
N GLN F 681 7.19 29.01 51.85
CA GLN F 681 5.77 28.79 51.82
C GLN F 681 5.06 29.55 52.93
N ILE F 682 5.61 30.68 53.37
CA ILE F 682 5.00 31.45 54.43
C ILE F 682 5.66 32.82 54.55
N GLY F 683 4.86 33.82 54.93
CA GLY F 683 5.29 35.18 55.15
C GLY F 683 5.75 35.38 56.59
N PHE F 684 4.90 35.99 57.41
CA PHE F 684 5.11 36.02 58.84
C PHE F 684 4.01 35.15 59.44
N THR F 685 2.76 35.60 59.27
CA THR F 685 1.58 34.85 59.66
C THR F 685 0.67 34.67 58.45
N THR F 686 1.20 34.89 57.25
CA THR F 686 0.39 34.98 56.05
C THR F 686 0.84 33.92 55.04
N THR F 687 -0.12 33.26 54.40
CA THR F 687 0.15 32.19 53.47
C THR F 687 0.00 32.69 52.05
N PRO F 688 0.57 31.99 51.05
CA PRO F 688 0.55 32.45 49.66
C PRO F 688 -0.78 32.83 49.02
N ASP F 689 -1.88 32.32 49.56
CA ASP F 689 -3.20 32.62 49.04
C ASP F 689 -3.57 34.07 49.30
N SER F 690 -2.92 34.71 50.27
CA SER F 690 -3.20 36.08 50.63
C SER F 690 -2.06 37.01 50.22
N SER F 691 -1.07 36.51 49.48
CA SER F 691 0.14 37.24 49.22
C SER F 691 0.33 37.54 47.75
N ARG F 692 -0.20 36.73 46.84
CA ARG F 692 0.00 36.95 45.44
C ARG F 692 -1.15 36.44 44.61
N SER F 693 -1.25 36.94 43.38
CA SER F 693 -2.24 36.52 42.41
C SER F 693 -1.58 35.78 41.26
N MET F 694 -0.30 35.45 41.38
CA MET F 694 0.42 34.64 40.43
C MET F 694 0.49 33.22 40.96
N HIS F 695 0.74 32.23 40.10
CA HIS F 695 0.80 30.83 40.50
C HIS F 695 2.11 30.55 41.23
N TYR F 696 3.21 31.02 40.67
CA TYR F 696 4.52 30.95 41.31
C TYR F 696 4.99 32.35 41.67
N ALA F 697 5.93 32.43 42.61
CA ALA F 697 6.46 33.71 43.05
C ALA F 697 7.42 34.28 42.02
N THR F 698 7.95 33.44 41.14
CA THR F 698 8.96 33.83 40.19
C THR F 698 8.36 34.05 38.80
N ASP F 699 7.14 34.56 38.71
CA ASP F 699 6.47 34.66 37.43
C ASP F 699 6.78 35.97 36.70
N TYR F 700 7.47 36.90 37.35
CA TYR F 700 7.95 38.10 36.68
C TYR F 700 8.98 37.76 35.62
N ALA F 701 9.59 36.58 35.71
CA ALA F 701 10.57 36.14 34.73
C ALA F 701 9.97 36.03 33.34
N LYS F 702 8.70 35.68 33.24
CA LYS F 702 8.04 35.51 31.96
C LYS F 702 7.75 36.85 31.29
N ALA F 703 7.79 37.95 32.04
CA ALA F 703 7.61 39.28 31.48
C ALA F 703 8.88 39.75 30.79
N PHE F 704 10.03 39.19 31.18
CA PHE F 704 11.32 39.68 30.72
C PHE F 704 12.03 38.66 29.84
N GLY F 705 11.46 37.47 29.68
CA GLY F 705 11.98 36.49 28.74
C GLY F 705 13.18 35.73 29.27
N CYS F 706 13.10 35.25 30.52
CA CYS F 706 14.23 34.64 31.20
C CYS F 706 13.85 33.27 31.72
N PRO F 707 14.81 32.32 31.87
CA PRO F 707 14.51 30.99 32.39
C PRO F 707 14.35 30.84 33.91
N VAL F 708 13.55 29.87 34.34
CA VAL F 708 13.32 29.61 35.76
C VAL F 708 13.59 28.14 36.05
N PHE F 709 14.25 27.86 37.18
CA PHE F 709 14.50 26.51 37.67
C PHE F 709 13.95 26.36 39.07
N HIS F 710 13.03 25.41 39.28
CA HIS F 710 12.49 25.09 40.58
C HIS F 710 13.14 23.82 41.10
N VAL F 711 13.68 23.82 42.32
CA VAL F 711 14.44 22.69 42.81
C VAL F 711 14.04 22.37 44.24
N ASN F 712 13.99 21.06 44.54
CA ASN F 712 13.67 20.51 45.84
C ASN F 712 14.83 20.71 46.79
N GLY F 713 14.56 21.25 47.96
CA GLY F 713 15.57 21.61 48.91
C GLY F 713 15.99 20.46 49.82
N ASP F 714 15.47 19.26 49.58
CA ASP F 714 15.92 18.07 50.29
C ASP F 714 16.63 17.10 49.36
N ASP F 715 17.15 17.59 48.22
CA ASP F 715 17.99 16.79 47.34
C ASP F 715 19.25 17.57 47.00
N PRO F 716 20.29 17.53 47.85
CA PRO F 716 21.43 18.40 47.68
C PRO F 716 22.26 18.30 46.41
N GLU F 717 22.26 17.15 45.74
CA GLU F 717 23.04 17.00 44.53
C GLU F 717 22.38 17.71 43.36
N ALA F 718 21.06 17.77 43.36
CA ALA F 718 20.33 18.51 42.35
C ALA F 718 20.47 20.01 42.54
N VAL F 719 20.64 20.45 43.79
CA VAL F 719 20.78 21.86 44.09
C VAL F 719 22.11 22.35 43.57
N VAL F 720 23.15 21.52 43.69
CA VAL F 720 24.49 21.89 43.27
C VAL F 720 24.57 21.94 41.74
N TRP F 721 23.79 21.12 41.06
CA TRP F 721 23.78 21.11 39.62
C TRP F 721 23.10 22.35 39.07
N VAL F 722 22.01 22.81 39.70
CA VAL F 722 21.26 23.95 39.23
C VAL F 722 22.07 25.22 39.40
N GLY F 723 22.87 25.29 40.46
CA GLY F 723 23.74 26.42 40.68
C GLY F 723 24.79 26.58 39.59
N GLN F 724 25.35 25.46 39.14
CA GLN F 724 26.35 25.45 38.08
C GLN F 724 25.75 25.85 36.75
N LEU F 725 24.56 25.33 36.46
CA LEU F 725 23.91 25.53 35.17
C LEU F 725 23.49 26.98 35.00
N ALA F 726 23.13 27.64 36.09
CA ALA F 726 22.70 29.02 36.07
C ALA F 726 23.87 29.96 35.79
N THR F 727 25.02 29.67 36.39
CA THR F 727 26.20 30.52 36.24
C THR F 727 26.79 30.38 34.84
N GLU F 728 26.60 29.23 34.20
CA GLU F 728 27.04 29.03 32.83
C GLU F 728 26.14 29.75 31.84
N TYR F 729 24.84 29.79 32.11
CA TYR F 729 23.88 30.46 31.24
C TYR F 729 24.14 31.96 31.23
N ARG F 730 24.53 32.52 32.38
CA ARG F 730 24.79 33.94 32.50
C ARG F 730 25.99 34.34 31.67
N ARG F 731 27.02 33.49 31.66
CA ARG F 731 28.27 33.83 31.01
C ARG F 731 28.13 33.76 29.50
N ARG F 732 27.25 32.91 28.98
CA ARG F 732 27.13 32.73 27.55
C ARG F 732 26.18 33.74 26.94
N PHE F 733 25.09 34.10 27.63
CA PHE F 733 24.01 34.84 27.00
C PHE F 733 23.85 36.24 27.59
N GLY F 734 24.38 36.49 28.77
CA GLY F 734 24.39 37.82 29.35
C GLY F 734 23.02 38.29 29.81
N LYS F 735 22.22 37.38 30.36
CA LYS F 735 20.86 37.68 30.78
C LYS F 735 20.64 37.22 32.22
N ASP F 736 19.49 37.57 32.78
CA ASP F 736 19.12 37.21 34.14
C ASP F 736 18.59 35.79 34.20
N VAL F 737 18.74 35.16 35.36
CA VAL F 737 18.34 33.77 35.57
C VAL F 737 17.76 33.67 36.98
N PHE F 738 16.72 32.86 37.16
CA PHE F 738 15.97 32.77 38.41
C PHE F 738 15.93 31.35 38.94
N ILE F 739 16.26 31.18 40.23
CA ILE F 739 16.21 29.90 40.93
C ILE F 739 15.19 29.99 42.07
N ASP F 740 14.30 29.02 42.15
CA ASP F 740 13.30 28.90 43.20
C ASP F 740 13.60 27.69 44.07
N LEU F 741 14.07 27.92 45.30
CA LEU F 741 14.46 26.87 46.21
C LEU F 741 13.31 26.59 47.16
N VAL F 742 12.64 25.45 46.98
CA VAL F 742 11.44 25.12 47.73
C VAL F 742 11.83 24.38 49.01
N CYS F 743 11.43 24.95 50.16
CA CYS F 743 11.83 24.47 51.46
C CYS F 743 10.78 24.86 52.50
N TYR F 744 11.10 24.78 53.80
CA TYR F 744 10.16 25.15 54.85
C TYR F 744 10.87 25.93 55.94
N ARG F 745 10.11 26.46 56.91
CA ARG F 745 10.60 27.17 58.06
C ARG F 745 10.27 26.39 59.32
N LEU F 746 11.29 25.93 60.06
CA LEU F 746 11.11 24.97 61.13
C LEU F 746 10.51 25.60 62.36
N ARG F 747 10.97 26.79 62.72
CA ARG F 747 10.46 27.48 63.88
C ARG F 747 9.50 28.58 63.42
N GLY F 748 9.17 29.50 64.32
CA GLY F 748 8.35 30.65 63.98
C GLY F 748 9.14 31.72 63.23
N HIS F 749 8.52 32.87 63.01
CA HIS F 749 9.14 33.94 62.26
C HIS F 749 10.44 34.32 62.95
N ASN F 750 10.34 34.51 64.27
CA ASN F 750 11.50 34.64 65.12
C ASN F 750 11.41 33.50 66.15
N GLU F 751 12.36 33.46 67.09
CA GLU F 751 12.48 32.34 68.00
C GLU F 751 11.63 32.55 69.25
N ALA F 752 10.72 33.53 69.21
CA ALA F 752 9.87 33.81 70.35
C ALA F 752 8.39 33.67 69.98
N ASP F 753 8.10 33.13 68.79
CA ASP F 753 6.74 33.12 68.25
C ASP F 753 6.25 31.67 68.12
N ASP F 754 4.93 31.47 68.27
CA ASP F 754 4.32 30.16 68.16
C ASP F 754 3.48 30.07 66.89
N PRO F 755 3.92 29.34 65.85
CA PRO F 755 3.20 29.31 64.58
C PRO F 755 1.95 28.45 64.50
N SER F 756 1.64 27.70 65.55
CA SER F 756 0.50 26.81 65.57
C SER F 756 -0.79 27.58 65.80
N MET F 757 -0.71 28.82 66.28
CA MET F 757 -1.91 29.59 66.56
C MET F 757 -2.65 29.88 65.25
N THR F 758 -1.91 30.04 64.15
CA THR F 758 -2.51 30.50 62.91
C THR F 758 -2.33 29.50 61.77
N GLN F 759 -1.37 28.58 61.87
CA GLN F 759 -1.19 27.55 60.85
C GLN F 759 -1.07 26.19 61.50
N PRO F 760 -2.15 25.62 62.09
CA PRO F 760 -2.09 24.34 62.76
C PRO F 760 -1.75 23.10 61.92
N LYS F 761 -2.33 23.01 60.73
CA LYS F 761 -2.21 21.81 59.94
C LYS F 761 -0.85 21.71 59.27
N MET F 762 -0.27 22.85 58.93
CA MET F 762 1.02 22.89 58.27
C MET F 762 2.11 22.49 59.25
N TYR F 763 1.96 22.82 60.53
CA TYR F 763 3.00 22.55 61.50
C TYR F 763 2.78 21.19 62.17
N GLU F 764 1.78 20.42 61.73
CA GLU F 764 1.70 19.00 62.04
C GLU F 764 2.63 18.21 61.14
N LEU F 765 2.82 18.67 59.91
CA LEU F 765 3.72 18.05 58.98
C LEU F 765 5.17 18.39 59.24
N ILE F 766 5.48 19.50 59.92
CA ILE F 766 6.84 19.98 60.02
C ILE F 766 7.49 19.47 61.29
N THR F 767 6.76 19.47 62.40
CA THR F 767 7.35 19.15 63.69
C THR F 767 7.68 17.67 63.75
N GLY F 768 8.95 17.36 63.99
CA GLY F 768 9.42 16.00 64.15
C GLY F 768 9.89 15.34 62.86
N ARG F 769 10.25 16.13 61.85
CA ARG F 769 10.86 15.60 60.64
C ARG F 769 12.31 15.28 60.90
N GLU F 770 12.96 14.61 59.96
CA GLU F 770 14.40 14.44 60.00
C GLU F 770 15.03 15.41 59.02
N THR F 771 16.17 15.98 59.41
CA THR F 771 16.79 17.08 58.72
C THR F 771 17.45 16.61 57.43
N VAL F 772 17.89 17.56 56.61
CA VAL F 772 18.45 17.28 55.29
C VAL F 772 19.84 16.69 55.43
N ARG F 773 20.53 17.01 56.51
CA ARG F 773 21.83 16.45 56.78
C ARG F 773 21.72 14.98 57.17
N ALA F 774 20.72 14.65 57.98
CA ALA F 774 20.48 13.30 58.42
C ALA F 774 20.08 12.40 57.27
N GLN F 775 19.19 12.87 56.41
CA GLN F 775 18.74 12.10 55.28
C GLN F 775 19.88 11.82 54.34
N TYR F 776 20.77 12.77 54.12
CA TYR F 776 21.81 12.63 53.12
C TYR F 776 22.88 11.67 53.62
N THR F 777 23.15 11.68 54.92
CA THR F 777 24.12 10.78 55.50
C THR F 777 23.64 9.35 55.41
N GLU F 778 22.34 9.13 55.56
CA GLU F 778 21.75 7.83 55.50
C GLU F 778 21.80 7.28 54.09
N ASP F 779 21.63 8.15 53.10
CA ASP F 779 21.65 7.77 51.70
C ASP F 779 23.06 7.35 51.27
N LEU F 780 24.08 8.10 51.69
CA LEU F 780 25.45 7.80 51.30
C LEU F 780 25.94 6.51 51.95
N LEU F 781 25.59 6.24 53.20
CA LEU F 781 25.97 4.99 53.86
C LEU F 781 25.22 3.82 53.25
N GLY F 782 24.05 4.06 52.69
CA GLY F 782 23.30 3.00 52.06
C GLY F 782 23.89 2.56 50.72
N ARG F 783 24.40 3.51 49.93
CA ARG F 783 24.95 3.23 48.62
C ARG F 783 26.44 2.90 48.74
N GLY F 784 26.98 2.92 49.94
CA GLY F 784 28.35 2.51 50.17
C GLY F 784 29.37 3.55 49.74
N ASP F 785 28.98 4.83 49.77
CA ASP F 785 29.80 5.92 49.28
C ASP F 785 30.58 6.58 50.41
N LEU F 786 30.37 6.14 51.65
CA LEU F 786 31.01 6.74 52.81
C LEU F 786 31.04 5.72 53.94
N SER F 787 32.09 5.73 54.77
CA SER F 787 32.19 4.85 55.92
C SER F 787 31.62 5.53 57.16
N ASN F 788 31.46 4.77 58.24
CA ASN F 788 30.90 5.32 59.47
C ASN F 788 31.92 6.14 60.23
N GLU F 789 33.19 5.71 60.20
CA GLU F 789 34.24 6.46 60.85
C GLU F 789 34.33 7.85 60.24
N ASP F 790 34.25 7.92 58.90
CA ASP F 790 34.30 9.19 58.20
C ASP F 790 33.13 10.07 58.61
N ALA F 791 31.93 9.48 58.65
CA ALA F 791 30.73 10.23 58.95
C ALA F 791 30.76 10.80 60.35
N GLU F 792 31.43 10.14 61.28
CA GLU F 792 31.44 10.56 62.67
C GLU F 792 32.51 11.60 62.88
N ALA F 793 33.60 11.52 62.12
CA ALA F 793 34.66 12.50 62.22
C ALA F 793 34.17 13.88 61.77
N VAL F 794 33.36 13.90 60.70
CA VAL F 794 32.87 15.14 60.14
C VAL F 794 32.15 15.95 61.22
N VAL F 795 31.38 15.28 62.07
CA VAL F 795 30.61 15.96 63.08
C VAL F 795 31.50 16.39 64.23
N ARG F 796 32.36 15.49 64.70
CA ARG F 796 33.16 15.72 65.88
C ARG F 796 34.12 16.88 65.68
N ASP F 797 34.77 16.94 64.52
CA ASP F 797 35.80 17.93 64.27
C ASP F 797 35.23 19.34 64.33
N PHE F 798 34.07 19.57 63.70
CA PHE F 798 33.52 20.90 63.59
C PHE F 798 33.03 21.39 64.94
N HIS F 799 32.51 20.49 65.77
CA HIS F 799 32.03 20.88 67.07
C HIS F 799 33.18 21.27 67.99
N ASP F 800 34.33 20.60 67.84
CA ASP F 800 35.49 20.90 68.64
C ASP F 800 36.02 22.29 68.29
N GLN F 801 36.01 22.63 67.01
CA GLN F 801 36.46 23.93 66.53
C GLN F 801 35.66 25.05 67.18
N MET F 802 34.33 24.90 67.23
CA MET F 802 33.47 25.95 67.72
C MET F 802 33.61 26.10 69.23
N GLU F 803 33.76 24.98 69.92
CA GLU F 803 33.87 25.00 71.38
C GLU F 803 35.16 25.70 71.79
N SER F 804 36.22 25.47 71.03
CA SER F 804 37.51 26.09 71.29
C SER F 804 37.40 27.61 71.26
N VAL F 805 36.85 28.14 70.17
CA VAL F 805 36.74 29.57 69.95
C VAL F 805 35.88 30.20 71.04
N PHE F 806 34.80 29.54 71.41
CA PHE F 806 33.86 30.07 72.37
C PHE F 806 34.52 30.29 73.72
N ASN F 807 35.34 29.33 74.14
CA ASN F 807 36.00 29.39 75.44
C ASN F 807 36.99 30.54 75.46
N GLU F 808 37.70 30.74 74.34
CA GLU F 808 38.69 31.80 74.22
C GLU F 808 38.02 33.17 74.34
N VAL F 809 36.78 33.29 73.86
CA VAL F 809 36.06 34.56 73.84
C VAL F 809 35.56 34.90 75.24
N LYS F 810 35.31 33.89 76.08
CA LYS F 810 34.76 34.10 77.40
C LYS F 810 35.84 34.42 78.43
N GLU F 811 37.11 34.14 78.12
CA GLU F 811 38.22 34.45 79.01
C GLU F 811 38.31 35.96 79.20
N GLY F 812 38.31 36.70 78.09
CA GLY F 812 38.28 38.16 78.13
C GLY F 812 36.99 38.68 78.75
N GLY F 813 37.12 39.66 79.65
CA GLY F 813 35.99 40.21 80.38
C GLY F 813 35.11 41.09 79.51
N LYS F 814 33.86 41.30 79.95
CA LYS F 814 32.90 42.11 79.22
C LYS F 814 33.06 43.57 79.65
N LYS F 815 33.05 44.48 78.66
CA LYS F 815 33.14 45.91 78.91
C LYS F 815 31.75 46.44 79.29
N GLN F 816 31.73 47.65 79.86
CA GLN F 816 30.48 48.29 80.27
C GLN F 816 30.09 49.34 79.24
N ALA F 817 28.84 49.78 79.28
CA ALA F 817 28.28 50.69 78.29
C ALA F 817 28.89 52.07 78.44
N GLU F 818 28.99 52.79 77.31
CA GLU F 818 29.54 54.13 77.27
C GLU F 818 28.75 54.95 76.25
N ALA F 819 28.58 56.25 76.53
CA ALA F 819 27.78 57.13 75.69
C ALA F 819 28.47 57.36 74.35
N GLN F 820 27.65 57.57 73.30
CA GLN F 820 28.13 57.80 71.94
C GLN F 820 28.16 59.31 71.66
N THR F 821 29.27 59.77 71.09
CA THR F 821 29.62 61.19 71.10
C THR F 821 29.04 61.93 69.90
N GLY F 822 29.14 61.33 68.70
CA GLY F 822 28.65 61.95 67.47
C GLY F 822 29.70 61.93 66.38
N ILE F 823 29.31 62.28 65.15
CA ILE F 823 30.20 62.13 63.99
C ILE F 823 30.53 63.49 63.38
N THR F 824 30.27 64.59 64.09
CA THR F 824 30.43 65.92 63.52
C THR F 824 31.88 66.20 63.15
N GLY F 825 32.83 65.80 64.00
CA GLY F 825 34.22 66.14 63.83
C GLY F 825 35.08 64.97 63.36
N SER F 826 34.45 63.95 62.79
CA SER F 826 35.16 62.74 62.41
C SER F 826 35.83 62.89 61.05
N GLN F 827 35.46 63.93 60.28
CA GLN F 827 36.10 64.25 59.02
C GLN F 827 36.50 65.72 59.00
N LYS F 828 37.58 66.04 58.30
CA LYS F 828 38.16 67.38 58.29
C LYS F 828 37.56 68.22 57.16
N LEU F 829 37.61 69.55 57.34
CA LEU F 829 37.14 70.51 56.35
C LEU F 829 38.32 71.05 55.56
N PRO F 830 38.15 71.33 54.24
CA PRO F 830 39.26 71.76 53.40
C PRO F 830 39.61 73.23 53.57
N HIS F 831 40.43 73.53 54.57
CA HIS F 831 40.81 74.90 54.87
C HIS F 831 41.87 75.37 53.88
N GLY F 832 41.59 76.48 53.20
CA GLY F 832 42.56 77.15 52.35
C GLY F 832 42.72 76.47 50.99
N LEU F 833 41.63 76.02 50.40
CA LEU F 833 41.65 75.40 49.09
C LEU F 833 41.09 76.38 48.06
N GLU F 834 41.77 76.51 46.92
CA GLU F 834 41.41 77.47 45.90
C GLU F 834 40.85 76.74 44.70
N THR F 835 39.76 77.26 44.14
CA THR F 835 38.94 76.53 43.19
C THR F 835 38.82 77.27 41.85
N ASN F 836 39.71 78.21 41.56
CA ASN F 836 39.67 78.94 40.32
C ASN F 836 40.50 78.23 39.27
N ILE F 837 40.14 78.41 38.00
CA ILE F 837 40.90 77.86 36.89
C ILE F 837 41.64 79.00 36.20
N SER F 838 42.56 78.66 35.30
CA SER F 838 43.36 79.64 34.56
C SER F 838 42.60 80.13 33.34
N ARG F 839 43.06 81.24 32.77
CA ARG F 839 42.40 81.87 31.64
C ARG F 839 42.57 81.02 30.40
N GLU F 840 43.67 80.28 30.32
CA GLU F 840 43.94 79.40 29.20
C GLU F 840 42.98 78.23 29.22
N GLU F 841 42.69 77.70 30.42
CA GLU F 841 41.80 76.57 30.58
C GLU F 841 40.37 76.94 30.19
N LEU F 842 39.97 78.19 30.46
CA LEU F 842 38.62 78.64 30.20
C LEU F 842 38.39 78.76 28.70
N LEU F 843 39.39 79.23 27.96
CA LEU F 843 39.25 79.42 26.52
C LEU F 843 39.20 78.07 25.82
N GLU F 844 39.91 77.09 26.34
CA GLU F 844 39.96 75.78 25.73
C GLU F 844 38.61 75.09 25.88
N LEU F 845 37.96 75.26 27.03
CA LEU F 845 36.64 74.69 27.28
C LEU F 845 35.63 75.31 26.33
N GLY F 846 35.75 76.60 26.10
CA GLY F 846 34.88 77.30 25.18
C GLY F 846 34.99 76.79 23.74
N GLN F 847 36.22 76.51 23.28
CA GLN F 847 36.45 76.10 21.92
C GLN F 847 35.94 74.70 21.63
N ALA F 848 35.69 73.90 22.65
CA ALA F 848 35.22 72.55 22.44
C ALA F 848 33.94 72.52 21.62
N PHE F 849 33.17 73.59 21.67
CA PHE F 849 31.89 73.66 21.00
C PHE F 849 32.03 74.20 19.58
N ALA F 850 33.25 74.52 19.15
CA ALA F 850 33.54 74.91 17.78
C ALA F 850 34.24 73.81 17.02
N ASN F 851 34.86 72.85 17.70
CA ASN F 851 35.60 71.78 17.07
C ASN F 851 34.67 70.64 16.75
N THR F 852 33.75 70.86 15.81
CA THR F 852 32.80 69.85 15.41
C THR F 852 33.49 68.80 14.56
N PRO F 853 33.00 67.56 14.47
CA PRO F 853 33.54 66.59 13.52
C PRO F 853 33.37 67.04 12.07
N GLU F 854 33.76 66.16 11.13
CA GLU F 854 34.10 66.59 9.78
C GLU F 854 32.89 67.12 9.02
N GLY F 855 31.84 66.34 8.89
CA GLY F 855 30.67 66.86 8.21
C GLY F 855 29.44 66.95 9.11
N PHE F 856 29.62 67.46 10.33
CA PHE F 856 28.57 67.60 11.32
C PHE F 856 28.05 69.03 11.27
N ASN F 857 26.73 69.19 11.37
CA ASN F 857 26.14 70.50 11.57
C ASN F 857 25.08 70.43 12.68
N TYR F 858 24.92 71.52 13.40
CA TYR F 858 23.95 71.63 14.46
C TYR F 858 22.57 71.92 13.89
N HIS F 859 21.53 71.64 14.68
CA HIS F 859 20.16 71.97 14.36
C HIS F 859 20.02 73.47 14.46
N PRO F 860 19.18 74.13 13.66
CA PRO F 860 19.07 75.58 13.69
C PRO F 860 18.67 76.28 14.98
N ARG F 861 18.09 75.55 15.92
CA ARG F 861 17.65 76.11 17.18
C ARG F 861 18.68 75.84 18.27
N VAL F 862 19.70 75.03 17.96
CA VAL F 862 20.78 74.69 18.88
C VAL F 862 22.05 75.45 18.51
N ALA F 863 22.14 75.97 17.28
CA ALA F 863 23.34 76.62 16.79
C ALA F 863 23.62 77.92 17.49
N PRO F 864 22.62 78.77 17.79
CA PRO F 864 22.86 79.96 18.58
C PRO F 864 23.40 79.76 20.00
N VAL F 865 23.07 78.63 20.62
CA VAL F 865 23.53 78.30 21.96
C VAL F 865 25.02 77.98 21.90
N ALA F 866 25.43 77.25 20.88
CA ALA F 866 26.83 76.90 20.70
C ALA F 866 27.68 78.13 20.44
N LYS F 867 27.20 79.08 19.63
CA LYS F 867 27.99 80.25 19.33
C LYS F 867 28.17 81.09 20.58
N LYS F 868 27.15 81.18 21.42
CA LYS F 868 27.20 82.01 22.60
C LYS F 868 28.19 81.44 23.59
N ARG F 869 28.34 80.11 23.61
CA ARG F 869 29.27 79.46 24.51
C ARG F 869 30.71 79.77 24.13
N VAL F 870 30.99 79.91 22.83
CA VAL F 870 32.33 80.19 22.36
C VAL F 870 32.69 81.65 22.59
N SER F 871 31.73 82.55 22.53
CA SER F 871 32.01 83.97 22.65
C SER F 871 31.98 84.45 24.09
N SER F 872 31.28 83.74 24.98
CA SER F 872 30.99 84.24 26.32
C SER F 872 32.21 84.16 27.22
N VAL F 873 33.15 83.26 26.88
CA VAL F 873 34.33 83.04 27.70
C VAL F 873 35.33 84.15 27.49
N THR F 874 34.99 85.15 26.67
CA THR F 874 35.84 86.32 26.51
C THR F 874 35.07 87.62 26.61
N GLU F 875 33.75 87.62 26.41
CA GLU F 875 32.97 88.84 26.40
C GLU F 875 32.05 88.98 27.60
N GLY F 876 31.57 87.87 28.17
CA GLY F 876 30.72 87.92 29.34
C GLY F 876 29.38 87.26 29.10
N GLY F 877 28.53 87.27 30.13
CA GLY F 877 27.17 86.80 30.01
C GLY F 877 27.07 85.28 30.05
N ILE F 878 27.66 84.65 31.05
CA ILE F 878 27.62 83.21 31.21
C ILE F 878 26.40 82.85 32.02
N ASP F 879 25.60 81.89 31.53
CA ASP F 879 24.34 81.53 32.14
C ASP F 879 24.52 80.32 33.04
N TRP F 880 23.41 79.83 33.61
CA TRP F 880 23.45 78.81 34.63
C TRP F 880 23.95 77.49 34.08
N ALA F 881 23.40 77.05 32.97
CA ALA F 881 23.74 75.75 32.42
C ALA F 881 25.20 75.68 32.03
N TRP F 882 25.75 76.77 31.52
CA TRP F 882 27.11 76.82 31.04
C TRP F 882 28.07 76.82 32.22
N GLY F 883 27.66 77.40 33.35
CA GLY F 883 28.43 77.34 34.58
C GLY F 883 28.58 75.92 35.11
N GLU F 884 27.49 75.15 35.08
CA GLU F 884 27.50 73.78 35.55
C GLU F 884 28.42 72.92 34.68
N LEU F 885 28.32 73.08 33.36
CA LEU F 885 29.09 72.26 32.44
C LEU F 885 30.57 72.62 32.50
N LEU F 886 30.89 73.89 32.75
CA LEU F 886 32.27 74.30 32.91
C LEU F 886 32.90 73.61 34.10
N ALA F 887 32.14 73.38 35.16
CA ALA F 887 32.63 72.70 36.35
C ALA F 887 32.91 71.24 36.07
N PHE F 888 31.96 70.54 35.45
CA PHE F 888 32.12 69.13 35.22
C PHE F 888 33.22 68.88 34.20
N GLY F 889 33.34 69.76 33.21
CA GLY F 889 34.36 69.63 32.20
C GLY F 889 35.75 69.80 32.77
N SER F 890 35.93 70.79 33.62
CA SER F 890 37.23 71.04 34.20
C SER F 890 37.69 69.83 35.01
N LEU F 891 36.77 69.19 35.72
CA LEU F 891 37.12 68.03 36.55
C LEU F 891 37.43 66.82 35.69
N ALA F 892 36.78 66.69 34.55
CA ALA F 892 37.06 65.57 33.67
C ALA F 892 38.41 65.72 33.00
N ASN F 893 38.86 66.96 32.81
CA ASN F 893 40.14 67.21 32.18
C ASN F 893 41.28 66.76 33.10
N SER F 894 41.10 66.92 34.41
CA SER F 894 42.14 66.58 35.35
C SER F 894 42.33 65.08 35.47
N GLY F 895 41.31 64.31 35.12
CA GLY F 895 41.47 62.88 34.97
C GLY F 895 40.44 62.07 35.74
N ARG F 896 39.24 62.62 35.94
CA ARG F 896 38.22 61.95 36.74
C ARG F 896 37.08 61.46 35.87
N LEU F 897 36.38 60.45 36.37
CA LEU F 897 35.19 59.93 35.75
C LEU F 897 33.99 60.67 36.30
N VAL F 898 33.29 61.42 35.43
CA VAL F 898 32.12 62.20 35.79
C VAL F 898 30.90 61.56 35.14
N ARG F 899 29.87 61.28 35.94
CA ARG F 899 28.64 60.63 35.50
C ARG F 899 27.45 61.47 35.90
N LEU F 900 26.56 61.78 34.94
CA LEU F 900 25.35 62.53 35.16
C LEU F 900 24.17 61.77 34.60
N ALA F 901 23.15 61.48 35.42
CA ALA F 901 22.02 60.66 35.03
C ALA F 901 20.72 61.25 35.56
N GLY F 902 19.63 61.07 34.81
CA GLY F 902 18.32 61.61 35.14
C GLY F 902 17.37 61.58 33.96
N GLU F 903 16.12 62.00 34.18
CA GLU F 903 15.10 62.01 33.13
C GLU F 903 15.30 63.21 32.22
N ASP F 904 15.59 62.92 30.94
CA ASP F 904 15.75 63.92 29.90
C ASP F 904 16.91 64.84 30.23
N SER F 905 18.04 64.26 30.62
CA SER F 905 19.13 65.03 31.17
C SER F 905 20.19 65.34 30.11
N ARG F 906 20.11 64.74 28.94
CA ARG F 906 21.02 65.05 27.86
C ARG F 906 20.66 66.38 27.21
N ARG F 907 19.38 66.62 26.97
CA ARG F 907 18.89 67.89 26.44
C ARG F 907 18.63 68.87 27.55
N GLY F 908 17.99 68.41 28.62
CA GLY F 908 17.49 69.27 29.67
C GLY F 908 15.98 69.38 29.62
N THR F 909 15.34 69.47 30.79
CA THR F 909 13.90 69.55 30.89
C THR F 909 13.42 70.88 30.37
N PHE F 910 14.22 71.93 30.59
CA PHE F 910 13.86 73.27 30.20
C PHE F 910 14.66 73.69 28.97
N THR F 911 15.19 72.73 28.23
CA THR F 911 15.92 72.95 26.98
C THR F 911 17.09 73.89 27.22
N GLN F 912 17.98 73.53 28.15
CA GLN F 912 18.99 74.46 28.60
C GLN F 912 20.40 73.87 28.54
N ARG F 913 20.57 72.55 28.42
CA ARG F 913 21.86 71.95 28.67
C ARG F 913 22.59 71.63 27.38
N HIS F 914 22.01 70.80 26.53
CA HIS F 914 22.60 70.40 25.28
C HIS F 914 24.02 69.89 25.49
N ALA F 915 24.14 68.78 26.20
CA ALA F 915 25.42 68.16 26.45
C ALA F 915 25.76 67.18 25.34
N VAL F 916 24.74 66.61 24.73
CA VAL F 916 24.91 65.86 23.50
C VAL F 916 24.03 66.49 22.44
N ALA F 917 24.57 66.71 21.24
CA ALA F 917 23.87 67.32 20.13
C ALA F 917 23.66 66.31 19.02
N ILE F 918 22.61 66.50 18.21
CA ILE F 918 22.25 65.58 17.14
C ILE F 918 22.13 66.34 15.82
N ASP F 919 22.61 65.73 14.73
CA ASP F 919 22.58 66.32 13.40
C ASP F 919 21.26 65.99 12.73
N PRO F 920 20.49 66.97 12.22
CA PRO F 920 19.20 66.70 11.63
C PRO F 920 19.18 65.86 10.37
N ALA F 921 20.31 65.82 9.67
CA ALA F 921 20.39 65.19 8.37
C ALA F 921 20.80 63.74 8.50
N THR F 922 21.62 63.40 9.47
CA THR F 922 22.17 62.05 9.54
C THR F 922 21.89 61.35 10.86
N ALA F 923 21.51 62.10 11.90
CA ALA F 923 21.25 61.57 13.24
C ALA F 923 22.52 61.13 13.95
N GLU F 924 23.65 61.78 13.67
CA GLU F 924 24.91 61.52 14.34
C GLU F 924 24.93 62.29 15.66
N GLU F 925 25.64 61.75 16.66
CA GLU F 925 25.72 62.35 17.99
C GLU F 925 27.10 62.95 18.21
N PHE F 926 27.17 63.98 19.05
CA PHE F 926 28.41 64.65 19.39
C PHE F 926 28.40 65.05 20.86
N ASN F 927 29.48 64.72 21.59
CA ASN F 927 29.66 65.05 22.99
C ASN F 927 30.95 65.83 23.15
N PRO F 928 30.92 67.16 23.12
CA PRO F 928 32.12 67.97 23.12
C PRO F 928 33.10 67.77 24.27
N LEU F 929 32.59 67.78 25.50
CA LEU F 929 33.42 67.79 26.67
C LEU F 929 34.08 66.44 26.90
N HIS F 930 33.50 65.36 26.38
CA HIS F 930 34.13 64.06 26.49
C HIS F 930 35.31 63.96 25.53
N GLU F 931 35.18 64.57 24.36
CA GLU F 931 36.24 64.57 23.37
C GLU F 931 37.43 65.34 23.90
N LEU F 932 37.21 66.49 24.50
CA LEU F 932 38.28 67.32 25.00
C LEU F 932 39.00 66.59 26.12
N ALA F 933 38.29 65.84 26.95
CA ALA F 933 38.88 65.19 28.10
C ALA F 933 39.76 64.04 27.66
N GLN F 934 39.37 63.34 26.59
CA GLN F 934 40.12 62.20 26.12
C GLN F 934 41.35 62.64 25.31
N SER F 935 41.44 63.93 24.99
CA SER F 935 42.57 64.43 24.22
C SER F 935 43.57 65.15 25.09
N LYS F 936 43.60 64.88 26.38
CA LYS F 936 44.52 65.55 27.28
C LYS F 936 45.40 64.56 28.02
N GLY F 937 45.14 63.26 27.87
CA GLY F 937 46.10 62.27 28.26
C GLY F 937 46.09 61.96 29.75
N ASN F 938 44.98 62.25 30.44
CA ASN F 938 44.80 61.83 31.80
C ASN F 938 43.71 60.78 31.92
N ASN F 939 43.10 60.40 30.81
CA ASN F 939 42.09 59.37 30.75
C ASN F 939 40.85 59.76 31.54
N GLY F 940 40.33 60.96 31.30
CA GLY F 940 39.11 61.42 31.94
C GLY F 940 37.91 61.16 31.06
N LYS F 941 36.72 61.16 31.65
CA LYS F 941 35.50 60.80 30.98
C LYS F 941 34.35 61.69 31.43
N PHE F 942 33.44 62.05 30.52
CA PHE F 942 32.19 62.71 30.83
C PHE F 942 31.05 61.92 30.21
N LEU F 943 30.28 61.20 31.04
CA LEU F 943 29.24 60.28 30.63
C LEU F 943 27.87 60.80 31.03
N VAL F 944 26.97 61.03 30.07
CA VAL F 944 25.63 61.55 30.32
C VAL F 944 24.60 60.54 29.82
N TYR F 945 23.61 60.19 30.66
CA TYR F 945 22.63 59.17 30.34
C TYR F 945 21.23 59.66 30.64
N ASN F 946 20.26 59.24 29.82
CA ASN F 946 18.85 59.44 30.02
C ASN F 946 18.24 58.22 30.69
N SER F 947 17.71 58.39 31.90
CA SER F 947 17.20 57.28 32.70
C SER F 947 15.81 56.87 32.24
N ALA F 948 15.36 55.72 32.73
CA ALA F 948 13.98 55.32 32.62
C ALA F 948 13.13 56.11 33.61
N LEU F 949 11.81 55.94 33.56
CA LEU F 949 10.91 56.75 34.35
C LEU F 949 10.74 56.13 35.72
N THR F 950 11.73 56.34 36.59
CA THR F 950 11.76 55.82 37.94
C THR F 950 12.53 56.77 38.85
N GLU F 951 12.09 56.92 40.09
CA GLU F 951 12.79 57.75 41.05
C GLU F 951 13.45 56.88 42.12
N TYR F 952 12.83 55.76 42.47
CA TYR F 952 13.32 54.88 43.51
C TYR F 952 14.53 54.12 42.99
N ALA F 953 14.42 53.52 41.82
CA ALA F 953 15.50 52.75 41.24
C ALA F 953 16.60 53.66 40.69
N GLY F 954 16.24 54.82 40.17
CA GLY F 954 17.20 55.79 39.68
C GLY F 954 18.15 56.28 40.74
N MET F 955 17.61 56.82 41.83
CA MET F 955 18.45 57.43 42.85
C MET F 955 19.23 56.35 43.57
N GLY F 956 18.65 55.18 43.71
CA GLY F 956 19.31 54.08 44.38
C GLY F 956 20.53 53.60 43.62
N PHE F 957 20.44 53.61 42.29
CA PHE F 957 21.53 53.18 41.44
C PHE F 957 22.70 54.14 41.55
N GLU F 958 22.43 55.44 41.65
CA GLU F 958 23.50 56.41 41.73
C GLU F 958 24.17 56.39 43.09
N TYR F 959 23.42 56.16 44.17
CA TYR F 959 24.01 56.03 45.48
C TYR F 959 24.99 54.87 45.49
N GLY F 960 24.62 53.79 44.82
CA GLY F 960 25.48 52.62 44.78
C GLY F 960 26.75 52.86 44.00
N TYR F 961 26.67 53.68 42.96
CA TYR F 961 27.81 53.98 42.13
C TYR F 961 28.84 54.74 42.93
N SER F 962 28.38 55.59 43.85
CA SER F 962 29.26 56.39 44.65
C SER F 962 29.98 55.56 45.71
N VAL F 963 29.39 54.43 46.11
CA VAL F 963 29.97 53.57 47.12
C VAL F 963 30.97 52.62 46.45
N GLY F 964 30.71 52.23 45.22
CA GLY F 964 31.56 51.30 44.52
C GLY F 964 32.81 51.93 43.92
N ASN F 965 32.82 53.25 43.72
CA ASN F 965 34.00 53.95 43.27
C ASN F 965 34.08 55.29 43.98
N GLU F 966 34.99 55.40 44.95
CA GLU F 966 35.05 56.54 45.83
C GLU F 966 35.63 57.75 45.12
N ASP F 967 36.25 57.55 43.95
CA ASP F 967 36.99 58.61 43.30
C ASP F 967 36.23 59.20 42.10
N SER F 968 34.98 58.80 41.92
CA SER F 968 34.17 59.30 40.83
C SER F 968 33.27 60.44 41.29
N ILE F 969 32.83 61.28 40.35
CA ILE F 969 31.88 62.34 40.61
C ILE F 969 30.55 61.96 40.00
N VAL F 970 29.52 61.75 40.83
CA VAL F 970 28.23 61.25 40.41
C VAL F 970 27.14 62.24 40.80
N ALA F 971 26.19 62.48 39.88
CA ALA F 971 25.08 63.39 40.11
C ALA F 971 23.80 62.83 39.55
N TRP F 972 22.71 62.85 40.35
CA TRP F 972 21.38 62.47 39.94
C TRP F 972 20.51 63.71 39.87
N GLU F 973 19.73 63.84 38.80
CA GLU F 973 18.88 64.99 38.56
C GLU F 973 17.42 64.54 38.51
N ALA F 974 16.54 65.37 39.08
CA ALA F 974 15.11 65.13 39.07
C ALA F 974 14.47 66.09 38.09
N GLN F 975 13.39 65.65 37.43
CA GLN F 975 12.73 66.45 36.43
C GLN F 975 12.15 67.69 37.09
N PHE F 976 11.40 67.48 38.16
CA PHE F 976 11.09 68.53 39.12
C PHE F 976 11.38 67.98 40.51
N GLY F 977 11.69 68.84 41.46
CA GLY F 977 12.08 68.42 42.79
C GLY F 977 10.92 67.85 43.60
N ASP F 978 9.70 67.93 43.05
CA ASP F 978 8.50 67.49 43.73
C ASP F 978 8.30 66.00 43.55
N PHE F 979 9.05 65.38 42.66
CA PHE F 979 8.89 63.97 42.40
C PHE F 979 9.91 63.14 43.18
N ALA F 980 10.68 63.77 44.07
CA ALA F 980 11.70 63.07 44.83
C ALA F 980 11.11 62.33 46.03
N ASN F 981 9.84 62.58 46.36
CA ASN F 981 9.19 61.83 47.43
C ASN F 981 8.89 60.41 47.01
N GLY F 982 9.11 60.09 45.74
CA GLY F 982 9.01 58.72 45.28
C GLY F 982 10.25 57.91 45.62
N ALA F 983 11.29 58.58 46.12
CA ALA F 983 12.52 57.91 46.53
C ALA F 983 12.81 58.17 47.98
N GLN F 984 11.77 58.27 48.81
CA GLN F 984 11.93 58.69 50.19
C GLN F 984 12.70 57.64 50.99
N THR F 985 12.48 56.36 50.68
CA THR F 985 13.17 55.27 51.35
C THR F 985 14.68 55.44 51.22
N ILE F 986 15.18 55.74 50.02
CA ILE F 986 16.60 55.90 49.78
C ILE F 986 17.11 57.12 50.53
N ILE F 987 16.39 58.22 50.53
CA ILE F 987 16.83 59.42 51.21
C ILE F 987 16.94 59.18 52.70
N ASP F 988 16.01 58.43 53.28
CA ASP F 988 15.91 58.28 54.72
C ASP F 988 16.83 57.18 55.24
N GLU F 989 17.04 56.13 54.46
CA GLU F 989 17.68 54.92 54.97
C GLU F 989 19.13 54.82 54.54
N TYR F 990 19.55 55.55 53.49
CA TYR F 990 20.88 55.42 52.94
C TYR F 990 21.63 56.76 52.91
N VAL F 991 21.06 57.78 52.28
CA VAL F 991 21.77 59.02 52.00
C VAL F 991 21.96 59.83 53.26
N SER F 992 20.92 59.92 54.08
CA SER F 992 20.91 60.79 55.22
C SER F 992 21.60 60.18 56.43
N SER F 993 21.69 58.84 56.49
CA SER F 993 21.97 58.16 57.74
C SER F 993 22.93 56.98 57.63
N GLY F 994 23.59 56.79 56.50
CA GLY F 994 24.45 55.63 56.32
C GLY F 994 25.75 55.69 57.10
N GLU F 995 26.32 56.89 57.24
CA GLU F 995 27.58 57.06 57.94
C GLU F 995 27.42 56.77 59.42
N ALA F 996 26.32 57.24 60.02
CA ALA F 996 26.11 57.08 61.44
C ALA F 996 25.76 55.66 61.83
N LYS F 997 25.22 54.88 60.89
CA LYS F 997 24.78 53.53 61.18
C LYS F 997 25.86 52.51 60.88
N TRP F 998 26.51 52.62 59.73
CA TRP F 998 27.42 51.57 59.28
C TRP F 998 28.83 52.09 59.01
N GLY F 999 29.06 53.39 59.02
CA GLY F 999 30.34 53.93 58.65
C GLY F 999 30.60 53.92 57.15
N GLN F 1000 29.54 53.93 56.35
CA GLN F 1000 29.61 53.92 54.90
C GLN F 1000 29.44 55.36 54.42
N THR F 1001 30.42 55.86 53.65
CA THR F 1001 30.46 57.25 53.24
C THR F 1001 30.12 57.38 51.75
N SER F 1002 29.58 58.54 51.36
CA SER F 1002 29.21 58.81 49.98
C SER F 1002 29.37 60.29 49.67
N LYS F 1003 29.58 60.61 48.38
CA LYS F 1003 29.65 61.98 47.89
C LYS F 1003 28.70 62.21 46.72
N LEU F 1004 27.46 61.74 46.84
CA LEU F 1004 26.47 61.88 45.80
C LEU F 1004 26.00 63.31 45.76
N ILE F 1005 25.64 63.80 44.55
CA ILE F 1005 25.09 65.13 44.36
C ILE F 1005 23.66 64.96 43.89
N LEU F 1006 22.72 65.60 44.58
CA LEU F 1006 21.33 65.67 44.16
C LEU F 1006 21.05 67.06 43.62
N LEU F 1007 20.58 67.14 42.37
CA LEU F 1007 20.17 68.38 41.72
C LEU F 1007 18.66 68.41 41.61
N LEU F 1008 18.00 69.29 42.39
CA LEU F 1008 16.55 69.30 42.56
C LEU F 1008 15.99 70.66 42.18
N PRO F 1009 15.31 70.83 41.02
CA PRO F 1009 14.68 72.10 40.66
C PRO F 1009 13.60 72.63 41.58
N HIS F 1010 13.59 73.94 41.83
CA HIS F 1010 12.76 74.54 42.86
C HIS F 1010 12.43 75.97 42.48
N GLY F 1011 11.18 76.40 42.71
CA GLY F 1011 10.81 77.79 42.49
C GLY F 1011 9.31 77.98 42.37
N TYR F 1012 8.82 79.10 42.91
CA TYR F 1012 7.40 79.43 42.93
C TYR F 1012 7.10 80.39 41.79
N GLU F 1013 6.50 79.89 40.71
CA GLU F 1013 6.34 80.64 39.48
C GLU F 1013 4.93 80.54 38.89
N GLY F 1014 4.01 79.84 39.53
CA GLY F 1014 2.63 79.81 39.10
C GLY F 1014 2.26 78.60 38.27
N GLN F 1015 2.99 77.50 38.37
CA GLN F 1015 2.71 76.33 37.55
C GLN F 1015 1.94 75.29 38.34
N GLY F 1016 1.61 75.55 39.60
CA GLY F 1016 0.71 74.70 40.35
C GLY F 1016 1.42 73.94 41.47
N PRO F 1017 0.68 73.14 42.27
CA PRO F 1017 1.25 72.47 43.43
C PRO F 1017 2.21 71.31 43.24
N ASP F 1018 2.29 70.73 42.05
CA ASP F 1018 3.21 69.63 41.82
C ASP F 1018 4.37 70.06 40.91
N HIS F 1019 4.57 71.37 40.76
CA HIS F 1019 5.67 71.90 40.00
C HIS F 1019 6.17 73.17 40.65
N SER F 1020 6.39 73.15 41.97
CA SER F 1020 6.75 74.36 42.69
C SER F 1020 7.76 74.16 43.82
N SER F 1021 7.76 73.04 44.54
CA SER F 1021 8.54 72.93 45.76
C SER F 1021 9.23 71.58 45.88
N ALA F 1022 10.54 71.62 46.07
CA ALA F 1022 11.35 70.44 46.31
C ALA F 1022 11.37 70.03 47.78
N ARG F 1023 10.70 70.80 48.65
CA ARG F 1023 10.51 70.47 50.05
C ARG F 1023 11.81 70.65 50.81
N ILE F 1024 12.20 71.90 51.02
CA ILE F 1024 13.43 72.26 51.70
C ILE F 1024 13.32 71.90 53.17
N GLU F 1025 12.13 72.09 53.75
CA GLU F 1025 11.90 71.87 55.16
C GLU F 1025 12.17 70.42 55.55
N ARG F 1026 11.87 69.49 54.65
CA ARG F 1026 12.04 68.08 54.94
C ARG F 1026 13.52 67.72 55.00
N PHE F 1027 14.32 68.29 54.10
CA PHE F 1027 15.75 68.01 54.06
C PHE F 1027 16.44 68.62 55.27
N LEU F 1028 15.99 69.77 55.73
CA LEU F 1028 16.63 70.40 56.86
C LEU F 1028 16.26 69.72 58.18
N GLN F 1029 15.17 68.93 58.22
CA GLN F 1029 14.86 68.12 59.39
C GLN F 1029 15.89 67.00 59.53
N LEU F 1030 16.23 66.36 58.42
CA LEU F 1030 17.10 65.20 58.43
C LEU F 1030 18.54 65.56 58.78
N CYS F 1031 18.90 66.85 58.76
CA CYS F 1031 20.27 67.26 59.00
C CYS F 1031 20.58 67.38 60.48
N ALA F 1032 21.68 66.75 60.91
CA ALA F 1032 22.23 66.88 62.24
C ALA F 1032 23.61 66.26 62.24
N GLU F 1033 24.49 66.77 63.11
CA GLU F 1033 25.85 66.26 63.27
C GLU F 1033 26.68 66.51 62.01
N GLY F 1034 26.32 67.53 61.23
CA GLY F 1034 26.97 67.79 59.96
C GLY F 1034 26.92 66.60 59.00
N SER F 1035 25.74 66.06 58.76
CA SER F 1035 25.59 64.85 57.99
C SER F 1035 25.65 65.12 56.49
N MET F 1036 25.05 66.21 56.02
CA MET F 1036 25.17 66.60 54.63
C MET F 1036 25.08 68.11 54.47
N THR F 1037 25.47 68.59 53.27
CA THR F 1037 25.51 70.00 52.90
C THR F 1037 24.30 70.35 52.03
N VAL F 1038 23.61 71.46 52.36
CA VAL F 1038 22.42 71.91 51.66
C VAL F 1038 22.61 73.35 51.23
N ALA F 1039 22.33 73.66 49.94
CA ALA F 1039 22.64 74.96 49.36
C ALA F 1039 21.62 75.37 48.31
N GLN F 1040 21.52 76.70 48.08
CA GLN F 1040 20.65 77.28 47.07
C GLN F 1040 21.33 78.51 46.49
N PRO F 1041 22.27 78.37 45.54
CA PRO F 1041 23.02 79.50 45.01
C PRO F 1041 22.27 80.41 44.05
N SER F 1042 22.78 81.63 43.84
CA SER F 1042 22.07 82.66 43.10
C SER F 1042 22.82 83.15 41.85
N THR F 1043 24.03 82.65 41.59
CA THR F 1043 24.79 83.06 40.42
C THR F 1043 25.51 81.86 39.86
N PRO F 1044 25.69 81.75 38.52
CA PRO F 1044 26.43 80.65 37.93
C PRO F 1044 27.85 80.39 38.44
N ALA F 1045 28.58 81.45 38.73
CA ALA F 1045 29.93 81.34 39.22
C ALA F 1045 29.96 80.67 40.59
N ASN F 1046 28.96 80.95 41.42
CA ASN F 1046 28.94 80.43 42.77
C ASN F 1046 28.57 78.96 42.74
N HIS F 1047 27.80 78.54 41.75
CA HIS F 1047 27.45 77.15 41.57
C HIS F 1047 28.69 76.38 41.14
N PHE F 1048 29.53 77.02 40.32
CA PHE F 1048 30.77 76.45 39.83
C PHE F 1048 31.70 76.16 40.99
N HIS F 1049 31.86 77.14 41.87
CA HIS F 1049 32.80 77.02 42.96
C HIS F 1049 32.34 75.99 43.99
N LEU F 1050 31.04 75.86 44.20
CA LEU F 1050 30.48 74.90 45.15
C LEU F 1050 30.77 73.48 44.68
N LEU F 1051 30.56 73.20 43.40
CA LEU F 1051 30.75 71.87 42.87
C LEU F 1051 32.23 71.49 42.92
N ARG F 1052 33.13 72.44 42.68
CA ARG F 1052 34.56 72.15 42.64
C ARG F 1052 35.11 71.96 44.05
N ARG F 1053 34.57 72.67 45.04
CA ARG F 1053 35.01 72.49 46.41
C ARG F 1053 34.68 71.10 46.89
N HIS F 1054 33.51 70.59 46.51
CA HIS F 1054 33.04 69.30 46.92
C HIS F 1054 33.92 68.21 46.33
N ALA F 1055 34.32 68.37 45.07
CA ALA F 1055 35.04 67.33 44.37
C ALA F 1055 36.50 67.26 44.78
N LEU F 1056 37.10 68.38 45.18
CA LEU F 1056 38.51 68.43 45.47
C LEU F 1056 38.81 68.31 46.97
N SER F 1057 37.79 68.26 47.83
CA SER F 1057 38.00 68.17 49.27
C SER F 1057 38.16 66.72 49.69
N ASP F 1058 38.32 66.51 51.01
CA ASP F 1058 38.43 65.18 51.58
C ASP F 1058 37.31 64.96 52.60
N LEU F 1059 36.19 65.67 52.42
CA LEU F 1059 35.01 65.51 53.24
C LEU F 1059 34.00 64.67 52.48
N LYS F 1060 33.81 63.43 52.91
CA LYS F 1060 33.05 62.46 52.16
C LYS F 1060 31.62 62.41 52.67
N ARG F 1061 30.83 63.44 52.34
CA ARG F 1061 29.44 63.54 52.72
C ARG F 1061 28.64 64.07 51.54
N PRO F 1062 27.33 63.78 51.43
CA PRO F 1062 26.52 64.24 50.30
C PRO F 1062 26.27 65.73 50.18
N LEU F 1063 25.80 66.14 48.99
CA LEU F 1063 25.52 67.53 48.66
C LEU F 1063 24.17 67.64 47.96
N VAL F 1064 23.28 68.47 48.50
CA VAL F 1064 21.95 68.69 47.98
C VAL F 1064 21.84 70.14 47.53
N ILE F 1065 21.59 70.36 46.23
CA ILE F 1065 21.50 71.69 45.64
C ILE F 1065 20.08 71.91 45.12
N PHE F 1066 19.55 73.11 45.31
CA PHE F 1066 18.24 73.51 44.83
C PHE F 1066 18.42 74.45 43.64
N THR F 1067 18.10 73.97 42.44
CA THR F 1067 18.47 74.59 41.19
C THR F 1067 17.29 75.36 40.61
N PRO F 1068 17.50 76.41 39.79
CA PRO F 1068 16.41 77.23 39.28
C PRO F 1068 15.72 76.78 37.99
N LYS F 1069 14.61 77.47 37.66
CA LYS F 1069 13.79 77.15 36.49
C LYS F 1069 13.63 78.36 35.58
N SER F 1070 13.34 79.53 36.13
CA SER F 1070 13.14 80.74 35.36
C SER F 1070 14.39 81.60 35.34
N MET F 1071 15.21 81.47 36.39
CA MET F 1071 16.43 82.22 36.55
C MET F 1071 17.48 81.71 35.58
N LEU F 1072 17.21 80.56 34.93
CA LEU F 1072 18.07 80.00 33.92
C LEU F 1072 18.32 80.99 32.79
N ARG F 1073 17.35 81.87 32.51
CA ARG F 1073 17.44 82.78 31.38
C ARG F 1073 17.23 84.22 31.80
N ASN F 1074 17.60 84.57 33.02
CA ASN F 1074 17.53 85.93 33.52
C ASN F 1074 18.87 86.60 33.29
N LYS F 1075 18.87 87.80 32.73
CA LYS F 1075 20.10 88.43 32.28
C LYS F 1075 20.75 89.20 33.41
N ALA F 1076 20.07 89.38 34.52
CA ALA F 1076 20.67 90.02 35.68
C ALA F 1076 21.46 89.04 36.51
N ALA F 1077 21.35 87.74 36.19
CA ALA F 1077 21.98 86.72 36.98
C ALA F 1077 23.23 86.15 36.30
N ALA F 1078 23.59 86.65 35.12
CA ALA F 1078 24.72 86.11 34.38
C ALA F 1078 26.03 86.57 35.00
N SER F 1079 27.12 85.87 34.68
CA SER F 1079 28.42 86.06 35.30
C SER F 1079 29.49 86.44 34.28
N ALA F 1080 30.55 87.10 34.76
CA ALA F 1080 31.67 87.54 33.95
C ALA F 1080 32.83 86.56 34.08
N PRO F 1081 33.78 86.50 33.13
CA PRO F 1081 34.89 85.56 33.20
C PRO F 1081 35.83 85.68 34.40
N GLU F 1082 35.97 86.89 34.93
CA GLU F 1082 36.81 87.12 36.08
C GLU F 1082 36.31 86.38 37.30
N ASP F 1083 35.01 86.05 37.32
CA ASP F 1083 34.41 85.37 38.46
C ASP F 1083 34.77 83.89 38.48
N PHE F 1084 35.30 83.36 37.37
CA PHE F 1084 35.76 81.99 37.31
C PHE F 1084 37.28 81.89 37.42
N THR F 1085 38.01 83.00 37.27
CA THR F 1085 39.46 82.94 37.15
C THR F 1085 40.19 83.84 38.14
N GLU F 1086 39.53 84.79 38.78
CA GLU F 1086 40.20 85.67 39.74
C GLU F 1086 39.62 85.55 41.14
N VAL F 1087 38.34 85.22 41.27
CA VAL F 1087 37.73 84.92 42.55
C VAL F 1087 38.08 83.48 42.92
N THR F 1088 38.57 83.26 44.14
CA THR F 1088 39.27 82.04 44.50
C THR F 1088 38.36 81.02 45.20
N LYS F 1089 37.33 81.47 45.92
CA LYS F 1089 36.56 80.60 46.79
C LYS F 1089 35.06 80.79 46.60
N PHE F 1090 34.28 79.83 47.14
CA PHE F 1090 32.83 79.87 47.19
C PHE F 1090 32.38 80.78 48.33
N GLN F 1091 31.32 81.56 48.09
CA GLN F 1091 30.81 82.48 49.07
C GLN F 1091 29.53 81.93 49.67
N SER F 1092 29.40 81.99 51.00
CA SER F 1092 28.27 81.46 51.71
C SER F 1092 27.26 82.54 52.04
N VAL F 1093 27.73 83.78 52.16
CA VAL F 1093 26.88 84.94 52.32
C VAL F 1093 27.38 86.02 51.37
N ILE F 1094 26.47 86.60 50.57
CA ILE F 1094 26.80 87.68 49.65
C ILE F 1094 26.12 88.95 50.15
N ASN F 1095 26.91 89.96 50.47
CA ASN F 1095 26.41 91.21 51.00
C ASN F 1095 25.92 92.07 49.85
N ASP F 1096 25.17 93.13 50.16
CA ASP F 1096 24.47 93.92 49.16
C ASP F 1096 25.48 94.73 48.36
N PRO F 1097 25.50 94.61 47.01
CA PRO F 1097 26.39 95.42 46.19
C PRO F 1097 25.92 96.80 45.76
N ASN F 1098 24.78 97.27 46.28
CA ASN F 1098 24.25 98.56 45.89
C ASN F 1098 23.93 99.37 47.13
N VAL F 1099 24.88 99.51 48.05
CA VAL F 1099 24.72 100.35 49.21
C VAL F 1099 25.70 101.51 49.11
N ALA F 1100 25.14 102.72 48.99
CA ALA F 1100 25.93 103.93 48.85
C ALA F 1100 26.62 104.25 50.17
N ASP F 1101 25.82 104.40 51.24
CA ASP F 1101 26.32 104.73 52.56
C ASP F 1101 25.72 103.77 53.56
N ALA F 1102 26.60 103.17 54.39
CA ALA F 1102 26.20 102.08 55.26
C ALA F 1102 25.69 102.60 56.59
N ALA F 1103 25.87 103.90 56.84
CA ALA F 1103 25.47 104.47 58.11
C ALA F 1103 24.02 104.95 58.05
N LYS F 1104 23.37 104.82 56.89
CA LYS F 1104 22.01 105.27 56.72
C LYS F 1104 21.05 104.08 56.64
N VAL F 1105 21.55 102.85 56.83
CA VAL F 1105 20.71 101.67 56.75
C VAL F 1105 20.00 101.48 58.09
N LYS F 1106 18.71 101.14 58.04
CA LYS F 1106 17.91 100.92 59.22
C LYS F 1106 17.06 99.65 59.13
N LYS F 1107 17.17 98.90 58.03
CA LYS F 1107 16.52 97.60 57.90
C LYS F 1107 17.42 96.68 57.10
N VAL F 1108 17.56 95.44 57.56
CA VAL F 1108 18.29 94.41 56.84
C VAL F 1108 17.31 93.30 56.49
N MET F 1109 17.31 92.86 55.22
CA MET F 1109 16.51 91.75 54.77
C MET F 1109 17.41 90.57 54.48
N LEU F 1110 17.03 89.37 54.92
CA LEU F 1110 17.72 88.13 54.60
C LEU F 1110 16.87 87.34 53.62
N VAL F 1111 17.49 86.79 52.58
CA VAL F 1111 16.77 86.11 51.51
C VAL F 1111 17.64 84.96 51.01
N SER F 1112 17.03 83.99 50.34
CA SER F 1112 17.75 82.92 49.67
C SER F 1112 17.07 82.56 48.36
N GLY F 1113 17.83 82.58 47.25
CA GLY F 1113 17.34 82.12 45.97
C GLY F 1113 16.94 83.26 45.03
N LYS F 1114 15.88 83.03 44.25
CA LYS F 1114 15.53 83.88 43.13
C LYS F 1114 14.69 85.09 43.52
N LEU F 1115 14.22 85.17 44.75
CA LEU F 1115 13.41 86.29 45.15
C LEU F 1115 14.29 87.51 45.36
N TYR F 1116 15.61 87.34 45.34
CA TYR F 1116 16.53 88.46 45.46
C TYR F 1116 16.29 89.45 44.33
N TYR F 1117 16.12 88.93 43.12
CA TYR F 1117 16.15 89.75 41.93
C TYR F 1117 14.89 90.59 41.82
N GLU F 1118 13.84 90.26 42.58
CA GLU F 1118 12.63 91.05 42.61
C GLU F 1118 12.76 92.18 43.64
N LEU F 1119 13.30 91.84 44.80
CA LEU F 1119 13.47 92.82 45.86
C LEU F 1119 14.45 93.90 45.41
N ALA F 1120 15.51 93.50 44.72
CA ALA F 1120 16.54 94.42 44.26
C ALA F 1120 15.96 95.41 43.27
N LYS F 1121 15.13 94.90 42.38
CA LYS F 1121 14.45 95.67 41.35
C LYS F 1121 13.64 96.78 41.98
N ARG F 1122 12.90 96.45 43.04
CA ARG F 1122 11.98 97.37 43.67
C ARG F 1122 12.75 98.42 44.45
N LYS F 1123 13.87 98.03 45.04
CA LYS F 1123 14.68 98.94 45.81
C LYS F 1123 15.23 100.05 44.93
N GLU F 1124 15.59 99.70 43.69
CA GLU F 1124 16.14 100.64 42.73
C GLU F 1124 15.06 101.61 42.27
N LYS F 1125 13.85 101.09 42.04
CA LYS F 1125 12.75 101.85 41.49
C LYS F 1125 12.28 102.90 42.48
N ASP F 1126 12.21 102.55 43.76
CA ASP F 1126 11.66 103.44 44.77
C ASP F 1126 12.74 104.26 45.44
N GLY F 1127 14.00 103.94 45.19
CA GLY F 1127 15.10 104.75 45.70
C GLY F 1127 15.23 104.68 47.20
N ARG F 1128 15.28 103.46 47.74
CA ARG F 1128 15.39 103.25 49.17
C ARG F 1128 16.84 103.05 49.54
N ASP F 1129 17.37 103.94 50.39
CA ASP F 1129 18.75 103.89 50.82
C ASP F 1129 18.82 103.51 52.29
N ASP F 1130 17.68 103.10 52.86
CA ASP F 1130 17.62 102.69 54.24
C ASP F 1130 17.44 101.17 54.33
N ILE F 1131 17.60 100.46 53.22
CA ILE F 1131 17.45 99.02 53.18
C ILE F 1131 18.73 98.39 52.65
N ALA F 1132 19.04 97.18 53.13
CA ALA F 1132 20.13 96.36 52.61
C ALA F 1132 19.69 94.91 52.49
N ILE F 1133 19.84 94.30 51.31
CA ILE F 1133 19.44 92.92 51.09
C ILE F 1133 20.68 92.02 51.13
N VAL F 1134 20.67 90.99 51.99
CA VAL F 1134 21.77 90.07 52.19
C VAL F 1134 21.31 88.64 51.86
N ARG F 1135 22.11 87.90 51.10
CA ARG F 1135 21.76 86.59 50.59
C ARG F 1135 22.46 85.49 51.36
N ILE F 1136 21.78 84.36 51.54
CA ILE F 1136 22.33 83.18 52.18
C ILE F 1136 22.35 82.07 51.16
N GLU F 1137 23.54 81.56 50.83
CA GLU F 1137 23.74 80.63 49.74
C GLU F 1137 23.85 79.21 50.26
N MET F 1138 24.48 79.03 51.43
CA MET F 1138 24.56 77.75 52.09
C MET F 1138 23.62 77.76 53.29
N LEU F 1139 22.69 76.80 53.32
CA LEU F 1139 21.64 76.76 54.31
C LEU F 1139 22.06 75.90 55.50
N HIS F 1140 22.66 74.73 55.23
CA HIS F 1140 23.22 73.89 56.28
C HIS F 1140 24.61 73.43 55.86
N PRO F 1141 25.67 73.59 56.69
CA PRO F 1141 25.62 74.26 57.99
C PRO F 1141 25.33 75.74 57.94
N ILE F 1142 24.94 76.31 59.09
CA ILE F 1142 24.59 77.71 59.17
C ILE F 1142 25.89 78.50 59.24
N PRO F 1143 26.14 79.44 58.30
CA PRO F 1143 27.31 80.30 58.38
C PRO F 1143 27.06 81.49 59.27
N PHE F 1144 27.15 81.26 60.59
CA PHE F 1144 26.71 82.25 61.53
C PHE F 1144 27.77 83.32 61.76
N ASN F 1145 29.03 83.00 61.48
CA ASN F 1145 30.11 83.98 61.62
C ASN F 1145 30.01 85.02 60.53
N ARG F 1146 29.65 84.61 59.32
CA ARG F 1146 29.53 85.52 58.20
C ARG F 1146 28.29 86.40 58.35
N ILE F 1147 27.18 85.83 58.81
CA ILE F 1147 25.96 86.59 59.00
C ILE F 1147 26.20 87.63 60.09
N SER F 1148 26.96 87.27 61.12
CA SER F 1148 27.25 88.19 62.20
C SER F 1148 28.10 89.35 61.68
N GLU F 1149 29.06 89.03 60.83
CA GLU F 1149 29.99 90.01 60.28
C GLU F 1149 29.23 91.02 59.42
N ALA F 1150 28.27 90.52 58.63
CA ALA F 1150 27.48 91.35 57.73
C ALA F 1150 26.59 92.30 58.51
N LEU F 1151 25.93 91.79 59.54
CA LEU F 1151 25.03 92.59 60.36
C LEU F 1151 25.81 93.66 61.11
N ALA F 1152 27.06 93.37 61.48
CA ALA F 1152 27.88 94.30 62.24
C ALA F 1152 28.30 95.48 61.38
N GLY F 1153 28.30 95.30 60.06
CA GLY F 1153 28.68 96.35 59.14
C GLY F 1153 27.63 97.44 59.00
N TYR F 1154 26.43 97.20 59.53
CA TYR F 1154 25.36 98.19 59.53
C TYR F 1154 25.03 98.54 60.97
N PRO F 1155 25.71 99.52 61.59
CA PRO F 1155 25.58 99.75 63.03
C PRO F 1155 24.33 100.44 63.54
N ASN F 1156 23.50 100.96 62.64
CA ASN F 1156 22.31 101.69 63.04
C ASN F 1156 21.05 100.92 62.64
N ALA F 1157 21.17 99.60 62.47
CA ALA F 1157 20.03 98.77 62.11
C ALA F 1157 19.17 98.53 63.33
N GLU F 1158 17.84 98.53 63.11
CA GLU F 1158 16.86 98.38 64.17
C GLU F 1158 16.03 97.12 63.95
N GLU F 1159 15.89 96.67 62.69
CA GLU F 1159 15.06 95.54 62.35
C GLU F 1159 15.85 94.55 61.49
N VAL F 1160 15.46 93.27 61.57
CA VAL F 1160 15.90 92.24 60.66
C VAL F 1160 14.66 91.50 60.18
N LEU F 1161 14.53 91.35 58.86
CA LEU F 1161 13.41 90.68 58.24
C LEU F 1161 13.90 89.42 57.55
N PHE F 1162 13.16 88.32 57.65
CA PHE F 1162 13.44 87.11 56.92
C PHE F 1162 12.36 86.93 55.87
N VAL F 1163 12.73 86.95 54.59
CA VAL F 1163 11.77 86.99 53.50
C VAL F 1163 11.89 85.73 52.67
N GLN F 1164 10.77 85.02 52.47
CA GLN F 1164 10.75 83.85 51.63
C GLN F 1164 9.45 83.77 50.84
N ASP F 1165 9.47 83.00 49.76
CA ASP F 1165 8.31 82.81 48.91
C ASP F 1165 7.41 81.70 49.41
N GLU F 1166 7.95 80.74 50.15
CA GLU F 1166 7.21 79.55 50.50
C GLU F 1166 6.23 79.88 51.62
N PRO F 1167 5.15 79.09 51.81
CA PRO F 1167 4.28 79.21 52.97
C PRO F 1167 5.02 79.13 54.30
N ALA F 1168 4.39 79.58 55.37
CA ALA F 1168 5.05 79.80 56.64
C ALA F 1168 5.45 78.50 57.33
N ASN F 1169 4.86 77.38 56.93
CA ASN F 1169 5.17 76.09 57.50
C ASN F 1169 6.10 75.31 56.58
N GLN F 1170 6.64 75.99 55.56
CA GLN F 1170 7.53 75.38 54.60
C GLN F 1170 8.70 76.31 54.36
N GLY F 1171 9.69 75.86 53.58
CA GLY F 1171 10.85 76.66 53.26
C GLY F 1171 11.85 76.67 54.40
N PRO F 1172 12.90 77.51 54.36
CA PRO F 1172 13.86 77.58 55.45
C PRO F 1172 13.55 78.29 56.76
N TRP F 1173 12.36 78.84 56.93
CA TRP F 1173 12.06 79.66 58.09
C TRP F 1173 11.99 78.84 59.37
N PRO F 1174 11.30 77.70 59.41
CA PRO F 1174 11.22 76.89 60.63
C PRO F 1174 12.56 76.52 61.25
N PHE F 1175 13.54 76.20 60.40
CA PHE F 1175 14.88 75.82 60.83
C PHE F 1175 15.62 77.02 61.39
N TYR F 1176 15.47 78.18 60.76
CA TYR F 1176 16.26 79.34 61.09
C TYR F 1176 15.72 80.04 62.33
N GLN F 1177 14.40 80.01 62.55
CA GLN F 1177 13.82 80.71 63.69
C GLN F 1177 14.19 79.99 64.98
N GLU F 1178 14.49 78.70 64.88
CA GLU F 1178 14.87 77.90 66.03
C GLU F 1178 16.33 78.10 66.39
N HIS F 1179 17.22 78.11 65.37
CA HIS F 1179 18.64 77.93 65.58
C HIS F 1179 19.42 79.24 65.58
N LEU F 1180 19.00 80.25 64.82
CA LEU F 1180 19.86 81.39 64.55
C LEU F 1180 19.95 82.32 65.76
N PRO F 1181 18.86 82.60 66.50
CA PRO F 1181 18.95 83.44 67.70
C PRO F 1181 19.92 82.99 68.79
N GLU F 1182 20.11 81.68 68.93
CA GLU F 1182 21.05 81.12 69.88
C GLU F 1182 22.48 81.43 69.46
N LEU F 1183 22.75 81.31 68.14
CA LEU F 1183 24.10 81.43 67.61
C LEU F 1183 24.54 82.88 67.50
N ILE F 1184 23.60 83.82 67.37
CA ILE F 1184 23.92 85.24 67.32
C ILE F 1184 23.11 85.95 68.40
N PRO F 1185 23.58 85.97 69.66
CA PRO F 1185 22.82 86.54 70.77
C PRO F 1185 22.40 88.02 70.69
N ASN F 1186 23.20 88.85 70.03
CA ASN F 1186 22.99 90.28 70.07
C ASN F 1186 22.13 90.76 68.89
N MET F 1187 21.61 89.84 68.09
CA MET F 1187 20.82 90.19 66.91
C MET F 1187 19.44 90.64 67.37
N PRO F 1188 18.79 91.64 66.71
CA PRO F 1188 17.40 91.98 66.97
C PRO F 1188 16.45 90.82 66.69
N LYS F 1189 15.21 90.90 67.20
CA LYS F 1189 14.23 89.87 66.96
C LYS F 1189 13.85 89.87 65.49
N MET F 1190 13.78 88.67 64.89
CA MET F 1190 13.51 88.52 63.49
C MET F 1190 12.00 88.64 63.25
N ARG F 1191 11.63 89.03 62.04
CA ARG F 1191 10.24 89.15 61.64
C ARG F 1191 10.05 88.46 60.30
N ARG F 1192 9.06 87.57 60.22
CA ARG F 1192 8.83 86.77 59.03
C ARG F 1192 8.02 87.58 58.04
N VAL F 1193 8.35 87.44 56.75
CA VAL F 1193 7.51 87.90 55.67
C VAL F 1193 7.44 86.79 54.64
N SER F 1194 6.25 86.20 54.48
CA SER F 1194 6.06 85.06 53.61
C SER F 1194 4.61 84.91 53.23
N ARG F 1195 4.29 83.87 52.47
CA ARG F 1195 2.93 83.45 52.22
C ARG F 1195 2.36 82.77 53.48
N ARG F 1196 1.03 82.71 53.59
CA ARG F 1196 0.37 82.09 54.74
C ARG F 1196 0.56 80.59 54.71
N ALA F 1197 0.36 79.94 55.87
CA ALA F 1197 0.51 78.50 55.99
C ALA F 1197 -0.59 77.77 55.24
N GLN F 1198 -0.25 76.64 54.64
CA GLN F 1198 -1.13 75.93 53.74
C GLN F 1198 -0.96 74.43 53.87
N SER F 1199 -2.01 73.70 53.52
CA SER F 1199 -2.00 72.25 53.52
C SER F 1199 -1.34 71.72 52.26
N SER F 1200 -1.56 72.40 51.14
CA SER F 1200 -0.88 72.09 49.90
C SER F 1200 0.34 73.00 49.75
N THR F 1201 1.07 72.79 48.65
CA THR F 1201 2.32 73.48 48.39
C THR F 1201 2.08 74.87 47.83
N ALA F 1202 1.16 75.00 46.87
CA ALA F 1202 0.90 76.26 46.21
C ALA F 1202 -0.49 76.26 45.58
N THR F 1203 -0.94 77.42 45.12
CA THR F 1203 -2.24 77.58 44.49
C THR F 1203 -2.25 76.97 43.11
N GLY F 1204 -3.43 76.74 42.57
CA GLY F 1204 -3.60 76.18 41.25
C GLY F 1204 -4.04 77.21 40.21
N VAL F 1205 -4.40 78.40 40.68
CA VAL F 1205 -4.82 79.50 39.83
C VAL F 1205 -3.66 80.47 39.66
N ALA F 1206 -3.46 80.97 38.43
CA ALA F 1206 -2.30 81.77 38.10
C ALA F 1206 -2.49 83.23 38.47
N LYS F 1207 -3.70 83.76 38.39
CA LYS F 1207 -3.95 85.14 38.75
C LYS F 1207 -3.78 85.33 40.25
N VAL F 1208 -4.12 84.32 41.05
CA VAL F 1208 -3.98 84.39 42.49
C VAL F 1208 -2.51 84.38 42.86
N HIS F 1209 -1.68 83.68 42.09
CA HIS F 1209 -0.25 83.64 42.32
C HIS F 1209 0.34 85.03 42.17
N GLN F 1210 -0.11 85.78 41.16
CA GLN F 1210 0.45 87.08 40.90
C GLN F 1210 0.00 88.06 41.97
N LEU F 1211 -1.21 87.90 42.47
CA LEU F 1211 -1.74 88.78 43.49
C LEU F 1211 -0.99 88.59 44.81
N GLU F 1212 -0.65 87.33 45.12
CA GLU F 1212 0.06 86.99 46.33
C GLU F 1212 1.47 87.58 46.33
N GLU F 1213 2.13 87.53 45.16
CA GLU F 1213 3.51 88.00 45.05
C GLU F 1213 3.57 89.50 45.27
N LYS F 1214 2.58 90.23 44.76
CA LYS F 1214 2.52 91.67 44.93
C LYS F 1214 2.34 92.00 46.40
N GLN F 1215 1.46 91.26 47.07
CA GLN F 1215 1.14 91.49 48.47
C GLN F 1215 2.38 91.29 49.35
N LEU F 1216 3.22 90.31 48.98
CA LEU F 1216 4.39 89.91 49.73
C LEU F 1216 5.45 90.98 49.68
N ILE F 1217 5.74 91.49 48.48
CA ILE F 1217 6.79 92.46 48.29
C ILE F 1217 6.36 93.79 48.89
N ASP F 1218 5.07 94.08 48.90
CA ASP F 1218 4.58 95.31 49.48
C ASP F 1218 4.74 95.28 50.99
N GLU F 1219 4.54 94.11 51.59
CA GLU F 1219 4.63 93.96 53.03
C GLU F 1219 6.06 94.13 53.50
N ALA F 1220 7.02 93.76 52.65
CA ALA F 1220 8.44 93.84 52.97
C ALA F 1220 8.91 95.28 53.03
N PHE F 1221 8.37 96.13 52.15
CA PHE F 1221 8.78 97.52 52.07
C PHE F 1221 7.80 98.41 52.82
N GLU F 1222 7.33 97.93 53.99
CA GLU F 1222 6.38 98.64 54.82
C GLU F 1222 5.04 98.75 54.09
MG MG G . 55.88 -22.51 -19.36
N1A ACO H . 78.10 -53.93 4.83
C2A ACO H . 78.81 -54.06 5.96
N3A ACO H . 79.86 -54.83 6.20
C4A ACO H . 80.19 -55.56 5.13
C5A ACO H . 79.56 -55.54 3.90
C6A ACO H . 78.46 -54.68 3.76
N6A ACO H . 77.74 -54.56 2.64
N7A ACO H . 80.17 -56.42 3.02
C8A ACO H . 81.14 -56.94 3.73
N9A ACO H . 81.22 -56.46 5.02
C1B ACO H . 82.15 -56.85 6.05
C2B ACO H . 81.74 -58.08 6.82
O2B ACO H . 80.86 -57.72 7.87
C3B ACO H . 83.10 -58.55 7.34
O3B ACO H . 83.48 -57.85 8.54
P3B ACO H . 84.28 -58.62 9.73
O7A ACO H . 85.75 -58.45 9.39
O8A ACO H . 83.88 -57.90 11.00
O9A ACO H . 83.84 -60.07 9.71
C4B ACO H . 84.03 -58.22 6.18
O4B ACO H . 83.40 -57.16 5.45
C5B ACO H . 84.35 -59.37 5.25
O5B ACO H . 83.19 -59.70 4.45
P1A ACO H . 82.90 -61.21 4.00
O1A ACO H . 81.45 -61.43 4.19
O2A ACO H . 83.86 -62.13 4.65
O3A ACO H . 83.18 -61.16 2.43
P2A ACO H . 84.49 -61.28 1.51
O4A ACO H . 84.43 -62.56 0.79
O5A ACO H . 85.68 -60.94 2.32
O6A ACO H . 84.23 -60.12 0.44
CBP ACO H . 84.35 -57.71 0.24
CCP ACO H . 83.58 -58.89 0.81
CDP ACO H . 85.66 -57.55 1.02
CEP ACO H . 83.50 -56.44 0.39
CAP ACO H . 84.66 -57.96 -1.26
OAP ACO H . 83.47 -58.25 -1.96
C9P ACO H . 85.38 -56.81 -1.95
O9P ACO H . 86.59 -56.64 -1.80
N8P ACO H . 84.63 -56.03 -2.72
C7P ACO H . 85.15 -54.87 -3.43
C6P ACO H . 85.32 -53.68 -2.50
C5P ACO H . 84.04 -52.92 -2.26
O5P ACO H . 83.24 -52.70 -3.17
N4P ACO H . 83.83 -52.54 -1.00
C3P ACO H . 82.80 -51.59 -0.60
C2P ACO H . 81.38 -52.01 -0.92
S1P ACO H . 80.24 -51.27 0.30
C ACO H . 78.59 -51.42 -0.31
O ACO H . 77.64 -50.92 0.23
CH3 ACO H . 78.49 -52.24 -1.56
N1' TPP I . 59.72 -35.09 -19.63
C2' TPP I . 60.29 -35.08 -18.43
CM2 TPP I . 59.74 -36.01 -17.40
N3' TPP I . 61.32 -34.30 -18.07
C4' TPP I . 61.81 -33.47 -19.00
N4' TPP I . 62.85 -32.71 -18.61
C5' TPP I . 61.28 -33.41 -20.29
C6' TPP I . 60.23 -34.26 -20.55
C7' TPP I . 61.81 -32.48 -21.36
N3 TPP I . 61.51 -31.06 -21.12
C2 TPP I . 62.39 -30.20 -20.57
S1 TPP I . 61.71 -28.71 -20.43
C5 TPP I . 60.28 -29.08 -21.09
C4 TPP I . 60.30 -30.42 -21.44
CM4 TPP I . 59.17 -31.18 -22.07
C6 TPP I . 59.27 -28.00 -21.21
C7 TPP I . 58.74 -27.63 -19.87
O7 TPP I . 57.71 -26.64 -20.02
PA TPP I . 57.23 -25.81 -18.75
O1A TPP I . 56.24 -24.80 -19.19
O2A TPP I . 56.86 -26.75 -17.68
O3A TPP I . 58.58 -25.03 -18.39
PB TPP I . 59.16 -23.58 -18.71
O1B TPP I . 60.16 -23.77 -19.76
O2B TPP I . 57.98 -22.83 -19.16
O3B TPP I . 59.73 -23.05 -17.46
MG MG J . 37.07 -51.14 -3.65
N1A ACO K . 63.58 -58.32 -39.85
C2A ACO K . 63.49 -58.68 -41.12
N3A ACO K . 64.34 -59.42 -41.85
C4A ACO K . 65.39 -59.78 -41.12
C5A ACO K . 65.62 -59.48 -39.79
C6A ACO K . 64.65 -58.71 -39.13
N6A ACO K . 64.73 -58.33 -37.85
N7A ACO K . 66.82 -60.03 -39.36
C8A ACO K . 67.28 -60.65 -40.43
N9A ACO K . 66.47 -60.53 -41.52
C1B ACO K . 66.70 -61.08 -42.85
C2B ACO K . 67.56 -60.19 -43.73
O2B ACO K . 66.75 -59.22 -44.36
C3B ACO K . 68.08 -61.23 -44.71
O3B ACO K . 67.15 -61.50 -45.77
P3B ACO K . 67.66 -61.81 -47.29
O7A ACO K . 67.28 -63.25 -47.55
O8A ACO K . 66.88 -60.83 -48.16
O9A ACO K . 69.15 -61.59 -47.34
C4B ACO K . 68.30 -62.47 -43.83
O4B ACO K . 67.39 -62.30 -42.72
C5B ACO K . 69.70 -62.67 -43.32
O5B ACO K . 70.04 -61.66 -42.34
P1A ACO K . 71.54 -61.15 -42.17
O1A ACO K . 71.48 -59.68 -41.97
O2A ACO K . 72.40 -61.68 -43.25
O3A ACO K . 71.98 -61.80 -40.79
P2A ACO K . 72.62 -63.20 -40.34
O4A ACO K . 74.02 -62.95 -39.94
O5A ACO K . 72.33 -64.20 -41.39
O6A ACO K . 71.80 -63.53 -39.03
CBP ACO K . 69.61 -64.23 -38.22
CCP ACO K . 70.43 -63.11 -38.86
CDP ACO K . 69.47 -65.37 -39.26
CEP ACO K . 68.22 -63.69 -37.85
CAP ACO K . 70.33 -64.76 -36.97
OAP ACO K . 70.49 -63.71 -36.01
C9P ACO K . 69.66 -65.95 -36.30
O9P ACO K . 69.83 -67.09 -36.74
N8P ACO K . 68.91 -65.69 -35.23
C7P ACO K . 68.20 -66.72 -34.49
C6P ACO K . 66.80 -66.93 -35.05
C5P ACO K . 65.87 -65.78 -34.73
O5P ACO K . 66.00 -65.11 -33.72
N4P ACO K . 64.91 -65.55 -35.63
C3P ACO K . 63.82 -64.62 -35.41
C2P ACO K . 64.20 -63.16 -35.46
S1P ACO K . 62.69 -62.15 -35.61
C ACO K . 62.92 -60.63 -34.70
O ACO K . 62.31 -59.63 -34.95
CH3 ACO K . 63.93 -60.75 -33.60
N1' TPP L . 49.68 -51.57 -7.44
C2' TPP L . 49.43 -51.82 -8.71
CM2 TPP L . 49.89 -50.82 -9.73
N3' TPP L . 48.78 -52.89 -9.16
C4' TPP L . 48.37 -53.79 -8.25
N4' TPP L . 47.73 -54.87 -8.74
C5' TPP L . 48.59 -53.61 -6.88
C6' TPP L . 49.27 -52.46 -6.54
C7' TPP L . 48.13 -54.58 -5.82
N3 TPP L . 46.69 -54.62 -5.63
C2 TPP L . 45.87 -55.55 -6.20
S1 TPP L . 44.31 -55.27 -5.78
C5 TPP L . 44.59 -53.97 -4.83
C4 TPP L . 45.95 -53.73 -4.84
CM4 TPP L . 46.63 -52.61 -4.11
C6 TPP L . 43.41 -53.34 -4.19
C7 TPP L . 42.56 -52.65 -5.19
O7 TPP L . 41.49 -51.96 -4.51
PA TPP L . 40.25 -51.42 -5.36
O1A TPP L . 40.74 -50.57 -6.45
O2A TPP L . 39.26 -50.85 -4.41
O3A TPP L . 39.65 -52.78 -5.91
PB TPP L . 38.49 -53.78 -5.44
O1B TPP L . 37.70 -54.15 -6.63
O2B TPP L . 37.73 -53.02 -4.44
O3B TPP L . 39.19 -54.95 -4.87
MG MG M . -45.00 -4.46 -44.24
N1A ACO N . -77.06 -36.54 -41.84
C2A ACO N . -77.21 -37.85 -42.02
N3A ACO N . -78.26 -38.52 -42.50
C4A ACO N . -79.25 -37.69 -42.83
C5A ACO N . -79.25 -36.32 -42.71
C6A ACO N . -78.09 -35.73 -42.18
N6A ACO N . -77.94 -34.41 -42.01
N7A ACO N . -80.45 -35.79 -43.14
C8A ACO N . -81.14 -36.84 -43.51
N9A ACO N . -80.48 -38.02 -43.34
C1B ACO N . -80.98 -39.36 -43.63
C2B ACO N . -81.79 -39.96 -42.50
O2B ACO N . -80.93 -40.57 -41.55
C3B ACO N . -82.61 -40.98 -43.29
O3B ACO N . -81.89 -42.22 -43.49
P3B ACO N . -82.68 -43.65 -43.50
O7A ACO N . -83.06 -43.88 -44.94
O8A ACO N . -81.65 -44.64 -42.98
O9A ACO N . -83.87 -43.52 -42.58
C4B ACO N . -82.89 -40.27 -44.60
O4B ACO N . -81.85 -39.28 -44.74
C5B ACO N . -84.23 -39.60 -44.71
O5B ACO N . -84.28 -38.40 -43.90
P1A ACO N . -85.62 -37.94 -43.15
O1A ACO N . -85.24 -37.56 -41.77
O2A ACO N . -86.69 -38.94 -43.34
O3A ACO N . -86.00 -36.60 -43.92
P2A ACO N . -86.79 -36.25 -45.27
O4A ACO N . -88.08 -35.65 -44.91
O5A ACO N . -86.76 -37.43 -46.17
O6A ACO N . -85.88 -35.09 -45.89
CBP ACO N . -83.76 -34.81 -47.02
CCP ACO N . -84.46 -35.07 -45.69
CDP ACO N . -83.90 -36.07 -47.89
CEP ACO N . -82.27 -34.53 -46.75
CAP ACO N . -84.41 -33.60 -47.73
OAP ACO N . -84.35 -32.46 -46.88
C9P ACO N . -83.80 -33.26 -49.08
O9P ACO N . -83.99 -33.98 -50.05
N8P ACO N . -83.08 -32.13 -49.13
C7P ACO N . -82.44 -31.66 -50.35
C6P ACO N . -81.16 -32.42 -50.63
C5P ACO N . -80.05 -32.04 -49.68
O5P ACO N . -80.01 -30.95 -49.14
N4P ACO N . -79.13 -32.98 -49.47
C3P ACO N . -77.90 -32.75 -48.74
C2P ACO N . -78.02 -32.86 -47.23
S1P ACO N . -76.36 -33.13 -46.51
C ACO N . -76.12 -32.03 -45.15
O ACO N . -75.39 -32.27 -44.24
CH3 ACO N . -76.94 -30.77 -45.26
N1' TPP O . -57.91 -6.18 -42.32
C2' TPP O . -57.88 -7.50 -42.40
CM2 TPP O . -58.31 -8.28 -41.20
N3' TPP O . -57.49 -8.19 -43.47
C4' TPP O . -57.10 -7.50 -44.55
N4' TPP O . -56.71 -8.22 -45.61
C5' TPP O . -57.09 -6.09 -44.55
C6' TPP O . -57.53 -5.49 -43.40
C7' TPP O . -56.66 -5.27 -45.75
N3 TPP O . -55.22 -5.32 -46.00
C2 TPP O . -54.65 -6.14 -46.93
S1 TPP O . -53.02 -5.95 -46.94
C5 TPP O . -52.96 -4.80 -45.79
C4 TPP O . -54.25 -4.54 -45.36
CM4 TPP O . -54.63 -3.57 -44.30
C6 TPP O . -51.61 -4.28 -45.44
C7 TPP O . -50.82 -5.28 -44.69
O7 TPP O . -49.57 -4.70 -44.29
PA TPP O . -48.39 -5.66 -43.81
O1A TPP O . -47.19 -4.85 -43.53
O2A TPP O . -48.89 -6.54 -42.73
O3A TPP O . -48.11 -6.48 -45.15
PB TPP O . -47.07 -6.34 -46.35
O1B TPP O . -47.83 -5.86 -47.51
O2B TPP O . -46.08 -5.39 -45.84
O3B TPP O . -46.50 -7.69 -46.58
MG MG P . -60.93 -12.91 -11.16
N1A ACO Q . -84.33 10.01 -42.58
C2A ACO Q . -84.88 11.22 -42.78
N3A ACO Q . -85.99 11.54 -43.44
C4A ACO Q . -86.58 10.45 -43.92
C5A ACO Q . -86.15 9.14 -43.81
C6A ACO Q . -84.96 8.93 -43.09
N6A ACO Q . -84.41 7.73 -42.90
N7A ACO Q . -87.01 8.28 -44.46
C8A ACO Q . -87.93 9.07 -44.95
N9A ACO Q . -87.74 10.39 -44.66
C1B ACO Q . -88.57 11.52 -45.07
C2B ACO Q . -88.19 12.08 -46.42
O2B ACO Q . -87.12 13.02 -46.27
C3B ACO Q . -89.49 12.75 -46.82
O3B ACO Q . -89.61 14.10 -46.29
P3B ACO Q . -90.50 15.22 -47.06
O7A ACO Q . -91.85 15.18 -46.37
O8A ACO Q . -89.75 16.52 -46.84
O9A ACO Q . -90.57 14.83 -48.52
C4B ACO Q . -90.56 11.83 -46.23
O4B ACO Q . -89.89 11.07 -45.20
C5B ACO Q . -91.23 10.91 -47.21
O5B ACO Q . -90.46 9.71 -47.42
P1A ACO Q . -90.33 9.04 -48.87
O1A ACO Q . -88.90 8.98 -49.20
O2A ACO Q . -91.26 9.70 -49.82
O3A ACO Q . -90.83 7.55 -48.61
P2A ACO Q . -92.25 6.86 -48.36
O4A ACO Q . -92.54 5.98 -49.52
O5A ACO Q . -93.24 7.89 -47.97
O6A ACO Q . -91.95 5.91 -47.13
CBP ACO Q . -91.69 6.06 -44.72
CCP ACO Q . -91.04 6.30 -46.07
CDP ACO Q . -92.81 7.10 -44.51
CEP ACO Q . -90.62 6.22 -43.62
CAP ACO Q . -92.28 4.63 -44.67
OAP ACO Q . -91.28 3.67 -44.96
C9P ACO Q . -92.94 4.27 -43.34
O9P ACO Q . -94.04 4.72 -43.04
N8P ACO Q . -92.25 3.45 -42.55
C7P ACO Q . -92.73 3.02 -41.23
C6P ACO Q . -92.44 4.07 -40.17
C5P ACO Q . -90.99 4.11 -39.78
O5P ACO Q . -90.24 3.15 -39.95
N4P ACO Q . -90.57 5.27 -39.27
C3P ACO Q . -89.24 5.45 -38.69
C2P ACO Q . -88.14 5.70 -39.69
S1P ACO Q . -86.69 6.37 -38.83
C ACO Q . -85.25 5.49 -39.39
O ACO Q . -84.17 6.01 -39.48
CH3 ACO Q . -85.52 4.05 -39.70
N1' TPP R . -66.75 -14.27 -22.91
C2' TPP R . -67.13 -13.00 -23.00
CM2 TPP R . -66.59 -12.21 -24.15
N3' TPP R . -67.95 -12.38 -22.15
C4' TPP R . -68.43 -13.10 -21.13
N4' TPP R . -69.26 -12.45 -20.30
C5' TPP R . -68.09 -14.44 -20.94
C6' TPP R . -67.23 -14.97 -21.88
C7' TPP R . -68.60 -15.28 -19.79
N3 TPP R . -68.05 -14.91 -18.48
C2 TPP R . -68.70 -14.11 -17.59
S1 TPP R . -67.79 -13.88 -16.26
C5 TPP R . -66.53 -14.81 -16.72
C4 TPP R . -66.82 -15.32 -17.98
CM4 TPP R . -65.91 -16.21 -18.77
C6 TPP R . -65.39 -14.93 -15.78
C7 TPP R . -64.63 -13.65 -15.69
O7 TPP R . -63.49 -13.85 -14.84
PA TPP R . -62.70 -12.56 -14.30
O1A TPP R . -62.32 -11.72 -15.44
O2A TPP R . -61.61 -13.04 -13.40
O3A TPP R . -63.81 -11.87 -13.40
PB TPP R . -64.20 -11.93 -11.85
O1B TPP R . -64.38 -10.53 -11.40
O2B TPP R . -63.05 -12.59 -11.21
O3B TPP R . -65.45 -12.71 -11.78
MG MG S . 4.14 57.90 25.16
N1A ACO T . -12.52 66.66 66.45
C2A ACO T . -13.68 66.82 67.08
N3A ACO T . -13.99 67.64 68.09
C4A ACO T . -12.93 68.36 68.46
C5A ACO T . -11.67 68.30 67.92
C6A ACO T . -11.46 67.40 66.86
N6A ACO T . -10.28 67.24 66.24
N7A ACO T . -10.82 69.19 68.57
C8A ACO T . -11.58 69.74 69.47
N9A ACO T . -12.87 69.29 69.47
C1B ACO T . -13.95 69.69 70.36
C2B ACO T . -14.02 68.87 71.63
O2B ACO T . -14.75 67.67 71.40
C3B ACO T . -14.76 69.84 72.54
O3B ACO T . -16.20 69.73 72.41
P3B ACO T . -17.19 70.09 73.64
O7A ACO T . -17.60 71.53 73.42
O8A ACO T . -18.33 69.12 73.51
O9A ACO T . -16.40 69.91 74.93
C4B ACO T . -14.26 71.21 72.09
O4B ACO T . -13.73 71.02 70.76
C5B ACO T . -13.21 71.84 72.98
O5B ACO T . -11.90 71.31 72.69
P1A ACO T . -10.82 71.09 73.86
O1A ACO T . -10.37 69.69 73.78
O2A ACO T . -11.35 71.60 75.14
O3A ACO T . -9.61 72.02 73.38
P2A ACO T . -9.29 73.58 73.45
O4A ACO T . -8.15 73.78 74.37
O5A ACO T . -10.54 74.32 73.68
O6A ACO T . -8.75 73.87 71.98
CBP ACO T . -9.47 74.09 69.66
CCP ACO T . -9.24 73.13 70.84
CDP ACO T . -10.65 75.01 70.03
CEP ACO T . -9.81 73.26 68.42
CAP ACO T . -8.20 74.94 69.42
OAP ACO T . -7.10 74.08 69.11
C9P ACO T . -8.34 75.99 68.34
O9P ACO T . -8.90 77.07 68.58
N8P ACO T . -7.81 75.70 67.15
C7P ACO T . -7.84 76.62 66.02
C6P ACO T . -9.04 76.38 65.12
C5P ACO T . -8.95 75.07 64.37
O5P ACO T . -7.88 74.60 64.01
N4P ACO T . -10.12 74.47 64.14
C3P ACO T . -10.26 73.33 63.25
C2P ACO T . -9.86 71.98 63.83
S1P ACO T . -10.56 70.66 62.80
C ACO T . -9.37 69.35 62.66
O ACO T . -9.67 68.22 62.44
CH3 ACO T . -7.95 69.83 62.80
N1' TPP U . 7.79 61.00 37.43
C2' TPP U . 6.55 61.01 37.93
CM2 TPP U . 6.25 60.04 39.02
N3' TPP U . 5.58 61.81 37.53
C4' TPP U . 5.85 62.68 36.56
N4' TPP U . 4.85 63.49 36.18
C5' TPP U . 7.13 62.76 35.96
C6' TPP U . 8.06 61.87 36.46
C7' TPP U . 7.47 63.72 34.84
N3 TPP U . 6.84 63.40 33.57
C2 TPP U . 5.70 64.01 33.12
S1 TPP U . 5.27 63.39 31.66
C5 TPP U . 6.51 62.35 31.51
C4 TPP U . 7.31 62.46 32.64
CM4 TPP U . 8.55 61.66 32.91
C6 TPP U . 6.56 61.53 30.28
C7 TPP U . 5.49 60.49 30.29
O7 TPP U . 5.62 59.68 29.10
PA TPP U . 4.41 58.73 28.68
O1A TPP U . 4.78 58.05 27.42
O2A TPP U . 4.01 57.90 29.83
O3A TPP U . 3.28 59.81 28.33
PB TPP U . 2.81 60.55 27.00
O1B TPP U . 3.38 61.91 27.09
O2B TPP U . 3.40 59.74 25.92
O3B TPP U . 1.34 60.56 26.99
MG MG V . 8.83 33.10 53.16
N1A ACO W . 32.32 71.94 52.86
C2A ACO W . 33.57 72.37 52.76
N3A ACO W . 34.15 73.42 53.35
C4A ACO W . 33.28 74.06 54.13
C5A ACO W . 31.96 73.74 54.34
C6A ACO W . 31.46 72.61 53.66
N6A ACO W . 30.20 72.19 53.76
N7A ACO W . 31.37 74.64 55.21
C8A ACO W . 32.34 75.47 55.51
N9A ACO W . 33.53 75.18 54.88
C1B ACO W . 34.77 75.92 55.00
C2B ACO W . 34.86 77.10 54.05
O2B ACO W . 35.33 76.66 52.77
C3B ACO W . 35.89 77.95 54.78
O3B ACO W . 37.25 77.57 54.49
P3B ACO W . 38.45 78.67 54.41
O7A ACO W . 39.11 78.62 55.77
O8A ACO W . 39.34 78.18 53.29
O9A ACO W . 37.82 80.01 54.11
C4B ACO W . 35.55 77.73 56.25
O4B ACO W . 34.85 76.46 56.30
C5B ACO W . 34.71 78.80 56.90
O5B ACO W . 33.34 78.75 56.43
P1A ACO W . 32.46 80.08 56.27
O1A ACO W . 31.78 80.00 54.97
O2A ACO W . 33.27 81.27 56.59
O3A ACO W . 31.35 79.90 57.40
P2A ACO W . 31.26 80.21 58.97
O4A ACO W . 30.35 81.37 59.17
O5A ACO W . 32.62 80.25 59.55
O6A ACO W . 30.49 78.92 59.50
CBP ACO W . 31.00 76.60 60.02
CCP ACO W . 30.74 77.62 58.92
CDP ACO W . 32.37 76.91 60.65
CEP ACO W . 31.00 75.19 59.41
CAP ACO W . 29.89 76.72 61.10
OAP ACO W . 28.61 76.51 60.50
C9P ACO W . 30.05 75.77 62.27
O9P ACO W . 30.91 75.97 63.12
N8P ACO W . 29.19 74.74 62.34
C7P ACO W . 29.20 73.77 63.40
C6P ACO W . 30.25 72.71 63.19
C5P ACO W . 29.92 71.74 62.07
O5P ACO W . 28.75 71.41 61.84
N4P ACO W . 30.94 71.32 61.35
C3P ACO W . 30.84 70.24 60.38
C2P ACO W . 30.23 70.63 59.04
S1P ACO W . 30.61 69.34 57.82
C ACO W . 29.24 69.19 56.70
O ACO W . 29.35 68.80 55.57
CH3 ACO W . 27.93 69.60 57.31
N1' TPP X . 7.50 46.12 54.73
C2' TPP X . 8.78 46.41 54.50
CM2 TPP X . 9.08 47.29 53.32
N3' TPP X . 9.81 45.97 55.22
C4' TPP X . 9.54 45.18 56.26
N4' TPP X . 10.59 44.77 56.97
C5' TPP X . 8.23 44.82 56.59
C6' TPP X . 7.25 45.34 55.79
C7' TPP X . 7.88 43.93 57.77
N3 TPP X . 8.26 42.52 57.58
C2 TPP X . 9.40 41.99 58.09
S1 TPP X . 9.52 40.41 57.67
C5 TPP X . 8.12 40.31 56.84
C4 TPP X . 7.53 41.57 56.87
CM4 TPP X . 6.23 41.92 56.21
C6 TPP X . 7.78 39.01 56.24
C7 TPP X . 8.68 38.67 55.11
O7 TPP X . 8.23 37.46 54.47
PA TPP X . 9.21 36.70 53.47
O1A TPP X . 9.64 37.63 52.41
O2A TPP X . 8.57 35.42 53.06
O3A TPP X . 10.41 36.34 54.45
PB TPP X . 10.83 35.04 55.28
O1B TPP X . 12.26 34.80 55.02
O2B TPP X . 9.96 33.99 54.74
O3B TPP X . 10.56 35.36 56.69
#